data_3L4G
#
_entry.id   3L4G
#
_cell.length_a   363.338
_cell.length_b   213.884
_cell.length_c   212.957
_cell.angle_alpha   90.00
_cell.angle_beta   125.20
_cell.angle_gamma   90.00
#
_symmetry.space_group_name_H-M   'C 1 2 1'
#
loop_
_entity.id
_entity.type
_entity.pdbx_description
1 polymer 'Phenylalanyl-tRNA synthetase alpha chain'
2 polymer 'Phenylalanyl-tRNA synthetase beta chain'
3 non-polymer PHENYLALANINE
#
loop_
_entity_poly.entity_id
_entity_poly.type
_entity_poly.pdbx_seq_one_letter_code
_entity_poly.pdbx_strand_id
1 'polypeptide(L)'
;MADGQVAELLLRRLEASDGGLDSAELAAELGMEHQAVVGAVKSLQALGEVIEAELRSTKHWELTAEGEEIAREGSHEARV
FRSIPPEGLAQSELMRLPSGKVGFSKAMSNKWIRVDKSAADGPRVFRVVDSMEDEVQRRLQLVRGGQAEKLGEKERSELR
KRKLLAEVTLKTYWVSKGSAFSTSISKQETELSPEMISSGSWRDRPFKPYNFLAHGVLPDSGHLHPLLKVRSQFRQIFLE
MGFTEMPTDNFIESSFWNFDALFQPQQHPARDQHDTFFLRDPAEALQLPMDYVQRVKRTHSQGGYGSQGYKYNWKLDEAR
KNLLRTHTTSASARALYRLAQKKPFTPVKYFSIDRVFRNETLDATHLAEFHQIEGVVADHGLTLGHLMGVLREFFTKLGI
TQLRFKPAYNPYTEPSMEVFSYHQGLKKWVEVGNSGVFRPEMLLPMGLPENVSVIAWGLSLERPTMIKYGINNIRELVGH
KVNLQMVYDSPLCRLDAEPRPPPTQEAA
;
A,C,E,G,I,K,M,O
2 'polypeptide(L)'
;MPTVSVKRDLLFQALGRTYTDEEFDELCFEFGLELDEITSEKEIISKEQGNVKAAGASDVVLYKIDVPANRYDLLCLEGL
VRGLQVFKERIKAPVYKRVMPDGKIQKLIITEETAKIRPFAVAAVLRNIKFTKDRYDSFIELQEKLHQNICRKRALVAIG
THDLDTLSGPFTYTAKRPSDIKFKPLNKTKEYTACELMNIYKTDNHLKHYLHIIENKPLYPVIYDSNGVVLSMPPIINGD
HSRITVNTRNIFIECTGTDFTKAKIVLDIIVTMFSEYCENQFTVEAAEVVFPNGKSHTFPELAYRKEMVRADLINKKVGI
RETPENLAKLLTRMYLKSEVIGDGNQIEIEIPPTRADIIHACDIVEDAAIAYGYNNIQMTLPKTYTIANQFPLNKLTELL
RHDMAAAGFTEALTFALCSQEDIADKLGVDISATKAVHISNPKTAEFQVARTTLLPGLLKTIAANRKMPLPLKLFEISDI
VIKDSNTDVGAKNYRHLCAVYYNKNPGFEIIHGLLDRIMQLLDVPPGEDKGGYVIKASEGPAFFPGRCAEIFARGQSVGK
LGVLHPDVITKFELTMPCSSLEINIGPFL
;
B,D,F,H,J,L,N,P
#
# COMPACT_ATOMS: atom_id res chain seq x y z
N THR A 183 14.26 -19.15 99.23
CA THR A 183 14.09 -17.84 98.53
C THR A 183 13.29 -16.84 99.36
N SER A 184 13.25 -15.60 98.90
CA SER A 184 12.54 -14.51 99.60
C SER A 184 11.02 -14.55 99.49
N ILE A 185 10.47 -13.53 98.82
CA ILE A 185 9.03 -13.37 98.62
C ILE A 185 8.46 -14.42 97.65
N SER A 186 8.61 -15.71 97.97
CA SER A 186 8.12 -16.78 97.08
C SER A 186 7.27 -17.88 97.72
N LYS A 187 6.13 -17.49 98.30
CA LYS A 187 5.20 -18.45 98.87
C LYS A 187 3.88 -18.25 98.13
N GLN A 188 3.97 -18.41 96.81
CA GLN A 188 2.87 -18.25 95.87
C GLN A 188 1.50 -18.72 96.35
N GLU A 189 0.48 -18.09 95.78
CA GLU A 189 -0.90 -18.42 96.11
C GLU A 189 -1.60 -19.08 94.92
N THR A 190 -2.86 -19.43 95.14
CA THR A 190 -3.70 -20.08 94.14
C THR A 190 -4.53 -19.04 93.40
N GLU A 191 -5.64 -19.46 92.82
CA GLU A 191 -6.52 -18.55 92.08
C GLU A 191 -6.78 -17.27 92.85
N LEU A 192 -7.22 -16.24 92.13
CA LEU A 192 -7.53 -14.94 92.72
C LEU A 192 -8.70 -15.13 93.71
N SER A 193 -9.01 -14.10 94.49
CA SER A 193 -10.10 -14.20 95.47
C SER A 193 -10.99 -12.97 95.55
N PRO A 194 -12.26 -13.17 95.91
CA PRO A 194 -13.22 -12.06 96.02
C PRO A 194 -12.89 -11.01 97.08
N GLU A 195 -11.99 -11.36 98.00
CA GLU A 195 -11.56 -10.45 99.06
C GLU A 195 -10.30 -9.76 98.58
N MET A 196 -9.46 -10.51 97.89
CA MET A 196 -8.24 -9.93 97.34
C MET A 196 -8.72 -8.87 96.38
N ILE A 197 -9.82 -9.16 95.70
CA ILE A 197 -10.37 -8.20 94.78
C ILE A 197 -11.09 -7.10 95.59
N SER A 198 -11.44 -7.40 96.84
CA SER A 198 -12.11 -6.43 97.69
C SER A 198 -11.18 -5.27 98.02
N SER A 199 -10.08 -5.59 98.71
CA SER A 199 -9.08 -4.58 99.06
C SER A 199 -7.71 -5.05 98.64
N GLY A 200 -7.06 -4.24 97.80
CA GLY A 200 -5.73 -4.48 97.24
C GLY A 200 -4.92 -5.77 97.43
N SER A 201 -5.37 -6.65 98.34
CA SER A 201 -4.70 -7.91 98.67
C SER A 201 -4.06 -8.69 97.51
N TRP A 202 -4.76 -8.82 96.38
CA TRP A 202 -4.23 -9.56 95.23
C TRP A 202 -2.91 -8.98 94.75
N ARG A 203 -2.71 -7.68 94.96
CA ARG A 203 -1.50 -6.99 94.52
C ARG A 203 -0.27 -7.83 94.66
N ASP A 204 0.49 -7.58 95.71
CA ASP A 204 1.71 -8.34 95.91
C ASP A 204 1.63 -9.32 97.06
N ARG A 205 1.21 -10.52 96.69
CA ARG A 205 1.08 -11.67 97.56
C ARG A 205 1.40 -12.80 96.57
N PRO A 206 2.36 -12.54 95.65
CA PRO A 206 2.89 -13.37 94.57
C PRO A 206 2.28 -14.75 94.28
N PHE A 207 1.74 -14.90 93.07
CA PHE A 207 1.13 -16.14 92.57
C PHE A 207 1.01 -16.13 91.06
N LYS A 208 1.97 -16.75 90.37
CA LYS A 208 1.96 -16.81 88.90
C LYS A 208 2.06 -18.21 88.31
N PRO A 209 1.41 -19.21 88.94
CA PRO A 209 1.56 -20.52 88.29
C PRO A 209 0.41 -21.11 87.45
N TYR A 210 0.54 -21.10 86.13
CA TYR A 210 -0.48 -21.73 85.25
C TYR A 210 0.07 -22.40 83.98
N ASN A 211 0.07 -23.74 84.00
CA ASN A 211 0.56 -24.58 82.90
C ASN A 211 -0.22 -24.32 81.61
N PHE A 212 0.22 -23.34 80.83
CA PHE A 212 -0.46 -23.01 79.60
C PHE A 212 -0.42 -24.03 78.46
N LEU A 213 -0.14 -25.29 78.76
CA LEU A 213 -0.15 -26.32 77.72
C LEU A 213 -0.82 -27.59 78.23
N ALA A 214 -2.11 -27.50 78.59
CA ALA A 214 -2.86 -28.65 79.09
C ALA A 214 -4.34 -28.58 78.73
N HIS A 215 -4.87 -29.70 78.27
CA HIS A 215 -6.27 -29.79 77.87
C HIS A 215 -7.30 -29.08 78.74
N GLY A 216 -6.85 -28.43 79.81
CA GLY A 216 -7.80 -27.74 80.68
C GLY A 216 -8.90 -28.71 81.08
N VAL A 217 -9.96 -28.23 81.72
CA VAL A 217 -11.04 -29.14 82.11
C VAL A 217 -12.28 -29.03 81.25
N LEU A 218 -12.42 -29.99 80.33
CA LEU A 218 -13.57 -30.02 79.45
C LEU A 218 -14.77 -29.84 80.36
N PRO A 219 -15.59 -28.82 80.13
CA PRO A 219 -16.75 -28.64 81.00
C PRO A 219 -17.70 -29.81 80.80
N ASP A 220 -18.30 -30.31 81.89
CA ASP A 220 -19.25 -31.41 81.79
C ASP A 220 -20.32 -30.94 80.83
N SER A 221 -20.69 -31.79 79.88
CA SER A 221 -21.65 -31.39 78.85
C SER A 221 -22.55 -32.52 78.40
N GLY A 222 -23.75 -32.16 77.96
CA GLY A 222 -24.70 -33.16 77.48
C GLY A 222 -24.29 -33.65 76.11
N HIS A 223 -24.87 -34.75 75.63
CA HIS A 223 -24.48 -35.22 74.32
C HIS A 223 -25.59 -35.82 73.47
N LEU A 224 -25.51 -35.57 72.17
CA LEU A 224 -26.49 -36.12 71.23
C LEU A 224 -25.78 -37.13 70.35
N HIS A 225 -26.40 -38.29 70.15
CA HIS A 225 -25.79 -39.34 69.37
C HIS A 225 -25.47 -38.97 67.90
N PRO A 226 -24.21 -39.18 67.48
CA PRO A 226 -23.70 -38.88 66.13
C PRO A 226 -24.63 -39.25 64.98
N LEU A 227 -25.16 -40.46 65.02
CA LEU A 227 -26.05 -40.92 63.96
C LEU A 227 -27.29 -40.06 63.89
N LEU A 228 -27.80 -39.65 65.05
CA LEU A 228 -29.00 -38.83 65.08
C LEU A 228 -28.67 -37.38 64.80
N LYS A 229 -27.44 -37.00 65.07
CA LYS A 229 -27.03 -35.64 64.79
C LYS A 229 -27.11 -35.55 63.28
N VAL A 230 -26.84 -36.67 62.64
CA VAL A 230 -26.87 -36.74 61.21
C VAL A 230 -28.32 -36.81 60.73
N ARG A 231 -29.11 -37.67 61.35
CA ARG A 231 -30.51 -37.79 60.96
C ARG A 231 -31.07 -36.38 60.98
N SER A 232 -30.70 -35.61 62.00
CA SER A 232 -31.19 -34.25 62.10
C SER A 232 -30.85 -33.51 60.84
N GLN A 233 -29.57 -33.48 60.47
CA GLN A 233 -29.15 -32.77 59.26
C GLN A 233 -29.92 -33.19 58.00
N PHE A 234 -30.20 -34.48 57.86
CA PHE A 234 -30.96 -34.94 56.70
C PHE A 234 -32.39 -34.36 56.77
N ARG A 235 -33.03 -34.56 57.90
CA ARG A 235 -34.38 -34.09 58.12
C ARG A 235 -34.47 -32.64 57.68
N GLN A 236 -33.44 -31.86 57.97
CA GLN A 236 -33.43 -30.44 57.61
C GLN A 236 -33.35 -30.26 56.11
N ILE A 237 -32.41 -30.96 55.48
CA ILE A 237 -32.24 -30.89 54.03
C ILE A 237 -33.62 -31.07 53.38
N PHE A 238 -34.33 -32.10 53.82
CA PHE A 238 -35.65 -32.36 53.28
C PHE A 238 -36.59 -31.20 53.49
N LEU A 239 -36.60 -30.62 54.67
CA LEU A 239 -37.49 -29.50 54.90
C LEU A 239 -37.11 -28.32 54.03
N GLU A 240 -35.82 -28.05 53.91
CA GLU A 240 -35.41 -26.91 53.10
C GLU A 240 -35.78 -27.13 51.64
N MET A 241 -35.98 -28.39 51.26
CA MET A 241 -36.35 -28.71 49.89
C MET A 241 -37.84 -28.88 49.75
N GLY A 242 -38.60 -28.24 50.64
CA GLY A 242 -40.04 -28.32 50.57
C GLY A 242 -40.75 -29.64 50.83
N PHE A 243 -40.05 -30.62 51.39
CA PHE A 243 -40.69 -31.90 51.69
C PHE A 243 -41.36 -31.99 53.04
N THR A 244 -42.54 -32.60 53.08
CA THR A 244 -43.27 -32.79 54.31
C THR A 244 -42.87 -34.13 54.92
N GLU A 245 -42.80 -34.18 56.25
CA GLU A 245 -42.40 -35.39 56.95
C GLU A 245 -43.57 -36.33 57.18
N MET A 246 -43.53 -37.50 56.56
CA MET A 246 -44.62 -38.47 56.74
C MET A 246 -44.31 -39.33 57.96
N PRO A 247 -45.35 -39.73 58.72
CA PRO A 247 -45.24 -40.55 59.93
C PRO A 247 -44.78 -41.98 59.68
N THR A 248 -44.11 -42.58 60.67
CA THR A 248 -43.65 -43.95 60.49
C THR A 248 -43.87 -44.81 61.73
N ASP A 249 -44.81 -44.40 62.58
CA ASP A 249 -45.12 -45.13 63.81
C ASP A 249 -45.70 -46.53 63.57
N ASN A 250 -44.85 -47.47 63.15
CA ASN A 250 -45.31 -48.83 62.90
C ASN A 250 -44.16 -49.75 62.58
N PHE A 251 -43.46 -50.26 63.59
CA PHE A 251 -42.34 -51.18 63.32
C PHE A 251 -42.87 -52.48 62.71
N ILE A 252 -44.15 -52.72 62.92
CA ILE A 252 -44.78 -53.92 62.42
C ILE A 252 -45.74 -53.62 61.28
N GLU A 253 -45.42 -54.10 60.09
CA GLU A 253 -46.24 -53.88 58.91
C GLU A 253 -46.80 -55.20 58.40
N SER A 254 -47.98 -55.14 57.81
CA SER A 254 -48.61 -56.33 57.25
C SER A 254 -47.92 -56.57 55.92
N SER A 255 -47.70 -57.83 55.58
CA SER A 255 -47.05 -58.18 54.33
C SER A 255 -47.69 -57.45 53.15
N PHE A 256 -49.01 -57.25 53.19
CA PHE A 256 -49.70 -56.57 52.10
C PHE A 256 -49.07 -55.21 51.81
N TRP A 257 -49.11 -54.34 52.80
CA TRP A 257 -48.55 -53.02 52.65
C TRP A 257 -47.04 -53.02 52.44
N ASN A 258 -46.31 -53.93 53.05
CA ASN A 258 -44.86 -53.92 52.87
C ASN A 258 -44.42 -54.47 51.54
N PHE A 259 -45.23 -55.37 50.95
CA PHE A 259 -44.87 -55.96 49.67
C PHE A 259 -45.91 -55.81 48.56
N ASP A 260 -46.95 -56.65 48.59
CA ASP A 260 -48.01 -56.63 47.56
C ASP A 260 -48.38 -55.23 47.08
N ALA A 261 -48.68 -54.36 48.01
CA ALA A 261 -49.04 -53.00 47.68
C ALA A 261 -48.00 -52.34 46.78
N LEU A 262 -46.71 -52.65 46.94
CA LEU A 262 -45.68 -52.05 46.09
C LEU A 262 -45.44 -52.87 44.84
N PHE A 263 -46.43 -53.65 44.44
CA PHE A 263 -46.33 -54.50 43.24
C PHE A 263 -45.13 -55.40 43.32
N GLN A 264 -44.89 -55.92 44.52
CA GLN A 264 -43.80 -56.84 44.83
C GLN A 264 -44.41 -58.25 44.80
N PRO A 265 -44.25 -58.97 43.70
CA PRO A 265 -44.79 -60.32 43.56
C PRO A 265 -44.61 -61.15 44.83
N GLN A 266 -45.18 -62.35 44.87
CA GLN A 266 -45.05 -63.22 46.04
C GLN A 266 -44.05 -64.35 45.80
N GLN A 267 -43.48 -64.40 44.60
CA GLN A 267 -42.49 -65.43 44.28
C GLN A 267 -41.11 -64.91 44.71
N HIS A 268 -40.95 -63.59 44.69
CA HIS A 268 -39.69 -62.91 45.04
C HIS A 268 -38.99 -63.50 46.26
N PRO A 269 -37.64 -63.57 46.20
CA PRO A 269 -36.79 -64.10 47.27
C PRO A 269 -36.63 -63.20 48.50
N ALA A 270 -37.28 -62.04 48.50
CA ALA A 270 -37.18 -61.13 49.63
C ALA A 270 -38.34 -61.27 50.62
N ARG A 271 -39.32 -62.09 50.25
CA ARG A 271 -40.49 -62.31 51.11
C ARG A 271 -40.34 -63.65 51.83
N ASP A 272 -39.13 -64.19 51.77
CA ASP A 272 -38.77 -65.47 52.37
C ASP A 272 -38.48 -65.31 53.86
N GLN A 273 -38.62 -66.40 54.60
CA GLN A 273 -38.38 -66.41 56.05
C GLN A 273 -36.91 -66.08 56.33
N HIS A 274 -36.03 -66.49 55.41
CA HIS A 274 -34.59 -66.25 55.51
C HIS A 274 -34.24 -64.93 54.85
N ASP A 275 -34.69 -63.82 55.44
CA ASP A 275 -34.45 -62.48 54.90
C ASP A 275 -35.32 -61.44 55.66
N THR A 276 -36.51 -61.88 56.05
CA THR A 276 -37.48 -61.03 56.71
C THR A 276 -37.85 -61.52 58.10
N PHE A 277 -38.29 -60.60 58.94
CA PHE A 277 -38.72 -60.93 60.28
C PHE A 277 -40.25 -60.94 60.31
N PHE A 278 -40.85 -62.13 60.24
CA PHE A 278 -42.31 -62.23 60.33
C PHE A 278 -42.65 -62.43 61.80
N LEU A 279 -43.74 -61.84 62.28
CA LEU A 279 -44.10 -62.00 63.67
C LEU A 279 -44.62 -63.39 63.95
N ARG A 280 -44.56 -63.76 65.23
CA ARG A 280 -45.02 -65.04 65.72
C ARG A 280 -46.33 -64.79 66.46
N ASP A 281 -46.39 -63.72 67.25
CA ASP A 281 -47.63 -63.46 67.96
C ASP A 281 -48.63 -62.77 67.04
N PRO A 282 -48.46 -61.47 66.75
CA PRO A 282 -49.53 -61.00 65.85
C PRO A 282 -49.28 -61.47 64.41
N ALA A 283 -49.32 -62.79 64.21
CA ALA A 283 -49.07 -63.46 62.93
C ALA A 283 -49.77 -62.82 61.76
N GLU A 284 -51.09 -62.84 61.80
CA GLU A 284 -51.85 -62.22 60.74
C GLU A 284 -52.24 -60.86 61.28
N ALA A 285 -52.48 -59.89 60.40
CA ALA A 285 -52.86 -58.56 60.85
C ALA A 285 -54.31 -58.66 61.18
N LEU A 286 -54.96 -57.53 61.39
CA LEU A 286 -56.36 -57.60 61.71
C LEU A 286 -57.18 -57.01 60.55
N GLN A 287 -57.14 -55.69 60.43
CA GLN A 287 -57.89 -54.98 59.40
C GLN A 287 -57.08 -54.72 58.14
N LEU A 288 -57.70 -54.90 56.99
CA LEU A 288 -57.02 -54.68 55.73
C LEU A 288 -58.01 -54.00 54.82
N PRO A 289 -57.53 -53.08 53.98
CA PRO A 289 -58.26 -52.26 52.97
C PRO A 289 -58.76 -53.10 51.77
N MET A 290 -59.61 -54.07 52.06
CA MET A 290 -60.12 -55.01 51.07
C MET A 290 -60.40 -54.53 49.66
N ASP A 291 -60.99 -53.36 49.52
CA ASP A 291 -61.27 -52.85 48.18
C ASP A 291 -59.94 -52.71 47.47
N TYR A 292 -59.06 -51.89 48.04
CA TYR A 292 -57.73 -51.65 47.47
C TYR A 292 -57.07 -53.01 47.29
N VAL A 293 -57.15 -53.86 48.30
CA VAL A 293 -56.56 -55.20 48.25
C VAL A 293 -57.11 -56.00 47.07
N GLN A 294 -58.39 -55.82 46.78
CA GLN A 294 -58.98 -56.54 45.67
C GLN A 294 -58.33 -56.07 44.36
N ARG A 295 -58.25 -54.76 44.18
CA ARG A 295 -57.65 -54.20 42.99
C ARG A 295 -56.20 -54.65 42.84
N VAL A 296 -55.52 -54.85 43.96
CA VAL A 296 -54.13 -55.31 43.92
C VAL A 296 -54.14 -56.76 43.46
N LYS A 297 -54.80 -57.62 44.26
CA LYS A 297 -54.92 -59.03 43.95
C LYS A 297 -55.13 -59.19 42.45
N ARG A 298 -56.09 -58.42 41.93
CA ARG A 298 -56.44 -58.43 40.51
C ARG A 298 -55.23 -58.19 39.61
N THR A 299 -54.89 -56.93 39.46
CA THR A 299 -53.77 -56.51 38.63
C THR A 299 -52.50 -57.29 38.90
N HIS A 300 -52.39 -57.83 40.10
CA HIS A 300 -51.21 -58.61 40.48
C HIS A 300 -51.15 -59.92 39.71
N SER A 301 -52.31 -60.56 39.55
CA SER A 301 -52.35 -61.84 38.86
C SER A 301 -52.87 -61.80 37.42
N GLN A 302 -53.91 -61.02 37.17
CA GLN A 302 -54.47 -60.95 35.83
C GLN A 302 -53.97 -59.73 35.05
N GLY A 303 -53.51 -58.72 35.76
CA GLY A 303 -53.03 -57.54 35.06
C GLY A 303 -54.08 -56.44 35.01
N GLY A 304 -53.82 -55.41 34.20
CA GLY A 304 -54.74 -54.29 34.10
C GLY A 304 -54.00 -52.97 34.17
N TYR A 305 -54.72 -51.88 34.05
CA TYR A 305 -54.07 -50.58 34.11
C TYR A 305 -52.98 -50.50 33.03
N GLY A 306 -53.05 -51.43 32.07
CA GLY A 306 -52.08 -51.45 30.99
C GLY A 306 -51.02 -52.53 31.10
N SER A 307 -50.93 -53.16 32.27
CA SER A 307 -49.93 -54.20 32.49
C SER A 307 -50.50 -55.59 32.32
N GLN A 308 -49.61 -56.57 32.28
CA GLN A 308 -50.04 -57.94 32.14
C GLN A 308 -49.72 -58.73 33.38
N GLY A 309 -49.83 -58.06 34.52
CA GLY A 309 -49.56 -58.70 35.81
C GLY A 309 -48.39 -59.66 35.83
N TYR A 310 -48.34 -60.48 36.87
CA TYR A 310 -47.28 -61.45 37.00
C TYR A 310 -47.83 -62.83 36.64
N LYS A 311 -49.11 -62.85 36.27
CA LYS A 311 -49.79 -64.07 35.86
C LYS A 311 -49.59 -65.23 36.84
N TYR A 312 -49.79 -64.97 38.13
CA TYR A 312 -49.64 -66.03 39.13
C TYR A 312 -50.84 -65.96 40.06
N ASN A 313 -51.00 -66.93 40.94
CA ASN A 313 -52.15 -66.87 41.83
C ASN A 313 -51.86 -66.17 43.14
N TRP A 314 -52.50 -65.03 43.32
CA TRP A 314 -52.32 -64.20 44.51
C TRP A 314 -53.09 -64.75 45.70
N LYS A 315 -52.36 -65.22 46.71
CA LYS A 315 -52.98 -65.76 47.91
C LYS A 315 -53.09 -64.67 48.97
N LEU A 316 -54.31 -64.43 49.45
CA LEU A 316 -54.56 -63.40 50.45
C LEU A 316 -53.99 -63.77 51.82
N ASP A 317 -54.05 -65.05 52.16
CA ASP A 317 -53.52 -65.53 53.44
C ASP A 317 -52.07 -65.14 53.61
N GLU A 318 -51.39 -64.96 52.48
CA GLU A 318 -49.97 -64.58 52.46
C GLU A 318 -49.84 -63.12 52.85
N ALA A 319 -50.57 -62.26 52.16
CA ALA A 319 -50.51 -60.84 52.45
C ALA A 319 -50.87 -60.54 53.89
N ARG A 320 -51.70 -61.39 54.49
CA ARG A 320 -52.11 -61.21 55.88
C ARG A 320 -50.93 -61.36 56.86
N LYS A 321 -49.87 -62.05 56.45
CA LYS A 321 -48.70 -62.27 57.29
C LYS A 321 -48.02 -60.99 57.79
N ASN A 322 -47.97 -60.82 59.11
CA ASN A 322 -47.33 -59.64 59.71
C ASN A 322 -45.81 -59.80 59.74
N LEU A 323 -45.10 -58.69 59.74
CA LEU A 323 -43.65 -58.72 59.76
C LEU A 323 -43.02 -57.42 60.30
N LEU A 324 -41.70 -57.34 60.25
CA LEU A 324 -41.02 -56.16 60.69
C LEU A 324 -40.63 -55.38 59.46
N ARG A 325 -41.28 -54.24 59.27
CA ARG A 325 -41.02 -53.35 58.14
C ARG A 325 -39.59 -53.53 57.61
N THR A 326 -39.46 -54.02 56.38
CA THR A 326 -38.15 -54.26 55.78
C THR A 326 -37.58 -53.05 55.07
N HIS A 327 -38.42 -52.07 54.74
CA HIS A 327 -37.99 -50.83 54.11
C HIS A 327 -39.04 -49.73 54.31
N THR A 328 -38.60 -48.46 54.35
CA THR A 328 -39.53 -47.36 54.52
C THR A 328 -40.46 -47.15 53.31
N THR A 329 -40.18 -47.83 52.20
CA THR A 329 -40.98 -47.72 51.00
C THR A 329 -42.43 -48.05 51.31
N SER A 330 -42.65 -49.00 52.22
CA SER A 330 -44.01 -49.36 52.60
C SER A 330 -44.71 -48.10 53.13
N ALA A 331 -44.03 -47.34 53.97
CA ALA A 331 -44.57 -46.11 54.54
C ALA A 331 -45.05 -45.19 53.43
N SER A 332 -44.29 -45.14 52.35
CA SER A 332 -44.66 -44.29 51.23
C SER A 332 -45.91 -44.84 50.57
N ALA A 333 -45.99 -46.16 50.49
CA ALA A 333 -47.15 -46.81 49.89
C ALA A 333 -48.35 -46.30 50.62
N ARG A 334 -48.28 -46.35 51.94
CA ARG A 334 -49.36 -45.88 52.79
C ARG A 334 -49.66 -44.44 52.41
N ALA A 335 -48.67 -43.59 52.60
CA ALA A 335 -48.77 -42.18 52.30
C ALA A 335 -49.44 -41.89 50.97
N LEU A 336 -48.97 -42.56 49.90
CA LEU A 336 -49.53 -42.37 48.58
C LEU A 336 -50.98 -42.80 48.50
N TYR A 337 -51.29 -43.94 49.09
CA TYR A 337 -52.67 -44.42 49.07
C TYR A 337 -53.58 -43.38 49.70
N ARG A 338 -53.19 -42.89 50.87
CA ARG A 338 -53.97 -41.88 51.55
C ARG A 338 -54.16 -40.73 50.58
N LEU A 339 -53.07 -40.25 50.00
CA LEU A 339 -53.11 -39.15 49.04
C LEU A 339 -54.10 -39.39 47.91
N ALA A 340 -54.11 -40.61 47.41
CA ALA A 340 -54.97 -40.97 46.31
C ALA A 340 -56.45 -40.76 46.64
N GLN A 341 -56.77 -40.70 47.93
CA GLN A 341 -58.16 -40.53 48.35
C GLN A 341 -58.60 -39.06 48.45
N LYS A 342 -57.68 -38.10 48.38
CA LYS A 342 -58.03 -36.68 48.48
C LYS A 342 -58.96 -36.20 47.36
N LYS A 343 -60.03 -35.50 47.75
CA LYS A 343 -61.06 -34.97 46.82
C LYS A 343 -60.37 -34.71 45.48
N PRO A 344 -59.68 -33.57 45.31
CA PRO A 344 -59.02 -33.40 44.02
C PRO A 344 -57.55 -33.72 44.30
N PHE A 345 -56.83 -34.24 43.31
CA PHE A 345 -55.44 -34.56 43.57
C PHE A 345 -54.64 -33.30 43.78
N THR A 346 -53.64 -33.40 44.62
CA THR A 346 -52.80 -32.28 44.90
C THR A 346 -51.35 -32.77 45.03
N PRO A 347 -50.44 -32.25 44.20
CA PRO A 347 -49.03 -32.61 44.19
C PRO A 347 -48.39 -32.47 45.58
N VAL A 348 -47.43 -33.33 45.88
CA VAL A 348 -46.78 -33.31 47.19
C VAL A 348 -45.33 -33.72 47.15
N LYS A 349 -44.68 -33.62 48.29
CA LYS A 349 -43.29 -34.02 48.46
C LYS A 349 -43.19 -34.57 49.89
N TYR A 350 -43.03 -35.89 50.01
CA TYR A 350 -42.93 -36.53 51.31
C TYR A 350 -41.53 -37.06 51.53
N PHE A 351 -41.19 -37.28 52.80
CA PHE A 351 -39.89 -37.82 53.16
C PHE A 351 -40.09 -38.44 54.52
N SER A 352 -39.18 -39.33 54.89
CA SER A 352 -39.23 -40.00 56.17
C SER A 352 -37.94 -40.75 56.48
N ILE A 353 -37.44 -40.60 57.71
CA ILE A 353 -36.22 -41.29 58.10
C ILE A 353 -36.57 -42.22 59.24
N ASP A 354 -36.71 -43.50 58.92
CA ASP A 354 -37.08 -44.47 59.94
C ASP A 354 -36.27 -45.78 59.97
N ARG A 355 -36.37 -46.45 61.10
CA ARG A 355 -35.69 -47.73 61.38
C ARG A 355 -36.32 -48.83 60.57
N VAL A 356 -35.51 -49.78 60.14
CA VAL A 356 -36.06 -50.85 59.35
C VAL A 356 -35.37 -52.16 59.61
N PHE A 357 -36.17 -53.15 59.99
CA PHE A 357 -35.63 -54.45 60.34
C PHE A 357 -35.35 -55.37 59.17
N ARG A 358 -34.18 -56.02 59.21
CA ARG A 358 -33.76 -56.99 58.20
C ARG A 358 -33.06 -58.20 58.83
N ASN A 359 -33.47 -59.39 58.41
CA ASN A 359 -32.92 -60.64 58.92
C ASN A 359 -31.72 -61.07 58.07
N GLU A 360 -31.14 -60.13 57.33
CA GLU A 360 -30.02 -60.42 56.44
C GLU A 360 -28.95 -61.37 56.98
N THR A 361 -27.95 -60.84 57.66
CA THR A 361 -26.87 -61.66 58.21
C THR A 361 -26.10 -60.93 59.30
N LEU A 362 -26.18 -61.43 60.55
CA LEU A 362 -25.47 -60.83 61.68
C LEU A 362 -24.08 -60.50 61.12
N ASP A 363 -23.75 -59.23 60.96
CA ASP A 363 -22.47 -58.89 60.36
C ASP A 363 -21.65 -57.77 61.00
N ALA A 364 -20.47 -57.51 60.42
CA ALA A 364 -19.57 -56.46 60.88
C ALA A 364 -19.66 -55.26 59.94
N THR A 365 -20.11 -55.52 58.71
CA THR A 365 -20.30 -54.48 57.68
C THR A 365 -21.68 -53.87 57.91
N HIS A 366 -22.71 -54.72 57.93
CA HIS A 366 -24.08 -54.25 58.17
C HIS A 366 -24.78 -55.09 59.26
N LEU A 367 -25.72 -54.44 59.94
CA LEU A 367 -26.48 -55.02 61.05
C LEU A 367 -27.82 -55.63 60.71
N ALA A 368 -28.57 -55.90 61.77
CA ALA A 368 -29.90 -56.49 61.70
C ALA A 368 -30.94 -55.42 61.48
N GLU A 369 -30.75 -54.25 62.08
CA GLU A 369 -31.69 -53.16 61.92
C GLU A 369 -30.88 -51.91 61.78
N PHE A 370 -31.31 -51.03 60.86
CA PHE A 370 -30.63 -49.76 60.58
C PHE A 370 -31.67 -48.70 60.23
N HIS A 371 -31.20 -47.51 59.94
CA HIS A 371 -32.09 -46.42 59.58
C HIS A 371 -31.99 -46.16 58.08
N GLN A 372 -33.14 -45.97 57.46
CA GLN A 372 -33.25 -45.73 56.03
C GLN A 372 -34.06 -44.47 55.78
N ILE A 373 -33.53 -43.54 54.97
CA ILE A 373 -34.25 -42.31 54.66
C ILE A 373 -34.80 -42.44 53.24
N GLU A 374 -36.00 -41.93 53.04
CA GLU A 374 -36.64 -41.98 51.74
C GLU A 374 -37.35 -40.65 51.40
N GLY A 375 -37.25 -40.25 50.13
CA GLY A 375 -37.89 -39.03 49.67
C GLY A 375 -38.75 -39.37 48.49
N VAL A 376 -39.94 -38.78 48.43
CA VAL A 376 -40.86 -39.05 47.32
C VAL A 376 -41.55 -37.78 46.81
N VAL A 377 -41.66 -37.64 45.49
CA VAL A 377 -42.28 -36.49 44.86
C VAL A 377 -43.41 -36.97 43.94
N ALA A 378 -44.59 -36.40 44.08
CA ALA A 378 -45.72 -36.83 43.25
C ALA A 378 -46.39 -35.64 42.59
N ASP A 379 -46.24 -35.54 41.27
CA ASP A 379 -46.81 -34.42 40.55
C ASP A 379 -47.26 -34.87 39.18
N HIS A 380 -47.56 -33.92 38.31
CA HIS A 380 -48.00 -34.22 36.94
C HIS A 380 -46.81 -34.17 35.98
N GLY A 381 -46.64 -35.23 35.20
CA GLY A 381 -45.56 -35.27 34.24
C GLY A 381 -44.13 -35.13 34.75
N LEU A 382 -43.79 -35.84 35.82
CA LEU A 382 -42.43 -35.82 36.33
C LEU A 382 -41.63 -36.74 35.43
N THR A 383 -40.41 -36.36 35.10
CA THR A 383 -39.57 -37.18 34.23
C THR A 383 -38.39 -37.74 34.96
N LEU A 384 -37.73 -38.71 34.33
CA LEU A 384 -36.56 -39.30 34.92
C LEU A 384 -35.59 -38.16 35.21
N GLY A 385 -35.58 -37.16 34.34
CA GLY A 385 -34.69 -36.03 34.51
C GLY A 385 -34.99 -35.29 35.80
N HIS A 386 -36.27 -35.19 36.15
CA HIS A 386 -36.67 -34.52 37.37
C HIS A 386 -36.08 -35.28 38.52
N LEU A 387 -36.28 -36.59 38.49
CA LEU A 387 -35.75 -37.45 39.52
C LEU A 387 -34.26 -37.11 39.66
N MET A 388 -33.58 -36.99 38.53
CA MET A 388 -32.15 -36.65 38.50
C MET A 388 -31.90 -35.26 39.08
N GLY A 389 -32.67 -34.29 38.59
CA GLY A 389 -32.52 -32.93 39.06
C GLY A 389 -32.67 -32.83 40.56
N VAL A 390 -33.73 -33.43 41.11
CA VAL A 390 -33.96 -33.40 42.57
C VAL A 390 -32.78 -34.03 43.26
N LEU A 391 -32.37 -35.21 42.79
CA LEU A 391 -31.23 -35.89 43.37
C LEU A 391 -30.00 -35.01 43.40
N ARG A 392 -29.74 -34.27 42.33
CA ARG A 392 -28.57 -33.43 42.34
C ARG A 392 -28.69 -32.40 43.44
N GLU A 393 -29.84 -31.74 43.53
CA GLU A 393 -30.04 -30.71 44.55
C GLU A 393 -29.88 -31.28 45.93
N PHE A 394 -30.40 -32.48 46.14
CA PHE A 394 -30.32 -33.14 47.43
C PHE A 394 -28.88 -33.43 47.81
N PHE A 395 -28.17 -34.19 47.00
CA PHE A 395 -26.78 -34.51 47.34
C PHE A 395 -25.85 -33.33 47.35
N THR A 396 -26.33 -32.15 46.97
CA THR A 396 -25.47 -31.00 46.98
C THR A 396 -25.52 -30.43 48.36
N LYS A 397 -26.70 -30.47 48.97
CA LYS A 397 -26.85 -29.94 50.30
C LYS A 397 -26.19 -30.93 51.24
N LEU A 398 -25.60 -31.96 50.65
CA LEU A 398 -24.91 -32.99 51.41
C LEU A 398 -23.46 -32.86 51.08
N GLY A 399 -23.17 -31.91 50.20
CA GLY A 399 -21.81 -31.67 49.78
C GLY A 399 -21.29 -32.74 48.85
N ILE A 400 -21.93 -32.92 47.71
CA ILE A 400 -21.48 -33.89 46.72
C ILE A 400 -21.78 -33.40 45.33
N THR A 401 -20.79 -33.44 44.44
CA THR A 401 -21.04 -32.96 43.07
C THR A 401 -20.70 -34.02 42.03
N GLN A 402 -19.80 -34.93 42.37
CA GLN A 402 -19.44 -35.97 41.45
C GLN A 402 -20.63 -36.91 41.36
N LEU A 403 -21.64 -36.55 40.56
CA LEU A 403 -22.81 -37.43 40.43
C LEU A 403 -22.94 -38.11 39.07
N ARG A 404 -23.06 -39.44 39.08
CA ARG A 404 -23.26 -40.22 37.86
C ARG A 404 -24.36 -41.27 38.10
N PHE A 405 -25.33 -41.33 37.20
CA PHE A 405 -26.44 -42.26 37.34
C PHE A 405 -26.25 -43.54 36.56
N LYS A 406 -26.83 -44.62 37.05
CA LYS A 406 -26.70 -45.92 36.40
C LYS A 406 -28.03 -46.64 36.45
N PRO A 407 -28.35 -47.38 35.39
CA PRO A 407 -29.62 -48.12 35.36
C PRO A 407 -29.61 -49.17 36.44
N ALA A 408 -30.80 -49.56 36.88
CA ALA A 408 -30.91 -50.56 37.93
C ALA A 408 -32.28 -51.21 37.92
N TYR A 409 -32.56 -52.00 38.94
CA TYR A 409 -33.83 -52.70 39.03
C TYR A 409 -34.43 -52.70 40.41
N ASN A 410 -35.71 -52.37 40.44
CA ASN A 410 -36.50 -52.34 41.64
C ASN A 410 -37.85 -52.81 41.15
N PRO A 411 -38.44 -53.79 41.81
CA PRO A 411 -39.74 -54.32 41.43
C PRO A 411 -40.80 -53.25 41.26
N TYR A 412 -40.68 -52.18 42.04
CA TYR A 412 -41.67 -51.11 42.03
C TYR A 412 -41.33 -49.78 41.36
N THR A 413 -40.60 -49.80 40.26
CA THR A 413 -40.23 -48.56 39.57
C THR A 413 -40.12 -48.79 38.06
N GLU A 414 -40.78 -47.95 37.26
CA GLU A 414 -40.71 -48.11 35.80
C GLU A 414 -39.22 -48.05 35.52
N PRO A 415 -38.63 -46.84 35.45
CA PRO A 415 -37.18 -46.86 35.23
C PRO A 415 -36.65 -46.77 36.64
N SER A 416 -35.46 -47.28 36.88
CA SER A 416 -34.86 -47.22 38.21
C SER A 416 -33.40 -46.91 38.01
N MET A 417 -32.81 -46.11 38.89
CA MET A 417 -31.41 -45.78 38.73
C MET A 417 -30.72 -45.65 40.07
N GLU A 418 -29.47 -46.06 40.12
CA GLU A 418 -28.65 -45.98 41.34
C GLU A 418 -27.74 -44.78 41.11
N VAL A 419 -27.61 -43.87 42.07
CA VAL A 419 -26.73 -42.70 41.85
C VAL A 419 -25.39 -42.98 42.46
N PHE A 420 -24.33 -42.54 41.80
CA PHE A 420 -22.97 -42.78 42.28
C PHE A 420 -22.19 -41.49 42.44
N SER A 421 -21.13 -41.54 43.25
CA SER A 421 -20.24 -40.40 43.45
C SER A 421 -18.83 -40.94 43.50
N TYR A 422 -17.87 -40.09 43.18
CA TYR A 422 -16.48 -40.52 43.18
C TYR A 422 -15.91 -40.27 44.57
N HIS A 423 -15.04 -41.18 45.01
CA HIS A 423 -14.39 -41.06 46.31
C HIS A 423 -12.93 -41.49 46.17
N GLN A 424 -12.11 -41.06 47.12
CA GLN A 424 -10.68 -41.39 47.13
C GLN A 424 -10.50 -42.65 47.96
N GLY A 425 -11.36 -42.81 48.96
CA GLY A 425 -11.30 -43.97 49.83
C GLY A 425 -11.18 -45.29 49.07
N LEU A 426 -12.00 -45.45 48.04
CA LEU A 426 -11.95 -46.66 47.20
C LEU A 426 -11.44 -46.13 45.86
N LYS A 427 -10.84 -44.94 45.92
CA LYS A 427 -10.27 -44.24 44.76
C LYS A 427 -11.13 -44.30 43.50
N LYS A 428 -12.35 -44.81 43.60
CA LYS A 428 -13.26 -44.90 42.45
C LYS A 428 -14.74 -44.81 42.82
N TRP A 429 -15.60 -44.67 41.81
CA TRP A 429 -17.05 -44.52 41.98
C TRP A 429 -17.74 -45.39 43.01
N VAL A 430 -18.68 -44.80 43.73
CA VAL A 430 -19.42 -45.54 44.76
C VAL A 430 -20.92 -45.24 44.74
N GLU A 431 -21.71 -46.26 45.07
CA GLU A 431 -23.15 -46.14 45.10
C GLU A 431 -23.59 -45.36 46.34
N VAL A 432 -24.26 -44.23 46.14
CA VAL A 432 -24.71 -43.44 47.28
C VAL A 432 -26.21 -43.28 47.35
N GLY A 433 -26.94 -44.05 46.56
CA GLY A 433 -28.37 -43.91 46.64
C GLY A 433 -29.05 -44.63 45.50
N ASN A 434 -30.21 -45.22 45.80
CA ASN A 434 -30.99 -45.96 44.82
C ASN A 434 -32.32 -45.20 44.66
N SER A 435 -32.84 -45.14 43.43
CA SER A 435 -34.10 -44.41 43.16
C SER A 435 -34.82 -45.02 41.99
N GLY A 436 -36.03 -44.55 41.77
CA GLY A 436 -36.83 -45.06 40.67
C GLY A 436 -38.05 -44.21 40.39
N VAL A 437 -39.04 -44.82 39.72
CA VAL A 437 -40.26 -44.10 39.38
C VAL A 437 -41.47 -45.02 39.52
N PHE A 438 -41.88 -45.30 40.74
CA PHE A 438 -43.03 -46.17 40.98
C PHE A 438 -43.84 -46.59 39.75
N ARG A 439 -43.96 -47.89 39.54
CA ARG A 439 -44.71 -48.41 38.40
C ARG A 439 -46.17 -48.06 38.54
N PRO A 440 -46.89 -47.97 37.42
CA PRO A 440 -48.30 -47.64 37.51
C PRO A 440 -49.13 -48.79 38.08
N GLU A 441 -48.61 -50.01 37.97
CA GLU A 441 -49.35 -51.13 38.52
C GLU A 441 -49.27 -51.09 40.03
N MET A 442 -48.52 -50.12 40.56
CA MET A 442 -48.41 -49.93 42.00
C MET A 442 -49.34 -48.78 42.39
N LEU A 443 -49.21 -47.70 41.63
CA LEU A 443 -49.98 -46.48 41.86
C LEU A 443 -51.43 -46.51 41.43
N LEU A 444 -51.71 -46.85 40.16
CA LEU A 444 -53.08 -46.85 39.64
C LEU A 444 -54.09 -47.58 40.50
N PRO A 445 -53.74 -48.77 41.03
CA PRO A 445 -54.69 -49.48 41.87
C PRO A 445 -54.97 -48.76 43.20
N MET A 446 -54.09 -47.85 43.60
CA MET A 446 -54.33 -47.11 44.84
C MET A 446 -55.42 -46.10 44.55
N GLY A 447 -55.58 -45.75 43.28
CA GLY A 447 -56.59 -44.80 42.92
C GLY A 447 -56.03 -43.46 42.46
N LEU A 448 -54.72 -43.37 42.34
CA LEU A 448 -54.14 -42.11 41.89
C LEU A 448 -54.51 -41.97 40.43
N PRO A 449 -54.59 -40.72 39.95
CA PRO A 449 -54.94 -40.44 38.56
C PRO A 449 -53.82 -40.90 37.61
N GLU A 450 -54.18 -41.22 36.38
CA GLU A 450 -53.22 -41.65 35.38
C GLU A 450 -52.29 -40.53 34.95
N ASN A 451 -52.72 -39.27 35.09
CA ASN A 451 -51.88 -38.15 34.69
C ASN A 451 -50.86 -37.80 35.75
N VAL A 452 -50.96 -38.44 36.91
CA VAL A 452 -50.00 -38.21 37.99
C VAL A 452 -48.94 -39.29 37.97
N SER A 453 -47.70 -38.89 38.21
CA SER A 453 -46.61 -39.83 38.25
C SER A 453 -45.79 -39.47 39.47
N VAL A 454 -45.26 -40.46 40.18
CA VAL A 454 -44.45 -40.18 41.36
C VAL A 454 -43.08 -40.85 41.29
N ILE A 455 -42.05 -40.08 41.66
CA ILE A 455 -40.66 -40.52 41.65
C ILE A 455 -40.20 -40.56 43.08
N ALA A 456 -39.18 -41.37 43.37
CA ALA A 456 -38.69 -41.48 44.74
C ALA A 456 -37.25 -41.97 44.80
N TRP A 457 -36.59 -41.76 45.93
CA TRP A 457 -35.22 -42.20 46.06
C TRP A 457 -34.96 -42.51 47.53
N GLY A 458 -33.90 -43.24 47.82
CA GLY A 458 -33.59 -43.55 49.21
C GLY A 458 -32.16 -44.01 49.50
N LEU A 459 -31.75 -43.96 50.76
CA LEU A 459 -30.42 -44.39 51.16
C LEU A 459 -30.44 -44.67 52.64
N SER A 460 -29.31 -45.13 53.18
CA SER A 460 -29.23 -45.43 54.61
C SER A 460 -28.49 -44.36 55.40
N LEU A 461 -29.01 -44.06 56.57
CA LEU A 461 -28.43 -43.07 57.46
C LEU A 461 -27.03 -43.50 57.87
N GLU A 462 -26.80 -44.82 57.89
CA GLU A 462 -25.53 -45.42 58.31
C GLU A 462 -24.35 -45.18 57.37
N ARG A 463 -24.43 -45.67 56.13
CA ARG A 463 -23.36 -45.49 55.14
C ARG A 463 -22.68 -44.11 55.17
N PRO A 464 -23.46 -43.03 54.98
CA PRO A 464 -22.88 -41.69 55.00
C PRO A 464 -22.18 -41.34 56.30
N THR A 465 -22.50 -42.02 57.39
CA THR A 465 -21.80 -41.69 58.62
C THR A 465 -20.53 -42.54 58.73
N MET A 466 -20.64 -43.81 58.37
CA MET A 466 -19.49 -44.69 58.45
C MET A 466 -18.37 -44.31 57.49
N ILE A 467 -18.42 -43.11 56.95
CA ILE A 467 -17.36 -42.68 56.05
C ILE A 467 -17.00 -41.23 56.40
N LYS A 468 -18.02 -40.38 56.44
CA LYS A 468 -17.90 -38.94 56.80
C LYS A 468 -17.73 -38.83 58.33
N TYR A 469 -16.84 -39.68 58.83
CA TYR A 469 -16.52 -39.74 60.24
C TYR A 469 -15.59 -40.95 60.42
N GLY A 470 -15.18 -41.57 59.30
CA GLY A 470 -14.29 -42.72 59.32
C GLY A 470 -14.60 -43.78 60.37
N ILE A 471 -15.01 -44.96 59.94
CA ILE A 471 -15.37 -46.02 60.88
C ILE A 471 -14.87 -47.38 60.45
N ASN A 472 -14.75 -48.32 61.38
CA ASN A 472 -14.33 -49.67 61.04
C ASN A 472 -15.49 -50.60 61.35
N ASN A 473 -16.01 -50.53 62.59
CA ASN A 473 -17.14 -51.36 62.96
C ASN A 473 -18.38 -50.57 63.28
N ILE A 474 -19.45 -50.90 62.55
CA ILE A 474 -20.73 -50.26 62.68
C ILE A 474 -21.26 -50.37 64.10
N ARG A 475 -21.08 -51.53 64.71
CA ARG A 475 -21.57 -51.78 66.07
C ARG A 475 -20.91 -50.84 67.08
N GLU A 476 -20.04 -49.99 66.56
CA GLU A 476 -19.33 -49.05 67.40
C GLU A 476 -20.18 -47.83 67.73
N LEU A 477 -21.11 -47.47 66.85
CA LEU A 477 -21.97 -46.34 67.16
C LEU A 477 -23.47 -46.69 67.19
N VAL A 478 -23.86 -47.82 66.61
CA VAL A 478 -25.27 -48.24 66.63
C VAL A 478 -25.48 -49.44 67.54
N GLY A 479 -26.16 -49.24 68.66
CA GLY A 479 -26.37 -50.34 69.57
C GLY A 479 -25.88 -50.08 70.98
N HIS A 480 -26.01 -51.09 71.85
CA HIS A 480 -25.57 -50.93 73.22
C HIS A 480 -24.07 -51.03 73.35
N LYS A 481 -23.42 -51.69 72.40
CA LYS A 481 -21.97 -51.86 72.40
C LYS A 481 -21.25 -50.57 72.02
N VAL A 482 -22.03 -49.51 71.81
CA VAL A 482 -21.47 -48.21 71.44
C VAL A 482 -20.42 -47.69 72.43
N ASN A 483 -19.34 -47.14 71.89
CA ASN A 483 -18.26 -46.59 72.70
C ASN A 483 -18.63 -45.17 73.10
N LEU A 484 -19.36 -45.01 74.20
CA LEU A 484 -19.77 -43.69 74.66
C LEU A 484 -18.72 -42.60 74.58
N GLN A 485 -17.45 -42.94 74.82
CA GLN A 485 -16.41 -41.91 74.77
C GLN A 485 -16.39 -41.27 73.39
N MET A 486 -16.64 -42.07 72.36
CA MET A 486 -16.66 -41.58 71.00
C MET A 486 -17.79 -40.58 70.80
N VAL A 487 -18.89 -40.81 71.53
CA VAL A 487 -20.05 -39.93 71.48
C VAL A 487 -19.74 -38.59 72.13
N TYR A 488 -19.14 -38.65 73.32
CA TYR A 488 -18.80 -37.44 74.04
C TYR A 488 -17.98 -36.49 73.15
N ASP A 489 -17.10 -37.10 72.36
CA ASP A 489 -16.19 -36.36 71.48
C ASP A 489 -16.72 -36.01 70.10
N SER A 490 -17.78 -36.67 69.65
CA SER A 490 -18.35 -36.42 68.32
C SER A 490 -18.68 -34.97 68.15
N PRO A 491 -18.19 -34.36 67.07
CA PRO A 491 -18.43 -32.95 66.78
C PRO A 491 -19.65 -32.71 65.92
N LEU A 492 -19.80 -31.43 65.60
CA LEU A 492 -20.89 -30.93 64.83
C LEU A 492 -21.11 -31.63 63.49
N CYS A 493 -21.58 -32.87 63.55
CA CYS A 493 -21.83 -33.66 62.34
C CYS A 493 -22.81 -32.96 61.41
N ARG A 494 -22.75 -31.62 61.39
CA ARG A 494 -23.55 -30.74 60.53
C ARG A 494 -22.62 -29.67 59.94
N LEU A 495 -21.41 -29.55 60.50
CA LEU A 495 -20.40 -28.60 59.98
C LEU A 495 -19.81 -29.36 58.80
N ASP A 496 -20.61 -30.27 58.26
CA ASP A 496 -20.22 -31.10 57.12
C ASP A 496 -20.52 -30.45 55.76
N ALA A 497 -21.80 -30.41 55.39
CA ALA A 497 -22.20 -29.82 54.11
C ALA A 497 -21.91 -28.32 54.05
N GLU A 498 -20.95 -27.89 54.88
CA GLU A 498 -20.49 -26.51 54.91
C GLU A 498 -19.10 -26.60 54.28
N PRO A 499 -18.44 -25.46 53.97
CA PRO A 499 -17.11 -25.60 53.37
C PRO A 499 -16.12 -26.27 54.33
N ARG A 500 -16.28 -27.58 54.52
CA ARG A 500 -15.46 -28.42 55.41
C ARG A 500 -14.07 -27.92 55.75
N MET B 1 -29.83 -60.99 43.11
CA MET B 1 -28.76 -60.49 42.19
C MET B 1 -28.06 -61.63 41.44
N PRO B 2 -28.64 -62.10 40.32
CA PRO B 2 -28.03 -63.18 39.54
C PRO B 2 -26.64 -62.83 39.01
N THR B 3 -25.67 -63.70 39.32
CA THR B 3 -24.29 -63.49 38.87
C THR B 3 -23.97 -64.52 37.79
N VAL B 4 -23.20 -64.12 36.79
CA VAL B 4 -22.85 -65.03 35.70
C VAL B 4 -21.36 -65.02 35.44
N SER B 5 -20.72 -66.16 35.66
CA SER B 5 -19.27 -66.28 35.42
C SER B 5 -19.02 -66.63 33.98
N VAL B 6 -18.01 -66.03 33.39
CA VAL B 6 -17.69 -66.31 31.99
C VAL B 6 -16.19 -66.30 31.72
N LYS B 7 -15.70 -67.24 30.94
CA LYS B 7 -14.29 -67.26 30.60
C LYS B 7 -13.99 -65.97 29.81
N ARG B 8 -13.20 -65.08 30.41
CA ARG B 8 -12.86 -63.81 29.78
C ARG B 8 -12.47 -63.91 28.32
N ASP B 9 -11.31 -64.51 28.07
CA ASP B 9 -10.78 -64.68 26.71
C ASP B 9 -11.88 -65.14 25.75
N LEU B 10 -12.78 -65.97 26.27
CA LEU B 10 -13.88 -66.51 25.51
C LEU B 10 -14.90 -65.41 25.23
N LEU B 11 -15.29 -64.73 26.32
CA LEU B 11 -16.25 -63.63 26.25
C LEU B 11 -15.79 -62.64 25.15
N PHE B 12 -14.56 -62.16 25.28
CA PHE B 12 -13.99 -61.22 24.33
C PHE B 12 -14.03 -61.80 22.92
N GLN B 13 -13.61 -63.06 22.78
CA GLN B 13 -13.60 -63.71 21.49
C GLN B 13 -15.02 -63.75 20.96
N ALA B 14 -15.95 -64.07 21.86
CA ALA B 14 -17.36 -64.15 21.51
C ALA B 14 -17.86 -62.83 20.92
N LEU B 15 -17.47 -61.72 21.55
CA LEU B 15 -17.88 -60.40 21.08
C LEU B 15 -17.20 -60.03 19.77
N GLY B 16 -15.88 -60.15 19.73
CA GLY B 16 -15.14 -59.80 18.53
C GLY B 16 -14.23 -58.61 18.80
N ARG B 17 -13.80 -58.50 20.06
CA ARG B 17 -12.93 -57.43 20.52
C ARG B 17 -12.21 -57.80 21.82
N THR B 18 -11.27 -56.94 22.21
CA THR B 18 -10.52 -57.13 23.43
C THR B 18 -10.80 -55.90 24.31
N TYR B 19 -11.16 -56.14 25.57
CA TYR B 19 -11.48 -55.04 26.47
C TYR B 19 -10.57 -54.88 27.69
N THR B 20 -10.33 -53.62 28.05
CA THR B 20 -9.54 -53.28 29.23
C THR B 20 -10.41 -53.71 30.40
N ASP B 21 -9.83 -53.90 31.57
CA ASP B 21 -10.67 -54.26 32.71
C ASP B 21 -11.52 -53.04 33.08
N GLU B 22 -11.26 -51.92 32.41
CA GLU B 22 -12.02 -50.70 32.64
C GLU B 22 -13.02 -50.61 31.49
N GLU B 23 -12.53 -50.73 30.26
CA GLU B 23 -13.38 -50.67 29.07
C GLU B 23 -14.63 -51.52 29.23
N PHE B 24 -14.48 -52.72 29.82
CA PHE B 24 -15.61 -53.62 30.02
C PHE B 24 -16.40 -53.25 31.25
N ASP B 25 -15.71 -52.89 32.32
CA ASP B 25 -16.40 -52.49 33.54
C ASP B 25 -17.31 -51.34 33.15
N GLU B 26 -16.88 -50.58 32.14
CA GLU B 26 -17.65 -49.43 31.64
C GLU B 26 -18.86 -49.93 30.86
N LEU B 27 -18.61 -50.78 29.87
CA LEU B 27 -19.66 -51.34 29.03
C LEU B 27 -20.75 -51.92 29.92
N CYS B 28 -20.34 -52.56 31.02
CA CYS B 28 -21.29 -53.17 31.97
C CYS B 28 -22.20 -52.09 32.54
N PHE B 29 -21.59 -51.06 33.12
CA PHE B 29 -22.28 -49.93 33.71
C PHE B 29 -23.29 -49.35 32.69
N GLU B 30 -22.78 -49.11 31.49
CA GLU B 30 -23.54 -48.55 30.38
C GLU B 30 -24.80 -49.36 30.04
N PHE B 31 -24.81 -50.62 30.41
CA PHE B 31 -25.92 -51.53 30.11
C PHE B 31 -26.67 -52.04 31.32
N GLY B 32 -26.45 -51.42 32.47
CA GLY B 32 -27.14 -51.83 33.68
C GLY B 32 -26.54 -53.03 34.39
N LEU B 33 -25.41 -53.51 33.88
CA LEU B 33 -24.75 -54.65 34.48
C LEU B 33 -23.68 -54.15 35.43
N GLU B 34 -22.98 -55.09 36.06
CA GLU B 34 -21.92 -54.72 36.99
C GLU B 34 -20.89 -55.82 36.99
N LEU B 35 -19.62 -55.45 36.83
CA LEU B 35 -18.54 -56.43 36.81
C LEU B 35 -18.10 -56.63 38.26
N ASP B 36 -18.88 -57.41 38.99
CA ASP B 36 -18.67 -57.70 40.40
C ASP B 36 -17.22 -57.99 40.81
N GLU B 37 -16.60 -58.98 40.17
CA GLU B 37 -15.20 -59.31 40.50
C GLU B 37 -14.51 -60.09 39.38
N ILE B 38 -13.18 -60.15 39.47
CA ILE B 38 -12.39 -60.87 38.49
C ILE B 38 -11.41 -61.81 39.18
N THR B 39 -11.62 -63.11 39.01
CA THR B 39 -10.76 -64.13 39.63
C THR B 39 -10.51 -65.34 38.73
N SER B 40 -9.92 -66.37 39.34
CA SER B 40 -9.57 -67.64 38.69
C SER B 40 -10.23 -68.75 39.51
N GLU B 41 -10.29 -69.96 38.96
CA GLU B 41 -10.89 -71.08 39.68
C GLU B 41 -10.08 -71.41 40.94
N LYS B 42 -8.76 -71.25 40.86
CA LYS B 42 -7.90 -71.54 42.00
C LYS B 42 -8.20 -70.56 43.13
N GLU B 43 -8.25 -69.28 42.80
CA GLU B 43 -8.54 -68.25 43.78
C GLU B 43 -9.94 -68.43 44.38
N ILE B 44 -10.88 -68.96 43.59
CA ILE B 44 -12.25 -69.14 44.07
C ILE B 44 -12.35 -70.13 45.23
N ILE B 45 -11.45 -71.12 45.26
CA ILE B 45 -11.46 -72.11 46.34
C ILE B 45 -10.32 -71.84 47.31
N SER B 46 -9.41 -70.96 46.92
CA SER B 46 -8.25 -70.61 47.73
C SER B 46 -8.59 -70.12 49.14
N LYS B 47 -9.79 -70.42 49.60
CA LYS B 47 -10.21 -70.02 50.93
C LYS B 47 -11.22 -71.00 51.52
N GLU B 48 -11.72 -71.89 50.67
CA GLU B 48 -12.69 -72.88 51.12
C GLU B 48 -12.03 -74.24 51.38
N GLN B 49 -10.71 -74.25 51.27
CA GLN B 49 -9.90 -75.46 51.51
C GLN B 49 -8.52 -75.02 52.03
N GLY B 50 -8.40 -73.72 52.34
CA GLY B 50 -7.14 -73.18 52.83
C GLY B 50 -6.33 -72.62 51.68
N ASN B 51 -5.78 -73.52 50.88
CA ASN B 51 -4.99 -73.18 49.70
C ASN B 51 -4.52 -74.46 49.01
N VAL B 52 -5.48 -75.32 48.66
CA VAL B 52 -5.20 -76.58 47.97
C VAL B 52 -5.03 -76.23 46.49
N LYS B 53 -3.94 -75.52 46.20
CA LYS B 53 -3.61 -75.08 44.84
C LYS B 53 -4.13 -75.99 43.74
N ALA B 54 -5.36 -75.71 43.30
CA ALA B 54 -6.02 -76.47 42.24
C ALA B 54 -5.70 -75.87 40.89
N ALA B 55 -4.76 -76.48 40.16
CA ALA B 55 -4.36 -75.99 38.84
C ALA B 55 -5.08 -76.74 37.71
N GLY B 56 -5.41 -76.01 36.65
CA GLY B 56 -6.11 -76.61 35.51
C GLY B 56 -6.88 -75.56 34.71
N ALA B 57 -8.09 -75.26 35.16
CA ALA B 57 -8.94 -74.24 34.52
C ALA B 57 -8.94 -73.04 35.47
N SER B 58 -7.96 -73.03 36.37
CA SER B 58 -7.80 -71.97 37.36
C SER B 58 -6.69 -71.03 36.88
N ASP B 59 -6.19 -71.32 35.68
CA ASP B 59 -5.15 -70.51 35.05
C ASP B 59 -5.91 -69.41 34.32
N VAL B 60 -7.13 -69.74 33.87
CA VAL B 60 -7.98 -68.79 33.15
C VAL B 60 -8.69 -67.79 34.04
N VAL B 61 -8.72 -66.56 33.55
CA VAL B 61 -9.37 -65.48 34.25
C VAL B 61 -10.79 -65.45 33.74
N LEU B 62 -11.73 -65.27 34.66
CA LEU B 62 -13.11 -65.17 34.26
C LEU B 62 -13.77 -63.99 34.97
N TYR B 63 -14.72 -63.36 34.29
CA TYR B 63 -15.45 -62.23 34.85
C TYR B 63 -16.68 -62.71 35.60
N LYS B 64 -16.92 -62.12 36.75
CA LYS B 64 -18.06 -62.46 37.57
C LYS B 64 -19.03 -61.29 37.33
N ILE B 65 -19.92 -61.46 36.35
CA ILE B 65 -20.88 -60.42 35.98
C ILE B 65 -22.23 -60.49 36.70
N ASP B 66 -22.70 -59.34 37.18
CA ASP B 66 -23.98 -59.29 37.88
C ASP B 66 -25.04 -58.84 36.89
N VAL B 67 -26.18 -59.50 36.92
CA VAL B 67 -27.25 -59.18 35.98
C VAL B 67 -28.57 -59.00 36.71
N PRO B 68 -29.46 -58.10 36.21
CA PRO B 68 -30.78 -57.81 36.80
C PRO B 68 -31.71 -59.01 36.86
N ALA B 69 -32.27 -59.29 38.03
CA ALA B 69 -33.17 -60.43 38.19
C ALA B 69 -34.41 -60.29 37.31
N ASN B 70 -34.39 -59.27 36.46
CA ASN B 70 -35.48 -58.95 35.56
C ASN B 70 -35.26 -59.59 34.21
N ARG B 71 -34.10 -59.30 33.60
CA ARG B 71 -33.71 -59.81 32.30
C ARG B 71 -33.25 -61.29 32.39
N TYR B 72 -34.02 -62.21 31.80
CA TYR B 72 -33.68 -63.64 31.83
C TYR B 72 -32.78 -64.04 30.69
N ASP B 73 -32.83 -63.26 29.62
CA ASP B 73 -32.04 -63.51 28.43
C ASP B 73 -30.59 -63.15 28.68
N LEU B 74 -30.23 -62.99 29.95
CA LEU B 74 -28.87 -62.62 30.30
C LEU B 74 -28.29 -63.50 31.39
N LEU B 75 -28.64 -64.79 31.37
CA LEU B 75 -28.15 -65.69 32.39
C LEU B 75 -27.06 -66.63 31.92
N CYS B 76 -26.59 -66.41 30.71
CA CYS B 76 -25.54 -67.24 30.15
C CYS B 76 -24.67 -66.36 29.25
N LEU B 77 -23.50 -66.86 28.86
CA LEU B 77 -22.64 -66.08 28.01
C LEU B 77 -23.31 -65.81 26.66
N GLU B 78 -23.93 -66.84 26.12
CA GLU B 78 -24.59 -66.69 24.83
C GLU B 78 -25.52 -65.48 24.85
N GLY B 79 -26.20 -65.30 25.98
CA GLY B 79 -27.14 -64.20 26.13
C GLY B 79 -26.52 -62.82 26.31
N LEU B 80 -25.58 -62.71 27.24
CA LEU B 80 -24.91 -61.45 27.49
C LEU B 80 -24.25 -60.97 26.22
N VAL B 81 -23.62 -61.89 25.50
CA VAL B 81 -22.94 -61.51 24.27
C VAL B 81 -23.93 -61.04 23.22
N ARG B 82 -25.07 -61.71 23.14
CA ARG B 82 -26.08 -61.33 22.17
C ARG B 82 -26.66 -59.97 22.55
N GLY B 83 -26.97 -59.80 23.83
CA GLY B 83 -27.52 -58.53 24.29
C GLY B 83 -26.61 -57.33 24.06
N LEU B 84 -25.41 -57.39 24.61
CA LEU B 84 -24.45 -56.31 24.45
C LEU B 84 -24.13 -56.06 22.98
N GLN B 85 -24.08 -57.13 22.20
CA GLN B 85 -23.76 -57.03 20.78
C GLN B 85 -24.76 -56.14 20.06
N VAL B 86 -26.05 -56.36 20.30
CA VAL B 86 -27.07 -55.56 19.65
C VAL B 86 -27.13 -54.16 20.24
N PHE B 87 -26.87 -54.08 21.55
CA PHE B 87 -26.89 -52.82 22.27
C PHE B 87 -25.90 -51.82 21.70
N LYS B 88 -24.79 -52.34 21.18
CA LYS B 88 -23.76 -51.50 20.56
C LYS B 88 -23.86 -51.62 19.04
N GLU B 89 -25.05 -51.97 18.56
CA GLU B 89 -25.30 -52.13 17.13
C GLU B 89 -24.14 -52.73 16.34
N ARG B 90 -23.44 -53.68 16.98
CA ARG B 90 -22.32 -54.37 16.35
C ARG B 90 -22.85 -55.60 15.62
N ILE B 91 -24.15 -55.85 15.77
CA ILE B 91 -24.79 -57.00 15.15
C ILE B 91 -26.30 -56.76 15.06
N LYS B 92 -26.95 -57.34 14.05
CA LYS B 92 -28.38 -57.20 13.94
C LYS B 92 -28.98 -58.24 14.89
N ALA B 93 -30.09 -57.91 15.53
CA ALA B 93 -30.71 -58.87 16.46
C ALA B 93 -31.31 -60.04 15.68
N PRO B 94 -30.98 -61.27 16.08
CA PRO B 94 -31.46 -62.50 15.42
C PRO B 94 -32.95 -62.78 15.65
N VAL B 95 -33.56 -63.46 14.70
CA VAL B 95 -34.98 -63.80 14.81
C VAL B 95 -35.15 -65.28 15.15
N TYR B 96 -36.06 -65.57 16.07
CA TYR B 96 -36.28 -66.95 16.47
C TYR B 96 -37.56 -67.49 15.86
N LYS B 97 -37.44 -68.45 14.96
CA LYS B 97 -38.60 -69.04 14.33
C LYS B 97 -38.68 -70.52 14.73
N ARG B 98 -39.87 -71.03 14.97
CA ARG B 98 -40.01 -72.44 15.30
C ARG B 98 -40.50 -73.11 14.05
N VAL B 99 -39.86 -74.22 13.68
CA VAL B 99 -40.20 -74.94 12.46
C VAL B 99 -40.77 -76.33 12.68
N MET B 100 -41.41 -76.85 11.62
CA MET B 100 -42.00 -78.18 11.65
C MET B 100 -40.90 -79.15 11.21
N PRO B 101 -40.82 -80.31 11.86
CA PRO B 101 -39.79 -81.30 11.50
C PRO B 101 -40.27 -82.20 10.36
N ASP B 102 -39.46 -83.18 10.00
CA ASP B 102 -39.80 -84.10 8.93
C ASP B 102 -40.50 -85.33 9.50
N GLY B 103 -41.80 -85.19 9.75
CA GLY B 103 -42.59 -86.30 10.28
C GLY B 103 -42.43 -86.54 11.77
N LYS B 104 -41.18 -86.53 12.24
CA LYS B 104 -40.90 -86.76 13.65
C LYS B 104 -41.49 -85.66 14.54
N ILE B 105 -42.80 -85.46 14.44
CA ILE B 105 -43.48 -84.44 15.24
C ILE B 105 -43.55 -84.87 16.69
N GLN B 106 -42.39 -84.98 17.34
CA GLN B 106 -42.31 -85.38 18.74
C GLN B 106 -43.53 -84.90 19.50
N LYS B 107 -44.07 -85.73 20.39
CA LYS B 107 -45.22 -85.29 21.16
C LYS B 107 -45.16 -85.82 22.58
N LEU B 108 -45.63 -84.99 23.51
CA LEU B 108 -45.64 -85.32 24.92
C LEU B 108 -47.08 -85.21 25.39
N ILE B 109 -47.59 -86.28 25.99
CA ILE B 109 -48.97 -86.32 26.45
C ILE B 109 -49.13 -86.17 27.95
N ILE B 110 -50.02 -85.27 28.35
CA ILE B 110 -50.27 -85.04 29.76
C ILE B 110 -51.51 -85.86 30.11
N THR B 111 -51.54 -86.41 31.32
CA THR B 111 -52.68 -87.21 31.76
C THR B 111 -53.43 -86.55 32.91
N GLU B 112 -54.46 -87.22 33.40
CA GLU B 112 -55.27 -86.71 34.50
C GLU B 112 -54.53 -86.74 35.84
N GLU B 113 -53.78 -87.82 36.08
CA GLU B 113 -53.04 -87.99 37.32
C GLU B 113 -52.09 -86.83 37.53
N THR B 114 -51.97 -86.01 36.50
CA THR B 114 -51.11 -84.84 36.49
C THR B 114 -51.67 -83.67 37.30
N ALA B 115 -52.72 -83.05 36.76
CA ALA B 115 -53.35 -81.90 37.38
C ALA B 115 -53.71 -82.11 38.85
N LYS B 116 -52.75 -81.85 39.73
CA LYS B 116 -52.90 -81.98 41.18
C LYS B 116 -51.56 -82.12 41.89
N ILE B 117 -50.49 -82.17 41.10
CA ILE B 117 -49.14 -82.29 41.64
C ILE B 117 -48.23 -81.33 40.85
N ARG B 118 -48.43 -81.30 39.54
CA ARG B 118 -47.70 -80.44 38.60
C ARG B 118 -48.63 -80.31 37.40
N PRO B 119 -49.79 -79.65 37.59
CA PRO B 119 -50.85 -79.38 36.62
C PRO B 119 -50.48 -79.45 35.14
N PHE B 120 -49.55 -78.60 34.72
CA PHE B 120 -49.12 -78.55 33.33
C PHE B 120 -47.62 -78.62 33.10
N ALA B 121 -47.29 -78.90 31.85
CA ALA B 121 -45.92 -79.02 31.43
C ALA B 121 -45.91 -78.70 29.94
N VAL B 122 -44.73 -78.39 29.43
CA VAL B 122 -44.56 -78.05 28.04
C VAL B 122 -43.15 -78.45 27.58
N ALA B 123 -43.00 -78.74 26.30
CA ALA B 123 -41.72 -79.15 25.77
C ALA B 123 -41.49 -78.72 24.33
N ALA B 124 -40.31 -79.09 23.82
CA ALA B 124 -39.91 -78.78 22.45
C ALA B 124 -38.49 -79.31 22.22
N VAL B 125 -38.09 -79.43 20.96
CA VAL B 125 -36.75 -79.91 20.63
C VAL B 125 -35.97 -78.98 19.71
N LEU B 126 -34.66 -79.08 19.77
CA LEU B 126 -33.79 -78.27 18.93
C LEU B 126 -32.80 -79.23 18.25
N ARG B 127 -32.92 -79.30 16.92
CA ARG B 127 -32.14 -80.18 16.06
C ARG B 127 -30.67 -79.88 15.80
N ASN B 128 -29.88 -80.92 15.93
CA ASN B 128 -28.45 -80.87 15.67
C ASN B 128 -27.67 -79.75 16.32
N ILE B 129 -27.47 -79.81 17.62
CA ILE B 129 -26.70 -78.77 18.27
C ILE B 129 -25.22 -79.11 18.22
N LYS B 130 -24.40 -78.16 17.80
CA LYS B 130 -22.96 -78.38 17.77
C LYS B 130 -22.44 -77.97 19.16
N PHE B 131 -22.45 -78.88 20.12
CA PHE B 131 -21.97 -78.55 21.46
C PHE B 131 -20.45 -78.38 21.60
N THR B 132 -20.00 -78.02 22.79
CA THR B 132 -18.60 -77.79 23.05
C THR B 132 -18.31 -77.89 24.54
N LYS B 133 -17.05 -78.10 24.88
CA LYS B 133 -16.66 -78.21 26.27
C LYS B 133 -17.41 -77.10 27.02
N ASP B 134 -17.21 -75.88 26.55
CA ASP B 134 -17.81 -74.70 27.15
C ASP B 134 -19.30 -74.58 26.86
N ARG B 135 -19.66 -74.59 25.58
CA ARG B 135 -21.06 -74.48 25.20
C ARG B 135 -21.90 -75.43 26.04
N TYR B 136 -21.38 -76.61 26.30
CA TYR B 136 -22.10 -77.57 27.13
C TYR B 136 -22.29 -77.00 28.53
N ASP B 137 -21.18 -76.77 29.25
CA ASP B 137 -21.24 -76.23 30.59
C ASP B 137 -22.14 -75.00 30.68
N SER B 138 -22.09 -74.15 29.65
CA SER B 138 -22.92 -72.96 29.63
C SER B 138 -24.39 -73.40 29.60
N PHE B 139 -24.69 -74.37 28.75
CA PHE B 139 -26.04 -74.89 28.61
C PHE B 139 -26.52 -75.48 29.93
N ILE B 140 -25.63 -76.13 30.65
CA ILE B 140 -26.03 -76.72 31.92
C ILE B 140 -26.17 -75.63 32.94
N GLU B 141 -25.23 -74.69 32.93
CA GLU B 141 -25.23 -73.60 33.88
C GLU B 141 -26.55 -72.83 33.82
N LEU B 142 -26.89 -72.36 32.63
CA LEU B 142 -28.13 -71.61 32.41
C LEU B 142 -29.29 -72.35 33.06
N GLN B 143 -29.29 -73.67 32.84
CA GLN B 143 -30.33 -74.54 33.35
C GLN B 143 -30.43 -74.37 34.86
N GLU B 144 -29.29 -74.45 35.53
CA GLU B 144 -29.24 -74.30 36.98
C GLU B 144 -29.58 -72.86 37.34
N LYS B 145 -28.99 -71.93 36.61
CA LYS B 145 -29.21 -70.52 36.85
C LYS B 145 -30.70 -70.16 36.96
N LEU B 146 -31.46 -70.43 35.92
CA LEU B 146 -32.88 -70.08 35.97
C LEU B 146 -33.75 -71.09 36.72
N HIS B 147 -33.11 -72.07 37.34
CA HIS B 147 -33.85 -73.07 38.10
C HIS B 147 -34.07 -72.47 39.47
N GLN B 148 -33.03 -72.54 40.29
CA GLN B 148 -33.09 -72.02 41.63
C GLN B 148 -33.08 -70.50 41.63
N ASN B 149 -33.87 -69.94 40.72
CA ASN B 149 -33.98 -68.49 40.62
C ASN B 149 -35.35 -68.09 40.17
N ILE B 150 -35.55 -68.03 38.86
CA ILE B 150 -36.85 -67.65 38.30
C ILE B 150 -37.93 -68.71 38.50
N CYS B 151 -37.49 -69.95 38.76
CA CYS B 151 -38.43 -71.06 39.00
C CYS B 151 -38.65 -71.27 40.51
N ARG B 152 -37.90 -70.51 41.31
CA ARG B 152 -37.96 -70.61 42.77
C ARG B 152 -37.59 -72.03 43.14
N LYS B 153 -36.32 -72.38 42.90
CA LYS B 153 -35.81 -73.70 43.17
C LYS B 153 -36.73 -74.82 42.66
N ARG B 154 -37.06 -74.74 41.37
CA ARG B 154 -37.91 -75.72 40.71
C ARG B 154 -39.34 -75.80 41.22
N ALA B 155 -39.59 -75.14 42.34
CA ALA B 155 -40.93 -75.16 42.93
C ALA B 155 -42.04 -74.99 41.90
N LEU B 156 -41.97 -73.93 41.11
CA LEU B 156 -43.00 -73.69 40.10
C LEU B 156 -42.70 -74.38 38.78
N VAL B 157 -41.50 -74.17 38.27
CA VAL B 157 -41.11 -74.76 37.00
C VAL B 157 -39.86 -75.61 37.15
N ALA B 158 -39.83 -76.73 36.43
CA ALA B 158 -38.69 -77.63 36.44
C ALA B 158 -38.37 -77.98 34.97
N ILE B 159 -37.10 -77.84 34.60
CA ILE B 159 -36.70 -78.11 33.22
C ILE B 159 -35.84 -79.36 33.07
N GLY B 160 -36.14 -80.14 32.03
CA GLY B 160 -35.38 -81.34 31.79
C GLY B 160 -34.94 -81.40 30.34
N THR B 161 -33.65 -81.58 30.12
CA THR B 161 -33.11 -81.68 28.77
C THR B 161 -32.69 -83.12 28.50
N HIS B 162 -33.15 -83.67 27.39
CA HIS B 162 -32.84 -85.06 27.08
C HIS B 162 -32.19 -85.26 25.73
N ASP B 163 -31.40 -86.34 25.63
CA ASP B 163 -30.71 -86.71 24.41
C ASP B 163 -31.67 -87.56 23.58
N LEU B 164 -32.50 -86.91 22.77
CA LEU B 164 -33.51 -87.56 21.94
C LEU B 164 -33.06 -88.79 21.13
N ASP B 165 -31.75 -88.96 20.96
CA ASP B 165 -31.26 -90.11 20.21
C ASP B 165 -31.26 -91.36 21.07
N THR B 166 -31.53 -91.19 22.36
CA THR B 166 -31.52 -92.32 23.29
C THR B 166 -32.90 -92.65 23.84
N LEU B 167 -33.90 -92.61 22.98
CA LEU B 167 -35.29 -92.95 23.33
C LEU B 167 -36.15 -92.53 22.16
N SER B 168 -37.38 -93.04 22.08
CA SER B 168 -38.23 -92.65 20.96
C SER B 168 -39.72 -92.90 21.20
N GLY B 169 -40.53 -92.54 20.20
CA GLY B 169 -41.97 -92.71 20.30
C GLY B 169 -42.59 -91.74 21.29
N PRO B 170 -43.84 -91.33 21.09
CA PRO B 170 -44.58 -90.40 21.96
C PRO B 170 -44.30 -90.52 23.44
N PHE B 171 -44.02 -89.40 24.09
CA PHE B 171 -43.73 -89.37 25.52
C PHE B 171 -44.98 -89.12 26.36
N THR B 172 -44.96 -89.60 27.61
CA THR B 172 -46.10 -89.40 28.50
C THR B 172 -45.75 -88.76 29.84
N TYR B 173 -46.56 -87.79 30.24
CA TYR B 173 -46.36 -87.09 31.49
C TYR B 173 -47.52 -87.48 32.40
N THR B 174 -47.19 -88.08 33.54
CA THR B 174 -48.22 -88.51 34.49
C THR B 174 -47.68 -88.72 35.90
N ALA B 175 -48.53 -89.26 36.77
CA ALA B 175 -48.14 -89.51 38.15
C ALA B 175 -48.65 -90.85 38.71
N LYS B 176 -47.74 -91.65 39.27
CA LYS B 176 -48.06 -92.95 39.84
C LYS B 176 -47.59 -92.98 41.30
N ARG B 177 -47.98 -94.02 42.05
CA ARG B 177 -47.60 -94.14 43.45
C ARG B 177 -46.07 -94.13 43.54
N PRO B 178 -45.51 -93.55 44.63
CA PRO B 178 -44.05 -93.53 44.76
C PRO B 178 -43.41 -94.91 44.53
N SER B 179 -43.78 -95.87 45.37
CA SER B 179 -43.28 -97.22 45.24
C SER B 179 -43.98 -97.91 44.07
N ASP B 180 -43.77 -97.39 42.88
CA ASP B 180 -44.39 -97.95 41.70
C ASP B 180 -43.64 -97.51 40.43
N ILE B 181 -42.35 -97.18 40.58
CA ILE B 181 -41.49 -96.80 39.45
C ILE B 181 -39.98 -97.06 39.64
N LYS B 182 -39.45 -98.03 38.89
CA LYS B 182 -38.03 -98.38 38.94
C LYS B 182 -37.37 -97.30 38.11
N PHE B 183 -36.10 -97.01 38.38
CA PHE B 183 -35.44 -95.93 37.67
C PHE B 183 -33.92 -95.99 37.79
N LYS B 184 -33.23 -95.45 36.78
CA LYS B 184 -31.77 -95.41 36.79
C LYS B 184 -31.38 -93.92 36.72
N PRO B 185 -31.47 -93.21 37.85
CA PRO B 185 -31.16 -91.78 37.99
C PRO B 185 -29.75 -91.32 37.64
N LEU B 186 -29.63 -90.06 37.22
CA LEU B 186 -28.37 -89.44 36.82
C LEU B 186 -27.11 -90.05 37.42
N ASN B 187 -26.74 -89.61 38.62
CA ASN B 187 -25.53 -90.13 39.26
C ASN B 187 -25.80 -91.17 40.32
N LYS B 188 -26.41 -92.28 39.92
CA LYS B 188 -26.70 -93.37 40.85
C LYS B 188 -26.28 -94.71 40.26
N THR B 189 -25.54 -95.47 41.07
CA THR B 189 -25.02 -96.78 40.69
C THR B 189 -26.06 -97.77 40.11
N LYS B 190 -27.02 -98.21 40.93
CA LYS B 190 -28.05 -99.16 40.52
C LYS B 190 -29.29 -98.56 39.84
N GLU B 191 -30.44 -99.09 40.22
CA GLU B 191 -31.74 -98.68 39.71
C GLU B 191 -32.72 -98.77 40.88
N TYR B 192 -33.20 -97.62 41.35
CA TYR B 192 -34.11 -97.57 42.49
C TYR B 192 -35.58 -97.21 42.20
N THR B 193 -36.37 -97.11 43.26
CA THR B 193 -37.79 -96.77 43.15
C THR B 193 -37.97 -95.34 43.58
N ALA B 194 -39.11 -94.76 43.22
CA ALA B 194 -39.38 -93.39 43.62
C ALA B 194 -39.45 -93.38 45.15
N CYS B 195 -40.32 -94.23 45.69
CA CYS B 195 -40.49 -94.33 47.13
C CYS B 195 -39.16 -94.61 47.81
N GLU B 196 -38.19 -95.06 47.02
CA GLU B 196 -36.86 -95.39 47.53
C GLU B 196 -35.85 -94.26 47.43
N LEU B 197 -35.87 -93.52 46.31
CA LEU B 197 -34.94 -92.41 46.14
C LEU B 197 -35.20 -91.30 47.15
N MET B 198 -36.47 -90.93 47.31
CA MET B 198 -36.88 -89.87 48.22
C MET B 198 -36.08 -89.78 49.52
N ASN B 199 -35.95 -90.91 50.21
CA ASN B 199 -35.23 -90.95 51.48
C ASN B 199 -33.72 -91.14 51.31
N ILE B 200 -33.30 -91.71 50.19
CA ILE B 200 -31.87 -91.91 49.98
C ILE B 200 -31.27 -90.59 49.55
N TYR B 201 -32.14 -89.61 49.31
CA TYR B 201 -31.74 -88.27 48.91
C TYR B 201 -31.77 -87.29 50.07
N LYS B 202 -32.52 -87.61 51.12
CA LYS B 202 -32.60 -86.74 52.29
C LYS B 202 -31.20 -86.46 52.80
N THR B 203 -30.22 -87.16 52.23
CA THR B 203 -28.84 -87.02 52.63
C THR B 203 -27.99 -86.35 51.54
N ASP B 204 -28.59 -86.16 50.36
CA ASP B 204 -27.90 -85.53 49.22
C ASP B 204 -27.83 -84.00 49.38
N ASN B 205 -26.64 -83.50 49.72
CA ASN B 205 -26.40 -82.07 49.95
C ASN B 205 -27.09 -81.15 48.95
N HIS B 206 -27.09 -81.55 47.68
CA HIS B 206 -27.70 -80.74 46.64
C HIS B 206 -29.24 -80.84 46.58
N LEU B 207 -29.76 -82.06 46.35
CA LEU B 207 -31.21 -82.26 46.25
C LEU B 207 -31.93 -82.28 47.60
N LYS B 208 -31.17 -82.31 48.68
CA LYS B 208 -31.72 -82.33 50.04
C LYS B 208 -32.89 -81.37 50.19
N HIS B 209 -32.88 -80.32 49.37
CA HIS B 209 -33.91 -79.29 49.41
C HIS B 209 -35.10 -79.58 48.52
N TYR B 210 -34.88 -79.49 47.22
CA TYR B 210 -35.91 -79.70 46.21
C TYR B 210 -36.99 -80.74 46.52
N LEU B 211 -36.59 -81.95 46.88
CA LEU B 211 -37.53 -83.05 47.14
C LEU B 211 -38.75 -82.75 48.02
N HIS B 212 -38.66 -83.09 49.31
CA HIS B 212 -39.79 -82.87 50.19
C HIS B 212 -40.40 -81.47 50.05
N ILE B 213 -39.57 -80.46 49.79
CA ILE B 213 -40.10 -79.11 49.64
C ILE B 213 -41.15 -79.04 48.52
N ILE B 214 -41.33 -80.13 47.78
CA ILE B 214 -42.29 -80.15 46.69
C ILE B 214 -43.15 -81.41 46.59
N GLU B 215 -42.59 -82.56 46.99
CA GLU B 215 -43.34 -83.81 46.89
C GLU B 215 -43.41 -84.69 48.14
N ASN B 216 -44.57 -85.30 48.29
CA ASN B 216 -44.89 -86.19 49.41
C ASN B 216 -46.40 -86.32 49.30
N LYS B 217 -46.88 -86.27 48.06
CA LYS B 217 -48.29 -86.37 47.73
C LYS B 217 -48.62 -87.82 47.33
N PRO B 218 -49.89 -88.11 47.01
CA PRO B 218 -50.28 -89.46 46.61
C PRO B 218 -49.72 -89.92 45.25
N LEU B 219 -49.18 -88.99 44.48
CA LEU B 219 -48.63 -89.34 43.18
C LEU B 219 -47.32 -88.62 42.97
N TYR B 220 -46.53 -89.10 42.00
CA TYR B 220 -45.24 -88.49 41.67
C TYR B 220 -45.15 -88.28 40.18
N PRO B 221 -44.73 -87.09 39.74
CA PRO B 221 -44.63 -86.87 38.30
C PRO B 221 -43.59 -87.77 37.67
N VAL B 222 -43.87 -88.22 36.46
CA VAL B 222 -42.95 -89.08 35.72
C VAL B 222 -43.18 -88.91 34.23
N ILE B 223 -42.14 -89.14 33.44
CA ILE B 223 -42.25 -89.01 31.99
C ILE B 223 -41.73 -90.25 31.28
N TYR B 224 -42.61 -90.93 30.55
CA TYR B 224 -42.25 -92.15 29.83
C TYR B 224 -42.16 -91.89 28.34
N ASP B 225 -41.98 -92.94 27.56
CA ASP B 225 -41.92 -92.85 26.10
C ASP B 225 -42.41 -94.17 25.52
N SER B 226 -42.50 -94.26 24.19
CA SER B 226 -42.97 -95.47 23.53
C SER B 226 -42.35 -96.74 24.17
N ASN B 227 -41.03 -96.86 24.10
CA ASN B 227 -40.31 -98.00 24.66
C ASN B 227 -40.72 -98.31 26.09
N GLY B 228 -41.10 -97.27 26.82
CA GLY B 228 -41.49 -97.43 28.21
C GLY B 228 -40.37 -96.93 29.10
N VAL B 229 -39.36 -96.30 28.49
CA VAL B 229 -38.22 -95.76 29.22
C VAL B 229 -38.63 -94.57 30.03
N VAL B 230 -38.03 -94.44 31.19
CA VAL B 230 -38.35 -93.31 32.05
C VAL B 230 -37.43 -92.13 31.76
N LEU B 231 -38.01 -91.04 31.24
CA LEU B 231 -37.29 -89.80 30.91
C LEU B 231 -36.77 -89.17 32.18
N SER B 232 -37.66 -88.96 33.13
CA SER B 232 -37.32 -88.37 34.40
C SER B 232 -38.50 -88.25 35.37
N MET B 233 -38.18 -87.92 36.61
CA MET B 233 -39.17 -87.72 37.66
C MET B 233 -39.10 -86.21 38.00
N PRO B 234 -39.52 -85.37 37.05
CA PRO B 234 -39.61 -83.92 36.99
C PRO B 234 -38.87 -83.00 37.96
N PRO B 235 -39.33 -82.90 39.22
CA PRO B 235 -38.63 -81.99 40.14
C PRO B 235 -37.34 -82.48 40.76
N ILE B 236 -37.22 -83.79 40.99
CA ILE B 236 -36.04 -84.32 41.62
C ILE B 236 -34.87 -84.69 40.73
N ILE B 237 -34.99 -85.74 39.91
CA ILE B 237 -33.88 -86.11 39.01
C ILE B 237 -34.33 -86.68 37.68
N ASN B 238 -33.44 -86.56 36.70
CA ASN B 238 -33.72 -87.02 35.36
C ASN B 238 -33.14 -88.41 35.14
N GLY B 239 -33.56 -89.08 34.07
CA GLY B 239 -33.06 -90.43 33.82
C GLY B 239 -31.65 -90.44 33.25
N ASP B 240 -30.82 -91.34 33.76
CA ASP B 240 -29.45 -91.45 33.26
C ASP B 240 -29.39 -91.97 31.84
N HIS B 241 -30.47 -92.63 31.41
CA HIS B 241 -30.55 -93.19 30.07
C HIS B 241 -30.59 -92.09 29.03
N SER B 242 -31.42 -91.08 29.29
CA SER B 242 -31.59 -89.95 28.40
C SER B 242 -30.67 -88.77 28.73
N ARG B 243 -29.63 -89.04 29.52
CA ARG B 243 -28.69 -87.99 29.91
C ARG B 243 -28.13 -87.28 28.67
N ILE B 244 -27.74 -86.02 28.85
CA ILE B 244 -27.19 -85.22 27.76
C ILE B 244 -25.72 -84.88 27.95
N THR B 245 -24.89 -85.24 26.98
CA THR B 245 -23.46 -84.94 27.06
C THR B 245 -22.92 -84.24 25.83
N VAL B 246 -21.76 -83.61 26.01
CA VAL B 246 -21.07 -82.87 24.96
C VAL B 246 -21.29 -83.38 23.54
N ASN B 247 -21.43 -84.69 23.39
CA ASN B 247 -21.60 -85.27 22.07
C ASN B 247 -23.04 -85.39 21.61
N THR B 248 -24.00 -84.96 22.44
CA THR B 248 -25.41 -85.07 22.07
C THR B 248 -25.69 -84.32 20.77
N ARG B 249 -26.55 -84.88 19.93
CA ARG B 249 -26.87 -84.26 18.66
C ARG B 249 -28.22 -83.56 18.73
N ASN B 250 -29.23 -84.27 19.25
CA ASN B 250 -30.57 -83.71 19.38
C ASN B 250 -31.08 -83.67 20.81
N ILE B 251 -31.58 -82.52 21.23
CA ILE B 251 -32.08 -82.37 22.58
C ILE B 251 -33.57 -82.20 22.63
N PHE B 252 -34.20 -82.94 23.52
CA PHE B 252 -35.64 -82.85 23.74
C PHE B 252 -35.77 -82.16 25.08
N ILE B 253 -36.36 -80.96 25.09
CA ILE B 253 -36.50 -80.22 26.33
C ILE B 253 -37.95 -80.25 26.81
N GLU B 254 -38.14 -80.59 28.08
CA GLU B 254 -39.46 -80.66 28.69
C GLU B 254 -39.44 -79.82 29.96
N CYS B 255 -40.57 -79.15 30.24
CA CYS B 255 -40.69 -78.32 31.44
C CYS B 255 -42.03 -78.61 32.07
N THR B 256 -42.01 -79.04 33.32
CA THR B 256 -43.24 -79.36 34.02
C THR B 256 -43.38 -78.36 35.15
N GLY B 257 -44.58 -78.21 35.68
CA GLY B 257 -44.74 -77.26 36.78
C GLY B 257 -46.14 -76.82 37.16
N THR B 258 -46.22 -76.02 38.23
CA THR B 258 -47.48 -75.51 38.74
C THR B 258 -47.90 -74.17 38.10
N ASP B 259 -46.91 -73.42 37.59
CA ASP B 259 -47.15 -72.12 36.96
C ASP B 259 -46.98 -72.21 35.45
N PHE B 260 -48.09 -72.28 34.73
CA PHE B 260 -48.05 -72.39 33.29
C PHE B 260 -47.13 -71.40 32.60
N THR B 261 -47.58 -70.15 32.51
CA THR B 261 -46.80 -69.11 31.83
C THR B 261 -45.30 -69.11 32.15
N LYS B 262 -44.91 -69.24 33.41
CA LYS B 262 -43.49 -69.24 33.75
C LYS B 262 -42.78 -70.40 33.03
N ALA B 263 -43.31 -71.61 33.15
CA ALA B 263 -42.70 -72.73 32.47
C ALA B 263 -42.58 -72.35 30.98
N LYS B 264 -43.71 -71.94 30.42
CA LYS B 264 -43.77 -71.54 29.03
C LYS B 264 -42.62 -70.59 28.68
N ILE B 265 -42.25 -69.72 29.62
CA ILE B 265 -41.17 -68.74 29.45
C ILE B 265 -39.80 -69.39 29.57
N VAL B 266 -39.63 -70.17 30.64
CA VAL B 266 -38.35 -70.84 30.90
C VAL B 266 -37.96 -71.59 29.64
N LEU B 267 -38.95 -72.23 29.01
CA LEU B 267 -38.71 -72.99 27.79
C LEU B 267 -38.14 -72.04 26.75
N ASP B 268 -38.93 -71.02 26.42
CA ASP B 268 -38.53 -70.04 25.45
C ASP B 268 -37.12 -69.53 25.67
N ILE B 269 -36.76 -69.22 26.92
CA ILE B 269 -35.41 -68.70 27.21
C ILE B 269 -34.32 -69.69 26.82
N ILE B 270 -34.51 -70.94 27.24
CA ILE B 270 -33.56 -72.03 26.98
C ILE B 270 -33.38 -72.25 25.50
N VAL B 271 -34.50 -72.53 24.85
CA VAL B 271 -34.52 -72.82 23.43
C VAL B 271 -34.12 -71.66 22.54
N THR B 272 -34.52 -70.45 22.92
CA THR B 272 -34.20 -69.25 22.16
C THR B 272 -32.73 -68.89 22.34
N MET B 273 -32.22 -69.20 23.51
CA MET B 273 -30.85 -68.92 23.87
C MET B 273 -29.86 -69.77 23.09
N PHE B 274 -30.04 -71.08 23.17
CA PHE B 274 -29.13 -72.00 22.50
C PHE B 274 -29.39 -72.44 21.07
N SER B 275 -30.48 -71.98 20.48
CA SER B 275 -30.75 -72.35 19.10
C SER B 275 -29.69 -71.68 18.24
N GLU B 276 -28.79 -70.94 18.88
CA GLU B 276 -27.72 -70.25 18.17
C GLU B 276 -26.73 -71.30 17.70
N TYR B 277 -26.82 -72.48 18.31
CA TYR B 277 -25.91 -73.57 18.00
C TYR B 277 -26.50 -74.71 17.16
N CYS B 278 -27.73 -74.53 16.70
CA CYS B 278 -28.37 -75.56 15.89
C CYS B 278 -27.89 -75.46 14.44
N GLU B 279 -27.89 -76.58 13.72
CA GLU B 279 -27.45 -76.59 12.33
C GLU B 279 -28.20 -75.51 11.57
N ASN B 280 -29.52 -75.50 11.75
CA ASN B 280 -30.35 -74.49 11.10
C ASN B 280 -30.47 -73.36 12.13
N GLN B 281 -29.36 -72.66 12.36
CA GLN B 281 -29.28 -71.58 13.33
C GLN B 281 -30.54 -70.77 13.64
N PHE B 282 -30.78 -70.57 14.93
CA PHE B 282 -31.93 -69.84 15.46
C PHE B 282 -33.26 -70.38 14.99
N THR B 283 -33.42 -71.68 15.18
CA THR B 283 -34.63 -72.39 14.81
C THR B 283 -34.92 -73.39 15.90
N VAL B 284 -36.18 -73.53 16.26
CA VAL B 284 -36.53 -74.48 17.28
C VAL B 284 -37.53 -75.43 16.64
N GLU B 285 -37.33 -76.73 16.82
CA GLU B 285 -38.24 -77.71 16.24
C GLU B 285 -39.50 -77.84 17.09
N ALA B 286 -40.64 -77.54 16.50
CA ALA B 286 -41.92 -77.60 17.18
C ALA B 286 -42.11 -78.92 17.92
N ALA B 287 -43.04 -78.92 18.87
CA ALA B 287 -43.33 -80.12 19.63
C ALA B 287 -44.80 -80.03 19.98
N GLU B 288 -45.51 -81.15 19.95
CA GLU B 288 -46.93 -81.14 20.26
C GLU B 288 -47.20 -81.64 21.68
N VAL B 289 -47.70 -80.76 22.53
CA VAL B 289 -48.03 -81.16 23.90
C VAL B 289 -49.53 -81.37 23.92
N VAL B 290 -49.97 -82.53 24.42
CA VAL B 290 -51.39 -82.80 24.50
C VAL B 290 -51.83 -82.80 25.95
N PHE B 291 -52.80 -81.95 26.26
CA PHE B 291 -53.29 -81.82 27.62
C PHE B 291 -54.33 -82.87 28.01
N PRO B 292 -54.62 -82.99 29.33
CA PRO B 292 -55.60 -83.96 29.81
C PRO B 292 -56.90 -83.61 29.11
N ASN B 293 -56.97 -82.33 28.75
CA ASN B 293 -58.09 -81.74 28.05
C ASN B 293 -58.37 -82.48 26.74
N GLY B 294 -57.33 -83.12 26.20
CA GLY B 294 -57.48 -83.85 24.95
C GLY B 294 -57.03 -83.04 23.75
N LYS B 295 -56.86 -81.74 23.95
CA LYS B 295 -56.41 -80.83 22.89
C LYS B 295 -54.89 -80.85 22.75
N SER B 296 -54.42 -80.42 21.60
CA SER B 296 -52.98 -80.38 21.33
C SER B 296 -52.54 -78.97 20.95
N HIS B 297 -51.55 -78.46 21.70
CA HIS B 297 -51.00 -77.14 21.44
C HIS B 297 -49.54 -77.32 21.04
N THR B 298 -49.06 -76.50 20.13
CA THR B 298 -47.68 -76.58 19.67
C THR B 298 -46.73 -75.71 20.51
N PHE B 299 -45.52 -76.19 20.72
CA PHE B 299 -44.55 -75.45 21.50
C PHE B 299 -43.15 -75.55 20.90
N PRO B 300 -42.26 -74.63 21.28
CA PRO B 300 -42.56 -73.56 22.23
C PRO B 300 -43.30 -72.49 21.46
N GLU B 301 -44.02 -71.63 22.16
CA GLU B 301 -44.75 -70.57 21.47
C GLU B 301 -43.91 -69.31 21.53
N LEU B 302 -42.88 -69.24 20.69
CA LEU B 302 -42.01 -68.08 20.66
C LEU B 302 -42.85 -66.85 20.40
N ALA B 303 -43.47 -66.35 21.48
CA ALA B 303 -44.35 -65.19 21.41
C ALA B 303 -43.67 -63.92 20.92
N TYR B 304 -44.29 -63.29 19.93
CA TYR B 304 -43.81 -62.02 19.41
C TYR B 304 -44.94 -61.01 19.51
N ARG B 305 -44.95 -60.23 20.58
CA ARG B 305 -45.99 -59.24 20.82
C ARG B 305 -45.68 -57.97 20.07
N LYS B 306 -46.72 -57.28 19.63
CA LYS B 306 -46.53 -56.04 18.88
C LYS B 306 -47.36 -54.88 19.45
N GLU B 307 -46.95 -54.32 20.59
CA GLU B 307 -47.70 -53.19 21.16
C GLU B 307 -47.24 -51.89 20.46
N MET B 308 -48.00 -50.81 20.62
CA MET B 308 -47.64 -49.54 20.02
C MET B 308 -47.60 -48.44 21.08
N VAL B 309 -46.59 -47.57 20.98
CA VAL B 309 -46.42 -46.50 21.95
C VAL B 309 -46.24 -45.18 21.23
N ARG B 310 -46.85 -44.11 21.76
CA ARG B 310 -46.70 -42.79 21.13
C ARG B 310 -45.35 -42.26 21.51
N ALA B 311 -44.60 -41.96 20.48
CA ALA B 311 -43.27 -41.44 20.69
C ALA B 311 -43.31 -40.37 21.73
N ASP B 312 -44.36 -39.56 21.72
CA ASP B 312 -44.49 -38.48 22.70
C ASP B 312 -44.45 -39.01 24.12
N LEU B 313 -45.07 -40.16 24.33
CA LEU B 313 -45.08 -40.74 25.66
C LEU B 313 -43.67 -40.97 26.14
N ILE B 314 -42.91 -41.78 25.40
CA ILE B 314 -41.53 -42.06 25.77
C ILE B 314 -40.77 -40.79 26.12
N ASN B 315 -40.90 -39.77 25.29
CA ASN B 315 -40.22 -38.51 25.54
C ASN B 315 -40.69 -37.90 26.84
N LYS B 316 -41.99 -37.64 26.92
CA LYS B 316 -42.58 -37.01 28.10
C LYS B 316 -42.33 -37.79 29.40
N LYS B 317 -42.07 -39.09 29.30
CA LYS B 317 -41.82 -39.90 30.48
C LYS B 317 -40.35 -39.97 30.87
N VAL B 318 -39.46 -40.12 29.88
CA VAL B 318 -38.05 -40.19 30.18
C VAL B 318 -37.47 -38.85 30.49
N GLY B 319 -37.90 -37.83 29.76
CA GLY B 319 -37.38 -36.50 29.97
C GLY B 319 -36.43 -36.10 28.86
N ILE B 320 -36.72 -36.58 27.66
CA ILE B 320 -35.91 -36.30 26.48
C ILE B 320 -36.85 -35.96 25.35
N ARG B 321 -36.34 -35.27 24.32
CA ARG B 321 -37.15 -34.88 23.17
C ARG B 321 -36.52 -35.30 21.85
N GLU B 322 -36.41 -36.61 21.66
CA GLU B 322 -35.83 -37.18 20.46
C GLU B 322 -36.97 -37.43 19.49
N THR B 323 -36.64 -37.57 18.21
CA THR B 323 -37.64 -37.82 17.18
C THR B 323 -38.10 -39.29 17.14
N PRO B 324 -39.37 -39.52 16.79
CA PRO B 324 -39.87 -40.89 16.75
C PRO B 324 -38.99 -41.85 15.96
N GLU B 325 -38.43 -41.39 14.84
CA GLU B 325 -37.57 -42.26 14.06
C GLU B 325 -36.39 -42.71 14.90
N ASN B 326 -35.80 -41.78 15.66
CA ASN B 326 -34.65 -42.11 16.49
C ASN B 326 -35.05 -42.89 17.72
N LEU B 327 -36.25 -42.61 18.23
CA LEU B 327 -36.72 -43.33 19.40
C LEU B 327 -36.79 -44.80 19.03
N ALA B 328 -37.30 -45.07 17.83
CA ALA B 328 -37.39 -46.45 17.37
C ALA B 328 -36.01 -47.10 17.37
N LYS B 329 -35.01 -46.39 16.86
CA LYS B 329 -33.65 -46.91 16.80
C LYS B 329 -33.19 -47.33 18.18
N LEU B 330 -33.45 -46.48 19.16
CA LEU B 330 -33.09 -46.76 20.55
C LEU B 330 -33.71 -48.09 20.95
N LEU B 331 -35.03 -48.12 20.97
CA LEU B 331 -35.75 -49.32 21.34
C LEU B 331 -35.23 -50.57 20.69
N THR B 332 -34.91 -50.48 19.41
CA THR B 332 -34.41 -51.63 18.67
C THR B 332 -33.13 -52.19 19.30
N ARG B 333 -32.17 -51.31 19.53
CA ARG B 333 -30.90 -51.71 20.10
C ARG B 333 -31.09 -52.50 21.38
N MET B 334 -32.27 -52.32 21.97
CA MET B 334 -32.59 -52.97 23.21
C MET B 334 -33.34 -54.29 23.02
N TYR B 335 -33.37 -54.80 21.78
CA TYR B 335 -34.04 -56.07 21.43
C TYR B 335 -35.47 -55.87 20.98
N LEU B 336 -36.08 -54.78 21.43
CA LEU B 336 -37.45 -54.47 21.08
C LEU B 336 -37.49 -53.83 19.66
N LYS B 337 -37.52 -54.65 18.61
CA LYS B 337 -37.54 -54.12 17.25
C LYS B 337 -38.69 -53.16 17.03
N SER B 338 -38.36 -51.89 16.86
CA SER B 338 -39.36 -50.86 16.66
C SER B 338 -39.29 -50.25 15.27
N GLU B 339 -40.42 -49.69 14.86
CA GLU B 339 -40.57 -49.09 13.54
C GLU B 339 -41.63 -48.01 13.65
N VAL B 340 -41.37 -46.85 13.09
CA VAL B 340 -42.34 -45.75 13.14
C VAL B 340 -43.51 -46.05 12.23
N ILE B 341 -44.70 -45.65 12.63
CA ILE B 341 -45.86 -45.94 11.82
C ILE B 341 -46.41 -44.78 10.99
N GLY B 342 -45.79 -44.55 9.82
CA GLY B 342 -46.20 -43.50 8.89
C GLY B 342 -46.23 -42.06 9.37
N ASP B 343 -47.28 -41.70 10.13
CA ASP B 343 -47.44 -40.34 10.65
C ASP B 343 -46.47 -40.00 11.79
N GLY B 344 -45.26 -40.53 11.70
CA GLY B 344 -44.23 -40.28 12.70
C GLY B 344 -44.71 -39.95 14.10
N ASN B 345 -45.84 -40.53 14.49
CA ASN B 345 -46.38 -40.25 15.81
C ASN B 345 -46.25 -41.47 16.70
N GLN B 346 -46.81 -42.59 16.22
CA GLN B 346 -46.79 -43.84 16.96
C GLN B 346 -45.65 -44.75 16.54
N ILE B 347 -45.13 -45.52 17.48
CA ILE B 347 -44.05 -46.43 17.18
C ILE B 347 -44.56 -47.84 17.45
N GLU B 348 -44.36 -48.75 16.50
CA GLU B 348 -44.79 -50.13 16.68
C GLU B 348 -43.61 -50.91 17.24
N ILE B 349 -43.79 -51.51 18.40
CA ILE B 349 -42.70 -52.24 19.04
C ILE B 349 -42.91 -53.75 19.05
N GLU B 350 -41.88 -54.51 18.70
CA GLU B 350 -42.01 -55.96 18.69
C GLU B 350 -41.27 -56.52 19.89
N ILE B 351 -42.03 -57.10 20.85
CA ILE B 351 -41.46 -57.68 22.05
C ILE B 351 -41.01 -59.14 21.80
N PRO B 352 -39.68 -59.40 21.77
CA PRO B 352 -39.12 -60.73 21.55
C PRO B 352 -39.42 -61.64 22.74
N PRO B 353 -39.47 -62.95 22.50
CA PRO B 353 -39.74 -63.88 23.60
C PRO B 353 -38.59 -63.93 24.60
N THR B 354 -37.47 -63.34 24.25
CA THR B 354 -36.34 -63.30 25.14
C THR B 354 -36.58 -62.29 26.27
N ARG B 355 -37.07 -61.09 25.93
CA ARG B 355 -37.37 -60.08 26.95
C ARG B 355 -38.81 -60.27 27.46
N ALA B 356 -38.99 -61.20 28.39
CA ALA B 356 -40.32 -61.47 28.95
C ALA B 356 -40.61 -60.52 30.11
N ASP B 357 -39.70 -59.59 30.35
CA ASP B 357 -39.83 -58.66 31.44
C ASP B 357 -40.72 -57.53 31.05
N ILE B 358 -40.79 -57.25 29.76
CA ILE B 358 -41.65 -56.17 29.29
C ILE B 358 -43.12 -56.58 29.52
N ILE B 359 -43.77 -56.00 30.53
CA ILE B 359 -45.16 -56.34 30.80
C ILE B 359 -46.07 -55.12 30.78
N HIS B 360 -45.48 -53.93 30.83
CA HIS B 360 -46.26 -52.71 30.79
C HIS B 360 -45.59 -51.69 29.91
N ALA B 361 -46.36 -50.70 29.47
CA ALA B 361 -45.87 -49.67 28.61
C ALA B 361 -44.59 -49.05 29.19
N CYS B 362 -44.62 -48.80 30.49
CA CYS B 362 -43.48 -48.19 31.16
C CYS B 362 -42.18 -48.96 31.00
N ASP B 363 -42.28 -50.26 30.88
CA ASP B 363 -41.09 -51.06 30.70
C ASP B 363 -40.37 -50.71 29.41
N ILE B 364 -41.10 -50.17 28.45
CA ILE B 364 -40.49 -49.81 27.18
C ILE B 364 -39.66 -48.59 27.47
N VAL B 365 -40.24 -47.66 28.21
CA VAL B 365 -39.58 -46.41 28.59
C VAL B 365 -38.20 -46.69 29.22
N GLU B 366 -38.17 -47.64 30.16
CA GLU B 366 -36.94 -48.07 30.85
C GLU B 366 -35.92 -48.31 29.73
N ASP B 367 -36.13 -49.40 28.98
CA ASP B 367 -35.24 -49.77 27.89
C ASP B 367 -34.88 -48.56 27.03
N ALA B 368 -35.86 -47.77 26.65
CA ALA B 368 -35.61 -46.56 25.84
C ALA B 368 -34.57 -45.67 26.49
N ALA B 369 -34.78 -45.34 27.77
CA ALA B 369 -33.84 -44.51 28.48
C ALA B 369 -32.49 -45.17 28.61
N ILE B 370 -32.46 -46.45 28.94
CA ILE B 370 -31.17 -47.15 29.06
C ILE B 370 -30.38 -47.10 27.77
N ALA B 371 -31.09 -47.21 26.65
CA ALA B 371 -30.45 -47.20 25.36
C ALA B 371 -29.91 -45.80 25.08
N TYR B 372 -30.68 -44.79 25.51
CA TYR B 372 -30.30 -43.41 25.30
C TYR B 372 -29.13 -42.99 26.19
N GLY B 373 -28.92 -43.74 27.27
CA GLY B 373 -27.85 -43.41 28.18
C GLY B 373 -28.32 -42.40 29.20
N TYR B 374 -28.55 -42.86 30.44
CA TYR B 374 -29.03 -42.00 31.50
C TYR B 374 -28.36 -40.65 31.63
N ASN B 375 -27.03 -40.66 31.54
CA ASN B 375 -26.27 -39.45 31.68
C ASN B 375 -26.31 -38.48 30.50
N ASN B 376 -27.20 -38.74 29.56
CA ASN B 376 -27.32 -37.85 28.43
C ASN B 376 -28.64 -37.14 28.59
N ILE B 377 -29.33 -37.48 29.66
CA ILE B 377 -30.61 -36.87 29.95
C ILE B 377 -30.32 -35.62 30.76
N GLN B 378 -30.90 -34.50 30.34
CA GLN B 378 -30.67 -33.25 31.03
C GLN B 378 -31.44 -33.25 32.31
N MET B 379 -30.76 -32.89 33.39
CA MET B 379 -31.38 -32.83 34.72
C MET B 379 -32.27 -31.59 34.80
N THR B 380 -33.54 -31.79 35.11
CA THR B 380 -34.49 -30.68 35.20
C THR B 380 -35.03 -30.67 36.61
N LEU B 381 -35.57 -29.54 37.06
CA LEU B 381 -36.10 -29.49 38.41
C LEU B 381 -37.60 -29.21 38.48
N PRO B 382 -38.39 -30.16 39.00
CA PRO B 382 -39.85 -30.02 39.13
C PRO B 382 -40.25 -28.69 39.72
N LYS B 383 -41.10 -27.94 39.00
CA LYS B 383 -41.51 -26.64 39.47
C LYS B 383 -42.88 -26.57 40.13
N THR B 384 -43.02 -27.20 41.28
CA THR B 384 -44.28 -27.15 41.99
C THR B 384 -43.95 -26.71 43.43
N TYR B 385 -44.48 -25.55 43.83
CA TYR B 385 -44.22 -25.04 45.16
C TYR B 385 -44.97 -25.82 46.22
N THR B 386 -44.26 -26.21 47.27
CA THR B 386 -44.87 -26.97 48.36
C THR B 386 -44.30 -26.48 49.68
N ILE B 387 -45.16 -26.22 50.65
CA ILE B 387 -44.69 -25.76 51.96
C ILE B 387 -44.38 -27.01 52.77
N ALA B 388 -43.20 -27.05 53.38
CA ALA B 388 -42.78 -28.20 54.18
C ALA B 388 -43.41 -28.20 55.56
N ASN B 389 -43.62 -29.40 56.11
CA ASN B 389 -44.18 -29.56 57.45
C ASN B 389 -43.60 -30.76 58.18
N GLN B 390 -43.19 -30.54 59.43
CA GLN B 390 -42.63 -31.63 60.21
C GLN B 390 -43.79 -32.40 60.78
N PHE B 391 -43.52 -33.59 61.27
CA PHE B 391 -44.56 -34.39 61.90
C PHE B 391 -44.56 -33.99 63.38
N PRO B 392 -45.65 -33.38 63.87
CA PRO B 392 -45.81 -32.95 65.26
C PRO B 392 -44.93 -33.65 66.30
N LEU B 393 -45.10 -34.96 66.40
CA LEU B 393 -44.38 -35.79 67.34
C LEU B 393 -42.89 -35.59 67.22
N ASN B 394 -42.36 -35.89 66.03
CA ASN B 394 -40.94 -35.74 65.74
C ASN B 394 -40.40 -34.34 66.01
N LYS B 395 -41.19 -33.31 65.77
CA LYS B 395 -40.75 -31.95 66.05
C LYS B 395 -40.46 -31.87 67.56
N LEU B 396 -41.47 -32.22 68.35
CA LEU B 396 -41.36 -32.23 69.80
C LEU B 396 -40.16 -33.05 70.25
N THR B 397 -40.04 -34.26 69.72
CA THR B 397 -38.93 -35.13 70.03
C THR B 397 -37.59 -34.40 69.83
N GLU B 398 -37.42 -33.86 68.63
CA GLU B 398 -36.21 -33.15 68.28
C GLU B 398 -35.90 -32.06 69.30
N LEU B 399 -36.93 -31.46 69.87
CA LEU B 399 -36.73 -30.41 70.84
C LEU B 399 -36.29 -30.99 72.17
N LEU B 400 -37.06 -31.94 72.69
CA LEU B 400 -36.71 -32.57 73.94
C LEU B 400 -35.25 -33.07 73.86
N ARG B 401 -34.90 -33.74 72.76
CA ARG B 401 -33.53 -34.22 72.60
C ARG B 401 -32.55 -33.10 72.94
N HIS B 402 -32.75 -31.95 72.33
CA HIS B 402 -31.86 -30.83 72.58
C HIS B 402 -31.81 -30.34 74.02
N ASP B 403 -32.88 -30.55 74.79
CA ASP B 403 -32.87 -30.11 76.17
C ASP B 403 -32.32 -31.18 77.11
N MET B 404 -32.53 -32.45 76.76
CA MET B 404 -32.00 -33.53 77.57
C MET B 404 -30.50 -33.29 77.55
N ALA B 405 -29.99 -32.94 76.38
CA ALA B 405 -28.57 -32.69 76.23
C ALA B 405 -28.19 -31.50 77.06
N ALA B 406 -29.02 -30.48 77.05
CA ALA B 406 -28.72 -29.29 77.82
C ALA B 406 -28.64 -29.67 79.28
N ALA B 407 -29.50 -30.59 79.69
CA ALA B 407 -29.53 -31.03 81.07
C ALA B 407 -28.44 -32.05 81.37
N GLY B 408 -27.36 -32.01 80.61
CA GLY B 408 -26.24 -32.89 80.86
C GLY B 408 -26.33 -34.37 80.55
N PHE B 409 -27.42 -34.82 79.97
CA PHE B 409 -27.51 -36.25 79.64
C PHE B 409 -26.97 -36.59 78.26
N THR B 410 -26.65 -37.86 78.05
CA THR B 410 -26.12 -38.31 76.77
C THR B 410 -27.04 -39.31 76.08
N GLU B 411 -27.31 -39.04 74.80
CA GLU B 411 -28.20 -39.87 73.98
C GLU B 411 -27.59 -41.16 73.44
N ALA B 412 -28.33 -42.25 73.50
CA ALA B 412 -27.81 -43.53 73.03
C ALA B 412 -28.57 -44.07 71.82
N LEU B 413 -28.23 -45.29 71.40
CA LEU B 413 -28.94 -45.87 70.27
C LEU B 413 -29.22 -47.36 70.46
N THR B 414 -30.14 -47.66 71.37
CA THR B 414 -30.58 -49.02 71.68
C THR B 414 -31.14 -49.71 70.44
N PHE B 415 -31.01 -51.03 70.38
CA PHE B 415 -31.59 -51.79 69.26
C PHE B 415 -33.08 -51.95 69.59
N ALA B 416 -33.91 -52.19 68.59
CA ALA B 416 -35.35 -52.35 68.83
C ALA B 416 -35.72 -53.82 69.10
N LEU B 417 -34.78 -54.72 68.83
CA LEU B 417 -35.02 -56.13 69.06
C LEU B 417 -34.17 -56.65 70.21
N CYS B 418 -34.64 -57.73 70.84
CA CYS B 418 -33.94 -58.34 71.96
C CYS B 418 -34.56 -59.66 72.42
N SER B 419 -34.04 -60.19 73.52
CA SER B 419 -34.53 -61.44 74.09
C SER B 419 -35.57 -61.17 75.16
N GLN B 420 -36.58 -62.05 75.23
CA GLN B 420 -37.66 -61.91 76.20
C GLN B 420 -37.15 -61.56 77.59
N GLU B 421 -36.17 -62.31 78.06
CA GLU B 421 -35.61 -62.08 79.39
C GLU B 421 -35.18 -60.64 79.59
N ASP B 422 -34.91 -59.93 78.49
CA ASP B 422 -34.48 -58.53 78.58
C ASP B 422 -35.61 -57.61 79.01
N ILE B 423 -36.84 -57.93 78.60
CA ILE B 423 -37.99 -57.09 78.93
C ILE B 423 -39.00 -57.76 79.84
N ALA B 424 -38.57 -58.81 80.53
CA ALA B 424 -39.46 -59.53 81.44
C ALA B 424 -38.73 -60.09 82.66
N ASP B 425 -38.19 -61.29 82.50
CA ASP B 425 -37.46 -61.96 83.56
C ASP B 425 -36.46 -61.07 84.29
N LYS B 426 -35.57 -60.43 83.56
CA LYS B 426 -34.58 -59.53 84.15
C LYS B 426 -35.20 -58.29 84.83
N LEU B 427 -36.49 -58.06 84.64
CA LEU B 427 -37.15 -56.90 85.23
C LEU B 427 -38.16 -57.31 86.27
N GLY B 428 -38.25 -58.62 86.51
CA GLY B 428 -39.18 -59.14 87.49
C GLY B 428 -40.60 -59.37 87.03
N VAL B 429 -40.79 -59.63 85.74
CA VAL B 429 -42.14 -59.87 85.22
C VAL B 429 -42.16 -60.97 84.17
N ASP B 430 -43.30 -61.65 84.06
CA ASP B 430 -43.43 -62.73 83.10
C ASP B 430 -43.73 -62.20 81.70
N ILE B 431 -43.06 -62.79 80.72
CA ILE B 431 -43.20 -62.41 79.32
C ILE B 431 -44.64 -62.41 78.87
N SER B 432 -45.52 -62.89 79.74
CA SER B 432 -46.94 -62.97 79.44
C SER B 432 -47.69 -61.72 79.88
N ALA B 433 -46.99 -60.84 80.61
CA ALA B 433 -47.63 -59.62 81.06
C ALA B 433 -46.94 -58.37 80.53
N THR B 434 -46.26 -58.51 79.40
CA THR B 434 -45.56 -57.37 78.78
C THR B 434 -46.27 -56.82 77.55
N LYS B 435 -47.21 -57.59 77.01
CA LYS B 435 -47.96 -57.17 75.82
C LYS B 435 -47.00 -57.15 74.63
N ALA B 436 -45.83 -57.73 74.84
CA ALA B 436 -44.78 -57.77 73.83
C ALA B 436 -45.14 -58.56 72.57
N VAL B 437 -44.46 -58.25 71.48
CA VAL B 437 -44.71 -58.92 70.21
C VAL B 437 -43.60 -59.93 69.97
N HIS B 438 -43.96 -61.12 69.51
CA HIS B 438 -42.95 -62.18 69.29
C HIS B 438 -42.57 -62.46 67.84
N ILE B 439 -41.26 -62.51 67.57
CA ILE B 439 -40.75 -62.77 66.24
C ILE B 439 -40.68 -64.28 65.98
N SER B 440 -41.08 -64.68 64.79
CA SER B 440 -41.08 -66.07 64.38
C SER B 440 -39.69 -66.57 63.94
N ASN B 441 -39.35 -67.78 64.39
CA ASN B 441 -38.06 -68.41 64.07
C ASN B 441 -36.90 -67.45 64.05
N PRO B 442 -36.63 -66.83 65.21
CA PRO B 442 -35.54 -65.87 65.34
C PRO B 442 -34.15 -66.51 65.29
N LYS B 443 -33.23 -65.89 64.57
CA LYS B 443 -31.86 -66.40 64.48
C LYS B 443 -31.31 -66.56 65.90
N THR B 444 -30.83 -65.45 66.45
CA THR B 444 -30.27 -65.44 67.80
C THR B 444 -31.37 -65.32 68.85
N ALA B 445 -30.95 -65.35 70.11
CA ALA B 445 -31.86 -65.24 71.23
C ALA B 445 -32.32 -63.81 71.36
N GLU B 446 -31.46 -62.87 70.95
CA GLU B 446 -31.79 -61.46 71.04
C GLU B 446 -32.56 -60.93 69.83
N PHE B 447 -33.46 -61.76 69.31
CA PHE B 447 -34.32 -61.43 68.17
C PHE B 447 -35.68 -62.06 68.41
N GLN B 448 -35.98 -62.33 69.67
CA GLN B 448 -37.25 -62.96 70.03
C GLN B 448 -38.40 -61.98 70.11
N VAL B 449 -38.15 -60.86 70.81
CA VAL B 449 -39.17 -59.85 71.01
C VAL B 449 -38.71 -58.44 70.65
N ALA B 450 -39.66 -57.55 70.44
CA ALA B 450 -39.37 -56.17 70.12
C ALA B 450 -39.61 -55.30 71.38
N ARG B 451 -38.65 -54.44 71.69
CA ARG B 451 -38.70 -53.54 72.83
C ARG B 451 -40.08 -53.25 73.35
N THR B 452 -40.17 -53.11 74.67
CA THR B 452 -41.41 -52.80 75.37
C THR B 452 -41.03 -51.65 76.27
N THR B 453 -39.74 -51.34 76.26
CA THR B 453 -39.18 -50.28 77.08
C THR B 453 -37.74 -50.00 76.65
N LEU B 454 -37.26 -48.80 76.97
CA LEU B 454 -35.91 -48.45 76.59
C LEU B 454 -34.93 -48.72 77.72
N LEU B 455 -35.45 -48.94 78.92
CA LEU B 455 -34.62 -49.19 80.10
C LEU B 455 -33.61 -50.30 79.89
N PRO B 456 -34.05 -51.47 79.38
CA PRO B 456 -33.10 -52.56 79.15
C PRO B 456 -31.91 -52.07 78.33
N GLY B 457 -32.13 -51.80 77.06
CA GLY B 457 -31.05 -51.32 76.24
C GLY B 457 -30.14 -50.31 76.93
N LEU B 458 -30.72 -49.32 77.59
CA LEU B 458 -29.90 -48.32 78.27
C LEU B 458 -28.94 -48.95 79.27
N LEU B 459 -29.46 -49.85 80.10
CA LEU B 459 -28.62 -50.53 81.08
C LEU B 459 -27.51 -51.25 80.32
N LYS B 460 -27.89 -52.11 79.38
CA LYS B 460 -26.93 -52.88 78.58
C LYS B 460 -25.82 -52.02 78.01
N THR B 461 -26.13 -50.76 77.79
CA THR B 461 -25.17 -49.81 77.28
C THR B 461 -24.16 -49.50 78.37
N ILE B 462 -24.66 -49.27 79.58
CA ILE B 462 -23.80 -48.97 80.72
C ILE B 462 -22.86 -50.16 80.92
N ALA B 463 -23.45 -51.35 80.84
CA ALA B 463 -22.72 -52.58 81.00
C ALA B 463 -21.49 -52.58 80.09
N ALA B 464 -21.67 -52.15 78.86
CA ALA B 464 -20.56 -52.15 77.92
C ALA B 464 -19.64 -50.96 78.07
N ASN B 465 -20.00 -50.02 78.93
CA ASN B 465 -19.17 -48.84 79.12
C ASN B 465 -18.67 -48.69 80.55
N ARG B 466 -18.32 -49.81 81.19
CA ARG B 466 -17.85 -49.79 82.57
C ARG B 466 -16.68 -48.83 82.66
N LYS B 467 -15.95 -48.72 81.57
CA LYS B 467 -14.76 -47.88 81.46
C LYS B 467 -15.06 -46.40 81.60
N MET B 468 -16.33 -46.02 81.55
CA MET B 468 -16.72 -44.61 81.63
C MET B 468 -16.83 -43.98 83.03
N PRO B 469 -16.39 -42.72 83.19
CA PRO B 469 -16.37 -41.89 84.40
C PRO B 469 -17.55 -41.92 85.37
N LEU B 470 -17.29 -41.42 86.58
CA LEU B 470 -18.22 -41.37 87.70
C LEU B 470 -19.70 -41.63 87.42
N PRO B 471 -20.50 -40.57 87.16
CA PRO B 471 -21.92 -40.87 86.91
C PRO B 471 -22.29 -40.90 85.45
N LEU B 472 -22.95 -41.97 85.02
CA LEU B 472 -23.38 -42.07 83.64
C LEU B 472 -24.79 -41.51 83.57
N LYS B 473 -25.04 -40.59 82.65
CA LYS B 473 -26.38 -40.04 82.51
C LYS B 473 -26.84 -40.23 81.08
N LEU B 474 -27.53 -41.34 80.86
CA LEU B 474 -28.02 -41.72 79.56
C LEU B 474 -29.50 -41.44 79.36
N PHE B 475 -29.90 -41.33 78.11
CA PHE B 475 -31.28 -41.09 77.76
C PHE B 475 -31.44 -41.38 76.29
N GLU B 476 -32.68 -41.64 75.89
CA GLU B 476 -32.98 -41.92 74.50
C GLU B 476 -34.45 -41.62 74.34
N ILE B 477 -34.86 -41.11 73.19
CA ILE B 477 -36.27 -40.85 72.94
C ILE B 477 -36.64 -41.62 71.67
N SER B 478 -37.10 -42.87 71.81
CA SER B 478 -37.46 -43.70 70.67
C SER B 478 -38.77 -44.45 70.87
N ASP B 479 -39.02 -45.37 69.95
CA ASP B 479 -40.24 -46.17 69.97
C ASP B 479 -40.12 -47.51 70.66
N ILE B 480 -41.27 -48.02 71.08
CA ILE B 480 -41.40 -49.32 71.72
C ILE B 480 -42.69 -49.91 71.16
N VAL B 481 -42.70 -51.21 70.87
CA VAL B 481 -43.90 -51.81 70.32
C VAL B 481 -44.73 -52.52 71.39
N ILE B 482 -46.03 -52.62 71.14
CA ILE B 482 -46.98 -53.25 72.04
C ILE B 482 -48.09 -53.83 71.19
N LYS B 483 -48.75 -54.88 71.69
CA LYS B 483 -49.85 -55.44 70.93
C LYS B 483 -51.05 -54.53 71.19
N ASP B 484 -51.81 -54.23 70.14
CA ASP B 484 -52.97 -53.35 70.30
C ASP B 484 -54.07 -53.96 69.46
N SER B 485 -55.12 -54.45 70.13
CA SER B 485 -56.21 -55.09 69.41
C SER B 485 -56.95 -54.12 68.51
N ASN B 486 -56.67 -52.83 68.66
CA ASN B 486 -57.34 -51.80 67.85
C ASN B 486 -56.51 -51.11 66.78
N THR B 487 -55.68 -51.87 66.08
CA THR B 487 -54.85 -51.33 65.00
C THR B 487 -54.79 -52.35 63.86
N ASP B 488 -54.99 -51.88 62.64
CA ASP B 488 -55.01 -52.76 61.49
C ASP B 488 -53.96 -53.86 61.50
N VAL B 489 -52.79 -53.59 62.06
CA VAL B 489 -51.76 -54.60 62.06
C VAL B 489 -51.74 -55.48 63.31
N GLY B 490 -52.12 -54.91 64.45
CA GLY B 490 -52.12 -55.70 65.67
C GLY B 490 -51.19 -55.18 66.74
N ALA B 491 -50.34 -54.23 66.39
CA ALA B 491 -49.41 -53.65 67.33
C ALA B 491 -49.31 -52.16 67.11
N LYS B 492 -48.78 -51.42 68.10
CA LYS B 492 -48.63 -49.97 68.00
C LYS B 492 -47.32 -49.51 68.61
N ASN B 493 -46.72 -48.47 68.01
CA ASN B 493 -45.46 -47.92 68.51
C ASN B 493 -45.78 -46.76 69.48
N TYR B 494 -44.91 -46.56 70.47
CA TYR B 494 -45.08 -45.46 71.42
C TYR B 494 -43.76 -44.72 71.62
N ARG B 495 -43.84 -43.39 71.76
CA ARG B 495 -42.64 -42.59 71.96
C ARG B 495 -42.28 -42.39 73.41
N HIS B 496 -41.32 -43.17 73.91
CA HIS B 496 -40.93 -42.99 75.30
C HIS B 496 -39.64 -42.20 75.37
N LEU B 497 -39.55 -41.35 76.39
CA LEU B 497 -38.35 -40.58 76.67
C LEU B 497 -37.90 -41.34 77.91
N CYS B 498 -36.76 -42.00 77.83
CA CYS B 498 -36.27 -42.77 78.95
C CYS B 498 -34.83 -42.39 79.34
N ALA B 499 -34.61 -42.12 80.62
CA ALA B 499 -33.29 -41.73 81.10
C ALA B 499 -32.87 -42.57 82.29
N VAL B 500 -31.56 -42.60 82.57
CA VAL B 500 -31.05 -43.36 83.72
C VAL B 500 -29.88 -42.66 84.38
N TYR B 501 -29.75 -42.84 85.69
CA TYR B 501 -28.66 -42.26 86.47
C TYR B 501 -27.89 -43.40 87.10
N TYR B 502 -26.63 -43.51 86.73
CA TYR B 502 -25.74 -44.58 87.21
C TYR B 502 -24.63 -43.95 88.02
N ASN B 503 -24.55 -44.28 89.30
CA ASN B 503 -23.52 -43.70 90.14
C ASN B 503 -23.36 -44.46 91.46
N LYS B 504 -22.35 -44.07 92.24
CA LYS B 504 -22.09 -44.70 93.55
C LYS B 504 -23.42 -44.80 94.26
N ASN B 505 -24.16 -43.69 94.23
CA ASN B 505 -25.47 -43.63 94.86
C ASN B 505 -26.49 -43.35 93.75
N PRO B 506 -27.70 -43.94 93.84
CA PRO B 506 -28.68 -43.68 92.79
C PRO B 506 -29.12 -42.24 92.94
N GLY B 507 -29.35 -41.55 91.83
CA GLY B 507 -29.76 -40.17 91.94
C GLY B 507 -31.26 -40.02 91.87
N PHE B 508 -31.97 -40.88 92.58
CA PHE B 508 -33.42 -40.82 92.53
C PHE B 508 -34.00 -39.43 92.70
N GLU B 509 -33.30 -38.53 93.39
CA GLU B 509 -33.82 -37.18 93.57
C GLU B 509 -33.45 -36.34 92.37
N ILE B 510 -32.32 -36.64 91.77
CA ILE B 510 -31.88 -35.89 90.60
C ILE B 510 -32.64 -36.40 89.37
N ILE B 511 -33.11 -37.65 89.43
CA ILE B 511 -33.89 -38.22 88.32
C ILE B 511 -35.28 -37.64 88.47
N HIS B 512 -35.74 -37.56 89.71
CA HIS B 512 -37.06 -37.01 90.01
C HIS B 512 -37.02 -35.58 89.48
N GLY B 513 -35.88 -34.92 89.68
CA GLY B 513 -35.72 -33.56 89.21
C GLY B 513 -35.70 -33.42 87.71
N LEU B 514 -35.31 -34.50 87.02
CA LEU B 514 -35.27 -34.49 85.57
C LEU B 514 -36.70 -34.45 85.07
N LEU B 515 -37.54 -35.29 85.66
CA LEU B 515 -38.93 -35.32 85.27
C LEU B 515 -39.52 -33.94 85.49
N ASP B 516 -39.16 -33.31 86.59
CA ASP B 516 -39.69 -31.98 86.85
C ASP B 516 -39.29 -31.02 85.74
N ARG B 517 -38.03 -31.07 85.32
CA ARG B 517 -37.55 -30.18 84.26
C ARG B 517 -38.34 -30.45 83.01
N ILE B 518 -38.35 -31.71 82.59
CA ILE B 518 -39.07 -32.14 81.41
C ILE B 518 -40.48 -31.54 81.37
N MET B 519 -41.21 -31.68 82.47
CA MET B 519 -42.58 -31.15 82.57
C MET B 519 -42.53 -29.65 82.44
N GLN B 520 -41.55 -29.04 83.08
CA GLN B 520 -41.41 -27.60 83.01
C GLN B 520 -41.21 -27.19 81.58
N LEU B 521 -40.45 -28.00 80.83
CA LEU B 521 -40.15 -27.76 79.41
C LEU B 521 -41.40 -27.85 78.56
N LEU B 522 -42.23 -28.84 78.88
CA LEU B 522 -43.48 -29.07 78.16
C LEU B 522 -44.62 -28.17 78.66
N ASP B 523 -44.29 -27.22 79.54
CA ASP B 523 -45.25 -26.30 80.12
C ASP B 523 -46.45 -27.05 80.75
N VAL B 524 -46.13 -28.04 81.57
CA VAL B 524 -47.13 -28.84 82.26
C VAL B 524 -46.99 -28.57 83.75
N PRO B 525 -47.95 -27.82 84.34
CA PRO B 525 -47.95 -27.47 85.76
C PRO B 525 -48.12 -28.70 86.65
N PRO B 526 -47.56 -28.67 87.87
CA PRO B 526 -47.65 -29.80 88.81
C PRO B 526 -48.91 -29.80 89.70
N GLY B 527 -49.19 -30.94 90.31
CA GLY B 527 -50.35 -31.03 91.18
C GLY B 527 -51.57 -31.62 90.51
N GLU B 528 -52.43 -32.29 91.29
CA GLU B 528 -53.63 -32.93 90.76
C GLU B 528 -54.66 -31.94 90.20
N ASP B 529 -54.74 -30.76 90.79
CA ASP B 529 -55.71 -29.74 90.38
C ASP B 529 -55.45 -29.06 89.03
N LYS B 530 -54.40 -28.24 88.97
CA LYS B 530 -54.04 -27.47 87.77
C LYS B 530 -53.95 -28.20 86.41
N GLY B 531 -54.71 -29.27 86.24
CA GLY B 531 -54.70 -30.01 84.99
C GLY B 531 -53.29 -30.31 84.52
N GLY B 532 -52.43 -30.62 85.47
CA GLY B 532 -51.04 -30.93 85.18
C GLY B 532 -50.66 -32.38 85.44
N TYR B 533 -49.64 -32.60 86.26
CA TYR B 533 -49.19 -33.96 86.54
C TYR B 533 -48.98 -34.25 88.03
N VAL B 534 -48.82 -35.54 88.36
CA VAL B 534 -48.57 -35.94 89.76
C VAL B 534 -47.71 -37.18 89.94
N ILE B 535 -46.81 -37.11 90.92
CA ILE B 535 -45.96 -38.24 91.22
C ILE B 535 -46.72 -38.95 92.32
N LYS B 536 -47.21 -40.14 92.06
CA LYS B 536 -47.92 -40.88 93.11
C LYS B 536 -47.11 -42.14 93.39
N ALA B 537 -46.56 -42.24 94.60
CA ALA B 537 -45.76 -43.39 94.98
C ALA B 537 -46.50 -44.64 94.54
N SER B 538 -45.77 -45.63 94.05
CA SER B 538 -46.40 -46.88 93.61
C SER B 538 -45.40 -48.02 93.69
N GLU B 539 -45.84 -49.23 93.34
CA GLU B 539 -44.94 -50.37 93.42
C GLU B 539 -44.64 -50.95 92.04
N GLY B 540 -43.38 -51.35 91.85
CA GLY B 540 -42.95 -51.93 90.60
C GLY B 540 -41.96 -53.05 90.84
N PRO B 541 -42.14 -54.19 90.18
CA PRO B 541 -41.29 -55.38 90.28
C PRO B 541 -39.88 -55.17 89.73
N ALA B 542 -39.59 -53.94 89.32
CA ALA B 542 -38.27 -53.64 88.77
C ALA B 542 -37.62 -52.56 89.62
N PHE B 543 -38.36 -52.03 90.57
CA PHE B 543 -37.83 -50.99 91.44
C PHE B 543 -37.77 -51.39 92.90
N PHE B 544 -36.71 -50.91 93.54
CA PHE B 544 -36.46 -51.14 94.96
C PHE B 544 -37.65 -50.50 95.65
N PRO B 545 -38.36 -51.28 96.46
CA PRO B 545 -39.55 -50.83 97.20
C PRO B 545 -39.41 -49.48 97.86
N GLY B 546 -40.47 -48.66 97.73
CA GLY B 546 -40.47 -47.35 98.37
C GLY B 546 -39.64 -46.28 97.71
N ARG B 547 -39.13 -46.60 96.53
CA ARG B 547 -38.33 -45.65 95.77
C ARG B 547 -38.79 -45.82 94.33
N CYS B 548 -40.11 -45.82 94.19
CA CYS B 548 -40.77 -45.99 92.90
C CYS B 548 -42.08 -45.20 92.90
N ALA B 549 -42.35 -44.50 91.80
CA ALA B 549 -43.57 -43.71 91.66
C ALA B 549 -44.17 -43.84 90.26
N GLU B 550 -45.38 -43.35 90.10
CA GLU B 550 -46.04 -43.38 88.81
C GLU B 550 -46.31 -41.93 88.39
N ILE B 551 -46.19 -41.65 87.08
CA ILE B 551 -46.42 -40.30 86.58
C ILE B 551 -47.79 -40.22 85.95
N PHE B 552 -48.55 -39.22 86.38
CA PHE B 552 -49.91 -39.00 85.88
C PHE B 552 -50.02 -37.61 85.35
N ALA B 553 -50.67 -37.46 84.20
CA ALA B 553 -50.85 -36.16 83.59
C ALA B 553 -51.87 -36.25 82.46
N ARG B 554 -52.41 -35.09 82.07
CA ARG B 554 -53.40 -35.05 81.01
C ARG B 554 -54.32 -36.27 81.09
N GLY B 555 -54.84 -36.51 82.29
CA GLY B 555 -55.77 -37.60 82.52
C GLY B 555 -55.32 -39.01 82.25
N GLN B 556 -54.08 -39.34 82.56
CA GLN B 556 -53.63 -40.71 82.37
C GLN B 556 -52.20 -40.99 82.87
N SER B 557 -51.89 -42.28 82.98
CA SER B 557 -50.58 -42.71 83.41
C SER B 557 -49.64 -42.50 82.27
N VAL B 558 -48.56 -41.78 82.53
CA VAL B 558 -47.59 -41.48 81.50
C VAL B 558 -46.40 -42.42 81.62
N GLY B 559 -45.86 -42.52 82.82
CA GLY B 559 -44.71 -43.38 83.01
C GLY B 559 -44.44 -43.83 84.42
N LYS B 560 -43.25 -44.42 84.60
CA LYS B 560 -42.77 -44.95 85.86
C LYS B 560 -41.44 -44.26 86.23
N LEU B 561 -41.39 -43.74 87.45
CA LEU B 561 -40.20 -43.06 87.94
C LEU B 561 -39.73 -43.88 89.13
N GLY B 562 -38.46 -44.24 89.19
CA GLY B 562 -38.01 -45.02 90.33
C GLY B 562 -36.57 -45.46 90.37
N VAL B 563 -36.17 -46.14 91.44
CA VAL B 563 -34.81 -46.66 91.59
C VAL B 563 -34.75 -48.16 91.27
N LEU B 564 -33.93 -48.52 90.29
CA LEU B 564 -33.85 -49.91 89.89
C LEU B 564 -33.57 -50.84 91.04
N HIS B 565 -34.27 -51.98 91.03
CA HIS B 565 -34.13 -52.99 92.07
C HIS B 565 -32.83 -53.79 91.89
N PRO B 566 -32.07 -53.97 92.99
CA PRO B 566 -30.81 -54.71 93.00
C PRO B 566 -30.79 -55.94 92.11
N ASP B 567 -31.90 -56.64 92.03
CA ASP B 567 -31.97 -57.83 91.18
C ASP B 567 -31.74 -57.50 89.70
N VAL B 568 -32.50 -56.54 89.18
CA VAL B 568 -32.36 -56.18 87.78
C VAL B 568 -30.96 -55.62 87.52
N ILE B 569 -30.44 -54.83 88.45
CA ILE B 569 -29.12 -54.24 88.23
C ILE B 569 -28.02 -55.30 88.22
N THR B 570 -28.25 -56.43 88.87
CA THR B 570 -27.21 -57.45 88.82
C THR B 570 -27.50 -58.36 87.64
N LYS B 571 -28.77 -58.61 87.34
CA LYS B 571 -29.11 -59.47 86.23
C LYS B 571 -28.71 -58.85 84.89
N PHE B 572 -28.29 -57.58 84.93
CA PHE B 572 -27.83 -56.88 83.73
C PHE B 572 -26.36 -56.63 83.93
N GLU B 573 -25.78 -57.46 84.79
CA GLU B 573 -24.36 -57.42 85.13
C GLU B 573 -23.79 -56.02 85.39
N LEU B 574 -24.43 -55.30 86.29
CA LEU B 574 -23.96 -53.96 86.63
C LEU B 574 -23.48 -53.89 88.08
N THR B 575 -22.76 -52.83 88.39
CA THR B 575 -22.20 -52.62 89.73
C THR B 575 -23.07 -51.71 90.57
N MET B 576 -22.98 -50.40 90.34
CA MET B 576 -23.72 -49.41 91.09
C MET B 576 -25.24 -49.49 91.03
N PRO B 577 -25.91 -48.71 91.89
CA PRO B 577 -27.37 -48.67 91.95
C PRO B 577 -27.82 -47.85 90.76
N CYS B 578 -29.13 -47.72 90.56
CA CYS B 578 -29.59 -46.96 89.43
C CYS B 578 -30.99 -46.39 89.55
N SER B 579 -31.12 -45.16 89.05
CA SER B 579 -32.39 -44.43 89.05
C SER B 579 -32.83 -44.25 87.60
N SER B 580 -34.07 -44.60 87.31
CA SER B 580 -34.58 -44.47 85.96
C SER B 580 -35.78 -43.54 85.86
N LEU B 581 -36.31 -43.44 84.64
CA LEU B 581 -37.44 -42.58 84.33
C LEU B 581 -37.86 -42.93 82.92
N GLU B 582 -39.16 -43.10 82.70
CA GLU B 582 -39.65 -43.42 81.38
C GLU B 582 -41.09 -42.98 81.18
N ILE B 583 -41.27 -41.87 80.48
CA ILE B 583 -42.58 -41.31 80.21
C ILE B 583 -42.93 -41.44 78.74
N ASN B 584 -44.22 -41.65 78.46
CA ASN B 584 -44.69 -41.75 77.09
C ASN B 584 -44.99 -40.31 76.69
N ILE B 585 -44.14 -39.71 75.87
CA ILE B 585 -44.35 -38.32 75.46
C ILE B 585 -45.51 -38.14 74.50
N GLY B 586 -46.11 -39.24 74.06
CA GLY B 586 -47.24 -39.14 73.16
C GLY B 586 -48.33 -38.16 73.60
N PRO B 587 -48.96 -38.39 74.76
CA PRO B 587 -50.03 -37.52 75.28
C PRO B 587 -49.67 -36.08 75.43
N PHE B 588 -48.39 -35.76 75.39
CA PHE B 588 -47.99 -34.38 75.59
C PHE B 588 -48.02 -33.47 74.36
N LEU B 589 -48.33 -34.05 73.20
CA LEU B 589 -48.38 -33.25 71.99
C LEU B 589 -49.43 -32.16 72.06
N MET C 1 -52.23 -43.03 115.60
CA MET C 1 -52.64 -44.45 115.69
C MET C 1 -53.46 -44.91 114.48
N ALA C 2 -52.78 -45.30 113.41
CA ALA C 2 -53.43 -45.76 112.20
C ALA C 2 -52.48 -46.63 111.37
N ASP C 3 -51.24 -46.19 111.24
CA ASP C 3 -50.21 -46.92 110.49
C ASP C 3 -49.04 -47.25 111.41
N GLY C 4 -48.36 -46.20 111.91
CA GLY C 4 -47.24 -46.40 112.80
C GLY C 4 -47.58 -47.08 114.11
N GLN C 5 -48.82 -46.91 114.59
CA GLN C 5 -49.26 -47.51 115.84
C GLN C 5 -49.76 -48.94 115.63
N VAL C 6 -50.35 -49.20 114.46
CA VAL C 6 -50.87 -50.52 114.13
C VAL C 6 -49.77 -51.29 113.39
N ALA C 7 -48.66 -50.60 113.13
CA ALA C 7 -47.52 -51.20 112.46
C ALA C 7 -46.72 -51.92 113.53
N GLU C 8 -46.10 -51.16 114.43
CA GLU C 8 -45.29 -51.71 115.50
C GLU C 8 -46.09 -52.78 116.24
N LEU C 9 -47.39 -52.80 116.00
CA LEU C 9 -48.28 -53.79 116.59
C LEU C 9 -48.45 -55.01 115.66
N LEU C 10 -48.41 -54.78 114.35
CA LEU C 10 -48.53 -55.88 113.38
C LEU C 10 -47.22 -56.64 113.35
N LEU C 11 -46.16 -56.00 113.81
CA LEU C 11 -44.84 -56.61 113.87
C LEU C 11 -44.81 -57.50 115.11
N ARG C 12 -45.36 -56.99 116.21
CA ARG C 12 -45.42 -57.75 117.45
C ARG C 12 -46.09 -59.07 117.12
N ARG C 13 -47.27 -58.98 116.53
CA ARG C 13 -48.07 -60.15 116.15
C ARG C 13 -47.28 -61.15 115.31
N LEU C 14 -46.70 -60.68 114.21
CA LEU C 14 -45.93 -61.56 113.34
C LEU C 14 -44.86 -62.25 114.17
N GLU C 15 -44.26 -61.50 115.08
CA GLU C 15 -43.22 -62.04 115.93
C GLU C 15 -43.78 -63.19 116.74
N ALA C 16 -44.96 -62.99 117.32
CA ALA C 16 -45.61 -64.00 118.15
C ALA C 16 -46.34 -65.11 117.40
N SER C 17 -46.46 -64.97 116.08
CA SER C 17 -47.17 -65.97 115.28
C SER C 17 -46.24 -67.00 114.65
N ASP C 18 -46.85 -68.03 114.06
CA ASP C 18 -46.12 -69.10 113.39
C ASP C 18 -46.14 -68.88 111.88
N GLY C 19 -45.49 -67.80 111.46
CA GLY C 19 -45.44 -67.49 110.04
C GLY C 19 -46.67 -66.74 109.56
N GLY C 20 -47.70 -67.50 109.17
CA GLY C 20 -48.93 -66.90 108.67
C GLY C 20 -49.57 -65.78 109.45
N LEU C 21 -50.30 -64.92 108.73
CA LEU C 21 -50.98 -63.78 109.33
C LEU C 21 -51.87 -63.12 108.26
N ASP C 22 -53.08 -62.74 108.64
CA ASP C 22 -54.00 -62.09 107.70
C ASP C 22 -54.33 -60.69 108.19
N SER C 23 -54.37 -59.73 107.26
CA SER C 23 -54.70 -58.35 107.61
C SER C 23 -56.17 -58.26 107.89
N ALA C 24 -56.90 -59.33 107.58
CA ALA C 24 -58.34 -59.36 107.84
C ALA C 24 -58.53 -59.96 109.22
N GLU C 25 -58.30 -61.27 109.32
CA GLU C 25 -58.45 -61.99 110.59
C GLU C 25 -57.86 -61.19 111.75
N LEU C 26 -56.56 -60.93 111.68
CA LEU C 26 -55.88 -60.18 112.73
C LEU C 26 -56.41 -58.75 112.86
N ALA C 27 -57.36 -58.39 112.01
CA ALA C 27 -57.97 -57.07 112.05
C ALA C 27 -59.34 -57.24 112.67
N ALA C 28 -59.82 -58.49 112.60
CA ALA C 28 -61.11 -58.87 113.16
C ALA C 28 -60.83 -59.15 114.63
N GLU C 29 -59.67 -59.75 114.87
CA GLU C 29 -59.20 -60.07 116.21
C GLU C 29 -58.90 -58.76 116.92
N LEU C 30 -58.67 -57.70 116.13
CA LEU C 30 -58.37 -56.37 116.66
C LEU C 30 -59.64 -55.56 116.70
N GLY C 31 -59.56 -54.40 117.33
CA GLY C 31 -60.71 -53.51 117.39
C GLY C 31 -60.61 -52.57 116.22
N MET C 32 -60.01 -53.06 115.12
CA MET C 32 -59.81 -52.26 113.91
C MET C 32 -60.28 -52.92 112.62
N GLU C 33 -60.76 -52.09 111.68
CA GLU C 33 -61.27 -52.59 110.41
C GLU C 33 -60.19 -53.25 109.54
N HIS C 34 -60.14 -52.90 108.26
CA HIS C 34 -59.18 -53.48 107.33
C HIS C 34 -58.54 -52.36 106.50
N GLN C 35 -58.92 -51.13 106.80
CA GLN C 35 -58.40 -49.97 106.10
C GLN C 35 -57.29 -49.38 106.97
N ALA C 36 -57.04 -50.07 108.07
CA ALA C 36 -56.02 -49.65 109.02
C ALA C 36 -54.87 -50.63 108.91
N VAL C 37 -55.18 -51.92 109.06
CA VAL C 37 -54.15 -52.97 108.98
C VAL C 37 -53.49 -52.90 107.61
N VAL C 38 -54.32 -52.96 106.56
CA VAL C 38 -53.83 -52.88 105.19
C VAL C 38 -53.23 -51.51 104.96
N GLY C 39 -53.96 -50.46 105.31
CA GLY C 39 -53.43 -49.12 105.14
C GLY C 39 -52.01 -49.02 105.68
N ALA C 40 -51.70 -49.83 106.70
CA ALA C 40 -50.37 -49.81 107.29
C ALA C 40 -49.41 -50.75 106.57
N VAL C 41 -49.80 -52.01 106.37
CA VAL C 41 -48.94 -52.95 105.67
C VAL C 41 -48.16 -52.22 104.58
N LYS C 42 -48.75 -51.17 104.02
CA LYS C 42 -48.08 -50.40 102.98
C LYS C 42 -46.75 -49.88 103.52
N SER C 43 -46.81 -49.25 104.69
CA SER C 43 -45.61 -48.70 105.33
C SER C 43 -44.55 -49.76 105.63
N LEU C 44 -45.01 -50.94 106.03
CA LEU C 44 -44.11 -52.06 106.35
C LEU C 44 -43.46 -52.71 105.14
N GLN C 45 -43.55 -52.05 104.00
CA GLN C 45 -42.94 -52.56 102.80
C GLN C 45 -42.06 -51.44 102.30
N ALA C 46 -42.53 -50.22 102.45
CA ALA C 46 -41.77 -49.05 102.04
C ALA C 46 -40.51 -49.04 102.91
N LEU C 47 -40.73 -49.30 104.19
CA LEU C 47 -39.63 -49.34 105.14
C LEU C 47 -38.81 -50.57 104.76
N GLY C 48 -38.10 -50.45 103.63
CA GLY C 48 -37.24 -51.52 103.13
C GLY C 48 -37.96 -52.80 102.71
N GLU C 49 -37.36 -53.96 103.01
CA GLU C 49 -37.94 -55.26 102.68
C GLU C 49 -38.17 -56.14 103.92
N VAL C 50 -38.72 -55.52 104.97
CA VAL C 50 -39.05 -56.14 106.27
C VAL C 50 -39.92 -57.37 106.15
N ILE C 51 -41.19 -57.10 105.88
CA ILE C 51 -42.19 -58.14 105.77
C ILE C 51 -42.70 -58.39 104.37
N GLU C 52 -42.85 -59.67 104.03
CA GLU C 52 -43.38 -60.06 102.73
C GLU C 52 -44.89 -60.02 102.94
N ALA C 53 -45.63 -59.93 101.84
CA ALA C 53 -47.10 -59.86 101.90
C ALA C 53 -47.71 -60.28 100.57
N GLU C 54 -48.76 -61.10 100.64
CA GLU C 54 -49.43 -61.59 99.44
C GLU C 54 -50.90 -61.13 99.37
N LEU C 55 -51.24 -60.38 98.32
CA LEU C 55 -52.59 -59.85 98.11
C LEU C 55 -53.57 -60.88 97.57
N ARG C 56 -54.18 -61.66 98.46
CA ARG C 56 -55.17 -62.66 98.06
C ARG C 56 -56.52 -61.96 97.92
N SER C 57 -57.42 -62.54 97.12
CA SER C 57 -58.74 -61.90 96.92
C SER C 57 -59.94 -62.82 96.68
N THR C 58 -61.05 -62.48 97.33
CA THR C 58 -62.32 -63.20 97.24
C THR C 58 -63.20 -62.59 96.15
N LYS C 59 -63.84 -63.44 95.35
CA LYS C 59 -64.67 -62.93 94.28
C LYS C 59 -66.04 -63.60 94.18
N HIS C 60 -67.07 -62.84 94.52
CA HIS C 60 -68.45 -63.32 94.45
C HIS C 60 -69.31 -62.31 93.70
N TRP C 61 -70.43 -62.80 93.16
CA TRP C 61 -71.34 -61.95 92.40
C TRP C 61 -72.54 -61.53 93.21
N GLU C 62 -72.82 -60.23 93.23
CA GLU C 62 -73.98 -59.69 93.93
C GLU C 62 -74.97 -59.11 92.92
N LEU C 63 -76.08 -58.59 93.42
CA LEU C 63 -77.11 -58.01 92.57
C LEU C 63 -77.10 -56.52 92.83
N THR C 64 -77.57 -55.73 91.87
CA THR C 64 -77.61 -54.26 91.98
C THR C 64 -78.77 -53.75 92.82
N ALA C 65 -78.75 -52.45 93.12
CA ALA C 65 -79.84 -51.84 93.84
C ALA C 65 -80.97 -51.99 92.82
N GLU C 66 -80.69 -51.46 91.62
CA GLU C 66 -81.60 -51.49 90.48
C GLU C 66 -82.03 -52.92 90.14
N GLY C 67 -81.05 -53.74 89.78
CA GLY C 67 -81.31 -55.13 89.41
C GLY C 67 -81.98 -56.01 90.44
N GLU C 68 -82.04 -55.55 91.68
CA GLU C 68 -82.70 -56.34 92.71
C GLU C 68 -84.19 -56.17 92.47
N GLU C 69 -84.57 -54.98 91.98
CA GLU C 69 -85.96 -54.65 91.67
C GLU C 69 -86.39 -55.50 90.50
N ILE C 70 -85.66 -55.37 89.38
CA ILE C 70 -85.93 -56.16 88.18
C ILE C 70 -86.07 -57.62 88.63
N ALA C 71 -85.07 -58.07 89.36
CA ALA C 71 -85.01 -59.42 89.89
C ALA C 71 -86.33 -59.92 90.47
N ARG C 72 -87.22 -59.01 90.83
CA ARG C 72 -88.49 -59.43 91.41
C ARG C 72 -89.73 -58.89 90.71
N GLU C 73 -89.60 -57.76 90.03
CA GLU C 73 -90.75 -57.18 89.34
C GLU C 73 -90.57 -57.19 87.82
N GLY C 74 -89.63 -58.03 87.35
CA GLY C 74 -89.35 -58.13 85.94
C GLY C 74 -88.53 -56.97 85.40
N SER C 75 -88.01 -57.15 84.20
CA SER C 75 -87.21 -56.13 83.53
C SER C 75 -88.05 -54.91 83.17
N HIS C 76 -87.42 -53.92 82.55
CA HIS C 76 -88.14 -52.72 82.18
C HIS C 76 -88.86 -52.89 80.84
N GLU C 77 -88.26 -53.69 79.96
CA GLU C 77 -88.82 -53.94 78.64
C GLU C 77 -90.09 -54.78 78.81
N ALA C 78 -89.96 -55.86 79.59
CA ALA C 78 -91.10 -56.73 79.84
C ALA C 78 -92.16 -55.92 80.59
N ARG C 79 -91.69 -55.08 81.50
CA ARG C 79 -92.55 -54.22 82.29
C ARG C 79 -93.52 -53.54 81.30
N VAL C 80 -92.95 -52.76 80.38
CA VAL C 80 -93.71 -52.00 79.37
C VAL C 80 -94.45 -52.82 78.31
N PHE C 81 -93.86 -53.92 77.85
CA PHE C 81 -94.53 -54.73 76.85
C PHE C 81 -95.92 -55.06 77.35
N ARG C 82 -95.96 -55.71 78.51
CA ARG C 82 -97.23 -56.10 79.11
C ARG C 82 -98.13 -54.88 79.35
N SER C 83 -97.51 -53.72 79.60
CA SER C 83 -98.28 -52.49 79.86
C SER C 83 -98.98 -51.92 78.64
N ILE C 84 -98.58 -52.37 77.46
CA ILE C 84 -99.16 -51.88 76.23
C ILE C 84 -100.06 -52.91 75.55
N PRO C 85 -101.38 -52.66 75.55
CA PRO C 85 -102.38 -53.54 74.95
C PRO C 85 -102.20 -53.65 73.44
N PRO C 86 -103.22 -54.18 72.74
CA PRO C 86 -103.09 -54.29 71.29
C PRO C 86 -103.70 -53.02 70.73
N GLU C 87 -104.52 -52.40 71.56
CA GLU C 87 -105.25 -51.18 71.23
C GLU C 87 -104.29 -50.02 71.00
N GLY C 88 -103.00 -50.27 71.21
CA GLY C 88 -102.01 -49.23 71.03
C GLY C 88 -101.80 -48.51 72.36
N LEU C 89 -100.74 -47.72 72.45
CA LEU C 89 -100.43 -46.99 73.68
C LEU C 89 -99.61 -45.78 73.32
N ALA C 90 -100.28 -44.65 73.10
CA ALA C 90 -99.60 -43.43 72.72
C ALA C 90 -98.21 -43.38 73.36
N GLN C 91 -97.17 -43.31 72.55
CA GLN C 91 -95.81 -43.27 73.07
C GLN C 91 -95.54 -41.98 73.85
N SER C 92 -96.45 -41.02 73.72
CA SER C 92 -96.33 -39.75 74.43
C SER C 92 -96.29 -40.07 75.94
N GLU C 93 -97.38 -40.60 76.45
CA GLU C 93 -97.46 -40.94 77.86
C GLU C 93 -96.42 -41.99 78.25
N LEU C 94 -96.21 -42.98 77.39
CA LEU C 94 -95.24 -44.02 77.71
C LEU C 94 -93.89 -43.47 78.18
N MET C 95 -93.36 -42.47 77.47
CA MET C 95 -92.07 -41.89 77.84
C MET C 95 -92.19 -40.71 78.79
N ARG C 96 -93.39 -40.44 79.28
CA ARG C 96 -93.58 -39.34 80.20
C ARG C 96 -93.36 -39.91 81.60
N LEU C 97 -92.26 -40.63 81.78
CA LEU C 97 -91.96 -41.25 83.06
C LEU C 97 -90.73 -42.14 82.80
N PRO C 98 -89.58 -41.84 83.44
CA PRO C 98 -88.26 -42.51 83.35
C PRO C 98 -88.22 -44.03 83.32
N SER C 99 -88.97 -44.64 84.23
CA SER C 99 -89.03 -46.10 84.35
C SER C 99 -89.41 -46.68 82.99
N GLY C 100 -90.44 -46.11 82.39
CA GLY C 100 -90.89 -46.55 81.07
C GLY C 100 -89.81 -46.20 80.08
N LYS C 101 -89.72 -44.92 79.73
CA LYS C 101 -88.72 -44.39 78.81
C LYS C 101 -87.60 -45.38 78.50
N VAL C 102 -86.91 -45.83 79.54
CA VAL C 102 -85.82 -46.79 79.39
C VAL C 102 -86.31 -48.05 78.69
N GLY C 103 -87.30 -48.70 79.31
CA GLY C 103 -87.88 -49.92 78.79
C GLY C 103 -88.44 -49.81 77.38
N PHE C 104 -88.84 -48.60 76.98
CA PHE C 104 -89.35 -48.40 75.64
C PHE C 104 -88.20 -48.57 74.67
N SER C 105 -87.06 -47.97 75.01
CA SER C 105 -85.88 -48.06 74.18
C SER C 105 -85.44 -49.49 73.95
N LYS C 106 -85.76 -50.40 74.86
CA LYS C 106 -85.37 -51.78 74.68
C LYS C 106 -86.50 -52.71 74.19
N ALA C 107 -87.75 -52.28 74.30
CA ALA C 107 -88.81 -53.12 73.76
C ALA C 107 -88.67 -52.91 72.25
N MET C 108 -88.02 -51.80 71.90
CA MET C 108 -87.74 -51.42 70.52
C MET C 108 -86.57 -52.22 69.99
N SER C 109 -85.44 -52.11 70.67
CA SER C 109 -84.24 -52.84 70.27
C SER C 109 -84.42 -54.31 70.62
N ASN C 110 -85.65 -54.79 70.45
CA ASN C 110 -85.99 -56.19 70.72
C ASN C 110 -87.00 -56.66 69.68
N LYS C 111 -87.60 -55.71 68.97
CA LYS C 111 -88.60 -56.00 67.95
C LYS C 111 -89.87 -56.53 68.64
N TRP C 112 -90.12 -56.07 69.86
CA TRP C 112 -91.29 -56.48 70.64
C TRP C 112 -92.42 -55.48 70.45
N ILE C 113 -92.06 -54.28 70.03
CA ILE C 113 -93.06 -53.24 69.81
C ILE C 113 -92.59 -52.32 68.69
N ARG C 114 -93.53 -51.60 68.07
CA ARG C 114 -93.18 -50.66 67.02
C ARG C 114 -94.02 -49.41 67.20
N VAL C 115 -93.68 -48.39 66.42
CA VAL C 115 -94.36 -47.11 66.47
C VAL C 115 -95.30 -46.86 65.28
N ASP C 116 -95.70 -45.60 65.11
CA ASP C 116 -96.58 -45.15 64.04
C ASP C 116 -96.86 -43.66 64.26
N LYS C 117 -97.50 -43.04 63.28
CA LYS C 117 -97.88 -41.61 63.37
C LYS C 117 -99.15 -41.47 62.52
N SER C 118 -100.04 -42.45 62.65
CA SER C 118 -101.29 -42.49 61.90
C SER C 118 -102.57 -42.28 62.72
N ALA C 119 -102.43 -41.74 63.93
CA ALA C 119 -103.58 -41.48 64.80
C ALA C 119 -103.41 -40.12 65.47
N ALA C 120 -104.29 -39.17 65.14
CA ALA C 120 -104.26 -37.81 65.68
C ALA C 120 -103.62 -37.75 67.06
N ASP C 121 -103.80 -38.82 67.83
CA ASP C 121 -103.23 -38.93 69.17
C ASP C 121 -101.72 -39.15 69.04
N GLY C 122 -101.05 -38.27 68.29
CA GLY C 122 -99.61 -38.37 68.09
C GLY C 122 -99.09 -39.77 67.83
N PRO C 123 -97.75 -39.99 67.86
CA PRO C 123 -97.20 -41.32 67.62
C PRO C 123 -97.80 -42.30 68.63
N ARG C 124 -97.82 -43.59 68.28
CA ARG C 124 -98.36 -44.59 69.19
C ARG C 124 -97.48 -45.83 69.18
N VAL C 125 -97.65 -46.69 70.18
CA VAL C 125 -96.85 -47.89 70.24
C VAL C 125 -97.77 -49.10 70.28
N PHE C 126 -97.48 -50.08 69.43
CA PHE C 126 -98.25 -51.32 69.36
C PHE C 126 -97.21 -52.40 69.51
N ARG C 127 -97.61 -53.53 70.07
CA ARG C 127 -96.65 -54.62 70.23
C ARG C 127 -96.49 -55.30 68.86
N VAL C 128 -95.26 -55.63 68.51
CA VAL C 128 -95.02 -56.30 67.26
C VAL C 128 -95.39 -57.76 67.40
N VAL C 129 -94.66 -58.49 68.24
CA VAL C 129 -94.95 -59.90 68.47
C VAL C 129 -95.94 -60.05 69.64
N ASP C 130 -96.35 -61.29 69.92
CA ASP C 130 -97.31 -61.52 71.01
C ASP C 130 -96.75 -62.52 72.01
N SER C 131 -95.56 -63.05 71.72
CA SER C 131 -94.89 -64.03 72.58
C SER C 131 -93.83 -63.36 73.46
N MET C 132 -94.10 -63.25 74.75
CA MET C 132 -93.15 -62.61 75.66
C MET C 132 -92.53 -63.52 76.70
N GLU C 133 -91.20 -63.45 76.80
CA GLU C 133 -90.42 -64.23 77.76
C GLU C 133 -89.38 -63.28 78.33
N ASP C 134 -89.50 -62.96 79.62
CA ASP C 134 -88.57 -62.05 80.26
C ASP C 134 -87.25 -62.71 80.63
N GLU C 135 -86.29 -62.67 79.72
CA GLU C 135 -84.99 -63.27 79.98
C GLU C 135 -84.25 -62.49 81.07
N VAL C 136 -84.05 -61.19 80.82
CA VAL C 136 -83.34 -60.31 81.75
C VAL C 136 -83.65 -60.63 83.20
N GLN C 137 -84.93 -60.61 83.53
CA GLN C 137 -85.38 -60.89 84.88
C GLN C 137 -85.12 -62.34 85.29
N ARG C 138 -85.73 -63.30 84.58
CA ARG C 138 -85.55 -64.70 84.95
C ARG C 138 -84.10 -65.18 84.95
N ARG C 139 -83.17 -64.28 84.65
CA ARG C 139 -81.74 -64.61 84.66
C ARG C 139 -81.18 -64.13 86.00
N LEU C 140 -81.58 -62.92 86.39
CA LEU C 140 -81.18 -62.37 87.67
C LEU C 140 -81.89 -63.19 88.74
N GLN C 141 -83.18 -63.43 88.51
CA GLN C 141 -84.02 -64.19 89.43
C GLN C 141 -83.28 -65.42 89.96
N LEU C 142 -82.24 -65.84 89.25
CA LEU C 142 -81.47 -66.98 89.71
C LEU C 142 -80.07 -66.61 90.18
N VAL C 143 -79.50 -65.53 89.65
CA VAL C 143 -78.17 -65.11 90.08
C VAL C 143 -78.21 -64.93 91.61
N ARG C 144 -79.36 -64.50 92.11
CA ARG C 144 -79.56 -64.30 93.54
C ARG C 144 -80.11 -65.57 94.19
N GLY C 145 -79.89 -66.70 93.55
CA GLY C 145 -80.34 -67.95 94.12
C GLY C 145 -79.06 -68.65 94.53
N GLY C 146 -77.98 -67.86 94.53
CA GLY C 146 -76.67 -68.37 94.87
C GLY C 146 -76.16 -69.20 93.71
N GLN C 147 -76.77 -68.98 92.54
CA GLN C 147 -76.45 -69.69 91.31
C GLN C 147 -75.73 -68.80 90.30
N ALA C 148 -75.08 -67.74 90.78
CA ALA C 148 -74.39 -66.80 89.91
C ALA C 148 -73.27 -67.42 89.04
N GLU C 149 -73.40 -68.70 88.72
CA GLU C 149 -72.40 -69.38 87.89
C GLU C 149 -73.07 -70.13 86.74
N LYS C 150 -74.32 -70.50 86.93
CA LYS C 150 -75.07 -71.22 85.90
C LYS C 150 -75.31 -70.30 84.70
N LEU C 151 -74.65 -69.15 84.70
CA LEU C 151 -74.79 -68.13 83.64
C LEU C 151 -73.51 -67.90 82.80
N GLY C 152 -73.72 -67.66 81.51
CA GLY C 152 -72.62 -67.45 80.60
C GLY C 152 -71.85 -66.15 80.78
N GLU C 153 -70.57 -66.19 80.42
CA GLU C 153 -69.68 -65.04 80.50
C GLU C 153 -70.14 -64.04 79.43
N LYS C 154 -70.82 -64.59 78.42
CA LYS C 154 -71.36 -63.83 77.31
C LYS C 154 -72.59 -63.08 77.80
N GLU C 155 -73.21 -63.61 78.84
CA GLU C 155 -74.43 -63.06 79.42
C GLU C 155 -74.24 -61.99 80.48
N ARG C 156 -73.73 -62.39 81.65
CA ARG C 156 -73.51 -61.45 82.74
C ARG C 156 -72.66 -60.28 82.26
N SER C 157 -71.94 -60.52 81.17
CA SER C 157 -71.08 -59.51 80.56
C SER C 157 -71.93 -58.28 80.30
N GLU C 158 -72.81 -58.37 79.31
CA GLU C 158 -73.69 -57.26 78.97
C GLU C 158 -74.43 -56.84 80.23
N LEU C 159 -75.03 -57.82 80.91
CA LEU C 159 -75.78 -57.56 82.14
C LEU C 159 -75.07 -56.61 83.09
N ARG C 160 -73.75 -56.75 83.16
CA ARG C 160 -72.91 -55.93 84.02
C ARG C 160 -73.09 -54.44 83.73
N LYS C 161 -72.76 -54.00 82.51
CA LYS C 161 -72.88 -52.58 82.19
C LYS C 161 -74.32 -52.11 82.28
N ARG C 162 -75.26 -53.05 82.18
CA ARG C 162 -76.67 -52.69 82.27
C ARG C 162 -77.02 -52.26 83.71
N LYS C 163 -76.03 -52.34 84.59
CA LYS C 163 -76.17 -51.99 86.01
C LYS C 163 -77.12 -52.96 86.73
N LEU C 164 -77.34 -54.13 86.11
CA LEU C 164 -78.22 -55.12 86.69
C LEU C 164 -77.50 -56.10 87.61
N LEU C 165 -76.27 -55.74 87.98
CA LEU C 165 -75.43 -56.51 88.92
C LEU C 165 -73.97 -56.19 88.76
N ALA C 166 -73.22 -56.35 89.86
CA ALA C 166 -71.79 -56.09 89.87
C ALA C 166 -71.03 -57.22 90.56
N GLU C 167 -69.70 -57.23 90.38
CA GLU C 167 -68.87 -58.24 91.00
C GLU C 167 -68.21 -57.63 92.22
N VAL C 168 -68.04 -58.44 93.26
CA VAL C 168 -67.41 -57.99 94.48
C VAL C 168 -66.10 -58.74 94.71
N THR C 169 -65.03 -57.98 94.97
CA THR C 169 -63.72 -58.56 95.21
C THR C 169 -63.12 -58.05 96.53
N LEU C 170 -63.12 -58.91 97.55
CA LEU C 170 -62.58 -58.57 98.86
C LEU C 170 -61.07 -58.91 98.90
N LYS C 171 -60.25 -57.86 98.99
CA LYS C 171 -58.79 -58.03 99.04
C LYS C 171 -58.24 -58.35 100.43
N THR C 172 -57.62 -59.51 100.57
CA THR C 172 -57.03 -59.90 101.83
C THR C 172 -55.50 -59.93 101.67
N TYR C 173 -54.78 -59.62 102.74
CA TYR C 173 -53.32 -59.59 102.71
C TYR C 173 -52.70 -60.63 103.63
N TRP C 174 -51.72 -61.38 103.14
CA TRP C 174 -51.07 -62.38 104.00
C TRP C 174 -49.64 -61.98 104.32
N VAL C 175 -49.50 -61.08 105.28
CA VAL C 175 -48.20 -60.58 105.70
C VAL C 175 -47.36 -61.65 106.43
N SER C 176 -46.22 -61.99 105.83
CA SER C 176 -45.30 -62.98 106.37
C SER C 176 -44.17 -62.25 107.09
N LYS C 177 -43.08 -62.96 107.31
CA LYS C 177 -41.87 -62.40 107.91
C LYS C 177 -40.90 -62.38 106.73
N GLY C 178 -40.19 -61.28 106.51
CA GLY C 178 -39.25 -61.23 105.41
C GLY C 178 -37.83 -61.43 105.87
N SER C 179 -37.08 -60.34 105.86
CA SER C 179 -35.68 -60.33 106.30
C SER C 179 -35.54 -59.17 107.25
N ALA C 180 -35.58 -57.97 106.69
CA ALA C 180 -35.45 -56.75 107.47
C ALA C 180 -36.30 -56.76 108.74
N PHE C 181 -37.17 -57.77 108.87
CA PHE C 181 -38.05 -57.92 110.03
C PHE C 181 -37.34 -57.69 111.38
N SER C 182 -37.84 -56.69 112.11
CA SER C 182 -37.30 -56.32 113.41
C SER C 182 -38.12 -55.16 113.93
N THR C 183 -38.45 -55.16 115.21
CA THR C 183 -39.25 -54.07 115.77
C THR C 183 -38.42 -52.82 116.10
N SER C 184 -37.13 -52.86 115.74
CA SER C 184 -36.22 -51.74 116.00
C SER C 184 -36.57 -50.46 115.23
N ILE C 185 -37.00 -50.63 113.98
CA ILE C 185 -37.36 -49.49 113.14
C ILE C 185 -36.40 -48.31 113.33
N SER C 186 -35.26 -48.39 112.65
CA SER C 186 -34.25 -47.33 112.68
C SER C 186 -33.97 -47.04 111.21
N LYS C 187 -35.00 -46.52 110.53
CA LYS C 187 -34.95 -46.19 109.11
C LYS C 187 -33.87 -45.16 108.80
N GLN C 188 -32.77 -45.22 109.51
CA GLN C 188 -31.67 -44.29 109.28
C GLN C 188 -30.90 -44.76 108.06
N GLU C 189 -31.39 -45.83 107.42
CA GLU C 189 -30.73 -46.32 106.21
C GLU C 189 -31.20 -45.42 105.07
N THR C 190 -30.40 -44.39 104.77
CA THR C 190 -30.72 -43.37 103.76
C THR C 190 -30.81 -43.72 102.27
N GLU C 191 -29.83 -44.44 101.73
CA GLU C 191 -29.87 -44.76 100.31
C GLU C 191 -29.56 -46.20 99.93
N LEU C 192 -28.66 -46.40 98.98
CA LEU C 192 -28.37 -47.75 98.53
C LEU C 192 -26.99 -47.92 97.90
N SER C 193 -25.98 -48.09 98.75
CA SER C 193 -24.59 -48.26 98.32
C SER C 193 -24.32 -49.45 97.42
N PRO C 194 -23.38 -49.27 96.46
CA PRO C 194 -22.91 -50.27 95.47
C PRO C 194 -22.46 -51.55 96.15
N GLU C 195 -22.21 -51.42 97.45
CA GLU C 195 -21.79 -52.52 98.29
C GLU C 195 -22.99 -53.43 98.43
N MET C 196 -23.97 -52.90 99.14
CA MET C 196 -25.20 -53.62 99.40
C MET C 196 -25.67 -54.41 98.19
N ILE C 197 -25.47 -53.89 96.99
CA ILE C 197 -25.93 -54.62 95.82
C ILE C 197 -25.22 -55.97 95.69
N SER C 198 -23.88 -55.94 95.75
CA SER C 198 -23.07 -57.14 95.60
C SER C 198 -23.14 -58.11 96.77
N SER C 199 -23.49 -57.59 97.94
CA SER C 199 -23.61 -58.39 99.15
C SER C 199 -24.98 -59.01 99.37
N GLY C 200 -25.92 -58.18 99.83
CA GLY C 200 -27.28 -58.58 100.09
C GLY C 200 -27.76 -57.73 101.24
N SER C 201 -26.86 -56.92 101.78
CA SER C 201 -27.19 -56.07 102.91
C SER C 201 -28.36 -55.10 102.72
N TRP C 202 -29.10 -55.23 101.62
CA TRP C 202 -30.25 -54.34 101.42
C TRP C 202 -31.43 -55.07 102.06
N ARG C 203 -31.23 -56.37 102.27
CA ARG C 203 -32.23 -57.25 102.86
C ARG C 203 -32.22 -57.24 104.39
N ASP C 204 -31.09 -56.87 104.99
CA ASP C 204 -30.99 -56.85 106.45
C ASP C 204 -31.23 -55.49 107.10
N ARG C 205 -31.84 -54.56 106.38
CA ARG C 205 -32.09 -53.25 106.96
C ARG C 205 -33.32 -52.56 106.35
N PRO C 206 -33.83 -51.52 107.02
CA PRO C 206 -34.98 -50.74 106.59
C PRO C 206 -34.47 -49.43 106.03
N PHE C 207 -34.97 -49.05 104.86
CA PHE C 207 -34.51 -47.80 104.25
C PHE C 207 -35.57 -46.72 104.37
N LYS C 208 -35.18 -45.57 104.92
CA LYS C 208 -36.09 -44.43 105.08
C LYS C 208 -36.90 -44.27 103.78
N PRO C 209 -38.20 -44.63 103.78
CA PRO C 209 -39.00 -44.49 102.55
C PRO C 209 -39.04 -43.05 102.01
N TYR C 210 -39.01 -42.92 100.68
CA TYR C 210 -38.99 -41.60 100.06
C TYR C 210 -40.28 -40.80 100.15
N ASN C 211 -40.13 -39.48 100.34
CA ASN C 211 -41.23 -38.51 100.45
C ASN C 211 -41.66 -38.01 99.06
N PHE C 212 -42.42 -38.84 98.33
CA PHE C 212 -42.88 -38.51 96.98
C PHE C 212 -43.75 -37.27 96.87
N LEU C 213 -43.78 -36.44 97.89
CA LEU C 213 -44.59 -35.25 97.79
C LEU C 213 -43.71 -34.15 97.24
N ALA C 214 -42.64 -33.81 97.97
CA ALA C 214 -41.70 -32.76 97.57
C ALA C 214 -41.09 -32.92 96.19
N HIS C 215 -40.97 -31.81 95.46
CA HIS C 215 -40.39 -31.81 94.14
C HIS C 215 -38.94 -32.25 94.25
N GLY C 216 -38.33 -32.64 93.13
CA GLY C 216 -36.95 -33.09 93.16
C GLY C 216 -35.94 -32.00 92.88
N VAL C 217 -34.76 -32.41 92.45
CA VAL C 217 -33.68 -31.47 92.15
C VAL C 217 -33.44 -31.19 90.67
N LEU C 218 -33.92 -30.04 90.22
CA LEU C 218 -33.77 -29.66 88.84
C LEU C 218 -32.28 -29.63 88.59
N PRO C 219 -31.82 -30.33 87.53
CA PRO C 219 -30.42 -30.42 87.12
C PRO C 219 -29.95 -29.10 86.53
N ASP C 220 -28.64 -28.90 86.47
CA ASP C 220 -28.07 -27.64 85.97
C ASP C 220 -28.03 -27.37 84.47
N SER C 221 -29.03 -27.86 83.75
CA SER C 221 -29.09 -27.68 82.30
C SER C 221 -28.63 -26.28 81.83
N GLY C 222 -28.09 -26.24 80.62
CA GLY C 222 -27.65 -24.99 80.03
C GLY C 222 -28.92 -24.35 79.53
N HIS C 223 -28.86 -23.11 79.04
CA HIS C 223 -30.08 -22.47 78.60
C HIS C 223 -29.94 -21.59 77.37
N LEU C 224 -31.00 -21.55 76.56
CA LEU C 224 -31.02 -20.72 75.36
C LEU C 224 -32.04 -19.62 75.57
N HIS C 225 -31.67 -18.40 75.25
CA HIS C 225 -32.55 -17.25 75.45
C HIS C 225 -33.89 -17.30 74.70
N PRO C 226 -35.00 -17.15 75.42
CA PRO C 226 -36.37 -17.18 74.90
C PRO C 226 -36.60 -16.46 73.57
N LEU C 227 -36.07 -15.26 73.44
CA LEU C 227 -36.26 -14.48 72.23
C LEU C 227 -35.60 -15.18 71.05
N LEU C 228 -34.43 -15.76 71.29
CA LEU C 228 -33.71 -16.46 70.24
C LEU C 228 -34.29 -17.83 69.96
N LYS C 229 -34.92 -18.42 70.97
CA LYS C 229 -35.56 -19.70 70.82
C LYS C 229 -36.67 -19.44 69.83
N VAL C 230 -37.23 -18.25 69.88
CA VAL C 230 -38.29 -17.88 68.96
C VAL C 230 -37.65 -17.55 67.62
N ARG C 231 -36.55 -16.79 67.62
CA ARG C 231 -35.90 -16.45 66.36
C ARG C 231 -35.68 -17.73 65.60
N SER C 232 -35.21 -18.75 66.31
CA SER C 232 -34.99 -20.06 65.69
C SER C 232 -36.23 -20.55 64.99
N GLN C 233 -37.36 -20.62 65.72
CA GLN C 233 -38.61 -21.09 65.13
C GLN C 233 -38.99 -20.29 63.86
N PHE C 234 -38.79 -18.97 63.87
CA PHE C 234 -39.13 -18.20 62.68
C PHE C 234 -38.22 -18.63 61.55
N ARG C 235 -36.92 -18.61 61.81
CA ARG C 235 -35.92 -19.00 60.84
C ARG C 235 -36.34 -20.28 60.15
N GLN C 236 -36.85 -21.23 60.94
CA GLN C 236 -37.29 -22.52 60.42
C GLN C 236 -38.50 -22.35 59.50
N ILE C 237 -39.54 -21.64 59.97
CA ILE C 237 -40.75 -21.41 59.17
C ILE C 237 -40.33 -20.92 57.78
N PHE C 238 -39.41 -19.97 57.74
CA PHE C 238 -38.93 -19.45 56.46
C PHE C 238 -38.28 -20.53 55.61
N LEU C 239 -37.45 -21.36 56.21
CA LEU C 239 -36.81 -22.40 55.43
C LEU C 239 -37.83 -23.38 54.94
N GLU C 240 -38.79 -23.75 55.76
CA GLU C 240 -39.80 -24.71 55.33
C GLU C 240 -40.64 -24.14 54.20
N MET C 241 -40.67 -22.82 54.09
CA MET C 241 -41.42 -22.18 53.04
C MET C 241 -40.53 -21.84 51.86
N GLY C 242 -39.43 -22.57 51.70
CA GLY C 242 -38.53 -22.35 50.59
C GLY C 242 -37.73 -21.06 50.53
N PHE C 243 -37.67 -20.29 51.62
CA PHE C 243 -36.91 -19.04 51.60
C PHE C 243 -35.43 -19.20 51.95
N THR C 244 -34.57 -18.50 51.23
CA THR C 244 -33.14 -18.53 51.50
C THR C 244 -32.80 -17.40 52.45
N GLU C 245 -31.86 -17.65 53.35
CA GLU C 245 -31.45 -16.66 54.34
C GLU C 245 -30.41 -15.69 53.83
N MET C 246 -30.77 -14.41 53.72
CA MET C 246 -29.84 -13.39 53.24
C MET C 246 -29.04 -12.85 54.42
N PRO C 247 -27.75 -12.55 54.20
CA PRO C 247 -26.82 -12.02 55.21
C PRO C 247 -27.17 -10.63 55.71
N THR C 248 -26.78 -10.33 56.95
CA THR C 248 -27.08 -9.00 57.48
C THR C 248 -25.91 -8.43 58.29
N ASP C 249 -24.71 -8.92 58.03
CA ASP C 249 -23.50 -8.46 58.72
C ASP C 249 -23.15 -6.99 58.46
N ASN C 250 -23.92 -6.08 59.05
CA ASN C 250 -23.69 -4.65 58.85
C ASN C 250 -24.60 -3.79 59.71
N PHE C 251 -24.26 -3.61 60.98
CA PHE C 251 -25.10 -2.79 61.82
C PHE C 251 -25.07 -1.36 61.32
N ILE C 252 -24.03 -1.03 60.57
CA ILE C 252 -23.85 0.32 60.05
C ILE C 252 -24.12 0.39 58.56
N GLU C 253 -25.18 1.10 58.20
CA GLU C 253 -25.55 1.24 56.79
C GLU C 253 -25.43 2.68 56.33
N SER C 254 -25.06 2.86 55.06
CA SER C 254 -24.98 4.21 54.53
C SER C 254 -26.41 4.67 54.25
N SER C 255 -26.68 5.95 54.48
CA SER C 255 -28.01 6.50 54.27
C SER C 255 -28.56 6.11 52.89
N PHE C 256 -27.69 6.06 51.88
CA PHE C 256 -28.12 5.68 50.53
C PHE C 256 -28.91 4.39 50.51
N TRP C 257 -28.28 3.31 50.96
CA TRP C 257 -28.94 2.02 50.98
C TRP C 257 -30.14 1.96 51.90
N ASN C 258 -30.02 2.58 53.07
CA ASN C 258 -31.12 2.52 54.01
C ASN C 258 -32.37 3.29 53.61
N PHE C 259 -32.22 4.48 53.04
CA PHE C 259 -33.39 5.27 52.66
C PHE C 259 -33.54 5.51 51.16
N ASP C 260 -32.58 6.22 50.56
CA ASP C 260 -32.63 6.52 49.13
C ASP C 260 -32.89 5.30 48.25
N ALA C 261 -32.09 4.25 48.44
CA ALA C 261 -32.23 3.03 47.65
C ALA C 261 -33.68 2.51 47.63
N LEU C 262 -34.38 2.71 48.73
CA LEU C 262 -35.76 2.27 48.87
C LEU C 262 -36.76 3.35 48.47
N PHE C 263 -36.34 4.26 47.59
CA PHE C 263 -37.20 5.34 47.12
C PHE C 263 -37.94 6.09 48.26
N GLN C 264 -37.28 6.17 49.41
CA GLN C 264 -37.80 6.89 50.57
C GLN C 264 -37.11 8.24 50.53
N PRO C 265 -37.82 9.25 50.00
CA PRO C 265 -37.34 10.64 49.85
C PRO C 265 -36.35 11.08 50.90
N GLN C 266 -35.46 11.98 50.49
CA GLN C 266 -34.42 12.52 51.38
C GLN C 266 -34.95 13.38 52.52
N GLN C 267 -35.94 14.22 52.22
CA GLN C 267 -36.50 15.11 53.22
C GLN C 267 -37.57 14.38 54.06
N HIS C 268 -37.51 13.06 54.02
CA HIS C 268 -38.46 12.26 54.78
C HIS C 268 -38.16 12.51 56.25
N PRO C 269 -39.21 12.52 57.08
CA PRO C 269 -38.99 12.75 58.52
C PRO C 269 -38.17 11.66 59.18
N ALA C 270 -38.46 10.41 58.84
CA ALA C 270 -37.78 9.23 59.39
C ALA C 270 -36.25 9.28 59.43
N ARG C 271 -35.64 10.17 58.65
CA ARG C 271 -34.20 10.29 58.65
C ARG C 271 -33.84 11.62 59.31
N ASP C 272 -34.40 11.80 60.50
CA ASP C 272 -34.21 12.96 61.35
C ASP C 272 -33.41 12.50 62.56
N GLN C 273 -32.67 13.42 63.19
CA GLN C 273 -31.85 13.10 64.36
C GLN C 273 -32.67 12.46 65.49
N HIS C 274 -33.94 12.82 65.58
CA HIS C 274 -34.83 12.29 66.61
C HIS C 274 -35.27 10.86 66.31
N ASP C 275 -35.33 10.53 65.02
CA ASP C 275 -35.77 9.20 64.57
C ASP C 275 -34.66 8.14 64.39
N THR C 276 -33.56 8.53 63.76
CA THR C 276 -32.45 7.62 63.48
C THR C 276 -31.10 7.98 64.08
N PHE C 277 -30.41 7.00 64.67
CA PHE C 277 -29.08 7.25 65.22
C PHE C 277 -28.10 7.44 64.07
N PHE C 278 -27.56 8.63 63.88
CA PHE C 278 -26.57 8.81 62.81
C PHE C 278 -25.17 8.56 63.36
N LEU C 279 -24.15 8.53 62.52
CA LEU C 279 -22.81 8.26 63.03
C LEU C 279 -21.93 9.49 63.16
N ARG C 280 -21.06 9.45 64.17
CA ARG C 280 -20.12 10.55 64.41
C ARG C 280 -18.78 10.24 63.80
N ASP C 281 -18.38 8.96 63.82
CA ASP C 281 -17.09 8.61 63.26
C ASP C 281 -17.13 8.23 61.78
N PRO C 282 -17.46 6.97 61.43
CA PRO C 282 -17.45 6.76 59.98
C PRO C 282 -18.70 7.44 59.44
N ALA C 283 -18.78 8.76 59.63
CA ALA C 283 -19.92 9.55 59.20
C ALA C 283 -20.11 9.63 57.70
N GLU C 284 -19.08 9.26 56.94
CA GLU C 284 -19.17 9.29 55.49
C GLU C 284 -18.81 7.93 54.89
N ALA C 285 -19.73 7.39 54.10
CA ALA C 285 -19.51 6.10 53.45
C ALA C 285 -18.27 6.21 52.59
N LEU C 286 -17.38 5.23 52.73
CA LEU C 286 -16.15 5.21 51.94
C LEU C 286 -16.36 4.72 50.52
N GLN C 287 -17.59 4.43 50.12
CA GLN C 287 -17.82 3.92 48.76
C GLN C 287 -19.28 3.56 48.53
N LEU C 288 -19.68 3.54 47.26
CA LEU C 288 -21.04 3.16 46.85
C LEU C 288 -21.23 3.17 45.34
N PRO C 289 -22.12 2.30 44.84
CA PRO C 289 -22.51 2.10 43.44
C PRO C 289 -22.92 3.35 42.67
N MET C 290 -21.97 4.24 42.43
CA MET C 290 -22.24 5.48 41.73
C MET C 290 -23.16 5.37 40.52
N ASP C 291 -23.03 4.30 39.75
CA ASP C 291 -23.89 4.13 38.58
C ASP C 291 -25.33 4.02 39.09
N TYR C 292 -25.56 3.02 39.95
CA TYR C 292 -26.88 2.79 40.53
C TYR C 292 -27.32 4.07 41.22
N VAL C 293 -26.42 4.66 41.99
CA VAL C 293 -26.71 5.92 42.69
C VAL C 293 -27.18 7.01 41.72
N GLN C 294 -26.55 7.07 40.55
CA GLN C 294 -26.90 8.06 39.55
C GLN C 294 -28.34 7.82 39.13
N ARG C 295 -28.68 6.57 38.79
CA ARG C 295 -30.03 6.23 38.36
C ARG C 295 -31.04 6.55 39.46
N VAL C 296 -30.61 6.46 40.71
CA VAL C 296 -31.49 6.76 41.84
C VAL C 296 -31.68 8.27 41.87
N LYS C 297 -30.57 8.99 42.05
CA LYS C 297 -30.57 10.46 42.09
C LYS C 297 -31.53 10.96 41.03
N ARG C 298 -31.40 10.43 39.82
CA ARG C 298 -32.22 10.79 38.69
C ARG C 298 -33.71 10.64 38.99
N THR C 299 -34.19 9.40 38.85
CA THR C 299 -35.59 9.07 39.08
C THR C 299 -36.13 9.65 40.38
N HIS C 300 -35.24 9.87 41.34
CA HIS C 300 -35.64 10.43 42.62
C HIS C 300 -36.11 11.87 42.50
N SER C 301 -35.43 12.64 41.66
CA SER C 301 -35.78 14.06 41.48
C SER C 301 -36.52 14.37 40.18
N GLN C 302 -36.11 13.79 39.08
CA GLN C 302 -36.77 14.07 37.81
C GLN C 302 -37.79 13.02 37.43
N GLY C 303 -37.67 11.82 38.00
CA GLY C 303 -38.61 10.76 37.67
C GLY C 303 -38.09 9.80 36.62
N GLY C 304 -38.98 8.99 36.08
CA GLY C 304 -38.60 8.03 35.06
C GLY C 304 -39.17 6.66 35.38
N TYR C 305 -38.92 5.68 34.52
CA TYR C 305 -39.43 4.34 34.77
C TYR C 305 -40.94 4.39 34.92
N GLY C 306 -41.52 5.51 34.49
CA GLY C 306 -42.96 5.67 34.54
C GLY C 306 -43.46 6.61 35.63
N SER C 307 -42.57 6.94 36.56
CA SER C 307 -42.95 7.82 37.66
C SER C 307 -42.54 9.25 37.44
N GLN C 308 -43.05 10.13 38.29
CA GLN C 308 -42.73 11.53 38.18
C GLN C 308 -41.92 11.98 39.36
N GLY C 309 -41.04 11.10 39.83
CA GLY C 309 -40.19 11.41 40.98
C GLY C 309 -40.84 12.21 42.07
N TYR C 310 -40.02 12.76 42.96
CA TYR C 310 -40.49 13.57 44.07
C TYR C 310 -40.25 15.05 43.74
N LYS C 311 -39.73 15.28 42.53
CA LYS C 311 -39.45 16.62 42.04
C LYS C 311 -38.73 17.49 43.05
N TYR C 312 -37.67 16.97 43.66
CA TYR C 312 -36.89 17.75 44.61
C TYR C 312 -35.42 17.61 44.27
N ASN C 313 -34.53 18.36 44.92
CA ASN C 313 -33.12 18.25 44.59
C ASN C 313 -32.41 17.23 45.47
N TRP C 314 -31.97 16.14 44.84
CA TRP C 314 -31.29 15.06 45.53
C TRP C 314 -29.83 15.39 45.82
N LYS C 315 -29.51 15.57 47.10
CA LYS C 315 -28.14 15.87 47.51
C LYS C 315 -27.39 14.58 47.83
N LEU C 316 -26.27 14.36 47.15
CA LEU C 316 -25.46 13.16 47.36
C LEU C 316 -24.77 13.17 48.73
N ASP C 317 -24.34 14.36 49.18
CA ASP C 317 -23.67 14.48 50.46
C ASP C 317 -24.55 13.92 51.58
N GLU C 318 -25.86 13.95 51.35
CA GLU C 318 -26.82 13.43 52.31
C GLU C 318 -26.76 11.90 52.38
N ALA C 319 -26.92 11.27 51.21
CA ALA C 319 -26.88 9.81 51.12
C ALA C 319 -25.59 9.26 51.68
N ARG C 320 -24.52 10.03 51.61
CA ARG C 320 -23.22 9.60 52.13
C ARG C 320 -23.23 9.41 53.64
N LYS C 321 -24.17 10.07 54.32
CA LYS C 321 -24.27 9.99 55.78
C LYS C 321 -24.48 8.56 56.32
N ASN C 322 -23.54 8.08 57.13
CA ASN C 322 -23.63 6.75 57.72
C ASN C 322 -24.57 6.75 58.93
N LEU C 323 -25.14 5.59 59.24
CA LEU C 323 -26.08 5.49 60.36
C LEU C 323 -26.21 4.06 60.87
N LEU C 324 -27.12 3.86 61.80
CA LEU C 324 -27.35 2.52 62.32
C LEU C 324 -28.62 1.99 61.67
N ARG C 325 -28.46 0.97 60.83
CA ARG C 325 -29.56 0.35 60.12
C ARG C 325 -30.88 0.49 60.89
N THR C 326 -31.84 1.23 60.32
CA THR C 326 -33.11 1.46 60.98
C THR C 326 -34.13 0.36 60.72
N HIS C 327 -33.94 -0.40 59.66
CA HIS C 327 -34.84 -1.50 59.33
C HIS C 327 -34.14 -2.50 58.41
N THR C 328 -34.51 -3.76 58.50
CA THR C 328 -33.90 -4.77 57.66
C THR C 328 -34.20 -4.59 56.18
N THR C 329 -35.17 -3.73 55.85
CA THR C 329 -35.53 -3.51 54.46
C THR C 329 -34.33 -3.10 53.62
N SER C 330 -33.39 -2.39 54.24
CA SER C 330 -32.19 -1.98 53.54
C SER C 330 -31.46 -3.24 53.08
N ALA C 331 -31.37 -4.24 53.95
CA ALA C 331 -30.71 -5.51 53.61
C ALA C 331 -31.32 -6.11 52.37
N SER C 332 -32.64 -6.00 52.23
CA SER C 332 -33.34 -6.52 51.07
C SER C 332 -32.97 -5.71 49.83
N ALA C 333 -32.84 -4.40 50.00
CA ALA C 333 -32.48 -3.54 48.90
C ALA C 333 -31.16 -4.07 48.35
N ARG C 334 -30.20 -4.28 49.25
CA ARG C 334 -28.92 -4.82 48.86
C ARG C 334 -29.16 -6.11 48.08
N ALA C 335 -29.75 -7.09 48.74
CA ALA C 335 -30.05 -8.39 48.16
C ALA C 335 -30.68 -8.29 46.77
N LEU C 336 -31.70 -7.46 46.62
CA LEU C 336 -32.36 -7.30 45.33
C LEU C 336 -31.42 -6.71 44.28
N TYR C 337 -30.67 -5.69 44.67
CA TYR C 337 -29.74 -5.10 43.72
C TYR C 337 -28.79 -6.18 43.22
N ARG C 338 -28.19 -6.91 44.15
CA ARG C 338 -27.29 -7.97 43.75
C ARG C 338 -27.99 -8.86 42.72
N LEU C 339 -29.21 -9.30 43.08
CA LEU C 339 -30.01 -10.18 42.22
C LEU C 339 -30.21 -9.58 40.85
N ALA C 340 -30.43 -8.28 40.80
CA ALA C 340 -30.65 -7.60 39.53
C ALA C 340 -29.46 -7.70 38.58
N GLN C 341 -28.29 -8.03 39.11
CA GLN C 341 -27.10 -8.16 38.28
C GLN C 341 -26.87 -9.56 37.69
N LYS C 342 -27.64 -10.56 38.14
CA LYS C 342 -27.49 -11.93 37.64
C LYS C 342 -27.75 -12.04 36.14
N LYS C 343 -26.84 -12.72 35.41
CA LYS C 343 -26.94 -12.91 33.97
C LYS C 343 -28.42 -12.93 33.60
N PRO C 344 -29.12 -14.08 33.74
CA PRO C 344 -30.55 -14.03 33.39
C PRO C 344 -31.28 -13.91 34.72
N PHE C 345 -32.44 -13.26 34.75
CA PHE C 345 -33.12 -13.15 36.03
C PHE C 345 -33.60 -14.50 36.50
N THR C 346 -33.59 -14.68 37.80
CA THR C 346 -34.03 -15.93 38.38
C THR C 346 -34.83 -15.62 39.64
N PRO C 347 -36.10 -16.07 39.69
CA PRO C 347 -36.99 -15.85 40.83
C PRO C 347 -36.40 -16.35 42.13
N VAL C 348 -36.72 -15.68 43.24
CA VAL C 348 -36.16 -16.08 44.53
C VAL C 348 -37.10 -15.83 45.70
N LYS C 349 -36.65 -16.24 46.87
CA LYS C 349 -37.40 -16.02 48.09
C LYS C 349 -36.34 -15.81 49.18
N TYR C 350 -36.23 -14.57 49.66
CA TYR C 350 -35.25 -14.25 50.70
C TYR C 350 -35.94 -13.92 52.02
N PHE C 351 -35.19 -14.04 53.10
CA PHE C 351 -35.69 -13.74 54.43
C PHE C 351 -34.48 -13.43 55.28
N SER C 352 -34.70 -12.71 56.39
CA SER C 352 -33.62 -12.36 57.28
C SER C 352 -34.15 -11.82 58.60
N ILE C 353 -33.56 -12.27 59.70
CA ILE C 353 -33.99 -11.79 61.00
C ILE C 353 -32.81 -11.13 61.68
N ASP C 354 -32.79 -9.80 61.67
CA ASP C 354 -31.67 -9.07 62.29
C ASP C 354 -32.11 -7.80 63.04
N ARG C 355 -31.34 -7.43 64.06
CA ARG C 355 -31.66 -6.25 64.88
C ARG C 355 -31.47 -4.93 64.18
N VAL C 356 -32.38 -4.00 64.46
CA VAL C 356 -32.35 -2.70 63.86
C VAL C 356 -32.20 -1.68 64.98
N PHE C 357 -31.95 -0.41 64.64
CA PHE C 357 -31.78 0.63 65.65
C PHE C 357 -32.59 1.90 65.35
N ARG C 358 -33.55 2.20 66.23
CA ARG C 358 -34.36 3.40 66.11
C ARG C 358 -34.09 4.27 67.33
N ASN C 359 -33.91 5.57 67.11
CA ASN C 359 -33.59 6.51 68.19
C ASN C 359 -34.70 6.79 69.20
N GLU C 360 -35.92 6.93 68.68
CA GLU C 360 -37.12 7.20 69.46
C GLU C 360 -37.09 6.70 70.90
N THR C 361 -37.39 7.60 71.84
CA THR C 361 -37.46 7.25 73.26
C THR C 361 -38.92 6.81 73.44
N LEU C 362 -39.54 6.54 72.29
CA LEU C 362 -40.94 6.13 72.15
C LEU C 362 -41.63 5.34 73.27
N ASP C 363 -42.96 5.42 73.26
CA ASP C 363 -43.82 4.74 74.22
C ASP C 363 -43.61 3.22 74.08
N ALA C 364 -44.64 2.44 74.43
CA ALA C 364 -44.57 0.98 74.38
C ALA C 364 -43.27 0.50 75.02
N THR C 365 -42.94 -0.76 74.82
CA THR C 365 -41.70 -1.30 75.37
C THR C 365 -40.60 -0.34 74.90
N HIS C 366 -39.94 0.32 75.85
CA HIS C 366 -38.88 1.27 75.54
C HIS C 366 -37.59 0.61 75.07
N LEU C 367 -37.54 0.23 73.79
CA LEU C 367 -36.36 -0.41 73.19
C LEU C 367 -35.87 0.40 72.00
N ALA C 368 -34.65 0.89 72.07
CA ALA C 368 -34.07 1.68 70.98
C ALA C 368 -33.40 0.76 69.97
N GLU C 369 -33.38 -0.54 70.29
CA GLU C 369 -32.83 -1.53 69.39
C GLU C 369 -33.55 -2.87 69.60
N PHE C 370 -34.27 -3.29 68.55
CA PHE C 370 -35.02 -4.52 68.60
C PHE C 370 -34.89 -5.30 67.29
N HIS C 371 -35.21 -6.59 67.35
CA HIS C 371 -35.13 -7.45 66.19
C HIS C 371 -36.31 -7.32 65.29
N GLN C 372 -36.03 -7.44 63.99
CA GLN C 372 -37.05 -7.34 62.95
C GLN C 372 -36.83 -8.44 61.92
N ILE C 373 -37.87 -9.22 61.62
CA ILE C 373 -37.76 -10.27 60.60
C ILE C 373 -38.48 -9.79 59.32
N GLU C 374 -37.88 -10.10 58.18
CA GLU C 374 -38.44 -9.69 56.90
C GLU C 374 -38.36 -10.81 55.84
N GLY C 375 -39.44 -10.95 55.07
CA GLY C 375 -39.48 -11.95 54.03
C GLY C 375 -39.77 -11.26 52.71
N VAL C 376 -39.10 -11.70 51.65
CA VAL C 376 -39.32 -11.11 50.33
C VAL C 376 -39.38 -12.15 49.22
N VAL C 377 -40.31 -11.97 48.29
CA VAL C 377 -40.50 -12.89 47.17
C VAL C 377 -40.42 -12.10 45.87
N ALA C 378 -39.59 -12.56 44.94
CA ALA C 378 -39.43 -11.86 43.67
C ALA C 378 -39.63 -12.81 42.51
N ASP C 379 -40.72 -12.63 41.77
CA ASP C 379 -41.00 -13.48 40.64
C ASP C 379 -41.70 -12.69 39.54
N HIS C 380 -42.28 -13.39 38.58
CA HIS C 380 -42.97 -12.75 37.48
C HIS C 380 -44.45 -12.72 37.75
N GLY C 381 -45.04 -11.53 37.63
CA GLY C 381 -46.47 -11.41 37.84
C GLY C 381 -47.06 -11.79 39.20
N LEU C 382 -46.40 -11.37 40.26
CA LEU C 382 -46.89 -11.61 41.60
C LEU C 382 -47.99 -10.60 41.82
N THR C 383 -49.07 -11.03 42.46
CA THR C 383 -50.20 -10.14 42.73
C THR C 383 -50.38 -9.87 44.22
N LEU C 384 -51.15 -8.85 44.52
CA LEU C 384 -51.42 -8.52 45.90
C LEU C 384 -51.95 -9.79 46.57
N GLY C 385 -52.69 -10.58 45.81
CA GLY C 385 -53.27 -11.80 46.32
C GLY C 385 -52.20 -12.80 46.72
N HIS C 386 -51.09 -12.81 45.98
CA HIS C 386 -50.00 -13.71 46.27
C HIS C 386 -49.43 -13.29 47.61
N LEU C 387 -49.20 -12.00 47.75
CA LEU C 387 -48.67 -11.45 48.99
C LEU C 387 -49.58 -11.99 50.10
N MET C 388 -50.88 -11.87 49.90
CA MET C 388 -51.85 -12.34 50.88
C MET C 388 -51.71 -13.83 51.09
N GLY C 389 -51.68 -14.59 49.99
CA GLY C 389 -51.57 -16.03 50.10
C GLY C 389 -50.37 -16.46 50.90
N VAL C 390 -49.20 -15.89 50.58
CA VAL C 390 -47.98 -16.22 51.29
C VAL C 390 -48.15 -15.87 52.75
N LEU C 391 -48.64 -14.68 53.03
CA LEU C 391 -48.87 -14.26 54.41
C LEU C 391 -49.74 -15.24 55.19
N ARG C 392 -50.80 -15.76 54.55
CA ARG C 392 -51.66 -16.71 55.24
C ARG C 392 -50.87 -17.97 55.59
N GLU C 393 -50.11 -18.47 54.63
CA GLU C 393 -49.34 -19.67 54.88
C GLU C 393 -48.35 -19.42 56.00
N PHE C 394 -47.71 -18.26 55.99
CA PHE C 394 -46.71 -17.92 57.01
C PHE C 394 -47.33 -17.87 58.40
N PHE C 395 -48.35 -17.03 58.58
CA PHE C 395 -48.99 -16.93 59.89
C PHE C 395 -49.71 -18.16 60.36
N THR C 396 -49.80 -19.16 59.51
CA THR C 396 -50.47 -20.39 59.89
C THR C 396 -49.43 -21.25 60.59
N LYS C 397 -48.20 -21.24 60.10
CA LYS C 397 -47.15 -22.04 60.72
C LYS C 397 -46.77 -21.34 62.01
N LEU C 398 -47.49 -20.27 62.31
CA LEU C 398 -47.28 -19.48 63.51
C LEU C 398 -48.51 -19.69 64.37
N GLY C 399 -49.43 -20.48 63.86
CA GLY C 399 -50.66 -20.77 64.55
C GLY C 399 -51.62 -19.59 64.61
N ILE C 400 -52.05 -19.09 63.45
CA ILE C 400 -52.97 -17.96 63.42
C ILE C 400 -53.85 -18.10 62.20
N THR C 401 -55.15 -17.94 62.38
CA THR C 401 -56.06 -18.07 61.25
C THR C 401 -56.97 -16.84 61.09
N GLN C 402 -57.19 -16.13 62.18
CA GLN C 402 -58.01 -14.93 62.11
C GLN C 402 -57.20 -13.89 61.36
N LEU C 403 -57.18 -13.94 60.03
CA LEU C 403 -56.44 -12.95 59.24
C LEU C 403 -57.30 -11.98 58.44
N ARG C 404 -57.06 -10.69 58.64
CA ARG C 404 -57.77 -9.66 57.89
C ARG C 404 -56.78 -8.59 57.46
N PHE C 405 -56.83 -8.23 56.18
CA PHE C 405 -55.90 -7.24 55.65
C PHE C 405 -56.46 -5.83 55.59
N LYS C 406 -55.59 -4.83 55.73
CA LYS C 406 -56.01 -3.44 55.72
C LYS C 406 -55.04 -2.60 54.91
N PRO C 407 -55.56 -1.62 54.15
CA PRO C 407 -54.70 -0.75 53.34
C PRO C 407 -53.77 0.05 54.25
N ALA C 408 -52.60 0.41 53.73
CA ALA C 408 -51.64 1.16 54.52
C ALA C 408 -50.69 1.93 53.64
N TYR C 409 -49.66 2.51 54.26
CA TYR C 409 -48.70 3.28 53.51
C TYR C 409 -47.25 3.03 53.89
N ASN C 410 -46.44 2.81 52.87
CA ASN C 410 -45.00 2.60 53.00
C ASN C 410 -44.44 3.30 51.79
N PRO C 411 -43.45 4.16 51.99
CA PRO C 411 -42.83 4.91 50.91
C PRO C 411 -42.37 4.01 49.78
N TYR C 412 -41.99 2.79 50.12
CA TYR C 412 -41.48 1.84 49.14
C TYR C 412 -42.35 0.68 48.68
N THR C 413 -43.65 0.88 48.54
CA THR C 413 -44.53 -0.21 48.10
C THR C 413 -45.73 0.33 47.31
N GLU C 414 -45.98 -0.22 46.11
CA GLU C 414 -47.10 0.25 45.30
C GLU C 414 -48.27 0.08 46.24
N PRO C 415 -48.86 -1.14 46.35
CA PRO C 415 -49.96 -1.20 47.32
C PRO C 415 -49.24 -1.66 48.58
N SER C 416 -49.80 -1.34 49.73
CA SER C 416 -49.18 -1.75 50.99
C SER C 416 -50.32 -2.16 51.88
N MET C 417 -50.12 -3.20 52.69
CA MET C 417 -51.18 -3.62 53.56
C MET C 417 -50.63 -4.12 54.86
N GLU C 418 -51.40 -3.84 55.90
CA GLU C 418 -51.06 -4.29 57.22
C GLU C 418 -51.99 -5.47 57.36
N VAL C 419 -51.54 -6.51 58.06
CA VAL C 419 -52.37 -7.70 58.25
C VAL C 419 -52.66 -7.88 59.74
N PHE C 420 -53.92 -8.17 60.08
CA PHE C 420 -54.34 -8.35 61.47
C PHE C 420 -54.91 -9.72 61.80
N SER C 421 -55.09 -9.92 63.10
CA SER C 421 -55.61 -11.15 63.65
C SER C 421 -56.47 -10.86 64.89
N TYR C 422 -57.62 -11.54 65.02
CA TYR C 422 -58.51 -11.35 66.18
C TYR C 422 -57.98 -12.13 67.37
N HIS C 423 -57.71 -11.45 68.48
CA HIS C 423 -57.21 -12.15 69.65
C HIS C 423 -58.35 -12.68 70.49
N GLN C 424 -58.22 -13.92 70.93
CA GLN C 424 -59.25 -14.55 71.74
C GLN C 424 -59.33 -13.83 73.09
N GLY C 425 -58.48 -14.23 74.02
CA GLY C 425 -58.45 -13.62 75.33
C GLY C 425 -58.61 -12.12 75.25
N LEU C 426 -57.58 -11.46 74.72
CA LEU C 426 -57.60 -10.00 74.56
C LEU C 426 -58.50 -9.64 73.38
N LYS C 427 -59.78 -9.99 73.48
CA LYS C 427 -60.75 -9.73 72.42
C LYS C 427 -60.61 -8.34 71.80
N LYS C 428 -60.21 -8.34 70.53
CA LYS C 428 -59.99 -7.16 69.68
C LYS C 428 -59.02 -7.57 68.54
N TRP C 429 -59.23 -7.05 67.33
CA TRP C 429 -58.34 -7.39 66.22
C TRP C 429 -57.00 -6.67 66.38
N VAL C 430 -55.96 -7.39 66.79
CA VAL C 430 -54.62 -6.81 66.96
C VAL C 430 -53.87 -6.87 65.62
N GLU C 431 -52.78 -6.14 65.47
CA GLU C 431 -52.06 -6.19 64.20
C GLU C 431 -51.39 -7.55 64.06
N VAL C 432 -50.15 -7.57 63.58
CA VAL C 432 -49.40 -8.82 63.41
C VAL C 432 -48.38 -8.71 62.31
N GLY C 433 -48.49 -7.69 61.46
CA GLY C 433 -47.52 -7.52 60.39
C GLY C 433 -47.85 -6.52 59.30
N ASN C 434 -46.79 -5.88 58.79
CA ASN C 434 -46.91 -4.87 57.74
C ASN C 434 -46.26 -5.44 56.48
N SER C 435 -46.84 -5.16 55.31
CA SER C 435 -46.30 -5.66 54.03
C SER C 435 -46.66 -4.73 52.88
N GLY C 436 -46.10 -5.03 51.72
CA GLY C 436 -46.37 -4.23 50.53
C GLY C 436 -45.87 -4.87 49.25
N VAL C 437 -45.63 -4.05 48.24
CA VAL C 437 -45.14 -4.52 46.94
C VAL C 437 -44.15 -3.54 46.34
N PHE C 438 -42.93 -3.47 46.86
CA PHE C 438 -41.92 -2.56 46.36
C PHE C 438 -42.27 -1.80 45.08
N ARG C 439 -42.18 -0.47 45.15
CA ARG C 439 -42.47 0.39 43.99
C ARG C 439 -41.45 0.17 42.88
N PRO C 440 -41.86 0.35 41.63
CA PRO C 440 -40.91 0.16 40.54
C PRO C 440 -39.83 1.23 40.53
N GLU C 441 -40.12 2.39 41.12
CA GLU C 441 -39.10 3.42 41.17
C GLU C 441 -38.02 3.02 42.15
N MET C 442 -38.22 1.89 42.83
CA MET C 442 -37.22 1.38 43.76
C MET C 442 -36.46 0.28 43.05
N LEU C 443 -37.22 -0.60 42.42
CA LEU C 443 -36.71 -1.76 41.70
C LEU C 443 -36.05 -1.50 40.36
N LEU C 444 -36.80 -0.89 39.44
CA LEU C 444 -36.30 -0.61 38.11
C LEU C 444 -34.92 0.01 38.05
N PRO C 445 -34.63 1.00 38.91
CA PRO C 445 -33.29 1.61 38.87
C PRO C 445 -32.18 0.65 39.31
N MET C 446 -32.53 -0.41 40.03
CA MET C 446 -31.54 -1.39 40.46
C MET C 446 -31.12 -2.21 39.24
N GLY C 447 -32.01 -2.25 38.25
CA GLY C 447 -31.72 -3.00 37.04
C GLY C 447 -32.56 -4.25 36.89
N LEU C 448 -33.54 -4.42 37.76
CA LEU C 448 -34.41 -5.57 37.65
C LEU C 448 -35.29 -5.37 36.42
N PRO C 449 -35.73 -6.47 35.79
CA PRO C 449 -36.58 -6.37 34.61
C PRO C 449 -37.95 -5.83 34.96
N GLU C 450 -38.61 -5.23 33.99
CA GLU C 450 -39.93 -4.68 34.22
C GLU C 450 -40.98 -5.77 34.40
N ASN C 451 -40.72 -6.98 33.90
CA ASN C 451 -41.70 -8.05 34.01
C ASN C 451 -41.62 -8.73 35.37
N VAL C 452 -40.60 -8.37 36.14
CA VAL C 452 -40.43 -8.92 37.48
C VAL C 452 -41.01 -7.97 38.53
N SER C 453 -41.69 -8.53 39.51
CA SER C 453 -42.26 -7.74 40.59
C SER C 453 -41.92 -8.45 41.88
N VAL C 454 -41.64 -7.71 42.93
CA VAL C 454 -41.32 -8.34 44.20
C VAL C 454 -42.20 -7.79 45.32
N ILE C 455 -42.68 -8.72 46.15
CA ILE C 455 -43.55 -8.44 47.28
C ILE C 455 -42.75 -8.77 48.52
N ALA C 456 -43.11 -8.16 49.65
CA ALA C 456 -42.39 -8.41 50.90
C ALA C 456 -43.26 -8.07 52.11
N TRP C 457 -42.86 -8.59 53.27
CA TRP C 457 -43.60 -8.35 54.50
C TRP C 457 -42.64 -8.44 55.67
N GLY C 458 -43.06 -7.91 56.83
CA GLY C 458 -42.20 -7.96 58.00
C GLY C 458 -42.87 -7.70 59.34
N LEU C 459 -42.17 -8.07 60.40
CA LEU C 459 -42.67 -7.87 61.74
C LEU C 459 -41.53 -7.94 62.74
N SER C 460 -41.82 -7.73 64.02
CA SER C 460 -40.77 -7.73 65.03
C SER C 460 -40.77 -9.00 65.84
N LEU C 461 -39.58 -9.49 66.12
CA LEU C 461 -39.38 -10.72 66.88
C LEU C 461 -39.93 -10.55 68.30
N GLU C 462 -39.93 -9.30 68.76
CA GLU C 462 -40.38 -8.93 70.11
C GLU C 462 -41.88 -9.10 70.37
N ARG C 463 -42.70 -8.35 69.62
CA ARG C 463 -44.17 -8.39 69.74
C ARG C 463 -44.74 -9.79 69.97
N PRO C 464 -44.45 -10.74 69.06
CA PRO C 464 -44.95 -12.12 69.18
C PRO C 464 -44.38 -12.89 70.35
N THR C 465 -43.07 -12.75 70.59
CA THR C 465 -42.46 -13.44 71.70
C THR C 465 -43.18 -13.05 72.99
N MET C 466 -43.63 -11.80 73.08
CA MET C 466 -44.36 -11.30 74.25
C MET C 466 -45.70 -12.05 74.46
N ILE C 467 -46.32 -12.44 73.35
CA ILE C 467 -47.60 -13.14 73.42
C ILE C 467 -47.51 -14.66 73.22
N LYS C 468 -46.30 -15.19 73.27
CA LYS C 468 -46.10 -16.61 73.13
C LYS C 468 -45.59 -17.13 74.44
N TYR C 469 -44.56 -16.49 74.99
CA TYR C 469 -44.04 -16.92 76.29
C TYR C 469 -45.02 -16.33 77.28
N GLY C 470 -45.85 -15.43 76.76
CA GLY C 470 -46.85 -14.78 77.57
C GLY C 470 -46.25 -13.73 78.48
N ILE C 471 -46.40 -12.49 78.08
CA ILE C 471 -45.90 -11.37 78.87
C ILE C 471 -46.64 -10.13 78.40
N ASN C 472 -46.23 -8.99 78.94
CA ASN C 472 -46.78 -7.69 78.58
C ASN C 472 -45.59 -6.77 78.33
N ASN C 473 -44.52 -6.89 79.12
CA ASN C 473 -43.35 -6.04 78.88
C ASN C 473 -42.12 -6.89 78.58
N ILE C 474 -41.38 -6.52 77.54
CA ILE C 474 -40.23 -7.32 77.16
C ILE C 474 -38.89 -6.87 77.66
N ARG C 475 -38.80 -5.65 78.15
CA ARG C 475 -37.53 -5.19 78.66
C ARG C 475 -37.22 -6.07 79.87
N GLU C 476 -38.02 -7.12 80.02
CA GLU C 476 -37.91 -8.09 81.12
C GLU C 476 -36.95 -9.24 80.76
N LEU C 477 -36.48 -9.30 79.52
CA LEU C 477 -35.54 -10.33 79.10
C LEU C 477 -34.68 -9.92 77.91
N VAL C 478 -34.90 -8.70 77.44
CA VAL C 478 -34.15 -8.16 76.32
C VAL C 478 -33.18 -7.14 76.87
N GLY C 479 -31.97 -7.57 77.20
CA GLY C 479 -30.99 -6.64 77.73
C GLY C 479 -30.17 -7.25 78.84
N HIS C 480 -29.35 -6.42 79.48
CA HIS C 480 -28.53 -6.88 80.59
C HIS C 480 -29.38 -6.98 81.85
N LYS C 481 -30.48 -6.21 81.86
CA LYS C 481 -31.43 -6.18 82.99
C LYS C 481 -32.31 -7.42 82.99
N VAL C 482 -32.07 -8.33 82.06
CA VAL C 482 -32.84 -9.55 81.95
C VAL C 482 -32.86 -10.37 83.24
N ASN C 483 -34.02 -10.89 83.59
CA ASN C 483 -34.16 -11.69 84.79
C ASN C 483 -33.77 -13.13 84.47
N LEU C 484 -32.49 -13.45 84.56
CA LEU C 484 -32.02 -14.80 84.23
C LEU C 484 -32.91 -15.94 84.73
N GLN C 485 -33.51 -15.81 85.89
CA GLN C 485 -34.34 -16.89 86.40
C GLN C 485 -35.46 -17.21 85.44
N MET C 486 -35.96 -16.19 84.76
CA MET C 486 -37.05 -16.35 83.80
C MET C 486 -36.55 -17.16 82.62
N VAL C 487 -35.27 -16.99 82.28
CA VAL C 487 -34.65 -17.73 81.18
C VAL C 487 -34.50 -19.20 81.54
N TYR C 488 -33.98 -19.47 82.72
CA TYR C 488 -33.80 -20.84 83.18
C TYR C 488 -35.09 -21.63 83.03
N ASP C 489 -36.20 -20.96 83.33
CA ASP C 489 -37.53 -21.58 83.30
C ASP C 489 -38.28 -21.56 81.96
N SER C 490 -37.84 -20.71 81.03
CA SER C 490 -38.49 -20.61 79.72
C SER C 490 -38.55 -21.96 79.08
N PRO C 491 -39.77 -22.42 78.79
CA PRO C 491 -40.10 -23.70 78.18
C PRO C 491 -39.98 -23.70 76.69
N LEU C 492 -40.09 -24.89 76.13
CA LEU C 492 -40.00 -25.07 74.70
C LEU C 492 -41.03 -24.17 74.04
N CYS C 493 -40.64 -23.04 73.47
CA CYS C 493 -41.64 -22.26 72.75
C CYS C 493 -41.36 -22.57 71.31
N ARG C 494 -41.79 -23.78 70.98
CA ARG C 494 -41.67 -24.40 69.68
C ARG C 494 -42.99 -25.19 69.53
N LEU C 495 -43.11 -26.35 70.19
CA LEU C 495 -44.36 -27.12 70.13
C LEU C 495 -45.37 -26.18 70.77
N ASP C 496 -44.89 -25.39 71.73
CA ASP C 496 -45.72 -24.43 72.44
C ASP C 496 -45.48 -23.07 71.74
N ALA C 497 -45.30 -23.11 70.42
CA ALA C 497 -45.07 -21.92 69.58
C ALA C 497 -45.60 -22.10 68.15
N GLU C 498 -46.51 -23.07 68.04
CA GLU C 498 -47.17 -23.45 66.80
C GLU C 498 -48.35 -24.34 67.23
N PRO C 499 -48.08 -25.51 67.82
CA PRO C 499 -49.24 -26.32 68.23
C PRO C 499 -50.04 -25.66 69.36
N ARG C 500 -51.20 -26.25 69.69
CA ARG C 500 -52.11 -25.74 70.72
C ARG C 500 -51.70 -26.06 72.17
N PRO C 501 -51.17 -25.06 72.91
CA PRO C 501 -50.74 -25.23 74.30
C PRO C 501 -51.91 -25.19 75.30
N PRO C 502 -51.78 -25.90 76.44
CA PRO C 502 -52.82 -25.96 77.46
C PRO C 502 -52.71 -24.90 78.57
N PRO C 503 -53.81 -24.18 78.84
CA PRO C 503 -53.83 -23.15 79.88
C PRO C 503 -54.39 -23.70 81.20
N THR C 504 -53.83 -23.24 82.32
CA THR C 504 -54.25 -23.68 83.65
C THR C 504 -55.75 -23.97 83.74
N GLN C 505 -56.10 -24.95 84.58
CA GLN C 505 -57.50 -25.34 84.78
C GLN C 505 -58.35 -24.19 85.25
N GLU C 506 -59.67 -24.40 85.26
CA GLU C 506 -60.59 -23.38 85.72
C GLU C 506 -61.58 -23.96 86.72
N ALA C 507 -61.10 -24.21 87.93
CA ALA C 507 -61.92 -24.76 88.99
C ALA C 507 -62.81 -23.67 89.58
N ALA C 508 -64.06 -24.02 89.86
CA ALA C 508 -65.03 -23.07 90.43
C ALA C 508 -65.59 -23.63 91.73
N MET D 1 -47.86 9.46 61.50
CA MET D 1 -49.31 9.09 61.56
C MET D 1 -50.21 10.29 61.87
N PRO D 2 -50.58 11.09 60.84
CA PRO D 2 -51.44 12.26 61.05
C PRO D 2 -52.81 11.91 61.63
N THR D 3 -53.14 12.55 62.75
CA THR D 3 -54.43 12.31 63.41
C THR D 3 -55.32 13.54 63.20
N VAL D 4 -56.62 13.31 63.02
CA VAL D 4 -57.55 14.40 62.79
C VAL D 4 -58.78 14.31 63.70
N SER D 5 -58.93 15.26 64.61
CA SER D 5 -60.06 15.28 65.53
C SER D 5 -61.24 15.97 64.88
N VAL D 6 -62.43 15.41 65.06
CA VAL D 6 -63.62 16.00 64.47
C VAL D 6 -64.84 15.84 65.37
N LYS D 7 -65.63 16.89 65.46
CA LYS D 7 -66.85 16.84 66.28
C LYS D 7 -67.75 15.78 65.65
N ARG D 8 -67.95 14.68 66.38
CA ARG D 8 -68.77 13.58 65.90
C ARG D 8 -70.08 14.01 65.26
N ASP D 9 -71.00 14.50 66.10
CA ASP D 9 -72.32 14.95 65.65
C ASP D 9 -72.20 15.77 64.36
N LEU D 10 -71.13 16.55 64.27
CA LEU D 10 -70.87 17.39 63.10
C LEU D 10 -70.49 16.51 61.92
N LEU D 11 -69.53 15.63 62.16
CA LEU D 11 -69.05 14.71 61.15
C LEU D 11 -70.24 13.98 60.54
N PHE D 12 -71.05 13.35 61.39
CA PHE D 12 -72.24 12.63 60.94
C PHE D 12 -73.16 13.54 60.13
N GLN D 13 -73.42 14.72 60.67
CA GLN D 13 -74.29 15.67 60.01
C GLN D 13 -73.70 16.02 58.66
N ALA D 14 -72.38 16.21 58.65
CA ALA D 14 -71.66 16.55 57.42
C ALA D 14 -71.90 15.49 56.34
N LEU D 15 -71.82 14.23 56.74
CA LEU D 15 -72.02 13.12 55.82
C LEU D 15 -73.46 13.01 55.37
N GLY D 16 -74.38 12.98 56.34
CA GLY D 16 -75.78 12.86 56.01
C GLY D 16 -76.33 11.54 56.52
N ARG D 17 -75.73 11.08 57.62
CA ARG D 17 -76.11 9.82 58.26
C ARG D 17 -75.62 9.76 59.71
N THR D 18 -76.07 8.74 60.41
CA THR D 18 -75.68 8.52 61.79
C THR D 18 -75.00 7.16 61.83
N TYR D 19 -73.82 7.10 62.44
CA TYR D 19 -73.06 5.84 62.51
C TYR D 19 -72.81 5.27 63.90
N THR D 20 -72.85 3.94 63.99
CA THR D 20 -72.59 3.22 65.23
C THR D 20 -71.10 3.44 65.46
N ASP D 21 -70.62 3.26 66.68
CA ASP D 21 -69.19 3.41 66.92
C ASP D 21 -68.46 2.25 66.24
N GLU D 22 -69.24 1.32 65.69
CA GLU D 22 -68.71 0.17 64.96
C GLU D 22 -68.86 0.49 63.48
N GLU D 23 -70.07 0.87 63.08
CA GLU D 23 -70.36 1.21 61.70
C GLU D 23 -69.29 2.14 61.11
N PHE D 24 -68.85 3.11 61.91
CA PHE D 24 -67.84 4.07 61.45
C PHE D 24 -66.44 3.49 61.57
N ASP D 25 -66.17 2.80 62.68
CA ASP D 25 -64.87 2.19 62.85
C ASP D 25 -64.66 1.28 61.64
N GLU D 26 -65.76 0.75 61.11
CA GLU D 26 -65.73 -0.14 59.94
C GLU D 26 -65.42 0.67 58.68
N LEU D 27 -66.22 1.70 58.44
CA LEU D 27 -66.04 2.58 57.30
C LEU D 27 -64.59 3.04 57.24
N CYS D 28 -64.00 3.34 58.41
CA CYS D 28 -62.59 3.77 58.51
C CYS D 28 -61.68 2.70 57.92
N PHE D 29 -61.80 1.51 58.47
CA PHE D 29 -61.02 0.33 58.06
C PHE D 29 -61.13 0.17 56.54
N GLU D 30 -62.37 0.17 56.07
CA GLU D 30 -62.72 0.02 54.67
C GLU D 30 -62.01 1.02 53.74
N PHE D 31 -61.60 2.15 54.31
CA PHE D 31 -60.97 3.21 53.52
C PHE D 31 -59.51 3.48 53.90
N GLY D 32 -58.90 2.57 54.64
CA GLY D 32 -57.51 2.74 55.02
C GLY D 32 -57.28 3.67 56.21
N LEU D 33 -58.37 4.09 56.84
CA LEU D 33 -58.27 4.96 57.99
C LEU D 33 -58.38 4.13 59.25
N GLU D 34 -58.28 4.79 60.40
CA GLU D 34 -58.37 4.08 61.66
C GLU D 34 -58.95 5.01 62.70
N LEU D 35 -59.98 4.55 63.40
CA LEU D 35 -60.61 5.36 64.43
C LEU D 35 -59.84 5.13 65.73
N ASP D 36 -58.70 5.79 65.83
CA ASP D 36 -57.79 5.68 66.97
C ASP D 36 -58.45 5.69 68.35
N GLU D 37 -59.25 6.72 68.64
CA GLU D 37 -59.93 6.81 69.94
C GLU D 37 -61.12 7.76 69.94
N ILE D 38 -61.96 7.63 70.96
CA ILE D 38 -63.13 8.49 71.10
C ILE D 38 -63.13 9.07 72.51
N THR D 39 -62.75 10.33 72.62
CA THR D 39 -62.71 11.04 73.91
C THR D 39 -62.93 12.52 73.64
N SER D 40 -62.29 13.37 74.45
CA SER D 40 -62.39 14.82 74.29
C SER D 40 -61.34 15.48 75.15
N GLU D 41 -61.31 16.82 75.12
CA GLU D 41 -60.35 17.58 75.92
C GLU D 41 -60.61 17.31 77.40
N LYS D 42 -61.72 16.62 77.66
CA LYS D 42 -62.10 16.25 79.02
C LYS D 42 -61.13 15.15 79.44
N GLU D 43 -60.36 14.67 78.48
CA GLU D 43 -59.37 13.63 78.69
C GLU D 43 -57.97 14.20 78.46
N ILE D 44 -57.90 15.22 77.62
CA ILE D 44 -56.62 15.86 77.29
C ILE D 44 -56.05 16.60 78.50
N ILE D 45 -56.54 17.82 78.74
CA ILE D 45 -56.05 18.63 79.85
C ILE D 45 -56.24 17.85 81.16
N SER D 46 -57.14 16.87 81.14
CA SER D 46 -57.42 16.06 82.30
C SER D 46 -56.55 14.79 82.28
N LYS D 47 -55.23 14.97 82.36
CA LYS D 47 -54.30 13.85 82.36
C LYS D 47 -52.84 14.24 82.52
N GLU D 48 -52.49 15.49 82.18
CA GLU D 48 -51.10 15.96 82.30
C GLU D 48 -50.88 17.34 82.96
N GLN D 49 -51.93 18.17 83.01
CA GLN D 49 -51.84 19.51 83.61
C GLN D 49 -52.81 19.68 84.76
N GLY D 50 -52.33 19.51 85.99
CA GLY D 50 -53.20 19.66 87.15
C GLY D 50 -54.54 19.00 86.90
N ASN D 51 -55.56 19.80 86.60
CA ASN D 51 -56.89 19.30 86.32
C ASN D 51 -57.88 20.45 86.05
N VAL D 52 -57.66 21.13 84.92
CA VAL D 52 -58.53 22.25 84.50
C VAL D 52 -59.80 21.65 83.92
N LYS D 53 -60.79 21.37 84.77
CA LYS D 53 -62.05 20.78 84.30
C LYS D 53 -62.96 21.79 83.59
N ALA D 54 -62.43 22.41 82.53
CA ALA D 54 -63.15 23.40 81.74
C ALA D 54 -63.95 22.79 80.59
N ALA D 55 -65.25 22.58 80.79
CA ALA D 55 -66.11 21.99 79.76
C ALA D 55 -67.39 22.78 79.46
N GLY D 56 -67.36 23.52 78.34
CA GLY D 56 -68.51 24.30 77.90
C GLY D 56 -68.66 24.16 76.40
N ALA D 57 -67.58 23.71 75.76
CA ALA D 57 -67.50 23.49 74.31
C ALA D 57 -66.24 22.65 74.00
N SER D 58 -65.52 22.28 75.06
CA SER D 58 -64.29 21.48 75.00
C SER D 58 -64.58 19.99 75.21
N ASP D 59 -65.17 19.67 76.36
CA ASP D 59 -65.54 18.29 76.68
C ASP D 59 -66.68 17.90 75.75
N VAL D 60 -66.37 17.08 74.75
CA VAL D 60 -67.38 16.65 73.79
C VAL D 60 -67.20 15.19 73.38
N VAL D 61 -67.84 14.82 72.28
CA VAL D 61 -67.74 13.47 71.75
C VAL D 61 -67.18 13.59 70.34
N LEU D 62 -65.85 13.63 70.25
CA LEU D 62 -65.22 13.77 68.96
C LEU D 62 -64.38 12.53 68.63
N TYR D 63 -64.30 12.21 67.34
CA TYR D 63 -63.52 11.07 66.88
C TYR D 63 -62.09 11.49 66.61
N LYS D 64 -61.16 10.64 67.02
CA LYS D 64 -59.74 10.89 66.82
C LYS D 64 -59.39 9.95 65.65
N ILE D 65 -59.47 10.46 64.43
CA ILE D 65 -59.19 9.68 63.23
C ILE D 65 -57.74 9.72 62.74
N ASP D 66 -57.20 8.55 62.42
CA ASP D 66 -55.84 8.45 61.92
C ASP D 66 -55.89 8.39 60.40
N VAL D 67 -55.01 9.16 59.76
CA VAL D 67 -54.97 9.23 58.31
C VAL D 67 -53.55 9.03 57.79
N PRO D 68 -53.42 8.39 56.61
CA PRO D 68 -52.13 8.11 55.95
C PRO D 68 -51.31 9.35 55.60
N ALA D 69 -50.06 9.40 56.06
CA ALA D 69 -49.20 10.57 55.78
C ALA D 69 -48.99 10.77 54.28
N ASN D 70 -49.76 10.02 53.50
CA ASN D 70 -49.69 10.05 52.05
C ASN D 70 -50.76 10.99 51.52
N ARG D 71 -52.01 10.72 51.87
CA ARG D 71 -53.15 11.52 51.44
C ARG D 71 -53.25 12.86 52.20
N TYR D 72 -53.05 13.97 51.50
CA TYR D 72 -53.10 15.29 52.12
C TYR D 72 -54.51 15.86 52.14
N ASP D 73 -55.31 15.40 51.21
CA ASP D 73 -56.68 15.86 51.11
C ASP D 73 -57.54 15.26 52.22
N LEU D 74 -56.89 14.77 53.27
CA LEU D 74 -57.61 14.17 54.38
C LEU D 74 -57.10 14.66 55.74
N LEU D 75 -56.75 15.93 55.82
CA LEU D 75 -56.24 16.48 57.06
C LEU D 75 -57.22 17.39 57.78
N CYS D 76 -58.46 17.42 57.29
CA CYS D 76 -59.50 18.25 57.87
C CYS D 76 -60.82 17.53 57.67
N LEU D 77 -61.85 17.96 58.42
CA LEU D 77 -63.14 17.32 58.28
C LEU D 77 -63.70 17.50 56.88
N GLU D 78 -63.52 18.70 56.33
CA GLU D 78 -64.02 18.96 54.98
C GLU D 78 -63.50 17.92 54.01
N GLY D 79 -62.24 17.54 54.19
CA GLY D 79 -61.61 16.55 53.32
C GLY D 79 -62.06 15.11 53.54
N LEU D 80 -62.05 14.66 54.80
CA LEU D 80 -62.46 13.30 55.13
C LEU D 80 -63.89 13.07 54.67
N VAL D 81 -64.74 14.05 54.89
CA VAL D 81 -66.13 13.94 54.51
C VAL D 81 -66.25 13.87 53.00
N ARG D 82 -65.45 14.68 52.31
CA ARG D 82 -65.50 14.69 50.85
C ARG D 82 -64.99 13.35 50.32
N GLY D 83 -63.87 12.90 50.86
CA GLY D 83 -63.30 11.64 50.43
C GLY D 83 -64.24 10.46 50.64
N LEU D 84 -64.64 10.23 51.88
CA LEU D 84 -65.53 9.12 52.20
C LEU D 84 -66.84 9.20 51.44
N GLN D 85 -67.31 10.42 51.22
CA GLN D 85 -68.56 10.63 50.52
C GLN D 85 -68.50 10.07 49.10
N VAL D 86 -67.41 10.38 48.38
CA VAL D 86 -67.28 9.88 47.02
C VAL D 86 -66.97 8.39 47.00
N PHE D 87 -66.21 7.95 47.99
CA PHE D 87 -65.80 6.55 48.12
C PHE D 87 -67.02 5.64 48.20
N LYS D 88 -68.10 6.13 48.80
CA LYS D 88 -69.33 5.35 48.93
C LYS D 88 -70.36 5.86 47.92
N GLU D 89 -69.85 6.47 46.85
CA GLU D 89 -70.70 7.02 45.80
C GLU D 89 -72.00 7.66 46.28
N ARG D 90 -71.91 8.33 47.43
CA ARG D 90 -73.06 9.02 48.01
C ARG D 90 -73.07 10.45 47.48
N ILE D 91 -72.05 10.80 46.70
CA ILE D 91 -71.92 12.14 46.14
C ILE D 91 -71.00 12.12 44.93
N LYS D 92 -71.24 13.00 43.97
CA LYS D 92 -70.35 13.06 42.81
C LYS D 92 -69.15 13.89 43.26
N ALA D 93 -67.95 13.56 42.79
CA ALA D 93 -66.75 14.30 43.17
C ALA D 93 -66.77 15.68 42.54
N PRO D 94 -66.55 16.73 43.35
CA PRO D 94 -66.54 18.14 42.92
C PRO D 94 -65.35 18.51 42.06
N VAL D 95 -65.54 19.48 41.18
CA VAL D 95 -64.47 19.93 40.31
C VAL D 95 -63.94 21.27 40.79
N TYR D 96 -62.63 21.43 40.80
CA TYR D 96 -62.02 22.68 41.24
C TYR D 96 -61.51 23.50 40.07
N LYS D 97 -62.14 24.64 39.82
CA LYS D 97 -61.76 25.52 38.73
C LYS D 97 -61.29 26.83 39.33
N ARG D 98 -60.23 27.41 38.75
CA ARG D 98 -59.76 28.70 39.23
C ARG D 98 -60.25 29.72 38.23
N VAL D 99 -60.85 30.80 38.74
CA VAL D 99 -61.42 31.84 37.91
C VAL D 99 -60.71 33.19 38.00
N MET D 100 -60.98 34.03 37.00
CA MET D 100 -60.42 35.37 36.95
C MET D 100 -61.38 36.29 37.69
N PRO D 101 -60.83 37.23 38.47
CA PRO D 101 -61.68 38.16 39.22
C PRO D 101 -62.08 39.37 38.38
N ASP D 102 -62.80 40.31 38.99
CA ASP D 102 -63.24 41.51 38.29
C ASP D 102 -62.22 42.62 38.46
N GLY D 103 -61.17 42.57 37.64
CA GLY D 103 -60.13 43.57 37.69
C GLY D 103 -59.14 43.42 38.83
N LYS D 104 -59.64 43.14 40.03
CA LYS D 104 -58.79 42.98 41.21
C LYS D 104 -57.86 41.77 41.08
N ILE D 105 -57.06 41.74 40.01
CA ILE D 105 -56.14 40.64 39.77
C ILE D 105 -54.99 40.70 40.77
N GLN D 106 -55.30 40.51 42.04
CA GLN D 106 -54.30 40.54 43.12
C GLN D 106 -52.98 40.02 42.59
N LYS D 107 -51.88 40.63 43.00
CA LYS D 107 -50.57 40.15 42.56
C LYS D 107 -49.53 40.29 43.65
N LEU D 108 -48.63 39.33 43.68
CA LEU D 108 -47.57 39.29 44.68
C LEU D 108 -46.27 39.22 43.91
N ILE D 109 -45.37 40.16 44.20
CA ILE D 109 -44.08 40.23 43.50
C ILE D 109 -42.91 39.74 44.33
N ILE D 110 -42.11 38.86 43.73
CA ILE D 110 -40.94 38.32 44.39
C ILE D 110 -39.74 39.14 43.93
N THR D 111 -38.79 39.39 44.83
CA THR D 111 -37.62 40.18 44.48
C THR D 111 -36.35 39.34 44.49
N GLU D 112 -35.22 39.99 44.27
CA GLU D 112 -33.91 39.32 44.26
C GLU D 112 -33.44 38.93 45.65
N GLU D 113 -33.65 39.81 46.62
CA GLU D 113 -33.24 39.57 48.01
C GLU D 113 -33.88 38.28 48.53
N THR D 114 -34.79 37.74 47.74
CA THR D 114 -35.53 36.52 48.06
C THR D 114 -34.68 35.26 47.88
N ALA D 115 -34.43 34.92 46.62
CA ALA D 115 -33.65 33.73 46.25
C ALA D 115 -32.32 33.60 46.97
N LYS D 116 -32.38 33.03 48.18
CA LYS D 116 -31.21 32.78 49.04
C LYS D 116 -31.61 32.58 50.50
N ILE D 117 -32.90 32.71 50.78
CA ILE D 117 -33.42 32.51 52.13
C ILE D 117 -34.72 31.69 52.04
N ARG D 118 -35.52 32.01 51.03
CA ARG D 118 -36.80 31.36 50.73
C ARG D 118 -37.05 31.63 49.25
N PRO D 119 -36.18 31.10 48.37
CA PRO D 119 -36.20 31.23 46.92
C PRO D 119 -37.52 31.63 46.26
N PHE D 120 -38.53 30.81 46.42
CA PHE D 120 -39.84 31.07 45.82
C PHE D 120 -41.00 31.04 46.78
N ALA D 121 -42.12 31.57 46.28
CA ALA D 121 -43.35 31.64 47.03
C ALA D 121 -44.49 31.71 46.01
N VAL D 122 -45.69 31.40 46.46
CA VAL D 122 -46.86 31.41 45.59
C VAL D 122 -48.09 31.75 46.41
N ALA D 123 -49.10 32.33 45.77
CA ALA D 123 -50.31 32.70 46.47
C ALA D 123 -51.56 32.64 45.59
N ALA D 124 -52.69 32.98 46.20
CA ALA D 124 -53.99 32.98 45.53
C ALA D 124 -55.06 33.37 46.54
N VAL D 125 -56.24 33.74 46.06
CA VAL D 125 -57.32 34.14 46.95
C VAL D 125 -58.61 33.39 46.67
N LEU D 126 -59.47 33.30 47.68
CA LEU D 126 -60.76 32.65 47.55
C LEU D 126 -61.83 33.61 48.07
N ARG D 127 -62.68 34.04 47.14
CA ARG D 127 -63.74 35.01 47.38
C ARG D 127 -64.97 34.62 48.18
N ASN D 128 -65.32 35.50 49.12
CA ASN D 128 -66.49 35.37 49.97
C ASN D 128 -66.68 34.02 50.65
N ILE D 129 -65.87 33.73 51.66
CA ILE D 129 -66.03 32.47 52.37
C ILE D 129 -67.03 32.64 53.50
N LYS D 130 -68.00 31.75 53.58
CA LYS D 130 -68.98 31.79 54.65
C LYS D 130 -68.39 30.98 55.81
N PHE D 131 -67.59 31.61 56.65
CA PHE D 131 -66.98 30.89 57.78
C PHE D 131 -67.94 30.51 58.91
N THR D 132 -67.42 29.81 59.91
CA THR D 132 -68.22 29.36 61.03
C THR D 132 -67.31 29.08 62.22
N LYS D 133 -67.90 29.02 63.41
CA LYS D 133 -67.16 28.74 64.63
C LYS D 133 -66.23 27.57 64.29
N ASP D 134 -66.83 26.48 63.82
CA ASP D 134 -66.12 25.26 63.46
C ASP D 134 -65.31 25.42 62.17
N ARG D 135 -65.99 25.78 61.09
CA ARG D 135 -65.32 25.94 59.81
C ARG D 135 -64.03 26.73 59.98
N TYR D 136 -64.06 27.73 60.84
CA TYR D 136 -62.88 28.53 61.10
C TYR D 136 -61.79 27.66 61.71
N ASP D 137 -62.06 27.13 62.89
CA ASP D 137 -61.10 26.27 63.58
C ASP D 137 -60.57 25.17 62.67
N SER D 138 -61.43 24.62 61.83
CA SER D 138 -61.02 23.58 60.91
C SER D 138 -60.00 24.18 59.94
N PHE D 139 -60.30 25.37 59.42
CA PHE D 139 -59.42 26.06 58.48
C PHE D 139 -58.08 26.35 59.13
N ILE D 140 -58.09 26.69 60.41
CA ILE D 140 -56.84 26.98 61.11
C ILE D 140 -56.11 25.68 61.41
N GLU D 141 -56.87 24.67 61.82
CA GLU D 141 -56.30 23.37 62.14
C GLU D 141 -55.53 22.80 60.96
N LEU D 142 -56.20 22.68 59.82
CA LEU D 142 -55.59 22.16 58.59
C LEU D 142 -54.25 22.86 58.34
N GLN D 143 -54.27 24.17 58.53
CA GLN D 143 -53.08 25.00 58.34
C GLN D 143 -51.95 24.48 59.21
N GLU D 144 -52.24 24.25 60.49
CA GLU D 144 -51.25 23.73 61.42
C GLU D 144 -50.90 22.31 61.04
N LYS D 145 -51.94 21.51 60.77
CA LYS D 145 -51.76 20.12 60.40
C LYS D 145 -50.72 19.92 59.31
N LEU D 146 -50.92 20.54 58.15
CA LEU D 146 -49.96 20.37 57.06
C LEU D 146 -48.72 21.25 57.17
N HIS D 147 -48.60 21.95 58.29
CA HIS D 147 -47.44 22.81 58.50
C HIS D 147 -46.35 21.91 59.06
N GLN D 148 -46.46 21.64 60.36
CA GLN D 148 -45.50 20.80 61.06
C GLN D 148 -45.67 19.35 60.66
N ASN D 149 -45.84 19.11 59.37
CA ASN D 149 -46.01 17.76 58.87
C ASN D 149 -45.44 17.65 57.46
N ILE D 150 -46.26 17.94 56.46
CA ILE D 150 -45.83 17.87 55.07
C ILE D 150 -44.83 18.98 54.70
N CYS D 151 -44.79 20.04 55.49
CA CYS D 151 -43.88 21.16 55.26
C CYS D 151 -42.62 21.01 56.11
N ARG D 152 -42.63 19.99 56.98
CA ARG D 152 -41.53 19.73 57.91
C ARG D 152 -41.36 20.97 58.78
N LYS D 153 -42.35 21.21 59.64
CA LYS D 153 -42.34 22.36 60.52
C LYS D 153 -41.96 23.66 59.80
N ARG D 154 -42.67 23.94 58.72
CA ARG D 154 -42.48 25.15 57.92
C ARG D 154 -41.13 25.27 57.25
N ALA D 155 -40.20 24.39 57.62
CA ALA D 155 -38.87 24.41 57.05
C ALA D 155 -38.87 24.64 55.53
N LEU D 156 -39.62 23.82 54.80
CA LEU D 156 -39.66 23.95 53.35
C LEU D 156 -40.74 24.92 52.90
N VAL D 157 -41.96 24.69 53.37
CA VAL D 157 -43.08 25.54 53.00
C VAL D 157 -43.74 26.17 54.22
N ALA D 158 -44.15 27.43 54.05
CA ALA D 158 -44.83 28.18 55.09
C ALA D 158 -46.05 28.85 54.47
N ILE D 159 -47.21 28.66 55.10
CA ILE D 159 -48.46 29.22 54.60
C ILE D 159 -49.02 30.35 55.46
N GLY D 160 -49.48 31.39 54.78
CA GLY D 160 -50.05 32.54 55.47
C GLY D 160 -51.38 32.91 54.86
N THR D 161 -52.42 32.99 55.70
CA THR D 161 -53.75 33.35 55.25
C THR D 161 -54.06 34.76 55.76
N HIS D 162 -54.49 35.63 54.85
CA HIS D 162 -54.78 37.00 55.23
C HIS D 162 -56.18 37.47 54.89
N ASP D 163 -56.67 38.43 55.67
CA ASP D 163 -57.99 39.00 55.46
C ASP D 163 -57.83 40.15 54.47
N LEU D 164 -57.94 39.82 53.19
CA LEU D 164 -57.78 40.77 52.08
C LEU D 164 -58.52 42.11 52.21
N ASP D 165 -59.53 42.17 53.08
CA ASP D 165 -60.28 43.40 53.26
C ASP D 165 -59.53 44.40 54.14
N THR D 166 -58.43 43.95 54.74
CA THR D 166 -57.63 44.79 55.63
C THR D 166 -56.24 45.13 55.08
N LEU D 167 -56.18 45.45 53.78
CA LEU D 167 -54.96 45.81 53.08
C LEU D 167 -55.26 45.79 51.59
N SER D 168 -54.44 46.45 50.79
CA SER D 168 -54.70 46.45 49.35
C SER D 168 -53.48 46.81 48.50
N GLY D 169 -53.69 46.82 47.18
CA GLY D 169 -52.62 47.13 46.26
C GLY D 169 -51.58 46.03 46.19
N PRO D 170 -50.92 45.83 45.04
CA PRO D 170 -49.89 44.81 44.83
C PRO D 170 -48.99 44.52 46.04
N PHE D 171 -48.81 43.23 46.36
CA PHE D 171 -47.98 42.83 47.50
C PHE D 171 -46.56 42.51 47.07
N THR D 172 -45.63 42.61 48.00
CA THR D 172 -44.22 42.35 47.69
C THR D 172 -43.58 41.34 48.63
N TYR D 173 -42.83 40.41 48.04
CA TYR D 173 -42.13 39.40 48.82
C TYR D 173 -40.64 39.69 48.67
N THR D 174 -39.98 39.94 49.80
CA THR D 174 -38.55 40.23 49.79
C THR D 174 -37.89 40.02 51.14
N ALA D 175 -36.61 40.40 51.24
CA ALA D 175 -35.86 40.24 52.48
C ALA D 175 -34.95 41.43 52.79
N LYS D 176 -35.08 41.95 54.02
CA LYS D 176 -34.29 43.09 54.48
C LYS D 176 -33.56 42.70 55.76
N ARG D 177 -32.65 43.55 56.23
CA ARG D 177 -31.90 43.27 57.46
C ARG D 177 -32.87 43.06 58.61
N PRO D 178 -32.54 42.17 59.57
CA PRO D 178 -33.44 41.94 60.71
C PRO D 178 -33.88 43.24 61.36
N SER D 179 -32.91 44.00 61.88
CA SER D 179 -33.20 45.27 62.50
C SER D 179 -33.49 46.31 61.43
N ASP D 180 -34.55 46.08 60.66
CA ASP D 180 -34.94 46.98 59.59
C ASP D 180 -36.42 46.82 59.22
N ILE D 181 -37.22 46.36 60.18
CA ILE D 181 -38.66 46.19 59.96
C ILE D 181 -39.51 46.20 61.24
N LYS D 182 -40.32 47.25 61.39
CA LYS D 182 -41.22 47.40 62.54
C LYS D 182 -42.38 46.47 62.20
N PHE D 183 -43.08 45.99 63.22
CA PHE D 183 -44.15 45.04 62.97
C PHE D 183 -45.11 44.89 64.15
N LYS D 184 -46.37 44.54 63.86
CA LYS D 184 -47.38 44.34 64.90
C LYS D 184 -47.86 42.89 64.74
N PRO D 185 -47.06 41.92 65.23
CA PRO D 185 -47.31 40.48 65.18
C PRO D 185 -48.58 39.96 65.86
N LEU D 186 -49.10 38.85 65.35
CA LEU D 186 -50.33 38.21 65.85
C LEU D 186 -50.70 38.51 67.30
N ASN D 187 -50.15 37.74 68.23
CA ASN D 187 -50.45 37.93 69.64
C ASN D 187 -49.37 38.71 70.41
N LYS D 188 -49.12 39.93 69.98
CA LYS D 188 -48.12 40.76 70.65
C LYS D 188 -48.68 42.15 70.93
N THR D 189 -48.52 42.59 72.17
CA THR D 189 -49.00 43.88 72.64
C THR D 189 -48.60 45.09 71.78
N LYS D 190 -47.31 45.41 71.73
CA LYS D 190 -46.81 46.56 70.96
C LYS D 190 -46.52 46.30 69.48
N GLU D 191 -45.41 46.86 69.03
CA GLU D 191 -44.93 46.75 67.65
C GLU D 191 -43.40 46.64 67.71
N TYR D 192 -42.87 45.48 67.36
CA TYR D 192 -41.42 45.26 67.44
C TYR D 192 -40.67 45.16 66.10
N THR D 193 -39.37 44.89 66.19
CA THR D 193 -38.51 44.74 65.02
C THR D 193 -38.23 43.28 64.78
N ALA D 194 -37.78 42.94 63.58
CA ALA D 194 -37.45 41.56 63.28
C ALA D 194 -36.31 41.17 64.21
N CYS D 195 -35.23 41.95 64.16
CA CYS D 195 -34.05 41.71 64.99
C CYS D 195 -34.46 41.65 66.47
N GLU D 196 -35.64 42.17 66.77
CA GLU D 196 -36.13 42.20 68.15
C GLU D 196 -37.03 41.01 68.52
N LEU D 197 -37.89 40.60 67.59
CA LEU D 197 -38.78 39.47 67.85
C LEU D 197 -38.01 38.16 68.03
N MET D 198 -37.06 37.92 67.12
CA MET D 198 -36.23 36.70 67.13
C MET D 198 -35.85 36.20 68.53
N ASN D 199 -35.31 37.09 69.36
CA ASN D 199 -34.89 36.73 70.70
C ASN D 199 -36.01 36.77 71.75
N ILE D 200 -37.05 37.57 71.48
CA ILE D 200 -38.16 37.67 72.41
C ILE D 200 -39.02 36.41 72.24
N TYR D 201 -38.71 35.65 71.21
CA TYR D 201 -39.42 34.41 70.89
C TYR D 201 -38.66 33.18 71.36
N LYS D 202 -37.34 33.30 71.58
CA LYS D 202 -36.53 32.18 72.05
C LYS D 202 -37.16 31.61 73.33
N THR D 203 -38.17 32.31 73.84
CA THR D 203 -38.85 31.92 75.07
C THR D 203 -40.29 31.46 74.80
N ASP D 204 -40.76 31.65 73.57
CA ASP D 204 -42.11 31.26 73.16
C ASP D 204 -42.21 29.74 72.95
N ASN D 205 -42.82 29.04 73.89
CA ASN D 205 -42.97 27.58 73.81
C ASN D 205 -43.32 27.02 72.43
N HIS D 206 -44.20 27.72 71.71
CA HIS D 206 -44.63 27.28 70.40
C HIS D 206 -43.61 27.57 69.28
N LEU D 207 -43.31 28.84 69.06
CA LEU D 207 -42.36 29.23 68.00
C LEU D 207 -40.88 29.00 68.35
N LYS D 208 -40.61 28.65 69.62
CA LYS D 208 -39.24 28.39 70.10
C LYS D 208 -38.44 27.57 69.10
N HIS D 209 -39.14 26.76 68.31
CA HIS D 209 -38.53 25.88 67.33
C HIS D 209 -38.33 26.54 65.98
N TYR D 210 -39.43 26.76 65.27
CA TYR D 210 -39.44 27.34 63.94
C TYR D 210 -38.36 28.39 63.62
N LEU D 211 -38.25 29.42 64.47
CA LEU D 211 -37.30 30.51 64.24
C LEU D 211 -35.88 30.15 63.84
N HIS D 212 -34.97 30.13 64.81
CA HIS D 212 -33.58 29.82 64.51
C HIS D 212 -33.41 28.59 63.62
N ILE D 213 -34.26 27.58 63.78
CA ILE D 213 -34.16 26.39 62.97
C ILE D 213 -34.27 26.72 61.47
N ILE D 214 -34.57 27.98 61.16
CA ILE D 214 -34.70 28.39 59.75
C ILE D 214 -34.05 29.74 59.41
N GLU D 215 -34.02 30.67 60.36
CA GLU D 215 -33.44 31.98 60.10
C GLU D 215 -32.39 32.51 61.07
N ASN D 216 -31.42 33.21 60.49
CA ASN D 216 -30.30 33.82 61.19
C ASN D 216 -29.32 34.15 60.07
N LYS D 217 -29.90 34.46 58.91
CA LYS D 217 -29.16 34.81 57.71
C LYS D 217 -29.08 36.33 57.59
N PRO D 218 -28.41 36.85 56.55
CA PRO D 218 -28.29 38.30 56.35
C PRO D 218 -29.59 39.03 56.01
N LEU D 219 -30.61 38.27 55.64
CA LEU D 219 -31.89 38.85 55.29
C LEU D 219 -33.03 38.06 55.92
N TYR D 220 -34.21 38.67 55.99
CA TYR D 220 -35.39 38.02 56.54
C TYR D 220 -36.55 38.20 55.58
N PRO D 221 -37.29 37.11 55.31
CA PRO D 221 -38.42 37.24 54.39
C PRO D 221 -39.50 38.14 54.97
N VAL D 222 -40.14 38.92 54.10
CA VAL D 222 -41.20 39.83 54.50
C VAL D 222 -42.14 40.07 53.33
N ILE D 223 -43.39 40.37 53.64
CA ILE D 223 -44.38 40.63 52.61
C ILE D 223 -45.11 41.95 52.87
N TYR D 224 -44.96 42.88 51.93
CA TYR D 224 -45.60 44.19 52.03
C TYR D 224 -46.77 44.29 51.06
N ASP D 225 -47.35 45.49 50.96
CA ASP D 225 -48.45 45.77 50.05
C ASP D 225 -48.39 47.25 49.67
N SER D 226 -49.28 47.68 48.77
CA SER D 226 -49.31 49.07 48.33
C SER D 226 -49.12 50.05 49.50
N ASN D 227 -50.06 50.03 50.45
CA ASN D 227 -50.02 50.90 51.63
C ASN D 227 -48.66 50.89 52.32
N GLY D 228 -47.98 49.75 52.24
CA GLY D 228 -46.69 49.62 52.89
C GLY D 228 -46.87 48.78 54.15
N VAL D 229 -48.07 48.20 54.30
CA VAL D 229 -48.39 47.37 55.46
C VAL D 229 -47.65 46.04 55.37
N VAL D 230 -47.23 45.55 56.53
CA VAL D 230 -46.52 44.30 56.58
C VAL D 230 -47.49 43.12 56.75
N LEU D 231 -47.59 42.30 55.71
CA LEU D 231 -48.46 41.12 55.70
C LEU D 231 -47.96 40.12 56.73
N SER D 232 -46.69 39.77 56.64
CA SER D 232 -46.07 38.82 57.57
C SER D 232 -44.58 38.61 57.30
N MET D 233 -43.94 37.93 58.25
CA MET D 233 -42.52 37.58 58.15
C MET D 233 -42.50 36.07 58.05
N PRO D 234 -42.97 35.54 56.90
CA PRO D 234 -43.12 34.17 56.43
C PRO D 234 -43.02 32.96 57.35
N PRO D 235 -41.81 32.59 57.80
CA PRO D 235 -41.72 31.41 58.67
C PRO D 235 -42.11 31.57 60.12
N ILE D 236 -41.87 32.75 60.68
CA ILE D 236 -42.16 32.96 62.10
C ILE D 236 -43.58 33.40 62.45
N ILE D 237 -43.97 34.63 62.11
CA ILE D 237 -45.33 35.08 62.40
C ILE D 237 -45.92 36.03 61.35
N ASN D 238 -47.24 36.05 61.32
CA ASN D 238 -47.97 36.88 60.38
C ASN D 238 -48.37 38.21 61.04
N GLY D 239 -48.80 39.18 60.23
CA GLY D 239 -49.19 40.46 60.77
C GLY D 239 -50.56 40.45 61.43
N ASP D 240 -50.66 41.10 62.59
CA ASP D 240 -51.93 41.15 63.30
C ASP D 240 -52.95 42.01 62.55
N HIS D 241 -52.44 42.91 61.69
CA HIS D 241 -53.30 43.79 60.91
C HIS D 241 -54.14 42.98 59.92
N SER D 242 -53.50 42.05 59.22
CA SER D 242 -54.16 41.20 58.23
C SER D 242 -54.66 39.88 58.81
N ARG D 243 -54.77 39.82 60.14
CA ARG D 243 -55.24 38.61 60.80
C ARG D 243 -56.60 38.19 60.24
N ILE D 244 -56.88 36.89 60.31
CA ILE D 244 -58.12 36.33 59.80
C ILE D 244 -59.01 35.79 60.91
N THR D 245 -60.26 36.27 60.96
CA THR D 245 -61.21 35.80 61.97
C THR D 245 -62.54 35.39 61.38
N VAL D 246 -63.28 34.60 62.16
CA VAL D 246 -64.60 34.08 61.82
C VAL D 246 -65.42 34.94 60.84
N ASN D 247 -65.30 36.25 60.98
CA ASN D 247 -66.06 37.16 60.15
C ASN D 247 -65.39 37.56 58.84
N THR D 248 -64.17 37.06 58.58
CA THR D 248 -63.47 37.42 57.35
C THR D 248 -64.29 37.04 56.14
N ARG D 249 -64.26 37.90 55.12
CA ARG D 249 -65.01 37.66 53.91
C ARG D 249 -64.11 37.14 52.80
N ASN D 250 -62.98 37.78 52.61
CA ASN D 250 -62.05 37.38 51.57
C ASN D 250 -60.68 37.04 52.14
N ILE D 251 -60.15 35.89 51.72
CA ILE D 251 -58.85 35.45 52.18
C ILE D 251 -57.80 35.45 51.08
N PHE D 252 -56.64 36.00 51.41
CA PHE D 252 -55.52 36.03 50.50
C PHE D 252 -54.53 35.05 51.09
N ILE D 253 -54.26 33.96 50.38
CA ILE D 253 -53.33 32.95 50.87
C ILE D 253 -52.00 33.02 50.14
N GLU D 254 -50.93 33.05 50.92
CA GLU D 254 -49.58 33.12 50.38
C GLU D 254 -48.75 31.99 50.98
N CYS D 255 -47.86 31.42 50.18
CA CYS D 255 -46.99 30.33 50.63
C CYS D 255 -45.58 30.61 50.14
N THR D 256 -44.64 30.70 51.07
CA THR D 256 -43.26 30.97 50.71
C THR D 256 -42.46 29.75 51.10
N GLY D 257 -41.26 29.61 50.55
CA GLY D 257 -40.45 28.46 50.91
C GLY D 257 -39.29 28.11 50.02
N THR D 258 -38.57 27.05 50.42
CA THR D 258 -37.39 26.56 49.70
C THR D 258 -37.72 25.49 48.66
N ASP D 259 -38.84 24.79 48.86
CA ASP D 259 -39.27 23.74 47.93
C ASP D 259 -40.47 24.18 47.11
N PHE D 260 -40.23 24.57 45.86
CA PHE D 260 -41.28 25.04 44.97
C PHE D 260 -42.52 24.15 44.95
N THR D 261 -42.42 23.03 44.25
CA THR D 261 -43.55 22.11 44.12
C THR D 261 -44.35 21.85 45.40
N LYS D 262 -43.68 21.62 46.52
CA LYS D 262 -44.40 21.37 47.77
C LYS D 262 -45.30 22.55 48.11
N ALA D 263 -44.72 23.75 48.13
CA ALA D 263 -45.51 24.93 48.42
C ALA D 263 -46.68 24.92 47.46
N LYS D 264 -46.37 24.80 46.17
CA LYS D 264 -47.37 24.77 45.12
C LYS D 264 -48.50 23.81 45.48
N ILE D 265 -48.16 22.70 46.13
CA ILE D 265 -49.13 21.70 46.55
C ILE D 265 -49.92 22.12 47.78
N VAL D 266 -49.19 22.58 48.79
CA VAL D 266 -49.80 23.03 50.04
C VAL D 266 -50.90 24.02 49.71
N LEU D 267 -50.61 24.91 48.78
CA LEU D 267 -51.58 25.92 48.37
C LEU D 267 -52.81 25.19 47.86
N ASP D 268 -52.62 24.41 46.81
CA ASP D 268 -53.71 23.65 46.21
C ASP D 268 -54.57 22.94 47.24
N ILE D 269 -53.94 22.28 48.22
CA ILE D 269 -54.69 21.56 49.25
C ILE D 269 -55.60 22.49 50.03
N ILE D 270 -55.02 23.59 50.52
CA ILE D 270 -55.75 24.57 51.30
C ILE D 270 -56.92 25.15 50.53
N VAL D 271 -56.60 25.72 49.38
CA VAL D 271 -57.59 26.36 48.54
C VAL D 271 -58.63 25.41 47.97
N THR D 272 -58.20 24.21 47.59
CA THR D 272 -59.12 23.23 47.02
C THR D 272 -60.03 22.65 48.10
N MET D 273 -59.49 22.61 49.31
CA MET D 273 -60.20 22.07 50.43
C MET D 273 -61.35 22.98 50.85
N PHE D 274 -61.03 24.24 51.14
CA PHE D 274 -62.03 25.20 51.60
C PHE D 274 -62.83 26.01 50.60
N SER D 275 -62.58 25.82 49.31
CA SER D 275 -63.35 26.56 48.33
C SER D 275 -64.77 26.00 48.36
N GLU D 276 -65.01 25.03 49.23
CA GLU D 276 -66.34 24.44 49.36
C GLU D 276 -67.24 25.45 50.07
N TYR D 277 -66.62 26.44 50.69
CA TYR D 277 -67.32 27.47 51.44
C TYR D 277 -67.39 28.83 50.77
N CYS D 278 -66.90 28.94 49.54
CA CYS D 278 -66.94 30.21 48.82
C CYS D 278 -68.33 30.42 48.21
N GLU D 279 -68.72 31.68 48.03
CA GLU D 279 -70.02 31.99 47.45
C GLU D 279 -70.18 31.22 46.14
N ASN D 280 -69.15 31.32 45.30
CA ASN D 280 -69.16 30.62 44.02
C ASN D 280 -68.46 29.28 44.30
N GLN D 281 -69.14 28.43 45.06
CA GLN D 281 -68.60 27.13 45.48
C GLN D 281 -67.61 26.42 44.55
N PHE D 282 -66.52 25.94 45.16
CA PHE D 282 -65.45 25.23 44.48
C PHE D 282 -64.83 26.03 43.36
N THR D 283 -64.43 27.24 43.72
CA THR D 283 -63.80 28.16 42.79
C THR D 283 -62.70 28.87 43.55
N VAL D 284 -61.57 29.08 42.89
CA VAL D 284 -60.47 29.77 43.52
C VAL D 284 -60.13 30.96 42.63
N GLU D 285 -60.02 32.13 43.22
CA GLU D 285 -59.71 33.34 42.45
C GLU D 285 -58.22 33.39 42.14
N ALA D 286 -57.90 33.37 40.86
CA ALA D 286 -56.53 33.40 40.40
C ALA D 286 -55.74 34.50 41.07
N ALA D 287 -54.43 34.39 41.02
CA ALA D 287 -53.54 35.38 41.61
C ALA D 287 -52.28 35.35 40.76
N GLU D 288 -51.70 36.53 40.52
CA GLU D 288 -50.51 36.61 39.70
C GLU D 288 -49.24 36.77 40.53
N VAL D 289 -48.39 35.77 40.50
CA VAL D 289 -47.13 35.84 41.24
C VAL D 289 -46.06 36.20 40.21
N VAL D 290 -45.28 37.24 40.50
CA VAL D 290 -44.23 37.65 39.60
C VAL D 290 -42.88 37.33 40.22
N PHE D 291 -42.08 36.54 39.50
CA PHE D 291 -40.77 36.14 40.01
C PHE D 291 -39.67 37.16 39.77
N PRO D 292 -38.51 36.99 40.45
CA PRO D 292 -37.38 37.91 40.28
C PRO D 292 -37.04 37.89 38.80
N ASN D 293 -37.38 36.76 38.20
CA ASN D 293 -37.19 36.50 36.78
C ASN D 293 -37.86 37.58 35.95
N GLY D 294 -38.90 38.20 36.50
CA GLY D 294 -39.63 39.23 35.79
C GLY D 294 -40.90 38.71 35.14
N LYS D 295 -41.00 37.38 35.05
CA LYS D 295 -42.17 36.74 34.45
C LYS D 295 -43.30 36.62 35.47
N SER D 296 -44.51 36.44 34.95
CA SER D 296 -45.69 36.30 35.79
C SER D 296 -46.43 35.00 35.51
N HIS D 297 -46.62 34.22 36.56
CA HIS D 297 -47.33 32.94 36.45
C HIS D 297 -48.59 33.05 37.31
N THR D 298 -49.66 32.41 36.86
CA THR D 298 -50.92 32.45 37.58
C THR D 298 -51.05 31.30 38.56
N PHE D 299 -51.68 31.56 39.71
CA PHE D 299 -51.86 30.54 40.72
C PHE D 299 -53.24 30.63 41.37
N PRO D 300 -53.67 29.54 42.03
CA PRO D 300 -52.89 28.31 42.14
C PRO D 300 -53.05 27.56 40.84
N GLU D 301 -52.14 26.64 40.54
CA GLU D 301 -52.25 25.89 39.31
C GLU D 301 -52.93 24.57 39.61
N LEU D 302 -54.25 24.61 39.79
CA LEU D 302 -55.01 23.40 40.08
C LEU D 302 -54.74 22.38 38.99
N ALA D 303 -53.61 21.69 39.12
CA ALA D 303 -53.17 20.70 38.15
C ALA D 303 -54.11 19.53 38.00
N TYR D 304 -54.48 19.26 36.75
CA TYR D 304 -55.32 18.13 36.44
C TYR D 304 -54.59 17.26 35.43
N ARG D 305 -53.90 16.22 35.92
CA ARG D 305 -53.12 15.32 35.07
C ARG D 305 -54.02 14.24 34.48
N LYS D 306 -53.71 13.81 33.26
CA LYS D 306 -54.51 12.79 32.62
C LYS D 306 -53.66 11.63 32.09
N GLU D 307 -53.18 10.76 32.96
CA GLU D 307 -52.40 9.62 32.50
C GLU D 307 -53.35 8.49 32.06
N MET D 308 -52.81 7.52 31.33
CA MET D 308 -53.63 6.39 30.87
C MET D 308 -53.00 5.07 31.31
N VAL D 309 -53.85 4.14 31.72
CA VAL D 309 -53.41 2.82 32.21
C VAL D 309 -54.24 1.71 31.56
N ARG D 310 -53.62 0.59 31.20
CA ARG D 310 -54.34 -0.54 30.57
C ARG D 310 -55.12 -1.36 31.67
N ALA D 311 -56.43 -1.72 31.48
CA ALA D 311 -57.29 -2.47 32.47
C ALA D 311 -56.68 -3.80 32.89
N ASP D 312 -56.15 -4.53 31.91
CA ASP D 312 -55.51 -5.79 32.19
C ASP D 312 -54.38 -5.59 33.20
N LEU D 313 -53.70 -4.46 33.13
CA LEU D 313 -52.64 -4.20 34.08
C LEU D 313 -53.17 -4.22 35.51
N ILE D 314 -54.13 -3.36 35.80
CA ILE D 314 -54.72 -3.29 37.13
C ILE D 314 -55.07 -4.68 37.63
N ASN D 315 -55.78 -5.45 36.81
CA ASN D 315 -56.16 -6.82 37.19
C ASN D 315 -54.92 -7.65 37.49
N LYS D 316 -54.03 -7.76 36.50
CA LYS D 316 -52.82 -8.57 36.64
C LYS D 316 -51.94 -8.17 37.80
N LYS D 317 -52.03 -6.91 38.23
CA LYS D 317 -51.23 -6.42 39.35
C LYS D 317 -51.90 -6.59 40.71
N VAL D 318 -53.19 -6.30 40.78
CA VAL D 318 -53.92 -6.45 42.03
C VAL D 318 -54.16 -7.90 42.37
N GLY D 319 -54.58 -8.67 41.38
CA GLY D 319 -54.88 -10.08 41.59
C GLY D 319 -56.38 -10.33 41.51
N ILE D 320 -57.05 -9.53 40.69
CA ILE D 320 -58.50 -9.62 40.49
C ILE D 320 -58.75 -9.59 39.01
N ARG D 321 -59.93 -10.07 38.62
CA ARG D 321 -60.29 -10.11 37.20
C ARG D 321 -61.65 -9.47 36.95
N GLU D 322 -61.72 -8.16 37.21
CA GLU D 322 -62.94 -7.39 37.03
C GLU D 322 -62.88 -6.81 35.62
N THR D 323 -64.05 -6.44 35.07
CA THR D 323 -64.16 -5.87 33.71
C THR D 323 -63.74 -4.40 33.70
N PRO D 324 -63.14 -3.93 32.58
CA PRO D 324 -62.71 -2.53 32.46
C PRO D 324 -63.77 -1.50 32.83
N GLU D 325 -65.02 -1.76 32.48
CA GLU D 325 -66.07 -0.83 32.83
C GLU D 325 -66.15 -0.70 34.36
N ASN D 326 -66.10 -1.84 35.07
CA ASN D 326 -66.20 -1.83 36.53
C ASN D 326 -64.93 -1.31 37.16
N LEU D 327 -63.81 -1.57 36.52
CA LEU D 327 -62.54 -1.11 37.05
C LEU D 327 -62.61 0.41 37.10
N ALA D 328 -63.14 0.99 36.04
CA ALA D 328 -63.27 2.43 35.98
C ALA D 328 -64.10 2.94 37.16
N LYS D 329 -65.22 2.27 37.42
CA LYS D 329 -66.10 2.65 38.52
C LYS D 329 -65.29 2.69 39.81
N LEU D 330 -64.49 1.66 40.03
CA LEU D 330 -63.65 1.57 41.23
C LEU D 330 -62.80 2.82 41.33
N LEU D 331 -61.93 3.01 40.35
CA LEU D 331 -61.04 4.15 40.33
C LEU D 331 -61.74 5.48 40.56
N THR D 332 -62.93 5.64 39.98
CA THR D 332 -63.69 6.88 40.15
C THR D 332 -64.01 7.17 41.63
N ARG D 333 -64.58 6.17 42.31
CA ARG D 333 -64.93 6.29 43.73
C ARG D 333 -63.74 6.75 44.54
N MET D 334 -62.55 6.56 43.98
CA MET D 334 -61.33 6.95 44.65
C MET D 334 -60.85 8.35 44.27
N TYR D 335 -61.71 9.12 43.59
CA TYR D 335 -61.41 10.50 43.12
C TYR D 335 -60.84 10.55 41.73
N LEU D 336 -60.21 9.46 41.29
CA LEU D 336 -59.63 9.37 39.96
C LEU D 336 -60.70 9.07 38.94
N LYS D 337 -61.38 10.11 38.45
CA LYS D 337 -62.45 9.93 37.48
C LYS D 337 -61.94 9.15 36.27
N SER D 338 -62.44 7.94 36.11
CA SER D 338 -62.04 7.08 35.01
C SER D 338 -63.19 6.81 34.06
N GLU D 339 -62.84 6.47 32.83
CA GLU D 339 -63.79 6.17 31.77
C GLU D 339 -63.12 5.21 30.79
N VAL D 340 -63.83 4.15 30.41
CA VAL D 340 -63.29 3.17 29.48
C VAL D 340 -63.19 3.80 28.09
N ILE D 341 -62.15 3.44 27.34
CA ILE D 341 -61.98 4.02 26.01
C ILE D 341 -62.38 3.14 24.81
N GLY D 342 -63.68 3.10 24.54
CA GLY D 342 -64.22 2.35 23.41
C GLY D 342 -63.97 0.85 23.38
N ASP D 343 -62.77 0.43 22.99
CA ASP D 343 -62.41 -0.98 22.89
C ASP D 343 -62.22 -1.68 24.24
N GLY D 344 -63.03 -1.26 25.22
CA GLY D 344 -62.99 -1.82 26.56
C GLY D 344 -61.65 -2.39 27.00
N ASN D 345 -60.56 -1.81 26.51
CA ASN D 345 -59.25 -2.32 26.86
C ASN D 345 -58.53 -1.34 27.79
N GLN D 346 -58.38 -0.10 27.33
CA GLN D 346 -57.69 0.95 28.08
C GLN D 346 -58.67 1.81 28.88
N ILE D 347 -58.22 2.29 30.02
CA ILE D 347 -59.05 3.13 30.86
C ILE D 347 -58.39 4.49 30.96
N GLU D 348 -59.14 5.55 30.69
CA GLU D 348 -58.59 6.90 30.78
C GLU D 348 -58.86 7.41 32.20
N ILE D 349 -57.79 7.76 32.90
CA ILE D 349 -57.93 8.22 34.28
C ILE D 349 -57.61 9.70 34.45
N GLU D 350 -58.46 10.40 35.18
CA GLU D 350 -58.26 11.82 35.42
C GLU D 350 -57.79 12.03 36.85
N ILE D 351 -56.52 12.45 37.00
CA ILE D 351 -55.92 12.69 38.30
C ILE D 351 -56.22 14.10 38.84
N PRO D 352 -57.11 14.20 39.86
CA PRO D 352 -57.47 15.49 40.46
C PRO D 352 -56.29 16.13 41.16
N PRO D 353 -56.30 17.45 41.27
CA PRO D 353 -55.20 18.16 41.93
C PRO D 353 -55.17 17.86 43.44
N THR D 354 -56.25 17.26 43.94
CA THR D 354 -56.33 16.91 45.35
C THR D 354 -55.43 15.71 45.65
N ARG D 355 -55.49 14.67 44.80
CA ARG D 355 -54.65 13.48 44.98
C ARG D 355 -53.31 13.70 44.25
N ALA D 356 -52.39 14.39 44.91
CA ALA D 356 -51.08 14.68 44.34
C ALA D 356 -50.11 13.55 44.62
N ASP D 357 -50.62 12.51 45.27
CA ASP D 357 -49.81 11.34 45.61
C ASP D 357 -49.62 10.41 44.42
N ILE D 358 -50.60 10.41 43.51
CA ILE D 358 -50.53 9.58 42.32
C ILE D 358 -49.35 10.07 41.47
N ILE D 359 -48.23 9.37 41.48
CA ILE D 359 -47.07 9.79 40.70
C ILE D 359 -46.62 8.70 39.73
N HIS D 360 -47.11 7.48 39.94
CA HIS D 360 -46.77 6.36 39.07
C HIS D 360 -47.98 5.51 38.78
N ALA D 361 -47.89 4.74 37.70
CA ALA D 361 -48.97 3.87 37.29
C ALA D 361 -49.43 3.02 38.45
N CYS D 362 -48.47 2.50 39.21
CA CYS D 362 -48.77 1.63 40.35
C CYS D 362 -49.65 2.29 41.40
N ASP D 363 -49.55 3.60 41.55
CA ASP D 363 -50.38 4.30 42.52
C ASP D 363 -51.84 4.19 42.19
N ILE D 364 -52.17 4.01 40.92
CA ILE D 364 -53.56 3.85 40.52
C ILE D 364 -54.01 2.48 41.02
N VAL D 365 -53.14 1.48 40.85
CA VAL D 365 -53.42 0.12 41.29
C VAL D 365 -53.81 0.11 42.77
N GLU D 366 -53.03 0.82 43.59
CA GLU D 366 -53.27 0.96 45.04
C GLU D 366 -54.74 1.34 45.18
N ASP D 367 -55.06 2.57 44.78
CA ASP D 367 -56.42 3.07 44.88
C ASP D 367 -57.43 2.05 44.34
N ALA D 368 -57.14 1.47 43.17
CA ALA D 368 -58.03 0.48 42.58
C ALA D 368 -58.34 -0.64 43.56
N ALA D 369 -57.30 -1.21 44.16
CA ALA D 369 -57.45 -2.29 45.12
C ALA D 369 -58.19 -1.82 46.38
N ILE D 370 -57.82 -0.66 46.89
CA ILE D 370 -58.48 -0.14 48.07
C ILE D 370 -59.98 0.00 47.82
N ALA D 371 -60.33 0.47 46.64
CA ALA D 371 -61.72 0.65 46.28
C ALA D 371 -62.42 -0.69 46.21
N TYR D 372 -61.72 -1.68 45.67
CA TYR D 372 -62.27 -3.01 45.52
C TYR D 372 -62.38 -3.75 46.87
N GLY D 373 -61.65 -3.28 47.87
CA GLY D 373 -61.69 -3.93 49.18
C GLY D 373 -60.73 -5.09 49.23
N TYR D 374 -59.60 -4.88 49.90
CA TYR D 374 -58.58 -5.91 50.01
C TYR D 374 -59.09 -7.30 50.30
N ASN D 375 -60.02 -7.41 51.25
CA ASN D 375 -60.54 -8.70 51.66
C ASN D 375 -61.48 -9.37 50.68
N ASN D 376 -61.62 -8.81 49.50
CA ASN D 376 -62.48 -9.40 48.49
C ASN D 376 -61.58 -10.00 47.43
N ILE D 377 -60.27 -9.84 47.64
CA ILE D 377 -59.28 -10.36 46.74
C ILE D 377 -58.98 -11.78 47.17
N GLN D 378 -59.08 -12.73 46.24
CA GLN D 378 -58.81 -14.13 46.54
C GLN D 378 -57.33 -14.36 46.76
N MET D 379 -57.00 -15.02 47.87
CA MET D 379 -55.62 -15.31 48.21
C MET D 379 -55.14 -16.42 47.31
N THR D 380 -54.04 -16.17 46.62
CA THR D 380 -53.46 -17.16 45.72
C THR D 380 -52.03 -17.41 46.18
N LEU D 381 -51.47 -18.56 45.82
CA LEU D 381 -50.10 -18.87 46.25
C LEU D 381 -49.10 -19.00 45.11
N PRO D 382 -48.08 -18.11 45.05
CA PRO D 382 -47.07 -18.15 44.00
C PRO D 382 -46.49 -19.53 43.79
N LYS D 383 -46.55 -20.02 42.55
CA LYS D 383 -46.08 -21.35 42.24
C LYS D 383 -44.70 -21.43 41.62
N THR D 384 -43.68 -21.04 42.35
CA THR D 384 -42.31 -21.13 41.84
C THR D 384 -41.50 -21.90 42.87
N TYR D 385 -41.00 -23.06 42.48
CA TYR D 385 -40.23 -23.88 43.40
C TYR D 385 -38.85 -23.29 43.65
N THR D 386 -38.47 -23.19 44.91
CA THR D 386 -37.17 -22.66 45.28
C THR D 386 -36.61 -23.47 46.44
N ILE D 387 -35.35 -23.87 46.33
CA ILE D 387 -34.71 -24.64 47.40
C ILE D 387 -34.17 -23.65 48.43
N ALA D 388 -34.49 -23.84 49.69
CA ALA D 388 -34.04 -22.93 50.72
C ALA D 388 -32.59 -23.19 51.12
N ASN D 389 -31.91 -22.14 51.56
CA ASN D 389 -30.54 -22.23 52.03
C ASN D 389 -30.26 -21.32 53.20
N GLN D 390 -29.60 -21.84 54.22
CA GLN D 390 -29.27 -21.02 55.37
C GLN D 390 -27.98 -20.29 55.03
N PHE D 391 -27.67 -19.26 55.81
CA PHE D 391 -26.43 -18.51 55.62
C PHE D 391 -25.36 -19.23 56.44
N PRO D 392 -24.36 -19.83 55.77
CA PRO D 392 -23.27 -20.55 56.42
C PRO D 392 -22.99 -20.16 57.89
N LEU D 393 -22.67 -18.90 58.09
CA LEU D 393 -22.35 -18.36 59.41
C LEU D 393 -23.43 -18.69 60.42
N ASN D 394 -24.62 -18.19 60.16
CA ASN D 394 -25.77 -18.42 61.01
C ASN D 394 -26.03 -19.90 61.27
N LYS D 395 -25.79 -20.76 60.29
CA LYS D 395 -26.04 -22.17 60.51
C LYS D 395 -25.12 -22.62 61.63
N LEU D 396 -23.84 -22.34 61.44
CA LEU D 396 -22.84 -22.69 62.43
C LEU D 396 -23.21 -22.14 63.78
N THR D 397 -23.52 -20.84 63.82
CA THR D 397 -23.90 -20.18 65.06
C THR D 397 -24.99 -20.97 65.76
N GLU D 398 -26.08 -21.23 65.05
CA GLU D 398 -27.23 -21.97 65.55
C GLU D 398 -26.78 -23.28 66.16
N LEU D 399 -25.71 -23.85 65.63
CA LEU D 399 -25.22 -25.12 66.14
C LEU D 399 -24.48 -24.90 67.43
N LEU D 400 -23.52 -24.00 67.40
CA LEU D 400 -22.74 -23.70 68.58
C LEU D 400 -23.67 -23.34 69.73
N ARG D 401 -24.67 -22.51 69.47
CA ARG D 401 -25.61 -22.15 70.51
C ARG D 401 -26.11 -23.42 71.21
N HIS D 402 -26.58 -24.38 70.43
CA HIS D 402 -27.09 -25.60 71.01
C HIS D 402 -26.09 -26.40 71.82
N ASP D 403 -24.79 -26.26 71.56
CA ASP D 403 -23.80 -27.01 72.31
C ASP D 403 -23.32 -26.25 73.53
N MET D 404 -23.33 -24.92 73.45
CA MET D 404 -22.96 -24.10 74.57
C MET D 404 -23.97 -24.45 75.65
N ALA D 405 -25.22 -24.58 75.24
CA ALA D 405 -26.29 -24.92 76.15
C ALA D 405 -26.07 -26.33 76.69
N ALA D 406 -25.62 -27.23 75.82
CA ALA D 406 -25.37 -28.60 76.24
C ALA D 406 -24.28 -28.58 77.29
N ALA D 407 -23.32 -27.68 77.12
CA ALA D 407 -22.20 -27.56 78.05
C ALA D 407 -22.57 -26.76 79.29
N GLY D 408 -23.85 -26.73 79.63
CA GLY D 408 -24.29 -26.04 80.82
C GLY D 408 -24.31 -24.53 80.89
N PHE D 409 -24.00 -23.83 79.80
CA PHE D 409 -24.05 -22.37 79.85
C PHE D 409 -25.41 -21.79 79.47
N THR D 410 -25.63 -20.54 79.86
CA THR D 410 -26.89 -19.87 79.56
C THR D 410 -26.71 -18.66 78.65
N GLU D 411 -27.52 -18.61 77.60
CA GLU D 411 -27.45 -17.54 76.61
C GLU D 411 -28.11 -16.24 77.05
N ALA D 412 -27.48 -15.10 76.74
CA ALA D 412 -28.04 -13.80 77.12
C ALA D 412 -28.40 -12.94 75.93
N LEU D 413 -28.82 -11.71 76.18
CA LEU D 413 -29.15 -10.82 75.07
C LEU D 413 -28.65 -9.40 75.28
N THR D 414 -27.33 -9.23 75.22
CA THR D 414 -26.67 -7.93 75.40
C THR D 414 -27.16 -6.92 74.36
N PHE D 415 -27.15 -5.64 74.71
CA PHE D 415 -27.54 -4.62 73.73
C PHE D 415 -26.30 -4.35 72.85
N ALA D 416 -26.50 -3.82 71.66
CA ALA D 416 -25.36 -3.56 70.78
C ALA D 416 -24.77 -2.18 71.00
N LEU D 417 -25.47 -1.34 71.74
CA LEU D 417 -24.99 0.01 72.01
C LEU D 417 -24.61 0.18 73.48
N CYS D 418 -23.73 1.14 73.75
CA CYS D 418 -23.28 1.40 75.11
C CYS D 418 -22.38 2.64 75.21
N SER D 419 -21.84 2.86 76.41
CA SER D 419 -20.96 4.01 76.67
C SER D 419 -19.50 3.61 76.50
N GLN D 420 -18.70 4.54 75.99
CA GLN D 420 -17.29 4.30 75.74
C GLN D 420 -16.62 3.59 76.91
N GLU D 421 -16.82 4.12 78.11
CA GLU D 421 -16.22 3.55 79.30
C GLU D 421 -16.51 2.05 79.43
N ASP D 422 -17.58 1.57 78.78
CA ASP D 422 -17.94 0.15 78.86
C ASP D 422 -16.97 -0.72 78.07
N ILE D 423 -16.45 -0.18 76.96
CA ILE D 423 -15.55 -0.94 76.10
C ILE D 423 -14.13 -0.39 76.06
N ALA D 424 -13.77 0.40 77.06
CA ALA D 424 -12.44 0.99 77.11
C ALA D 424 -11.93 1.17 78.54
N ASP D 425 -12.29 2.32 79.12
CA ASP D 425 -11.89 2.67 80.46
C ASP D 425 -12.09 1.53 81.46
N LYS D 426 -13.30 0.98 81.52
CA LYS D 426 -13.60 -0.11 82.44
C LYS D 426 -12.82 -1.39 82.13
N LEU D 427 -12.14 -1.42 80.97
CA LEU D 427 -11.38 -2.60 80.58
C LEU D 427 -9.88 -2.32 80.56
N GLY D 428 -9.51 -1.12 80.96
CA GLY D 428 -8.11 -0.74 81.01
C GLY D 428 -7.51 -0.28 79.70
N VAL D 429 -8.34 0.25 78.80
CA VAL D 429 -7.84 0.73 77.51
C VAL D 429 -8.49 2.05 77.09
N ASP D 430 -7.75 2.85 76.33
CA ASP D 430 -8.26 4.13 75.88
C ASP D 430 -9.16 3.96 74.67
N ILE D 431 -10.28 4.69 74.68
CA ILE D 431 -11.28 4.64 73.62
C ILE D 431 -10.67 4.87 72.25
N SER D 432 -9.41 5.25 72.23
CA SER D 432 -8.71 5.53 70.98
C SER D 432 -8.03 4.29 70.42
N ALA D 433 -8.02 3.21 71.19
CA ALA D 433 -7.39 1.99 70.74
C ALA D 433 -8.37 0.82 70.63
N THR D 434 -9.66 1.14 70.48
CA THR D 434 -10.68 0.10 70.38
C THR D 434 -11.18 -0.08 68.98
N LYS D 435 -10.91 0.88 68.10
CA LYS D 435 -11.35 0.81 66.72
C LYS D 435 -12.87 0.96 66.70
N ALA D 436 -13.43 1.36 67.84
CA ALA D 436 -14.86 1.52 68.00
C ALA D 436 -15.50 2.60 67.12
N VAL D 437 -16.79 2.47 66.88
CA VAL D 437 -17.52 3.43 66.07
C VAL D 437 -18.31 4.35 66.98
N HIS D 438 -18.30 5.65 66.69
CA HIS D 438 -19.01 6.63 67.52
C HIS D 438 -20.32 7.18 66.96
N ILE D 439 -21.35 7.17 67.81
CA ILE D 439 -22.67 7.66 67.44
C ILE D 439 -22.77 9.16 67.67
N SER D 440 -23.35 9.86 66.70
CA SER D 440 -23.52 11.31 66.76
C SER D 440 -24.69 11.76 67.62
N ASN D 441 -24.44 12.79 68.44
CA ASN D 441 -25.45 13.36 69.33
C ASN D 441 -26.33 12.31 69.98
N PRO D 442 -25.72 11.40 70.77
CA PRO D 442 -26.43 10.33 71.46
C PRO D 442 -27.28 10.82 72.62
N LYS D 443 -28.50 10.31 72.72
CA LYS D 443 -29.40 10.70 73.81
C LYS D 443 -28.67 10.47 75.14
N THR D 444 -28.69 9.23 75.61
CA THR D 444 -28.05 8.86 76.86
C THR D 444 -26.55 8.61 76.67
N ALA D 445 -25.88 8.32 77.77
CA ALA D 445 -24.45 8.06 77.76
C ALA D 445 -24.22 6.68 77.18
N GLU D 446 -25.19 5.80 77.35
CA GLU D 446 -25.07 4.44 76.84
C GLU D 446 -25.52 4.27 75.39
N PHE D 447 -25.23 5.28 74.57
CA PHE D 447 -25.56 5.30 73.15
C PHE D 447 -24.41 5.97 72.41
N GLN D 448 -23.25 6.00 73.05
CA GLN D 448 -22.08 6.65 72.46
C GLN D 448 -21.37 5.78 71.43
N VAL D 449 -21.12 4.53 71.80
CA VAL D 449 -20.42 3.60 70.93
C VAL D 449 -21.16 2.29 70.74
N ALA D 450 -20.78 1.55 69.70
CA ALA D 450 -21.36 0.25 69.40
C ALA D 450 -20.36 -0.85 69.82
N ARG D 451 -20.84 -1.87 70.52
CA ARG D 451 -20.03 -2.99 71.00
C ARG D 451 -18.75 -3.26 70.23
N THR D 452 -17.74 -3.67 70.96
CA THR D 452 -16.45 -3.98 70.37
C THR D 452 -16.14 -5.34 70.95
N THR D 453 -17.01 -5.76 71.86
CA THR D 453 -16.88 -7.03 72.53
C THR D 453 -18.17 -7.35 73.28
N LEU D 454 -18.35 -8.62 73.62
CA LEU D 454 -19.55 -9.05 74.33
C LEU D 454 -19.32 -9.13 75.82
N LEU D 455 -18.05 -9.12 76.22
CA LEU D 455 -17.67 -9.21 77.62
C LEU D 455 -18.39 -8.19 78.51
N PRO D 456 -18.37 -6.91 78.13
CA PRO D 456 -19.04 -5.89 78.94
C PRO D 456 -20.47 -6.31 79.24
N GLY D 457 -21.32 -6.26 78.21
CA GLY D 457 -22.71 -6.64 78.39
C GLY D 457 -22.89 -7.86 79.29
N LEU D 458 -22.12 -8.91 79.04
CA LEU D 458 -22.23 -10.12 79.85
C LEU D 458 -22.04 -9.82 81.34
N LEU D 459 -20.99 -9.06 81.66
CA LEU D 459 -20.69 -8.68 83.04
C LEU D 459 -21.90 -7.95 83.59
N LYS D 460 -22.28 -6.86 82.91
CA LYS D 460 -23.43 -6.05 83.29
C LYS D 460 -24.66 -6.90 83.57
N THR D 461 -24.77 -8.04 82.91
CA THR D 461 -25.89 -8.93 83.13
C THR D 461 -25.75 -9.59 84.49
N ILE D 462 -24.54 -10.01 84.82
CA ILE D 462 -24.26 -10.64 86.11
C ILE D 462 -24.60 -9.62 87.19
N ALA D 463 -24.16 -8.39 86.97
CA ALA D 463 -24.40 -7.30 87.90
C ALA D 463 -25.89 -7.21 88.24
N ALA D 464 -26.75 -7.36 87.25
CA ALA D 464 -28.17 -7.26 87.50
C ALA D 464 -28.79 -8.55 88.01
N ASN D 465 -28.00 -9.61 88.08
CA ASN D 465 -28.52 -10.89 88.56
C ASN D 465 -27.78 -11.40 89.79
N ARG D 466 -27.44 -10.48 90.69
CA ARG D 466 -26.72 -10.87 91.90
C ARG D 466 -27.51 -11.94 92.63
N LYS D 467 -28.82 -11.84 92.51
CA LYS D 467 -29.75 -12.77 93.13
C LYS D 467 -29.61 -14.23 92.65
N MET D 468 -28.83 -14.45 91.60
CA MET D 468 -28.69 -15.79 91.02
C MET D 468 -27.65 -16.69 91.69
N PRO D 469 -27.96 -17.99 91.81
CA PRO D 469 -27.13 -19.06 92.42
C PRO D 469 -25.61 -19.14 92.14
N LEU D 470 -24.94 -19.92 92.99
CA LEU D 470 -23.49 -20.13 92.97
C LEU D 470 -22.70 -19.67 91.74
N PRO D 471 -22.47 -20.57 90.74
CA PRO D 471 -21.71 -20.07 89.59
C PRO D 471 -22.56 -19.68 88.40
N LEU D 472 -22.34 -18.48 87.88
CA LEU D 472 -23.08 -18.03 86.71
C LEU D 472 -22.28 -18.41 85.48
N LYS D 473 -22.91 -19.06 84.52
CA LYS D 473 -22.21 -19.46 83.30
C LYS D 473 -22.97 -18.91 82.11
N LEU D 474 -22.56 -17.71 81.71
CA LEU D 474 -23.17 -17.00 80.59
C LEU D 474 -22.38 -17.08 79.32
N PHE D 475 -23.07 -16.85 78.20
CA PHE D 475 -22.45 -16.86 76.89
C PHE D 475 -23.44 -16.23 75.93
N GLU D 476 -22.91 -15.76 74.81
CA GLU D 476 -23.75 -15.16 73.79
C GLU D 476 -22.92 -15.25 72.53
N ILE D 477 -23.56 -15.47 71.39
CA ILE D 477 -22.83 -15.53 70.12
C ILE D 477 -23.49 -14.47 69.22
N SER D 478 -22.96 -13.25 69.24
CA SER D 478 -23.50 -12.15 68.45
C SER D 478 -22.42 -11.32 67.75
N ASP D 479 -22.86 -10.20 67.19
CA ASP D 479 -21.97 -9.32 66.45
C ASP D 479 -21.39 -8.17 67.25
N ILE D 480 -20.26 -7.66 66.76
CA ILE D 480 -19.59 -6.53 67.36
C ILE D 480 -19.10 -5.70 66.17
N VAL D 481 -19.17 -4.39 66.26
CA VAL D 481 -18.73 -3.55 65.15
C VAL D 481 -17.30 -3.03 65.35
N ILE D 482 -16.64 -2.74 64.24
CA ILE D 482 -15.28 -2.23 64.24
C ILE D 482 -15.12 -1.35 63.01
N LYS D 483 -14.20 -0.39 63.05
CA LYS D 483 -13.98 0.43 61.87
C LYS D 483 -13.10 -0.39 60.93
N ASP D 484 -13.43 -0.39 59.64
CA ASP D 484 -12.67 -1.14 58.66
C ASP D 484 -12.52 -0.25 57.45
N SER D 485 -11.29 0.20 57.20
CA SER D 485 -11.03 1.08 56.07
C SER D 485 -11.34 0.42 54.73
N ASN D 486 -11.52 -0.90 54.74
CA ASN D 486 -11.79 -1.64 53.50
C ASN D 486 -13.21 -2.17 53.29
N THR D 487 -14.20 -1.36 53.69
CA THR D 487 -15.61 -1.73 53.53
C THR D 487 -16.39 -0.49 53.08
N ASP D 488 -17.23 -0.66 52.06
CA ASP D 488 -17.99 0.45 51.53
C ASP D 488 -18.57 1.42 52.56
N VAL D 489 -18.92 0.92 53.75
CA VAL D 489 -19.51 1.79 54.76
C VAL D 489 -18.49 2.35 55.75
N GLY D 490 -17.44 1.60 56.04
CA GLY D 490 -16.43 2.08 56.95
C GLY D 490 -16.29 1.22 58.19
N ALA D 491 -17.23 0.31 58.40
CA ALA D 491 -17.19 -0.56 59.56
C ALA D 491 -17.57 -1.97 59.16
N LYS D 492 -17.27 -2.95 60.01
CA LYS D 492 -17.58 -4.34 59.73
C LYS D 492 -18.03 -5.06 61.00
N ASN D 493 -18.98 -6.00 60.85
CA ASN D 493 -19.46 -6.77 62.00
C ASN D 493 -18.66 -8.08 62.11
N TYR D 494 -18.50 -8.59 63.33
CA TYR D 494 -17.79 -9.85 63.55
C TYR D 494 -18.58 -10.74 64.49
N ARG D 495 -18.56 -12.05 64.25
CA ARG D 495 -19.28 -12.98 65.10
C ARG D 495 -18.42 -13.54 66.22
N HIS D 496 -18.60 -13.02 67.43
CA HIS D 496 -17.83 -13.56 68.53
C HIS D 496 -18.72 -14.46 69.37
N LEU D 497 -18.10 -15.51 69.89
CA LEU D 497 -18.77 -16.42 70.80
C LEU D 497 -18.03 -16.01 72.08
N CYS D 498 -18.76 -15.48 73.05
CA CYS D 498 -18.17 -15.00 74.28
C CYS D 498 -18.86 -15.61 75.50
N ALA D 499 -18.06 -16.16 76.41
CA ALA D 499 -18.61 -16.78 77.62
C ALA D 499 -17.90 -16.26 78.84
N VAL D 500 -18.51 -16.44 80.01
CA VAL D 500 -17.91 -16.01 81.28
C VAL D 500 -18.24 -16.96 82.42
N TYR D 501 -17.31 -17.10 83.35
CA TYR D 501 -17.51 -17.94 84.53
C TYR D 501 -17.42 -17.06 85.76
N TYR D 502 -18.51 -16.99 86.50
CA TYR D 502 -18.60 -16.16 87.70
C TYR D 502 -18.81 -17.05 88.90
N ASN D 503 -17.86 -17.04 89.83
CA ASN D 503 -17.96 -17.89 91.01
C ASN D 503 -17.00 -17.48 92.10
N LYS D 504 -17.12 -18.13 93.26
CA LYS D 504 -16.24 -17.83 94.40
C LYS D 504 -14.83 -17.76 93.86
N ASN D 505 -14.47 -18.75 93.04
CA ASN D 505 -13.16 -18.80 92.44
C ASN D 505 -13.35 -18.73 90.94
N PRO D 506 -12.45 -18.06 90.21
CA PRO D 506 -12.61 -17.99 88.76
C PRO D 506 -12.37 -19.37 88.22
N GLY D 507 -13.11 -19.77 87.19
CA GLY D 507 -12.91 -21.10 86.65
C GLY D 507 -12.01 -21.07 85.45
N PHE D 508 -10.92 -20.31 85.53
CA PHE D 508 -10.03 -20.22 84.41
C PHE D 508 -9.66 -21.56 83.76
N GLU D 509 -9.70 -22.66 84.52
CA GLU D 509 -9.35 -23.96 83.94
C GLU D 509 -10.58 -24.53 83.28
N ILE D 510 -11.74 -24.23 83.85
CA ILE D 510 -13.00 -24.73 83.29
C ILE D 510 -13.38 -23.90 82.07
N ILE D 511 -12.90 -22.65 82.01
CA ILE D 511 -13.15 -21.77 80.86
C ILE D 511 -12.17 -22.19 79.78
N HIS D 512 -10.96 -22.55 80.19
CA HIS D 512 -9.94 -23.01 79.27
C HIS D 512 -10.52 -24.28 78.64
N GLY D 513 -11.17 -25.08 79.48
CA GLY D 513 -11.78 -26.32 79.02
C GLY D 513 -12.93 -26.10 78.05
N LEU D 514 -13.60 -24.96 78.19
CA LEU D 514 -14.72 -24.63 77.31
C LEU D 514 -14.14 -24.43 75.91
N LEU D 515 -13.08 -23.64 75.83
CA LEU D 515 -12.46 -23.39 74.54
C LEU D 515 -12.05 -24.72 73.94
N ASP D 516 -11.54 -25.62 74.77
CA ASP D 516 -11.14 -26.91 74.23
C ASP D 516 -12.32 -27.64 73.65
N ARG D 517 -13.46 -27.60 74.34
CA ARG D 517 -14.67 -28.26 73.83
C ARG D 517 -15.07 -27.67 72.49
N ILE D 518 -15.23 -26.35 72.49
CA ILE D 518 -15.61 -25.60 71.31
C ILE D 518 -14.79 -26.02 70.10
N MET D 519 -13.47 -26.08 70.28
CA MET D 519 -12.56 -26.47 69.21
C MET D 519 -12.85 -27.90 68.82
N GLN D 520 -13.05 -28.75 69.81
CA GLN D 520 -13.34 -30.14 69.56
C GLN D 520 -14.61 -30.22 68.73
N LEU D 521 -15.57 -29.34 69.03
CA LEU D 521 -16.85 -29.29 68.30
C LEU D 521 -16.66 -28.89 66.85
N LEU D 522 -15.79 -27.93 66.64
CA LEU D 522 -15.49 -27.43 65.32
C LEU D 522 -14.48 -28.29 64.60
N ASP D 523 -14.14 -29.43 65.17
CA ASP D 523 -13.17 -30.36 64.58
C ASP D 523 -11.86 -29.64 64.24
N VAL D 524 -11.33 -28.90 65.22
CA VAL D 524 -10.08 -28.18 65.07
C VAL D 524 -9.08 -28.82 66.02
N PRO D 525 -8.12 -29.58 65.49
CA PRO D 525 -7.11 -30.25 66.30
C PRO D 525 -6.21 -29.28 67.04
N PRO D 526 -5.77 -29.68 68.23
CA PRO D 526 -4.88 -28.85 69.06
C PRO D 526 -3.47 -28.98 68.45
N GLY D 527 -2.71 -27.88 68.51
CA GLY D 527 -1.38 -27.85 67.94
C GLY D 527 -1.50 -27.23 66.56
N GLU D 528 -0.42 -26.66 66.02
CA GLU D 528 -0.50 -26.03 64.70
C GLU D 528 -0.09 -26.90 63.51
N ASP D 529 0.71 -27.93 63.77
CA ASP D 529 1.19 -28.81 62.72
C ASP D 529 0.12 -29.57 61.91
N LYS D 530 -1.12 -29.10 61.99
CA LYS D 530 -2.24 -29.71 61.24
C LYS D 530 -3.29 -28.65 60.96
N GLY D 531 -2.91 -27.37 61.06
CA GLY D 531 -3.87 -26.31 60.87
C GLY D 531 -4.92 -26.52 61.96
N GLY D 532 -4.55 -26.19 63.19
CA GLY D 532 -5.44 -26.38 64.30
C GLY D 532 -5.49 -25.13 65.16
N TYR D 533 -5.21 -25.27 66.44
CA TYR D 533 -5.24 -24.12 67.33
C TYR D 533 -4.32 -24.29 68.55
N VAL D 534 -3.94 -23.16 69.15
CA VAL D 534 -3.08 -23.19 70.34
C VAL D 534 -3.31 -22.02 71.28
N ILE D 535 -2.93 -22.21 72.53
CA ILE D 535 -3.08 -21.21 73.57
C ILE D 535 -1.69 -20.69 73.85
N LYS D 536 -1.44 -19.41 73.59
CA LYS D 536 -0.13 -18.84 73.87
C LYS D 536 -0.28 -17.77 74.94
N ALA D 537 0.26 -18.02 76.12
CA ALA D 537 0.17 -17.06 77.20
C ALA D 537 0.44 -15.66 76.65
N SER D 538 -0.30 -14.66 77.11
CA SER D 538 -0.09 -13.30 76.66
C SER D 538 -0.56 -12.31 77.72
N GLU D 539 -0.41 -11.02 77.45
CA GLU D 539 -0.83 -10.03 78.41
C GLU D 539 -2.00 -9.18 77.91
N GLY D 540 -2.92 -8.89 78.83
CA GLY D 540 -4.08 -8.09 78.50
C GLY D 540 -4.42 -7.14 79.65
N PRO D 541 -4.69 -5.87 79.32
CA PRO D 541 -5.04 -4.83 80.30
C PRO D 541 -6.38 -5.05 80.95
N ALA D 542 -7.01 -6.17 80.64
CA ALA D 542 -8.31 -6.50 81.22
C ALA D 542 -8.23 -7.78 82.02
N PHE D 543 -7.08 -8.45 81.93
CA PHE D 543 -6.87 -9.70 82.63
C PHE D 543 -5.79 -9.66 83.68
N PHE D 544 -6.07 -10.35 84.79
CA PHE D 544 -5.13 -10.47 85.90
C PHE D 544 -3.89 -11.12 85.29
N PRO D 545 -2.74 -10.45 85.40
CA PRO D 545 -1.46 -10.94 84.87
C PRO D 545 -1.19 -12.42 85.11
N GLY D 546 -0.66 -13.08 84.08
CA GLY D 546 -0.33 -14.49 84.19
C GLY D 546 -1.48 -15.48 84.16
N ARG D 547 -2.68 -14.96 83.88
CA ARG D 547 -3.88 -15.79 83.79
C ARG D 547 -4.64 -15.25 82.60
N CYS D 548 -3.90 -15.08 81.52
CA CYS D 548 -4.41 -14.55 80.26
C CYS D 548 -3.63 -15.18 79.11
N ALA D 549 -4.36 -15.59 78.06
CA ALA D 549 -3.76 -16.20 76.88
C ALA D 549 -4.40 -15.72 75.59
N GLU D 550 -3.78 -16.04 74.47
CA GLU D 550 -4.31 -15.66 73.16
C GLU D 550 -4.59 -16.94 72.39
N ILE D 551 -5.67 -16.94 71.61
CA ILE D 551 -6.07 -18.11 70.84
C ILE D 551 -5.66 -17.95 69.39
N PHE D 552 -4.94 -18.93 68.87
CA PHE D 552 -4.47 -18.88 67.50
C PHE D 552 -4.96 -20.11 66.77
N ALA D 553 -5.40 -19.92 65.53
CA ALA D 553 -5.88 -21.02 64.72
C ALA D 553 -6.04 -20.58 63.29
N ARG D 554 -6.09 -21.56 62.38
CA ARG D 554 -6.23 -21.28 60.97
C ARG D 554 -5.44 -20.04 60.59
N GLY D 555 -4.18 -20.03 61.01
CA GLY D 555 -3.29 -18.92 60.70
C GLY D 555 -3.65 -17.52 61.18
N GLN D 556 -4.19 -17.39 62.39
CA GLN D 556 -4.50 -16.07 62.89
C GLN D 556 -5.01 -16.05 64.32
N SER D 557 -5.00 -14.85 64.90
CA SER D 557 -5.47 -14.64 66.25
C SER D 557 -6.98 -14.71 66.19
N VAL D 558 -7.55 -15.58 67.00
CA VAL D 558 -8.99 -15.75 67.05
C VAL D 558 -9.61 -14.98 68.23
N GLY D 559 -9.03 -15.19 69.42
CA GLY D 559 -9.57 -14.50 70.58
C GLY D 559 -8.64 -14.39 71.76
N LYS D 560 -9.21 -13.98 72.88
CA LYS D 560 -8.49 -13.80 74.14
C LYS D 560 -9.13 -14.69 75.21
N LEU D 561 -8.32 -15.47 75.89
CA LEU D 561 -8.80 -16.35 76.94
C LEU D 561 -8.13 -15.86 78.23
N GLY D 562 -8.89 -15.64 79.30
CA GLY D 562 -8.24 -15.18 80.51
C GLY D 562 -9.12 -14.89 81.72
N VAL D 563 -8.48 -14.51 82.82
CA VAL D 563 -9.20 -14.18 84.05
C VAL D 563 -9.31 -12.67 84.22
N LEU D 564 -10.54 -12.18 84.30
CA LEU D 564 -10.75 -10.76 84.43
C LEU D 564 -9.97 -10.16 85.57
N HIS D 565 -9.40 -8.99 85.29
CA HIS D 565 -8.60 -8.24 86.27
C HIS D 565 -9.49 -7.55 87.30
N PRO D 566 -9.15 -7.71 88.59
CA PRO D 566 -9.88 -7.13 89.71
C PRO D 566 -10.45 -5.74 89.45
N ASP D 567 -9.71 -4.93 88.70
CA ASP D 567 -10.16 -3.57 88.36
C ASP D 567 -11.45 -3.57 87.57
N VAL D 568 -11.46 -4.31 86.48
CA VAL D 568 -12.64 -4.38 85.64
C VAL D 568 -13.80 -5.01 86.40
N ILE D 569 -13.53 -6.04 87.20
CA ILE D 569 -14.59 -6.68 87.95
C ILE D 569 -15.23 -5.77 88.99
N THR D 570 -14.48 -4.79 89.48
CA THR D 570 -15.05 -3.88 90.45
C THR D 570 -15.69 -2.71 89.71
N LYS D 571 -15.05 -2.27 88.64
CA LYS D 571 -15.59 -1.15 87.86
C LYS D 571 -16.93 -1.50 87.17
N PHE D 572 -17.31 -2.78 87.25
CA PHE D 572 -18.58 -3.22 86.69
C PHE D 572 -19.40 -3.65 87.89
N GLU D 573 -19.03 -3.11 89.04
CA GLU D 573 -19.69 -3.36 90.32
C GLU D 573 -20.01 -4.81 90.60
N LEU D 574 -18.99 -5.66 90.52
CA LEU D 574 -19.17 -7.09 90.76
C LEU D 574 -18.41 -7.52 92.02
N THR D 575 -18.78 -8.69 92.54
CA THR D 575 -18.18 -9.25 93.73
C THR D 575 -17.07 -10.24 93.40
N MET D 576 -17.43 -11.47 93.03
CA MET D 576 -16.48 -12.54 92.71
C MET D 576 -15.54 -12.30 91.54
N PRO D 577 -14.53 -13.16 91.41
CA PRO D 577 -13.55 -13.06 90.33
C PRO D 577 -14.24 -13.54 89.06
N CYS D 578 -13.55 -13.51 87.93
CA CYS D 578 -14.20 -13.94 86.72
C CYS D 578 -13.26 -14.42 85.63
N SER D 579 -13.69 -15.48 84.93
CA SER D 579 -12.92 -16.06 83.84
C SER D 579 -13.74 -15.86 82.56
N SER D 580 -13.11 -15.33 81.53
CA SER D 580 -13.81 -15.11 80.27
C SER D 580 -13.21 -15.88 79.10
N LEU D 581 -13.79 -15.64 77.92
CA LEU D 581 -13.39 -16.29 76.69
C LEU D 581 -14.14 -15.61 75.56
N GLU D 582 -13.43 -15.27 74.50
CA GLU D 582 -14.08 -14.62 73.39
C GLU D 582 -13.32 -14.86 72.11
N ILE D 583 -13.87 -15.73 71.26
CA ILE D 583 -13.27 -16.08 69.98
C ILE D 583 -14.13 -15.60 68.82
N ASN D 584 -13.47 -15.20 67.74
CA ASN D 584 -14.18 -14.75 66.55
C ASN D 584 -14.44 -16.02 65.75
N ILE D 585 -15.68 -16.50 65.76
CA ILE D 585 -15.98 -17.74 65.04
C ILE D 585 -15.96 -17.60 63.54
N GLY D 586 -15.74 -16.38 63.06
CA GLY D 586 -15.72 -16.17 61.62
C GLY D 586 -14.80 -17.10 60.84
N PRO D 587 -13.50 -17.07 61.14
CA PRO D 587 -12.51 -17.89 60.47
C PRO D 587 -12.76 -19.39 60.51
N PHE D 588 -13.64 -19.83 61.39
CA PHE D 588 -13.91 -21.26 61.50
C PHE D 588 -14.90 -21.84 60.52
N LEU D 589 -15.52 -20.99 59.71
CA LEU D 589 -16.49 -21.48 58.74
C LEU D 589 -15.88 -22.47 57.75
N THR E 190 -84.45 -27.93 -33.90
CA THR E 190 -84.97 -29.00 -34.80
C THR E 190 -85.48 -30.19 -34.00
N GLU E 191 -84.98 -30.34 -32.78
CA GLU E 191 -85.38 -31.45 -31.91
C GLU E 191 -86.78 -31.17 -31.38
N LEU E 192 -86.94 -30.01 -30.74
CA LEU E 192 -88.23 -29.60 -30.21
C LEU E 192 -88.44 -28.11 -30.36
N SER E 193 -89.69 -27.69 -30.19
CA SER E 193 -90.10 -26.30 -30.28
C SER E 193 -91.33 -26.19 -29.38
N PRO E 194 -91.44 -25.09 -28.60
CA PRO E 194 -92.57 -24.90 -27.69
C PRO E 194 -93.90 -25.25 -28.37
N GLU E 195 -94.12 -24.64 -29.53
CA GLU E 195 -95.30 -24.87 -30.32
C GLU E 195 -95.53 -26.37 -30.50
N MET E 196 -94.45 -27.09 -30.78
CA MET E 196 -94.53 -28.54 -30.96
C MET E 196 -94.95 -29.20 -29.65
N ILE E 197 -94.65 -28.54 -28.53
CA ILE E 197 -95.00 -29.05 -27.21
C ILE E 197 -96.45 -28.74 -26.88
N SER E 198 -96.88 -27.52 -27.26
CA SER E 198 -98.23 -27.01 -27.03
C SER E 198 -99.28 -28.05 -27.41
N SER E 199 -99.12 -28.61 -28.60
CA SER E 199 -100.03 -29.63 -29.12
C SER E 199 -99.17 -30.71 -29.78
N GLY E 200 -99.42 -31.96 -29.41
CA GLY E 200 -98.68 -33.12 -29.90
C GLY E 200 -97.98 -33.17 -31.25
N SER E 201 -97.30 -32.10 -31.65
CA SER E 201 -96.61 -32.09 -32.93
C SER E 201 -95.30 -32.87 -32.83
N TRP E 202 -95.02 -33.42 -31.65
CA TRP E 202 -93.80 -34.18 -31.43
C TRP E 202 -94.05 -35.67 -31.64
N ARG E 203 -95.21 -36.17 -31.23
CA ARG E 203 -95.54 -37.59 -31.38
C ARG E 203 -95.56 -38.02 -32.85
N ASP E 204 -95.26 -37.08 -33.74
CA ASP E 204 -95.21 -37.31 -35.19
C ASP E 204 -93.90 -36.79 -35.75
N ARG E 205 -94.00 -35.88 -36.72
CA ARG E 205 -92.86 -35.26 -37.39
C ARG E 205 -91.54 -35.46 -36.64
N PRO E 206 -90.85 -36.60 -36.88
CA PRO E 206 -89.57 -36.92 -36.23
C PRO E 206 -88.25 -36.44 -36.84
N PHE E 207 -87.71 -35.36 -36.28
CA PHE E 207 -86.43 -34.83 -36.72
C PHE E 207 -85.54 -35.40 -35.61
N LYS E 208 -84.65 -36.32 -35.92
CA LYS E 208 -83.83 -36.95 -34.87
C LYS E 208 -82.36 -37.37 -35.15
N PRO E 209 -81.49 -36.42 -35.49
CA PRO E 209 -80.13 -36.95 -35.71
C PRO E 209 -79.11 -36.49 -34.66
N TYR E 210 -79.22 -36.95 -33.41
CA TYR E 210 -78.26 -36.51 -32.38
C TYR E 210 -77.10 -37.49 -32.16
N ASN E 211 -75.89 -36.92 -32.19
CA ASN E 211 -74.65 -37.66 -31.99
C ASN E 211 -74.19 -37.61 -30.53
N PHE E 212 -73.86 -38.78 -29.98
CA PHE E 212 -73.41 -38.84 -28.60
C PHE E 212 -71.93 -39.15 -28.48
N LEU E 213 -71.08 -38.36 -29.15
CA LEU E 213 -69.63 -38.52 -29.10
C LEU E 213 -68.91 -37.34 -29.71
N ALA E 214 -69.40 -36.14 -29.44
CA ALA E 214 -68.77 -34.93 -29.95
C ALA E 214 -68.76 -33.93 -28.79
N HIS E 215 -67.66 -33.20 -28.62
CA HIS E 215 -67.57 -32.24 -27.54
C HIS E 215 -68.68 -31.20 -27.68
N GLY E 216 -69.76 -31.41 -26.93
CA GLY E 216 -70.88 -30.47 -26.95
C GLY E 216 -70.51 -29.00 -26.87
N VAL E 217 -71.47 -28.11 -27.16
CA VAL E 217 -71.24 -26.67 -27.13
C VAL E 217 -70.60 -26.25 -25.80
N LEU E 218 -69.29 -25.99 -25.83
CA LEU E 218 -68.59 -25.60 -24.61
C LEU E 218 -68.94 -24.20 -24.12
N PRO E 219 -69.56 -24.11 -22.93
CA PRO E 219 -69.97 -22.87 -22.28
C PRO E 219 -69.13 -21.62 -22.58
N ASP E 220 -69.68 -20.46 -22.22
CA ASP E 220 -69.00 -19.19 -22.45
C ASP E 220 -67.82 -18.99 -21.50
N SER E 221 -67.06 -17.92 -21.75
CA SER E 221 -65.86 -17.59 -20.98
C SER E 221 -65.84 -17.60 -19.43
N GLY E 222 -65.12 -16.62 -18.89
CA GLY E 222 -64.95 -16.49 -17.47
C GLY E 222 -63.69 -17.23 -17.04
N HIS E 223 -62.53 -16.58 -17.01
CA HIS E 223 -61.33 -17.29 -16.59
C HIS E 223 -60.42 -16.56 -15.60
N LEU E 224 -59.86 -17.31 -14.67
CA LEU E 224 -58.95 -16.76 -13.67
C LEU E 224 -57.55 -17.32 -13.96
N HIS E 225 -56.56 -16.45 -13.94
CA HIS E 225 -55.19 -16.87 -14.22
C HIS E 225 -54.64 -17.93 -13.28
N PRO E 226 -54.11 -19.02 -13.82
CA PRO E 226 -53.52 -20.16 -13.10
C PRO E 226 -52.60 -19.81 -11.93
N LEU E 227 -51.70 -18.87 -12.14
CA LEU E 227 -50.77 -18.45 -11.09
C LEU E 227 -51.53 -17.84 -9.92
N LEU E 228 -52.57 -17.08 -10.20
CA LEU E 228 -53.35 -16.45 -9.16
C LEU E 228 -54.32 -17.42 -8.54
N LYS E 229 -54.72 -18.43 -9.30
CA LYS E 229 -55.62 -19.44 -8.78
C LYS E 229 -54.84 -20.13 -7.69
N VAL E 230 -53.52 -20.16 -7.87
CA VAL E 230 -52.62 -20.77 -6.89
C VAL E 230 -52.38 -19.79 -5.75
N ARG E 231 -52.14 -18.52 -6.08
CA ARG E 231 -51.93 -17.53 -5.05
C ARG E 231 -53.12 -17.64 -4.09
N SER E 232 -54.31 -17.78 -4.66
CA SER E 232 -55.52 -17.90 -3.85
C SER E 232 -55.36 -19.04 -2.86
N GLN E 233 -55.07 -20.25 -3.37
CA GLN E 233 -54.89 -21.41 -2.51
C GLN E 233 -53.87 -21.18 -1.39
N PHE E 234 -52.75 -20.54 -1.70
CA PHE E 234 -51.77 -20.28 -0.66
C PHE E 234 -52.40 -19.35 0.39
N ARG E 235 -52.93 -18.23 -0.07
CA ARG E 235 -53.57 -17.25 0.80
C ARG E 235 -54.49 -17.94 1.79
N GLN E 236 -55.21 -18.95 1.30
CA GLN E 236 -56.15 -19.68 2.15
C GLN E 236 -55.38 -20.47 3.18
N ILE E 237 -54.40 -21.27 2.73
CA ILE E 237 -53.59 -22.07 3.64
C ILE E 237 -53.15 -21.21 4.81
N PHE E 238 -52.64 -20.03 4.51
CA PHE E 238 -52.22 -19.13 5.55
C PHE E 238 -53.33 -18.72 6.49
N LEU E 239 -54.52 -18.48 5.95
CA LEU E 239 -55.62 -18.09 6.81
C LEU E 239 -56.04 -19.24 7.70
N GLU E 240 -56.10 -20.43 7.13
CA GLU E 240 -56.51 -21.59 7.91
C GLU E 240 -55.51 -21.86 9.04
N MET E 241 -54.29 -21.38 8.88
CA MET E 241 -53.25 -21.56 9.87
C MET E 241 -53.15 -20.37 10.77
N GLY E 242 -54.25 -19.65 10.91
CA GLY E 242 -54.25 -18.49 11.78
C GLY E 242 -53.42 -17.28 11.42
N PHE E 243 -52.88 -17.22 10.21
CA PHE E 243 -52.05 -16.05 9.84
C PHE E 243 -52.85 -14.85 9.30
N THR E 244 -52.45 -13.66 9.73
CA THR E 244 -53.08 -12.42 9.27
C THR E 244 -52.31 -11.91 8.08
N GLU E 245 -53.03 -11.37 7.08
CA GLU E 245 -52.43 -10.87 5.85
C GLU E 245 -51.91 -9.47 5.99
N MET E 246 -50.59 -9.30 5.91
CA MET E 246 -49.97 -7.98 6.01
C MET E 246 -49.96 -7.32 4.62
N PRO E 247 -50.18 -6.00 4.57
CA PRO E 247 -50.22 -5.19 3.34
C PRO E 247 -48.88 -5.10 2.63
N THR E 248 -48.91 -4.93 1.31
CA THR E 248 -47.68 -4.82 0.55
C THR E 248 -47.72 -3.73 -0.52
N ASP E 249 -48.61 -2.77 -0.33
CA ASP E 249 -48.77 -1.67 -1.30
C ASP E 249 -47.54 -0.75 -1.39
N ASN E 250 -46.48 -1.24 -2.02
CA ASN E 250 -45.27 -0.45 -2.17
C ASN E 250 -44.22 -1.15 -3.04
N PHE E 251 -44.35 -1.06 -4.36
CA PHE E 251 -43.37 -1.69 -5.24
C PHE E 251 -42.02 -1.01 -5.08
N ILE E 252 -42.05 0.21 -4.54
CA ILE E 252 -40.83 0.97 -4.35
C ILE E 252 -40.47 1.11 -2.89
N GLU E 253 -39.37 0.48 -2.51
CA GLU E 253 -38.91 0.51 -1.11
C GLU E 253 -37.59 1.25 -0.96
N SER E 254 -37.43 1.91 0.17
CA SER E 254 -36.18 2.62 0.40
C SER E 254 -35.13 1.58 0.79
N SER E 255 -33.90 1.77 0.34
CA SER E 255 -32.83 0.84 0.65
C SER E 255 -32.79 0.50 2.14
N PHE E 256 -33.08 1.48 3.00
CA PHE E 256 -33.08 1.25 4.44
C PHE E 256 -33.96 0.07 4.85
N TRP E 257 -35.26 0.17 4.55
CA TRP E 257 -36.23 -0.90 4.87
C TRP E 257 -35.94 -2.20 4.14
N ASN E 258 -35.88 -2.14 2.82
CA ASN E 258 -35.65 -3.34 2.05
C ASN E 258 -34.39 -4.06 2.51
N PHE E 259 -33.30 -3.32 2.76
CA PHE E 259 -32.04 -3.97 3.16
C PHE E 259 -31.47 -3.67 4.55
N ASP E 260 -31.22 -2.41 4.84
CA ASP E 260 -30.61 -1.97 6.10
C ASP E 260 -31.22 -2.39 7.45
N ALA E 261 -32.53 -2.64 7.50
CA ALA E 261 -33.17 -3.01 8.76
C ALA E 261 -33.12 -4.49 9.03
N LEU E 262 -32.91 -5.26 7.98
CA LEU E 262 -32.83 -6.70 8.10
C LEU E 262 -31.38 -7.04 8.43
N PHE E 263 -30.72 -6.14 9.17
CA PHE E 263 -29.32 -6.30 9.57
C PHE E 263 -28.42 -6.85 8.47
N GLN E 264 -28.69 -6.42 7.24
CA GLN E 264 -27.94 -6.83 6.07
C GLN E 264 -27.12 -5.60 5.69
N PRO E 265 -25.87 -5.53 6.14
CA PRO E 265 -24.96 -4.42 5.88
C PRO E 265 -24.88 -3.88 4.47
N GLN E 266 -24.10 -2.81 4.33
CA GLN E 266 -23.96 -2.13 3.05
C GLN E 266 -22.72 -2.56 2.28
N GLN E 267 -22.39 -3.85 2.38
CA GLN E 267 -21.21 -4.41 1.71
C GLN E 267 -21.50 -5.90 1.58
N HIS E 268 -22.53 -6.23 0.82
CA HIS E 268 -22.94 -7.63 0.69
C HIS E 268 -22.41 -8.46 -0.48
N PRO E 269 -21.70 -9.58 -0.16
CA PRO E 269 -21.06 -10.58 -1.02
C PRO E 269 -21.90 -11.41 -2.03
N ALA E 270 -22.90 -10.78 -2.67
CA ALA E 270 -23.75 -11.47 -3.65
C ALA E 270 -24.73 -10.54 -4.39
N ARG E 271 -25.69 -9.97 -3.66
CA ARG E 271 -26.68 -9.06 -4.23
C ARG E 271 -26.22 -7.62 -4.03
N ASP E 272 -27.20 -6.73 -3.78
CA ASP E 272 -26.98 -5.30 -3.52
C ASP E 272 -26.05 -4.53 -4.47
N GLN E 273 -25.56 -5.18 -5.53
CA GLN E 273 -24.66 -4.55 -6.48
C GLN E 273 -25.24 -4.52 -7.90
N HIS E 274 -26.12 -3.55 -8.16
CA HIS E 274 -26.78 -3.41 -9.45
C HIS E 274 -27.27 -4.75 -10.00
N ASP E 275 -27.52 -5.65 -9.06
CA ASP E 275 -28.04 -6.99 -9.30
C ASP E 275 -29.48 -6.81 -8.81
N THR E 276 -29.84 -5.54 -8.71
CA THR E 276 -31.15 -5.09 -8.23
C THR E 276 -31.61 -3.86 -9.03
N PHE E 277 -32.92 -3.70 -9.19
CA PHE E 277 -33.46 -2.55 -9.92
C PHE E 277 -33.52 -1.29 -9.08
N PHE E 278 -32.44 -0.51 -9.07
CA PHE E 278 -32.44 0.75 -8.34
C PHE E 278 -33.17 1.73 -9.23
N LEU E 279 -33.90 2.65 -8.63
CA LEU E 279 -34.61 3.63 -9.43
C LEU E 279 -33.85 4.94 -9.35
N ARG E 280 -33.96 5.73 -10.40
CA ARG E 280 -33.27 7.01 -10.45
C ARG E 280 -34.27 8.13 -10.24
N ASP E 281 -35.48 7.95 -10.71
CA ASP E 281 -36.48 8.98 -10.60
C ASP E 281 -36.75 9.43 -9.15
N PRO E 282 -37.39 8.57 -8.33
CA PRO E 282 -37.65 8.99 -6.93
C PRO E 282 -36.61 8.61 -5.88
N ALA E 283 -35.38 8.31 -6.29
CA ALA E 283 -34.35 7.93 -5.33
C ALA E 283 -34.01 9.05 -4.34
N GLU E 284 -34.43 10.27 -4.64
CA GLU E 284 -34.14 11.39 -3.74
C GLU E 284 -35.32 11.72 -2.80
N ALA E 285 -36.52 11.86 -3.37
CA ALA E 285 -37.75 12.17 -2.61
C ALA E 285 -38.07 11.04 -1.63
N LEU E 286 -37.84 11.26 -0.33
CA LEU E 286 -38.03 10.20 0.64
C LEU E 286 -37.56 10.51 2.08
N GLN E 287 -38.33 10.01 3.06
CA GLN E 287 -37.96 10.19 4.47
C GLN E 287 -38.23 8.89 5.27
N LEU E 288 -37.60 8.78 6.45
CA LEU E 288 -37.74 7.59 7.30
C LEU E 288 -37.39 7.82 8.79
N PRO E 289 -37.97 6.99 9.70
CA PRO E 289 -37.85 6.94 11.17
C PRO E 289 -36.48 7.05 11.83
N MET E 290 -35.83 8.16 11.55
CA MET E 290 -34.50 8.46 12.05
C MET E 290 -34.10 7.88 13.38
N ASP E 291 -35.03 7.77 14.33
CA ASP E 291 -34.67 7.20 15.63
C ASP E 291 -34.26 5.75 15.40
N TYR E 292 -35.19 4.98 14.83
CA TYR E 292 -34.94 3.57 14.52
C TYR E 292 -33.68 3.50 13.66
N VAL E 293 -33.60 4.38 12.64
CA VAL E 293 -32.44 4.43 11.76
C VAL E 293 -31.15 4.65 12.54
N GLN E 294 -31.23 5.47 13.59
CA GLN E 294 -30.05 5.73 14.38
C GLN E 294 -29.62 4.44 15.07
N ARG E 295 -30.58 3.76 15.71
CA ARG E 295 -30.28 2.51 16.39
C ARG E 295 -29.71 1.46 15.43
N VAL E 296 -30.13 1.53 14.17
CA VAL E 296 -29.63 0.59 13.16
C VAL E 296 -28.21 0.99 12.86
N LYS E 297 -28.02 2.21 12.35
CA LYS E 297 -26.69 2.74 12.03
C LYS E 297 -25.71 2.30 13.10
N ARG E 298 -26.10 2.51 14.35
CA ARG E 298 -25.31 2.16 15.51
C ARG E 298 -24.89 0.69 15.49
N THR E 299 -25.79 -0.16 15.95
CA THR E 299 -25.53 -1.60 16.01
C THR E 299 -24.95 -2.16 14.72
N HIS E 300 -25.23 -1.51 13.60
CA HIS E 300 -24.74 -1.95 12.32
C HIS E 300 -23.23 -1.81 12.22
N SER E 301 -22.69 -0.73 12.77
CA SER E 301 -21.26 -0.49 12.70
C SER E 301 -20.50 -0.75 14.00
N GLN E 302 -21.05 -0.33 15.13
CA GLN E 302 -20.39 -0.53 16.42
C GLN E 302 -20.88 -1.75 17.18
N GLY E 303 -22.07 -2.22 16.84
CA GLY E 303 -22.60 -3.39 17.51
C GLY E 303 -23.53 -3.03 18.65
N GLY E 304 -23.84 -4.01 19.48
CA GLY E 304 -24.75 -3.78 20.59
C GLY E 304 -25.81 -4.87 20.65
N TYR E 305 -26.68 -4.82 21.65
CA TYR E 305 -27.72 -5.82 21.78
C TYR E 305 -27.07 -7.21 21.86
N GLY E 306 -25.78 -7.22 22.15
CA GLY E 306 -25.05 -8.47 22.29
C GLY E 306 -24.15 -8.82 21.11
N SER E 307 -24.32 -8.13 20.00
CA SER E 307 -23.54 -8.39 18.79
C SER E 307 -22.37 -7.45 18.66
N GLN E 308 -21.47 -7.75 17.73
CA GLN E 308 -20.30 -6.91 17.50
C GLN E 308 -20.37 -6.29 16.14
N GLY E 309 -21.58 -5.96 15.72
CA GLY E 309 -21.80 -5.34 14.42
C GLY E 309 -20.95 -5.86 13.29
N TYR E 310 -20.91 -5.10 12.19
CA TYR E 310 -20.11 -5.49 11.06
C TYR E 310 -18.84 -4.66 11.06
N LYS E 311 -18.69 -3.83 12.09
CA LYS E 311 -17.53 -2.95 12.24
C LYS E 311 -17.15 -2.20 10.98
N TYR E 312 -18.12 -1.58 10.33
CA TYR E 312 -17.85 -0.81 9.11
C TYR E 312 -18.52 0.54 9.25
N ASN E 313 -18.28 1.45 8.32
CA ASN E 313 -18.92 2.76 8.43
C ASN E 313 -20.22 2.82 7.65
N TRP E 314 -21.30 2.95 8.42
CA TRP E 314 -22.66 3.00 7.86
C TRP E 314 -22.98 4.37 7.28
N LYS E 315 -23.12 4.44 5.96
CA LYS E 315 -23.45 5.70 5.28
C LYS E 315 -24.96 5.82 5.10
N LEU E 316 -25.52 6.89 5.64
CA LEU E 316 -26.95 7.15 5.56
C LEU E 316 -27.41 7.46 4.13
N ASP E 317 -26.57 8.19 3.39
CA ASP E 317 -26.89 8.55 2.01
C ASP E 317 -27.18 7.29 1.19
N GLU E 318 -26.61 6.17 1.62
CA GLU E 318 -26.79 4.90 0.93
C GLU E 318 -28.20 4.38 1.20
N ALA E 319 -28.55 4.29 2.48
CA ALA E 319 -29.86 3.81 2.88
C ALA E 319 -30.97 4.61 2.20
N ARG E 320 -30.72 5.89 1.95
CA ARG E 320 -31.70 6.77 1.33
C ARG E 320 -32.07 6.33 -0.10
N LYS E 321 -31.18 5.57 -0.74
CA LYS E 321 -31.39 5.11 -2.11
C LYS E 321 -32.65 4.29 -2.30
N ASN E 322 -33.56 4.78 -3.14
CA ASN E 322 -34.81 4.07 -3.43
C ASN E 322 -34.58 2.95 -4.46
N LEU E 323 -35.44 1.94 -4.43
CA LEU E 323 -35.30 0.81 -5.32
C LEU E 323 -36.60 0.03 -5.51
N LEU E 324 -36.53 -1.08 -6.23
CA LEU E 324 -37.70 -1.91 -6.41
C LEU E 324 -37.59 -3.09 -5.48
N ARG E 325 -38.46 -3.13 -4.47
CA ARG E 325 -38.50 -4.20 -3.48
C ARG E 325 -37.95 -5.49 -4.06
N THR E 326 -36.81 -5.95 -3.53
CA THR E 326 -36.18 -7.17 -4.01
C THR E 326 -36.73 -8.45 -3.38
N HIS E 327 -37.35 -8.32 -2.20
CA HIS E 327 -37.96 -9.45 -1.51
C HIS E 327 -39.03 -8.97 -0.53
N THR E 328 -40.05 -9.79 -0.30
CA THR E 328 -41.12 -9.42 0.61
C THR E 328 -40.64 -9.28 2.06
N THR E 329 -39.44 -9.76 2.36
CA THR E 329 -38.90 -9.70 3.71
C THR E 329 -38.91 -8.27 4.23
N SER E 330 -38.73 -7.31 3.34
CA SER E 330 -38.75 -5.91 3.75
C SER E 330 -40.12 -5.62 4.37
N ALA E 331 -41.16 -6.11 3.70
CA ALA E 331 -42.53 -5.92 4.18
C ALA E 331 -42.68 -6.40 5.61
N SER E 332 -42.04 -7.51 5.93
CA SER E 332 -42.09 -8.08 7.26
C SER E 332 -41.34 -7.18 8.22
N ALA E 333 -40.24 -6.60 7.75
CA ALA E 333 -39.45 -5.70 8.58
C ALA E 333 -40.39 -4.59 9.04
N ARG E 334 -41.11 -4.01 8.07
CA ARG E 334 -42.07 -2.95 8.35
C ARG E 334 -43.02 -3.47 9.41
N ALA E 335 -43.77 -4.50 9.05
CA ALA E 335 -44.74 -5.14 9.92
C ALA E 335 -44.24 -5.35 11.35
N LEU E 336 -43.05 -5.92 11.49
CA LEU E 336 -42.48 -6.17 12.80
C LEU E 336 -42.18 -4.89 13.53
N TYR E 337 -41.61 -3.92 12.83
CA TYR E 337 -41.32 -2.64 13.48
C TYR E 337 -42.60 -2.05 14.03
N ARG E 338 -43.65 -2.02 13.20
CA ARG E 338 -44.93 -1.50 13.66
C ARG E 338 -45.33 -2.24 14.94
N LEU E 339 -45.30 -3.58 14.88
CA LEU E 339 -45.64 -4.42 16.02
C LEU E 339 -44.86 -4.05 17.28
N ALA E 340 -43.57 -3.77 17.09
CA ALA E 340 -42.69 -3.42 18.21
C ALA E 340 -43.15 -2.20 18.98
N GLN E 341 -43.99 -1.38 18.34
CA GLN E 341 -44.48 -0.16 18.97
C GLN E 341 -45.76 -0.36 19.78
N LYS E 342 -46.43 -1.50 19.66
CA LYS E 342 -47.66 -1.75 20.41
C LYS E 342 -47.45 -1.68 21.92
N LYS E 343 -48.36 -0.97 22.61
CA LYS E 343 -48.31 -0.79 24.07
C LYS E 343 -47.67 -2.04 24.67
N PRO E 344 -48.44 -3.13 24.86
CA PRO E 344 -47.78 -4.32 25.41
C PRO E 344 -47.57 -5.24 24.20
N PHE E 345 -46.52 -6.04 24.21
CA PHE E 345 -46.30 -6.91 23.07
C PHE E 345 -47.38 -7.94 23.00
N THR E 346 -47.72 -8.31 21.78
CA THR E 346 -48.72 -9.31 21.57
C THR E 346 -48.29 -10.19 20.42
N PRO E 347 -48.18 -11.51 20.65
CA PRO E 347 -47.77 -12.50 19.64
C PRO E 347 -48.65 -12.43 18.38
N VAL E 348 -48.05 -12.73 17.24
CA VAL E 348 -48.77 -12.65 15.97
C VAL E 348 -48.29 -13.66 14.94
N LYS E 349 -49.00 -13.70 13.82
CA LYS E 349 -48.65 -14.57 12.70
C LYS E 349 -49.02 -13.79 11.45
N TYR E 350 -48.02 -13.33 10.71
CA TYR E 350 -48.25 -12.56 9.49
C TYR E 350 -47.85 -13.36 8.27
N PHE E 351 -48.39 -12.97 7.13
CA PHE E 351 -48.08 -13.61 5.86
C PHE E 351 -48.40 -12.62 4.79
N SER E 352 -47.81 -12.80 3.62
CA SER E 352 -48.03 -11.90 2.49
C SER E 352 -47.51 -12.50 1.20
N ILE E 353 -48.29 -12.37 0.12
CA ILE E 353 -47.85 -12.87 -1.17
C ILE E 353 -47.81 -11.68 -2.11
N ASP E 354 -46.63 -11.10 -2.30
CA ASP E 354 -46.51 -9.96 -3.19
C ASP E 354 -45.26 -10.05 -4.06
N ARG E 355 -45.38 -9.60 -5.31
CA ARG E 355 -44.27 -9.67 -6.26
C ARG E 355 -43.10 -8.77 -5.89
N VAL E 356 -41.91 -9.20 -6.28
CA VAL E 356 -40.71 -8.45 -6.01
C VAL E 356 -39.85 -8.37 -7.26
N PHE E 357 -38.87 -7.48 -7.23
CA PHE E 357 -38.04 -7.24 -8.40
C PHE E 357 -36.54 -7.47 -8.26
N ARG E 358 -36.04 -8.37 -9.11
CA ARG E 358 -34.63 -8.73 -9.16
C ARG E 358 -34.08 -8.27 -10.50
N ASN E 359 -32.79 -7.99 -10.57
CA ASN E 359 -32.19 -7.56 -11.83
C ASN E 359 -31.53 -8.79 -12.46
N GLU E 360 -32.33 -9.57 -13.18
CA GLU E 360 -31.82 -10.78 -13.80
C GLU E 360 -32.03 -10.81 -15.31
N THR E 361 -31.59 -11.90 -15.93
CA THR E 361 -31.71 -12.08 -17.36
C THR E 361 -33.13 -12.53 -17.74
N LEU E 362 -33.83 -11.67 -18.47
CA LEU E 362 -35.22 -11.92 -18.92
C LEU E 362 -35.32 -13.03 -19.98
N ASP E 363 -35.39 -14.29 -19.53
CA ASP E 363 -35.51 -15.43 -20.45
C ASP E 363 -36.62 -16.40 -20.04
N ALA E 364 -36.34 -17.70 -20.11
CA ALA E 364 -37.32 -18.72 -19.74
C ALA E 364 -36.82 -19.59 -18.59
N THR E 365 -36.12 -18.97 -17.66
CA THR E 365 -35.59 -19.65 -16.48
C THR E 365 -36.17 -19.01 -15.21
N HIS E 366 -36.50 -17.71 -15.30
CA HIS E 366 -37.07 -16.91 -14.21
C HIS E 366 -36.90 -15.41 -14.55
N LEU E 367 -38.00 -14.66 -14.75
CA LEU E 367 -37.87 -13.23 -15.07
C LEU E 367 -37.49 -12.37 -13.87
N ALA E 368 -37.02 -11.15 -14.15
CA ALA E 368 -36.57 -10.18 -13.14
C ALA E 368 -37.63 -9.69 -12.15
N GLU E 369 -38.84 -10.23 -12.23
CA GLU E 369 -39.88 -9.87 -11.30
C GLU E 369 -40.80 -11.07 -11.18
N PHE E 370 -41.05 -11.50 -9.93
CA PHE E 370 -41.91 -12.66 -9.68
C PHE E 370 -42.58 -12.58 -8.31
N HIS E 371 -43.52 -13.49 -8.07
CA HIS E 371 -44.29 -13.56 -6.84
C HIS E 371 -43.66 -14.41 -5.76
N GLN E 372 -43.42 -13.77 -4.61
CA GLN E 372 -42.80 -14.39 -3.45
C GLN E 372 -43.75 -14.38 -2.24
N ILE E 373 -44.01 -15.53 -1.66
CA ILE E 373 -44.88 -15.60 -0.49
C ILE E 373 -44.01 -15.75 0.75
N GLU E 374 -44.39 -15.09 1.84
CA GLU E 374 -43.64 -15.15 3.08
C GLU E 374 -44.54 -15.28 4.31
N GLY E 375 -44.14 -16.11 5.26
CA GLY E 375 -44.90 -16.29 6.48
C GLY E 375 -43.99 -15.98 7.66
N VAL E 376 -44.52 -15.32 8.67
CA VAL E 376 -43.73 -15.00 9.85
C VAL E 376 -44.51 -15.18 11.16
N VAL E 377 -43.86 -15.75 12.17
CA VAL E 377 -44.49 -16.00 13.47
C VAL E 377 -43.65 -15.34 14.56
N ALA E 378 -44.29 -14.58 15.44
CA ALA E 378 -43.54 -13.88 16.48
C ALA E 378 -44.17 -14.13 17.82
N ASP E 379 -43.48 -14.89 18.66
CA ASP E 379 -43.99 -15.21 19.98
C ASP E 379 -42.86 -15.27 20.98
N HIS E 380 -43.16 -15.84 22.13
CA HIS E 380 -42.16 -15.98 23.18
C HIS E 380 -41.53 -17.37 23.14
N GLY E 381 -40.20 -17.42 23.11
CA GLY E 381 -39.53 -18.69 23.11
C GLY E 381 -39.81 -19.67 21.98
N LEU E 382 -39.83 -19.17 20.75
CA LEU E 382 -40.03 -20.03 19.60
C LEU E 382 -38.68 -20.69 19.33
N THR E 383 -38.70 -21.97 18.96
CA THR E 383 -37.47 -22.68 18.70
C THR E 383 -37.37 -23.06 17.26
N LEU E 384 -36.18 -23.49 16.87
CA LEU E 384 -35.96 -23.92 15.50
C LEU E 384 -36.97 -25.02 15.20
N GLY E 385 -37.28 -25.81 16.22
CA GLY E 385 -38.23 -26.91 16.10
C GLY E 385 -39.59 -26.41 15.74
N HIS E 386 -39.98 -25.28 16.32
CA HIS E 386 -41.26 -24.66 16.01
C HIS E 386 -41.29 -24.30 14.54
N LEU E 387 -40.23 -23.62 14.10
CA LEU E 387 -40.10 -23.21 12.71
C LEU E 387 -40.34 -24.47 11.87
N MET E 388 -39.69 -25.58 12.27
CA MET E 388 -39.84 -26.85 11.57
C MET E 388 -41.28 -27.35 11.65
N GLY E 389 -41.84 -27.31 12.85
CA GLY E 389 -43.20 -27.77 13.01
C GLY E 389 -44.19 -27.04 12.13
N VAL E 390 -44.11 -25.72 12.15
CA VAL E 390 -44.99 -24.91 11.34
C VAL E 390 -44.79 -25.26 9.90
N LEU E 391 -43.53 -25.31 9.48
CA LEU E 391 -43.23 -25.67 8.10
C LEU E 391 -43.88 -26.99 7.69
N ARG E 392 -43.85 -27.99 8.57
CA ARG E 392 -44.45 -29.26 8.23
C ARG E 392 -45.93 -29.10 8.03
N GLU E 393 -46.57 -28.37 8.93
CA GLU E 393 -48.01 -28.18 8.81
C GLU E 393 -48.35 -27.45 7.54
N PHE E 394 -47.55 -26.45 7.20
CA PHE E 394 -47.78 -25.69 6.00
C PHE E 394 -47.65 -26.54 4.74
N PHE E 395 -46.50 -27.18 4.53
CA PHE E 395 -46.32 -28.01 3.35
C PHE E 395 -47.20 -29.22 3.28
N THR E 396 -47.96 -29.46 4.33
CA THR E 396 -48.85 -30.61 4.30
C THR E 396 -50.14 -30.18 3.65
N LYS E 397 -50.56 -28.95 3.92
CA LYS E 397 -51.78 -28.45 3.33
C LYS E 397 -51.47 -28.16 1.88
N LEU E 398 -50.25 -28.46 1.47
CA LEU E 398 -49.81 -28.24 0.12
C LEU E 398 -49.60 -29.61 -0.48
N GLY E 399 -49.85 -30.62 0.33
CA GLY E 399 -49.68 -32.00 -0.09
C GLY E 399 -48.23 -32.42 -0.25
N ILE E 400 -47.46 -32.37 0.84
CA ILE E 400 -46.07 -32.76 0.80
C ILE E 400 -45.67 -33.36 2.14
N THR E 401 -45.03 -34.52 2.12
CA THR E 401 -44.65 -35.12 3.38
C THR E 401 -43.15 -35.42 3.42
N GLN E 402 -42.56 -35.62 2.27
CA GLN E 402 -41.15 -35.90 2.22
C GLN E 402 -40.42 -34.60 2.60
N LEU E 403 -40.31 -34.32 3.90
CA LEU E 403 -39.62 -33.09 4.33
C LEU E 403 -38.29 -33.34 5.04
N ARG E 404 -37.24 -32.69 4.56
CA ARG E 404 -35.89 -32.78 5.16
C ARG E 404 -35.27 -31.40 5.20
N PHE E 405 -34.77 -31.00 6.36
CA PHE E 405 -34.19 -29.67 6.52
C PHE E 405 -32.70 -29.66 6.39
N LYS E 406 -32.17 -28.54 5.92
CA LYS E 406 -30.74 -28.38 5.71
C LYS E 406 -30.25 -27.02 6.16
N PRO E 407 -29.07 -26.96 6.78
CA PRO E 407 -28.53 -25.68 7.25
C PRO E 407 -28.31 -24.77 6.06
N ALA E 408 -28.39 -23.47 6.30
CA ALA E 408 -28.21 -22.50 5.24
C ALA E 408 -27.77 -21.16 5.80
N TYR E 409 -27.72 -20.16 4.92
CA TYR E 409 -27.31 -18.84 5.33
C TYR E 409 -28.18 -17.72 4.78
N ASN E 410 -28.55 -16.82 5.68
CA ASN E 410 -29.34 -15.65 5.35
C ASN E 410 -28.78 -14.62 6.29
N PRO E 411 -28.42 -13.45 5.78
CA PRO E 411 -27.86 -12.37 6.58
C PRO E 411 -28.73 -12.04 7.79
N TYR E 412 -30.03 -12.19 7.65
CA TYR E 412 -30.97 -11.86 8.72
C TYR E 412 -31.63 -12.96 9.53
N THR E 413 -30.91 -14.05 9.82
CA THR E 413 -31.49 -15.15 10.62
C THR E 413 -30.41 -15.84 11.45
N GLU E 414 -30.66 -16.02 12.77
CA GLU E 414 -29.67 -16.67 13.63
C GLU E 414 -29.46 -18.00 12.95
N PRO E 415 -30.35 -18.99 13.18
CA PRO E 415 -30.07 -20.23 12.44
C PRO E 415 -30.94 -20.05 11.19
N SER E 416 -30.57 -20.68 10.09
CA SER E 416 -31.36 -20.56 8.88
C SER E 416 -31.39 -21.94 8.27
N MET E 417 -32.51 -22.33 7.67
CA MET E 417 -32.57 -23.64 7.09
C MET E 417 -33.42 -23.66 5.84
N GLU E 418 -33.04 -24.51 4.90
CA GLU E 418 -33.77 -24.65 3.66
C GLU E 418 -34.59 -25.89 3.88
N VAL E 419 -35.71 -25.98 3.17
CA VAL E 419 -36.63 -27.11 3.27
C VAL E 419 -36.65 -27.87 1.95
N PHE E 420 -36.53 -29.19 2.00
CA PHE E 420 -36.50 -30.01 0.79
C PHE E 420 -37.58 -31.09 0.78
N SER E 421 -37.80 -31.68 -0.39
CA SER E 421 -38.80 -32.73 -0.55
C SER E 421 -38.41 -33.67 -1.68
N TYR E 422 -38.57 -34.98 -1.46
CA TYR E 422 -38.19 -35.93 -2.49
C TYR E 422 -39.08 -35.71 -3.70
N HIS E 423 -38.53 -35.91 -4.89
CA HIS E 423 -39.31 -35.77 -6.12
C HIS E 423 -39.34 -37.08 -6.89
N GLN E 424 -40.55 -37.59 -7.11
CA GLN E 424 -40.74 -38.83 -7.83
C GLN E 424 -39.96 -38.73 -9.14
N GLY E 425 -40.24 -37.66 -9.89
CA GLY E 425 -39.57 -37.42 -11.15
C GLY E 425 -38.12 -37.03 -10.96
N LEU E 426 -37.41 -37.81 -10.15
CA LEU E 426 -35.97 -37.60 -9.89
C LEU E 426 -35.37 -38.35 -8.69
N LYS E 427 -34.11 -38.71 -8.86
CA LYS E 427 -33.38 -39.41 -7.82
C LYS E 427 -32.82 -38.40 -6.84
N LYS E 428 -33.55 -37.31 -6.62
CA LYS E 428 -33.08 -36.29 -5.68
C LYS E 428 -34.19 -35.37 -5.16
N TRP E 429 -33.88 -34.68 -4.06
CA TRP E 429 -34.77 -33.75 -3.40
C TRP E 429 -34.85 -32.42 -4.12
N VAL E 430 -35.45 -31.43 -3.48
CA VAL E 430 -35.58 -30.10 -4.07
C VAL E 430 -35.89 -29.04 -3.03
N GLU E 431 -35.22 -27.91 -3.15
CA GLU E 431 -35.46 -26.81 -2.23
C GLU E 431 -36.90 -26.40 -2.46
N VAL E 432 -37.73 -26.44 -1.44
CA VAL E 432 -39.14 -26.06 -1.58
C VAL E 432 -39.40 -24.78 -0.82
N GLY E 433 -38.42 -24.41 -0.02
CA GLY E 433 -38.54 -23.21 0.76
C GLY E 433 -37.30 -22.94 1.59
N ASN E 434 -37.05 -21.65 1.82
CA ASN E 434 -35.93 -21.17 2.62
C ASN E 434 -36.54 -20.49 3.87
N SER E 435 -35.91 -20.67 5.03
CA SER E 435 -36.43 -20.08 6.27
C SER E 435 -35.32 -19.80 7.25
N GLY E 436 -35.66 -19.12 8.34
CA GLY E 436 -34.67 -18.79 9.34
C GLY E 436 -35.29 -18.30 10.63
N VAL E 437 -34.50 -17.56 11.41
CA VAL E 437 -34.97 -17.02 12.68
C VAL E 437 -34.40 -15.63 12.92
N PHE E 438 -34.92 -14.63 12.22
CA PHE E 438 -34.44 -13.25 12.37
C PHE E 438 -33.44 -13.00 13.51
N ARG E 439 -32.27 -12.47 13.15
CA ARG E 439 -31.26 -12.17 14.14
C ARG E 439 -31.73 -11.09 15.10
N PRO E 440 -31.23 -11.08 16.32
CA PRO E 440 -31.67 -10.05 17.26
C PRO E 440 -31.12 -8.69 16.86
N GLU E 441 -30.01 -8.64 16.13
CA GLU E 441 -29.50 -7.34 15.74
C GLU E 441 -30.43 -6.74 14.66
N MET E 442 -31.46 -7.49 14.29
CA MET E 442 -32.43 -7.00 13.32
C MET E 442 -33.66 -6.55 14.10
N LEU E 443 -34.08 -7.42 15.02
CA LEU E 443 -35.24 -7.21 15.85
C LEU E 443 -35.08 -6.23 17.00
N LEU E 444 -34.11 -6.47 17.87
CA LEU E 444 -33.91 -5.61 19.03
C LEU E 444 -33.89 -4.12 18.74
N PRO E 445 -33.19 -3.70 17.67
CA PRO E 445 -33.18 -2.25 17.39
C PRO E 445 -34.56 -1.73 16.97
N MET E 446 -35.48 -2.60 16.56
CA MET E 446 -36.82 -2.17 16.18
C MET E 446 -37.58 -1.84 17.45
N GLY E 447 -37.13 -2.40 18.56
CA GLY E 447 -37.79 -2.13 19.82
C GLY E 447 -38.54 -3.33 20.37
N LEU E 448 -38.45 -4.47 19.70
CA LEU E 448 -39.13 -5.64 20.21
C LEU E 448 -38.44 -6.06 21.47
N PRO E 449 -39.17 -6.72 22.38
CA PRO E 449 -38.59 -7.18 23.64
C PRO E 449 -37.59 -8.33 23.43
N GLU E 450 -36.65 -8.46 24.35
CA GLU E 450 -35.64 -9.50 24.24
C GLU E 450 -36.22 -10.89 24.45
N ASN E 451 -37.36 -10.99 25.13
CA ASN E 451 -37.94 -12.30 25.37
C ASN E 451 -38.77 -12.78 24.19
N VAL E 452 -38.95 -11.92 23.21
CA VAL E 452 -39.70 -12.27 22.00
C VAL E 452 -38.74 -12.72 20.91
N SER E 453 -39.11 -13.75 20.18
CA SER E 453 -38.28 -14.19 19.08
C SER E 453 -39.22 -14.42 17.92
N VAL E 454 -38.78 -14.14 16.69
CA VAL E 454 -39.63 -14.37 15.53
C VAL E 454 -38.94 -15.22 14.48
N ILE E 455 -39.68 -16.18 13.96
CA ILE E 455 -39.21 -17.11 12.94
C ILE E 455 -39.98 -16.79 11.66
N ALA E 456 -39.41 -17.12 10.51
CA ALA E 456 -40.08 -16.87 9.25
C ALA E 456 -39.61 -17.80 8.14
N TRP E 457 -40.39 -17.92 7.07
CA TRP E 457 -40.02 -18.78 5.94
C TRP E 457 -40.61 -18.23 4.67
N GLY E 458 -40.12 -18.66 3.53
CA GLY E 458 -40.65 -18.17 2.28
C GLY E 458 -40.34 -18.97 1.03
N LEU E 459 -41.09 -18.72 -0.04
CA LEU E 459 -40.88 -19.41 -1.30
C LEU E 459 -41.55 -18.62 -2.41
N SER E 460 -41.38 -19.08 -3.65
CA SER E 460 -41.94 -18.37 -4.80
C SER E 460 -43.20 -19.04 -5.30
N LEU E 461 -44.17 -18.20 -5.68
CA LEU E 461 -45.45 -18.66 -6.19
C LEU E 461 -45.26 -19.43 -7.51
N GLU E 462 -44.19 -19.08 -8.23
CA GLU E 462 -43.85 -19.64 -9.52
C GLU E 462 -43.40 -21.10 -9.48
N ARG E 463 -42.29 -21.40 -8.80
CA ARG E 463 -41.75 -22.76 -8.69
C ARG E 463 -42.82 -23.84 -8.53
N PRO E 464 -43.65 -23.75 -7.48
CA PRO E 464 -44.69 -24.75 -7.26
C PRO E 464 -45.70 -24.86 -8.40
N THR E 465 -45.86 -23.83 -9.22
CA THR E 465 -46.80 -23.99 -10.31
C THR E 465 -46.10 -24.73 -11.45
N MET E 466 -44.78 -24.66 -11.48
CA MET E 466 -43.97 -25.32 -12.49
C MET E 466 -44.15 -26.84 -12.41
N ILE E 467 -44.88 -27.29 -11.40
CA ILE E 467 -45.08 -28.70 -11.21
C ILE E 467 -46.51 -29.11 -10.75
N LYS E 468 -47.22 -28.21 -10.04
CA LYS E 468 -48.62 -28.47 -9.61
C LYS E 468 -49.41 -28.20 -10.89
N TYR E 469 -48.63 -28.09 -11.96
CA TYR E 469 -49.10 -27.84 -13.31
C TYR E 469 -47.88 -28.08 -14.23
N GLY E 470 -46.94 -28.87 -13.72
CA GLY E 470 -45.72 -29.22 -14.43
C GLY E 470 -45.52 -28.69 -15.84
N ILE E 471 -44.59 -27.75 -15.99
CA ILE E 471 -44.30 -27.15 -17.29
C ILE E 471 -43.06 -26.25 -17.31
N ASN E 472 -42.14 -26.51 -18.24
CA ASN E 472 -40.94 -25.70 -18.39
C ASN E 472 -41.46 -24.34 -18.85
N ASN E 473 -40.81 -23.79 -19.89
CA ASN E 473 -41.22 -22.51 -20.47
C ASN E 473 -41.77 -21.45 -19.51
N ILE E 474 -41.03 -21.16 -18.43
CA ILE E 474 -41.43 -20.18 -17.41
C ILE E 474 -41.58 -18.81 -18.05
N ARG E 475 -42.75 -18.54 -18.62
CA ARG E 475 -42.99 -17.28 -19.30
C ARG E 475 -44.24 -17.49 -20.12
N GLU E 476 -44.56 -18.77 -20.30
CA GLU E 476 -45.71 -19.19 -21.05
C GLU E 476 -46.96 -19.09 -20.17
N LEU E 477 -46.85 -18.25 -19.14
CA LEU E 477 -47.98 -17.99 -18.25
C LEU E 477 -47.74 -16.91 -17.21
N VAL E 478 -46.81 -16.01 -17.48
CA VAL E 478 -46.57 -14.94 -16.54
C VAL E 478 -46.10 -13.70 -17.26
N GLY E 479 -47.01 -13.12 -18.03
CA GLY E 479 -46.68 -11.91 -18.77
C GLY E 479 -47.66 -11.70 -19.89
N HIS E 480 -47.28 -10.86 -20.83
CA HIS E 480 -48.14 -10.59 -21.97
C HIS E 480 -47.95 -11.66 -23.01
N LYS E 481 -46.82 -12.37 -22.97
CA LYS E 481 -46.56 -13.45 -23.92
C LYS E 481 -47.33 -14.73 -23.55
N VAL E 482 -48.13 -14.63 -22.49
CA VAL E 482 -48.93 -15.77 -22.01
C VAL E 482 -49.83 -16.37 -23.07
N ASN E 483 -49.87 -17.69 -23.13
CA ASN E 483 -50.69 -18.40 -24.10
C ASN E 483 -52.11 -18.51 -23.53
N LEU E 484 -52.94 -17.50 -23.77
CA LEU E 484 -54.31 -17.49 -23.26
C LEU E 484 -55.07 -18.80 -23.38
N GLN E 485 -54.82 -19.57 -24.44
CA GLN E 485 -55.52 -20.84 -24.59
C GLN E 485 -55.24 -21.76 -23.41
N MET E 486 -54.02 -21.68 -22.89
CA MET E 486 -53.63 -22.49 -21.75
C MET E 486 -54.42 -22.08 -20.51
N VAL E 487 -54.74 -20.79 -20.43
CA VAL E 487 -55.51 -20.23 -19.32
C VAL E 487 -56.96 -20.72 -19.37
N TYR E 488 -57.56 -20.63 -20.56
CA TYR E 488 -58.94 -21.07 -20.74
C TYR E 488 -59.12 -22.51 -20.23
N ASP E 489 -58.09 -23.32 -20.49
CA ASP E 489 -58.11 -24.73 -20.13
C ASP E 489 -57.62 -25.09 -18.72
N SER E 490 -56.89 -24.19 -18.05
CA SER E 490 -56.39 -24.45 -16.70
C SER E 490 -57.53 -24.83 -15.75
N PRO E 491 -57.47 -26.01 -15.10
CA PRO E 491 -58.57 -26.39 -14.21
C PRO E 491 -58.39 -26.02 -12.74
N LEU E 492 -59.34 -26.49 -11.94
CA LEU E 492 -59.36 -26.22 -10.50
C LEU E 492 -58.15 -26.77 -9.79
N CYS E 493 -57.76 -26.11 -8.70
CA CYS E 493 -56.64 -26.57 -7.89
C CYS E 493 -57.19 -27.26 -6.67
N ARG E 494 -57.89 -28.36 -6.89
CA ARG E 494 -58.51 -29.13 -5.81
C ARG E 494 -57.48 -29.79 -4.88
N LEU E 495 -57.94 -30.14 -3.68
CA LEU E 495 -57.13 -30.79 -2.64
C LEU E 495 -56.02 -31.63 -3.27
N ASP E 496 -56.43 -32.80 -3.76
CA ASP E 496 -55.59 -33.79 -4.42
C ASP E 496 -56.33 -35.13 -4.55
N ALA E 497 -57.19 -35.22 -5.57
CA ALA E 497 -57.96 -36.44 -5.84
C ALA E 497 -57.12 -37.35 -6.72
N GLU E 498 -56.22 -38.09 -6.07
CA GLU E 498 -55.31 -39.01 -6.76
C GLU E 498 -55.08 -40.25 -5.90
N MET F 1 -23.21 -16.25 -3.25
CA MET F 1 -22.97 -17.72 -3.11
C MET F 1 -21.56 -18.14 -3.57
N PRO F 2 -20.54 -18.02 -2.68
CA PRO F 2 -19.17 -18.40 -3.03
C PRO F 2 -19.02 -19.87 -3.42
N THR F 3 -18.45 -20.11 -4.59
CA THR F 3 -18.26 -21.49 -5.07
C THR F 3 -16.78 -21.79 -5.02
N VAL F 4 -16.43 -23.03 -4.67
CA VAL F 4 -15.03 -23.42 -4.58
C VAL F 4 -14.75 -24.71 -5.34
N SER F 5 -13.93 -24.63 -6.40
CA SER F 5 -13.60 -25.80 -7.21
C SER F 5 -12.41 -26.52 -6.59
N VAL F 6 -12.47 -27.85 -6.55
CA VAL F 6 -11.38 -28.63 -5.98
C VAL F 6 -11.17 -29.93 -6.72
N LYS F 7 -9.90 -30.28 -6.94
CA LYS F 7 -9.58 -31.52 -7.63
C LYS F 7 -10.09 -32.66 -6.75
N ARG F 8 -11.10 -33.38 -7.23
CA ARG F 8 -11.70 -34.47 -6.46
C ARG F 8 -10.69 -35.41 -5.80
N ASP F 9 -10.00 -36.19 -6.62
CA ASP F 9 -9.01 -37.14 -6.14
C ASP F 9 -8.14 -36.52 -5.04
N LEU F 10 -7.84 -35.23 -5.20
CA LEU F 10 -7.03 -34.50 -4.24
C LEU F 10 -7.82 -34.29 -2.96
N LEU F 11 -9.04 -33.78 -3.11
CA LEU F 11 -9.93 -33.53 -1.98
C LEU F 11 -10.00 -34.80 -1.14
N PHE F 12 -10.38 -35.91 -1.77
CA PHE F 12 -10.50 -37.20 -1.09
C PHE F 12 -9.19 -37.56 -0.40
N GLN F 13 -8.09 -37.44 -1.14
CA GLN F 13 -6.79 -37.76 -0.59
C GLN F 13 -6.54 -36.87 0.62
N ALA F 14 -6.88 -35.60 0.48
CA ALA F 14 -6.70 -34.63 1.54
C ALA F 14 -7.42 -35.07 2.81
N LEU F 15 -8.66 -35.54 2.64
CA LEU F 15 -9.45 -36.00 3.77
C LEU F 15 -8.90 -37.29 4.37
N GLY F 16 -8.70 -38.30 3.53
CA GLY F 16 -8.19 -39.57 4.00
C GLY F 16 -9.24 -40.65 3.79
N ARG F 17 -10.05 -40.45 2.75
CA ARG F 17 -11.12 -41.38 2.39
C ARG F 17 -11.58 -41.18 0.96
N THR F 18 -12.42 -42.10 0.50
CA THR F 18 -12.95 -42.03 -0.84
C THR F 18 -14.47 -41.92 -0.69
N TYR F 19 -15.08 -40.97 -1.39
CA TYR F 19 -16.54 -40.77 -1.28
C TYR F 19 -17.35 -40.99 -2.55
N THR F 20 -18.54 -41.54 -2.39
CA THR F 20 -19.46 -41.75 -3.49
C THR F 20 -19.90 -40.33 -3.87
N ASP F 21 -20.42 -40.16 -5.09
CA ASP F 21 -20.89 -38.85 -5.48
C ASP F 21 -22.14 -38.53 -4.67
N GLU F 22 -22.58 -39.51 -3.89
CA GLU F 22 -23.74 -39.34 -3.01
C GLU F 22 -23.18 -39.13 -1.61
N GLU F 23 -22.28 -40.01 -1.20
CA GLU F 23 -21.67 -39.92 0.11
C GLU F 23 -21.18 -38.53 0.41
N PHE F 24 -20.58 -37.88 -0.58
CA PHE F 24 -20.07 -36.52 -0.38
C PHE F 24 -21.19 -35.49 -0.52
N ASP F 25 -22.07 -35.69 -1.50
CA ASP F 25 -23.17 -34.76 -1.68
C ASP F 25 -23.91 -34.71 -0.33
N GLU F 26 -23.87 -35.83 0.39
CA GLU F 26 -24.53 -35.95 1.69
C GLU F 26 -23.74 -35.13 2.72
N LEU F 27 -22.46 -35.45 2.85
CA LEU F 27 -21.58 -34.77 3.78
C LEU F 27 -21.76 -33.28 3.63
N CYS F 28 -21.89 -32.80 2.39
CA CYS F 28 -22.04 -31.37 2.11
C CYS F 28 -23.29 -30.85 2.77
N PHE F 29 -24.40 -31.52 2.48
CA PHE F 29 -25.71 -31.19 3.02
C PHE F 29 -25.63 -31.10 4.53
N GLU F 30 -25.06 -32.15 5.10
CA GLU F 30 -24.87 -32.30 6.54
C GLU F 30 -24.13 -31.12 7.19
N PHE F 31 -23.32 -30.42 6.40
CA PHE F 31 -22.51 -29.33 6.88
C PHE F 31 -22.88 -27.97 6.32
N GLY F 32 -24.07 -27.88 5.73
CA GLY F 32 -24.52 -26.61 5.19
C GLY F 32 -23.93 -26.23 3.85
N LEU F 33 -23.19 -27.15 3.26
CA LEU F 33 -22.60 -26.92 1.95
C LEU F 33 -23.51 -27.52 0.89
N GLU F 34 -23.12 -27.37 -0.37
CA GLU F 34 -23.90 -27.92 -1.46
C GLU F 34 -22.95 -28.26 -2.60
N LEU F 35 -23.06 -29.47 -3.11
CA LEU F 35 -22.21 -29.91 -4.20
C LEU F 35 -22.88 -29.51 -5.49
N ASP F 36 -22.76 -28.22 -5.82
CA ASP F 36 -23.39 -27.63 -7.01
C ASP F 36 -23.30 -28.43 -8.30
N GLU F 37 -22.10 -28.82 -8.70
CA GLU F 37 -21.93 -29.60 -9.92
C GLU F 37 -20.60 -30.34 -10.01
N ILE F 38 -20.52 -31.30 -10.91
CA ILE F 38 -19.30 -32.06 -11.08
C ILE F 38 -18.90 -32.14 -12.54
N THR F 39 -17.74 -31.57 -12.86
CA THR F 39 -17.22 -31.63 -14.23
C THR F 39 -15.71 -31.67 -14.14
N SER F 40 -15.07 -31.47 -15.30
CA SER F 40 -13.62 -31.42 -15.42
C SER F 40 -13.39 -30.09 -16.13
N GLU F 41 -12.15 -29.80 -16.50
CA GLU F 41 -11.88 -28.54 -17.18
C GLU F 41 -12.21 -28.66 -18.66
N LYS F 42 -11.76 -29.74 -19.28
CA LYS F 42 -12.00 -29.97 -20.71
C LYS F 42 -13.46 -30.30 -20.97
N GLU F 43 -14.27 -30.33 -19.91
CA GLU F 43 -15.68 -30.60 -20.06
C GLU F 43 -16.41 -29.29 -19.86
N ILE F 44 -15.73 -28.34 -19.21
CA ILE F 44 -16.31 -27.02 -18.94
C ILE F 44 -16.11 -26.03 -20.08
N ILE F 45 -14.87 -25.87 -20.52
CA ILE F 45 -14.58 -24.95 -21.63
C ILE F 45 -14.97 -25.67 -22.93
N SER F 46 -15.61 -26.82 -22.75
CA SER F 46 -16.09 -27.65 -23.85
C SER F 46 -17.60 -27.45 -24.00
N LYS F 47 -18.09 -26.35 -23.45
CA LYS F 47 -19.50 -25.98 -23.51
C LYS F 47 -19.58 -24.48 -23.84
N GLU F 48 -18.74 -24.06 -24.78
CA GLU F 48 -18.68 -22.67 -25.23
C GLU F 48 -17.80 -22.53 -26.47
N GLN F 49 -16.73 -23.33 -26.53
CA GLN F 49 -15.78 -23.32 -27.64
C GLN F 49 -15.73 -24.66 -28.38
N GLY F 50 -16.86 -25.34 -28.44
CA GLY F 50 -16.94 -26.62 -29.12
C GLY F 50 -16.02 -27.67 -28.54
N ASN F 51 -15.61 -28.63 -29.37
CA ASN F 51 -14.72 -29.68 -28.91
C ASN F 51 -13.25 -29.32 -29.06
N VAL F 52 -12.92 -28.05 -28.87
CA VAL F 52 -11.52 -27.63 -28.95
C VAL F 52 -10.86 -28.15 -27.65
N LYS F 53 -10.84 -29.49 -27.53
CA LYS F 53 -10.31 -30.21 -26.38
C LYS F 53 -8.82 -30.05 -26.06
N ALA F 54 -8.51 -29.21 -25.09
CA ALA F 54 -7.12 -29.04 -24.68
C ALA F 54 -6.83 -30.26 -23.79
N ALA F 55 -7.26 -31.41 -24.28
CA ALA F 55 -7.10 -32.70 -23.60
C ALA F 55 -5.77 -32.80 -22.84
N GLY F 56 -5.84 -33.35 -21.63
CA GLY F 56 -4.66 -33.51 -20.80
C GLY F 56 -5.01 -33.75 -19.34
N ALA F 57 -5.06 -32.68 -18.55
CA ALA F 57 -5.41 -32.74 -17.13
C ALA F 57 -6.79 -32.10 -16.94
N SER F 58 -7.28 -31.46 -17.99
CA SER F 58 -8.59 -30.84 -17.98
C SER F 58 -9.59 -31.99 -18.04
N ASP F 59 -9.05 -33.20 -17.97
CA ASP F 59 -9.81 -34.44 -18.00
C ASP F 59 -9.96 -34.95 -16.58
N VAL F 60 -9.38 -34.20 -15.63
CA VAL F 60 -9.50 -34.57 -14.23
C VAL F 60 -10.76 -33.92 -13.71
N VAL F 61 -11.50 -34.70 -12.93
CA VAL F 61 -12.76 -34.27 -12.36
C VAL F 61 -12.61 -33.46 -11.10
N LEU F 62 -13.45 -32.44 -10.98
CA LEU F 62 -13.39 -31.62 -9.79
C LEU F 62 -14.80 -31.29 -9.31
N TYR F 63 -14.94 -31.12 -8.00
CA TYR F 63 -16.22 -30.78 -7.41
C TYR F 63 -16.36 -29.27 -7.32
N LYS F 64 -17.54 -28.78 -7.65
CA LYS F 64 -17.86 -27.37 -7.63
C LYS F 64 -18.70 -27.23 -6.37
N ILE F 65 -18.03 -26.92 -5.26
CA ILE F 65 -18.71 -26.78 -3.97
C ILE F 65 -19.18 -25.38 -3.63
N ASP F 66 -20.41 -25.26 -3.16
CA ASP F 66 -20.96 -23.96 -2.78
C ASP F 66 -20.77 -23.78 -1.28
N VAL F 67 -20.37 -22.59 -0.88
CA VAL F 67 -20.11 -22.32 0.53
C VAL F 67 -20.79 -21.03 0.98
N PRO F 68 -21.26 -20.97 2.23
CA PRO F 68 -21.93 -19.79 2.79
C PRO F 68 -21.07 -18.53 2.81
N ALA F 69 -21.60 -17.43 2.26
CA ALA F 69 -20.85 -16.17 2.23
C ALA F 69 -20.51 -15.67 3.63
N ASN F 70 -20.81 -16.51 4.62
CA ASN F 70 -20.61 -16.20 6.02
C ASN F 70 -19.27 -16.73 6.47
N ARG F 71 -19.05 -18.03 6.24
CA ARG F 71 -17.82 -18.71 6.64
C ARG F 71 -16.68 -18.41 5.64
N TYR F 72 -15.65 -17.70 6.10
CA TYR F 72 -14.52 -17.35 5.25
C TYR F 72 -13.44 -18.41 5.26
N ASP F 73 -13.41 -19.19 6.32
CA ASP F 73 -12.42 -20.24 6.48
C ASP F 73 -12.75 -21.42 5.57
N LEU F 74 -13.63 -21.19 4.60
CA LEU F 74 -14.04 -22.25 3.68
C LEU F 74 -13.98 -21.83 2.23
N LEU F 75 -12.98 -21.03 1.88
CA LEU F 75 -12.85 -20.55 0.52
C LEU F 75 -11.76 -21.21 -0.27
N CYS F 76 -11.16 -22.24 0.32
CA CYS F 76 -10.08 -22.97 -0.33
C CYS F 76 -10.16 -24.42 0.11
N LEU F 77 -9.47 -25.30 -0.60
CA LEU F 77 -9.52 -26.70 -0.23
C LEU F 77 -8.96 -26.91 1.15
N GLU F 78 -7.84 -26.24 1.45
CA GLU F 78 -7.24 -26.39 2.75
C GLU F 78 -8.25 -26.15 3.87
N GLY F 79 -9.13 -25.18 3.65
CA GLY F 79 -10.15 -24.84 4.63
C GLY F 79 -11.31 -25.81 4.74
N LEU F 80 -11.88 -26.17 3.59
CA LEU F 80 -13.00 -27.12 3.56
C LEU F 80 -12.58 -28.43 4.19
N VAL F 81 -11.38 -28.86 3.85
CA VAL F 81 -10.88 -30.11 4.38
C VAL F 81 -10.67 -30.01 5.89
N ARG F 82 -10.15 -28.89 6.35
CA ARG F 82 -9.93 -28.69 7.78
C ARG F 82 -11.29 -28.65 8.50
N GLY F 83 -12.21 -27.86 7.96
CA GLY F 83 -13.52 -27.78 8.56
C GLY F 83 -14.24 -29.11 8.67
N LEU F 84 -14.48 -29.76 7.54
CA LEU F 84 -15.18 -31.04 7.51
C LEU F 84 -14.48 -32.08 8.37
N GLN F 85 -13.15 -32.02 8.38
CA GLN F 85 -12.35 -32.96 9.13
C GLN F 85 -12.69 -32.88 10.62
N VAL F 86 -12.76 -31.67 11.16
CA VAL F 86 -13.07 -31.51 12.57
C VAL F 86 -14.52 -31.80 12.84
N PHE F 87 -15.36 -31.44 11.88
CA PHE F 87 -16.80 -31.62 12.00
C PHE F 87 -17.17 -33.08 12.21
N LYS F 88 -16.37 -33.97 11.64
CA LYS F 88 -16.61 -35.40 11.77
C LYS F 88 -15.60 -35.98 12.73
N GLU F 89 -15.09 -35.13 13.62
CA GLU F 89 -14.11 -35.54 14.62
C GLU F 89 -13.08 -36.56 14.14
N ARG F 90 -12.66 -36.41 12.88
CA ARG F 90 -11.66 -37.28 12.29
C ARG F 90 -10.28 -36.67 12.56
N ILE F 91 -10.26 -35.48 13.15
CA ILE F 91 -9.01 -34.78 13.44
C ILE F 91 -9.23 -33.74 14.54
N LYS F 92 -8.19 -33.46 15.33
CA LYS F 92 -8.36 -32.45 16.36
C LYS F 92 -8.15 -31.11 15.66
N ALA F 93 -8.89 -30.08 16.05
CA ALA F 93 -8.73 -28.78 15.41
C ALA F 93 -7.37 -28.18 15.79
N PRO F 94 -6.62 -27.72 14.79
CA PRO F 94 -5.30 -27.13 14.96
C PRO F 94 -5.31 -25.75 15.63
N VAL F 95 -4.23 -25.41 16.32
CA VAL F 95 -4.13 -24.11 16.98
C VAL F 95 -3.17 -23.20 16.23
N TYR F 96 -3.57 -21.95 16.03
CA TYR F 96 -2.72 -21.01 15.32
C TYR F 96 -2.02 -20.05 16.26
N LYS F 97 -0.71 -20.15 16.35
CA LYS F 97 0.07 -19.29 17.21
C LYS F 97 0.98 -18.43 16.36
N ARG F 98 1.17 -17.16 16.71
CA ARG F 98 2.08 -16.32 15.94
C ARG F 98 3.34 -16.24 16.78
N VAL F 99 4.47 -16.44 16.12
CA VAL F 99 5.76 -16.43 16.81
C VAL F 99 6.68 -15.30 16.41
N MET F 100 7.69 -15.07 17.24
CA MET F 100 8.69 -14.02 16.98
C MET F 100 9.80 -14.68 16.18
N PRO F 101 10.34 -13.95 15.19
CA PRO F 101 11.41 -14.48 14.37
C PRO F 101 12.78 -14.27 15.01
N ASP F 102 13.84 -14.66 14.30
CA ASP F 102 15.19 -14.49 14.78
C ASP F 102 15.77 -13.16 14.31
N GLY F 103 15.41 -12.08 15.01
CA GLY F 103 15.89 -10.76 14.66
C GLY F 103 15.20 -10.08 13.49
N LYS F 104 15.00 -10.85 12.42
CA LYS F 104 14.34 -10.33 11.23
C LYS F 104 12.89 -9.91 11.52
N ILE F 105 12.70 -9.03 12.49
CA ILE F 105 11.37 -8.57 12.85
C ILE F 105 10.82 -7.66 11.76
N GLN F 106 10.57 -8.22 10.57
CA GLN F 106 10.05 -7.47 9.44
C GLN F 106 9.12 -6.37 9.92
N LYS F 107 9.21 -5.20 9.31
CA LYS F 107 8.31 -4.12 9.70
C LYS F 107 7.86 -3.28 8.52
N LEU F 108 6.62 -2.83 8.58
CA LEU F 108 6.02 -2.05 7.53
C LEU F 108 5.56 -0.75 8.18
N ILE F 109 6.00 0.38 7.64
CA ILE F 109 5.64 1.68 8.20
C ILE F 109 4.61 2.42 7.38
N ILE F 110 3.59 2.92 8.07
CA ILE F 110 2.54 3.69 7.41
C ILE F 110 2.86 5.16 7.59
N THR F 111 2.57 5.97 6.59
CA THR F 111 2.87 7.39 6.67
C THR F 111 1.59 8.23 6.69
N GLU F 112 1.76 9.55 6.71
CA GLU F 112 0.62 10.48 6.72
C GLU F 112 -0.11 10.53 5.39
N GLU F 113 0.65 10.52 4.30
CA GLU F 113 0.09 10.58 2.95
C GLU F 113 -0.89 9.45 2.74
N THR F 114 -0.91 8.54 3.71
CA THR F 114 -1.77 7.36 3.69
C THR F 114 -3.23 7.69 4.01
N ALA F 115 -3.47 8.00 5.28
CA ALA F 115 -4.79 8.31 5.79
C ALA F 115 -5.54 9.35 4.98
N LYS F 116 -6.21 8.89 3.93
CA LYS F 116 -7.01 9.73 3.04
C LYS F 116 -7.23 9.06 1.70
N ILE F 117 -6.64 7.88 1.51
CA ILE F 117 -6.80 7.13 0.27
C ILE F 117 -6.99 5.65 0.62
N ARG F 118 -6.23 5.20 1.62
CA ARG F 118 -6.29 3.84 2.14
C ARG F 118 -5.73 3.95 3.56
N PRO F 119 -6.46 4.66 4.45
CA PRO F 119 -6.13 4.92 5.85
C PRO F 119 -5.13 3.96 6.53
N PHE F 120 -5.52 2.69 6.64
CA PHE F 120 -4.68 1.70 7.29
C PHE F 120 -4.38 0.44 6.47
N ALA F 121 -3.36 -0.26 6.93
CA ALA F 121 -2.91 -1.48 6.30
C ALA F 121 -2.26 -2.31 7.39
N VAL F 122 -2.12 -3.60 7.12
CA VAL F 122 -1.54 -4.52 8.07
C VAL F 122 -0.84 -5.64 7.33
N ALA F 123 0.19 -6.21 7.95
CA ALA F 123 0.92 -7.29 7.32
C ALA F 123 1.48 -8.34 8.29
N ALA F 124 2.16 -9.34 7.72
CA ALA F 124 2.75 -10.42 8.48
C ALA F 124 3.41 -11.42 7.52
N VAL F 125 4.28 -12.26 8.03
CA VAL F 125 4.97 -13.25 7.19
C VAL F 125 4.85 -14.67 7.70
N LEU F 126 4.98 -15.62 6.80
CA LEU F 126 4.91 -17.03 7.16
C LEU F 126 6.13 -17.70 6.55
N ARG F 127 6.98 -18.20 7.45
CA ARG F 127 8.25 -18.84 7.13
C ARG F 127 8.29 -20.23 6.54
N ASN F 128 9.10 -20.36 5.51
CA ASN F 128 9.32 -21.61 4.81
C ASN F 128 8.08 -22.38 4.41
N ILE F 129 7.36 -21.92 3.40
CA ILE F 129 6.19 -22.68 2.99
C ILE F 129 6.60 -23.71 1.94
N LYS F 130 6.16 -24.95 2.10
CA LYS F 130 6.45 -25.97 1.12
C LYS F 130 5.31 -25.91 0.11
N PHE F 131 5.45 -25.08 -0.93
CA PHE F 131 4.38 -24.98 -1.94
C PHE F 131 4.26 -26.17 -2.89
N THR F 132 3.28 -26.10 -3.78
CA THR F 132 3.04 -27.19 -4.71
C THR F 132 2.25 -26.68 -5.91
N LYS F 133 2.30 -27.42 -7.01
CA LYS F 133 1.57 -27.03 -8.20
C LYS F 133 0.18 -26.58 -7.74
N ASP F 134 -0.49 -27.46 -7.00
CA ASP F 134 -1.83 -27.22 -6.50
C ASP F 134 -1.85 -26.23 -5.34
N ARG F 135 -1.11 -26.54 -4.27
CA ARG F 135 -1.07 -25.67 -3.12
C ARG F 135 -0.88 -24.21 -3.57
N TYR F 136 -0.08 -24.00 -4.59
CA TYR F 136 0.14 -22.67 -5.09
C TYR F 136 -1.17 -22.11 -5.62
N ASP F 137 -1.70 -22.75 -6.65
CA ASP F 137 -2.96 -22.29 -7.26
C ASP F 137 -4.03 -22.09 -6.22
N SER F 138 -4.07 -22.96 -5.22
CA SER F 138 -5.05 -22.82 -4.15
C SER F 138 -4.78 -21.50 -3.40
N PHE F 139 -3.51 -21.26 -3.10
CA PHE F 139 -3.13 -20.05 -2.39
C PHE F 139 -3.49 -18.82 -3.20
N ILE F 140 -3.33 -18.89 -4.52
CA ILE F 140 -3.67 -17.75 -5.36
C ILE F 140 -5.18 -17.62 -5.49
N GLU F 141 -5.86 -18.75 -5.61
CA GLU F 141 -7.30 -18.78 -5.74
C GLU F 141 -7.96 -18.10 -4.56
N LEU F 142 -7.62 -18.56 -3.36
CA LEU F 142 -8.17 -18.00 -2.11
C LEU F 142 -8.05 -16.50 -2.10
N GLN F 143 -6.89 -16.03 -2.53
CA GLN F 143 -6.59 -14.60 -2.60
C GLN F 143 -7.64 -13.91 -3.45
N GLU F 144 -7.90 -14.46 -4.64
CA GLU F 144 -8.90 -13.91 -5.55
C GLU F 144 -10.27 -14.09 -4.93
N LYS F 145 -10.54 -15.29 -4.44
CA LYS F 145 -11.83 -15.59 -3.83
C LYS F 145 -12.28 -14.56 -2.81
N LEU F 146 -11.47 -14.30 -1.79
CA LEU F 146 -11.88 -13.33 -0.78
C LEU F 146 -11.60 -11.89 -1.16
N HIS F 147 -11.13 -11.67 -2.39
CA HIS F 147 -10.86 -10.32 -2.86
C HIS F 147 -12.18 -9.77 -3.35
N GLN F 148 -12.56 -10.17 -4.56
CA GLN F 148 -13.80 -9.74 -5.17
C GLN F 148 -14.99 -10.39 -4.50
N ASN F 149 -14.96 -10.42 -3.17
CA ASN F 149 -16.05 -11.00 -2.42
C ASN F 149 -16.18 -10.29 -1.08
N ILE F 150 -15.45 -10.78 -0.08
CA ILE F 150 -15.50 -10.19 1.27
C ILE F 150 -14.85 -8.79 1.32
N CYS F 151 -14.01 -8.48 0.33
CA CYS F 151 -13.33 -7.18 0.28
C CYS F 151 -14.09 -6.24 -0.64
N ARG F 152 -15.14 -6.77 -1.28
CA ARG F 152 -15.94 -6.01 -2.24
C ARG F 152 -15.02 -5.53 -3.35
N LYS F 153 -14.54 -6.46 -4.15
CA LYS F 153 -13.60 -6.17 -5.23
C LYS F 153 -12.46 -5.21 -4.81
N ARG F 154 -11.78 -5.58 -3.73
CA ARG F 154 -10.64 -4.83 -3.20
C ARG F 154 -10.98 -3.45 -2.69
N ALA F 155 -12.19 -2.99 -2.98
CA ALA F 155 -12.62 -1.68 -2.54
C ALA F 155 -12.21 -1.37 -1.10
N LEU F 156 -12.56 -2.26 -0.17
CA LEU F 156 -12.23 -2.02 1.24
C LEU F 156 -10.87 -2.58 1.59
N VAL F 157 -10.65 -3.84 1.28
CA VAL F 157 -9.37 -4.45 1.58
C VAL F 157 -8.71 -5.02 0.33
N ALA F 158 -7.37 -4.91 0.29
CA ALA F 158 -6.57 -5.40 -0.82
C ALA F 158 -5.38 -6.15 -0.23
N ILE F 159 -5.18 -7.38 -0.69
CA ILE F 159 -4.10 -8.23 -0.19
C ILE F 159 -2.97 -8.44 -1.17
N GLY F 160 -1.74 -8.34 -0.67
CA GLY F 160 -0.58 -8.52 -1.53
C GLY F 160 0.40 -9.51 -0.90
N THR F 161 0.75 -10.55 -1.64
CA THR F 161 1.68 -11.56 -1.14
C THR F 161 2.99 -11.40 -1.87
N HIS F 162 4.08 -11.32 -1.11
CA HIS F 162 5.39 -11.12 -1.69
C HIS F 162 6.43 -12.18 -1.33
N ASP F 163 7.38 -12.38 -2.23
CA ASP F 163 8.46 -13.33 -2.03
C ASP F 163 9.56 -12.61 -1.28
N LEU F 164 9.49 -12.63 0.05
CA LEU F 164 10.44 -11.95 0.94
C LEU F 164 11.92 -12.15 0.64
N ASP F 165 12.26 -13.19 -0.12
CA ASP F 165 13.66 -13.42 -0.45
C ASP F 165 14.13 -12.49 -1.58
N THR F 166 13.20 -11.74 -2.18
CA THR F 166 13.52 -10.84 -3.29
C THR F 166 13.35 -9.37 -2.95
N LEU F 167 13.80 -8.99 -1.75
CA LEU F 167 13.73 -7.62 -1.25
C LEU F 167 14.05 -7.67 0.23
N SER F 168 14.43 -6.54 0.81
CA SER F 168 14.75 -6.55 2.23
C SER F 168 14.68 -5.18 2.90
N GLY F 169 14.93 -5.17 4.21
CA GLY F 169 14.91 -3.94 4.98
C GLY F 169 13.50 -3.40 5.15
N PRO F 170 13.23 -2.69 6.25
CA PRO F 170 11.91 -2.10 6.56
C PRO F 170 11.13 -1.58 5.35
N PHE F 171 9.86 -1.94 5.27
CA PHE F 171 9.00 -1.53 4.17
C PHE F 171 8.21 -0.28 4.51
N THR F 172 7.81 0.47 3.50
CA THR F 172 7.04 1.69 3.72
C THR F 172 5.74 1.76 2.94
N TYR F 173 4.68 2.17 3.62
CA TYR F 173 3.38 2.30 2.98
C TYR F 173 3.06 3.79 2.92
N THR F 174 2.86 4.31 1.72
CA THR F 174 2.57 5.73 1.56
C THR F 174 1.90 6.05 0.22
N ALA F 175 1.75 7.34 -0.07
CA ALA F 175 1.14 7.77 -1.32
C ALA F 175 1.82 9.00 -1.93
N LYS F 176 2.16 8.89 -3.23
CA LYS F 176 2.81 9.97 -3.96
C LYS F 176 1.98 10.30 -5.21
N ARG F 177 2.33 11.38 -5.91
CA ARG F 177 1.59 11.76 -7.12
C ARG F 177 1.63 10.61 -8.12
N PRO F 178 0.55 10.42 -8.92
CA PRO F 178 0.55 9.33 -9.90
C PRO F 178 1.82 9.33 -10.75
N SER F 179 2.05 10.41 -11.48
CA SER F 179 3.23 10.54 -12.32
C SER F 179 4.43 10.83 -11.43
N ASP F 180 4.75 9.89 -10.54
CA ASP F 180 5.88 10.05 -9.64
C ASP F 180 6.37 8.70 -9.11
N ILE F 181 6.12 7.64 -9.88
CA ILE F 181 6.57 6.29 -9.52
C ILE F 181 6.74 5.33 -10.72
N LYS F 182 8.00 4.95 -10.99
CA LYS F 182 8.34 4.00 -12.06
C LYS F 182 8.05 2.65 -11.44
N PHE F 183 7.75 1.66 -12.27
CA PHE F 183 7.37 0.36 -11.73
C PHE F 183 7.45 -0.74 -12.77
N LYS F 184 7.68 -1.96 -12.32
CA LYS F 184 7.73 -3.12 -13.21
C LYS F 184 6.65 -4.08 -12.74
N PRO F 185 5.38 -3.80 -13.11
CA PRO F 185 4.19 -4.58 -12.77
C PRO F 185 4.12 -6.05 -13.21
N LEU F 186 3.39 -6.86 -12.45
CA LEU F 186 3.23 -8.29 -12.72
C LEU F 186 3.43 -8.72 -14.16
N ASN F 187 2.38 -8.66 -14.97
CA ASN F 187 2.48 -9.09 -16.35
C ASN F 187 2.65 -7.94 -17.34
N LYS F 188 3.73 -7.18 -17.19
CA LYS F 188 4.02 -6.07 -18.08
C LYS F 188 5.47 -6.10 -18.57
N THR F 189 5.62 -5.98 -19.88
CA THR F 189 6.91 -6.00 -20.53
C THR F 189 7.97 -5.04 -19.95
N LYS F 190 7.75 -3.74 -20.09
CA LYS F 190 8.69 -2.72 -19.60
C LYS F 190 8.53 -2.32 -18.14
N GLU F 191 8.65 -1.02 -17.91
CA GLU F 191 8.55 -0.41 -16.59
C GLU F 191 7.83 0.92 -16.76
N TYR F 192 6.61 1.03 -16.24
CA TYR F 192 5.82 2.25 -16.41
C TYR F 192 5.63 3.11 -15.16
N THR F 193 4.83 4.17 -15.30
CA THR F 193 4.52 5.09 -14.20
C THR F 193 3.12 4.83 -13.72
N ALA F 194 2.80 5.29 -12.52
CA ALA F 194 1.45 5.11 -12.00
C ALA F 194 0.52 5.85 -12.95
N CYS F 195 0.80 7.15 -13.14
CA CYS F 195 0.01 8.00 -14.01
C CYS F 195 -0.09 7.39 -15.40
N GLU F 196 0.81 6.46 -15.69
CA GLU F 196 0.84 5.81 -16.99
C GLU F 196 0.09 4.49 -17.05
N LEU F 197 0.16 3.69 -15.98
CA LEU F 197 -0.54 2.40 -15.93
C LEU F 197 -2.06 2.59 -15.93
N MET F 198 -2.54 3.48 -15.07
CA MET F 198 -3.97 3.78 -14.94
C MET F 198 -4.75 3.73 -16.24
N ASN F 199 -4.27 4.43 -17.27
CA ASN F 199 -4.95 4.46 -18.56
C ASN F 199 -4.60 3.30 -19.49
N ILE F 200 -3.44 2.69 -19.29
CA ILE F 200 -3.03 1.56 -20.12
C ILE F 200 -3.81 0.35 -19.63
N TYR F 201 -4.48 0.50 -18.50
CA TYR F 201 -5.28 -0.55 -17.89
C TYR F 201 -6.76 -0.42 -18.19
N LYS F 202 -7.20 0.79 -18.54
CA LYS F 202 -8.60 1.02 -18.87
C LYS F 202 -9.04 0.04 -19.96
N THR F 203 -8.08 -0.69 -20.52
CA THR F 203 -8.34 -1.66 -21.58
C THR F 203 -8.15 -3.10 -21.10
N ASP F 204 -7.63 -3.26 -19.88
CA ASP F 204 -7.37 -4.58 -19.29
C ASP F 204 -8.68 -5.20 -18.77
N ASN F 205 -9.20 -6.18 -19.51
CA ASN F 205 -10.45 -6.86 -19.15
C ASN F 205 -10.62 -7.17 -17.67
N HIS F 206 -9.53 -7.59 -17.02
CA HIS F 206 -9.57 -7.94 -15.61
C HIS F 206 -9.55 -6.74 -14.68
N LEU F 207 -8.50 -5.93 -14.73
CA LEU F 207 -8.39 -4.75 -13.85
C LEU F 207 -9.25 -3.54 -14.28
N LYS F 208 -9.82 -3.62 -15.48
CA LYS F 208 -10.66 -2.56 -16.02
C LYS F 208 -11.59 -1.99 -14.97
N HIS F 209 -11.93 -2.82 -13.97
CA HIS F 209 -12.84 -2.43 -12.91
C HIS F 209 -12.15 -1.79 -11.72
N TYR F 210 -11.42 -2.62 -10.99
CA TYR F 210 -10.71 -2.19 -9.79
C TYR F 210 -10.16 -0.75 -9.76
N LEU F 211 -9.38 -0.38 -10.79
CA LEU F 211 -8.73 0.93 -10.86
C LEU F 211 -9.58 2.16 -10.53
N HIS F 212 -10.10 2.82 -11.55
CA HIS F 212 -10.89 4.02 -11.33
C HIS F 212 -11.94 3.85 -10.24
N ILE F 213 -12.53 2.66 -10.14
CA ILE F 213 -13.54 2.43 -9.12
C ILE F 213 -12.99 2.69 -7.71
N ILE F 214 -11.68 2.95 -7.62
CA ILE F 214 -11.06 3.21 -6.31
C ILE F 214 -10.07 4.35 -6.28
N GLU F 215 -9.36 4.57 -7.39
CA GLU F 215 -8.37 5.64 -7.43
C GLU F 215 -8.45 6.66 -8.57
N ASN F 216 -8.14 7.89 -8.21
CA ASN F 216 -8.12 9.03 -9.12
C ASN F 216 -8.07 10.23 -8.17
N LYS F 217 -7.38 10.00 -7.06
CA LYS F 217 -7.19 11.01 -6.02
C LYS F 217 -5.83 11.69 -6.20
N PRO F 218 -5.48 12.64 -5.33
CA PRO F 218 -4.20 13.34 -5.44
C PRO F 218 -2.98 12.47 -5.11
N LEU F 219 -3.21 11.30 -4.53
CA LEU F 219 -2.11 10.41 -4.19
C LEU F 219 -2.47 8.98 -4.53
N TYR F 220 -1.46 8.12 -4.61
CA TYR F 220 -1.65 6.72 -4.92
C TYR F 220 -0.90 5.88 -3.91
N PRO F 221 -1.54 4.84 -3.36
CA PRO F 221 -0.82 4.01 -2.39
C PRO F 221 0.33 3.28 -3.04
N VAL F 222 1.41 3.14 -2.27
CA VAL F 222 2.62 2.44 -2.74
C VAL F 222 3.36 1.86 -1.56
N ILE F 223 4.10 0.77 -1.82
CA ILE F 223 4.88 0.13 -0.76
C ILE F 223 6.32 -0.08 -1.20
N TYR F 224 7.24 0.55 -0.50
CA TYR F 224 8.68 0.46 -0.79
C TYR F 224 9.38 -0.43 0.25
N ASP F 225 10.70 -0.48 0.16
CA ASP F 225 11.51 -1.23 1.12
C ASP F 225 12.89 -0.56 1.22
N SER F 226 13.75 -1.06 2.10
CA SER F 226 15.08 -0.49 2.28
C SER F 226 15.73 -0.14 0.92
N ASN F 227 15.96 -1.15 0.08
CA ASN F 227 16.58 -0.98 -1.23
C ASN F 227 15.91 0.14 -2.04
N GLY F 228 14.63 0.35 -1.80
CA GLY F 228 13.91 1.37 -2.53
C GLY F 228 13.04 0.69 -3.57
N VAL F 229 12.99 -0.64 -3.52
CA VAL F 229 12.18 -1.42 -4.47
C VAL F 229 10.71 -1.24 -4.19
N VAL F 230 9.94 -1.20 -5.26
CA VAL F 230 8.50 -1.05 -5.14
C VAL F 230 7.81 -2.41 -5.00
N LEU F 231 7.24 -2.65 -3.81
CA LEU F 231 6.52 -3.89 -3.51
C LEU F 231 5.29 -3.97 -4.38
N SER F 232 4.47 -2.92 -4.33
CA SER F 232 3.24 -2.87 -5.12
C SER F 232 2.49 -1.56 -4.97
N MET F 233 1.48 -1.38 -5.82
CA MET F 233 0.61 -0.21 -5.78
C MET F 233 -0.78 -0.74 -5.38
N PRO F 234 -0.90 -1.18 -4.12
CA PRO F 234 -2.02 -1.76 -3.39
C PRO F 234 -3.27 -2.29 -4.06
N PRO F 235 -4.14 -1.39 -4.52
CA PRO F 235 -5.37 -1.89 -5.16
C PRO F 235 -5.27 -2.40 -6.59
N ILE F 236 -4.38 -1.82 -7.39
CA ILE F 236 -4.26 -2.23 -8.79
C ILE F 236 -3.34 -3.41 -9.09
N ILE F 237 -2.02 -3.24 -8.95
CA ILE F 237 -1.10 -4.38 -9.21
C ILE F 237 0.13 -4.38 -8.32
N ASN F 238 0.69 -5.58 -8.17
CA ASN F 238 1.85 -5.80 -7.35
C ASN F 238 3.13 -5.75 -8.20
N GLY F 239 4.27 -5.64 -7.56
CA GLY F 239 5.52 -5.57 -8.30
C GLY F 239 5.97 -6.91 -8.81
N ASP F 240 6.44 -6.96 -10.06
CA ASP F 240 6.90 -8.21 -10.63
C ASP F 240 8.20 -8.69 -9.96
N HIS F 241 8.90 -7.76 -9.32
CA HIS F 241 10.15 -8.10 -8.64
C HIS F 241 9.89 -9.01 -7.46
N SER F 242 8.89 -8.68 -6.66
CA SER F 242 8.53 -9.45 -5.49
C SER F 242 7.47 -10.50 -5.77
N ARG F 243 7.28 -10.84 -7.05
CA ARG F 243 6.28 -11.83 -7.41
C ARG F 243 6.50 -13.14 -6.67
N ILE F 244 5.42 -13.90 -6.47
CA ILE F 244 5.48 -15.17 -5.74
C ILE F 244 5.20 -16.37 -6.62
N THR F 245 6.13 -17.31 -6.67
CA THR F 245 5.95 -18.51 -7.48
C THR F 245 6.14 -19.81 -6.70
N VAL F 246 5.65 -20.89 -7.26
CA VAL F 246 5.74 -22.22 -6.68
C VAL F 246 6.98 -22.49 -5.85
N ASN F 247 8.11 -21.92 -6.25
CA ASN F 247 9.36 -22.14 -5.53
C ASN F 247 9.64 -21.15 -4.40
N THR F 248 8.72 -20.21 -4.14
CA THR F 248 8.94 -19.22 -3.07
C THR F 248 9.09 -19.91 -1.73
N ARG F 249 10.01 -19.39 -0.91
CA ARG F 249 10.25 -20.01 0.38
C ARG F 249 9.55 -19.22 1.48
N ASN F 250 9.73 -17.90 1.46
CA ASN F 250 9.15 -17.05 2.47
C ASN F 250 8.21 -16.02 1.89
N ILE F 251 7.01 -15.92 2.46
CA ILE F 251 6.05 -14.96 1.95
C ILE F 251 5.78 -13.84 2.92
N PHE F 252 5.75 -12.62 2.39
CA PHE F 252 5.46 -11.43 3.18
C PHE F 252 4.09 -10.99 2.71
N ILE F 253 3.10 -11.06 3.59
CA ILE F 253 1.75 -10.67 3.20
C ILE F 253 1.39 -9.31 3.75
N GLU F 254 0.87 -8.45 2.90
CA GLU F 254 0.47 -7.11 3.30
C GLU F 254 -0.97 -6.86 2.86
N CYS F 255 -1.73 -6.15 3.67
CA CYS F 255 -3.12 -5.84 3.35
C CYS F 255 -3.34 -4.38 3.64
N THR F 256 -3.78 -3.64 2.64
CA THR F 256 -4.05 -2.22 2.82
C THR F 256 -5.53 -2.01 2.60
N GLY F 257 -6.07 -0.88 3.07
CA GLY F 257 -7.49 -0.64 2.86
C GLY F 257 -8.16 0.43 3.69
N THR F 258 -9.45 0.63 3.41
CA THR F 258 -10.27 1.63 4.10
C THR F 258 -10.97 1.08 5.35
N ASP F 259 -11.17 -0.23 5.39
CA ASP F 259 -11.83 -0.89 6.54
C ASP F 259 -10.83 -1.68 7.37
N PHE F 260 -10.40 -1.12 8.49
CA PHE F 260 -9.43 -1.76 9.36
C PHE F 260 -9.73 -3.20 9.68
N THR F 261 -10.71 -3.44 10.55
CA THR F 261 -11.07 -4.79 10.96
C THR F 261 -11.15 -5.82 9.82
N LYS F 262 -11.81 -5.47 8.71
CA LYS F 262 -11.90 -6.41 7.60
C LYS F 262 -10.52 -6.82 7.12
N ALA F 263 -9.67 -5.85 6.86
CA ALA F 263 -8.32 -6.17 6.41
C ALA F 263 -7.72 -7.10 7.46
N LYS F 264 -7.78 -6.67 8.71
CA LYS F 264 -7.25 -7.42 9.82
C LYS F 264 -7.69 -8.89 9.75
N ILE F 265 -8.94 -9.11 9.33
CA ILE F 265 -9.53 -10.46 9.18
C ILE F 265 -9.00 -11.19 7.97
N VAL F 266 -9.03 -10.51 6.82
CA VAL F 266 -8.56 -11.08 5.57
C VAL F 266 -7.17 -11.63 5.80
N LEU F 267 -6.36 -10.89 6.54
CA LEU F 267 -5.00 -11.33 6.84
C LEU F 267 -5.09 -12.66 7.58
N ASP F 268 -5.76 -12.62 8.72
CA ASP F 268 -5.91 -13.79 9.54
C ASP F 268 -6.34 -15.00 8.73
N ILE F 269 -7.34 -14.85 7.87
CA ILE F 269 -7.81 -15.98 7.06
C ILE F 269 -6.72 -16.57 6.19
N ILE F 270 -6.01 -15.70 5.48
CA ILE F 270 -4.94 -16.12 4.58
C ILE F 270 -3.85 -16.86 5.33
N VAL F 271 -3.29 -16.17 6.32
CA VAL F 271 -2.19 -16.69 7.10
C VAL F 271 -2.56 -17.94 7.95
N THR F 272 -3.76 -17.92 8.51
CA THR F 272 -4.22 -19.03 9.33
C THR F 272 -4.51 -20.25 8.48
N MET F 273 -4.94 -19.97 7.25
CA MET F 273 -5.30 -21.00 6.31
C MET F 273 -4.07 -21.77 5.81
N PHE F 274 -3.10 -21.05 5.28
CA PHE F 274 -1.90 -21.67 4.74
C PHE F 274 -0.71 -21.92 5.63
N SER F 275 -0.81 -21.58 6.91
CA SER F 275 0.30 -21.83 7.80
C SER F 275 0.39 -23.34 7.98
N GLU F 276 -0.54 -24.05 7.38
CA GLU F 276 -0.55 -25.51 7.47
C GLU F 276 0.63 -26.06 6.67
N TYR F 277 1.20 -25.21 5.82
CA TYR F 277 2.29 -25.62 4.97
C TYR F 277 3.64 -25.03 5.37
N CYS F 278 3.70 -24.36 6.51
CA CYS F 278 4.97 -23.79 6.97
C CYS F 278 5.82 -24.88 7.64
N GLU F 279 7.14 -24.73 7.61
CA GLU F 279 8.02 -25.72 8.23
C GLU F 279 7.57 -25.95 9.66
N ASN F 280 7.35 -24.85 10.38
CA ASN F 280 6.90 -24.91 11.76
C ASN F 280 5.37 -24.81 11.69
N GLN F 281 4.76 -25.88 11.16
CA GLN F 281 3.31 -25.95 10.96
C GLN F 281 2.41 -25.16 11.89
N PHE F 282 1.45 -24.47 11.28
CA PHE F 282 0.48 -23.64 11.99
C PHE F 282 1.10 -22.59 12.88
N THR F 283 2.00 -21.82 12.28
CA THR F 283 2.69 -20.76 12.95
C THR F 283 2.80 -19.60 11.98
N VAL F 284 2.61 -18.40 12.47
CA VAL F 284 2.73 -17.25 11.60
C VAL F 284 3.80 -16.35 12.23
N GLU F 285 4.74 -15.88 11.42
CA GLU F 285 5.80 -15.02 11.93
C GLU F 285 5.30 -13.60 12.09
N ALA F 286 5.33 -13.11 13.32
CA ALA F 286 4.87 -11.77 13.64
C ALA F 286 5.46 -10.72 12.70
N ALA F 287 4.82 -9.57 12.65
CA ALA F 287 5.31 -8.49 11.80
C ALA F 287 4.92 -7.22 12.52
N GLU F 288 5.79 -6.21 12.49
CA GLU F 288 5.47 -4.96 13.17
C GLU F 288 4.97 -3.89 12.21
N VAL F 289 3.72 -3.49 12.35
CA VAL F 289 3.20 -2.43 11.50
C VAL F 289 3.28 -1.15 12.33
N VAL F 290 3.83 -0.08 11.77
CA VAL F 290 3.92 1.18 12.49
C VAL F 290 3.00 2.19 11.82
N PHE F 291 2.08 2.74 12.61
CA PHE F 291 1.11 3.70 12.10
C PHE F 291 1.63 5.13 12.02
N PRO F 292 0.90 6.01 11.29
CA PRO F 292 1.31 7.42 11.17
C PRO F 292 1.36 7.96 12.59
N ASN F 293 0.56 7.32 13.43
CA ASN F 293 0.43 7.62 14.84
C ASN F 293 1.79 7.53 15.53
N GLY F 294 2.71 6.75 14.97
CA GLY F 294 4.03 6.61 15.55
C GLY F 294 4.16 5.35 16.40
N LYS F 295 3.01 4.75 16.73
CA LYS F 295 2.96 3.54 17.54
C LYS F 295 3.16 2.29 16.68
N SER F 296 3.58 1.21 17.31
CA SER F 296 3.82 -0.05 16.62
C SER F 296 2.96 -1.18 17.20
N HIS F 297 2.17 -1.82 16.34
CA HIS F 297 1.31 -2.92 16.75
C HIS F 297 1.79 -4.17 16.01
N THR F 298 1.72 -5.31 16.67
CA THR F 298 2.15 -6.55 16.06
C THR F 298 1.01 -7.27 15.34
N PHE F 299 1.34 -7.92 14.22
CA PHE F 299 0.35 -8.65 13.45
C PHE F 299 0.91 -9.97 12.92
N PRO F 300 0.01 -10.88 12.52
CA PRO F 300 -1.44 -10.66 12.57
C PRO F 300 -1.86 -10.89 14.01
N GLU F 301 -3.01 -10.36 14.40
CA GLU F 301 -3.49 -10.55 15.76
C GLU F 301 -4.45 -11.72 15.76
N LEU F 302 -3.90 -12.93 15.70
CA LEU F 302 -4.74 -14.12 15.70
C LEU F 302 -5.63 -14.10 16.94
N ALA F 303 -6.73 -13.35 16.83
CA ALA F 303 -7.67 -13.17 17.92
C ALA F 303 -8.34 -14.44 18.38
N TYR F 304 -8.27 -14.70 19.67
CA TYR F 304 -8.93 -15.84 20.25
C TYR F 304 -9.87 -15.33 21.34
N ARG F 305 -11.15 -15.16 20.99
CA ARG F 305 -12.15 -14.67 21.92
C ARG F 305 -12.70 -15.79 22.80
N LYS F 306 -13.01 -15.49 24.05
CA LYS F 306 -13.54 -16.49 24.96
C LYS F 306 -14.85 -16.06 25.61
N GLU F 307 -15.96 -16.09 24.87
CA GLU F 307 -17.25 -15.73 25.46
C GLU F 307 -17.82 -16.94 26.22
N MET F 308 -18.82 -16.72 27.05
CA MET F 308 -19.45 -17.82 27.78
C MET F 308 -20.97 -17.83 27.54
N VAL F 309 -21.53 -19.01 27.35
CA VAL F 309 -22.96 -19.17 27.10
C VAL F 309 -23.56 -20.20 28.04
N ARG F 310 -24.76 -19.93 28.55
CA ARG F 310 -25.43 -20.88 29.43
C ARG F 310 -26.06 -21.93 28.57
N ALA F 311 -25.88 -23.13 28.98
CA ALA F 311 -26.41 -24.21 28.21
C ALA F 311 -27.91 -24.11 27.98
N ASP F 312 -28.65 -23.63 28.98
CA ASP F 312 -30.09 -23.51 28.85
C ASP F 312 -30.48 -22.68 27.66
N LEU F 313 -29.72 -21.62 27.39
CA LEU F 313 -30.04 -20.78 26.25
C LEU F 313 -30.02 -21.57 24.95
N ILE F 314 -28.89 -22.20 24.65
CA ILE F 314 -28.77 -22.99 23.45
C ILE F 314 -29.94 -23.94 23.30
N ASN F 315 -30.26 -24.66 24.37
CA ASN F 315 -31.37 -25.59 24.32
C ASN F 315 -32.66 -24.85 24.02
N LYS F 316 -33.02 -23.88 24.86
CA LYS F 316 -34.27 -23.14 24.70
C LYS F 316 -34.40 -22.48 23.34
N LYS F 317 -33.27 -22.17 22.71
CA LYS F 317 -33.27 -21.50 21.40
C LYS F 317 -33.35 -22.48 20.22
N VAL F 318 -32.57 -23.55 20.30
CA VAL F 318 -32.57 -24.53 19.23
C VAL F 318 -33.82 -25.39 19.24
N GLY F 319 -34.23 -25.82 20.43
CA GLY F 319 -35.40 -26.66 20.56
C GLY F 319 -34.99 -28.09 20.91
N ILE F 320 -33.90 -28.18 21.66
CA ILE F 320 -33.38 -29.47 22.09
C ILE F 320 -33.06 -29.36 23.56
N ARG F 321 -33.00 -30.51 24.25
CA ARG F 321 -32.70 -30.55 25.67
C ARG F 321 -31.52 -31.49 25.98
N GLU F 322 -30.36 -31.11 25.48
CA GLU F 322 -29.15 -31.89 25.69
C GLU F 322 -28.46 -31.31 26.91
N THR F 323 -27.57 -32.10 27.50
CA THR F 323 -26.85 -31.70 28.71
C THR F 323 -25.70 -30.74 28.40
N PRO F 324 -25.39 -29.83 29.32
CA PRO F 324 -24.29 -28.88 29.07
C PRO F 324 -22.98 -29.54 28.66
N GLU F 325 -22.65 -30.68 29.26
CA GLU F 325 -21.42 -31.36 28.90
C GLU F 325 -21.43 -31.74 27.40
N ASN F 326 -22.56 -32.26 26.93
CA ASN F 326 -22.70 -32.67 25.52
C ASN F 326 -22.83 -31.46 24.61
N LEU F 327 -23.48 -30.41 25.08
CA LEU F 327 -23.63 -29.24 24.28
C LEU F 327 -22.22 -28.77 23.95
N ALA F 328 -21.35 -28.76 24.95
CA ALA F 328 -19.98 -28.33 24.75
C ALA F 328 -19.34 -29.13 23.66
N LYS F 329 -19.55 -30.45 23.69
CA LYS F 329 -18.97 -31.35 22.68
C LYS F 329 -19.42 -30.92 21.27
N LEU F 330 -20.71 -30.64 21.13
CA LEU F 330 -21.26 -30.19 19.86
C LEU F 330 -20.46 -28.99 19.40
N LEU F 331 -20.58 -27.89 20.14
CA LEU F 331 -19.87 -26.65 19.80
C LEU F 331 -18.42 -26.84 19.45
N THR F 332 -17.73 -27.76 20.12
CA THR F 332 -16.33 -28.00 19.85
C THR F 332 -16.14 -28.53 18.44
N ARG F 333 -16.91 -29.54 18.07
CA ARG F 333 -16.81 -30.12 16.74
C ARG F 333 -16.96 -29.07 15.66
N MET F 334 -17.54 -27.94 16.04
CA MET F 334 -17.77 -26.84 15.13
C MET F 334 -16.63 -25.81 15.14
N TYR F 335 -15.51 -26.15 15.76
CA TYR F 335 -14.33 -25.26 15.87
C TYR F 335 -14.33 -24.40 17.13
N LEU F 336 -15.52 -24.16 17.67
CA LEU F 336 -15.67 -23.36 18.87
C LEU F 336 -15.39 -24.23 20.12
N LYS F 337 -14.11 -24.33 20.50
CA LYS F 337 -13.72 -25.15 21.63
C LYS F 337 -14.46 -24.72 22.88
N SER F 338 -15.35 -25.59 23.33
CA SER F 338 -16.13 -25.29 24.51
C SER F 338 -15.79 -26.21 25.69
N GLU F 339 -16.09 -25.74 26.88
CA GLU F 339 -15.82 -26.46 28.12
C GLU F 339 -16.86 -25.97 29.15
N VAL F 340 -17.47 -26.91 29.87
CA VAL F 340 -18.48 -26.57 30.89
C VAL F 340 -17.78 -25.94 32.09
N ILE F 341 -18.42 -24.95 32.71
CA ILE F 341 -17.80 -24.31 33.85
C ILE F 341 -18.30 -24.72 35.24
N GLY F 342 -17.76 -25.84 35.72
CA GLY F 342 -18.10 -26.35 37.05
C GLY F 342 -19.55 -26.69 37.35
N ASP F 343 -20.36 -25.67 37.62
CA ASP F 343 -21.78 -25.84 37.94
C ASP F 343 -22.65 -26.23 36.74
N GLY F 344 -22.07 -27.00 35.84
CA GLY F 344 -22.77 -27.48 34.65
C GLY F 344 -23.88 -26.59 34.14
N ASN F 345 -23.73 -25.29 34.33
CA ASN F 345 -24.77 -24.38 33.87
C ASN F 345 -24.30 -23.60 32.67
N GLN F 346 -23.16 -22.93 32.84
CA GLN F 346 -22.56 -22.10 31.81
C GLN F 346 -21.48 -22.84 31.04
N ILE F 347 -21.37 -22.54 29.75
CA ILE F 347 -20.39 -23.15 28.90
C ILE F 347 -19.45 -22.07 28.39
N GLU F 348 -18.15 -22.26 28.56
CA GLU F 348 -17.16 -21.28 28.09
C GLU F 348 -16.77 -21.66 26.68
N ILE F 349 -16.97 -20.73 25.73
CA ILE F 349 -16.69 -21.00 24.34
C ILE F 349 -15.50 -20.21 23.82
N GLU F 350 -14.60 -20.87 23.12
CA GLU F 350 -13.42 -20.20 22.57
C GLU F 350 -13.60 -20.01 21.06
N ILE F 351 -13.75 -18.76 20.64
CA ILE F 351 -13.96 -18.43 19.23
C ILE F 351 -12.62 -18.31 18.49
N PRO F 352 -12.31 -19.27 17.59
CA PRO F 352 -11.06 -19.28 16.83
C PRO F 352 -11.03 -18.15 15.83
N PRO F 353 -9.84 -17.66 15.47
CA PRO F 353 -9.74 -16.56 14.50
C PRO F 353 -10.20 -17.00 13.10
N THR F 354 -10.37 -18.30 12.89
CA THR F 354 -10.83 -18.81 11.62
C THR F 354 -12.33 -18.51 11.44
N ARG F 355 -13.15 -18.79 12.47
CA ARG F 355 -14.58 -18.50 12.40
C ARG F 355 -14.83 -17.04 12.87
N ALA F 356 -14.63 -16.08 11.97
CA ALA F 356 -14.85 -14.67 12.28
C ALA F 356 -16.31 -14.30 12.08
N ASP F 357 -17.14 -15.27 11.74
CA ASP F 357 -18.55 -15.05 11.49
C ASP F 357 -19.32 -14.96 12.78
N ILE F 358 -18.81 -15.62 13.83
CA ILE F 358 -19.45 -15.60 15.14
C ILE F 358 -19.35 -14.18 15.69
N ILE F 359 -20.46 -13.44 15.65
CA ILE F 359 -20.45 -12.07 16.14
C ILE F 359 -21.50 -11.85 17.23
N HIS F 360 -22.43 -12.79 17.35
CA HIS F 360 -23.45 -12.67 18.38
C HIS F 360 -23.71 -14.02 19.00
N ALA F 361 -24.28 -13.98 20.20
CA ALA F 361 -24.60 -15.20 20.93
C ALA F 361 -25.35 -16.18 20.04
N CYS F 362 -26.31 -15.68 19.26
CA CYS F 362 -27.10 -16.53 18.39
C CYS F 362 -26.29 -17.32 17.39
N ASP F 363 -25.16 -16.78 16.97
CA ASP F 363 -24.32 -17.49 16.02
C ASP F 363 -23.78 -18.79 16.60
N ILE F 364 -23.70 -18.85 17.93
CA ILE F 364 -23.24 -20.06 18.60
C ILE F 364 -24.35 -21.09 18.47
N VAL F 365 -25.57 -20.65 18.69
CA VAL F 365 -26.75 -21.50 18.56
C VAL F 365 -26.80 -22.20 17.18
N GLU F 366 -26.57 -21.43 16.10
CA GLU F 366 -26.53 -21.92 14.71
C GLU F 366 -25.59 -23.13 14.73
N ASP F 367 -24.28 -22.86 14.92
CA ASP F 367 -23.26 -23.92 14.95
C ASP F 367 -23.70 -25.08 15.82
N ALA F 368 -24.23 -24.78 17.01
CA ALA F 368 -24.70 -25.84 17.92
C ALA F 368 -25.73 -26.74 17.24
N ALA F 369 -26.75 -26.13 16.64
CA ALA F 369 -27.78 -26.90 15.96
C ALA F 369 -27.21 -27.66 14.79
N ILE F 370 -26.40 -27.02 13.96
CA ILE F 370 -25.79 -27.70 12.83
C ILE F 370 -25.01 -28.94 13.27
N ALA F 371 -24.28 -28.82 14.37
CA ALA F 371 -23.50 -29.94 14.87
C ALA F 371 -24.46 -31.05 15.33
N TYR F 372 -25.56 -30.65 15.93
CA TYR F 372 -26.52 -31.61 16.44
C TYR F 372 -27.27 -32.30 15.33
N GLY F 373 -27.29 -31.68 14.16
CA GLY F 373 -28.02 -32.25 13.04
C GLY F 373 -29.47 -31.81 13.06
N TYR F 374 -29.84 -30.90 12.17
CA TYR F 374 -31.20 -30.36 12.12
C TYR F 374 -32.30 -31.38 12.22
N ASN F 375 -32.14 -32.47 11.48
CA ASN F 375 -33.16 -33.51 11.44
C ASN F 375 -33.26 -34.38 12.68
N ASN F 376 -32.54 -34.03 13.72
CA ASN F 376 -32.61 -34.80 14.94
C ASN F 376 -33.39 -33.96 15.93
N ILE F 377 -33.81 -32.79 15.49
CA ILE F 377 -34.57 -31.88 16.33
C ILE F 377 -36.02 -32.24 16.16
N GLN F 378 -36.73 -32.44 17.26
CA GLN F 378 -38.12 -32.82 17.18
C GLN F 378 -38.95 -31.63 16.80
N MET F 379 -39.82 -31.81 15.82
CA MET F 379 -40.69 -30.75 15.32
C MET F 379 -41.79 -30.51 16.33
N THR F 380 -41.90 -29.28 16.80
CA THR F 380 -42.91 -28.91 17.78
C THR F 380 -43.80 -27.84 17.16
N LEU F 381 -45.02 -27.68 17.66
CA LEU F 381 -45.91 -26.67 17.09
C LEU F 381 -46.30 -25.56 18.06
N PRO F 382 -45.89 -24.30 17.77
CA PRO F 382 -46.19 -23.15 18.63
C PRO F 382 -47.66 -23.09 19.04
N LYS F 383 -47.90 -23.05 20.35
CA LYS F 383 -49.26 -23.04 20.85
C LYS F 383 -49.82 -21.69 21.25
N THR F 384 -49.95 -20.78 20.29
CA THR F 384 -50.52 -19.48 20.59
C THR F 384 -51.66 -19.26 19.62
N TYR F 385 -52.88 -19.14 20.16
CA TYR F 385 -54.06 -18.95 19.32
C TYR F 385 -54.10 -17.55 18.74
N THR F 386 -54.34 -17.46 17.44
CA THR F 386 -54.42 -16.17 16.76
C THR F 386 -55.52 -16.24 15.72
N ILE F 387 -56.38 -15.22 15.70
CA ILE F 387 -57.47 -15.17 14.74
C ILE F 387 -56.92 -14.54 13.45
N ALA F 388 -57.14 -15.21 12.32
CA ALA F 388 -56.65 -14.72 11.03
C ALA F 388 -57.50 -13.60 10.49
N ASN F 389 -56.87 -12.69 9.73
CA ASN F 389 -57.58 -11.58 9.10
C ASN F 389 -57.01 -11.24 7.74
N GLN F 390 -57.88 -11.09 6.74
CA GLN F 390 -57.41 -10.74 5.41
C GLN F 390 -57.21 -9.24 5.39
N PHE F 391 -56.51 -8.75 4.38
CA PHE F 391 -56.30 -7.31 4.24
C PHE F 391 -57.49 -6.81 3.40
N PRO F 392 -58.35 -5.95 3.99
CA PRO F 392 -59.54 -5.37 3.36
C PRO F 392 -59.50 -5.33 1.83
N LEU F 393 -58.52 -4.59 1.31
CA LEU F 393 -58.33 -4.42 -0.12
C LEU F 393 -58.31 -5.75 -0.86
N ASN F 394 -57.34 -6.60 -0.50
CA ASN F 394 -57.18 -7.91 -1.09
C ASN F 394 -58.42 -8.78 -1.01
N LYS F 395 -59.19 -8.64 0.06
CA LYS F 395 -60.40 -9.43 0.18
C LYS F 395 -61.32 -9.01 -0.96
N LEU F 396 -61.55 -7.71 -1.03
CA LEU F 396 -62.38 -7.13 -2.06
C LEU F 396 -61.91 -7.59 -3.42
N THR F 397 -60.62 -7.40 -3.67
CA THR F 397 -60.02 -7.78 -4.94
C THR F 397 -60.38 -9.22 -5.29
N GLU F 398 -60.11 -10.12 -4.36
CA GLU F 398 -60.38 -11.53 -4.54
C GLU F 398 -61.83 -11.77 -4.93
N LEU F 399 -62.74 -10.92 -4.45
CA LEU F 399 -64.16 -11.07 -4.78
C LEU F 399 -64.41 -10.61 -6.18
N LEU F 400 -63.98 -9.38 -6.49
CA LEU F 400 -64.17 -8.83 -7.82
C LEU F 400 -63.63 -9.82 -8.85
N ARG F 401 -62.42 -10.33 -8.62
CA ARG F 401 -61.83 -11.29 -9.54
C ARG F 401 -62.85 -12.37 -9.87
N HIS F 402 -63.46 -12.95 -8.85
CA HIS F 402 -64.43 -14.01 -9.07
C HIS F 402 -65.66 -13.60 -9.85
N ASP F 403 -66.00 -12.31 -9.82
CA ASP F 403 -67.19 -11.85 -10.56
C ASP F 403 -66.83 -11.44 -11.98
N MET F 404 -65.62 -10.89 -12.16
CA MET F 404 -65.19 -10.53 -13.49
C MET F 404 -65.24 -11.84 -14.30
N ALA F 405 -64.80 -12.92 -13.65
CA ALA F 405 -64.79 -14.22 -14.28
C ALA F 405 -66.21 -14.66 -14.56
N ALA F 406 -67.10 -14.39 -13.61
CA ALA F 406 -68.49 -14.77 -13.78
C ALA F 406 -69.03 -14.02 -14.99
N ALA F 407 -68.59 -12.77 -15.15
CA ALA F 407 -69.04 -11.95 -16.25
C ALA F 407 -68.31 -12.26 -17.56
N GLY F 408 -67.82 -13.49 -17.68
CA GLY F 408 -67.15 -13.92 -18.91
C GLY F 408 -65.78 -13.39 -19.27
N PHE F 409 -65.16 -12.58 -18.42
CA PHE F 409 -63.83 -12.07 -18.75
C PHE F 409 -62.70 -13.00 -18.29
N THR F 410 -61.52 -12.82 -18.86
CA THR F 410 -60.38 -13.65 -18.51
C THR F 410 -59.26 -12.82 -17.94
N GLU F 411 -58.72 -13.32 -16.83
CA GLU F 411 -57.65 -12.66 -16.09
C GLU F 411 -56.26 -12.88 -16.67
N ALA F 412 -55.46 -11.82 -16.70
CA ALA F 412 -54.10 -11.90 -17.25
C ALA F 412 -53.03 -11.62 -16.20
N LEU F 413 -51.78 -11.59 -16.64
CA LEU F 413 -50.69 -11.31 -15.72
C LEU F 413 -49.62 -10.40 -16.31
N THR F 414 -49.99 -9.13 -16.48
CA THR F 414 -49.09 -8.11 -17.01
C THR F 414 -47.85 -7.94 -16.14
N PHE F 415 -46.74 -7.53 -16.73
CA PHE F 415 -45.54 -7.29 -15.95
C PHE F 415 -45.70 -5.89 -15.37
N ALA F 416 -45.00 -5.59 -14.29
CA ALA F 416 -45.11 -4.26 -13.67
C ALA F 416 -44.12 -3.27 -14.26
N LEU F 417 -43.17 -3.78 -15.03
CA LEU F 417 -42.16 -2.91 -15.65
C LEU F 417 -42.33 -2.83 -17.17
N CYS F 418 -41.87 -1.73 -17.76
CA CYS F 418 -41.98 -1.55 -19.20
C CYS F 418 -41.25 -0.29 -19.68
N SER F 419 -41.41 0.01 -20.97
CA SER F 419 -40.77 1.16 -21.60
C SER F 419 -41.68 2.37 -21.58
N GLN F 420 -41.09 3.55 -21.42
CA GLN F 420 -41.85 4.80 -21.36
C GLN F 420 -42.90 4.88 -22.44
N GLU F 421 -42.50 4.60 -23.67
CA GLU F 421 -43.43 4.66 -24.80
C GLU F 421 -44.69 3.82 -24.58
N ASP F 422 -44.61 2.83 -23.70
CA ASP F 422 -45.76 1.97 -23.42
C ASP F 422 -46.83 2.68 -22.61
N ILE F 423 -46.41 3.60 -21.74
CA ILE F 423 -47.36 4.33 -20.90
C ILE F 423 -47.43 5.83 -21.19
N ALA F 424 -46.99 6.23 -22.38
CA ALA F 424 -46.99 7.63 -22.76
C ALA F 424 -47.20 7.82 -24.27
N ASP F 425 -46.09 7.79 -25.00
CA ASP F 425 -46.11 7.97 -26.43
C ASP F 425 -47.19 7.14 -27.13
N LYS F 426 -47.22 5.83 -26.86
CA LYS F 426 -48.21 4.96 -27.50
C LYS F 426 -49.64 5.26 -27.07
N LEU F 427 -49.79 6.11 -26.06
CA LEU F 427 -51.13 6.45 -25.56
C LEU F 427 -51.47 7.91 -25.84
N GLY F 428 -50.57 8.60 -26.52
CA GLY F 428 -50.79 10.00 -26.86
C GLY F 428 -50.45 11.01 -25.79
N VAL F 429 -49.51 10.67 -24.91
CA VAL F 429 -49.12 11.60 -23.85
C VAL F 429 -47.61 11.58 -23.61
N ASP F 430 -47.08 12.72 -23.15
CA ASP F 430 -45.67 12.83 -22.90
C ASP F 430 -45.31 12.22 -21.55
N ILE F 431 -44.21 11.49 -21.54
CA ILE F 431 -43.72 10.81 -20.34
C ILE F 431 -43.55 11.76 -19.15
N SER F 432 -43.74 13.05 -19.41
CA SER F 432 -43.60 14.06 -18.36
C SER F 432 -44.93 14.34 -17.67
N ALA F 433 -46.01 13.78 -18.20
CA ALA F 433 -47.33 13.98 -17.61
C ALA F 433 -47.97 12.70 -17.13
N THR F 434 -47.15 11.68 -16.85
CA THR F 434 -47.66 10.40 -16.37
C THR F 434 -47.45 10.19 -14.88
N LYS F 435 -46.58 11.00 -14.29
CA LYS F 435 -46.28 10.89 -12.86
C LYS F 435 -45.53 9.58 -12.62
N ALA F 436 -45.09 8.97 -13.72
CA ALA F 436 -44.38 7.70 -13.69
C ALA F 436 -43.04 7.74 -12.95
N VAL F 437 -42.59 6.57 -12.49
CA VAL F 437 -41.33 6.43 -11.78
C VAL F 437 -40.29 5.85 -12.74
N HIS F 438 -39.07 6.40 -12.72
CA HIS F 438 -38.01 5.95 -13.63
C HIS F 438 -36.91 5.11 -12.99
N ILE F 439 -36.63 3.98 -13.62
CA ILE F 439 -35.59 3.06 -13.14
C ILE F 439 -34.23 3.47 -13.65
N SER F 440 -33.24 3.43 -12.77
CA SER F 440 -31.87 3.81 -13.09
C SER F 440 -31.10 2.71 -13.85
N ASN F 441 -30.36 3.13 -14.89
CA ASN F 441 -29.55 2.22 -15.71
C ASN F 441 -30.23 0.90 -16.00
N PRO F 442 -31.40 0.95 -16.65
CA PRO F 442 -32.16 -0.25 -16.99
C PRO F 442 -31.51 -1.09 -18.07
N LYS F 443 -31.51 -2.41 -17.86
CA LYS F 443 -30.93 -3.32 -18.85
C LYS F 443 -31.60 -3.06 -20.20
N THR F 444 -32.78 -3.65 -20.40
CA THR F 444 -33.54 -3.47 -21.64
C THR F 444 -34.34 -2.17 -21.64
N ALA F 445 -35.00 -1.92 -22.76
CA ALA F 445 -35.82 -0.73 -22.92
C ALA F 445 -37.08 -0.89 -22.10
N GLU F 446 -37.51 -2.13 -21.94
CA GLU F 446 -38.72 -2.41 -21.19
C GLU F 446 -38.51 -2.56 -19.70
N PHE F 447 -37.61 -1.74 -19.15
CA PHE F 447 -37.30 -1.71 -17.72
C PHE F 447 -37.06 -0.26 -17.32
N GLN F 448 -37.57 0.67 -18.12
CA GLN F 448 -37.39 2.09 -17.87
C GLN F 448 -38.32 2.63 -16.81
N VAL F 449 -39.61 2.31 -16.97
CA VAL F 449 -40.64 2.80 -16.06
C VAL F 449 -41.52 1.69 -15.50
N ALA F 450 -42.20 2.01 -14.40
CA ALA F 450 -43.11 1.07 -13.75
C ALA F 450 -44.55 1.48 -14.07
N ARG F 451 -45.35 0.50 -14.49
CA ARG F 451 -46.75 0.70 -14.86
C ARG F 451 -47.41 1.93 -14.24
N THR F 452 -48.29 2.52 -15.03
CA THR F 452 -49.03 3.71 -14.62
C THR F 452 -50.46 3.34 -14.94
N THR F 453 -50.60 2.20 -15.60
CA THR F 453 -51.88 1.69 -16.02
C THR F 453 -51.75 0.24 -16.47
N LEU F 454 -52.86 -0.48 -16.49
CA LEU F 454 -52.83 -1.87 -16.89
C LEU F 454 -53.22 -2.04 -18.35
N LEU F 455 -53.76 -0.98 -18.94
CA LEU F 455 -54.19 -1.00 -20.33
C LEU F 455 -53.09 -1.47 -21.28
N PRO F 456 -51.90 -0.87 -21.18
CA PRO F 456 -50.79 -1.28 -22.05
C PRO F 456 -50.62 -2.80 -22.05
N GLY F 457 -50.11 -3.31 -20.94
CA GLY F 457 -49.92 -4.74 -20.81
C GLY F 457 -51.06 -5.55 -21.40
N LEU F 458 -52.30 -5.19 -21.07
CA LEU F 458 -53.44 -5.92 -21.57
C LEU F 458 -53.44 -5.99 -23.09
N LEU F 459 -53.24 -4.84 -23.72
CA LEU F 459 -53.19 -4.77 -25.18
C LEU F 459 -52.09 -5.72 -25.65
N LYS F 460 -50.87 -5.50 -25.15
CA LYS F 460 -49.71 -6.31 -25.52
C LYS F 460 -50.00 -7.79 -25.44
N THR F 461 -50.94 -8.14 -24.57
CA THR F 461 -51.32 -9.54 -24.41
C THR F 461 -52.13 -9.97 -25.60
N ILE F 462 -53.05 -9.11 -26.02
CA ILE F 462 -53.89 -9.41 -27.17
C ILE F 462 -52.98 -9.59 -28.37
N ALA F 463 -52.02 -8.68 -28.48
CA ALA F 463 -51.05 -8.69 -29.57
C ALA F 463 -50.41 -10.06 -29.69
N ALA F 464 -50.07 -10.66 -28.57
CA ALA F 464 -49.43 -11.96 -28.60
C ALA F 464 -50.42 -13.11 -28.76
N ASN F 465 -51.71 -12.81 -28.71
CA ASN F 465 -52.71 -13.86 -28.84
C ASN F 465 -53.63 -13.66 -30.02
N ARG F 466 -53.07 -13.20 -31.14
CA ARG F 466 -53.85 -12.95 -32.34
C ARG F 466 -54.59 -14.25 -32.70
N LYS F 467 -53.96 -15.37 -32.37
CA LYS F 467 -54.49 -16.70 -32.63
C LYS F 467 -55.80 -17.01 -31.90
N MET F 468 -56.19 -16.16 -30.97
CA MET F 468 -57.40 -16.38 -30.16
C MET F 468 -58.73 -15.90 -30.78
N PRO F 469 -59.81 -16.72 -30.63
CA PRO F 469 -61.17 -16.50 -31.11
C PRO F 469 -61.81 -15.11 -31.05
N LEU F 470 -62.90 -14.97 -31.81
CA LEU F 470 -63.68 -13.75 -31.98
C LEU F 470 -63.43 -12.58 -31.01
N PRO F 471 -64.19 -12.50 -29.89
CA PRO F 471 -63.92 -11.37 -29.00
C PRO F 471 -63.05 -11.72 -27.80
N LEU F 472 -62.00 -10.95 -27.58
CA LEU F 472 -61.14 -11.18 -26.43
C LEU F 472 -61.64 -10.31 -25.29
N LYS F 473 -61.88 -10.93 -24.15
CA LYS F 473 -62.35 -10.17 -23.00
C LYS F 473 -61.38 -10.38 -21.86
N LEU F 474 -60.43 -9.46 -21.76
CA LEU F 474 -59.40 -9.51 -20.74
C LEU F 474 -59.62 -8.53 -19.60
N PHE F 475 -59.00 -8.83 -18.48
CA PHE F 475 -59.08 -7.99 -17.30
C PHE F 475 -58.00 -8.40 -16.32
N GLU F 476 -57.68 -7.51 -15.42
CA GLU F 476 -56.66 -7.79 -14.43
C GLU F 476 -56.90 -6.78 -13.33
N ILE F 477 -56.69 -7.18 -12.08
CA ILE F 477 -56.87 -6.27 -10.96
C ILE F 477 -55.55 -6.24 -10.21
N SER F 478 -54.66 -5.33 -10.59
CA SER F 478 -53.34 -5.22 -9.96
C SER F 478 -52.93 -3.80 -9.61
N ASP F 479 -51.67 -3.65 -9.23
CA ASP F 479 -51.12 -2.36 -8.85
C ASP F 479 -50.44 -1.59 -9.96
N ILE F 480 -50.32 -0.29 -9.76
CA ILE F 480 -49.66 0.61 -10.69
C ILE F 480 -48.98 1.62 -9.77
N VAL F 481 -47.77 2.04 -10.14
CA VAL F 481 -47.06 2.99 -9.31
C VAL F 481 -47.19 4.42 -9.82
N ILE F 482 -47.04 5.38 -8.92
CA ILE F 482 -47.13 6.80 -9.25
C ILE F 482 -46.25 7.54 -8.26
N LYS F 483 -45.76 8.71 -8.63
CA LYS F 483 -44.96 9.49 -7.70
C LYS F 483 -45.96 10.18 -6.75
N ASP F 484 -45.63 10.23 -5.46
CA ASP F 484 -46.51 10.86 -4.48
C ASP F 484 -45.60 11.59 -3.51
N SER F 485 -45.65 12.91 -3.55
CA SER F 485 -44.81 13.71 -2.67
C SER F 485 -45.14 13.49 -1.20
N ASN F 486 -46.26 12.82 -0.92
CA ASN F 486 -46.67 12.59 0.46
C ASN F 486 -46.54 11.15 0.99
N THR F 487 -45.45 10.48 0.62
CA THR F 487 -45.21 9.12 1.08
C THR F 487 -43.72 8.98 1.39
N ASP F 488 -43.40 8.41 2.53
CA ASP F 488 -42.01 8.24 2.95
C ASP F 488 -41.03 7.85 1.83
N VAL F 489 -41.49 7.07 0.85
CA VAL F 489 -40.62 6.63 -0.21
C VAL F 489 -40.62 7.55 -1.43
N GLY F 490 -41.77 8.13 -1.74
CA GLY F 490 -41.83 9.01 -2.88
C GLY F 490 -42.81 8.54 -3.94
N ALA F 491 -43.30 7.31 -3.80
CA ALA F 491 -44.26 6.77 -4.74
C ALA F 491 -45.36 6.00 -4.00
N LYS F 492 -46.46 5.71 -4.69
CA LYS F 492 -47.57 4.98 -4.09
C LYS F 492 -48.22 4.03 -5.09
N ASN F 493 -48.66 2.85 -4.62
CA ASN F 493 -49.30 1.88 -5.49
C ASN F 493 -50.80 2.08 -5.44
N TYR F 494 -51.49 1.75 -6.52
CA TYR F 494 -52.94 1.87 -6.60
C TYR F 494 -53.56 0.61 -7.20
N ARG F 495 -54.72 0.20 -6.69
CA ARG F 495 -55.37 -0.99 -7.19
C ARG F 495 -56.34 -0.70 -8.31
N HIS F 496 -55.93 -0.91 -9.56
CA HIS F 496 -56.86 -0.68 -10.65
C HIS F 496 -57.46 -1.97 -11.15
N LEU F 497 -58.74 -1.92 -11.50
CA LEU F 497 -59.42 -3.06 -12.10
C LEU F 497 -59.49 -2.56 -13.51
N CYS F 498 -58.85 -3.26 -14.43
CA CYS F 498 -58.82 -2.83 -15.82
C CYS F 498 -59.24 -3.93 -16.79
N ALA F 499 -60.21 -3.64 -17.66
CA ALA F 499 -60.70 -4.62 -18.62
C ALA F 499 -60.67 -4.07 -20.02
N VAL F 500 -60.76 -4.95 -21.01
CA VAL F 500 -60.75 -4.55 -22.41
C VAL F 500 -61.60 -5.46 -23.29
N TYR F 501 -62.21 -4.87 -24.30
CA TYR F 501 -63.03 -5.62 -25.23
C TYR F 501 -62.42 -5.49 -26.62
N TYR F 502 -62.02 -6.63 -27.18
CA TYR F 502 -61.38 -6.68 -28.49
C TYR F 502 -62.26 -7.48 -29.44
N ASN F 503 -62.75 -6.83 -30.49
CA ASN F 503 -63.62 -7.51 -31.44
C ASN F 503 -63.77 -6.72 -32.75
N LYS F 504 -64.45 -7.33 -33.71
CA LYS F 504 -64.70 -6.69 -35.00
C LYS F 504 -65.12 -5.26 -34.73
N ASN F 505 -66.06 -5.12 -33.78
CA ASN F 505 -66.57 -3.81 -33.40
C ASN F 505 -66.23 -3.62 -31.93
N PRO F 506 -65.91 -2.37 -31.52
CA PRO F 506 -65.60 -2.18 -30.11
C PRO F 506 -66.89 -2.35 -29.32
N GLY F 507 -66.83 -2.96 -28.15
CA GLY F 507 -68.04 -3.15 -27.38
C GLY F 507 -68.22 -2.05 -26.37
N PHE F 508 -68.00 -0.81 -26.78
CA PHE F 508 -68.12 0.31 -25.85
C PHE F 508 -69.39 0.30 -25.00
N GLU F 509 -70.46 -0.31 -25.51
CA GLU F 509 -71.70 -0.36 -24.74
C GLU F 509 -71.64 -1.54 -23.78
N ILE F 510 -70.97 -2.61 -24.20
CA ILE F 510 -70.84 -3.79 -23.37
C ILE F 510 -69.77 -3.55 -22.30
N ILE F 511 -68.85 -2.63 -22.58
CA ILE F 511 -67.81 -2.27 -21.62
C ILE F 511 -68.46 -1.31 -20.64
N HIS F 512 -69.32 -0.44 -21.17
CA HIS F 512 -70.03 0.51 -20.33
C HIS F 512 -70.86 -0.34 -19.38
N GLY F 513 -71.44 -1.41 -19.91
CA GLY F 513 -72.25 -2.31 -19.11
C GLY F 513 -71.46 -3.06 -18.05
N LEU F 514 -70.17 -3.25 -18.30
CA LEU F 514 -69.32 -3.93 -17.34
C LEU F 514 -69.18 -3.03 -16.13
N LEU F 515 -68.90 -1.75 -16.39
CA LEU F 515 -68.75 -0.81 -15.31
C LEU F 515 -70.04 -0.79 -14.49
N ASP F 516 -71.17 -0.86 -15.17
CA ASP F 516 -72.44 -0.86 -14.46
C ASP F 516 -72.54 -2.08 -13.54
N ARG F 517 -72.14 -3.25 -14.05
CA ARG F 517 -72.19 -4.47 -13.24
C ARG F 517 -71.31 -4.28 -12.03
N ILE F 518 -70.06 -3.95 -12.30
CA ILE F 518 -69.08 -3.73 -11.24
C ILE F 518 -69.64 -2.87 -10.11
N MET F 519 -70.23 -1.74 -10.47
CA MET F 519 -70.82 -0.84 -9.48
C MET F 519 -71.96 -1.53 -8.76
N GLN F 520 -72.78 -2.25 -9.52
CA GLN F 520 -73.89 -2.98 -8.94
C GLN F 520 -73.34 -3.97 -7.90
N LEU F 521 -72.20 -4.58 -8.24
CA LEU F 521 -71.54 -5.55 -7.35
C LEU F 521 -71.07 -4.89 -6.09
N LEU F 522 -70.52 -3.68 -6.22
CA LEU F 522 -70.01 -2.92 -5.10
C LEU F 522 -71.11 -2.16 -4.38
N ASP F 523 -72.36 -2.42 -4.76
CA ASP F 523 -73.51 -1.76 -4.14
C ASP F 523 -73.35 -0.25 -4.16
N VAL F 524 -73.02 0.28 -5.34
CA VAL F 524 -72.86 1.72 -5.54
C VAL F 524 -73.95 2.17 -6.51
N PRO F 525 -74.95 2.90 -6.00
CA PRO F 525 -76.07 3.41 -6.81
C PRO F 525 -75.62 4.45 -7.84
N PRO F 526 -76.37 4.59 -8.94
CA PRO F 526 -76.07 5.53 -10.02
C PRO F 526 -76.51 6.97 -9.73
N GLY F 527 -75.74 7.93 -10.21
CA GLY F 527 -76.07 9.34 -10.00
C GLY F 527 -75.52 9.89 -8.69
N GLU F 528 -74.81 11.02 -8.75
CA GLU F 528 -74.23 11.61 -7.56
C GLU F 528 -75.28 12.30 -6.66
N ASP F 529 -76.24 11.54 -6.15
CA ASP F 529 -77.27 12.08 -5.28
C ASP F 529 -76.65 12.57 -3.96
N LYS F 530 -75.36 12.31 -3.83
CA LYS F 530 -74.55 12.68 -2.66
C LYS F 530 -73.35 11.74 -2.72
N GLY F 531 -73.64 10.46 -2.92
CA GLY F 531 -72.61 9.44 -3.01
C GLY F 531 -73.07 8.36 -3.97
N GLY F 532 -72.46 8.32 -5.15
CA GLY F 532 -72.81 7.32 -6.16
C GLY F 532 -71.92 7.52 -7.37
N TYR F 533 -72.23 6.85 -8.48
CA TYR F 533 -71.40 6.99 -9.68
C TYR F 533 -72.03 7.73 -10.84
N VAL F 534 -71.19 8.47 -11.57
CA VAL F 534 -71.66 9.25 -12.73
C VAL F 534 -70.71 9.14 -13.94
N ILE F 535 -71.25 8.71 -15.08
CA ILE F 535 -70.44 8.63 -16.29
C ILE F 535 -70.56 10.02 -16.91
N LYS F 536 -69.47 10.79 -16.93
CA LYS F 536 -69.52 12.11 -17.53
C LYS F 536 -68.62 12.13 -18.75
N ALA F 537 -69.21 12.24 -19.94
CA ALA F 537 -68.43 12.28 -21.17
C ALA F 537 -67.23 13.19 -20.98
N SER F 538 -66.08 12.78 -21.52
CA SER F 538 -64.88 13.58 -21.39
C SER F 538 -63.92 13.26 -22.53
N GLU F 539 -62.78 13.94 -22.54
CA GLU F 539 -61.81 13.72 -23.61
C GLU F 539 -60.51 13.11 -23.11
N GLY F 540 -59.99 12.17 -23.91
CA GLY F 540 -58.75 11.49 -23.58
C GLY F 540 -57.90 11.26 -24.82
N PRO F 541 -56.60 11.58 -24.74
CA PRO F 541 -55.64 11.42 -25.83
C PRO F 541 -55.39 9.97 -26.21
N ALA F 542 -56.12 9.06 -25.59
CA ALA F 542 -55.94 7.65 -25.89
C ALA F 542 -57.24 7.07 -26.43
N PHE F 543 -58.29 7.88 -26.37
CA PHE F 543 -59.59 7.42 -26.83
C PHE F 543 -60.12 8.18 -28.01
N PHE F 544 -60.80 7.43 -28.88
CA PHE F 544 -61.43 7.97 -30.07
C PHE F 544 -62.43 8.99 -29.55
N PRO F 545 -62.30 10.25 -29.97
CA PRO F 545 -63.19 11.32 -29.55
C PRO F 545 -64.69 10.98 -29.52
N GLY F 546 -65.38 11.45 -28.48
CA GLY F 546 -66.80 11.22 -28.36
C GLY F 546 -67.22 9.81 -27.94
N ARG F 547 -66.24 8.99 -27.57
CA ARG F 547 -66.50 7.63 -27.14
C ARG F 547 -65.55 7.41 -25.97
N CYS F 548 -65.55 8.40 -25.08
CA CYS F 548 -64.71 8.42 -23.90
C CYS F 548 -65.44 9.16 -22.77
N ALA F 549 -65.39 8.58 -21.57
CA ALA F 549 -66.04 9.16 -20.39
C ALA F 549 -65.18 9.04 -19.15
N GLU F 550 -65.57 9.74 -18.09
CA GLU F 550 -64.85 9.68 -16.84
C GLU F 550 -65.79 9.13 -15.77
N ILE F 551 -65.26 8.32 -14.87
CA ILE F 551 -66.07 7.73 -13.81
C ILE F 551 -65.90 8.50 -12.51
N PHE F 552 -67.01 8.92 -11.92
CA PHE F 552 -66.98 9.66 -10.67
C PHE F 552 -67.81 8.92 -9.64
N ALA F 553 -67.32 8.88 -8.41
CA ALA F 553 -68.03 8.20 -7.32
C ALA F 553 -67.38 8.55 -6.00
N ARG F 554 -68.13 8.35 -4.92
CA ARG F 554 -67.64 8.64 -3.59
C ARG F 554 -66.77 9.90 -3.60
N GLY F 555 -67.31 10.96 -4.21
CA GLY F 555 -66.63 12.23 -4.27
C GLY F 555 -65.30 12.33 -4.96
N GLN F 556 -65.12 11.62 -6.08
CA GLN F 556 -63.86 11.71 -6.80
C GLN F 556 -63.81 10.94 -8.10
N SER F 557 -62.80 11.26 -8.91
CA SER F 557 -62.60 10.59 -10.18
C SER F 557 -62.03 9.22 -9.88
N VAL F 558 -62.68 8.20 -10.41
CA VAL F 558 -62.26 6.83 -10.19
C VAL F 558 -61.48 6.30 -11.38
N GLY F 559 -62.05 6.47 -12.56
CA GLY F 559 -61.37 5.97 -13.74
C GLY F 559 -61.80 6.58 -15.05
N LYS F 560 -61.33 5.97 -16.13
CA LYS F 560 -61.60 6.40 -17.50
C LYS F 560 -62.27 5.25 -18.27
N LEU F 561 -63.42 5.53 -18.86
CA LEU F 561 -64.15 4.53 -19.63
C LEU F 561 -64.13 5.03 -21.07
N GLY F 562 -63.79 4.18 -22.03
CA GLY F 562 -63.78 4.64 -23.41
C GLY F 562 -63.31 3.67 -24.49
N VAL F 563 -63.36 4.13 -25.74
CA VAL F 563 -62.92 3.32 -26.86
C VAL F 563 -61.54 3.77 -27.30
N LEU F 564 -60.60 2.82 -27.30
CA LEU F 564 -59.24 3.12 -27.69
C LEU F 564 -59.14 3.80 -29.04
N HIS F 565 -58.29 4.82 -29.09
CA HIS F 565 -58.06 5.61 -30.30
C HIS F 565 -57.21 4.82 -31.32
N PRO F 566 -57.66 4.76 -32.59
CA PRO F 566 -56.97 4.05 -33.67
C PRO F 566 -55.44 4.12 -33.63
N ASP F 567 -54.91 5.25 -33.18
CA ASP F 567 -53.45 5.43 -33.07
C ASP F 567 -52.84 4.44 -32.09
N VAL F 568 -53.35 4.44 -30.87
CA VAL F 568 -52.84 3.53 -29.87
C VAL F 568 -53.04 2.07 -30.29
N ILE F 569 -54.18 1.74 -30.90
CA ILE F 569 -54.44 0.36 -31.30
C ILE F 569 -53.49 -0.12 -32.41
N THR F 570 -52.95 0.82 -33.18
CA THR F 570 -52.03 0.42 -34.23
C THR F 570 -50.62 0.45 -33.64
N LYS F 571 -50.33 1.44 -32.80
CA LYS F 571 -49.01 1.55 -32.18
C LYS F 571 -48.70 0.37 -31.24
N PHE F 572 -49.71 -0.46 -31.00
CA PHE F 572 -49.53 -1.65 -30.17
C PHE F 572 -49.75 -2.83 -31.11
N GLU F 573 -49.54 -2.55 -32.38
CA GLU F 573 -49.67 -3.53 -33.45
C GLU F 573 -50.89 -4.42 -33.36
N LEU F 574 -52.07 -3.80 -33.28
CA LEU F 574 -53.32 -4.54 -33.20
C LEU F 574 -54.19 -4.29 -34.44
N THR F 575 -55.14 -5.19 -34.65
CA THR F 575 -56.06 -5.13 -35.78
C THR F 575 -57.37 -4.39 -35.45
N MET F 576 -58.29 -5.11 -34.80
CA MET F 576 -59.60 -4.57 -34.42
C MET F 576 -59.61 -3.36 -33.49
N PRO F 577 -60.79 -2.75 -33.32
CA PRO F 577 -60.96 -1.57 -32.46
C PRO F 577 -60.95 -2.08 -31.04
N CYS F 578 -61.03 -1.18 -30.07
CA CYS F 578 -61.02 -1.64 -28.71
C CYS F 578 -61.69 -0.73 -27.70
N SER F 579 -62.38 -1.36 -26.75
CA SER F 579 -63.08 -0.64 -25.69
C SER F 579 -62.41 -1.03 -24.37
N SER F 580 -62.07 -0.03 -23.56
CA SER F 580 -61.41 -0.29 -22.29
C SER F 580 -62.22 0.23 -21.09
N LEU F 581 -61.62 0.05 -19.91
CA LEU F 581 -62.23 0.45 -18.66
C LEU F 581 -61.16 0.31 -17.60
N GLU F 582 -61.00 1.31 -16.75
CA GLU F 582 -60.00 1.23 -15.71
C GLU F 582 -60.33 2.11 -14.52
N ILE F 583 -60.83 1.49 -13.45
CA ILE F 583 -61.23 2.19 -12.22
C ILE F 583 -60.29 1.86 -11.09
N ASN F 584 -60.05 2.84 -10.24
CA ASN F 584 -59.21 2.63 -9.07
C ASN F 584 -60.13 2.11 -7.98
N ILE F 585 -60.10 0.81 -7.73
CA ILE F 585 -60.99 0.24 -6.73
C ILE F 585 -60.68 0.65 -5.29
N GLY F 586 -59.61 1.42 -5.10
CA GLY F 586 -59.24 1.86 -3.77
C GLY F 586 -60.35 2.53 -2.97
N PRO F 587 -60.90 3.63 -3.47
CA PRO F 587 -61.98 4.37 -2.80
C PRO F 587 -63.24 3.57 -2.48
N PHE F 588 -63.40 2.42 -3.13
CA PHE F 588 -64.58 1.61 -2.91
C PHE F 588 -64.57 0.71 -1.67
N LEU F 589 -63.45 0.68 -0.95
CA LEU F 589 -63.39 -0.17 0.24
C LEU F 589 -64.39 0.26 1.30
N GLN G 188 -74.22 9.97 -40.08
CA GLN G 188 -74.26 8.79 -39.17
C GLN G 188 -73.84 7.49 -39.84
N GLU G 189 -73.41 6.53 -39.03
CA GLU G 189 -73.01 5.20 -39.46
C GLU G 189 -72.64 4.36 -38.23
N THR G 190 -72.84 3.05 -38.35
CA THR G 190 -72.59 2.11 -37.26
C THR G 190 -71.14 1.76 -36.93
N GLU G 191 -71.02 0.81 -36.00
CA GLU G 191 -69.78 0.24 -35.49
C GLU G 191 -68.48 0.59 -36.21
N LEU G 192 -67.43 0.89 -35.45
CA LEU G 192 -66.13 1.18 -36.06
C LEU G 192 -65.75 -0.23 -36.52
N SER G 193 -64.64 -0.43 -37.21
CA SER G 193 -64.34 -1.79 -37.66
C SER G 193 -62.97 -1.96 -38.34
N PRO G 194 -62.78 -3.04 -39.14
CA PRO G 194 -61.50 -3.24 -39.82
C PRO G 194 -61.41 -2.33 -41.05
N GLU G 195 -60.25 -1.73 -41.25
CA GLU G 195 -60.02 -0.83 -42.37
C GLU G 195 -60.56 0.57 -42.03
N MET G 196 -60.64 0.87 -40.74
CA MET G 196 -61.11 2.17 -40.23
C MET G 196 -59.89 2.88 -39.62
N ILE G 197 -58.93 2.04 -39.22
CA ILE G 197 -57.66 2.47 -38.64
C ILE G 197 -56.65 1.95 -39.66
N SER G 198 -57.02 0.86 -40.35
CA SER G 198 -56.21 0.21 -41.38
C SER G 198 -56.12 1.04 -42.65
N SER G 199 -56.70 2.22 -42.60
CA SER G 199 -56.71 3.15 -43.72
C SER G 199 -56.40 4.55 -43.22
N GLY G 200 -57.44 5.31 -42.88
CA GLY G 200 -57.23 6.66 -42.38
C GLY G 200 -58.51 7.38 -41.99
N SER G 201 -59.63 6.65 -41.90
CA SER G 201 -60.92 7.22 -41.55
C SER G 201 -60.93 7.98 -40.22
N TRP G 202 -60.56 9.26 -40.27
CA TRP G 202 -60.52 10.15 -39.11
C TRP G 202 -61.63 11.18 -39.19
N ARG G 203 -61.57 12.06 -40.20
CA ARG G 203 -62.61 13.08 -40.41
C ARG G 203 -63.48 12.63 -41.58
N ASP G 204 -63.60 11.31 -41.74
CA ASP G 204 -64.40 10.69 -42.79
C ASP G 204 -65.87 11.06 -42.56
N ARG G 205 -66.74 10.08 -42.46
CA ARG G 205 -68.17 10.32 -42.25
C ARG G 205 -68.90 9.25 -41.42
N PRO G 206 -68.49 7.97 -41.56
CA PRO G 206 -69.09 6.82 -40.86
C PRO G 206 -69.49 7.02 -39.39
N PHE G 207 -68.95 6.17 -38.53
CA PHE G 207 -69.22 6.18 -37.08
C PHE G 207 -70.02 7.40 -36.61
N LYS G 208 -71.06 7.13 -35.83
CA LYS G 208 -71.95 8.17 -35.30
C LYS G 208 -71.56 8.80 -33.95
N PRO G 209 -71.00 10.04 -33.94
CA PRO G 209 -70.68 10.58 -32.61
C PRO G 209 -71.91 10.64 -31.67
N TYR G 210 -72.05 9.61 -30.83
CA TYR G 210 -73.17 9.48 -29.88
C TYR G 210 -72.82 10.01 -28.47
N ASN G 211 -73.85 10.36 -27.70
CA ASN G 211 -73.69 10.88 -26.34
C ASN G 211 -73.81 9.80 -25.26
N PHE G 212 -73.50 10.17 -24.00
CA PHE G 212 -73.56 9.24 -22.88
C PHE G 212 -74.78 9.49 -22.01
N LEU G 213 -75.95 9.38 -22.64
CA LEU G 213 -77.21 9.60 -21.96
C LEU G 213 -77.51 8.50 -20.94
N ALA G 214 -78.39 7.56 -21.28
CA ALA G 214 -78.76 6.48 -20.39
C ALA G 214 -77.58 5.56 -20.09
N HIS G 215 -77.86 4.41 -19.48
CA HIS G 215 -76.81 3.46 -19.15
C HIS G 215 -76.65 2.31 -20.13
N GLY G 216 -75.48 1.67 -20.06
CA GLY G 216 -75.13 0.58 -20.96
C GLY G 216 -75.93 -0.71 -20.94
N VAL G 217 -75.27 -1.77 -21.36
CA VAL G 217 -75.91 -3.08 -21.42
C VAL G 217 -75.19 -4.11 -20.56
N LEU G 218 -75.93 -4.75 -19.66
CA LEU G 218 -75.35 -5.76 -18.78
C LEU G 218 -74.96 -6.97 -19.60
N PRO G 219 -73.97 -7.73 -19.13
CA PRO G 219 -73.55 -8.93 -19.85
C PRO G 219 -74.20 -10.13 -19.19
N ASP G 220 -74.77 -11.05 -19.97
CA ASP G 220 -75.41 -12.23 -19.39
C ASP G 220 -74.37 -12.93 -18.51
N SER G 221 -74.28 -12.47 -17.26
CA SER G 221 -73.33 -12.99 -16.29
C SER G 221 -73.92 -14.10 -15.43
N GLY G 222 -73.05 -14.95 -14.88
CA GLY G 222 -73.51 -16.02 -14.01
C GLY G 222 -73.75 -15.45 -12.62
N HIS G 223 -74.40 -16.22 -11.75
CA HIS G 223 -74.72 -15.71 -10.43
C HIS G 223 -74.73 -16.72 -9.28
N LEU G 224 -74.35 -16.26 -8.10
CA LEU G 224 -74.34 -17.11 -6.91
C LEU G 224 -75.40 -16.58 -5.96
N HIS G 225 -76.22 -17.48 -5.44
CA HIS G 225 -77.29 -17.10 -4.54
C HIS G 225 -76.86 -16.35 -3.28
N PRO G 226 -77.45 -15.19 -3.02
CA PRO G 226 -77.18 -14.32 -1.87
C PRO G 226 -77.02 -15.01 -0.52
N LEU G 227 -77.93 -15.92 -0.21
CA LEU G 227 -77.87 -16.62 1.05
C LEU G 227 -76.59 -17.44 1.14
N LEU G 228 -76.19 -18.04 0.02
CA LEU G 228 -74.98 -18.86 -0.01
C LEU G 228 -73.74 -18.02 -0.08
N LYS G 229 -73.89 -16.83 -0.65
CA LYS G 229 -72.75 -15.93 -0.74
C LYS G 229 -72.43 -15.60 0.72
N VAL G 230 -73.47 -15.60 1.55
CA VAL G 230 -73.30 -15.30 2.96
C VAL G 230 -72.78 -16.53 3.66
N ARG G 231 -73.38 -17.69 3.37
CA ARG G 231 -72.90 -18.93 3.99
C ARG G 231 -71.39 -18.98 3.78
N SER G 232 -70.94 -18.67 2.58
CA SER G 232 -69.52 -18.67 2.28
C SER G 232 -68.79 -17.79 3.28
N GLN G 233 -69.20 -16.53 3.40
CA GLN G 233 -68.52 -15.62 4.31
C GLN G 233 -68.46 -16.19 5.75
N PHE G 234 -69.53 -16.85 6.19
CA PHE G 234 -69.50 -17.40 7.55
C PHE G 234 -68.45 -18.49 7.60
N ARG G 235 -68.56 -19.43 6.66
CA ARG G 235 -67.63 -20.55 6.56
C ARG G 235 -66.20 -20.05 6.72
N GLN G 236 -65.89 -18.94 6.05
CA GLN G 236 -64.56 -18.36 6.10
C GLN G 236 -64.26 -17.86 7.52
N ILE G 237 -65.16 -17.08 8.11
CA ILE G 237 -64.96 -16.57 9.46
C ILE G 237 -64.53 -17.72 10.34
N PHE G 238 -65.23 -18.83 10.25
CA PHE G 238 -64.91 -19.98 11.05
C PHE G 238 -63.51 -20.51 10.77
N LEU G 239 -63.13 -20.58 9.51
CA LEU G 239 -61.81 -21.07 9.19
C LEU G 239 -60.74 -20.15 9.73
N GLU G 240 -60.95 -18.85 9.58
CA GLU G 240 -59.97 -17.88 10.05
C GLU G 240 -59.82 -17.95 11.56
N MET G 241 -60.84 -18.46 12.23
CA MET G 241 -60.81 -18.58 13.69
C MET G 241 -60.38 -19.98 14.09
N GLY G 242 -59.63 -20.65 13.22
CA GLY G 242 -59.16 -21.98 13.52
C GLY G 242 -60.15 -23.13 13.63
N PHE G 243 -61.39 -22.94 13.22
CA PHE G 243 -62.35 -24.03 13.32
C PHE G 243 -62.38 -24.99 12.16
N THR G 244 -62.49 -26.28 12.45
CA THR G 244 -62.56 -27.30 11.41
C THR G 244 -64.01 -27.53 11.06
N GLU G 245 -64.27 -27.79 9.78
CA GLU G 245 -65.64 -28.00 9.32
C GLU G 245 -66.10 -29.45 9.49
N MET G 246 -67.09 -29.68 10.35
CA MET G 246 -67.62 -31.02 10.57
C MET G 246 -68.71 -31.32 9.53
N PRO G 247 -68.77 -32.58 9.04
CA PRO G 247 -69.75 -33.03 8.04
C PRO G 247 -71.19 -33.03 8.53
N THR G 248 -72.13 -32.88 7.60
CA THR G 248 -73.54 -32.88 7.99
C THR G 248 -74.42 -33.66 7.02
N ASP G 249 -73.81 -34.57 6.28
CA ASP G 249 -74.54 -35.38 5.30
C ASP G 249 -75.57 -36.33 5.92
N ASN G 250 -76.69 -35.77 6.39
CA ASN G 250 -77.74 -36.59 7.00
C ASN G 250 -78.97 -35.78 7.33
N PHE G 251 -79.84 -35.53 6.35
CA PHE G 251 -81.04 -34.76 6.63
C PHE G 251 -81.93 -35.54 7.58
N ILE G 252 -81.71 -36.85 7.63
CA ILE G 252 -82.51 -37.71 8.46
C ILE G 252 -81.72 -38.21 9.66
N GLU G 253 -82.13 -37.80 10.85
CA GLU G 253 -81.46 -38.18 12.09
C GLU G 253 -82.37 -39.04 12.95
N SER G 254 -81.78 -39.96 13.70
CA SER G 254 -82.55 -40.80 14.59
C SER G 254 -82.85 -39.94 15.83
N SER G 255 -84.04 -40.09 16.38
CA SER G 255 -84.43 -39.33 17.56
C SER G 255 -83.36 -39.37 18.65
N PHE G 256 -82.68 -40.51 18.78
CA PHE G 256 -81.63 -40.66 19.79
C PHE G 256 -80.59 -39.54 19.71
N TRP G 257 -79.94 -39.38 18.57
CA TRP G 257 -78.94 -38.32 18.41
C TRP G 257 -79.50 -36.90 18.47
N ASN G 258 -80.52 -36.63 17.65
CA ASN G 258 -81.12 -35.31 17.62
C ASN G 258 -81.56 -34.85 19.01
N PHE G 259 -82.28 -35.71 19.74
CA PHE G 259 -82.80 -35.39 21.08
C PHE G 259 -82.11 -36.01 22.30
N ASP G 260 -82.35 -37.30 22.53
CA ASP G 260 -81.82 -38.01 23.69
C ASP G 260 -80.38 -37.84 24.09
N ALA G 261 -79.47 -37.79 23.13
CA ALA G 261 -78.05 -37.66 23.45
C ALA G 261 -77.64 -36.30 24.05
N LEU G 262 -78.50 -35.30 23.83
CA LEU G 262 -78.25 -33.95 24.30
C LEU G 262 -78.96 -33.69 25.63
N PHE G 263 -79.53 -34.74 26.22
CA PHE G 263 -80.26 -34.64 27.50
C PHE G 263 -81.62 -33.96 27.30
N GLN G 264 -82.15 -34.13 26.09
CA GLN G 264 -83.44 -33.59 25.70
C GLN G 264 -84.45 -34.61 26.17
N PRO G 265 -85.05 -34.38 27.34
CA PRO G 265 -86.05 -35.34 27.85
C PRO G 265 -87.11 -35.68 26.82
N GLN G 266 -87.61 -36.91 26.91
CA GLN G 266 -88.63 -37.39 25.98
C GLN G 266 -90.00 -36.71 26.14
N GLN G 267 -90.01 -35.61 26.89
CA GLN G 267 -91.23 -34.84 27.11
C GLN G 267 -91.19 -33.65 26.16
N HIS G 268 -90.54 -32.58 26.63
CA HIS G 268 -90.40 -31.34 25.88
C HIS G 268 -91.37 -31.20 24.71
N PRO G 269 -92.46 -30.45 24.90
CA PRO G 269 -93.49 -30.23 23.88
C PRO G 269 -92.92 -29.93 22.48
N ALA G 270 -91.60 -29.80 22.41
CA ALA G 270 -90.92 -29.55 21.14
C ALA G 270 -90.27 -30.84 20.68
N ARG G 271 -90.58 -31.95 21.35
CA ARG G 271 -89.99 -33.25 21.04
C ARG G 271 -90.93 -34.31 20.45
N ASP G 272 -92.24 -34.07 20.48
CA ASP G 272 -93.19 -35.04 19.91
C ASP G 272 -94.32 -34.32 19.19
N GLN G 273 -95.23 -33.70 19.95
CA GLN G 273 -96.37 -32.99 19.36
C GLN G 273 -95.87 -32.24 18.13
N HIS G 274 -95.82 -32.96 17.00
CA HIS G 274 -95.33 -32.42 15.74
C HIS G 274 -94.86 -30.96 15.82
N ASP G 275 -93.58 -30.82 16.16
CA ASP G 275 -92.85 -29.55 16.27
C ASP G 275 -91.59 -29.84 15.45
N THR G 276 -91.45 -31.13 15.12
CA THR G 276 -90.35 -31.72 14.33
C THR G 276 -91.02 -32.52 13.20
N PHE G 277 -90.24 -33.14 12.33
CA PHE G 277 -90.80 -33.90 11.22
C PHE G 277 -90.62 -35.41 11.35
N PHE G 278 -91.49 -36.12 12.06
CA PHE G 278 -91.32 -37.57 12.16
C PHE G 278 -91.68 -38.19 10.83
N LEU G 279 -90.85 -39.08 10.32
CA LEU G 279 -91.16 -39.69 9.02
C LEU G 279 -91.85 -41.05 9.08
N ARG G 280 -92.66 -41.31 8.06
CA ARG G 280 -93.42 -42.54 7.95
C ARG G 280 -92.57 -43.70 7.43
N ASP G 281 -91.79 -43.47 6.37
CA ASP G 281 -91.00 -44.58 5.84
C ASP G 281 -89.92 -45.08 6.80
N PRO G 282 -88.67 -44.54 6.75
CA PRO G 282 -87.77 -45.14 7.75
C PRO G 282 -88.20 -44.81 9.18
N ALA G 283 -89.31 -45.42 9.61
CA ALA G 283 -89.89 -45.23 10.93
C ALA G 283 -88.87 -45.31 12.07
N GLU G 284 -88.14 -46.42 12.13
CA GLU G 284 -87.14 -46.63 13.16
C GLU G 284 -85.74 -46.63 12.52
N ALA G 285 -84.72 -46.31 13.29
CA ALA G 285 -83.36 -46.32 12.75
C ALA G 285 -82.91 -47.77 12.65
N LEU G 286 -81.82 -48.04 11.94
CA LEU G 286 -81.36 -49.42 11.79
C LEU G 286 -80.07 -49.69 12.56
N GLN G 287 -79.83 -48.91 13.61
CA GLN G 287 -78.63 -49.07 14.43
C GLN G 287 -78.43 -47.88 15.35
N LEU G 288 -77.91 -48.16 16.54
CA LEU G 288 -77.62 -47.14 17.53
C LEU G 288 -76.44 -47.68 18.33
N PRO G 289 -75.54 -46.80 18.82
CA PRO G 289 -74.39 -47.28 19.60
C PRO G 289 -74.88 -47.73 20.96
N MET G 290 -75.60 -48.86 20.97
CA MET G 290 -76.20 -49.41 22.18
C MET G 290 -75.46 -49.20 23.48
N ASP G 291 -74.12 -49.27 23.47
CA ASP G 291 -73.35 -49.06 24.68
C ASP G 291 -73.62 -47.64 25.13
N TYR G 292 -73.28 -46.69 24.25
CA TYR G 292 -73.49 -45.27 24.53
C TYR G 292 -74.97 -45.07 24.89
N VAL G 293 -75.84 -45.67 24.10
CA VAL G 293 -77.28 -45.56 24.35
C VAL G 293 -77.64 -46.04 25.75
N GLN G 294 -76.97 -47.09 26.20
CA GLN G 294 -77.25 -47.62 27.52
C GLN G 294 -76.87 -46.57 28.57
N ARG G 295 -75.67 -46.00 28.44
CA ARG G 295 -75.22 -45.00 29.39
C ARG G 295 -76.15 -43.79 29.39
N VAL G 296 -76.76 -43.51 28.24
CA VAL G 296 -77.70 -42.39 28.14
C VAL G 296 -78.96 -42.78 28.91
N LYS G 297 -79.62 -43.84 28.43
CA LYS G 297 -80.83 -44.37 29.06
C LYS G 297 -80.68 -44.27 30.57
N ARG G 298 -79.54 -44.76 31.05
CA ARG G 298 -79.21 -44.75 32.47
C ARG G 298 -79.33 -43.36 33.07
N THR G 299 -78.27 -42.57 32.91
CA THR G 299 -78.18 -41.22 33.44
C THR G 299 -79.42 -40.38 33.14
N HIS G 300 -80.11 -40.75 32.08
CA HIS G 300 -81.31 -40.03 31.68
C HIS G 300 -82.44 -40.23 32.69
N SER G 301 -82.59 -41.46 33.18
CA SER G 301 -83.64 -41.77 34.12
C SER G 301 -83.20 -41.89 35.58
N GLN G 302 -82.06 -42.53 35.83
CA GLN G 302 -81.58 -42.69 37.19
C GLN G 302 -80.56 -41.64 37.59
N GLY G 303 -79.89 -41.05 36.60
CA GLY G 303 -78.89 -40.04 36.91
C GLY G 303 -77.47 -40.60 36.90
N GLY G 304 -76.53 -39.83 37.43
CA GLY G 304 -75.15 -40.28 37.47
C GLY G 304 -74.24 -39.18 36.98
N TYR G 305 -72.93 -39.43 36.99
CA TYR G 305 -71.98 -38.41 36.54
C TYR G 305 -72.15 -37.13 37.35
N GLY G 306 -72.85 -37.26 38.47
CA GLY G 306 -73.08 -36.12 39.35
C GLY G 306 -74.50 -35.57 39.33
N SER G 307 -75.28 -35.98 38.34
CA SER G 307 -76.64 -35.48 38.21
C SER G 307 -77.67 -36.44 38.75
N GLN G 308 -78.91 -35.96 38.84
CA GLN G 308 -79.99 -36.79 39.34
C GLN G 308 -81.00 -37.06 38.27
N GLY G 309 -80.51 -37.20 37.05
CA GLY G 309 -81.36 -37.47 35.90
C GLY G 309 -82.69 -36.74 35.91
N TYR G 310 -83.61 -37.19 35.06
CA TYR G 310 -84.91 -36.58 34.97
C TYR G 310 -85.92 -37.47 35.70
N LYS G 311 -85.41 -38.54 36.30
CA LYS G 311 -86.23 -39.48 37.05
C LYS G 311 -87.50 -39.92 36.32
N TYR G 312 -87.38 -40.32 35.07
CA TYR G 312 -88.54 -40.79 34.30
C TYR G 312 -88.13 -42.08 33.60
N ASN G 313 -89.09 -42.76 32.98
CA ASN G 313 -88.73 -44.00 32.30
C ASN G 313 -88.39 -43.79 30.84
N TRP G 314 -87.12 -44.03 30.52
CA TRP G 314 -86.59 -43.86 29.18
C TRP G 314 -86.97 -45.03 28.28
N LYS G 315 -87.82 -44.76 27.29
CA LYS G 315 -88.25 -45.79 26.34
C LYS G 315 -87.36 -45.76 25.10
N LEU G 316 -86.73 -46.90 24.80
CA LEU G 316 -85.84 -47.02 23.66
C LEU G 316 -86.60 -46.95 22.35
N ASP G 317 -87.81 -47.53 22.31
CA ASP G 317 -88.62 -47.51 21.09
C ASP G 317 -88.82 -46.08 20.61
N GLU G 318 -88.77 -45.14 21.54
CA GLU G 318 -88.94 -43.73 21.24
C GLU G 318 -87.72 -43.20 20.51
N ALA G 319 -86.55 -43.38 21.11
CA ALA G 319 -85.30 -42.93 20.51
C ALA G 319 -85.11 -43.49 19.10
N ARG G 320 -85.64 -44.67 18.85
CA ARG G 320 -85.52 -45.33 17.55
C ARG G 320 -86.24 -44.52 16.45
N LYS G 321 -87.22 -43.70 16.82
CA LYS G 321 -87.99 -42.90 15.87
C LYS G 321 -87.15 -41.96 15.00
N ASN G 322 -87.19 -42.17 13.68
CA ASN G 322 -86.43 -41.33 12.75
C ASN G 322 -87.17 -40.02 12.48
N LEU G 323 -86.42 -38.99 12.12
CA LEU G 323 -87.00 -37.68 11.86
C LEU G 323 -86.12 -36.82 10.97
N LEU G 324 -86.52 -35.56 10.79
CA LEU G 324 -85.75 -34.64 10.00
C LEU G 324 -85.01 -33.72 10.95
N ARG G 325 -83.68 -33.89 11.00
CA ARG G 325 -82.81 -33.10 11.86
C ARG G 325 -83.42 -31.74 12.15
N THR G 326 -83.75 -31.49 13.41
CA THR G 326 -84.37 -30.22 13.81
C THR G 326 -83.36 -29.11 14.10
N HIS G 327 -82.11 -29.49 14.38
CA HIS G 327 -81.05 -28.53 14.65
C HIS G 327 -79.69 -29.16 14.42
N THR G 328 -78.71 -28.35 14.03
CA THR G 328 -77.36 -28.87 13.79
C THR G 328 -76.68 -29.36 15.05
N THR G 329 -77.25 -29.05 16.21
CA THR G 329 -76.66 -29.49 17.47
C THR G 329 -76.48 -31.01 17.50
N SER G 330 -77.38 -31.74 16.85
CA SER G 330 -77.26 -33.19 16.79
C SER G 330 -75.92 -33.53 16.12
N ALA G 331 -75.60 -32.83 15.03
CA ALA G 331 -74.34 -33.06 14.32
C ALA G 331 -73.15 -32.93 15.27
N SER G 332 -73.23 -31.97 16.18
CA SER G 332 -72.17 -31.75 17.14
C SER G 332 -72.11 -32.92 18.10
N ALA G 333 -73.27 -33.41 18.48
CA ALA G 333 -73.34 -34.55 19.39
C ALA G 333 -72.52 -35.66 18.77
N ARG G 334 -72.80 -35.94 17.50
CA ARG G 334 -72.09 -36.95 16.75
C ARG G 334 -70.61 -36.64 16.88
N ALA G 335 -70.22 -35.50 16.34
CA ALA G 335 -68.84 -35.04 16.35
C ALA G 335 -68.14 -35.23 17.69
N LEU G 336 -68.79 -34.79 18.76
CA LEU G 336 -68.21 -34.91 20.08
C LEU G 336 -68.05 -36.37 20.49
N TYR G 337 -69.07 -37.18 20.23
CA TYR G 337 -68.98 -38.59 20.58
C TYR G 337 -67.77 -39.20 19.90
N ARG G 338 -67.65 -38.97 18.60
CA ARG G 338 -66.53 -39.49 17.86
C ARG G 338 -65.24 -39.05 18.57
N LEU G 339 -65.14 -37.74 18.85
CA LEU G 339 -63.97 -37.20 19.51
C LEU G 339 -63.67 -37.91 20.82
N ALA G 340 -64.71 -38.22 21.57
CA ALA G 340 -64.57 -38.89 22.86
C ALA G 340 -63.87 -40.24 22.76
N GLN G 341 -63.85 -40.81 21.56
CA GLN G 341 -63.23 -42.11 21.35
C GLN G 341 -61.74 -42.05 21.00
N LYS G 342 -61.21 -40.86 20.70
CA LYS G 342 -59.80 -40.72 20.35
C LYS G 342 -58.86 -41.17 21.47
N LYS G 343 -57.85 -41.98 21.12
CA LYS G 343 -56.86 -42.51 22.07
C LYS G 343 -56.70 -41.48 23.19
N PRO G 344 -55.87 -40.44 23.00
CA PRO G 344 -55.79 -39.48 24.10
C PRO G 344 -56.68 -38.32 23.66
N PHE G 345 -57.26 -37.60 24.60
CA PHE G 345 -58.11 -36.50 24.20
C PHE G 345 -57.28 -35.40 23.61
N THR G 346 -57.87 -34.72 22.64
CA THR G 346 -57.21 -33.62 21.97
C THR G 346 -58.21 -32.51 21.71
N PRO G 347 -57.93 -31.30 22.22
CA PRO G 347 -58.79 -30.14 22.07
C PRO G 347 -59.10 -29.83 20.61
N VAL G 348 -60.30 -29.30 20.36
CA VAL G 348 -60.71 -29.01 19.00
C VAL G 348 -61.63 -27.81 18.89
N LYS G 349 -61.95 -27.47 17.65
CA LYS G 349 -62.87 -26.38 17.34
C LYS G 349 -63.62 -26.81 16.08
N TYR G 350 -64.90 -27.13 16.22
CA TYR G 350 -65.71 -27.56 15.09
C TYR G 350 -66.76 -26.51 14.76
N PHE G 351 -67.28 -26.58 13.53
CA PHE G 351 -68.31 -25.65 13.09
C PHE G 351 -68.97 -26.33 11.93
N SER G 352 -70.19 -25.90 11.61
CA SER G 352 -70.94 -26.49 10.50
C SER G 352 -72.14 -25.64 10.17
N ILE G 353 -72.39 -25.44 8.88
CA ILE G 353 -73.54 -24.66 8.46
C ILE G 353 -74.44 -25.54 7.63
N ASP G 354 -75.54 -25.99 8.22
CA ASP G 354 -76.45 -26.86 7.49
C ASP G 354 -77.96 -26.74 7.77
N ARG G 355 -78.73 -27.23 6.79
CA ARG G 355 -80.19 -27.23 6.79
C ARG G 355 -80.85 -28.02 7.91
N VAL G 356 -81.83 -27.40 8.55
CA VAL G 356 -82.57 -28.08 9.61
C VAL G 356 -84.04 -28.07 9.18
N PHE G 357 -84.87 -28.90 9.81
CA PHE G 357 -86.27 -28.98 9.45
C PHE G 357 -87.24 -28.89 10.66
N ARG G 358 -87.96 -27.77 10.75
CA ARG G 358 -88.94 -27.56 11.81
C ARG G 358 -90.34 -27.44 11.19
N ASN G 359 -91.26 -28.34 11.55
CA ASN G 359 -92.60 -28.31 10.98
C ASN G 359 -93.45 -27.18 11.54
N GLU G 360 -93.62 -26.14 10.72
CA GLU G 360 -94.42 -24.96 11.05
C GLU G 360 -95.16 -24.53 9.78
N THR G 361 -96.43 -24.16 9.91
CA THR G 361 -97.20 -23.71 8.75
C THR G 361 -96.51 -22.44 8.21
N LEU G 362 -96.50 -22.29 6.87
CA LEU G 362 -95.85 -21.13 6.22
C LEU G 362 -96.58 -19.79 6.45
N ASP G 363 -96.07 -18.95 7.36
CA ASP G 363 -96.69 -17.65 7.66
C ASP G 363 -95.69 -16.67 8.32
N ALA G 364 -95.59 -16.75 9.65
CA ALA G 364 -94.65 -15.93 10.43
C ALA G 364 -93.45 -16.87 10.51
N THR G 365 -92.28 -16.35 10.19
CA THR G 365 -91.06 -17.17 10.14
C THR G 365 -91.28 -17.90 8.81
N HIS G 366 -92.56 -18.02 8.46
CA HIS G 366 -93.07 -18.61 7.22
C HIS G 366 -92.47 -19.88 6.61
N LEU G 367 -91.51 -20.51 7.27
CA LEU G 367 -90.91 -21.73 6.72
C LEU G 367 -90.75 -22.88 7.69
N ALA G 368 -90.17 -23.96 7.18
CA ALA G 368 -89.92 -25.17 7.95
C ALA G 368 -88.57 -25.72 7.51
N GLU G 369 -87.78 -24.85 6.87
CA GLU G 369 -86.46 -25.20 6.36
C GLU G 369 -85.48 -24.04 6.32
N PHE G 370 -84.52 -24.00 7.24
CA PHE G 370 -83.54 -22.93 7.20
C PHE G 370 -82.12 -23.39 7.50
N HIS G 371 -81.16 -22.52 7.20
CA HIS G 371 -79.75 -22.82 7.42
C HIS G 371 -79.31 -22.33 8.77
N GLN G 372 -78.90 -23.27 9.61
CA GLN G 372 -78.44 -22.95 10.95
C GLN G 372 -76.95 -23.20 11.05
N ILE G 373 -76.20 -22.22 11.52
CA ILE G 373 -74.76 -22.38 11.68
C ILE G 373 -74.45 -22.59 13.17
N GLU G 374 -73.51 -23.49 13.44
CA GLU G 374 -73.11 -23.79 14.81
C GLU G 374 -71.59 -23.91 14.98
N GLY G 375 -71.08 -23.37 16.07
CA GLY G 375 -69.66 -23.42 16.36
C GLY G 375 -69.47 -24.05 17.72
N VAL G 376 -68.48 -24.93 17.85
CA VAL G 376 -68.21 -25.58 19.12
C VAL G 376 -66.71 -25.67 19.45
N VAL G 377 -66.37 -25.43 20.71
CA VAL G 377 -64.98 -25.48 21.16
C VAL G 377 -64.90 -26.42 22.34
N ALA G 378 -63.95 -27.36 22.29
CA ALA G 378 -63.78 -28.33 23.36
C ALA G 378 -62.36 -28.37 23.85
N ASP G 379 -62.16 -27.90 25.07
CA ASP G 379 -60.83 -27.88 25.64
C ASP G 379 -60.88 -28.11 27.14
N HIS G 380 -59.76 -27.84 27.80
CA HIS G 380 -59.68 -28.03 29.25
C HIS G 380 -59.92 -26.73 29.96
N GLY G 381 -60.85 -26.74 30.91
CA GLY G 381 -61.14 -25.54 31.67
C GLY G 381 -61.64 -24.32 30.93
N LEU G 382 -62.57 -24.51 30.00
CA LEU G 382 -63.15 -23.39 29.29
C LEU G 382 -64.16 -22.75 30.24
N THR G 383 -64.20 -21.42 30.25
CA THR G 383 -65.14 -20.74 31.12
C THR G 383 -66.22 -20.02 30.33
N LEU G 384 -67.26 -19.59 31.04
CA LEU G 384 -68.34 -18.86 30.40
C LEU G 384 -67.70 -17.67 29.72
N GLY G 385 -66.65 -17.15 30.34
CA GLY G 385 -65.94 -16.00 29.81
C GLY G 385 -65.32 -16.31 28.45
N HIS G 386 -64.83 -17.52 28.29
CA HIS G 386 -64.24 -17.95 27.03
C HIS G 386 -65.31 -17.94 25.97
N LEU G 387 -66.45 -18.54 26.31
CA LEU G 387 -67.58 -18.57 25.40
C LEU G 387 -67.84 -17.11 24.97
N MET G 388 -67.85 -16.21 25.93
CA MET G 388 -68.06 -14.79 25.65
C MET G 388 -66.95 -14.24 24.77
N GLY G 389 -65.71 -14.48 25.15
CA GLY G 389 -64.58 -14.00 24.37
C GLY G 389 -64.62 -14.46 22.93
N VAL G 390 -64.86 -15.74 22.70
CA VAL G 390 -64.95 -16.27 21.35
C VAL G 390 -66.08 -15.56 20.63
N LEU G 391 -67.25 -15.48 21.29
CA LEU G 391 -68.39 -14.83 20.66
C LEU G 391 -68.04 -13.42 20.21
N ARG G 392 -67.32 -12.68 21.03
CA ARG G 392 -66.98 -11.33 20.64
C ARG G 392 -66.14 -11.34 19.39
N GLU G 393 -65.13 -12.21 19.33
CA GLU G 393 -64.24 -12.28 18.18
C GLU G 393 -65.01 -12.65 16.94
N PHE G 394 -65.94 -13.59 17.09
CA PHE G 394 -66.76 -14.03 15.98
C PHE G 394 -67.64 -12.91 15.42
N PHE G 395 -68.47 -12.31 16.27
CA PHE G 395 -69.34 -11.23 15.81
C PHE G 395 -68.61 -9.98 15.38
N THR G 396 -67.31 -9.93 15.59
CA THR G 396 -66.56 -8.76 15.18
C THR G 396 -66.22 -8.92 13.73
N LYS G 397 -65.90 -10.15 13.33
CA LYS G 397 -65.56 -10.44 11.94
C LYS G 397 -66.84 -10.40 11.14
N LEU G 398 -67.92 -10.07 11.84
CA LEU G 398 -69.25 -9.97 11.25
C LEU G 398 -69.64 -8.51 11.30
N GLY G 399 -68.74 -7.72 11.85
CA GLY G 399 -68.96 -6.29 11.98
C GLY G 399 -70.00 -5.94 13.02
N ILE G 400 -69.76 -6.31 14.27
CA ILE G 400 -70.70 -6.00 15.35
C ILE G 400 -69.93 -5.80 16.64
N THR G 401 -70.21 -4.70 17.34
CA THR G 401 -69.50 -4.45 18.59
C THR G 401 -70.45 -4.25 19.76
N GLN G 402 -71.66 -3.83 19.48
CA GLN G 402 -72.62 -3.64 20.53
C GLN G 402 -73.02 -5.03 21.02
N LEU G 403 -72.22 -5.64 21.90
CA LEU G 403 -72.55 -6.97 22.42
C LEU G 403 -72.91 -7.00 23.90
N ARG G 404 -74.07 -7.57 24.20
CA ARG G 404 -74.53 -7.72 25.58
C ARG G 404 -75.13 -9.11 25.74
N PHE G 405 -74.70 -9.83 26.78
CA PHE G 405 -75.17 -11.18 27.03
C PHE G 405 -76.31 -11.26 28.04
N LYS G 406 -77.16 -12.26 27.87
CA LYS G 406 -78.31 -12.45 28.73
C LYS G 406 -78.50 -13.90 29.08
N PRO G 407 -78.88 -14.19 30.33
CA PRO G 407 -79.10 -15.59 30.74
C PRO G 407 -80.20 -16.22 29.92
N ALA G 408 -80.16 -17.53 29.74
CA ALA G 408 -81.18 -18.21 28.97
C ALA G 408 -81.28 -19.67 29.36
N TYR G 409 -82.06 -20.41 28.59
CA TYR G 409 -82.21 -21.83 28.89
C TYR G 409 -82.16 -22.71 27.66
N ASN G 410 -81.37 -23.78 27.77
CA ASN G 410 -81.22 -24.79 26.74
C ASN G 410 -81.09 -26.05 27.54
N PRO G 411 -81.87 -27.07 27.19
CA PRO G 411 -81.83 -28.35 27.89
C PRO G 411 -80.42 -28.92 28.00
N TYR G 412 -79.59 -28.63 27.00
CA TYR G 412 -78.23 -29.16 26.95
C TYR G 412 -77.06 -28.23 27.24
N THR G 413 -77.21 -27.32 28.19
CA THR G 413 -76.10 -26.41 28.51
C THR G 413 -76.14 -26.02 30.00
N GLU G 414 -75.01 -26.18 30.71
CA GLU G 414 -74.98 -25.82 32.14
C GLU G 414 -75.42 -24.37 32.13
N PRO G 415 -74.52 -23.41 31.86
CA PRO G 415 -75.05 -22.04 31.84
C PRO G 415 -75.40 -21.87 30.38
N SER G 416 -76.32 -20.99 30.07
CA SER G 416 -76.68 -20.77 28.68
C SER G 416 -76.89 -19.27 28.56
N MET G 417 -76.50 -18.68 27.44
CA MET G 417 -76.71 -17.26 27.29
C MET G 417 -77.03 -16.89 25.86
N GLU G 418 -77.85 -15.85 25.74
CA GLU G 418 -78.26 -15.30 24.48
C GLU G 418 -77.37 -14.08 24.21
N VAL G 419 -77.02 -13.86 22.94
CA VAL G 419 -76.16 -12.75 22.57
C VAL G 419 -76.92 -11.63 21.87
N PHE G 420 -76.80 -10.42 22.41
CA PHE G 420 -77.49 -9.24 21.89
C PHE G 420 -76.59 -8.16 21.26
N SER G 421 -77.19 -7.35 20.37
CA SER G 421 -76.51 -6.23 19.69
C SER G 421 -77.44 -5.00 19.73
N TYR G 422 -76.89 -3.80 19.57
CA TYR G 422 -77.71 -2.57 19.65
C TYR G 422 -78.64 -2.17 18.48
N HIS G 423 -78.24 -1.23 17.63
CA HIS G 423 -79.16 -0.80 16.57
C HIS G 423 -78.72 -0.63 15.11
N GLN G 424 -79.75 -0.54 14.28
CA GLN G 424 -79.67 -0.35 12.84
C GLN G 424 -80.98 0.37 12.54
N GLY G 425 -81.67 0.74 13.62
CA GLY G 425 -82.94 1.44 13.53
C GLY G 425 -83.72 1.35 14.83
N LEU G 426 -84.28 0.18 15.11
CA LEU G 426 -85.07 -0.05 16.33
C LEU G 426 -84.47 0.68 17.53
N LYS G 427 -83.17 0.93 17.47
CA LYS G 427 -82.40 1.60 18.52
C LYS G 427 -82.45 0.94 19.90
N LYS G 428 -82.72 -0.37 19.91
CA LYS G 428 -82.77 -1.13 21.16
C LYS G 428 -82.11 -2.49 20.89
N TRP G 429 -81.91 -3.28 21.95
CA TRP G 429 -81.24 -4.57 21.79
C TRP G 429 -82.02 -5.70 21.16
N VAL G 430 -81.39 -6.31 20.16
CA VAL G 430 -81.96 -7.43 19.43
C VAL G 430 -81.03 -8.64 19.53
N GLU G 431 -81.63 -9.81 19.65
CA GLU G 431 -80.87 -11.05 19.78
C GLU G 431 -80.21 -11.49 18.49
N VAL G 432 -78.90 -11.74 18.57
CA VAL G 432 -78.09 -12.15 17.42
C VAL G 432 -77.54 -13.58 17.45
N GLY G 433 -77.75 -14.28 18.56
CA GLY G 433 -77.29 -15.65 18.67
C GLY G 433 -77.52 -16.23 20.06
N ASN G 434 -77.67 -17.56 20.12
CA ASN G 434 -77.89 -18.31 21.35
C ASN G 434 -76.68 -19.23 21.59
N SER G 435 -76.26 -19.39 22.85
CA SER G 435 -75.11 -20.24 23.15
C SER G 435 -75.21 -20.83 24.55
N GLY G 436 -74.30 -21.75 24.85
CA GLY G 436 -74.31 -22.40 26.16
C GLY G 436 -73.02 -23.15 26.45
N VAL G 437 -73.10 -24.10 27.37
CA VAL G 437 -71.94 -24.90 27.75
C VAL G 437 -72.35 -26.34 28.02
N PHE G 438 -72.64 -27.10 26.98
CA PHE G 438 -73.06 -28.49 27.13
C PHE G 438 -72.97 -29.08 28.53
N ARG G 439 -74.09 -29.59 29.05
CA ARG G 439 -74.13 -30.19 30.38
C ARG G 439 -73.29 -31.45 30.40
N PRO G 440 -72.74 -31.79 31.58
CA PRO G 440 -71.92 -33.00 31.65
C PRO G 440 -72.76 -34.25 31.49
N GLU G 441 -74.05 -34.17 31.78
CA GLU G 441 -74.89 -35.35 31.60
C GLU G 441 -75.07 -35.62 30.12
N MET G 442 -74.54 -34.74 29.28
CA MET G 442 -74.63 -34.92 27.84
C MET G 442 -73.29 -35.45 27.37
N LEU G 443 -72.23 -34.81 27.87
CA LEU G 443 -70.86 -35.14 27.52
C LEU G 443 -70.29 -36.39 28.18
N LEU G 444 -70.31 -36.44 29.50
CA LEU G 444 -69.74 -37.57 30.24
C LEU G 444 -70.14 -38.94 29.73
N PRO G 445 -71.43 -39.14 29.43
CA PRO G 445 -71.84 -40.45 28.93
C PRO G 445 -71.27 -40.77 27.55
N MET G 446 -70.81 -39.76 26.83
CA MET G 446 -70.21 -39.99 25.52
C MET G 446 -68.82 -40.59 25.73
N GLY G 447 -68.27 -40.35 26.92
CA GLY G 447 -66.97 -40.87 27.24
C GLY G 447 -65.89 -39.81 27.29
N LEU G 448 -66.29 -38.55 27.20
CA LEU G 448 -65.30 -37.48 27.26
C LEU G 448 -64.82 -37.42 28.68
N PRO G 449 -63.57 -36.97 28.88
CA PRO G 449 -62.99 -36.86 30.23
C PRO G 449 -63.69 -35.77 31.05
N GLU G 450 -63.68 -35.93 32.37
CA GLU G 450 -64.31 -34.96 33.24
C GLU G 450 -63.56 -33.62 33.27
N ASN G 451 -62.28 -33.61 32.91
CA ASN G 451 -61.50 -32.37 32.92
C ASN G 451 -61.71 -31.56 31.65
N VAL G 452 -62.42 -32.15 30.70
CA VAL G 452 -62.71 -31.47 29.44
C VAL G 452 -64.09 -30.85 29.51
N SER G 453 -64.23 -29.65 28.98
CA SER G 453 -65.52 -28.99 28.95
C SER G 453 -65.64 -28.41 27.55
N VAL G 454 -66.86 -28.40 27.01
CA VAL G 454 -67.06 -27.85 25.68
C VAL G 454 -68.18 -26.83 25.69
N ILE G 455 -67.93 -25.71 25.00
CA ILE G 455 -68.84 -24.58 24.87
C ILE G 455 -69.26 -24.52 23.42
N ALA G 456 -70.41 -23.93 23.14
CA ALA G 456 -70.89 -23.84 21.77
C ALA G 456 -71.89 -22.69 21.60
N TRP G 457 -72.11 -22.29 20.36
CA TRP G 457 -73.05 -21.20 20.07
C TRP G 457 -73.63 -21.41 18.68
N GLY G 458 -74.73 -20.73 18.38
CA GLY G 458 -75.33 -20.87 17.06
C GLY G 458 -76.34 -19.79 16.66
N LEU G 459 -76.61 -19.73 15.36
CA LEU G 459 -77.56 -18.77 14.84
C LEU G 459 -78.02 -19.22 13.46
N SER G 460 -78.95 -18.47 12.86
CA SER G 460 -79.46 -18.83 11.56
C SER G 460 -78.86 -17.99 10.45
N LEU G 461 -78.59 -18.63 9.32
CA LEU G 461 -78.01 -17.99 8.16
C LEU G 461 -78.99 -16.95 7.61
N GLU G 462 -80.27 -17.20 7.83
CA GLU G 462 -81.36 -16.34 7.37
C GLU G 462 -81.42 -14.95 8.04
N ARG G 463 -81.66 -14.92 9.35
CA ARG G 463 -81.77 -13.66 10.09
C ARG G 463 -80.78 -12.58 9.66
N PRO G 464 -79.47 -12.88 9.68
CA PRO G 464 -78.44 -11.92 9.29
C PRO G 464 -78.43 -11.52 7.83
N THR G 465 -78.63 -12.47 6.93
CA THR G 465 -78.62 -12.08 5.54
C THR G 465 -79.75 -11.08 5.28
N MET G 466 -80.74 -11.03 6.17
CA MET G 466 -81.84 -10.07 6.02
C MET G 466 -81.35 -8.73 6.55
N ILE G 467 -80.55 -8.77 7.61
CA ILE G 467 -79.96 -7.59 8.24
C ILE G 467 -78.76 -7.10 7.42
N LYS G 468 -78.10 -8.03 6.72
CA LYS G 468 -76.91 -7.75 5.93
C LYS G 468 -77.18 -7.51 4.43
N TYR G 469 -78.45 -7.50 4.05
CA TYR G 469 -78.86 -7.27 2.66
C TYR G 469 -80.10 -6.39 2.56
N GLY G 470 -80.53 -5.83 3.68
CA GLY G 470 -81.68 -4.93 3.71
C GLY G 470 -83.08 -5.49 3.53
N ILE G 471 -83.18 -6.73 3.08
CA ILE G 471 -84.47 -7.38 2.87
C ILE G 471 -85.39 -7.25 4.09
N ASN G 472 -86.70 -7.30 3.84
CA ASN G 472 -87.69 -7.23 4.90
C ASN G 472 -87.86 -8.64 5.44
N ASN G 473 -88.38 -9.49 4.56
CA ASN G 473 -88.68 -10.89 4.81
C ASN G 473 -87.75 -11.65 3.87
N ILE G 474 -87.19 -12.77 4.31
CA ILE G 474 -86.26 -13.51 3.44
C ILE G 474 -86.91 -14.58 2.58
N ARG G 475 -88.18 -14.88 2.84
CA ARG G 475 -88.89 -15.89 2.06
C ARG G 475 -89.05 -15.41 0.61
N GLU G 476 -88.39 -14.28 0.30
CA GLU G 476 -88.44 -13.67 -1.03
C GLU G 476 -87.34 -14.27 -1.92
N LEU G 477 -86.21 -14.65 -1.32
CA LEU G 477 -85.11 -15.24 -2.11
C LEU G 477 -84.71 -16.65 -1.64
N VAL G 478 -85.66 -17.38 -1.07
CA VAL G 478 -85.38 -18.73 -0.57
C VAL G 478 -86.35 -19.78 -1.11
N GLY G 479 -86.02 -20.37 -2.24
CA GLY G 479 -86.90 -21.38 -2.79
C GLY G 479 -87.20 -21.08 -4.23
N HIS G 480 -88.10 -21.84 -4.82
CA HIS G 480 -88.48 -21.60 -6.21
C HIS G 480 -89.16 -20.24 -6.33
N LYS G 481 -89.94 -19.83 -5.33
CA LYS G 481 -90.62 -18.55 -5.43
C LYS G 481 -89.63 -17.39 -5.46
N VAL G 482 -88.34 -17.69 -5.36
CA VAL G 482 -87.31 -16.66 -5.36
C VAL G 482 -87.38 -15.75 -6.59
N ASN G 483 -87.21 -14.45 -6.36
CA ASN G 483 -87.23 -13.49 -7.44
C ASN G 483 -85.85 -13.42 -8.10
N LEU G 484 -85.59 -14.30 -9.06
CA LEU G 484 -84.29 -14.32 -9.72
C LEU G 484 -83.66 -12.97 -10.04
N GLN G 485 -84.48 -11.99 -10.40
CA GLN G 485 -83.93 -10.69 -10.73
C GLN G 485 -83.16 -10.12 -9.55
N MET G 486 -83.63 -10.40 -8.34
CA MET G 486 -82.97 -9.90 -7.14
C MET G 486 -81.60 -10.56 -6.98
N VAL G 487 -81.50 -11.81 -7.43
CA VAL G 487 -80.23 -12.55 -7.38
C VAL G 487 -79.22 -11.98 -8.36
N TYR G 488 -79.66 -11.75 -9.59
CA TYR G 488 -78.80 -11.20 -10.61
C TYR G 488 -78.12 -9.93 -10.08
N ASP G 489 -78.90 -9.14 -9.34
CA ASP G 489 -78.43 -7.87 -8.81
C ASP G 489 -77.71 -7.89 -7.46
N SER G 490 -77.86 -8.98 -6.70
CA SER G 490 -77.22 -9.10 -5.39
C SER G 490 -75.72 -8.88 -5.52
N PRO G 491 -75.19 -7.94 -4.74
CA PRO G 491 -73.79 -7.53 -4.69
C PRO G 491 -72.87 -8.33 -3.76
N LEU G 492 -71.59 -7.98 -3.82
CA LEU G 492 -70.57 -8.62 -3.00
C LEU G 492 -70.86 -8.45 -1.52
N CYS G 493 -71.58 -9.39 -0.91
CA CYS G 493 -71.82 -9.22 0.50
C CYS G 493 -70.45 -9.30 1.17
N ARG G 494 -69.91 -8.14 1.55
CA ARG G 494 -68.62 -8.07 2.22
C ARG G 494 -68.91 -7.35 3.52
N LEU G 495 -68.38 -7.83 4.65
CA LEU G 495 -68.65 -7.22 5.96
C LEU G 495 -67.89 -5.96 6.38
N ASP G 496 -68.42 -4.83 5.91
CA ASP G 496 -67.92 -3.48 6.16
C ASP G 496 -66.40 -3.30 6.13
N MET H 1 -92.02 -20.98 25.94
CA MET H 1 -91.78 -19.64 26.57
C MET H 1 -92.97 -19.19 27.44
N PRO H 2 -93.04 -19.64 28.71
CA PRO H 2 -94.13 -19.25 29.60
C PRO H 2 -94.20 -17.76 29.85
N THR H 3 -95.38 -17.17 29.59
CA THR H 3 -95.57 -15.74 29.79
C THR H 3 -96.47 -15.54 31.01
N VAL H 4 -96.21 -14.49 31.78
CA VAL H 4 -96.99 -14.22 32.97
C VAL H 4 -97.47 -12.76 33.03
N SER H 5 -98.78 -12.55 32.94
CA SER H 5 -99.34 -11.20 32.99
C SER H 5 -99.55 -10.79 34.43
N VAL H 6 -99.21 -9.55 34.76
CA VAL H 6 -99.38 -9.04 36.12
C VAL H 6 -99.79 -7.59 36.16
N LYS H 7 -100.74 -7.26 37.03
CA LYS H 7 -101.19 -5.88 37.17
C LYS H 7 -99.97 -5.07 37.63
N ARG H 8 -99.48 -4.19 36.76
CA ARG H 8 -98.32 -3.37 37.06
C ARG H 8 -98.33 -2.74 38.46
N ASP H 9 -99.22 -1.78 38.67
CA ASP H 9 -99.36 -1.08 39.94
C ASP H 9 -99.28 -2.06 41.10
N LEU H 10 -99.85 -3.24 40.89
CA LEU H 10 -99.88 -4.29 41.91
C LEU H 10 -98.47 -4.86 42.06
N LEU H 11 -97.87 -5.22 40.94
CA LEU H 11 -96.52 -5.76 40.92
C LEU H 11 -95.60 -4.83 41.71
N PHE H 12 -95.58 -3.55 41.32
CA PHE H 12 -94.76 -2.55 41.99
C PHE H 12 -95.06 -2.49 43.49
N GLN H 13 -96.34 -2.44 43.81
CA GLN H 13 -96.75 -2.38 45.20
C GLN H 13 -96.25 -3.62 45.92
N ALA H 14 -96.38 -4.76 45.26
CA ALA H 14 -95.94 -6.03 45.80
C ALA H 14 -94.48 -5.98 46.18
N LEU H 15 -93.67 -5.43 45.29
CA LEU H 15 -92.23 -5.30 45.52
C LEU H 15 -91.91 -4.30 46.61
N GLY H 16 -92.45 -3.10 46.50
CA GLY H 16 -92.21 -2.06 47.48
C GLY H 16 -91.43 -0.92 46.85
N ARG H 17 -91.65 -0.74 45.54
CA ARG H 17 -90.99 0.31 44.77
C ARG H 17 -91.76 0.61 43.48
N THR H 18 -91.34 1.66 42.80
CA THR H 18 -91.95 2.06 41.55
C THR H 18 -90.84 2.00 40.50
N TYR H 19 -91.12 1.35 39.37
CA TYR H 19 -90.11 1.21 38.32
C TYR H 19 -90.44 1.86 36.97
N THR H 20 -89.40 2.38 36.33
CA THR H 20 -89.51 3.01 35.01
C THR H 20 -89.79 1.83 34.10
N ASP H 21 -90.34 2.08 32.91
CA ASP H 21 -90.57 0.98 31.99
C ASP H 21 -89.21 0.48 31.49
N GLU H 22 -88.15 1.17 31.89
CA GLU H 22 -86.79 0.80 31.54
C GLU H 22 -86.21 0.12 32.78
N GLU H 23 -86.32 0.78 33.92
CA GLU H 23 -85.81 0.23 35.18
C GLU H 23 -86.21 -1.22 35.38
N PHE H 24 -87.45 -1.55 35.02
CA PHE H 24 -87.96 -2.92 35.17
C PHE H 24 -87.53 -3.78 34.00
N ASP H 25 -87.58 -3.24 32.80
CA ASP H 25 -87.16 -4.01 31.64
C ASP H 25 -85.71 -4.43 31.91
N GLU H 26 -85.00 -3.61 32.66
CA GLU H 26 -83.60 -3.87 33.02
C GLU H 26 -83.53 -5.01 34.06
N LEU H 27 -84.25 -4.82 35.17
CA LEU H 27 -84.31 -5.82 36.23
C LEU H 27 -84.64 -7.19 35.63
N CYS H 28 -85.54 -7.21 34.63
CA CYS H 28 -85.93 -8.46 33.96
C CYS H 28 -84.70 -9.10 33.34
N PHE H 29 -84.03 -8.33 32.47
CA PHE H 29 -82.82 -8.75 31.77
C PHE H 29 -81.81 -9.33 32.77
N GLU H 30 -81.55 -8.54 33.81
CA GLU H 30 -80.64 -8.86 34.89
C GLU H 30 -80.92 -10.20 35.56
N PHE H 31 -82.17 -10.67 35.46
CA PHE H 31 -82.59 -11.91 36.09
C PHE H 31 -83.00 -13.01 35.12
N GLY H 32 -82.64 -12.85 33.85
CA GLY H 32 -82.98 -13.86 32.86
C GLY H 32 -84.41 -13.81 32.35
N LEU H 33 -85.14 -12.78 32.75
CA LEU H 33 -86.52 -12.62 32.32
C LEU H 33 -86.56 -11.64 31.15
N GLU H 34 -87.75 -11.41 30.63
CA GLU H 34 -87.90 -10.50 29.50
C GLU H 34 -89.28 -9.87 29.57
N LEU H 35 -89.32 -8.54 29.50
CA LEU H 35 -90.58 -7.82 29.56
C LEU H 35 -91.13 -7.77 28.13
N ASP H 36 -91.71 -8.88 27.68
CA ASP H 36 -92.25 -9.03 26.34
C ASP H 36 -93.07 -7.86 25.80
N GLU H 37 -94.09 -7.43 26.53
CA GLU H 37 -94.92 -6.31 26.10
C GLU H 37 -95.71 -5.67 27.23
N ILE H 38 -96.21 -4.46 26.98
CA ILE H 38 -97.00 -3.74 27.97
C ILE H 38 -98.29 -3.28 27.29
N THR H 39 -99.36 -4.02 27.53
CA THR H 39 -100.64 -3.69 26.94
C THR H 39 -101.71 -3.76 28.00
N SER H 40 -102.84 -3.12 27.70
CA SER H 40 -103.98 -3.10 28.60
C SER H 40 -104.82 -4.33 28.24
N GLU H 41 -105.81 -4.63 29.06
CA GLU H 41 -106.65 -5.78 28.79
C GLU H 41 -107.30 -5.66 27.40
N LYS H 42 -108.19 -4.68 27.25
CA LYS H 42 -108.89 -4.44 25.99
C LYS H 42 -108.00 -4.48 24.75
N GLU H 43 -106.93 -3.68 24.78
CA GLU H 43 -105.99 -3.58 23.67
C GLU H 43 -105.90 -4.88 22.88
N ILE H 44 -105.95 -6.00 23.59
CA ILE H 44 -105.88 -7.31 22.96
C ILE H 44 -107.15 -7.64 22.16
N ILE H 45 -108.03 -8.46 22.74
CA ILE H 45 -109.29 -8.89 22.12
C ILE H 45 -109.49 -8.38 20.68
N SER H 46 -109.60 -7.06 20.54
CA SER H 46 -109.77 -6.43 19.24
C SER H 46 -108.45 -6.41 18.47
N LYS H 47 -107.99 -7.61 18.09
CA LYS H 47 -106.74 -7.74 17.34
C LYS H 47 -106.81 -8.82 16.24
N GLU H 48 -107.85 -9.65 16.28
CA GLU H 48 -108.03 -10.68 15.25
C GLU H 48 -109.44 -11.27 15.27
N GLN H 49 -110.39 -10.49 15.76
CA GLN H 49 -111.80 -10.91 15.82
C GLN H 49 -112.70 -9.86 15.15
N GLY H 50 -113.05 -8.84 15.92
CA GLY H 50 -113.90 -7.75 15.44
C GLY H 50 -113.71 -6.52 16.31
N ASN H 51 -114.49 -6.41 17.38
CA ASN H 51 -114.41 -5.28 18.31
C ASN H 51 -115.23 -5.43 19.61
N VAL H 52 -114.96 -6.50 20.36
CA VAL H 52 -115.65 -6.76 21.65
C VAL H 52 -115.00 -5.83 22.70
N LYS H 53 -114.67 -4.62 22.27
CA LYS H 53 -114.01 -3.61 23.11
C LYS H 53 -114.79 -3.13 24.33
N ALA H 54 -114.14 -3.18 25.49
CA ALA H 54 -114.72 -2.75 26.76
C ALA H 54 -113.73 -1.83 27.48
N ALA H 55 -113.84 -0.53 27.25
CA ALA H 55 -112.94 0.46 27.87
C ALA H 55 -113.49 1.18 29.10
N GLY H 56 -113.32 0.54 30.27
CA GLY H 56 -113.80 1.10 31.53
C GLY H 56 -112.86 0.74 32.68
N ALA H 57 -112.54 -0.54 32.78
CA ALA H 57 -111.64 -1.06 33.81
C ALA H 57 -110.72 -2.13 33.22
N SER H 58 -110.71 -2.25 31.90
CA SER H 58 -109.89 -3.23 31.16
C SER H 58 -108.55 -2.62 30.75
N ASP H 59 -108.59 -1.32 30.43
CA ASP H 59 -107.40 -0.58 30.02
C ASP H 59 -106.44 -0.42 31.20
N VAL H 60 -106.38 -1.44 32.05
CA VAL H 60 -105.49 -1.46 33.21
C VAL H 60 -104.18 -2.05 32.68
N VAL H 61 -103.18 -1.20 32.40
CA VAL H 61 -101.92 -1.70 31.88
C VAL H 61 -101.18 -2.60 32.86
N LEU H 62 -100.83 -3.77 32.34
CA LEU H 62 -100.17 -4.85 33.03
C LEU H 62 -98.94 -5.28 32.20
N TYR H 63 -97.93 -5.85 32.87
CA TYR H 63 -96.73 -6.30 32.20
C TYR H 63 -96.88 -7.74 31.74
N LYS H 64 -96.42 -8.01 30.53
CA LYS H 64 -96.48 -9.34 29.95
C LYS H 64 -95.04 -9.86 30.10
N ILE H 65 -94.77 -10.54 31.21
CA ILE H 65 -93.42 -11.05 31.50
C ILE H 65 -93.15 -12.47 30.99
N ASP H 66 -91.99 -12.66 30.36
CA ASP H 66 -91.61 -13.96 29.85
C ASP H 66 -90.69 -14.62 30.88
N VAL H 67 -90.93 -15.90 31.14
CA VAL H 67 -90.14 -16.64 32.12
C VAL H 67 -89.65 -17.96 31.55
N PRO H 68 -88.44 -18.41 31.96
CA PRO H 68 -87.81 -19.66 31.53
C PRO H 68 -88.62 -20.91 31.85
N ALA H 69 -88.89 -21.74 30.85
CA ALA H 69 -89.68 -22.96 31.06
C ALA H 69 -88.99 -23.90 32.04
N ASN H 70 -87.94 -23.40 32.68
CA ASN H 70 -87.13 -24.14 33.63
C ASN H 70 -87.62 -23.85 35.07
N ARG H 71 -87.62 -22.57 35.43
CA ARG H 71 -88.05 -22.12 36.75
C ARG H 71 -89.58 -22.15 36.89
N TYR H 72 -90.09 -23.03 37.76
CA TYR H 72 -91.53 -23.15 37.97
C TYR H 72 -92.04 -22.19 39.02
N ASP H 73 -91.15 -21.83 39.92
CA ASP H 73 -91.50 -20.92 41.00
C ASP H 73 -91.68 -19.49 40.48
N LEU H 74 -91.84 -19.35 39.17
CA LEU H 74 -92.00 -18.04 38.57
C LEU H 74 -93.16 -17.99 37.59
N LEU H 75 -94.23 -18.69 37.91
CA LEU H 75 -95.39 -18.72 37.04
C LEU H 75 -96.58 -17.88 37.53
N CYS H 76 -96.35 -17.13 38.60
CA CYS H 76 -97.39 -16.28 39.18
C CYS H 76 -96.71 -15.05 39.75
N LEU H 77 -97.49 -14.02 40.05
CA LEU H 77 -96.91 -12.81 40.60
C LEU H 77 -96.26 -13.08 41.95
N GLU H 78 -96.93 -13.88 42.77
CA GLU H 78 -96.38 -14.20 44.09
C GLU H 78 -94.95 -14.72 43.94
N GLY H 79 -94.72 -15.53 42.92
CA GLY H 79 -93.41 -16.10 42.68
C GLY H 79 -92.38 -15.14 42.15
N LEU H 80 -92.72 -14.41 41.09
CA LEU H 80 -91.80 -13.46 40.49
C LEU H 80 -91.38 -12.44 41.53
N VAL H 81 -92.33 -11.98 42.32
CA VAL H 81 -92.04 -10.99 43.33
C VAL H 81 -91.10 -11.57 44.40
N ARG H 82 -91.35 -12.82 44.76
CA ARG H 82 -90.53 -13.47 45.78
C ARG H 82 -89.13 -13.68 45.23
N GLY H 83 -89.04 -14.16 43.99
CA GLY H 83 -87.75 -14.39 43.39
C GLY H 83 -86.92 -13.13 43.26
N LEU H 84 -87.45 -12.13 42.56
CA LEU H 84 -86.75 -10.86 42.35
C LEU H 84 -86.41 -10.20 43.66
N GLN H 85 -87.29 -10.35 44.62
CA GLN H 85 -87.10 -9.74 45.93
C GLN H 85 -85.82 -10.26 46.60
N VAL H 86 -85.63 -11.58 46.58
CA VAL H 86 -84.44 -12.17 47.19
C VAL H 86 -83.21 -11.92 46.34
N PHE H 87 -83.40 -11.90 45.03
CA PHE H 87 -82.33 -11.67 44.07
C PHE H 87 -81.64 -10.34 44.32
N LYS H 88 -82.40 -9.35 44.76
CA LYS H 88 -81.85 -8.02 45.04
C LYS H 88 -81.71 -7.85 46.54
N GLU H 89 -81.61 -8.97 47.24
CA GLU H 89 -81.46 -8.98 48.70
C GLU H 89 -82.30 -7.92 49.42
N ARG H 90 -83.49 -7.68 48.91
CA ARG H 90 -84.41 -6.71 49.50
C ARG H 90 -85.28 -7.44 50.53
N ILE H 91 -85.10 -8.76 50.61
CA ILE H 91 -85.88 -9.58 51.53
C ILE H 91 -85.15 -10.89 51.79
N LYS H 92 -85.34 -11.46 52.97
CA LYS H 92 -84.71 -12.75 53.26
C LYS H 92 -85.62 -13.80 52.63
N ALA H 93 -85.05 -14.88 52.10
CA ALA H 93 -85.85 -15.92 51.48
C ALA H 93 -86.63 -16.68 52.55
N PRO H 94 -87.95 -16.83 52.35
CA PRO H 94 -88.83 -17.53 53.28
C PRO H 94 -88.62 -19.03 53.34
N VAL H 95 -88.93 -19.64 54.49
CA VAL H 95 -88.78 -21.07 54.64
C VAL H 95 -90.14 -21.75 54.63
N TYR H 96 -90.25 -22.86 53.92
CA TYR H 96 -91.50 -23.59 53.85
C TYR H 96 -91.50 -24.84 54.71
N LYS H 97 -92.32 -24.83 55.76
CA LYS H 97 -92.41 -25.95 56.67
C LYS H 97 -93.81 -26.52 56.60
N ARG H 98 -93.94 -27.85 56.64
CA ARG H 98 -95.26 -28.45 56.62
C ARG H 98 -95.54 -28.89 58.05
N VAL H 99 -96.72 -28.53 58.55
CA VAL H 99 -97.09 -28.83 59.92
C VAL H 99 -98.24 -29.83 60.05
N MET H 100 -98.38 -30.38 61.26
CA MET H 100 -99.44 -31.32 61.59
C MET H 100 -100.63 -30.51 62.08
N PRO H 101 -101.84 -30.89 61.65
CA PRO H 101 -103.04 -30.18 62.07
C PRO H 101 -103.56 -30.66 63.42
N ASP H 102 -104.68 -30.13 63.85
CA ASP H 102 -105.28 -30.51 65.12
C ASP H 102 -106.27 -31.66 64.92
N GLY H 103 -105.74 -32.88 64.84
CA GLY H 103 -106.58 -34.05 64.64
C GLY H 103 -107.09 -34.27 63.23
N LYS H 104 -107.57 -33.20 62.59
CA LYS H 104 -108.09 -33.27 61.23
C LYS H 104 -107.00 -33.66 60.23
N ILE H 105 -106.35 -34.79 60.47
CA ILE H 105 -105.28 -35.28 59.59
C ILE H 105 -105.88 -35.77 58.27
N GLN H 106 -106.46 -34.85 57.50
CA GLN H 106 -107.07 -35.16 56.22
C GLN H 106 -106.32 -36.30 55.55
N LYS H 107 -107.05 -37.21 54.93
CA LYS H 107 -106.39 -38.31 54.25
C LYS H 107 -107.11 -38.69 52.96
N LEU H 108 -106.33 -39.07 51.97
CA LEU H 108 -106.84 -39.46 50.66
C LEU H 108 -106.32 -40.86 50.39
N ILE H 109 -107.24 -41.78 50.10
CA ILE H 109 -106.86 -43.17 49.85
C ILE H 109 -106.91 -43.57 48.39
N ILE H 110 -105.83 -44.20 47.93
CA ILE H 110 -105.75 -44.67 46.56
C ILE H 110 -106.13 -46.13 46.55
N THR H 111 -106.82 -46.56 45.51
CA THR H 111 -107.25 -47.95 45.40
C THR H 111 -106.55 -48.67 44.26
N GLU H 112 -106.91 -49.93 44.05
CA GLU H 112 -106.34 -50.75 43.00
C GLU H 112 -106.82 -50.35 41.60
N GLU H 113 -108.11 -50.02 41.49
CA GLU H 113 -108.69 -49.62 40.21
C GLU H 113 -107.94 -48.42 39.65
N THR H 114 -107.07 -47.86 40.47
CA THR H 114 -106.26 -46.69 40.12
C THR H 114 -105.11 -47.04 39.17
N ALA H 115 -104.10 -47.71 39.71
CA ALA H 115 -102.91 -48.09 38.97
C ALA H 115 -103.19 -48.78 37.64
N LYS H 116 -103.41 -47.97 36.60
CA LYS H 116 -103.68 -48.44 35.24
C LYS H 116 -104.36 -47.36 34.40
N ILE H 117 -104.64 -46.22 35.01
CA ILE H 117 -105.27 -45.10 34.33
C ILE H 117 -104.58 -43.81 34.77
N ARG H 118 -104.27 -43.76 36.07
CA ARG H 118 -103.59 -42.63 36.71
C ARG H 118 -102.97 -43.21 37.97
N PRO H 119 -102.01 -44.13 37.80
CA PRO H 119 -101.28 -44.85 38.86
C PRO H 119 -101.26 -44.21 40.26
N PHE H 120 -100.68 -43.03 40.37
CA PHE H 120 -100.58 -42.36 41.65
C PHE H 120 -101.14 -40.95 41.69
N ALA H 121 -101.32 -40.47 42.92
CA ALA H 121 -101.83 -39.14 43.16
C ALA H 121 -101.32 -38.72 44.52
N VAL H 122 -101.34 -37.42 44.78
CA VAL H 122 -100.87 -36.88 46.04
C VAL H 122 -101.64 -35.62 46.39
N ALA H 123 -101.75 -35.32 47.67
CA ALA H 123 -102.48 -34.13 48.06
C ALA H 123 -101.95 -33.50 49.35
N ALA H 124 -102.61 -32.41 49.76
CA ALA H 124 -102.26 -31.67 50.97
C ALA H 124 -103.17 -30.45 51.10
N VAL H 125 -103.23 -29.86 52.29
CA VAL H 125 -104.08 -28.70 52.50
C VAL H 125 -103.34 -27.51 53.10
N LEU H 126 -103.87 -26.33 52.88
CA LEU H 126 -103.28 -25.11 53.42
C LEU H 126 -104.39 -24.34 54.14
N ARG H 127 -104.22 -24.23 55.45
CA ARG H 127 -105.18 -23.59 56.35
C ARG H 127 -105.35 -22.08 56.34
N ASN H 128 -106.61 -21.67 56.32
CA ASN H 128 -107.01 -20.27 56.37
C ASN H 128 -106.29 -19.33 55.41
N ILE H 129 -106.62 -19.41 54.13
CA ILE H 129 -105.99 -18.50 53.18
C ILE H 129 -106.82 -17.22 53.07
N LYS H 130 -106.14 -16.09 53.18
CA LYS H 130 -106.80 -14.79 53.05
C LYS H 130 -106.78 -14.44 51.56
N PHE H 131 -107.78 -14.91 50.81
CA PHE H 131 -107.83 -14.64 49.38
C PHE H 131 -108.18 -13.21 49.01
N THR H 132 -108.17 -12.93 47.70
CA THR H 132 -108.46 -11.59 47.21
C THR H 132 -108.88 -11.66 45.76
N LYS H 133 -109.53 -10.60 45.28
CA LYS H 133 -109.97 -10.55 43.89
C LYS H 133 -108.81 -11.05 43.04
N ASP H 134 -107.67 -10.41 43.21
CA ASP H 134 -106.45 -10.72 42.48
C ASP H 134 -105.82 -12.02 42.95
N ARG H 135 -105.50 -12.11 44.24
CA ARG H 135 -104.89 -13.32 44.79
C ARG H 135 -105.61 -14.57 44.28
N TYR H 136 -106.92 -14.48 44.16
CA TYR H 136 -107.71 -15.61 43.67
C TYR H 136 -107.31 -15.88 42.23
N ASP H 137 -107.57 -14.92 41.35
CA ASP H 137 -107.24 -15.08 39.95
C ASP H 137 -105.81 -15.56 39.74
N SER H 138 -104.90 -15.07 40.56
CA SER H 138 -103.50 -15.49 40.45
C SER H 138 -103.41 -16.97 40.79
N PHE H 139 -104.10 -17.37 41.86
CA PHE H 139 -104.13 -18.76 42.28
C PHE H 139 -104.71 -19.66 41.20
N ILE H 140 -105.72 -19.17 40.51
CA ILE H 140 -106.32 -19.96 39.44
C ILE H 140 -105.41 -19.95 38.24
N GLU H 141 -104.84 -18.79 37.93
CA GLU H 141 -103.95 -18.65 36.80
C GLU H 141 -102.80 -19.65 36.88
N LEU H 142 -102.05 -19.59 37.98
CA LEU H 142 -100.92 -20.48 38.21
C LEU H 142 -101.32 -21.91 37.92
N GLN H 143 -102.51 -22.27 38.38
CA GLN H 143 -103.05 -23.61 38.20
C GLN H 143 -103.10 -23.94 36.70
N GLU H 144 -103.65 -23.02 35.93
CA GLU H 144 -103.74 -23.21 34.48
C GLU H 144 -102.35 -23.19 33.89
N LYS H 145 -101.56 -22.20 34.32
CA LYS H 145 -100.20 -22.03 33.84
C LYS H 145 -99.39 -23.33 33.87
N LEU H 146 -99.25 -23.93 35.04
CA LEU H 146 -98.46 -25.15 35.12
C LEU H 146 -99.22 -26.42 34.73
N HIS H 147 -100.43 -26.24 34.24
CA HIS H 147 -101.24 -27.37 33.80
C HIS H 147 -100.81 -27.67 32.38
N GLN H 148 -101.34 -26.89 31.45
CA GLN H 148 -101.03 -27.04 30.04
C GLN H 148 -99.61 -26.58 29.74
N ASN H 149 -98.68 -26.96 30.61
CA ASN H 149 -97.29 -26.60 30.42
C ASN H 149 -96.39 -27.68 30.98
N ILE H 150 -96.08 -27.59 32.27
CA ILE H 150 -95.21 -28.58 32.92
C ILE H 150 -95.89 -29.94 33.10
N CYS H 151 -97.21 -29.97 33.02
CA CYS H 151 -97.97 -31.22 33.15
C CYS H 151 -98.31 -31.77 31.77
N ARG H 152 -97.96 -31.01 30.73
CA ARG H 152 -98.26 -31.38 29.35
C ARG H 152 -99.77 -31.54 29.21
N LYS H 153 -100.48 -30.43 29.34
CA LYS H 153 -101.93 -30.40 29.25
C LYS H 153 -102.59 -31.49 30.11
N ARG H 154 -102.20 -31.52 31.39
CA ARG H 154 -102.75 -32.47 32.36
C ARG H 154 -102.43 -33.93 32.08
N ALA H 155 -101.91 -34.21 30.90
CA ALA H 155 -101.57 -35.56 30.51
C ALA H 155 -100.89 -36.36 31.63
N LEU H 156 -99.80 -35.83 32.18
CA LEU H 156 -99.07 -36.50 33.25
C LEU H 156 -99.62 -36.16 34.62
N VAL H 157 -99.74 -34.87 34.90
CA VAL H 157 -100.24 -34.44 36.19
C VAL H 157 -101.48 -33.55 36.05
N ALA H 158 -102.43 -33.70 36.97
CA ALA H 158 -103.66 -32.93 36.99
C ALA H 158 -103.87 -32.45 38.43
N ILE H 159 -104.08 -31.15 38.60
CA ILE H 159 -104.27 -30.59 39.92
C ILE H 159 -105.69 -30.13 40.20
N GLY H 160 -106.18 -30.43 41.40
CA GLY H 160 -107.52 -30.04 41.79
C GLY H 160 -107.51 -29.37 43.16
N THR H 161 -108.06 -28.16 43.22
CA THR H 161 -108.14 -27.43 44.48
C THR H 161 -109.58 -27.44 44.96
N HIS H 162 -109.79 -27.81 46.21
CA HIS H 162 -111.13 -27.88 46.76
C HIS H 162 -111.34 -27.06 48.02
N ASP H 163 -112.58 -26.62 48.20
CA ASP H 163 -112.96 -25.84 49.37
C ASP H 163 -113.33 -26.84 50.47
N LEU H 164 -112.33 -27.22 51.26
CA LEU H 164 -112.48 -28.21 52.34
C LEU H 164 -113.66 -28.01 53.30
N ASP H 165 -114.22 -26.81 53.34
CA ASP H 165 -115.36 -26.55 54.22
C ASP H 165 -116.66 -27.09 53.64
N THR H 166 -116.61 -27.54 52.37
CA THR H 166 -117.80 -28.07 51.69
C THR H 166 -117.74 -29.57 51.42
N LEU H 167 -117.26 -30.33 52.40
CA LEU H 167 -117.13 -31.79 52.32
C LEU H 167 -116.27 -32.23 53.49
N SER H 168 -116.33 -33.50 53.85
CA SER H 168 -115.52 -33.96 54.97
C SER H 168 -115.29 -35.47 55.00
N GLY H 169 -114.54 -35.93 56.00
CA GLY H 169 -114.25 -37.34 56.14
C GLY H 169 -113.29 -37.83 55.06
N PRO H 170 -112.46 -38.84 55.36
CA PRO H 170 -111.48 -39.41 54.44
C PRO H 170 -111.93 -39.48 52.97
N PHE H 171 -111.06 -39.03 52.06
CA PHE H 171 -111.34 -39.04 50.63
C PHE H 171 -110.80 -40.28 49.94
N THR H 172 -111.41 -40.65 48.82
CA THR H 172 -110.98 -41.83 48.10
C THR H 172 -110.69 -41.57 46.64
N TYR H 173 -109.58 -42.12 46.16
CA TYR H 173 -109.19 -41.97 44.77
C TYR H 173 -109.31 -43.34 44.12
N THR H 174 -110.14 -43.45 43.09
CA THR H 174 -110.34 -44.72 42.41
C THR H 174 -110.94 -44.55 41.01
N ALA H 175 -111.28 -45.67 40.38
CA ALA H 175 -111.85 -45.65 39.04
C ALA H 175 -113.00 -46.65 38.85
N LYS H 176 -114.12 -46.15 38.33
CA LYS H 176 -115.31 -46.96 38.07
C LYS H 176 -115.70 -46.82 36.61
N ARG H 177 -116.66 -47.64 36.15
CA ARG H 177 -117.11 -47.58 34.76
C ARG H 177 -117.62 -46.16 34.46
N PRO H 178 -117.43 -45.69 33.21
CA PRO H 178 -117.90 -44.34 32.88
C PRO H 178 -119.36 -44.13 33.29
N SER H 179 -120.26 -44.92 32.72
CA SER H 179 -121.67 -44.84 33.04
C SER H 179 -121.89 -45.47 34.41
N ASP H 180 -121.30 -44.87 35.43
CA ASP H 180 -121.44 -45.38 36.79
C ASP H 180 -121.12 -44.30 37.82
N ILE H 181 -121.29 -43.03 37.44
CA ILE H 181 -121.06 -41.91 38.34
C ILE H 181 -121.82 -40.63 37.99
N LYS H 182 -122.78 -40.26 38.84
CA LYS H 182 -123.57 -39.04 38.66
C LYS H 182 -122.65 -37.93 39.14
N PHE H 183 -122.85 -36.72 38.65
CA PHE H 183 -121.95 -35.64 39.02
C PHE H 183 -122.53 -34.26 38.72
N LYS H 184 -122.10 -33.26 39.49
CA LYS H 184 -122.54 -31.89 39.29
C LYS H 184 -121.28 -31.06 39.01
N PRO H 185 -120.75 -31.15 37.78
CA PRO H 185 -119.54 -30.45 37.30
C PRO H 185 -119.53 -28.93 37.34
N LEU H 186 -118.33 -28.35 37.49
CA LEU H 186 -118.12 -26.91 37.57
C LEU H 186 -119.20 -26.04 36.94
N ASN H 187 -119.09 -25.77 35.65
CA ASN H 187 -120.07 -24.94 34.96
C ASN H 187 -121.11 -25.71 34.17
N LYS H 188 -121.88 -26.54 34.87
CA LYS H 188 -122.92 -27.33 34.22
C LYS H 188 -124.24 -27.23 35.00
N THR H 189 -125.30 -26.92 34.26
CA THR H 189 -126.64 -26.77 34.82
C THR H 189 -127.13 -27.92 35.72
N LYS H 190 -127.35 -29.10 35.14
CA LYS H 190 -127.83 -30.27 35.89
C LYS H 190 -126.76 -31.10 36.59
N GLU H 191 -126.93 -32.41 36.50
CA GLU H 191 -126.04 -33.40 37.10
C GLU H 191 -125.96 -34.57 36.12
N TYR H 192 -124.80 -34.78 35.51
CA TYR H 192 -124.62 -35.84 34.51
C TYR H 192 -123.77 -37.04 34.93
N THR H 193 -123.56 -37.95 33.99
CA THR H 193 -122.78 -39.16 34.21
C THR H 193 -121.44 -38.99 33.52
N ALA H 194 -120.46 -39.79 33.92
CA ALA H 194 -119.16 -39.72 33.29
C ALA H 194 -119.35 -40.08 31.83
N CYS H 195 -119.94 -41.25 31.59
CA CYS H 195 -120.19 -41.73 30.24
C CYS H 195 -121.00 -40.71 29.47
N GLU H 196 -121.61 -39.77 30.19
CA GLU H 196 -122.43 -38.74 29.58
C GLU H 196 -121.69 -37.43 29.29
N LEU H 197 -120.84 -37.01 30.22
CA LEU H 197 -120.07 -35.78 30.05
C LEU H 197 -119.09 -35.87 28.88
N MET H 198 -118.35 -36.98 28.84
CA MET H 198 -117.36 -37.23 27.80
C MET H 198 -117.74 -36.70 26.41
N ASN H 199 -118.93 -37.07 25.94
CA ASN H 199 -119.39 -36.65 24.62
C ASN H 199 -120.05 -35.27 24.61
N ILE H 200 -120.57 -34.83 25.75
CA ILE H 200 -121.20 -33.50 25.82
C ILE H 200 -120.09 -32.45 25.87
N TYR H 201 -118.86 -32.93 26.04
CA TYR H 201 -117.68 -32.08 26.09
C TYR H 201 -116.93 -32.04 24.77
N LYS H 202 -117.12 -33.04 23.91
CA LYS H 202 -116.46 -33.10 22.61
C LYS H 202 -116.74 -31.80 21.85
N THR H 203 -117.63 -30.98 22.42
CA THR H 203 -118.03 -29.71 21.82
C THR H 203 -117.53 -28.51 22.62
N ASP H 204 -116.98 -28.78 23.80
CA ASP H 204 -116.45 -27.74 24.69
C ASP H 204 -115.09 -27.24 24.21
N ASN H 205 -115.06 -26.05 23.61
CA ASN H 205 -113.84 -25.44 23.09
C ASN H 205 -112.60 -25.62 23.97
N HIS H 206 -112.77 -25.49 25.28
CA HIS H 206 -111.66 -25.61 26.21
C HIS H 206 -111.23 -27.05 26.50
N LEU H 207 -112.16 -27.86 27.03
CA LEU H 207 -111.85 -29.25 27.36
C LEU H 207 -111.84 -30.20 26.17
N LYS H 208 -112.27 -29.71 25.01
CA LYS H 208 -112.32 -30.50 23.78
C LYS H 208 -111.04 -31.34 23.60
N HIS H 209 -109.95 -30.85 24.18
CA HIS H 209 -108.67 -31.51 24.07
C HIS H 209 -108.42 -32.54 25.17
N TYR H 210 -108.21 -32.04 26.38
CA TYR H 210 -107.93 -32.87 27.54
C TYR H 210 -108.58 -34.26 27.61
N LEU H 211 -109.90 -34.31 27.46
CA LEU H 211 -110.65 -35.56 27.55
C LEU H 211 -110.09 -36.78 26.80
N HIS H 212 -110.61 -37.06 25.62
CA HIS H 212 -110.16 -38.23 24.87
C HIS H 212 -108.65 -38.36 24.80
N ILE H 213 -107.94 -37.24 24.72
CA ILE H 213 -106.48 -37.29 24.67
C ILE H 213 -105.91 -38.02 25.89
N ILE H 214 -106.76 -38.35 26.86
CA ILE H 214 -106.30 -39.05 28.07
C ILE H 214 -107.19 -40.20 28.53
N GLU H 215 -108.50 -40.10 28.29
CA GLU H 215 -109.40 -41.15 28.74
C GLU H 215 -110.37 -41.73 27.71
N ASN H 216 -110.59 -43.03 27.85
CA ASN H 216 -111.48 -43.83 27.01
C ASN H 216 -111.10 -45.27 27.34
N LYS H 217 -110.70 -45.44 28.60
CA LYS H 217 -110.28 -46.73 29.14
C LYS H 217 -111.46 -47.39 29.86
N PRO H 218 -111.27 -48.60 30.42
CA PRO H 218 -112.34 -49.30 31.13
C PRO H 218 -112.76 -48.65 32.45
N LEU H 219 -111.94 -47.72 32.94
CA LEU H 219 -112.26 -47.04 34.20
C LEU H 219 -111.98 -45.55 34.08
N TYR H 220 -112.55 -44.78 34.99
CA TYR H 220 -112.36 -43.33 35.01
C TYR H 220 -111.97 -42.89 36.42
N PRO H 221 -110.95 -42.05 36.53
CA PRO H 221 -110.56 -41.62 37.87
C PRO H 221 -111.66 -40.78 38.52
N VAL H 222 -111.80 -40.93 39.83
CA VAL H 222 -112.79 -40.21 40.60
C VAL H 222 -112.33 -40.08 42.05
N ILE H 223 -112.78 -39.01 42.70
CA ILE H 223 -112.42 -38.79 44.08
C ILE H 223 -113.66 -38.52 44.94
N TYR H 224 -113.89 -39.40 45.92
CA TYR H 224 -115.04 -39.30 46.82
C TYR H 224 -114.57 -38.84 48.20
N ASP H 225 -115.51 -38.84 49.16
CA ASP H 225 -115.24 -38.48 50.54
C ASP H 225 -116.23 -39.21 51.44
N SER H 226 -116.09 -39.07 52.75
CA SER H 226 -116.97 -39.73 53.70
C SER H 226 -118.44 -39.68 53.25
N ASN H 227 -118.97 -38.46 53.15
CA ASN H 227 -120.37 -38.24 52.73
C ASN H 227 -120.73 -39.00 51.46
N GLY H 228 -119.73 -39.19 50.61
CA GLY H 228 -119.96 -39.88 49.35
C GLY H 228 -120.00 -38.86 48.23
N VAL H 229 -119.64 -37.62 48.57
CA VAL H 229 -119.63 -36.53 47.61
C VAL H 229 -118.50 -36.72 46.62
N VAL H 230 -118.75 -36.34 45.38
CA VAL H 230 -117.73 -36.46 44.35
C VAL H 230 -116.89 -35.19 44.28
N LEU H 231 -115.61 -35.31 44.65
CA LEU H 231 -114.65 -34.20 44.63
C LEU H 231 -114.41 -33.77 43.20
N SER H 232 -114.05 -34.74 42.35
CA SER H 232 -113.80 -34.47 40.94
C SER H 232 -113.44 -35.73 40.14
N MET H 233 -113.41 -35.57 38.83
CA MET H 233 -113.05 -36.65 37.91
C MET H 233 -111.74 -36.20 37.27
N PRO H 234 -110.67 -36.17 38.08
CA PRO H 234 -109.28 -35.79 37.86
C PRO H 234 -108.80 -35.01 36.63
N PRO H 235 -108.74 -35.66 35.44
CA PRO H 235 -108.26 -34.91 34.27
C PRO H 235 -109.24 -33.97 33.59
N ILE H 236 -110.53 -34.30 33.61
CA ILE H 236 -111.50 -33.46 32.92
C ILE H 236 -112.10 -32.29 33.71
N ILE H 237 -112.92 -32.57 34.73
CA ILE H 237 -113.50 -31.49 35.54
C ILE H 237 -113.69 -31.82 37.01
N ASN H 238 -113.71 -30.78 37.82
CA ASN H 238 -113.86 -30.91 39.25
C ASN H 238 -115.33 -30.74 39.66
N GLY H 239 -115.67 -31.12 40.89
CA GLY H 239 -117.04 -31.01 41.35
C GLY H 239 -117.44 -29.59 41.69
N ASP H 240 -118.64 -29.18 41.27
CA ASP H 240 -119.12 -27.83 41.56
C ASP H 240 -119.42 -27.66 43.05
N HIS H 241 -119.64 -28.78 43.74
CA HIS H 241 -119.92 -28.74 45.17
C HIS H 241 -118.71 -28.25 45.96
N SER H 242 -117.53 -28.78 45.63
CA SER H 242 -116.29 -28.41 46.31
C SER H 242 -115.55 -27.28 45.60
N ARG H 243 -116.26 -26.53 44.75
CA ARG H 243 -115.66 -25.42 44.02
C ARG H 243 -115.00 -24.45 44.99
N ILE H 244 -114.00 -23.73 44.51
CA ILE H 244 -113.27 -22.76 45.33
C ILE H 244 -113.46 -21.33 44.86
N THR H 245 -113.91 -20.46 45.77
CA THR H 245 -114.12 -19.07 45.42
C THR H 245 -113.47 -18.11 46.42
N VAL H 246 -113.29 -16.88 45.97
CA VAL H 246 -112.69 -15.80 46.73
C VAL H 246 -112.87 -15.88 48.25
N ASN H 247 -114.02 -16.37 48.68
CA ASN H 247 -114.30 -16.46 50.10
C ASN H 247 -113.87 -17.75 50.76
N THR H 248 -113.29 -18.68 50.00
CA THR H 248 -112.88 -19.96 50.59
C THR H 248 -111.89 -19.74 51.72
N ARG H 249 -112.00 -20.54 52.76
CA ARG H 249 -111.12 -20.41 53.91
C ARG H 249 -110.04 -21.47 53.89
N ASN H 250 -110.45 -22.71 53.65
CA ASN H 250 -109.49 -23.81 53.63
C ASN H 250 -109.51 -24.54 52.30
N ILE H 251 -108.32 -24.77 51.75
CA ILE H 251 -108.20 -25.47 50.47
C ILE H 251 -107.54 -26.83 50.60
N PHE H 252 -108.15 -27.79 49.94
CA PHE H 252 -107.64 -29.15 49.91
C PHE H 252 -107.17 -29.33 48.48
N ILE H 253 -105.86 -29.50 48.32
CA ILE H 253 -105.30 -29.67 47.00
C ILE H 253 -104.93 -31.13 46.73
N GLU H 254 -105.37 -31.64 45.59
CA GLU H 254 -105.08 -33.01 45.21
C GLU H 254 -104.50 -33.02 43.80
N CYS H 255 -103.54 -33.90 43.56
CA CYS H 255 -102.89 -34.02 42.27
C CYS H 255 -102.83 -35.49 41.90
N THR H 256 -103.40 -35.85 40.76
CA THR H 256 -103.39 -37.22 40.31
C THR H 256 -102.60 -37.27 39.01
N GLY H 257 -102.13 -38.46 38.62
CA GLY H 257 -101.37 -38.54 37.37
C GLY H 257 -100.56 -39.79 37.12
N THR H 258 -99.92 -39.82 35.96
CA THR H 258 -99.09 -40.94 35.53
C THR H 258 -97.62 -40.79 35.95
N ASP H 259 -97.19 -39.54 36.16
CA ASP H 259 -95.81 -39.27 36.56
C ASP H 259 -95.72 -38.83 38.01
N PHE H 260 -95.30 -39.75 38.87
CA PHE H 260 -95.20 -39.48 40.29
C PHE H 260 -94.48 -38.19 40.64
N THR H 261 -93.16 -38.20 40.53
CA THR H 261 -92.35 -37.03 40.86
C THR H 261 -92.89 -35.70 40.35
N LYS H 262 -93.35 -35.65 39.11
CA LYS H 262 -93.87 -34.39 38.57
C LYS H 262 -95.05 -33.91 39.40
N ALA H 263 -96.01 -34.79 39.62
CA ALA H 263 -97.17 -34.43 40.43
C ALA H 263 -96.65 -33.91 41.75
N LYS H 264 -95.81 -34.72 42.37
CA LYS H 264 -95.20 -34.39 43.64
C LYS H 264 -94.62 -32.96 43.63
N ILE H 265 -94.08 -32.55 42.49
CA ILE H 265 -93.51 -31.20 42.32
C ILE H 265 -94.58 -30.14 42.14
N VAL H 266 -95.53 -30.42 41.23
CA VAL H 266 -96.61 -29.50 40.96
C VAL H 266 -97.26 -29.12 42.28
N LEU H 267 -97.46 -30.11 43.14
CA LEU H 267 -98.06 -29.87 44.43
C LEU H 267 -97.18 -28.84 45.15
N ASP H 268 -95.94 -29.22 45.40
CA ASP H 268 -95.00 -28.35 46.08
C ASP H 268 -95.02 -26.91 45.56
N ILE H 269 -95.03 -26.73 44.25
CA ILE H 269 -95.04 -25.38 43.68
C ILE H 269 -96.28 -24.59 44.11
N ILE H 270 -97.45 -25.21 43.95
CA ILE H 270 -98.73 -24.59 44.30
C ILE H 270 -98.78 -24.22 45.75
N VAL H 271 -98.59 -25.22 46.59
CA VAL H 271 -98.64 -25.05 48.03
C VAL H 271 -97.55 -24.12 48.60
N THR H 272 -96.33 -24.22 48.06
CA THR H 272 -95.21 -23.41 48.52
C THR H 272 -95.37 -21.97 48.05
N MET H 273 -96.04 -21.82 46.91
CA MET H 273 -96.26 -20.53 46.32
C MET H 273 -97.25 -19.71 47.12
N PHE H 274 -98.44 -20.29 47.32
CA PHE H 274 -99.52 -19.59 48.03
C PHE H 274 -99.62 -19.69 49.54
N SER H 275 -98.72 -20.43 50.17
CA SER H 275 -98.77 -20.53 51.62
C SER H 275 -98.37 -19.17 52.19
N GLU H 276 -98.08 -18.23 51.30
CA GLU H 276 -97.70 -16.88 51.72
C GLU H 276 -98.94 -16.17 52.23
N TYR H 277 -100.10 -16.72 51.89
CA TYR H 277 -101.37 -16.14 52.28
C TYR H 277 -102.11 -16.89 53.39
N CYS H 278 -101.48 -17.89 53.98
CA CYS H 278 -102.11 -18.65 55.07
C CYS H 278 -101.96 -17.87 56.38
N GLU H 279 -102.90 -18.09 57.31
CA GLU H 279 -102.85 -17.39 58.59
C GLU H 279 -101.48 -17.62 59.21
N ASN H 280 -101.05 -18.89 59.22
CA ASN H 280 -99.75 -19.23 59.76
C ASN H 280 -98.80 -19.21 58.55
N GLN H 281 -98.55 -18.01 58.04
CA GLN H 281 -97.71 -17.80 56.87
C GLN H 281 -96.59 -18.79 56.59
N PHE H 282 -96.53 -19.21 55.32
CA PHE H 282 -95.53 -20.16 54.83
C PHE H 282 -95.55 -21.47 55.59
N THR H 283 -96.74 -22.06 55.67
CA THR H 283 -96.94 -23.31 56.34
C THR H 283 -97.95 -24.10 55.51
N VAL H 284 -97.71 -25.39 55.38
CA VAL H 284 -98.62 -26.23 54.63
C VAL H 284 -99.07 -27.32 55.57
N GLU H 285 -100.38 -27.54 55.63
CA GLU H 285 -100.91 -28.58 56.52
C GLU H 285 -100.74 -29.95 55.88
N ALA H 286 -99.98 -30.81 56.56
CA ALA H 286 -99.72 -32.16 56.08
C ALA H 286 -101.00 -32.87 55.68
N ALA H 287 -100.85 -33.92 54.89
CA ALA H 287 -101.97 -34.71 54.43
C ALA H 287 -101.46 -36.12 54.27
N GLU H 288 -102.26 -37.10 54.61
CA GLU H 288 -101.83 -38.49 54.51
C GLU H 288 -102.42 -39.17 53.28
N VAL H 289 -101.56 -39.56 52.35
CA VAL H 289 -102.02 -40.24 51.16
C VAL H 289 -101.72 -41.73 51.39
N VAL H 290 -102.72 -42.58 51.21
CA VAL H 290 -102.53 -44.00 51.39
C VAL H 290 -102.59 -44.69 50.03
N PHE H 291 -101.52 -45.39 49.68
CA PHE H 291 -101.44 -46.08 48.40
C PHE H 291 -102.14 -47.43 48.38
N PRO H 292 -102.35 -48.00 47.17
CA PRO H 292 -103.00 -49.32 47.04
C PRO H 292 -102.13 -50.30 47.82
N ASN H 293 -100.86 -49.90 47.94
CA ASN H 293 -99.84 -50.64 48.65
C ASN H 293 -100.23 -50.86 50.11
N GLY H 294 -101.08 -49.99 50.64
CA GLY H 294 -101.53 -50.11 52.01
C GLY H 294 -100.75 -49.19 52.94
N LYS H 295 -99.62 -48.68 52.45
CA LYS H 295 -98.78 -47.78 53.23
C LYS H 295 -99.29 -46.33 53.16
N SER H 296 -98.87 -45.52 54.13
CA SER H 296 -99.27 -44.12 54.19
C SER H 296 -98.06 -43.20 54.21
N HIS H 297 -98.01 -42.28 53.25
CA HIS H 297 -96.92 -41.32 53.17
C HIS H 297 -97.51 -39.94 53.37
N THR H 298 -96.75 -39.06 54.01
CA THR H 298 -97.22 -37.71 54.29
C THR H 298 -96.86 -36.74 53.16
N PHE H 299 -97.72 -35.78 52.89
CA PHE H 299 -97.47 -34.80 51.85
C PHE H 299 -97.95 -33.41 52.25
N PRO H 300 -97.44 -32.37 51.57
CA PRO H 300 -96.48 -32.51 50.48
C PRO H 300 -95.12 -32.75 51.11
N GLU H 301 -94.19 -33.33 50.37
CA GLU H 301 -92.86 -33.55 50.92
C GLU H 301 -91.97 -32.38 50.51
N LEU H 302 -92.13 -31.25 51.17
CA LEU H 302 -91.32 -30.07 50.85
C LEU H 302 -89.84 -30.45 50.97
N ALA H 303 -89.34 -31.06 49.91
CA ALA H 303 -87.96 -31.52 49.84
C ALA H 303 -86.92 -30.42 49.94
N TYR H 304 -85.99 -30.61 50.86
CA TYR H 304 -84.90 -29.68 51.04
C TYR H 304 -83.61 -30.47 50.91
N ARG H 305 -83.03 -30.44 49.72
CA ARG H 305 -81.79 -31.16 49.42
C ARG H 305 -80.58 -30.33 49.87
N LYS H 306 -79.53 -31.01 50.30
CA LYS H 306 -78.33 -30.32 50.74
C LYS H 306 -77.07 -30.86 50.08
N GLU H 307 -76.83 -30.53 48.81
CA GLU H 307 -75.61 -30.98 48.14
C GLU H 307 -74.46 -30.03 48.48
N MET H 308 -73.23 -30.46 48.21
CA MET H 308 -72.09 -29.62 48.49
C MET H 308 -71.24 -29.43 47.23
N VAL H 309 -70.73 -28.21 47.03
CA VAL H 309 -69.92 -27.90 45.85
C VAL H 309 -68.65 -27.15 46.26
N ARG H 310 -67.50 -27.42 45.62
CA ARG H 310 -66.24 -26.72 45.97
C ARG H 310 -66.19 -25.26 45.33
N ALA H 311 -65.86 -24.12 46.10
CA ALA H 311 -65.83 -22.67 45.63
C ALA H 311 -64.96 -22.45 44.42
N ASP H 312 -63.81 -23.07 44.43
CA ASP H 312 -62.88 -22.96 43.30
C ASP H 312 -63.58 -23.45 42.06
N LEU H 313 -64.46 -24.43 42.20
CA LEU H 313 -65.18 -24.95 41.03
C LEU H 313 -65.99 -23.87 40.37
N ILE H 314 -66.91 -23.28 41.13
CA ILE H 314 -67.73 -22.20 40.60
C ILE H 314 -66.87 -21.17 39.86
N ASN H 315 -65.80 -20.71 40.49
CA ASN H 315 -64.93 -19.73 39.84
C ASN H 315 -64.37 -20.29 38.55
N LYS H 316 -63.67 -21.41 38.64
CA LYS H 316 -63.04 -22.01 37.47
C LYS H 316 -64.01 -22.34 36.34
N LYS H 317 -65.29 -22.51 36.67
CA LYS H 317 -66.28 -22.84 35.66
C LYS H 317 -66.93 -21.60 35.06
N VAL H 318 -67.28 -20.63 35.89
CA VAL H 318 -67.92 -19.41 35.42
C VAL H 318 -66.93 -18.52 34.69
N GLY H 319 -65.75 -18.36 35.28
CA GLY H 319 -64.75 -17.51 34.68
C GLY H 319 -64.57 -16.23 35.51
N ILE H 320 -64.77 -16.38 36.82
CA ILE H 320 -64.64 -15.27 37.76
C ILE H 320 -63.81 -15.75 38.93
N ARG H 321 -63.24 -14.82 39.68
CA ARG H 321 -62.41 -15.16 40.83
C ARG H 321 -62.85 -14.41 42.08
N GLU H 322 -64.06 -14.72 42.54
CA GLU H 322 -64.65 -14.12 43.73
C GLU H 322 -64.33 -15.04 44.90
N THR H 323 -64.37 -14.49 46.12
CA THR H 323 -64.08 -15.25 47.33
C THR H 323 -65.25 -16.13 47.74
N PRO H 324 -64.96 -17.28 48.37
CA PRO H 324 -66.01 -18.20 48.79
C PRO H 324 -67.10 -17.52 49.62
N GLU H 325 -66.73 -16.60 50.50
CA GLU H 325 -67.75 -15.93 51.29
C GLU H 325 -68.72 -15.19 50.37
N ASN H 326 -68.20 -14.50 49.35
CA ASN H 326 -69.06 -13.76 48.43
C ASN H 326 -69.81 -14.68 47.48
N LEU H 327 -69.17 -15.78 47.09
CA LEU H 327 -69.81 -16.73 46.22
C LEU H 327 -71.08 -17.19 46.92
N ALA H 328 -70.97 -17.49 48.20
CA ALA H 328 -72.12 -17.94 48.96
C ALA H 328 -73.23 -16.90 48.89
N LYS H 329 -72.88 -15.63 49.06
CA LYS H 329 -73.86 -14.55 49.00
C LYS H 329 -74.61 -14.61 47.68
N LEU H 330 -73.85 -14.77 46.59
CA LEU H 330 -74.43 -14.86 45.25
C LEU H 330 -75.48 -15.95 45.24
N LEU H 331 -75.03 -17.19 45.47
CA LEU H 331 -75.92 -18.33 45.48
C LEU H 331 -77.18 -18.15 46.31
N THR H 332 -77.04 -17.51 47.46
CA THR H 332 -78.17 -17.29 48.34
C THR H 332 -79.25 -16.45 47.65
N ARG H 333 -78.84 -15.31 47.09
CA ARG H 333 -79.78 -14.42 46.40
C ARG H 333 -80.58 -15.16 45.35
N MET H 334 -80.06 -16.31 44.95
CA MET H 334 -80.72 -17.10 43.95
C MET H 334 -81.64 -18.17 44.54
N TYR H 335 -81.90 -18.09 45.85
CA TYR H 335 -82.75 -19.05 46.58
C TYR H 335 -81.97 -20.18 47.23
N LEU H 336 -80.80 -20.49 46.66
CA LEU H 336 -79.94 -21.55 47.16
C LEU H 336 -79.15 -21.05 48.37
N LYS H 337 -79.75 -21.12 49.56
CA LYS H 337 -79.08 -20.65 50.77
C LYS H 337 -77.73 -21.33 50.94
N SER H 338 -76.67 -20.56 50.79
CA SER H 338 -75.33 -21.07 50.93
C SER H 338 -74.61 -20.48 52.13
N GLU H 339 -73.62 -21.23 52.59
CA GLU H 339 -72.81 -20.86 53.75
C GLU H 339 -71.42 -21.49 53.59
N VAL H 340 -70.37 -20.70 53.81
CA VAL H 340 -69.02 -21.23 53.69
C VAL H 340 -68.75 -22.18 54.85
N ILE H 341 -67.97 -23.23 54.59
CA ILE H 341 -67.67 -24.20 55.64
C ILE H 341 -66.27 -24.11 56.28
N GLY H 342 -66.15 -23.17 57.22
CA GLY H 342 -64.91 -22.99 57.96
C GLY H 342 -63.65 -22.65 57.17
N ASP H 343 -63.04 -23.65 56.54
CA ASP H 343 -61.82 -23.46 55.76
C ASP H 343 -62.02 -22.73 54.44
N GLY H 344 -62.96 -21.78 54.45
CA GLY H 344 -63.26 -20.99 53.27
C GLY H 344 -62.95 -21.65 51.95
N ASN H 345 -63.11 -22.97 51.88
CA ASN H 345 -62.84 -23.68 50.64
C ASN H 345 -64.13 -24.20 50.03
N GLN H 346 -64.88 -24.98 50.80
CA GLN H 346 -66.14 -25.56 50.34
C GLN H 346 -67.33 -24.73 50.77
N ILE H 347 -68.37 -24.74 49.93
CA ILE H 347 -69.59 -23.99 50.23
C ILE H 347 -70.75 -24.97 50.36
N GLU H 348 -71.49 -24.88 51.46
CA GLU H 348 -72.62 -25.78 51.66
C GLU H 348 -73.84 -25.08 51.08
N ILE H 349 -74.49 -25.74 50.12
CA ILE H 349 -75.66 -25.13 49.49
C ILE H 349 -76.96 -25.83 49.84
N GLU H 350 -77.99 -25.07 50.17
CA GLU H 350 -79.28 -25.65 50.52
C GLU H 350 -80.27 -25.46 49.37
N ILE H 351 -80.63 -26.55 48.71
CA ILE H 351 -81.55 -26.52 47.57
C ILE H 351 -83.02 -26.54 48.00
N PRO H 352 -83.73 -25.40 47.88
CA PRO H 352 -85.14 -25.29 48.26
C PRO H 352 -86.02 -26.17 47.38
N PRO H 353 -87.18 -26.59 47.90
CA PRO H 353 -88.09 -27.43 47.12
C PRO H 353 -88.69 -26.63 45.95
N THR H 354 -88.54 -25.31 46.00
CA THR H 354 -89.05 -24.47 44.93
C THR H 354 -88.21 -24.61 43.65
N ARG H 355 -86.88 -24.57 43.80
CA ARG H 355 -85.97 -24.73 42.65
C ARG H 355 -85.67 -26.23 42.46
N ALA H 356 -86.57 -26.92 41.77
CA ALA H 356 -86.42 -28.35 41.51
C ALA H 356 -85.63 -28.57 40.25
N ASP H 357 -85.16 -27.48 39.66
CA ASP H 357 -84.38 -27.54 38.43
C ASP H 357 -82.94 -27.90 38.72
N ILE H 358 -82.45 -27.53 39.90
CA ILE H 358 -81.09 -27.85 40.30
C ILE H 358 -80.96 -29.38 40.41
N ILE H 359 -80.32 -30.03 39.43
CA ILE H 359 -80.16 -31.49 39.47
C ILE H 359 -78.70 -31.90 39.36
N HIS H 360 -77.86 -30.95 38.97
CA HIS H 360 -76.44 -31.22 38.85
C HIS H 360 -75.61 -30.07 39.39
N ALA H 361 -74.36 -30.35 39.75
CA ALA H 361 -73.46 -29.35 40.28
C ALA H 361 -73.45 -28.14 39.38
N CYS H 362 -73.42 -28.38 38.06
CA CYS H 362 -73.37 -27.27 37.09
C CYS H 362 -74.54 -26.32 37.18
N ASP H 363 -75.68 -26.82 37.60
CA ASP H 363 -76.85 -25.97 37.75
C ASP H 363 -76.61 -24.89 38.78
N ILE H 364 -75.73 -25.16 39.74
CA ILE H 364 -75.45 -24.17 40.76
C ILE H 364 -74.64 -23.09 40.10
N VAL H 365 -73.69 -23.51 39.26
CA VAL H 365 -72.84 -22.58 38.54
C VAL H 365 -73.70 -21.55 37.78
N GLU H 366 -74.73 -22.04 37.07
CA GLU H 366 -75.69 -21.23 36.29
C GLU H 366 -76.14 -20.11 37.22
N ASP H 367 -76.94 -20.48 38.22
CA ASP H 367 -77.46 -19.52 39.19
C ASP H 367 -76.35 -18.59 39.71
N ALA H 368 -75.20 -19.15 40.06
CA ALA H 368 -74.10 -18.35 40.55
C ALA H 368 -73.77 -17.24 39.56
N ALA H 369 -73.57 -17.60 38.29
CA ALA H 369 -73.24 -16.62 37.26
C ALA H 369 -74.36 -15.61 37.08
N ILE H 370 -75.59 -16.10 37.00
CA ILE H 370 -76.72 -15.20 36.82
C ILE H 370 -76.78 -14.18 37.94
N ALA H 371 -76.45 -14.62 39.15
CA ALA H 371 -76.48 -13.73 40.29
C ALA H 371 -75.36 -12.70 40.16
N TYR H 372 -74.23 -13.17 39.66
CA TYR H 372 -73.07 -12.30 39.51
C TYR H 372 -73.25 -11.30 38.36
N GLY H 373 -74.17 -11.61 37.45
CA GLY H 373 -74.41 -10.75 36.31
C GLY H 373 -73.44 -11.06 35.19
N TYR H 374 -73.94 -11.73 34.16
CA TYR H 374 -73.11 -12.13 33.02
C TYR H 374 -72.18 -11.06 32.49
N ASN H 375 -72.66 -9.84 32.38
CA ASN H 375 -71.85 -8.77 31.84
C ASN H 375 -70.78 -8.22 32.75
N ASN H 376 -70.58 -8.87 33.89
CA ASN H 376 -69.54 -8.42 34.80
C ASN H 376 -68.41 -9.41 34.72
N ILE H 377 -68.61 -10.42 33.89
CA ILE H 377 -67.63 -11.46 33.68
C ILE H 377 -66.71 -10.99 32.57
N GLN H 378 -65.41 -10.99 32.85
CA GLN H 378 -64.43 -10.54 31.87
C GLN H 378 -64.30 -11.53 30.74
N MET H 379 -64.37 -11.04 29.51
CA MET H 379 -64.28 -11.90 28.34
C MET H 379 -62.85 -12.28 28.15
N THR H 380 -62.59 -13.59 28.10
CA THR H 380 -61.24 -14.12 27.92
C THR H 380 -61.24 -14.95 26.65
N LEU H 381 -60.07 -15.17 26.06
CA LEU H 381 -60.01 -15.96 24.83
C LEU H 381 -59.20 -17.26 24.96
N PRO H 382 -59.85 -18.42 24.78
CA PRO H 382 -59.18 -19.72 24.88
C PRO H 382 -57.90 -19.79 24.09
N LYS H 383 -56.81 -20.13 24.76
CA LYS H 383 -55.51 -20.17 24.09
C LYS H 383 -55.02 -21.54 23.67
N THR H 384 -55.72 -22.16 22.72
CA THR H 384 -55.29 -23.45 22.21
C THR H 384 -55.22 -23.35 20.71
N TYR H 385 -54.02 -23.51 20.16
CA TYR H 385 -53.84 -23.41 18.73
C TYR H 385 -54.40 -24.63 18.00
N THR H 386 -55.18 -24.38 16.96
CA THR H 386 -55.77 -25.45 16.17
C THR H 386 -55.74 -25.04 14.71
N ILE H 387 -55.32 -25.96 13.85
CA ILE H 387 -55.27 -25.67 12.43
C ILE H 387 -56.64 -26.00 11.85
N ALA H 388 -57.20 -25.08 11.08
CA ALA H 388 -58.52 -25.29 10.52
C ALA H 388 -58.49 -26.17 9.27
N ASN H 389 -59.58 -26.91 9.03
CA ASN H 389 -59.69 -27.78 7.87
C ASN H 389 -61.10 -27.83 7.33
N GLN H 390 -61.23 -27.70 6.02
CA GLN H 390 -62.55 -27.74 5.40
C GLN H 390 -62.91 -29.19 5.18
N PHE H 391 -64.18 -29.44 4.93
CA PHE H 391 -64.62 -30.80 4.68
C PHE H 391 -64.46 -31.02 3.18
N PRO H 392 -63.56 -31.92 2.78
CA PRO H 392 -63.30 -32.24 1.38
C PRO H 392 -64.43 -31.93 0.39
N LEU H 393 -65.58 -32.56 0.62
CA LEU H 393 -66.75 -32.38 -0.24
C LEU H 393 -67.12 -30.91 -0.42
N ASN H 394 -67.41 -30.25 0.69
CA ASN H 394 -67.76 -28.85 0.71
C ASN H 394 -66.73 -27.96 0.04
N LYS H 395 -65.45 -28.29 0.15
CA LYS H 395 -64.43 -27.47 -0.47
C LYS H 395 -64.67 -27.53 -1.95
N LEU H 396 -64.74 -28.75 -2.46
CA LEU H 396 -64.96 -29.00 -3.88
C LEU H 396 -66.22 -28.27 -4.35
N THR H 397 -67.31 -28.47 -3.62
CA THR H 397 -68.59 -27.84 -3.93
C THR H 397 -68.39 -26.32 -4.11
N GLU H 398 -67.79 -25.70 -3.10
CA GLU H 398 -67.52 -24.27 -3.10
C GLU H 398 -66.77 -23.87 -4.35
N LEU H 399 -65.94 -24.75 -4.87
CA LEU H 399 -65.18 -24.44 -6.06
C LEU H 399 -66.07 -24.53 -7.27
N LEU H 400 -66.74 -25.66 -7.44
CA LEU H 400 -67.63 -25.84 -8.57
C LEU H 400 -68.61 -24.69 -8.63
N ARG H 401 -69.19 -24.33 -7.49
CA ARG H 401 -70.13 -23.21 -7.47
C ARG H 401 -69.51 -22.01 -8.21
N HIS H 402 -68.30 -21.64 -7.83
CA HIS H 402 -67.66 -20.50 -8.46
C HIS H 402 -67.44 -20.64 -9.94
N ASP H 403 -67.36 -21.87 -10.46
CA ASP H 403 -67.13 -22.04 -11.89
C ASP H 403 -68.43 -22.13 -12.66
N MET H 404 -69.47 -22.66 -12.02
CA MET H 404 -70.78 -22.73 -12.65
C MET H 404 -71.13 -21.28 -12.94
N ALA H 405 -70.83 -20.42 -11.96
CA ALA H 405 -71.11 -19.00 -12.09
C ALA H 405 -70.26 -18.43 -13.22
N ALA H 406 -69.01 -18.85 -13.30
CA ALA H 406 -68.12 -18.36 -14.33
C ALA H 406 -68.69 -18.76 -15.69
N ALA H 407 -69.31 -19.94 -15.73
CA ALA H 407 -69.89 -20.45 -16.96
C ALA H 407 -71.28 -19.87 -17.23
N GLY H 408 -71.54 -18.69 -16.68
CA GLY H 408 -72.80 -18.02 -16.90
C GLY H 408 -74.09 -18.51 -16.27
N PHE H 409 -74.03 -19.54 -15.44
CA PHE H 409 -75.26 -20.02 -14.80
C PHE H 409 -75.57 -19.32 -13.48
N THR H 410 -76.81 -19.45 -13.05
CA THR H 410 -77.23 -18.82 -11.81
C THR H 410 -77.70 -19.84 -10.78
N GLU H 411 -77.19 -19.66 -9.56
CA GLU H 411 -77.49 -20.55 -8.44
C GLU H 411 -78.82 -20.29 -7.77
N ALA H 412 -79.55 -21.36 -7.45
CA ALA H 412 -80.86 -21.23 -6.81
C ALA H 412 -80.90 -21.83 -5.42
N LEU H 413 -82.08 -21.82 -4.79
CA LEU H 413 -82.17 -22.39 -3.47
C LEU H 413 -83.44 -23.22 -3.25
N THR H 414 -83.52 -24.35 -3.95
CA THR H 414 -84.65 -25.27 -3.86
C THR H 414 -84.91 -25.71 -2.43
N PHE H 415 -86.16 -26.05 -2.09
CA PHE H 415 -86.47 -26.57 -0.76
C PHE H 415 -86.14 -28.06 -0.80
N ALA H 416 -85.88 -28.66 0.36
CA ALA H 416 -85.54 -30.08 0.40
C ALA H 416 -86.76 -30.97 0.52
N LEU H 417 -87.90 -30.37 0.80
CA LEU H 417 -89.13 -31.13 0.92
C LEU H 417 -90.09 -30.82 -0.22
N CYS H 418 -91.00 -31.75 -0.49
CA CYS H 418 -91.98 -31.56 -1.56
C CYS H 418 -93.01 -32.69 -1.62
N SER H 419 -93.85 -32.65 -2.65
CA SER H 419 -94.89 -33.65 -2.84
C SER H 419 -94.41 -34.76 -3.75
N GLN H 420 -94.86 -35.98 -3.47
CA GLN H 420 -94.47 -37.15 -4.25
C GLN H 420 -94.52 -36.89 -5.75
N GLU H 421 -95.64 -36.36 -6.21
CA GLU H 421 -95.82 -36.08 -7.62
C GLU H 421 -94.69 -35.23 -8.20
N ASP H 422 -93.99 -34.50 -7.34
CA ASP H 422 -92.87 -33.66 -7.80
C ASP H 422 -91.66 -34.49 -8.21
N ILE H 423 -91.45 -35.62 -7.54
CA ILE H 423 -90.30 -36.47 -7.84
C ILE H 423 -90.66 -37.83 -8.41
N ALA H 424 -91.87 -37.95 -8.95
CA ALA H 424 -92.31 -39.21 -9.51
C ALA H 424 -93.28 -39.02 -10.69
N ASP H 425 -94.56 -38.89 -10.36
CA ASP H 425 -95.60 -38.71 -11.36
C ASP H 425 -95.24 -37.67 -12.41
N LYS H 426 -94.86 -36.47 -11.97
CA LYS H 426 -94.51 -35.39 -12.90
C LYS H 426 -93.26 -35.69 -13.72
N LEU H 427 -92.55 -36.76 -13.35
CA LEU H 427 -91.33 -37.12 -14.05
C LEU H 427 -91.49 -38.44 -14.81
N GLY H 428 -92.68 -39.00 -14.76
CA GLY H 428 -92.94 -40.24 -15.44
C GLY H 428 -92.56 -41.52 -14.72
N VAL H 429 -92.52 -41.47 -13.39
CA VAL H 429 -92.16 -42.65 -12.61
C VAL H 429 -93.01 -42.79 -11.37
N ASP H 430 -93.22 -44.03 -10.94
CA ASP H 430 -94.04 -44.30 -9.77
C ASP H 430 -93.24 -44.05 -8.49
N ILE H 431 -93.89 -43.43 -7.51
CA ILE H 431 -93.27 -43.10 -6.22
C ILE H 431 -92.67 -44.32 -5.55
N SER H 432 -92.90 -45.50 -6.13
CA SER H 432 -92.38 -46.74 -5.57
C SER H 432 -91.02 -47.09 -6.15
N ALA H 433 -90.57 -46.33 -7.13
CA ALA H 433 -89.29 -46.61 -7.75
C ALA H 433 -88.33 -45.43 -7.62
N THR H 434 -88.55 -44.58 -6.61
CA THR H 434 -87.68 -43.43 -6.39
C THR H 434 -86.74 -43.60 -5.22
N LYS H 435 -87.01 -44.60 -4.38
CA LYS H 435 -86.19 -44.86 -3.20
C LYS H 435 -86.36 -43.70 -2.22
N ALA H 436 -87.36 -42.86 -2.49
CA ALA H 436 -87.65 -41.67 -1.67
C ALA H 436 -88.06 -41.98 -0.24
N VAL H 437 -87.87 -40.99 0.63
CA VAL H 437 -88.23 -41.14 2.04
C VAL H 437 -89.54 -40.41 2.29
N HIS H 438 -90.44 -41.03 3.05
CA HIS H 438 -91.75 -40.44 3.34
C HIS H 438 -91.93 -39.85 4.73
N ILE H 439 -92.42 -38.60 4.78
CA ILE H 439 -92.66 -37.90 6.04
C ILE H 439 -94.03 -38.28 6.60
N SER H 440 -94.08 -38.51 7.92
CA SER H 440 -95.32 -38.88 8.59
C SER H 440 -96.24 -37.70 8.92
N ASN H 441 -97.54 -37.89 8.67
CA ASN H 441 -98.56 -36.88 8.91
C ASN H 441 -98.10 -35.48 8.51
N PRO H 442 -97.80 -35.29 7.22
CA PRO H 442 -97.35 -34.00 6.69
C PRO H 442 -98.46 -32.94 6.65
N LYS H 443 -98.13 -31.73 7.07
CA LYS H 443 -99.10 -30.64 7.03
C LYS H 443 -99.65 -30.51 5.61
N THR H 444 -98.89 -29.84 4.74
CA THR H 444 -99.28 -29.64 3.36
C THR H 444 -98.91 -30.83 2.50
N ALA H 445 -99.28 -30.77 1.23
CA ALA H 445 -98.99 -31.82 0.28
C ALA H 445 -97.51 -31.79 -0.08
N GLU H 446 -96.93 -30.60 -0.02
CA GLU H 446 -95.52 -30.44 -0.36
C GLU H 446 -94.57 -30.68 0.83
N PHE H 447 -94.93 -31.67 1.66
CA PHE H 447 -94.15 -32.05 2.83
C PHE H 447 -94.23 -33.57 2.95
N GLN H 448 -94.54 -34.23 1.85
CA GLN H 448 -94.69 -35.68 1.85
C GLN H 448 -93.36 -36.41 1.74
N VAL H 449 -92.54 -35.98 0.80
CA VAL H 449 -91.26 -36.62 0.56
C VAL H 449 -90.11 -35.64 0.53
N ALA H 450 -88.90 -36.17 0.68
CA ALA H 450 -87.69 -35.36 0.64
C ALA H 450 -86.99 -35.57 -0.72
N ARG H 451 -86.57 -34.48 -1.34
CA ARG H 451 -85.89 -34.47 -2.64
C ARG H 451 -85.18 -35.76 -3.00
N THR H 452 -85.21 -36.09 -4.27
CA THR H 452 -84.56 -37.29 -4.78
C THR H 452 -83.77 -36.78 -5.96
N THR H 453 -83.98 -35.49 -6.25
CA THR H 453 -83.34 -34.83 -7.35
C THR H 453 -83.55 -33.32 -7.23
N LEU H 454 -82.70 -32.55 -7.88
CA LEU H 454 -82.81 -31.10 -7.83
C LEU H 454 -83.59 -30.54 -9.03
N LEU H 455 -83.79 -31.39 -10.04
CA LEU H 455 -84.49 -31.00 -11.26
C LEU H 455 -85.84 -30.37 -10.97
N PRO H 456 -86.68 -31.06 -10.18
CA PRO H 456 -88.01 -30.52 -9.86
C PRO H 456 -87.91 -29.08 -9.41
N GLY H 457 -87.37 -28.89 -8.21
CA GLY H 457 -87.22 -27.56 -7.67
C GLY H 457 -86.74 -26.55 -8.70
N LEU H 458 -85.72 -26.90 -9.47
CA LEU H 458 -85.20 -25.99 -10.49
C LEU H 458 -86.27 -25.56 -11.47
N LEU H 459 -87.03 -26.53 -11.97
CA LEU H 459 -88.12 -26.25 -12.89
C LEU H 459 -89.08 -25.28 -12.22
N LYS H 460 -89.61 -25.69 -11.07
CA LYS H 460 -90.56 -24.90 -10.30
C LYS H 460 -90.08 -23.45 -10.11
N THR H 461 -88.76 -23.26 -10.13
CA THR H 461 -88.21 -21.93 -9.99
C THR H 461 -88.43 -21.16 -11.28
N ILE H 462 -88.23 -21.83 -12.41
CA ILE H 462 -88.43 -21.21 -13.72
C ILE H 462 -89.89 -20.81 -13.82
N ALA H 463 -90.76 -21.72 -13.39
CA ALA H 463 -92.19 -21.49 -13.40
C ALA H 463 -92.54 -20.17 -12.71
N ALA H 464 -91.90 -19.90 -11.58
CA ALA H 464 -92.19 -18.67 -10.87
C ALA H 464 -91.43 -17.47 -11.43
N ASN H 465 -90.56 -17.68 -12.40
CA ASN H 465 -89.81 -16.57 -12.98
C ASN H 465 -90.05 -16.40 -14.46
N ARG H 466 -91.30 -16.60 -14.90
CA ARG H 466 -91.65 -16.48 -16.31
C ARG H 466 -91.24 -15.11 -16.80
N LYS H 467 -91.29 -14.15 -15.88
CA LYS H 467 -90.94 -12.76 -16.17
C LYS H 467 -89.46 -12.56 -16.54
N MET H 468 -88.64 -13.59 -16.40
CA MET H 468 -87.21 -13.50 -16.69
C MET H 468 -86.82 -13.70 -18.17
N PRO H 469 -85.85 -12.89 -18.67
CA PRO H 469 -85.29 -12.87 -20.03
C PRO H 469 -85.01 -14.20 -20.77
N LEU H 470 -84.79 -14.06 -22.08
CA LEU H 470 -84.54 -15.17 -23.00
C LEU H 470 -84.18 -16.56 -22.43
N PRO H 471 -82.87 -16.88 -22.27
CA PRO H 471 -82.59 -18.21 -21.74
C PRO H 471 -82.27 -18.22 -20.25
N LEU H 472 -82.94 -19.09 -19.51
CA LEU H 472 -82.69 -19.20 -18.09
C LEU H 472 -81.63 -20.29 -17.90
N LYS H 473 -80.58 -19.97 -17.16
CA LYS H 473 -79.52 -20.94 -16.92
C LYS H 473 -79.34 -21.09 -15.43
N LEU H 474 -80.06 -22.05 -14.88
CA LEU H 474 -80.05 -22.33 -13.46
C LEU H 474 -79.23 -23.55 -13.08
N PHE H 475 -78.80 -23.57 -11.82
CA PHE H 475 -78.00 -24.67 -11.30
C PHE H 475 -78.00 -24.57 -9.80
N GLU H 476 -77.72 -25.68 -9.14
CA GLU H 476 -77.66 -25.72 -7.70
C GLU H 476 -76.83 -26.96 -7.37
N ILE H 477 -76.03 -26.87 -6.32
CA ILE H 477 -75.23 -28.02 -5.89
C ILE H 477 -75.61 -28.30 -4.44
N SER H 478 -76.60 -29.17 -4.24
CA SER H 478 -77.07 -29.52 -2.90
C SER H 478 -77.30 -31.01 -2.71
N ASP H 479 -77.90 -31.35 -1.57
CA ASP H 479 -78.18 -32.73 -1.21
C ASP H 479 -79.54 -33.24 -1.60
N ILE H 480 -79.63 -34.56 -1.70
CA ILE H 480 -80.88 -35.24 -2.02
C ILE H 480 -80.86 -36.48 -1.13
N VAL H 481 -82.00 -36.85 -0.57
CA VAL H 481 -82.05 -38.03 0.28
C VAL H 481 -82.52 -39.30 -0.47
N ILE H 482 -82.09 -40.45 0.02
CA ILE H 482 -82.45 -41.75 -0.56
C ILE H 482 -82.44 -42.76 0.57
N LYS H 483 -83.21 -43.84 0.42
CA LYS H 483 -83.21 -44.85 1.45
C LYS H 483 -81.97 -45.69 1.21
N ASP H 484 -81.27 -46.04 2.27
CA ASP H 484 -80.06 -46.84 2.15
C ASP H 484 -80.08 -47.86 3.28
N SER H 485 -80.25 -49.13 2.93
CA SER H 485 -80.31 -50.19 3.93
C SER H 485 -79.02 -50.32 4.73
N ASN H 486 -77.94 -49.67 4.26
CA ASN H 486 -76.63 -49.76 4.92
C ASN H 486 -76.16 -48.52 5.66
N THR H 487 -77.08 -47.85 6.35
CA THR H 487 -76.72 -46.66 7.11
C THR H 487 -77.52 -46.70 8.41
N ASP H 488 -76.85 -46.41 9.53
CA ASP H 488 -77.49 -46.44 10.84
C ASP H 488 -78.90 -45.86 10.91
N VAL H 489 -79.18 -44.84 10.10
CA VAL H 489 -80.50 -44.22 10.12
C VAL H 489 -81.48 -44.78 9.11
N GLY H 490 -80.99 -45.21 7.96
CA GLY H 490 -81.88 -45.77 6.96
C GLY H 490 -81.89 -45.01 5.65
N ALA H 491 -81.29 -43.82 5.66
CA ALA H 491 -81.22 -43.01 4.47
C ALA H 491 -79.83 -42.37 4.34
N LYS H 492 -79.50 -41.88 3.14
CA LYS H 492 -78.22 -41.23 2.91
C LYS H 492 -78.35 -40.01 1.99
N ASN H 493 -77.57 -38.96 2.25
CA ASN H 493 -77.61 -37.75 1.42
C ASN H 493 -76.58 -37.86 0.30
N TYR H 494 -76.84 -37.21 -0.84
CA TYR H 494 -75.91 -37.24 -1.96
C TYR H 494 -75.75 -35.83 -2.52
N ARG H 495 -74.54 -35.49 -2.96
CA ARG H 495 -74.29 -34.17 -3.52
C ARG H 495 -74.45 -34.12 -5.02
N HIS H 496 -75.57 -33.62 -5.50
CA HIS H 496 -75.74 -33.52 -6.94
C HIS H 496 -75.50 -32.10 -7.38
N LEU H 497 -74.90 -31.97 -8.55
CA LEU H 497 -74.71 -30.67 -9.16
C LEU H 497 -75.74 -30.82 -10.29
N CYS H 498 -76.77 -29.97 -10.27
CA CYS H 498 -77.83 -30.05 -11.26
C CYS H 498 -78.07 -28.72 -11.95
N ALA H 499 -78.08 -28.73 -13.28
CA ALA H 499 -78.28 -27.50 -14.06
C ALA H 499 -79.39 -27.69 -15.08
N VAL H 500 -79.92 -26.57 -15.60
CA VAL H 500 -80.98 -26.63 -16.59
C VAL H 500 -80.87 -25.48 -17.58
N TYR H 501 -81.27 -25.75 -18.82
CA TYR H 501 -81.26 -24.75 -19.87
C TYR H 501 -82.69 -24.57 -20.36
N TYR H 502 -83.22 -23.36 -20.18
CA TYR H 502 -84.59 -23.01 -20.56
C TYR H 502 -84.54 -21.96 -21.65
N ASN H 503 -85.04 -22.30 -22.84
CA ASN H 503 -85.03 -21.35 -23.95
C ASN H 503 -85.95 -21.79 -25.08
N LYS H 504 -86.10 -20.91 -26.08
CA LYS H 504 -86.94 -21.19 -27.23
C LYS H 504 -86.64 -22.61 -27.68
N ASN H 505 -85.36 -22.91 -27.76
CA ASN H 505 -84.90 -24.23 -28.17
C ASN H 505 -84.11 -24.80 -27.00
N PRO H 506 -84.20 -26.12 -26.77
CA PRO H 506 -83.44 -26.69 -25.65
C PRO H 506 -81.97 -26.63 -26.04
N GLY H 507 -81.10 -26.35 -25.08
CA GLY H 507 -79.70 -26.27 -25.41
C GLY H 507 -78.99 -27.57 -25.11
N PHE H 508 -79.60 -28.69 -25.49
CA PHE H 508 -79.01 -29.99 -25.22
C PHE H 508 -77.53 -30.11 -25.60
N GLU H 509 -77.07 -29.32 -26.56
CA GLU H 509 -75.67 -29.38 -26.95
C GLU H 509 -74.88 -28.48 -26.03
N ILE H 510 -75.48 -27.39 -25.59
CA ILE H 510 -74.81 -26.47 -24.68
C ILE H 510 -74.81 -27.04 -23.25
N ILE H 511 -75.77 -27.90 -22.96
CA ILE H 511 -75.84 -28.55 -21.65
C ILE H 511 -74.83 -29.67 -21.68
N HIS H 512 -74.74 -30.33 -22.83
CA HIS H 512 -73.79 -31.42 -23.02
C HIS H 512 -72.42 -30.78 -22.83
N GLY H 513 -72.26 -29.57 -23.36
CA GLY H 513 -71.01 -28.85 -23.23
C GLY H 513 -70.70 -28.43 -21.81
N LEU H 514 -71.74 -28.26 -20.99
CA LEU H 514 -71.56 -27.89 -19.59
C LEU H 514 -70.89 -29.07 -18.88
N LEU H 515 -71.43 -30.27 -19.10
CA LEU H 515 -70.87 -31.47 -18.50
C LEU H 515 -69.42 -31.61 -18.93
N ASP H 516 -69.12 -31.30 -20.18
CA ASP H 516 -67.75 -31.39 -20.63
C ASP H 516 -66.87 -30.43 -19.86
N ARG H 517 -67.35 -29.20 -19.64
CA ARG H 517 -66.56 -28.21 -18.89
C ARG H 517 -66.31 -28.72 -17.48
N ILE H 518 -67.41 -29.08 -16.80
CA ILE H 518 -67.36 -29.60 -15.45
C ILE H 518 -66.29 -30.68 -15.32
N MET H 519 -66.30 -31.66 -16.23
CA MET H 519 -65.32 -32.73 -16.21
C MET H 519 -63.93 -32.16 -16.41
N GLN H 520 -63.82 -31.21 -17.33
CA GLN H 520 -62.55 -30.57 -17.59
C GLN H 520 -62.05 -29.91 -16.32
N LEU H 521 -62.99 -29.32 -15.57
CA LEU H 521 -62.66 -28.65 -14.30
C LEU H 521 -62.16 -29.62 -13.26
N LEU H 522 -62.79 -30.78 -13.22
CA LEU H 522 -62.45 -31.83 -12.27
C LEU H 522 -61.27 -32.67 -12.76
N ASP H 523 -60.65 -32.25 -13.86
CA ASP H 523 -59.52 -32.96 -14.44
C ASP H 523 -59.86 -34.44 -14.67
N VAL H 524 -60.98 -34.68 -15.33
CA VAL H 524 -61.45 -36.03 -15.64
C VAL H 524 -61.44 -36.16 -17.15
N PRO H 525 -60.49 -36.93 -17.70
CA PRO H 525 -60.37 -37.13 -19.15
C PRO H 525 -61.53 -37.90 -19.77
N PRO H 526 -61.80 -37.63 -21.07
CA PRO H 526 -62.87 -38.26 -21.85
C PRO H 526 -62.54 -39.71 -22.23
N GLY H 527 -63.57 -40.52 -22.41
CA GLY H 527 -63.33 -41.90 -22.80
C GLY H 527 -62.90 -42.88 -21.72
N GLU H 528 -62.98 -44.16 -22.05
CA GLU H 528 -62.62 -45.24 -21.14
C GLU H 528 -61.12 -45.21 -20.83
N ASP H 529 -60.35 -44.58 -21.72
CA ASP H 529 -58.89 -44.46 -21.62
C ASP H 529 -58.30 -44.92 -20.29
N LYS H 530 -58.72 -44.30 -19.19
CA LYS H 530 -58.24 -44.65 -17.87
C LYS H 530 -59.39 -44.73 -16.86
N GLY H 531 -59.82 -43.57 -16.34
CA GLY H 531 -60.91 -43.54 -15.37
C GLY H 531 -61.89 -42.39 -15.58
N GLY H 532 -61.73 -41.68 -16.69
CA GLY H 532 -62.57 -40.54 -17.01
C GLY H 532 -64.07 -40.76 -17.18
N TYR H 533 -64.64 -40.13 -18.20
CA TYR H 533 -66.09 -40.20 -18.47
C TYR H 533 -66.53 -40.48 -19.91
N VAL H 534 -67.70 -41.10 -20.04
CA VAL H 534 -68.29 -41.44 -21.33
C VAL H 534 -69.82 -41.30 -21.32
N ILE H 535 -70.31 -40.49 -22.26
CA ILE H 535 -71.73 -40.25 -22.42
C ILE H 535 -72.27 -41.43 -23.22
N LYS H 536 -73.13 -42.23 -22.62
CA LYS H 536 -73.71 -43.36 -23.34
C LYS H 536 -75.20 -43.13 -23.50
N ALA H 537 -75.65 -42.93 -24.73
CA ALA H 537 -77.07 -42.70 -24.98
C ALA H 537 -77.90 -43.70 -24.17
N SER H 538 -79.00 -43.25 -23.60
CA SER H 538 -79.85 -44.14 -22.81
C SER H 538 -81.28 -43.61 -22.80
N GLU H 539 -82.17 -44.33 -22.15
CA GLU H 539 -83.56 -43.91 -22.08
C GLU H 539 -84.01 -43.52 -20.67
N GLY H 540 -84.80 -42.45 -20.61
CA GLY H 540 -85.32 -41.95 -19.35
C GLY H 540 -86.76 -41.48 -19.51
N PRO H 541 -87.65 -41.90 -18.60
CA PRO H 541 -89.07 -41.55 -18.59
C PRO H 541 -89.32 -40.08 -18.34
N ALA H 542 -88.25 -39.31 -18.26
CA ALA H 542 -88.38 -37.88 -18.03
C ALA H 542 -87.77 -37.11 -19.18
N PHE H 543 -87.13 -37.84 -20.08
CA PHE H 543 -86.50 -37.20 -21.23
C PHE H 543 -87.08 -37.60 -22.58
N PHE H 544 -87.16 -36.60 -23.46
CA PHE H 544 -87.65 -36.79 -24.81
C PHE H 544 -86.73 -37.84 -25.42
N PRO H 545 -87.30 -38.96 -25.88
CA PRO H 545 -86.53 -40.06 -26.49
C PRO H 545 -85.44 -39.62 -27.48
N GLY H 546 -84.29 -40.29 -27.39
CA GLY H 546 -83.18 -39.98 -28.29
C GLY H 546 -82.41 -38.71 -28.00
N ARG H 547 -82.71 -38.08 -26.88
CA ARG H 547 -82.03 -36.85 -26.48
C ARG H 547 -81.82 -36.99 -24.98
N CYS H 548 -81.31 -38.16 -24.62
CA CYS H 548 -81.05 -38.53 -23.23
C CYS H 548 -79.84 -39.47 -23.18
N ALA H 549 -78.95 -39.21 -22.23
CA ALA H 549 -77.73 -40.02 -22.06
C ALA H 549 -77.43 -40.26 -20.59
N GLU H 550 -76.50 -41.18 -20.33
CA GLU H 550 -76.09 -41.49 -18.97
C GLU H 550 -74.61 -41.15 -18.83
N ILE H 551 -74.22 -40.62 -17.67
CA ILE H 551 -72.83 -40.25 -17.43
C ILE H 551 -72.14 -41.35 -16.63
N PHE H 552 -71.00 -41.82 -17.13
CA PHE H 552 -70.22 -42.85 -16.47
C PHE H 552 -68.81 -42.34 -16.23
N ALA H 553 -68.28 -42.63 -15.05
CA ALA H 553 -66.92 -42.21 -14.73
C ALA H 553 -66.47 -42.90 -13.47
N ARG H 554 -65.15 -42.92 -13.27
CA ARG H 554 -64.57 -43.57 -12.10
C ARG H 554 -65.34 -44.83 -11.74
N GLY H 555 -65.55 -45.67 -12.76
CA GLY H 555 -66.24 -46.93 -12.59
C GLY H 555 -67.67 -46.95 -12.08
N GLN H 556 -68.50 -45.99 -12.52
CA GLN H 556 -69.90 -45.97 -12.11
C GLN H 556 -70.75 -44.90 -12.77
N SER H 557 -72.06 -45.08 -12.65
CA SER H 557 -73.02 -44.15 -13.20
C SER H 557 -73.00 -42.93 -12.29
N VAL H 558 -72.77 -41.77 -12.89
CA VAL H 558 -72.72 -40.53 -12.13
C VAL H 558 -74.05 -39.78 -12.23
N GLY H 559 -74.52 -39.59 -13.45
CA GLY H 559 -75.77 -38.89 -13.63
C GLY H 559 -76.50 -39.12 -14.93
N LYS H 560 -77.51 -38.30 -15.16
CA LYS H 560 -78.35 -38.36 -16.34
C LYS H 560 -78.27 -37.01 -17.09
N LEU H 561 -77.97 -37.07 -18.37
CA LEU H 561 -77.87 -35.88 -19.20
C LEU H 561 -78.98 -36.00 -20.23
N GLY H 562 -79.79 -34.96 -20.43
CA GLY H 562 -80.85 -35.08 -21.42
C GLY H 562 -81.80 -33.90 -21.59
N VAL H 563 -82.72 -34.04 -22.53
CA VAL H 563 -83.71 -33.01 -22.79
C VAL H 563 -85.05 -33.41 -22.17
N LEU H 564 -85.56 -32.58 -21.29
CA LEU H 564 -86.81 -32.86 -20.62
C LEU H 564 -87.93 -33.19 -21.59
N HIS H 565 -88.71 -34.19 -21.22
CA HIS H 565 -89.84 -34.66 -22.03
C HIS H 565 -91.03 -33.70 -21.90
N PRO H 566 -91.62 -33.32 -23.05
CA PRO H 566 -92.77 -32.41 -23.11
C PRO H 566 -93.78 -32.59 -21.98
N ASP H 567 -93.99 -33.83 -21.54
CA ASP H 567 -94.93 -34.12 -20.47
C ASP H 567 -94.53 -33.44 -19.16
N VAL H 568 -93.30 -33.70 -18.73
CA VAL H 568 -92.83 -33.11 -17.51
C VAL H 568 -92.80 -31.58 -17.63
N ILE H 569 -92.40 -31.06 -18.79
CA ILE H 569 -92.33 -29.60 -18.93
C ILE H 569 -93.71 -28.93 -18.86
N THR H 570 -94.74 -29.67 -19.20
CA THR H 570 -96.07 -29.10 -19.11
C THR H 570 -96.61 -29.37 -17.72
N LYS H 571 -96.34 -30.56 -17.18
CA LYS H 571 -96.82 -30.88 -15.85
C LYS H 571 -96.20 -30.00 -14.77
N PHE H 572 -95.22 -29.19 -15.15
CA PHE H 572 -94.60 -28.26 -14.22
C PHE H 572 -94.95 -26.88 -14.72
N GLU H 573 -96.05 -26.84 -15.47
CA GLU H 573 -96.60 -25.61 -16.04
C GLU H 573 -95.58 -24.68 -16.68
N LEU H 574 -94.79 -25.23 -17.61
CA LEU H 574 -93.78 -24.45 -18.30
C LEU H 574 -94.09 -24.33 -19.78
N THR H 575 -93.46 -23.36 -20.43
CA THR H 575 -93.66 -23.09 -21.85
C THR H 575 -92.63 -23.78 -22.73
N MET H 576 -91.43 -23.20 -22.80
CA MET H 576 -90.33 -23.73 -23.62
C MET H 576 -89.83 -25.13 -23.28
N PRO H 577 -88.99 -25.69 -24.16
CA PRO H 577 -88.42 -27.03 -23.97
C PRO H 577 -87.33 -26.88 -22.92
N CYS H 578 -86.70 -27.98 -22.53
CA CYS H 578 -85.66 -27.86 -21.53
C CYS H 578 -84.60 -28.95 -21.55
N SER H 579 -83.37 -28.53 -21.31
CA SER H 579 -82.24 -29.44 -21.27
C SER H 579 -81.69 -29.44 -19.85
N SER H 580 -81.50 -30.63 -19.28
CA SER H 580 -81.00 -30.73 -17.92
C SER H 580 -79.67 -31.47 -17.82
N LEU H 581 -79.22 -31.65 -16.59
CA LEU H 581 -77.96 -32.32 -16.29
C LEU H 581 -77.91 -32.51 -14.78
N GLU H 582 -77.54 -33.70 -14.34
CA GLU H 582 -77.49 -33.92 -12.91
C GLU H 582 -76.53 -35.04 -12.58
N ILE H 583 -75.34 -34.66 -12.09
CA ILE H 583 -74.29 -35.61 -11.72
C ILE H 583 -74.07 -35.63 -10.22
N ASN H 584 -73.74 -36.81 -9.70
CA ASN H 584 -73.47 -36.96 -8.28
C ASN H 584 -71.97 -36.65 -8.14
N ILE H 585 -71.63 -35.47 -7.65
CA ILE H 585 -70.23 -35.11 -7.52
C ILE H 585 -69.48 -35.88 -6.44
N GLY H 586 -70.20 -36.72 -5.70
CA GLY H 586 -69.56 -37.49 -4.65
C GLY H 586 -68.31 -38.25 -5.08
N PRO H 587 -68.45 -39.18 -6.04
CA PRO H 587 -67.33 -39.98 -6.54
C PRO H 587 -66.13 -39.20 -7.07
N PHE H 588 -66.31 -37.92 -7.36
CA PHE H 588 -65.23 -37.12 -7.92
C PHE H 588 -64.23 -36.58 -6.92
N LEU H 589 -64.50 -36.76 -5.63
CA LEU H 589 -63.58 -36.25 -4.63
C LEU H 589 -62.19 -36.82 -4.77
N LYS I 187 23.12 -49.66 -4.29
CA LYS I 187 22.42 -48.50 -4.92
C LYS I 187 23.25 -47.21 -4.84
N GLN I 188 24.16 -47.02 -5.80
CA GLN I 188 25.00 -45.83 -5.86
C GLN I 188 24.28 -44.78 -6.70
N GLU I 189 23.41 -44.01 -6.02
CA GLU I 189 22.59 -42.99 -6.66
C GLU I 189 23.26 -42.01 -7.61
N THR I 190 22.44 -41.52 -8.53
CA THR I 190 22.84 -40.56 -9.55
C THR I 190 23.67 -39.43 -8.94
N GLU I 191 23.02 -38.37 -8.48
CA GLU I 191 23.72 -37.24 -7.88
C GLU I 191 22.96 -36.82 -6.63
N LEU I 192 22.94 -35.51 -6.37
CA LEU I 192 22.21 -35.00 -5.22
C LEU I 192 20.88 -34.45 -5.71
N SER I 193 19.78 -35.03 -5.24
CA SER I 193 18.47 -34.55 -5.64
C SER I 193 18.08 -33.40 -4.70
N PRO I 194 16.99 -32.68 -5.01
CA PRO I 194 16.60 -31.57 -4.14
C PRO I 194 16.20 -32.04 -2.74
N GLU I 195 15.21 -32.93 -2.65
CA GLU I 195 14.76 -33.42 -1.34
C GLU I 195 15.83 -34.24 -0.60
N MET I 196 16.83 -34.73 -1.33
CA MET I 196 17.92 -35.51 -0.74
C MET I 196 18.85 -34.55 -0.03
N ILE I 197 18.73 -33.28 -0.39
CA ILE I 197 19.54 -32.22 0.19
C ILE I 197 18.86 -31.80 1.47
N SER I 198 17.53 -31.84 1.45
CA SER I 198 16.68 -31.45 2.58
C SER I 198 16.63 -32.44 3.73
N SER I 199 17.00 -33.69 3.48
CA SER I 199 16.97 -34.72 4.51
C SER I 199 18.35 -35.04 5.09
N GLY I 200 19.33 -35.20 4.21
CA GLY I 200 20.68 -35.52 4.66
C GLY I 200 21.07 -36.92 4.19
N SER I 201 20.13 -37.54 3.50
CA SER I 201 20.30 -38.88 2.97
C SER I 201 21.41 -38.98 1.97
N TRP I 202 22.31 -38.00 1.98
CA TRP I 202 23.45 -38.03 1.07
C TRP I 202 24.62 -38.61 1.86
N ARG I 203 24.47 -38.64 3.19
CA ARG I 203 25.51 -39.16 4.07
C ARG I 203 25.49 -40.70 4.16
N ASP I 204 24.85 -41.33 3.17
CA ASP I 204 24.75 -42.78 3.13
C ASP I 204 24.99 -43.31 1.72
N ARG I 205 23.94 -43.30 0.91
CA ARG I 205 24.02 -43.77 -0.47
C ARG I 205 25.21 -43.22 -1.24
N PRO I 206 26.18 -44.08 -1.60
CA PRO I 206 27.38 -43.66 -2.35
C PRO I 206 27.03 -43.34 -3.80
N PHE I 207 27.93 -42.64 -4.49
CA PHE I 207 27.67 -42.24 -5.87
C PHE I 207 28.78 -42.71 -6.80
N LYS I 208 28.48 -42.77 -8.10
CA LYS I 208 29.45 -43.18 -9.13
C LYS I 208 30.36 -41.98 -9.43
N PRO I 209 31.61 -42.00 -8.93
CA PRO I 209 32.56 -40.90 -9.16
C PRO I 209 32.62 -40.35 -10.57
N TYR I 210 33.49 -39.37 -10.79
CA TYR I 210 33.62 -38.74 -12.10
C TYR I 210 34.95 -39.11 -12.80
N ASN I 211 34.86 -39.40 -14.09
CA ASN I 211 36.02 -39.76 -14.89
C ASN I 211 36.72 -38.49 -15.33
N PHE I 212 37.75 -38.08 -14.60
CA PHE I 212 38.45 -36.86 -14.95
C PHE I 212 39.33 -36.96 -16.19
N LEU I 213 40.11 -35.90 -16.43
CA LEU I 213 41.00 -35.78 -17.60
C LEU I 213 40.30 -36.46 -18.78
N ALA I 214 39.02 -36.13 -18.91
CA ALA I 214 38.15 -36.67 -19.95
C ALA I 214 37.08 -35.64 -20.26
N HIS I 215 37.25 -34.91 -21.37
CA HIS I 215 36.31 -33.88 -21.77
C HIS I 215 34.89 -34.15 -21.27
N GLY I 216 34.26 -33.12 -20.71
CA GLY I 216 32.91 -33.23 -20.21
C GLY I 216 31.97 -32.66 -21.26
N VAL I 217 30.67 -32.69 -21.01
CA VAL I 217 29.70 -32.17 -21.97
C VAL I 217 29.80 -30.66 -22.08
N LEU I 218 30.21 -30.14 -23.22
CA LEU I 218 30.31 -28.70 -23.33
C LEU I 218 28.97 -28.17 -23.84
N PRO I 219 28.63 -26.93 -23.45
CA PRO I 219 27.40 -26.20 -23.76
C PRO I 219 27.11 -26.06 -25.24
N ASP I 220 25.85 -25.76 -25.57
CA ASP I 220 25.41 -25.57 -26.96
C ASP I 220 25.57 -24.10 -27.35
N SER I 221 26.77 -23.58 -27.10
CA SER I 221 27.13 -22.20 -27.38
C SER I 221 26.83 -21.74 -28.83
N GLY I 222 26.24 -20.55 -29.00
CA GLY I 222 26.01 -20.03 -30.34
C GLY I 222 27.41 -19.73 -30.92
N HIS I 223 27.53 -19.37 -32.20
CA HIS I 223 28.86 -19.13 -32.76
C HIS I 223 28.96 -17.99 -33.77
N LEU I 224 30.11 -17.31 -33.79
CA LEU I 224 30.35 -16.24 -34.74
C LEU I 224 31.41 -16.70 -35.73
N HIS I 225 31.18 -16.44 -37.01
CA HIS I 225 32.10 -16.88 -38.05
C HIS I 225 33.51 -16.29 -37.94
N PRO I 226 34.54 -17.15 -37.94
CA PRO I 226 35.95 -16.79 -37.83
C PRO I 226 36.41 -15.59 -38.66
N LEU I 227 35.98 -15.55 -39.92
CA LEU I 227 36.39 -14.47 -40.79
C LEU I 227 35.82 -13.16 -40.29
N LEU I 228 34.61 -13.20 -39.77
CA LEU I 228 33.97 -11.99 -39.27
C LEU I 228 34.46 -11.62 -37.89
N LYS I 229 34.94 -12.62 -37.16
CA LYS I 229 35.47 -12.41 -35.84
C LYS I 229 36.71 -11.57 -36.08
N VAL I 230 37.32 -11.79 -37.24
CA VAL I 230 38.51 -11.05 -37.59
C VAL I 230 38.11 -9.71 -38.15
N ARG I 231 37.07 -9.67 -38.98
CA ARG I 231 36.62 -8.39 -39.52
C ARG I 231 36.38 -7.45 -38.35
N SER I 232 35.78 -8.01 -37.29
CA SER I 232 35.50 -7.23 -36.09
C SER I 232 36.78 -6.63 -35.58
N GLN I 233 37.78 -7.46 -35.33
CA GLN I 233 39.06 -6.97 -34.83
C GLN I 233 39.68 -5.85 -35.69
N PHE I 234 39.58 -5.97 -37.01
CA PHE I 234 40.12 -4.93 -37.89
C PHE I 234 39.32 -3.65 -37.66
N ARG I 235 38.00 -3.78 -37.74
CA ARG I 235 37.10 -2.66 -37.55
C ARG I 235 37.50 -1.89 -36.31
N GLN I 236 37.83 -2.61 -35.26
CA GLN I 236 38.24 -1.99 -34.00
C GLN I 236 39.54 -1.24 -34.16
N ILE I 237 40.57 -1.91 -34.69
CA ILE I 237 41.87 -1.28 -34.91
C ILE I 237 41.65 0.08 -35.57
N PHE I 238 40.80 0.13 -36.61
CA PHE I 238 40.54 1.36 -37.31
C PHE I 238 39.92 2.41 -36.40
N LEU I 239 38.96 2.01 -35.58
CA LEU I 239 38.35 2.96 -34.68
C LEU I 239 39.34 3.47 -33.68
N GLU I 240 40.16 2.58 -33.12
CA GLU I 240 41.14 3.00 -32.13
C GLU I 240 42.14 3.98 -32.75
N MET I 241 42.28 3.94 -34.07
CA MET I 241 43.21 4.81 -34.77
C MET I 241 42.49 6.03 -35.31
N GLY I 242 41.37 6.36 -34.71
CA GLY I 242 40.65 7.54 -35.14
C GLY I 242 39.96 7.54 -36.49
N PHE I 243 39.84 6.38 -37.12
CA PHE I 243 39.18 6.33 -38.41
C PHE I 243 37.66 6.16 -38.36
N THR I 244 36.96 6.92 -39.19
CA THR I 244 35.51 6.84 -39.29
C THR I 244 35.15 5.78 -40.34
N GLU I 245 34.08 5.03 -40.09
CA GLU I 245 33.62 3.98 -40.99
C GLU I 245 32.73 4.52 -42.09
N MET I 246 33.18 4.41 -43.33
CA MET I 246 32.41 4.88 -44.48
C MET I 246 31.51 3.73 -44.94
N PRO I 247 30.30 4.04 -45.41
CA PRO I 247 29.30 3.09 -45.90
C PRO I 247 29.69 2.40 -47.19
N THR I 248 29.19 1.19 -47.40
CA THR I 248 29.52 0.47 -48.63
C THR I 248 28.32 -0.25 -49.22
N ASP I 249 27.12 0.21 -48.86
CA ASP I 249 25.88 -0.39 -49.35
C ASP I 249 25.68 -0.25 -50.87
N ASN I 250 26.43 -1.04 -51.64
CA ASN I 250 26.32 -0.98 -53.09
C ASN I 250 27.18 -2.04 -53.76
N PHE I 251 26.70 -3.28 -53.85
CA PHE I 251 27.48 -4.31 -54.51
C PHE I 251 27.62 -4.01 -55.98
N ILE I 252 26.73 -3.16 -56.47
CA ILE I 252 26.72 -2.80 -57.87
C ILE I 252 27.16 -1.35 -58.07
N GLU I 253 28.31 -1.18 -58.72
CA GLU I 253 28.86 0.14 -58.97
C GLU I 253 28.90 0.43 -60.46
N SER I 254 28.72 1.71 -60.81
CA SER I 254 28.80 2.11 -62.20
C SER I 254 30.31 2.18 -62.56
N SER I 255 30.65 1.75 -63.77
CA SER I 255 32.04 1.76 -64.23
C SER I 255 32.72 3.10 -63.94
N PHE I 256 31.97 4.19 -64.03
CA PHE I 256 32.51 5.51 -63.77
C PHE I 256 33.18 5.60 -62.39
N TRP I 257 32.41 5.34 -61.32
CA TRP I 257 32.94 5.38 -59.95
C TRP I 257 33.93 4.27 -59.64
N ASN I 258 33.77 3.10 -60.22
CA ASN I 258 34.71 2.05 -59.93
C ASN I 258 36.05 2.29 -60.65
N PHE I 259 36.02 3.06 -61.73
CA PHE I 259 37.23 3.32 -62.52
C PHE I 259 37.56 4.77 -62.94
N ASP I 260 36.80 5.28 -63.90
CA ASP I 260 37.01 6.62 -64.43
C ASP I 260 37.37 7.66 -63.39
N ALA I 261 36.63 7.70 -62.29
CA ALA I 261 36.88 8.69 -61.24
C ALA I 261 38.20 8.50 -60.54
N LEU I 262 38.68 7.26 -60.49
CA LEU I 262 39.95 6.94 -59.84
C LEU I 262 41.07 7.11 -60.85
N PHE I 263 40.78 7.81 -61.93
CA PHE I 263 41.75 8.06 -63.00
C PHE I 263 42.38 6.80 -63.60
N GLN I 264 41.59 5.75 -63.74
CA GLN I 264 42.07 4.51 -64.32
C GLN I 264 41.50 4.55 -65.75
N PRO I 265 42.35 4.83 -66.76
CA PRO I 265 41.96 4.90 -68.18
C PRO I 265 40.99 3.80 -68.57
N GLN I 266 40.12 4.10 -69.53
CA GLN I 266 39.10 3.11 -69.96
C GLN I 266 39.67 1.99 -70.79
N GLN I 267 40.76 2.29 -71.48
CA GLN I 267 41.43 1.27 -72.28
C GLN I 267 42.44 0.58 -71.34
N HIS I 268 41.96 0.17 -70.17
CA HIS I 268 42.78 -0.50 -69.15
C HIS I 268 42.45 -1.98 -69.09
N PRO I 269 43.49 -2.84 -68.94
CA PRO I 269 43.35 -4.30 -68.86
C PRO I 269 42.37 -4.80 -67.81
N ALA I 270 42.21 -4.04 -66.73
CA ALA I 270 41.31 -4.42 -65.65
C ALA I 270 39.84 -4.25 -66.04
N ARG I 271 39.57 -3.43 -67.04
CA ARG I 271 38.20 -3.20 -67.49
C ARG I 271 37.76 -4.23 -68.52
N ASP I 272 38.60 -5.22 -68.81
CA ASP I 272 38.21 -6.23 -69.79
C ASP I 272 37.07 -7.01 -69.16
N GLN I 273 36.07 -7.33 -69.96
CA GLN I 273 34.91 -8.07 -69.47
C GLN I 273 35.33 -9.47 -69.04
N HIS I 274 36.64 -9.66 -68.82
CA HIS I 274 37.20 -10.95 -68.40
C HIS I 274 37.95 -10.86 -67.06
N ASP I 275 37.90 -9.69 -66.43
CA ASP I 275 38.52 -9.46 -65.14
C ASP I 275 37.45 -8.91 -64.24
N THR I 276 36.50 -8.22 -64.85
CA THR I 276 35.41 -7.56 -64.14
C THR I 276 34.02 -8.08 -64.53
N PHE I 277 33.12 -8.15 -63.56
CA PHE I 277 31.74 -8.60 -63.78
C PHE I 277 30.84 -7.52 -64.29
N PHE I 278 30.82 -7.23 -65.58
CA PHE I 278 29.90 -6.22 -66.04
C PHE I 278 28.57 -6.87 -65.89
N LEU I 279 27.54 -6.11 -65.57
CA LEU I 279 26.27 -6.78 -65.42
C LEU I 279 25.31 -6.60 -66.59
N ARG I 280 24.53 -7.65 -66.83
CA ARG I 280 23.58 -7.67 -67.90
C ARG I 280 22.35 -6.80 -67.73
N ASP I 281 21.80 -6.73 -66.51
CA ASP I 281 20.58 -5.93 -66.35
C ASP I 281 20.63 -4.42 -66.08
N PRO I 282 20.73 -3.96 -64.81
CA PRO I 282 20.77 -2.49 -64.71
C PRO I 282 22.03 -1.97 -65.38
N ALA I 283 22.58 -2.80 -66.26
CA ALA I 283 23.80 -2.55 -67.04
C ALA I 283 24.05 -1.07 -67.42
N GLU I 284 23.02 -0.24 -67.33
CA GLU I 284 23.15 1.17 -67.62
C GLU I 284 22.91 1.94 -66.32
N ALA I 285 23.91 2.66 -65.83
CA ALA I 285 23.72 3.44 -64.62
C ALA I 285 22.64 4.48 -64.95
N LEU I 286 21.92 4.94 -63.94
CA LEU I 286 20.85 5.92 -64.14
C LEU I 286 21.17 7.28 -63.56
N GLN I 287 22.44 7.57 -63.32
CA GLN I 287 22.78 8.88 -62.77
C GLN I 287 24.28 8.98 -62.56
N LEU I 288 24.77 10.22 -62.67
CA LEU I 288 26.17 10.52 -62.50
C LEU I 288 26.19 12.00 -62.28
N PRO I 289 27.27 12.49 -61.65
CA PRO I 289 27.42 13.91 -61.38
C PRO I 289 28.01 14.56 -62.64
N MET I 290 27.32 14.37 -63.77
CA MET I 290 27.77 14.88 -65.06
C MET I 290 28.82 15.98 -64.99
N ASP I 291 28.68 16.91 -64.04
CA ASP I 291 29.68 17.97 -63.92
C ASP I 291 31.02 17.31 -63.62
N TYR I 292 31.07 16.59 -62.50
CA TYR I 292 32.28 15.89 -62.10
C TYR I 292 32.72 15.00 -63.26
N VAL I 293 31.77 14.28 -63.86
CA VAL I 293 32.05 13.41 -65.00
C VAL I 293 32.70 14.20 -66.13
N GLN I 294 32.26 15.43 -66.32
CA GLN I 294 32.82 16.25 -67.39
C GLN I 294 34.28 16.53 -67.08
N ARG I 295 34.56 16.99 -65.86
CA ARG I 295 35.93 17.27 -65.46
C ARG I 295 36.82 16.04 -65.55
N VAL I 296 36.24 14.85 -65.36
CA VAL I 296 37.00 13.62 -65.47
C VAL I 296 37.27 13.41 -66.97
N LYS I 297 36.21 13.25 -67.75
CA LYS I 297 36.32 13.05 -69.20
C LYS I 297 37.45 13.92 -69.72
N ARG I 298 37.41 15.19 -69.31
CA ARG I 298 38.40 16.17 -69.71
C ARG I 298 39.81 15.73 -69.40
N THR I 299 40.20 15.95 -68.16
CA THR I 299 41.55 15.60 -67.70
C THR I 299 41.97 14.20 -68.09
N HIS I 300 41.01 13.32 -68.28
CA HIS I 300 41.27 11.94 -68.67
C HIS I 300 41.89 11.87 -70.05
N SER I 301 41.35 12.68 -70.98
CA SER I 301 41.83 12.65 -72.35
C SER I 301 42.75 13.78 -72.75
N GLN I 302 42.43 15.00 -72.33
CA GLN I 302 43.26 16.16 -72.66
C GLN I 302 44.24 16.55 -71.57
N GLY I 303 43.96 16.15 -70.34
CA GLY I 303 44.85 16.48 -69.25
C GLY I 303 44.38 17.69 -68.47
N GLY I 304 45.26 18.23 -67.64
CA GLY I 304 44.93 19.38 -66.83
C GLY I 304 45.36 19.16 -65.40
N TYR I 305 45.14 20.14 -64.54
CA TYR I 305 45.52 20.01 -63.13
C TYR I 305 47.01 19.69 -63.02
N GLY I 306 47.73 19.91 -64.10
CA GLY I 306 49.17 19.66 -64.14
C GLY I 306 49.58 18.42 -64.90
N SER I 307 48.62 17.56 -65.24
CA SER I 307 48.92 16.33 -65.94
C SER I 307 48.66 16.44 -67.42
N GLN I 308 49.11 15.44 -68.16
CA GLN I 308 48.93 15.42 -69.59
C GLN I 308 48.01 14.29 -69.99
N GLY I 309 47.00 14.03 -69.14
CA GLY I 309 46.05 12.97 -69.40
C GLY I 309 46.61 11.70 -70.04
N TYR I 310 45.72 10.86 -70.55
CA TYR I 310 46.14 9.64 -71.19
C TYR I 310 46.07 9.82 -72.69
N LYS I 311 45.68 11.03 -73.09
CA LYS I 311 45.59 11.41 -74.50
C LYS I 311 44.83 10.38 -75.33
N TYR I 312 43.65 9.97 -74.86
CA TYR I 312 42.84 9.02 -75.60
C TYR I 312 41.41 9.54 -75.62
N ASN I 313 40.53 8.90 -76.38
CA ASN I 313 39.17 9.40 -76.41
C ASN I 313 38.28 8.72 -75.39
N TRP I 314 37.83 9.52 -74.44
CA TRP I 314 37.00 9.06 -73.34
C TRP I 314 35.54 8.88 -73.76
N LYS I 315 35.08 7.63 -73.83
CA LYS I 315 33.70 7.35 -74.21
C LYS I 315 32.82 7.25 -72.96
N LEU I 316 31.79 8.09 -72.90
CA LEU I 316 30.85 8.11 -71.78
C LEU I 316 30.01 6.83 -71.71
N ASP I 317 29.60 6.30 -72.87
CA ASP I 317 28.80 5.06 -72.91
C ASP I 317 29.49 3.93 -72.16
N GLU I 318 30.82 4.02 -72.09
CA GLU I 318 31.63 3.02 -71.41
C GLU I 318 31.45 3.17 -69.90
N ALA I 319 31.70 4.37 -69.39
CA ALA I 319 31.55 4.63 -67.96
C ALA I 319 30.15 4.28 -67.46
N ARG I 320 29.14 4.37 -68.32
CA ARG I 320 27.76 4.06 -67.93
C ARG I 320 27.58 2.57 -67.58
N LYS I 321 28.47 1.72 -68.08
CA LYS I 321 28.40 0.27 -67.83
C LYS I 321 28.43 -0.10 -66.35
N ASN I 322 27.37 -0.76 -65.88
CA ASN I 322 27.30 -1.19 -64.48
C ASN I 322 28.07 -2.49 -64.27
N LEU I 323 28.53 -2.70 -63.05
CA LEU I 323 29.31 -3.90 -62.75
C LEU I 323 29.28 -4.24 -61.26
N LEU I 324 30.03 -5.25 -60.87
CA LEU I 324 30.10 -5.63 -59.48
C LEU I 324 31.38 -5.09 -58.92
N ARG I 325 31.26 -4.11 -58.04
CA ARG I 325 32.40 -3.46 -57.39
C ARG I 325 33.60 -4.40 -57.33
N THR I 326 34.68 -4.03 -58.02
CA THR I 326 35.88 -4.86 -58.06
C THR I 326 36.85 -4.59 -56.90
N HIS I 327 36.72 -3.44 -56.28
CA HIS I 327 37.55 -3.08 -55.14
C HIS I 327 36.90 -1.96 -54.34
N THR I 328 37.15 -1.94 -53.02
CA THR I 328 36.56 -0.92 -52.14
C THR I 328 37.07 0.48 -52.45
N THR I 329 38.13 0.58 -53.25
CA THR I 329 38.68 1.89 -53.60
C THR I 329 37.61 2.80 -54.22
N SER I 330 36.66 2.21 -54.93
CA SER I 330 35.60 2.99 -55.54
C SER I 330 34.83 3.69 -54.41
N ALA I 331 34.58 2.96 -53.32
CA ALA I 331 33.86 3.51 -52.16
C ALA I 331 34.56 4.74 -51.64
N SER I 332 35.89 4.69 -51.64
CA SER I 332 36.68 5.82 -51.19
C SER I 332 36.51 6.98 -52.16
N ALA I 333 36.46 6.68 -53.45
CA ALA I 333 36.29 7.71 -54.46
C ALA I 333 35.03 8.47 -54.10
N ARG I 334 33.96 7.71 -53.87
CA ARG I 334 32.68 8.31 -53.51
C ARG I 334 32.94 9.22 -52.33
N ALA I 335 33.35 8.60 -51.21
CA ALA I 335 33.63 9.29 -49.95
C ALA I 335 34.41 10.60 -50.14
N LEU I 336 35.51 10.53 -50.87
CA LEU I 336 36.33 11.71 -51.09
C LEU I 336 35.58 12.77 -51.89
N TYR I 337 34.85 12.35 -52.92
CA TYR I 337 34.10 13.32 -53.72
C TYR I 337 33.15 14.04 -52.80
N ARG I 338 32.41 13.29 -52.00
CA ARG I 338 31.46 13.89 -51.07
C ARG I 338 32.22 14.91 -50.23
N LEU I 339 33.34 14.48 -49.66
CA LEU I 339 34.17 15.35 -48.82
C LEU I 339 34.57 16.64 -49.53
N ALA I 340 34.93 16.51 -50.81
CA ALA I 340 35.35 17.64 -51.59
C ALA I 340 34.29 18.73 -51.67
N GLN I 341 33.03 18.38 -51.42
CA GLN I 341 31.94 19.35 -51.50
C GLN I 341 31.69 20.12 -50.19
N LYS I 342 32.32 19.71 -49.08
CA LYS I 342 32.11 20.38 -47.80
C LYS I 342 32.54 21.84 -47.83
N LYS I 343 31.68 22.72 -47.30
CA LYS I 343 31.92 24.17 -47.26
C LYS I 343 33.44 24.37 -47.15
N PRO I 344 34.01 24.29 -45.93
CA PRO I 344 35.47 24.46 -45.91
C PRO I 344 36.03 23.03 -45.79
N PHE I 345 37.21 22.79 -46.34
CA PHE I 345 37.75 21.45 -46.25
C PHE I 345 38.06 21.10 -44.81
N THR I 346 37.90 19.83 -44.49
CA THR I 346 38.19 19.36 -43.15
C THR I 346 38.84 17.99 -43.23
N PRO I 347 40.07 17.87 -42.71
CA PRO I 347 40.80 16.62 -42.72
C PRO I 347 39.99 15.46 -42.13
N VAL I 348 40.25 14.25 -42.62
CA VAL I 348 39.51 13.08 -42.16
C VAL I 348 40.33 11.80 -42.21
N LYS I 349 39.72 10.72 -41.73
CA LYS I 349 40.32 9.39 -41.76
C LYS I 349 39.17 8.43 -41.95
N TYR I 350 39.09 7.83 -43.13
CA TYR I 350 38.01 6.88 -43.43
C TYR I 350 38.55 5.46 -43.54
N PHE I 351 37.66 4.48 -43.38
CA PHE I 351 38.04 3.09 -43.50
C PHE I 351 36.77 2.35 -43.82
N SER I 352 36.89 1.15 -44.38
CA SER I 352 35.74 0.34 -44.73
C SER I 352 36.15 -1.07 -45.06
N ILE I 353 35.39 -2.04 -44.58
CA ILE I 353 35.68 -3.44 -44.85
C ILE I 353 34.51 -4.07 -45.55
N ASP I 354 34.59 -4.22 -46.85
CA ASP I 354 33.48 -4.84 -47.51
C ASP I 354 33.96 -5.91 -48.47
N ARG I 355 33.05 -6.56 -49.17
CA ARG I 355 33.48 -7.58 -50.11
C ARG I 355 33.50 -6.99 -51.50
N VAL I 356 34.36 -7.54 -52.35
CA VAL I 356 34.46 -7.06 -53.71
C VAL I 356 34.18 -8.25 -54.63
N PHE I 357 34.17 -8.03 -55.94
CA PHE I 357 33.91 -9.14 -56.85
C PHE I 357 34.85 -9.31 -58.03
N ARG I 358 35.56 -10.43 -58.05
CA ARG I 358 36.51 -10.76 -59.12
C ARG I 358 35.90 -11.73 -60.15
N ASN I 359 36.76 -12.29 -60.99
CA ASN I 359 36.33 -13.22 -62.04
C ASN I 359 37.47 -14.14 -62.48
N GLU I 360 37.40 -15.41 -62.06
CA GLU I 360 38.40 -16.42 -62.42
C GLU I 360 38.11 -17.81 -61.85
N THR I 361 37.00 -18.37 -62.31
CA THR I 361 36.48 -19.71 -61.95
C THR I 361 36.75 -20.20 -60.51
N LEU I 362 36.46 -21.49 -60.27
CA LEU I 362 36.64 -22.11 -58.95
C LEU I 362 38.01 -22.78 -58.71
N ASP I 363 38.90 -22.08 -58.01
CA ASP I 363 40.22 -22.59 -57.68
C ASP I 363 40.56 -22.13 -56.27
N ALA I 364 41.26 -22.96 -55.52
CA ALA I 364 41.63 -22.59 -54.15
C ALA I 364 42.48 -21.35 -54.18
N THR I 365 42.57 -20.70 -53.02
CA THR I 365 43.33 -19.47 -52.83
C THR I 365 42.67 -18.28 -53.54
N HIS I 366 41.86 -18.56 -54.56
CA HIS I 366 41.17 -17.52 -55.32
C HIS I 366 39.64 -17.69 -55.42
N LEU I 367 38.93 -16.85 -54.66
CA LEU I 367 37.48 -16.87 -54.58
C LEU I 367 36.76 -15.88 -55.51
N ALA I 368 35.59 -16.31 -55.96
CA ALA I 368 34.75 -15.49 -56.84
C ALA I 368 34.74 -14.06 -56.28
N GLU I 369 34.53 -14.00 -54.97
CA GLU I 369 34.43 -12.76 -54.19
C GLU I 369 35.18 -12.87 -52.85
N PHE I 370 35.65 -11.73 -52.33
CA PHE I 370 36.36 -11.72 -51.06
C PHE I 370 36.24 -10.39 -50.33
N HIS I 371 36.71 -10.38 -49.10
CA HIS I 371 36.65 -9.19 -48.28
C HIS I 371 37.91 -8.37 -48.31
N GLN I 372 37.75 -7.11 -48.67
CA GLN I 372 38.86 -6.19 -48.77
C GLN I 372 38.66 -5.01 -47.83
N ILE I 373 39.67 -4.74 -47.00
CA ILE I 373 39.60 -3.62 -46.07
C ILE I 373 40.48 -2.50 -46.62
N GLU I 374 40.01 -1.27 -46.49
CA GLU I 374 40.75 -0.11 -46.98
C GLU I 374 40.72 1.06 -46.00
N GLY I 375 41.87 1.71 -45.83
CA GLY I 375 41.97 2.84 -44.94
C GLY I 375 42.46 4.03 -45.73
N VAL I 376 41.91 5.21 -45.45
CA VAL I 376 42.31 6.41 -46.17
C VAL I 376 42.41 7.62 -45.24
N VAL I 377 43.47 8.42 -45.42
CA VAL I 377 43.72 9.63 -44.63
C VAL I 377 43.87 10.82 -45.56
N ALA I 378 43.12 11.88 -45.30
CA ALA I 378 43.16 13.07 -46.13
C ALA I 378 43.44 14.31 -45.30
N ASP I 379 44.62 14.89 -45.46
CA ASP I 379 44.98 16.08 -44.70
C ASP I 379 45.86 16.99 -45.55
N HIS I 380 46.48 17.96 -44.90
CA HIS I 380 47.36 18.89 -45.59
C HIS I 380 48.80 18.45 -45.46
N GLY I 381 49.48 18.35 -46.59
CA GLY I 381 50.88 17.96 -46.59
C GLY I 381 51.27 16.61 -46.01
N LEU I 382 50.52 15.57 -46.38
CA LEU I 382 50.83 14.23 -45.95
C LEU I 382 51.97 13.76 -46.83
N THR I 383 52.94 13.06 -46.24
CA THR I 383 54.08 12.58 -47.00
C THR I 383 54.08 11.09 -47.08
N LEU I 384 54.89 10.56 -47.98
CA LEU I 384 55.01 9.12 -48.12
C LEU I 384 55.37 8.55 -46.75
N GLY I 385 56.14 9.33 -45.99
CA GLY I 385 56.56 8.92 -44.66
C GLY I 385 55.36 8.74 -43.76
N HIS I 386 54.39 9.63 -43.90
CA HIS I 386 53.18 9.54 -43.10
C HIS I 386 52.47 8.23 -43.42
N LEU I 387 52.33 7.97 -44.71
CA LEU I 387 51.69 6.74 -45.17
C LEU I 387 52.42 5.59 -44.46
N MET I 388 53.75 5.64 -44.46
CA MET I 388 54.56 4.63 -43.80
C MET I 388 54.30 4.59 -42.30
N GLY I 389 54.34 5.75 -41.68
CA GLY I 389 54.10 5.82 -40.25
C GLY I 389 52.77 5.21 -39.84
N VAL I 390 51.71 5.60 -40.53
CA VAL I 390 50.38 5.08 -40.23
C VAL I 390 50.42 3.57 -40.40
N LEU I 391 50.97 3.11 -41.52
CA LEU I 391 51.05 1.68 -41.76
C LEU I 391 51.74 0.96 -40.63
N ARG I 392 52.82 1.53 -40.10
CA ARG I 392 53.51 0.86 -39.01
C ARG I 392 52.59 0.73 -37.81
N GLU I 393 51.90 1.82 -37.48
CA GLU I 393 51.00 1.80 -36.32
C GLU I 393 49.91 0.78 -36.52
N PHE I 394 49.36 0.74 -37.72
CA PHE I 394 48.30 -0.21 -38.04
C PHE I 394 48.75 -1.64 -37.90
N PHE I 395 49.80 -2.03 -38.62
CA PHE I 395 50.27 -3.41 -38.54
C PHE I 395 50.83 -3.81 -37.18
N THR I 396 50.96 -2.85 -36.27
CA THR I 396 51.46 -3.16 -34.95
C THR I 396 50.31 -3.64 -34.11
N LYS I 397 49.15 -3.03 -34.30
CA LYS I 397 47.97 -3.43 -33.55
C LYS I 397 47.52 -4.74 -34.14
N LEU I 398 48.27 -5.23 -35.10
CA LEU I 398 47.95 -6.49 -35.74
C LEU I 398 49.03 -7.47 -35.35
N GLY I 399 49.99 -6.96 -34.57
CA GLY I 399 51.08 -7.79 -34.11
C GLY I 399 52.10 -8.09 -35.18
N ILE I 400 52.68 -7.04 -35.77
CA ILE I 400 53.70 -7.22 -36.80
C ILE I 400 54.73 -6.10 -36.72
N THR I 401 56.01 -6.46 -36.71
CA THR I 401 57.05 -5.44 -36.63
C THR I 401 58.03 -5.52 -37.78
N GLN I 402 58.19 -6.70 -38.34
CA GLN I 402 59.10 -6.86 -39.45
C GLN I 402 58.46 -6.16 -40.65
N LEU I 403 58.61 -4.83 -40.73
CA LEU I 403 58.03 -4.10 -41.87
C LEU I 403 59.06 -3.51 -42.84
N ARG I 404 58.90 -3.83 -44.12
CA ARG I 404 59.78 -3.31 -45.16
C ARG I 404 58.93 -2.90 -46.36
N PHE I 405 59.14 -1.67 -46.84
CA PHE I 405 58.38 -1.15 -47.97
C PHE I 405 59.05 -1.32 -49.32
N LYS I 406 58.24 -1.47 -50.35
CA LYS I 406 58.74 -1.68 -51.71
C LYS I 406 57.97 -0.87 -52.70
N PRO I 407 58.67 -0.30 -53.70
CA PRO I 407 57.97 0.50 -54.69
C PRO I 407 57.00 -0.39 -55.47
N ALA I 408 55.92 0.22 -55.97
CA ALA I 408 54.93 -0.52 -56.72
C ALA I 408 54.15 0.37 -57.68
N TYR I 409 53.11 -0.19 -58.27
CA TYR I 409 52.31 0.56 -59.21
C TYR I 409 50.82 0.37 -59.06
N ASN I 410 50.12 1.49 -59.05
CA ASN I 410 48.67 1.55 -58.96
C ASN I 410 48.32 2.73 -59.83
N PRO I 411 47.38 2.55 -60.75
CA PRO I 411 46.96 3.61 -61.66
C PRO I 411 46.59 4.88 -60.94
N TYR I 412 46.05 4.74 -59.74
CA TYR I 412 45.60 5.88 -58.95
C TYR I 412 46.43 6.36 -57.75
N THR I 413 47.76 6.32 -57.82
CA THR I 413 48.59 6.78 -56.71
C THR I 413 49.91 7.36 -57.23
N GLU I 414 50.27 8.58 -56.77
CA GLU I 414 51.52 9.20 -57.25
C GLU I 414 52.56 8.16 -56.89
N PRO I 415 53.01 8.11 -55.61
CA PRO I 415 54.00 7.06 -55.34
C PRO I 415 53.10 5.95 -54.81
N SER I 416 53.54 4.71 -54.95
CA SER I 416 52.74 3.59 -54.47
C SER I 416 53.73 2.61 -53.86
N MET I 417 53.35 1.94 -52.80
CA MET I 417 54.27 1.01 -52.20
C MET I 417 53.51 -0.15 -51.60
N GLU I 418 54.13 -1.31 -51.60
CA GLU I 418 53.52 -2.48 -51.02
C GLU I 418 54.33 -2.70 -49.77
N VAL I 419 53.69 -3.15 -48.69
CA VAL I 419 54.37 -3.39 -47.43
C VAL I 419 54.54 -4.90 -47.26
N PHE I 420 55.70 -5.32 -46.79
CA PHE I 420 56.00 -6.75 -46.59
C PHE I 420 56.51 -6.94 -45.18
N SER I 421 56.26 -8.13 -44.63
CA SER I 421 56.70 -8.52 -43.29
C SER I 421 57.37 -9.86 -43.35
N TYR I 422 58.29 -10.10 -42.41
CA TYR I 422 58.99 -11.37 -42.36
C TYR I 422 58.11 -12.41 -41.66
N HIS I 423 58.06 -13.63 -42.21
CA HIS I 423 57.28 -14.71 -41.59
C HIS I 423 58.24 -15.85 -41.26
N GLN I 424 58.77 -15.85 -40.03
CA GLN I 424 59.71 -16.88 -39.59
C GLN I 424 59.19 -18.27 -39.90
N GLY I 425 57.87 -18.35 -40.10
CA GLY I 425 57.23 -19.61 -40.44
C GLY I 425 57.16 -19.74 -41.95
N LEU I 426 58.32 -19.62 -42.59
CA LEU I 426 58.49 -19.72 -44.04
C LEU I 426 59.79 -18.98 -44.36
N LYS I 427 60.35 -18.40 -43.30
CA LYS I 427 61.60 -17.65 -43.36
C LYS I 427 61.80 -16.96 -44.72
N LYS I 428 60.88 -16.03 -44.98
CA LYS I 428 60.85 -15.21 -46.20
C LYS I 428 59.87 -14.05 -45.97
N TRP I 429 60.08 -12.93 -46.66
CA TRP I 429 59.18 -11.80 -46.52
C TRP I 429 57.87 -12.12 -47.22
N VAL I 430 56.92 -11.20 -47.17
CA VAL I 430 55.66 -11.46 -47.81
C VAL I 430 54.77 -10.20 -47.82
N GLU I 431 54.15 -9.92 -48.97
CA GLU I 431 53.28 -8.75 -49.12
C GLU I 431 52.18 -8.82 -48.10
N VAL I 432 52.08 -7.79 -47.26
CA VAL I 432 51.07 -7.71 -46.21
C VAL I 432 49.97 -6.71 -46.56
N GLY I 433 50.28 -5.84 -47.50
CA GLY I 433 49.34 -4.84 -47.93
C GLY I 433 49.93 -3.93 -49.00
N ASN I 434 49.05 -3.36 -49.82
CA ASN I 434 49.42 -2.46 -50.90
C ASN I 434 48.87 -1.06 -50.55
N SER I 435 49.61 0.00 -50.89
CA SER I 435 49.16 1.36 -50.58
C SER I 435 49.75 2.34 -51.56
N GLY I 436 49.29 3.59 -51.47
CA GLY I 436 49.77 4.62 -52.37
C GLY I 436 49.39 6.02 -51.91
N VAL I 437 49.34 6.96 -52.84
CA VAL I 437 48.99 8.34 -52.53
C VAL I 437 48.16 8.96 -53.64
N PHE I 438 46.90 8.58 -53.76
CA PHE I 438 46.03 9.10 -54.82
C PHE I 438 46.59 10.23 -55.68
N ARG I 439 46.62 10.01 -57.00
CA ARG I 439 47.14 11.02 -57.93
C ARG I 439 46.24 12.23 -57.92
N PRO I 440 46.80 13.39 -58.22
CA PRO I 440 45.98 14.58 -58.24
C PRO I 440 44.98 14.58 -59.38
N GLU I 441 45.30 13.88 -60.47
CA GLU I 441 44.35 13.83 -61.57
C GLU I 441 43.11 13.02 -61.17
N MET I 442 43.14 12.45 -59.95
CA MET I 442 42.00 11.69 -59.43
C MET I 442 41.24 12.60 -58.49
N LEU I 443 42.01 13.24 -57.63
CA LEU I 443 41.50 14.12 -56.61
C LEU I 443 41.05 15.50 -57.07
N LEU I 444 41.95 16.24 -57.72
CA LEU I 444 41.63 17.60 -58.17
C LEU I 444 40.33 17.76 -58.92
N PRO I 445 40.02 16.83 -59.84
CA PRO I 445 38.75 16.96 -60.57
C PRO I 445 37.54 16.75 -59.64
N MET I 446 37.73 16.12 -58.48
CA MET I 446 36.62 15.92 -57.55
C MET I 446 36.31 17.25 -56.90
N GLY I 447 37.28 18.14 -56.90
CA GLY I 447 37.06 19.44 -56.31
C GLY I 447 37.83 19.66 -55.03
N LEU I 448 38.65 18.69 -54.65
CA LEU I 448 39.43 18.86 -53.44
C LEU I 448 40.45 19.94 -53.71
N PRO I 449 40.89 20.62 -52.65
CA PRO I 449 41.88 21.69 -52.77
C PRO I 449 43.26 21.14 -53.13
N GLU I 450 44.07 21.96 -53.78
CA GLU I 450 45.40 21.54 -54.19
C GLU I 450 46.34 21.36 -53.01
N ASN I 451 46.04 22.01 -51.89
CA ASN I 451 46.91 21.90 -50.72
C ASN I 451 46.61 20.66 -49.90
N VAL I 452 45.54 19.95 -50.29
CA VAL I 452 45.17 18.72 -49.62
C VAL I 452 45.71 17.52 -50.39
N SER I 453 46.20 16.53 -49.66
CA SER I 453 46.70 15.33 -50.29
C SER I 453 46.14 14.16 -49.48
N VAL I 454 45.78 13.06 -50.13
CA VAL I 454 45.26 11.93 -49.40
C VAL I 454 46.03 10.65 -49.71
N ILE I 455 46.35 9.91 -48.66
CA ILE I 455 47.09 8.66 -48.76
C ILE I 455 46.13 7.55 -48.38
N ALA I 456 46.39 6.33 -48.86
CA ALA I 456 45.52 5.19 -48.56
C ALA I 456 46.23 3.86 -48.67
N TRP I 457 45.65 2.82 -48.06
CA TRP I 457 46.27 1.50 -48.09
C TRP I 457 45.20 0.46 -47.96
N GLY I 458 45.50 -0.78 -48.32
CA GLY I 458 44.51 -1.84 -48.24
C GLY I 458 45.00 -3.27 -48.31
N LEU I 459 44.16 -4.20 -47.88
CA LEU I 459 44.51 -5.60 -47.89
C LEU I 459 43.25 -6.43 -47.82
N SER I 460 43.40 -7.75 -47.87
CA SER I 460 42.25 -8.64 -47.85
C SER I 460 42.07 -9.28 -46.48
N LEU I 461 40.81 -9.38 -46.06
CA LEU I 461 40.44 -9.97 -44.79
C LEU I 461 40.82 -11.45 -44.77
N GLU I 462 40.83 -12.08 -45.95
CA GLU I 462 41.14 -13.49 -46.13
C GLU I 462 42.59 -13.86 -45.82
N ARG I 463 43.55 -13.31 -46.59
CA ARG I 463 44.99 -13.59 -46.40
C ARG I 463 45.41 -13.73 -44.93
N PRO I 464 45.20 -12.67 -44.13
CA PRO I 464 45.58 -12.71 -42.72
C PRO I 464 44.88 -13.81 -41.93
N THR I 465 43.69 -14.19 -42.36
CA THR I 465 42.98 -15.28 -41.69
C THR I 465 43.53 -16.58 -42.27
N MET I 466 44.05 -16.51 -43.49
CA MET I 466 44.62 -17.67 -44.14
C MET I 466 45.90 -18.08 -43.45
N ILE I 467 46.23 -17.41 -42.35
CA ILE I 467 47.46 -17.72 -41.65
C ILE I 467 47.33 -17.75 -40.13
N LYS I 468 46.45 -16.90 -39.57
CA LYS I 468 46.19 -16.90 -38.12
C LYS I 468 45.15 -17.99 -37.79
N TYR I 469 45.18 -19.03 -38.63
CA TYR I 469 44.36 -20.24 -38.57
C TYR I 469 45.13 -21.18 -39.51
N GLY I 470 46.03 -20.58 -40.29
CA GLY I 470 46.84 -21.31 -41.24
C GLY I 470 46.04 -22.21 -42.17
N ILE I 471 44.74 -21.92 -42.31
CA ILE I 471 43.84 -22.69 -43.16
C ILE I 471 44.29 -22.92 -44.61
N ASN I 472 44.15 -24.15 -45.09
CA ASN I 472 44.57 -24.47 -46.45
C ASN I 472 43.49 -24.34 -47.52
N ASN I 473 42.24 -24.61 -47.19
CA ASN I 473 41.15 -24.50 -48.17
C ASN I 473 40.25 -23.30 -47.94
N ILE I 474 40.52 -22.20 -48.63
CA ILE I 474 39.69 -21.03 -48.43
C ILE I 474 38.21 -21.31 -48.55
N ARG I 475 37.84 -22.29 -49.37
CA ARG I 475 36.42 -22.62 -49.56
C ARG I 475 35.90 -23.35 -48.30
N GLU I 476 36.86 -23.64 -47.41
CA GLU I 476 36.63 -24.33 -46.13
C GLU I 476 35.98 -23.38 -45.12
N LEU I 477 36.34 -22.10 -45.17
CA LEU I 477 35.74 -21.14 -44.26
C LEU I 477 34.98 -20.00 -44.96
N VAL I 478 35.10 -19.86 -46.27
CA VAL I 478 34.32 -18.83 -46.94
C VAL I 478 33.36 -19.53 -47.88
N GLY I 479 32.07 -19.27 -47.70
CA GLY I 479 31.08 -19.90 -48.57
C GLY I 479 30.31 -21.07 -48.00
N HIS I 480 29.28 -21.53 -48.70
CA HIS I 480 28.48 -22.61 -48.17
C HIS I 480 29.19 -23.90 -47.82
N LYS I 481 30.23 -24.24 -48.57
CA LYS I 481 30.99 -25.47 -48.33
C LYS I 481 31.76 -25.44 -47.01
N VAL I 482 31.57 -24.37 -46.24
CA VAL I 482 32.25 -24.23 -44.94
C VAL I 482 32.04 -25.39 -43.98
N ASN I 483 33.12 -25.80 -43.32
CA ASN I 483 33.06 -26.90 -42.37
C ASN I 483 32.60 -26.36 -41.03
N LEU I 484 31.28 -26.29 -40.81
CA LEU I 484 30.74 -25.77 -39.56
C LEU I 484 31.45 -26.23 -38.30
N GLN I 485 31.90 -27.48 -38.26
CA GLN I 485 32.59 -27.96 -37.06
C GLN I 485 33.80 -27.10 -36.76
N MET I 486 34.45 -26.60 -37.80
CA MET I 486 35.61 -25.75 -37.62
C MET I 486 35.20 -24.44 -36.99
N VAL I 487 34.00 -23.99 -37.32
CA VAL I 487 33.46 -22.75 -36.77
C VAL I 487 33.17 -22.91 -35.29
N TYR I 488 32.47 -23.98 -34.94
CA TYR I 488 32.14 -24.24 -33.56
C TYR I 488 33.38 -24.15 -32.67
N ASP I 489 34.50 -24.67 -33.19
CA ASP I 489 35.75 -24.71 -32.45
C ASP I 489 36.64 -23.47 -32.56
N SER I 490 36.40 -22.60 -33.54
CA SER I 490 37.23 -21.40 -33.72
C SER I 490 37.26 -20.59 -32.41
N PRO I 491 38.48 -20.33 -31.87
CA PRO I 491 38.73 -19.61 -30.63
C PRO I 491 38.66 -18.09 -30.67
N LEU I 492 38.85 -17.50 -29.49
CA LEU I 492 38.82 -16.05 -29.31
C LEU I 492 39.87 -15.42 -30.19
N CYS I 493 39.44 -14.44 -30.98
CA CYS I 493 40.32 -13.75 -31.91
C CYS I 493 41.28 -12.73 -31.27
N ARG I 494 42.31 -13.24 -30.61
CA ARG I 494 43.33 -12.41 -29.97
C ARG I 494 44.70 -13.05 -30.23
N LEU I 495 44.69 -14.28 -30.76
CA LEU I 495 45.92 -14.98 -31.13
C LEU I 495 45.99 -14.66 -32.63
N ASP I 496 45.35 -13.54 -32.94
CA ASP I 496 45.26 -12.94 -34.28
C ASP I 496 45.71 -11.50 -34.05
N ALA I 497 46.11 -11.25 -32.80
CA ALA I 497 46.63 -9.99 -32.28
C ALA I 497 47.64 -10.45 -31.22
N GLU I 498 48.24 -11.60 -31.51
CA GLU I 498 49.23 -12.28 -30.67
C GLU I 498 49.70 -13.49 -31.49
N PRO I 499 50.46 -13.24 -32.59
CA PRO I 499 50.98 -14.26 -33.50
C PRO I 499 50.73 -15.74 -33.15
N MET J 1 49.65 -7.21 -65.22
CA MET J 1 51.02 -7.50 -64.71
C MET J 1 51.94 -8.10 -65.79
N PRO J 2 52.58 -7.24 -66.62
CA PRO J 2 53.48 -7.73 -67.67
C PRO J 2 54.65 -8.51 -67.12
N THR J 3 54.84 -9.73 -67.64
CA THR J 3 55.95 -10.57 -67.20
C THR J 3 56.95 -10.66 -68.33
N VAL J 4 58.23 -10.72 -67.99
CA VAL J 4 59.27 -10.80 -68.99
C VAL J 4 60.27 -11.91 -68.69
N SER J 5 60.34 -12.92 -69.56
CA SER J 5 61.27 -14.05 -69.37
C SER J 5 62.60 -13.72 -69.99
N VAL J 6 63.68 -14.04 -69.28
CA VAL J 6 65.02 -13.75 -69.80
C VAL J 6 65.99 -14.84 -69.45
N LYS J 7 66.86 -15.18 -70.40
CA LYS J 7 67.88 -16.19 -70.17
C LYS J 7 68.80 -15.66 -69.05
N ARG J 8 68.75 -16.30 -67.89
CA ARG J 8 69.55 -15.87 -66.74
C ARG J 8 71.00 -15.53 -67.08
N ASP J 9 71.78 -16.57 -67.38
CA ASP J 9 73.20 -16.42 -67.73
C ASP J 9 73.40 -15.21 -68.66
N LEU J 10 72.44 -15.00 -69.55
CA LEU J 10 72.50 -13.90 -70.51
C LEU J 10 72.26 -12.60 -69.77
N LEU J 11 71.21 -12.56 -68.97
CA LEU J 11 70.85 -11.39 -68.19
C LEU J 11 72.08 -10.94 -67.41
N PHE J 12 72.65 -11.85 -66.63
CA PHE J 12 73.84 -11.56 -65.82
C PHE J 12 74.97 -11.05 -66.71
N GLN J 13 75.24 -11.77 -67.79
CA GLN J 13 76.29 -11.36 -68.69
C GLN J 13 76.00 -9.95 -69.19
N ALA J 14 74.75 -9.70 -69.54
CA ALA J 14 74.31 -8.40 -70.03
C ALA J 14 74.65 -7.30 -69.04
N LEU J 15 74.40 -7.56 -67.76
CA LEU J 15 74.66 -6.59 -66.72
C LEU J 15 76.15 -6.41 -66.49
N GLY J 16 76.85 -7.53 -66.31
CA GLY J 16 78.28 -7.47 -66.05
C GLY J 16 78.60 -7.93 -64.65
N ARG J 17 77.77 -8.85 -64.16
CA ARG J 17 77.90 -9.44 -62.83
C ARG J 17 77.13 -10.74 -62.70
N THR J 18 77.34 -11.43 -61.59
CA THR J 18 76.66 -12.68 -61.33
C THR J 18 75.86 -12.46 -60.04
N TYR J 19 74.58 -12.82 -60.05
CA TYR J 19 73.73 -12.63 -58.88
C TYR J 19 73.15 -13.88 -58.24
N THR J 20 73.06 -13.84 -56.91
CA THR J 20 72.49 -14.93 -56.13
C THR J 20 71.00 -14.89 -56.47
N ASP J 21 70.29 -15.98 -56.27
CA ASP J 21 68.86 -15.95 -56.56
C ASP J 21 68.19 -15.04 -55.53
N GLU J 22 68.98 -14.56 -54.58
CA GLU J 22 68.49 -13.65 -53.56
C GLU J 22 68.95 -12.27 -53.98
N GLU J 23 70.24 -12.15 -54.27
CA GLU J 23 70.83 -10.88 -54.66
C GLU J 23 69.99 -10.20 -55.74
N PHE J 24 69.49 -10.97 -56.69
CA PHE J 24 68.67 -10.42 -57.78
C PHE J 24 67.24 -10.21 -57.32
N ASP J 25 66.70 -11.18 -56.58
CA ASP J 25 65.34 -11.04 -56.10
C ASP J 25 65.30 -9.74 -55.33
N GLU J 26 66.44 -9.37 -54.75
CA GLU J 26 66.56 -8.14 -53.96
C GLU J 26 66.57 -6.93 -54.88
N LEU J 27 67.50 -6.93 -55.82
CA LEU J 27 67.62 -5.86 -56.79
C LEU J 27 66.24 -5.59 -57.40
N CYS J 28 65.48 -6.64 -57.70
CA CYS J 28 64.13 -6.50 -58.26
C CYS J 28 63.28 -5.67 -57.34
N PHE J 29 63.17 -6.12 -56.09
CA PHE J 29 62.39 -5.45 -55.04
C PHE J 29 62.77 -3.98 -54.99
N GLU J 30 64.06 -3.76 -54.91
CA GLU J 30 64.66 -2.44 -54.82
C GLU J 30 64.25 -1.50 -55.97
N PHE J 31 63.83 -2.07 -57.09
CA PHE J 31 63.46 -1.29 -58.27
C PHE J 31 61.99 -1.41 -58.66
N GLY J 32 61.16 -1.93 -57.77
CA GLY J 32 59.74 -2.05 -58.06
C GLY J 32 59.37 -3.25 -58.89
N LEU J 33 60.34 -4.10 -59.16
CA LEU J 33 60.12 -5.31 -59.94
C LEU J 33 59.88 -6.49 -59.00
N GLU J 34 59.63 -7.66 -59.56
CA GLU J 34 59.40 -8.84 -58.75
C GLU J 34 59.85 -10.03 -59.55
N LEU J 35 60.67 -10.88 -58.94
CA LEU J 35 61.16 -12.09 -59.60
C LEU J 35 60.13 -13.19 -59.36
N ASP J 36 59.04 -13.14 -60.12
CA ASP J 36 57.93 -14.08 -60.01
C ASP J 36 58.29 -15.55 -59.84
N GLU J 37 59.10 -16.09 -60.75
CA GLU J 37 59.50 -17.49 -60.67
C GLU J 37 60.75 -17.80 -61.48
N ILE J 38 61.36 -18.94 -61.19
CA ILE J 38 62.55 -19.38 -61.91
C ILE J 38 62.37 -20.82 -62.36
N THR J 39 62.20 -21.02 -63.65
CA THR J 39 62.02 -22.37 -64.16
C THR J 39 63.01 -22.63 -65.29
N SER J 40 62.81 -23.74 -65.99
CA SER J 40 63.66 -24.14 -67.11
C SER J 40 62.77 -24.14 -68.34
N GLU J 41 63.36 -24.42 -69.50
CA GLU J 41 62.55 -24.47 -70.71
C GLU J 41 61.64 -25.69 -70.65
N LYS J 42 62.20 -26.83 -70.24
CA LYS J 42 61.41 -28.06 -70.16
C LYS J 42 60.51 -28.08 -68.92
N GLU J 43 60.93 -27.41 -67.85
CA GLU J 43 60.10 -27.38 -66.65
C GLU J 43 58.78 -26.76 -67.06
N ILE J 44 58.85 -25.82 -67.99
CA ILE J 44 57.68 -25.12 -68.50
C ILE J 44 56.71 -26.11 -69.12
N ILE J 45 57.23 -27.01 -69.95
CA ILE J 45 56.40 -27.98 -70.65
C ILE J 45 56.11 -29.25 -69.85
N SER J 46 56.42 -29.22 -68.55
CA SER J 46 56.17 -30.35 -67.66
C SER J 46 54.76 -30.19 -67.10
N LYS J 47 54.09 -29.13 -67.54
CA LYS J 47 52.74 -28.83 -67.11
C LYS J 47 51.85 -28.42 -68.30
N GLU J 48 52.46 -28.04 -69.42
CA GLU J 48 51.67 -27.64 -70.60
C GLU J 48 51.32 -28.79 -71.54
N GLN J 49 51.90 -29.96 -71.29
CA GLN J 49 51.66 -31.15 -72.11
C GLN J 49 51.73 -32.44 -71.27
N GLY J 50 52.69 -32.50 -70.36
CA GLY J 50 52.82 -33.69 -69.52
C GLY J 50 54.24 -33.98 -69.09
N ASN J 51 55.03 -34.55 -69.99
CA ASN J 51 56.43 -34.87 -69.71
C ASN J 51 57.20 -35.20 -70.99
N VAL J 52 56.65 -34.76 -72.13
CA VAL J 52 57.28 -34.97 -73.44
C VAL J 52 58.28 -33.81 -73.65
N LYS J 53 59.37 -33.88 -72.88
CA LYS J 53 60.43 -32.87 -72.86
C LYS J 53 61.45 -32.80 -74.01
N ALA J 54 62.62 -32.27 -73.67
CA ALA J 54 63.75 -32.10 -74.60
C ALA J 54 65.00 -31.77 -73.77
N ALA J 55 65.96 -32.70 -73.78
CA ALA J 55 67.21 -32.53 -73.03
C ALA J 55 68.39 -32.15 -73.94
N GLY J 56 68.99 -31.00 -73.68
CA GLY J 56 70.12 -30.51 -74.46
C GLY J 56 70.38 -29.03 -74.23
N ALA J 57 70.17 -28.21 -75.25
CA ALA J 57 70.36 -26.75 -75.13
C ALA J 57 69.00 -26.01 -75.14
N SER J 58 68.05 -26.54 -74.36
CA SER J 58 66.70 -25.98 -74.18
C SER J 58 66.20 -26.42 -72.80
N ASP J 59 67.06 -26.21 -71.82
CA ASP J 59 66.80 -26.56 -70.44
C ASP J 59 67.69 -25.65 -69.58
N VAL J 60 67.69 -24.36 -69.93
CA VAL J 60 68.49 -23.38 -69.19
C VAL J 60 67.57 -22.68 -68.24
N VAL J 61 68.15 -22.08 -67.21
CA VAL J 61 67.36 -21.37 -66.23
C VAL J 61 67.11 -19.93 -66.64
N LEU J 62 65.83 -19.57 -66.75
CA LEU J 62 65.50 -18.21 -67.09
C LEU J 62 64.63 -17.60 -65.97
N TYR J 63 64.76 -16.29 -65.76
CA TYR J 63 64.00 -15.60 -64.74
C TYR J 63 62.70 -15.08 -65.34
N LYS J 64 61.63 -15.24 -64.58
CA LYS J 64 60.32 -14.79 -64.99
C LYS J 64 60.12 -13.49 -64.19
N ILE J 65 60.48 -12.36 -64.77
CA ILE J 65 60.38 -11.06 -64.11
C ILE J 65 59.08 -10.30 -64.34
N ASP J 66 58.50 -9.78 -63.26
CA ASP J 66 57.26 -9.03 -63.35
C ASP J 66 57.58 -7.56 -63.42
N VAL J 67 56.93 -6.84 -64.32
CA VAL J 67 57.19 -5.43 -64.49
C VAL J 67 55.90 -4.61 -64.49
N PRO J 68 55.95 -3.38 -63.97
CA PRO J 68 54.79 -2.47 -63.88
C PRO J 68 54.17 -2.12 -65.23
N ALA J 69 52.86 -2.32 -65.37
CA ALA J 69 52.19 -2.00 -66.64
C ALA J 69 52.32 -0.52 -66.99
N ASN J 70 53.14 0.17 -66.22
CA ASN J 70 53.36 1.61 -66.37
C ASN J 70 54.58 1.84 -67.25
N ARG J 71 55.71 1.27 -66.81
CA ARG J 71 56.97 1.41 -67.50
C ARG J 71 57.03 0.51 -68.76
N TYR J 72 57.07 1.12 -69.95
CA TYR J 72 57.12 0.37 -71.20
C TYR J 72 58.54 0.04 -71.60
N ASP J 73 59.47 0.85 -71.14
CA ASP J 73 60.88 0.65 -71.45
C ASP J 73 61.43 -0.55 -70.70
N LEU J 74 60.56 -1.40 -70.18
CA LEU J 74 60.99 -2.57 -69.42
C LEU J 74 60.29 -3.85 -69.87
N LEU J 75 60.03 -3.96 -71.16
CA LEU J 75 59.34 -5.14 -71.64
C LEU J 75 60.24 -6.12 -72.36
N CYS J 76 61.53 -5.87 -72.30
CA CYS J 76 62.50 -6.71 -72.96
C CYS J 76 63.77 -6.71 -72.14
N LEU J 77 64.66 -7.67 -72.39
CA LEU J 77 65.90 -7.71 -71.63
C LEU J 77 66.72 -6.47 -71.86
N GLU J 78 66.79 -6.03 -73.12
CA GLU J 78 67.57 -4.84 -73.42
C GLU J 78 67.15 -3.69 -72.51
N GLY J 79 65.85 -3.59 -72.26
CA GLY J 79 65.31 -2.52 -71.43
C GLY J 79 65.56 -2.68 -69.94
N LEU J 80 65.28 -3.86 -69.41
CA LEU J 80 65.50 -4.12 -67.97
C LEU J 80 66.97 -3.91 -67.64
N VAL J 81 67.84 -4.40 -68.49
CA VAL J 81 69.26 -4.27 -68.26
C VAL J 81 69.68 -2.82 -68.30
N ARG J 82 69.12 -2.04 -69.23
CA ARG J 82 69.44 -0.62 -69.34
C ARG J 82 68.91 0.13 -68.11
N GLY J 83 67.67 -0.14 -67.76
CA GLY J 83 67.09 0.50 -66.60
C GLY J 83 67.86 0.22 -65.32
N LEU J 84 68.00 -1.06 -64.97
CA LEU J 84 68.70 -1.44 -63.74
C LEU J 84 70.13 -0.94 -63.73
N GLN J 85 70.75 -0.93 -64.90
CA GLN J 85 72.14 -0.51 -65.04
C GLN J 85 72.30 0.95 -64.62
N VAL J 86 71.41 1.82 -65.07
CA VAL J 86 71.51 3.23 -64.70
C VAL J 86 71.08 3.44 -63.25
N PHE J 87 70.09 2.66 -62.82
CA PHE J 87 69.57 2.76 -61.49
C PHE J 87 70.65 2.55 -60.45
N LYS J 88 71.62 1.70 -60.76
CA LYS J 88 72.73 1.41 -59.85
C LYS J 88 73.95 2.16 -60.30
N GLU J 89 73.73 3.23 -61.08
CA GLU J 89 74.80 4.05 -61.61
C GLU J 89 76.04 3.27 -62.07
N ARG J 90 75.80 2.10 -62.65
CA ARG J 90 76.86 1.24 -63.17
C ARG J 90 77.10 1.63 -64.62
N ILE J 91 76.29 2.54 -65.14
CA ILE J 91 76.42 2.98 -66.52
C ILE J 91 75.76 4.34 -66.69
N LYS J 92 76.23 5.14 -67.64
CA LYS J 92 75.60 6.43 -67.87
C LYS J 92 74.42 6.13 -68.80
N ALA J 93 73.32 6.85 -68.61
CA ALA J 93 72.14 6.65 -69.45
C ALA J 93 72.43 7.13 -70.88
N PRO J 94 72.15 6.29 -71.88
CA PRO J 94 72.37 6.58 -73.29
C PRO J 94 71.41 7.59 -73.85
N VAL J 95 71.86 8.33 -74.88
CA VAL J 95 71.02 9.33 -75.52
C VAL J 95 70.53 8.85 -76.88
N TYR J 96 69.25 9.05 -77.16
CA TYR J 96 68.69 8.61 -78.42
C TYR J 96 68.49 9.77 -79.36
N LYS J 97 69.27 9.78 -80.44
CA LYS J 97 69.18 10.85 -81.44
C LYS J 97 68.71 10.24 -82.74
N ARG J 98 67.86 10.95 -83.48
CA ARG J 98 67.41 10.42 -84.77
C ARG J 98 68.19 11.20 -85.81
N VAL J 99 68.75 10.49 -86.77
CA VAL J 99 69.56 11.11 -87.81
C VAL J 99 68.97 11.04 -89.21
N MET J 100 69.50 11.88 -90.09
CA MET J 100 69.06 11.91 -91.48
C MET J 100 69.94 10.91 -92.24
N PRO J 101 69.34 10.17 -93.17
CA PRO J 101 70.11 9.18 -93.94
C PRO J 101 70.78 9.82 -95.15
N ASP J 102 71.44 8.98 -95.96
CA ASP J 102 72.12 9.47 -97.15
C ASP J 102 71.19 9.39 -98.35
N GLY J 103 70.32 10.39 -98.48
CA GLY J 103 69.38 10.44 -99.59
C GLY J 103 68.17 9.53 -99.46
N LYS J 104 68.40 8.29 -99.04
CA LYS J 104 67.33 7.31 -98.87
C LYS J 104 66.34 7.74 -97.78
N ILE J 105 65.77 8.94 -97.92
CA ILE J 105 64.82 9.45 -96.92
C ILE J 105 63.50 8.69 -97.02
N GLN J 106 63.54 7.39 -96.72
CA GLN J 106 62.36 6.53 -96.77
C GLN J 106 61.12 7.34 -96.45
N LYS J 107 60.02 7.09 -97.15
CA LYS J 107 58.79 7.82 -96.85
C LYS J 107 57.57 6.93 -97.03
N LEU J 108 56.60 7.15 -96.15
CA LEU J 108 55.37 6.39 -96.14
C LEU J 108 54.23 7.41 -96.27
N ILE J 109 53.39 7.22 -97.28
CA ILE J 109 52.27 8.14 -97.53
C ILE J 109 50.92 7.59 -97.10
N ILE J 110 50.18 8.42 -96.38
CA ILE J 110 48.86 8.06 -95.91
C ILE J 110 47.85 8.66 -96.89
N THR J 111 46.78 7.94 -97.17
CA THR J 111 45.77 8.42 -98.10
C THR J 111 44.46 8.71 -97.40
N GLU J 112 43.46 9.11 -98.18
CA GLU J 112 42.13 9.42 -97.66
C GLU J 112 41.36 8.18 -97.22
N GLU J 113 41.47 7.10 -98.00
CA GLU J 113 40.77 5.86 -97.69
C GLU J 113 41.16 5.35 -96.30
N THR J 114 42.16 6.00 -95.72
CA THR J 114 42.69 5.66 -94.42
C THR J 114 41.78 6.11 -93.28
N ALA J 115 41.76 7.42 -93.06
CA ALA J 115 40.97 8.05 -92.01
C ALA J 115 39.52 7.60 -91.96
N LYS J 116 39.29 6.47 -91.30
CA LYS J 116 37.96 5.88 -91.12
C LYS J 116 38.04 4.41 -90.78
N ILE J 117 39.26 3.87 -90.73
CA ILE J 117 39.48 2.47 -90.37
C ILE J 117 40.69 2.39 -89.42
N ARG J 118 41.70 3.21 -89.72
CA ARG J 118 42.94 3.32 -88.95
C ARG J 118 43.49 4.69 -89.34
N PRO J 119 42.77 5.76 -88.94
CA PRO J 119 43.09 7.17 -89.20
C PRO J 119 44.55 7.51 -89.52
N PHE J 120 45.44 7.23 -88.58
CA PHE J 120 46.87 7.55 -88.75
C PHE J 120 47.82 6.40 -88.51
N ALA J 121 49.03 6.62 -88.98
CA ALA J 121 50.10 5.65 -88.84
C ALA J 121 51.41 6.43 -88.87
N VAL J 122 52.46 5.81 -88.39
CA VAL J 122 53.77 6.42 -88.33
C VAL J 122 54.84 5.35 -88.47
N ALA J 123 56.01 5.74 -88.98
CA ALA J 123 57.09 4.78 -89.15
C ALA J 123 58.46 5.41 -89.01
N ALA J 124 59.48 4.57 -89.20
CA ALA J 124 60.89 4.97 -89.13
C ALA J 124 61.77 3.75 -89.33
N VAL J 125 63.05 3.97 -89.62
CA VAL J 125 63.97 2.84 -89.83
C VAL J 125 65.22 2.92 -88.98
N LEU J 126 65.83 1.76 -88.72
CA LEU J 126 67.06 1.71 -87.94
C LEU J 126 68.08 0.92 -88.74
N ARG J 127 69.14 1.62 -89.13
CA ARG J 127 70.23 1.10 -89.97
C ARG J 127 71.22 0.11 -89.39
N ASN J 128 71.45 -0.95 -90.16
CA ASN J 128 72.41 -2.00 -89.82
C ASN J 128 72.34 -2.56 -88.41
N ILE J 129 71.34 -3.36 -88.12
CA ILE J 129 71.24 -3.94 -86.80
C ILE J 129 72.02 -5.25 -86.78
N LYS J 130 72.86 -5.44 -85.78
CA LYS J 130 73.61 -6.67 -85.65
C LYS J 130 72.73 -7.61 -84.81
N PHE J 131 71.84 -8.35 -85.46
CA PHE J 131 70.95 -9.26 -84.71
C PHE J 131 71.62 -10.50 -84.15
N THR J 132 70.85 -11.31 -83.45
CA THR J 132 71.35 -12.51 -82.83
C THR J 132 70.23 -13.49 -82.55
N LYS J 133 70.57 -14.75 -82.36
CA LYS J 133 69.57 -15.77 -82.05
C LYS J 133 68.63 -15.15 -81.03
N ASP J 134 69.21 -14.70 -79.92
CA ASP J 134 68.48 -14.10 -78.82
C ASP J 134 67.97 -12.70 -79.14
N ARG J 135 68.88 -11.82 -79.51
CA ARG J 135 68.50 -10.45 -79.82
C ARG J 135 67.28 -10.43 -80.72
N TYR J 136 67.22 -11.39 -81.64
CA TYR J 136 66.08 -11.49 -82.56
C TYR J 136 64.82 -11.80 -81.77
N ASP J 137 64.82 -12.96 -81.13
CA ASP J 137 63.67 -13.37 -80.34
C ASP J 137 63.22 -12.27 -79.37
N SER J 138 64.18 -11.55 -78.79
CA SER J 138 63.87 -10.46 -77.88
C SER J 138 63.12 -9.38 -78.66
N PHE J 139 63.62 -9.07 -79.85
CA PHE J 139 63.00 -8.05 -80.68
C PHE J 139 61.59 -8.46 -81.07
N ILE J 140 61.38 -9.74 -81.33
CA ILE J 140 60.04 -10.20 -81.70
C ILE J 140 59.16 -10.22 -80.45
N GLU J 141 59.71 -10.68 -79.34
CA GLU J 141 58.99 -10.76 -78.08
C GLU J 141 58.43 -9.40 -77.69
N LEU J 142 59.30 -8.41 -77.60
CA LEU J 142 58.90 -7.06 -77.24
C LEU J 142 57.71 -6.64 -78.09
N GLN J 143 57.81 -6.96 -79.37
CA GLN J 143 56.76 -6.62 -80.33
C GLN J 143 55.43 -7.19 -79.85
N GLU J 144 55.45 -8.48 -79.51
CA GLU J 144 54.24 -9.15 -79.03
C GLU J 144 53.85 -8.57 -77.70
N LYS J 145 54.84 -8.44 -76.81
CA LYS J 145 54.61 -7.90 -75.48
C LYS J 145 53.80 -6.59 -75.47
N LEU J 146 54.27 -5.57 -76.17
CA LEU J 146 53.53 -4.31 -76.17
C LEU J 146 52.36 -4.27 -77.18
N HIS J 147 52.11 -5.40 -77.83
CA HIS J 147 51.00 -5.47 -78.77
C HIS J 147 49.76 -5.73 -77.96
N GLN J 148 49.59 -7.00 -77.57
CA GLN J 148 48.44 -7.42 -76.78
C GLN J 148 48.56 -6.94 -75.34
N ASN J 149 48.95 -5.68 -75.17
CA ASN J 149 49.09 -5.09 -73.86
C ASN J 149 48.81 -3.59 -73.92
N ILE J 150 49.84 -2.80 -74.22
CA ILE J 150 49.68 -1.35 -74.31
C ILE J 150 48.88 -0.91 -75.54
N CYS J 151 48.79 -1.78 -76.55
CA CYS J 151 48.03 -1.48 -77.77
C CYS J 151 46.64 -2.06 -77.67
N ARG J 152 46.38 -2.81 -76.60
CA ARG J 152 45.09 -3.46 -76.40
C ARG J 152 44.86 -4.41 -77.57
N LYS J 153 45.68 -5.45 -77.63
CA LYS J 153 45.60 -6.43 -78.70
C LYS J 153 45.50 -5.79 -80.09
N ARG J 154 46.44 -4.90 -80.38
CA ARG J 154 46.51 -4.22 -81.66
C ARG J 154 45.32 -3.31 -81.97
N ALA J 155 44.27 -3.42 -81.17
CA ALA J 155 43.09 -2.60 -81.38
C ALA J 155 43.41 -1.14 -81.73
N LEU J 156 44.19 -0.46 -80.89
CA LEU J 156 44.54 0.94 -81.12
C LEU J 156 45.77 1.07 -81.99
N VAL J 157 46.84 0.38 -81.61
CA VAL J 157 48.09 0.45 -82.36
C VAL J 157 48.55 -0.93 -82.81
N ALA J 158 49.09 -0.97 -84.03
CA ALA J 158 49.62 -2.21 -84.63
C ALA J 158 51.00 -1.90 -85.21
N ILE J 159 51.99 -2.70 -84.82
CA ILE J 159 53.36 -2.49 -85.29
C ILE J 159 53.85 -3.52 -86.28
N GLY J 160 54.51 -3.05 -87.33
CA GLY J 160 55.03 -3.93 -88.35
C GLY J 160 56.49 -3.64 -88.63
N THR J 161 57.33 -4.67 -88.54
CA THR J 161 58.76 -4.53 -88.79
C THR J 161 59.09 -5.20 -90.11
N HIS J 162 59.77 -4.48 -90.99
CA HIS J 162 60.10 -5.04 -92.29
C HIS J 162 61.58 -5.02 -92.63
N ASP J 163 61.98 -5.97 -93.47
CA ASP J 163 63.36 -6.10 -93.92
C ASP J 163 63.51 -5.20 -95.15
N LEU J 164 63.85 -3.94 -94.90
CA LEU J 164 63.99 -2.92 -95.96
C LEU J 164 64.82 -3.32 -97.19
N ASP J 165 65.65 -4.35 -97.06
CA ASP J 165 66.45 -4.77 -98.19
C ASP J 165 65.62 -5.58 -99.18
N THR J 166 64.39 -5.91 -98.81
CA THR J 166 63.50 -6.72 -99.67
C THR J 166 62.29 -5.95 -100.19
N LEU J 167 62.51 -4.71 -100.61
CA LEU J 167 61.48 -3.84 -101.16
C LEU J 167 62.07 -2.45 -101.23
N SER J 168 61.48 -1.57 -102.05
CA SER J 168 62.03 -0.21 -102.13
C SER J 168 61.05 0.82 -102.66
N GLY J 169 61.51 2.07 -102.75
CA GLY J 169 60.68 3.16 -103.23
C GLY J 169 59.58 3.51 -102.25
N PRO J 170 59.15 4.77 -102.21
CA PRO J 170 58.10 5.27 -101.32
C PRO J 170 56.96 4.29 -101.05
N PHE J 171 56.59 4.15 -99.78
CA PHE J 171 55.53 3.23 -99.37
C PHE J 171 54.19 3.96 -99.25
N THR J 172 53.10 3.22 -99.39
CA THR J 172 51.78 3.81 -99.30
C THR J 172 50.86 3.11 -98.30
N TYR J 173 50.17 3.91 -97.50
CA TYR J 173 49.24 3.40 -96.52
C TYR J 173 47.85 3.78 -96.97
N THR J 174 46.99 2.78 -97.19
CA THR J 174 45.63 3.04 -97.64
C THR J 174 44.69 1.86 -97.41
N ALA J 175 43.47 1.97 -97.92
CA ALA J 175 42.48 0.93 -97.75
C ALA J 175 41.64 0.67 -99.01
N LYS J 176 41.56 -0.60 -99.41
CA LYS J 176 40.80 -1.00 -100.58
C LYS J 176 39.80 -2.09 -100.17
N ARG J 177 38.89 -2.47 -101.08
CA ARG J 177 37.89 -3.49 -100.79
C ARG J 177 38.59 -4.79 -100.38
N PRO J 178 37.99 -5.57 -99.45
CA PRO J 178 38.63 -6.82 -99.03
C PRO J 178 39.04 -7.67 -100.23
N SER J 179 38.05 -8.05 -101.04
CA SER J 179 38.32 -8.84 -102.22
C SER J 179 38.91 -7.93 -103.30
N ASP J 180 40.09 -7.39 -103.03
CA ASP J 180 40.76 -6.51 -103.97
C ASP J 180 42.28 -6.41 -103.69
N ILE J 181 42.82 -7.45 -103.05
CA ILE J 181 44.26 -7.50 -102.75
C ILE J 181 44.82 -8.92 -102.56
N LYS J 182 45.68 -9.32 -103.51
CA LYS J 182 46.35 -10.62 -103.46
C LYS J 182 47.48 -10.42 -102.46
N PHE J 183 47.91 -11.49 -101.82
CA PHE J 183 48.93 -11.35 -100.78
C PHE J 183 49.62 -12.67 -100.45
N LYS J 184 50.87 -12.58 -99.99
CA LYS J 184 51.62 -13.78 -99.61
C LYS J 184 51.99 -13.58 -98.13
N PRO J 185 51.01 -13.82 -97.22
CA PRO J 185 51.14 -13.69 -95.77
C PRO J 185 52.20 -14.54 -95.05
N LEU J 186 52.72 -14.02 -93.95
CA LEU J 186 53.74 -14.69 -93.14
C LEU J 186 53.84 -16.19 -93.28
N ASN J 187 53.04 -16.93 -92.51
CA ASN J 187 53.08 -18.38 -92.56
C ASN J 187 51.96 -19.00 -93.38
N LYS J 188 51.91 -18.65 -94.66
CA LYS J 188 50.88 -19.20 -95.56
C LYS J 188 51.51 -19.71 -96.86
N THR J 189 51.14 -20.95 -97.20
CA THR J 189 51.64 -21.62 -98.39
C THR J 189 51.53 -20.81 -99.70
N LYS J 190 50.31 -20.56 -100.15
CA LYS J 190 50.07 -19.82 -101.41
C LYS J 190 50.05 -18.30 -101.29
N GLU J 191 49.11 -17.70 -102.00
CA GLU J 191 48.91 -16.26 -102.05
C GLU J 191 47.38 -16.02 -102.11
N TYR J 192 46.81 -15.47 -101.04
CA TYR J 192 45.37 -15.23 -100.98
C TYR J 192 44.89 -13.77 -101.05
N THR J 193 43.58 -13.59 -100.91
CA THR J 193 42.98 -12.26 -100.95
C THR J 193 42.63 -11.84 -99.55
N ALA J 194 42.39 -10.55 -99.36
CA ALA J 194 42.00 -10.07 -98.04
C ALA J 194 40.66 -10.73 -97.71
N CYS J 195 39.69 -10.55 -98.60
CA CYS J 195 38.36 -11.10 -98.44
C CYS J 195 38.45 -12.61 -98.22
N GLU J 196 39.58 -13.20 -98.58
CA GLU J 196 39.81 -14.63 -98.44
C GLU J 196 40.49 -15.05 -97.14
N LEU J 197 41.47 -14.27 -96.70
CA LEU J 197 42.18 -14.57 -95.47
C LEU J 197 41.27 -14.48 -94.25
N MET J 198 40.52 -13.38 -94.17
CA MET J 198 39.61 -13.13 -93.06
C MET J 198 38.92 -14.37 -92.50
N ASN J 199 38.32 -15.16 -93.38
CA ASN J 199 37.61 -16.36 -92.96
C ASN J 199 38.51 -17.59 -92.80
N ILE J 200 39.64 -17.59 -93.50
CA ILE J 200 40.53 -18.73 -93.40
C ILE J 200 41.27 -18.61 -92.08
N TYR J 201 41.11 -17.46 -91.44
CA TYR J 201 41.76 -17.16 -90.16
C TYR J 201 40.82 -17.37 -88.98
N LYS J 202 39.52 -17.36 -89.24
CA LYS J 202 38.54 -17.57 -88.17
C LYS J 202 38.83 -18.88 -87.45
N THR J 203 39.77 -19.63 -87.99
CA THR J 203 40.17 -20.91 -87.43
C THR J 203 41.58 -20.87 -86.83
N ASP J 204 42.29 -19.77 -87.06
CA ASP J 204 43.66 -19.59 -86.57
C ASP J 204 43.67 -19.25 -85.07
N ASN J 205 44.00 -20.24 -84.23
CA ASN J 205 44.05 -20.05 -82.78
C ASN J 205 44.61 -18.72 -82.29
N HIS J 206 45.67 -18.24 -82.95
CA HIS J 206 46.31 -17.00 -82.57
C HIS J 206 45.57 -15.75 -83.06
N LEU J 207 45.40 -15.62 -84.38
CA LEU J 207 44.73 -14.45 -84.95
C LEU J 207 43.22 -14.49 -84.84
N LYS J 208 42.67 -15.63 -84.43
CA LYS J 208 41.22 -15.81 -84.29
C LYS J 208 40.57 -14.60 -83.64
N HIS J 209 41.34 -13.89 -82.82
CA HIS J 209 40.86 -12.73 -82.09
C HIS J 209 40.99 -11.42 -82.86
N TYR J 210 42.22 -10.97 -83.00
CA TYR J 210 42.54 -9.72 -83.68
C TYR J 210 41.65 -9.29 -84.84
N LEU J 211 41.45 -10.18 -85.82
CA LEU J 211 40.67 -9.89 -87.03
C LEU J 211 39.32 -9.20 -86.85
N HIS J 212 38.24 -9.98 -86.85
CA HIS J 212 36.92 -9.41 -86.72
C HIS J 212 36.83 -8.38 -85.59
N ILE J 213 37.55 -8.62 -84.50
CA ILE J 213 37.50 -7.68 -83.38
C ILE J 213 37.94 -6.28 -83.82
N ILE J 214 38.39 -6.14 -85.06
CA ILE J 214 38.83 -4.83 -85.55
C ILE J 214 38.39 -4.50 -86.99
N GLU J 215 38.25 -5.52 -87.83
CA GLU J 215 37.85 -5.26 -89.22
C GLU J 215 36.69 -6.07 -89.79
N ASN J 216 35.92 -5.38 -90.62
CA ASN J 216 34.76 -5.92 -91.29
C ASN J 216 34.04 -4.67 -91.80
N LYS J 217 34.86 -3.68 -92.15
CA LYS J 217 34.41 -2.39 -92.66
C LYS J 217 34.48 -2.42 -94.19
N PRO J 218 34.10 -1.30 -94.86
CA PRO J 218 34.14 -1.23 -96.32
C PRO J 218 35.55 -1.20 -96.93
N LEU J 219 36.55 -0.98 -96.09
CA LEU J 219 37.92 -0.94 -96.55
C LEU J 219 38.84 -1.68 -95.60
N TYR J 220 40.02 -2.04 -96.08
CA TYR J 220 41.00 -2.75 -95.27
C TYR J 220 42.35 -2.03 -95.38
N PRO J 221 43.03 -1.80 -94.25
CA PRO J 221 44.32 -1.13 -94.35
C PRO J 221 45.34 -2.00 -95.08
N VAL J 222 46.20 -1.35 -95.85
CA VAL J 222 47.25 -2.04 -96.60
C VAL J 222 48.42 -1.08 -96.84
N ILE J 223 49.62 -1.66 -96.97
CA ILE J 223 50.79 -0.83 -97.20
C ILE J 223 51.57 -1.35 -98.40
N TYR J 224 51.71 -0.51 -99.42
CA TYR J 224 52.43 -0.86 -100.65
C TYR J 224 53.77 -0.16 -100.70
N ASP J 225 54.45 -0.29 -101.84
CA ASP J 225 55.73 0.38 -102.06
C ASP J 225 55.89 0.61 -103.56
N SER J 226 56.96 1.30 -103.96
CA SER J 226 57.20 1.57 -105.38
C SER J 226 56.88 0.37 -106.26
N ASN J 227 57.62 -0.74 -106.06
CA ASN J 227 57.43 -1.96 -106.84
C ASN J 227 55.96 -2.38 -106.91
N GLY J 228 55.22 -2.07 -105.86
CA GLY J 228 53.82 -2.45 -105.82
C GLY J 228 53.68 -3.63 -104.88
N VAL J 229 54.76 -3.95 -104.17
CA VAL J 229 54.76 -5.05 -103.23
C VAL J 229 53.95 -4.69 -101.99
N VAL J 230 53.25 -5.69 -101.47
CA VAL J 230 52.43 -5.48 -100.30
C VAL J 230 53.25 -5.73 -99.03
N LEU J 231 53.47 -4.66 -98.27
CA LEU J 231 54.23 -4.70 -97.01
C LEU J 231 53.45 -5.52 -95.99
N SER J 232 52.19 -5.15 -95.79
CA SER J 232 51.31 -5.84 -94.84
C SER J 232 49.88 -5.27 -94.82
N MET J 233 49.00 -6.01 -94.14
CA MET J 233 47.60 -5.62 -93.96
C MET J 233 47.44 -5.37 -92.45
N PRO J 234 48.10 -4.31 -91.97
CA PRO J 234 48.22 -3.74 -90.64
C PRO J 234 47.84 -4.51 -89.37
N PRO J 235 46.53 -4.68 -89.10
CA PRO J 235 46.18 -5.39 -87.87
C PRO J 235 46.27 -6.90 -87.89
N ILE J 236 46.06 -7.51 -89.06
CA ILE J 236 46.07 -8.96 -89.13
C ILE J 236 47.41 -9.63 -89.36
N ILE J 237 47.97 -9.51 -90.56
CA ILE J 237 49.29 -10.10 -90.85
C ILE J 237 50.14 -9.28 -91.82
N ASN J 238 51.45 -9.49 -91.70
CA ASN J 238 52.42 -8.78 -92.51
C ASN J 238 52.80 -9.63 -93.73
N GLY J 239 53.46 -9.01 -94.70
CA GLY J 239 53.84 -9.75 -95.90
C GLY J 239 55.03 -10.65 -95.69
N ASP J 240 54.97 -11.87 -96.24
CA ASP J 240 56.08 -12.80 -96.12
C ASP J 240 57.31 -12.35 -96.91
N HIS J 241 57.07 -11.50 -97.92
CA HIS J 241 58.15 -10.98 -98.75
C HIS J 241 59.09 -10.10 -97.93
N SER J 242 58.51 -9.20 -97.13
CA SER J 242 59.27 -8.27 -96.28
C SER J 242 59.52 -8.81 -94.87
N ARG J 243 59.36 -10.12 -94.70
CA ARG J 243 59.58 -10.74 -93.39
C ARG J 243 60.98 -10.40 -92.88
N ILE J 244 61.13 -10.41 -91.55
CA ILE J 244 62.40 -10.09 -90.90
C ILE J 244 62.99 -11.29 -90.17
N THR J 245 64.25 -11.62 -90.50
CA THR J 245 64.92 -12.74 -89.85
C THR J 245 66.30 -12.36 -89.33
N VAL J 246 66.80 -13.21 -88.45
CA VAL J 246 68.10 -13.04 -87.81
C VAL J 246 69.17 -12.34 -88.65
N ASN J 247 69.16 -12.60 -89.96
CA ASN J 247 70.16 -12.01 -90.84
C ASN J 247 69.78 -10.66 -91.42
N THR J 248 68.62 -10.12 -91.05
CA THR J 248 68.21 -8.82 -91.59
C THR J 248 69.20 -7.72 -91.22
N ARG J 249 69.45 -6.82 -92.16
CA ARG J 249 70.42 -5.77 -91.93
C ARG J 249 69.70 -4.48 -91.60
N ASN J 250 68.69 -4.13 -92.39
CA ASN J 250 67.96 -2.89 -92.17
C ASN J 250 66.48 -3.14 -91.93
N ILE J 251 65.95 -2.52 -90.89
CA ILE J 251 64.54 -2.69 -90.56
C ILE J 251 63.74 -1.42 -90.74
N PHE J 252 62.59 -1.56 -91.37
CA PHE J 252 61.67 -0.47 -91.61
C PHE J 252 60.50 -0.78 -90.70
N ILE J 253 60.29 0.08 -89.71
CA ILE J 253 59.19 -0.12 -88.78
C ILE J 253 58.03 0.84 -89.04
N GLU J 254 56.84 0.28 -89.12
CA GLU J 254 55.65 1.07 -89.37
C GLU J 254 54.61 0.72 -88.30
N CYS J 255 53.86 1.75 -87.87
CA CYS J 255 52.83 1.57 -86.86
C CYS J 255 51.57 2.28 -87.34
N THR J 256 50.48 1.55 -87.44
CA THR J 256 49.22 2.14 -87.88
C THR J 256 48.25 2.03 -86.73
N GLY J 257 47.19 2.81 -86.75
CA GLY J 257 46.23 2.72 -85.66
C GLY J 257 45.23 3.85 -85.50
N THR J 258 44.35 3.69 -84.52
CA THR J 258 43.30 4.65 -84.21
C THR J 258 43.73 5.71 -83.20
N ASP J 259 44.72 5.38 -82.38
CA ASP J 259 45.23 6.29 -81.35
C ASP J 259 46.62 6.83 -81.71
N PHE J 260 46.65 8.05 -82.21
CA PHE J 260 47.90 8.66 -82.65
C PHE J 260 49.03 8.55 -81.65
N THR J 261 48.97 9.37 -80.60
CA THR J 261 50.03 9.37 -79.58
C THR J 261 50.51 8.00 -79.14
N LYS J 262 49.60 7.05 -78.90
CA LYS J 262 50.04 5.72 -78.48
C LYS J 262 50.96 5.11 -79.53
N ALA J 263 50.50 5.09 -80.77
CA ALA J 263 51.30 4.55 -81.85
C ALA J 263 52.65 5.24 -81.80
N LYS J 264 52.60 6.56 -81.79
CA LYS J 264 53.77 7.40 -81.74
C LYS J 264 54.72 6.93 -80.63
N ILE J 265 54.16 6.47 -79.52
CA ILE J 265 54.96 5.99 -78.37
C ILE J 265 55.51 4.58 -78.62
N VAL J 266 54.64 3.69 -79.08
CA VAL J 266 55.04 2.32 -79.37
C VAL J 266 56.24 2.36 -80.27
N LEU J 267 56.20 3.24 -81.25
CA LEU J 267 57.32 3.35 -82.17
C LEU J 267 58.56 3.66 -81.35
N ASP J 268 58.53 4.81 -80.67
CA ASP J 268 59.65 5.25 -79.85
C ASP J 268 60.22 4.15 -78.96
N ILE J 269 59.35 3.39 -78.31
CA ILE J 269 59.83 2.32 -77.45
C ILE J 269 60.63 1.28 -78.22
N ILE J 270 60.10 0.82 -79.35
CA ILE J 270 60.74 -0.21 -80.17
C ILE J 270 62.08 0.26 -80.68
N VAL J 271 62.05 1.39 -81.36
CA VAL J 271 63.22 1.99 -81.96
C VAL J 271 64.28 2.41 -80.94
N THR J 272 63.82 3.01 -79.85
CA THR J 272 64.72 3.48 -78.80
C THR J 272 65.35 2.31 -78.06
N MET J 273 64.58 1.24 -77.96
CA MET J 273 65.02 0.05 -77.27
C MET J 273 66.13 -0.67 -78.03
N PHE J 274 65.87 -1.01 -79.29
CA PHE J 274 66.84 -1.74 -80.09
C PHE J 274 67.88 -0.99 -80.89
N SER J 275 67.87 0.33 -80.83
CA SER J 275 68.89 1.07 -81.55
C SER J 275 70.21 0.80 -80.85
N GLU J 276 70.18 0.01 -79.80
CA GLU J 276 71.38 -0.32 -79.06
C GLU J 276 72.21 -1.25 -79.91
N TYR J 277 71.58 -1.83 -80.92
CA TYR J 277 72.23 -2.79 -81.80
C TYR J 277 72.55 -2.28 -83.21
N CYS J 278 72.34 -1.00 -83.44
CA CYS J 278 72.64 -0.43 -84.75
C CYS J 278 74.12 -0.10 -84.87
N GLU J 279 74.66 -0.14 -86.09
CA GLU J 279 76.07 0.14 -86.28
C GLU J 279 76.39 1.46 -85.62
N ASN J 280 75.57 2.47 -85.89
CA ASN J 280 75.77 3.76 -85.29
C ASN J 280 74.92 3.76 -84.03
N GLN J 281 75.35 2.98 -83.05
CA GLN J 281 74.63 2.82 -81.79
C GLN J 281 73.77 3.97 -81.27
N PHE J 282 72.56 3.63 -80.85
CA PHE J 282 71.57 4.57 -80.32
C PHE J 282 71.26 5.69 -81.25
N THR J 283 70.92 5.31 -82.47
CA THR J 283 70.58 6.25 -83.52
C THR J 283 69.41 5.65 -84.27
N VAL J 284 68.46 6.49 -84.63
CA VAL J 284 67.33 6.01 -85.40
C VAL J 284 67.29 6.84 -86.68
N GLU J 285 67.15 6.16 -87.82
CA GLU J 285 67.10 6.84 -89.10
C GLU J 285 65.72 7.43 -89.34
N ALA J 286 65.67 8.74 -89.44
CA ALA J 286 64.43 9.45 -89.67
C ALA J 286 63.61 8.83 -90.81
N ALA J 287 62.33 9.15 -90.84
CA ALA J 287 61.45 8.66 -91.89
C ALA J 287 60.40 9.73 -92.06
N GLU J 288 59.98 9.95 -93.30
CA GLU J 288 58.99 10.99 -93.55
C GLU J 288 57.61 10.38 -93.78
N VAL J 289 56.68 10.68 -92.87
CA VAL J 289 55.30 10.19 -93.02
C VAL J 289 54.49 11.36 -93.58
N VAL J 290 53.77 11.11 -94.68
CA VAL J 290 52.97 12.16 -95.27
C VAL J 290 51.50 11.84 -95.05
N PHE J 291 50.79 12.77 -94.40
CA PHE J 291 49.38 12.59 -94.09
C PHE J 291 48.43 12.92 -95.24
N PRO J 292 47.15 12.48 -95.14
CA PRO J 292 46.16 12.76 -96.19
C PRO J 292 46.13 14.27 -96.33
N ASN J 293 46.48 14.91 -95.22
CA ASN J 293 46.54 16.36 -95.08
C ASN J 293 47.47 16.96 -96.15
N GLY J 294 48.43 16.16 -96.62
CA GLY J 294 49.36 16.63 -97.61
C GLY J 294 50.68 17.08 -97.01
N LYS J 295 50.68 17.25 -95.69
CA LYS J 295 51.88 17.68 -94.96
C LYS J 295 52.78 16.48 -94.64
N SER J 296 54.05 16.76 -94.39
CA SER J 296 55.03 15.73 -94.06
C SER J 296 55.69 15.99 -92.71
N HIS J 297 55.59 15.01 -91.82
CA HIS J 297 56.19 15.12 -90.50
C HIS J 297 57.25 14.03 -90.42
N THR J 298 58.35 14.33 -89.71
CA THR J 298 59.42 13.37 -89.56
C THR J 298 59.25 12.48 -88.31
N PHE J 299 59.66 11.22 -88.42
CA PHE J 299 59.55 10.29 -87.30
C PHE J 299 60.75 9.38 -87.20
N PRO J 300 60.95 8.76 -86.03
CA PRO J 300 60.06 8.93 -84.87
C PRO J 300 60.42 10.24 -84.22
N GLU J 301 59.51 10.79 -83.43
CA GLU J 301 59.81 12.06 -82.76
C GLU J 301 60.29 11.75 -81.36
N LEU J 302 61.55 11.33 -81.25
CA LEU J 302 62.10 11.01 -79.95
C LEU J 302 61.97 12.23 -79.04
N ALA J 303 60.78 12.38 -78.47
CA ALA J 303 60.46 13.51 -77.62
C ALA J 303 61.29 13.59 -76.36
N TYR J 304 61.88 14.75 -76.14
CA TYR J 304 62.65 15.00 -74.93
C TYR J 304 62.04 16.23 -74.26
N ARG J 305 61.19 15.97 -73.27
CA ARG J 305 60.51 17.03 -72.53
C ARG J 305 61.40 17.55 -71.42
N LYS J 306 61.30 18.86 -71.14
CA LYS J 306 62.10 19.47 -70.10
C LYS J 306 61.29 20.24 -69.08
N GLU J 307 60.57 19.56 -68.19
CA GLU J 307 59.80 20.27 -67.17
C GLU J 307 60.72 20.64 -65.99
N MET J 308 60.24 21.52 -65.12
CA MET J 308 61.03 21.94 -63.96
C MET J 308 60.22 21.75 -62.68
N VAL J 309 60.87 21.23 -61.64
CA VAL J 309 60.21 21.00 -60.36
C VAL J 309 61.01 21.60 -59.24
N ARG J 310 60.32 22.21 -58.27
CA ARG J 310 61.01 22.80 -57.15
C ARG J 310 61.42 21.73 -56.19
N ALA J 311 62.65 21.89 -55.80
CA ALA J 311 63.17 20.94 -54.89
C ALA J 311 62.28 20.80 -53.66
N ASP J 312 61.80 21.92 -53.12
CA ASP J 312 60.96 21.88 -51.92
C ASP J 312 59.75 20.98 -52.12
N LEU J 313 59.19 20.99 -53.32
CA LEU J 313 58.04 20.16 -53.58
C LEU J 313 58.39 18.71 -53.34
N ILE J 314 59.36 18.22 -54.08
CA ILE J 314 59.79 16.83 -53.95
C ILE J 314 59.97 16.46 -52.49
N ASN J 315 60.70 17.28 -51.74
CA ASN J 315 60.90 17.01 -50.33
C ASN J 315 59.57 16.95 -49.57
N LYS J 316 58.82 18.05 -49.63
CA LYS J 316 57.55 18.14 -48.92
C LYS J 316 56.56 17.03 -49.30
N LYS J 317 56.72 16.46 -50.48
CA LYS J 317 55.82 15.40 -50.94
C LYS J 317 56.31 13.99 -50.56
N VAL J 318 57.60 13.74 -50.71
CA VAL J 318 58.15 12.43 -50.39
C VAL J 318 58.25 12.24 -48.90
N GLY J 319 58.71 13.27 -48.20
CA GLY J 319 58.87 13.17 -46.77
C GLY J 319 60.35 13.08 -46.42
N ILE J 320 61.16 13.75 -47.22
CA ILE J 320 62.60 13.79 -47.00
C ILE J 320 63.07 15.25 -47.15
N ARG J 321 64.23 15.56 -46.60
CA ARG J 321 64.76 16.92 -46.67
C ARG J 321 66.19 16.93 -47.22
N GLU J 322 66.32 16.50 -48.48
CA GLU J 322 67.61 16.47 -49.17
C GLU J 322 67.77 17.79 -49.93
N THR J 323 69.02 18.13 -50.24
CA THR J 323 69.33 19.38 -50.92
C THR J 323 69.02 19.30 -52.41
N PRO J 324 68.63 20.43 -53.02
CA PRO J 324 68.31 20.43 -54.46
C PRO J 324 69.41 19.82 -55.33
N GLU J 325 70.66 20.07 -55.00
CA GLU J 325 71.74 19.49 -55.78
C GLU J 325 71.66 17.96 -55.74
N ASN J 326 71.40 17.40 -54.57
CA ASN J 326 71.33 15.94 -54.42
C ASN J 326 70.05 15.39 -54.98
N LEU J 327 68.97 16.15 -54.86
CA LEU J 327 67.68 15.72 -55.39
C LEU J 327 67.89 15.47 -56.88
N ALA J 328 68.57 16.41 -57.52
CA ALA J 328 68.84 16.32 -58.95
C ALA J 328 69.55 15.02 -59.25
N LYS J 329 70.57 14.70 -58.45
CA LYS J 329 71.33 13.47 -58.64
C LYS J 329 70.38 12.28 -58.62
N LEU J 330 69.49 12.25 -57.64
CA LEU J 330 68.52 11.16 -57.52
C LEU J 330 67.76 11.01 -58.85
N LEU J 331 66.97 12.03 -59.19
CA LEU J 331 66.19 12.04 -60.41
C LEU J 331 66.98 11.58 -61.63
N THR J 332 68.23 11.99 -61.72
CA THR J 332 69.04 11.62 -62.88
C THR J 332 69.21 10.11 -62.96
N ARG J 333 69.56 9.49 -61.84
CA ARG J 333 69.79 8.06 -61.80
C ARG J 333 68.57 7.33 -62.28
N MET J 334 67.45 8.02 -62.26
CA MET J 334 66.20 7.42 -62.69
C MET J 334 65.88 7.67 -64.17
N TYR J 335 66.86 8.20 -64.93
CA TYR J 335 66.71 8.51 -66.37
C TYR J 335 66.32 9.96 -66.60
N LEU J 336 65.69 10.57 -65.62
CA LEU J 336 65.27 11.94 -65.72
C LEU J 336 66.44 12.90 -65.44
N LYS J 337 67.27 13.19 -66.46
CA LYS J 337 68.42 14.06 -66.29
C LYS J 337 68.02 15.39 -65.68
N SER J 338 68.42 15.63 -64.44
CA SER J 338 68.09 16.86 -63.76
C SER J 338 69.34 17.71 -63.49
N GLU J 339 69.10 19.01 -63.31
CA GLU J 339 70.16 19.98 -63.06
C GLU J 339 69.54 21.11 -62.28
N VAL J 340 70.22 21.57 -61.24
CA VAL J 340 69.70 22.65 -60.42
C VAL J 340 69.82 23.97 -61.19
N ILE J 341 68.86 24.87 -61.00
CA ILE J 341 68.90 26.13 -61.72
C ILE J 341 69.34 27.36 -60.92
N GLY J 342 70.67 27.50 -60.80
CA GLY J 342 71.28 28.63 -60.11
C GLY J 342 70.93 28.85 -58.64
N ASP J 343 69.75 29.43 -58.40
CA ASP J 343 69.29 29.73 -57.03
C ASP J 343 68.89 28.50 -56.23
N GLY J 344 69.58 27.39 -56.48
CA GLY J 344 69.33 26.13 -55.81
C GLY J 344 67.92 25.93 -55.30
N ASN J 345 66.94 26.45 -56.02
CA ASN J 345 65.57 26.31 -55.57
C ASN J 345 64.83 25.36 -56.50
N GLN J 346 64.85 25.69 -57.79
CA GLN J 346 64.17 24.92 -58.81
C GLN J 346 65.11 23.94 -59.50
N ILE J 347 64.57 22.80 -59.89
CA ILE J 347 65.36 21.77 -60.57
C ILE J 347 64.79 21.57 -61.97
N GLU J 348 65.65 21.62 -62.97
CA GLU J 348 65.19 21.43 -64.35
C GLU J 348 65.33 19.97 -64.67
N ILE J 349 64.22 19.33 -65.03
CA ILE J 349 64.23 17.89 -65.32
C ILE J 349 64.00 17.58 -66.78
N GLU J 350 64.80 16.68 -67.34
CA GLU J 350 64.66 16.31 -68.75
C GLU J 350 64.04 14.94 -68.87
N ILE J 351 62.79 14.88 -69.34
CA ILE J 351 62.06 13.62 -69.50
C ILE J 351 62.42 12.94 -70.81
N PRO J 352 63.13 11.81 -70.73
CA PRO J 352 63.56 11.03 -71.91
C PRO J 352 62.37 10.39 -72.60
N PRO J 353 62.46 10.12 -73.92
CA PRO J 353 61.34 9.51 -74.64
C PRO J 353 61.11 8.08 -74.19
N THR J 354 62.06 7.51 -73.46
CA THR J 354 61.92 6.15 -72.95
C THR J 354 60.90 6.10 -71.81
N ARG J 355 60.98 7.03 -70.85
CA ARG J 355 60.02 7.09 -69.73
C ARG J 355 58.80 7.96 -70.14
N ALA J 356 57.86 7.35 -70.85
CA ALA J 356 56.67 8.06 -71.30
C ALA J 356 55.60 8.02 -70.23
N ASP J 357 55.94 7.41 -69.09
CA ASP J 357 55.02 7.30 -67.98
C ASP J 357 54.92 8.59 -67.20
N ILE J 358 55.98 9.40 -67.24
CA ILE J 358 55.98 10.66 -66.52
C ILE J 358 54.98 11.59 -67.22
N ILE J 359 53.80 11.79 -66.61
CA ILE J 359 52.79 12.66 -67.21
C ILE J 359 52.36 13.78 -66.27
N HIS J 360 52.74 13.68 -65.00
CA HIS J 360 52.40 14.71 -64.04
C HIS J 360 53.57 14.95 -63.11
N ALA J 361 53.56 16.11 -62.45
CA ALA J 361 54.61 16.48 -61.54
C ALA J 361 54.85 15.36 -60.54
N CYS J 362 53.76 14.81 -60.00
CA CYS J 362 53.88 13.74 -59.01
C CYS J 362 54.68 12.52 -59.46
N ASP J 363 54.66 12.23 -60.76
CA ASP J 363 55.41 11.10 -61.28
C ASP J 363 56.89 11.28 -61.05
N ILE J 364 57.34 12.54 -60.97
CA ILE J 364 58.76 12.80 -60.73
C ILE J 364 59.04 12.39 -59.28
N VAL J 365 58.12 12.78 -58.39
CA VAL J 365 58.23 12.46 -56.98
C VAL J 365 58.44 10.96 -56.78
N GLU J 366 57.63 10.16 -57.46
CA GLU J 366 57.71 8.68 -57.41
C GLU J 366 59.18 8.34 -57.66
N ASP J 367 59.64 8.58 -58.90
CA ASP J 367 61.00 8.27 -59.27
C ASP J 367 61.98 8.78 -58.22
N ALA J 368 61.77 10.01 -57.78
CA ALA J 368 62.66 10.60 -56.79
C ALA J 368 62.76 9.70 -55.56
N ALA J 369 61.61 9.35 -55.00
CA ALA J 369 61.58 8.51 -53.82
C ALA J 369 62.21 7.14 -54.10
N ILE J 370 61.88 6.55 -55.23
CA ILE J 370 62.44 5.24 -55.55
C ILE J 370 63.95 5.26 -55.60
N ALA J 371 64.49 6.35 -56.13
CA ALA J 371 65.92 6.50 -56.25
C ALA J 371 66.51 6.65 -54.86
N TYR J 372 65.81 7.39 -54.00
CA TYR J 372 66.27 7.63 -52.64
C TYR J 372 66.18 6.38 -51.79
N GLY J 373 65.33 5.45 -52.19
CA GLY J 373 65.16 4.22 -51.43
C GLY J 373 64.12 4.40 -50.35
N TYR J 374 62.94 3.81 -50.57
CA TYR J 374 61.83 3.95 -49.63
C TYR J 374 62.18 3.78 -48.17
N ASN J 375 62.98 2.76 -47.89
CA ASN J 375 63.33 2.46 -46.52
C ASN J 375 64.32 3.40 -45.88
N ASN J 376 64.66 4.48 -46.56
CA ASN J 376 65.58 5.43 -45.97
C ASN J 376 64.78 6.65 -45.59
N ILE J 377 63.47 6.54 -45.82
CA ILE J 377 62.57 7.62 -45.50
C ILE J 377 62.12 7.39 -44.07
N GLN J 378 62.23 8.42 -43.24
CA GLN J 378 61.85 8.28 -41.84
C GLN J 378 60.35 8.26 -41.74
N MET J 379 59.82 7.28 -41.00
CA MET J 379 58.38 7.16 -40.81
C MET J 379 57.90 8.21 -39.85
N THR J 380 56.94 9.02 -40.27
CA THR J 380 56.42 10.07 -39.43
C THR J 380 54.92 9.80 -39.24
N LEU J 381 54.31 10.37 -38.21
CA LEU J 381 52.90 10.12 -37.98
C LEU J 381 52.04 11.37 -38.06
N PRO J 382 51.11 11.45 -39.02
CA PRO J 382 50.22 12.61 -39.20
C PRO J 382 49.57 13.06 -37.91
N LYS J 383 49.76 14.33 -37.56
CA LYS J 383 49.22 14.84 -36.32
C LYS J 383 47.92 15.61 -36.42
N THR J 384 46.85 14.94 -36.81
CA THR J 384 45.56 15.62 -36.89
C THR J 384 44.59 14.78 -36.10
N TYR J 385 44.03 15.36 -35.05
CA TYR J 385 43.08 14.64 -34.20
C TYR J 385 41.75 14.47 -34.89
N THR J 386 41.22 13.25 -34.86
CA THR J 386 39.93 12.97 -35.47
C THR J 386 39.18 12.00 -34.58
N ILE J 387 37.89 12.26 -34.35
CA ILE J 387 37.08 11.38 -33.53
C ILE J 387 36.49 10.35 -34.45
N ALA J 388 36.67 9.07 -34.11
CA ALA J 388 36.15 7.97 -34.92
C ALA J 388 34.66 7.78 -34.75
N ASN J 389 34.00 7.27 -35.80
CA ASN J 389 32.57 7.00 -35.77
C ASN J 389 32.22 5.79 -36.59
N GLN J 390 31.42 4.89 -36.02
CA GLN J 390 31.01 3.71 -36.75
C GLN J 390 29.84 4.11 -37.63
N PHE J 391 29.51 3.26 -38.60
CA PHE J 391 28.37 3.53 -39.46
C PHE J 391 27.16 2.90 -38.77
N PRO J 392 26.19 3.73 -38.34
CA PRO J 392 24.96 3.30 -37.66
C PRO J 392 24.54 1.86 -37.91
N LEU J 393 24.29 1.54 -39.17
CA LEU J 393 23.86 0.21 -39.57
C LEU J 393 24.78 -0.89 -39.05
N ASN J 394 26.05 -0.79 -39.42
CA ASN J 394 27.07 -1.74 -39.02
C ASN J 394 27.21 -1.89 -37.52
N LYS J 395 27.05 -0.80 -36.77
CA LYS J 395 27.13 -0.88 -35.32
C LYS J 395 26.02 -1.83 -34.87
N LEU J 396 24.81 -1.51 -35.27
CA LEU J 396 23.65 -2.32 -34.94
C LEU J 396 23.90 -3.77 -35.32
N THR J 397 24.33 -3.99 -36.55
CA THR J 397 24.58 -5.33 -37.03
C THR J 397 25.52 -6.06 -36.08
N GLU J 398 26.65 -5.42 -35.79
CA GLU J 398 27.66 -5.98 -34.91
C GLU J 398 27.05 -6.39 -33.58
N LEU J 399 26.03 -5.67 -33.16
CA LEU J 399 25.37 -5.98 -31.90
C LEU J 399 24.49 -7.19 -32.04
N LEU J 400 23.58 -7.16 -33.01
CA LEU J 400 22.70 -8.29 -33.25
C LEU J 400 23.52 -9.57 -33.40
N ARG J 401 24.62 -9.51 -34.18
CA ARG J 401 25.45 -10.68 -34.36
C ARG J 401 25.78 -11.27 -32.98
N HIS J 402 26.23 -10.42 -32.07
CA HIS J 402 26.57 -10.92 -30.74
C HIS J 402 25.43 -11.54 -29.93
N ASP J 403 24.20 -11.15 -30.24
CA ASP J 403 23.06 -11.69 -29.50
C ASP J 403 22.51 -12.93 -30.18
N MET J 404 22.63 -12.99 -31.50
CA MET J 404 22.18 -14.17 -32.21
C MET J 404 23.05 -15.30 -31.66
N ALA J 405 24.32 -15.00 -31.46
CA ALA J 405 25.25 -15.98 -30.92
C ALA J 405 24.83 -16.35 -29.51
N ALA J 406 24.44 -15.35 -28.74
CA ALA J 406 24.02 -15.56 -27.38
C ALA J 406 22.82 -16.50 -27.39
N ALA J 407 21.96 -16.31 -28.39
CA ALA J 407 20.76 -17.12 -28.52
C ALA J 407 21.05 -18.48 -29.14
N GLY J 408 22.27 -18.95 -29.00
CA GLY J 408 22.66 -20.26 -29.51
C GLY J 408 22.79 -20.51 -31.00
N PHE J 409 22.63 -19.50 -31.84
CA PHE J 409 22.77 -19.71 -33.28
C PHE J 409 24.19 -19.54 -33.78
N THR J 410 24.46 -20.09 -34.95
CA THR J 410 25.78 -20.01 -35.53
C THR J 410 25.78 -19.24 -36.84
N GLU J 411 26.74 -18.33 -36.94
CA GLU J 411 26.89 -17.45 -38.10
C GLU J 411 27.62 -18.10 -39.27
N ALA J 412 27.12 -17.85 -40.48
CA ALA J 412 27.71 -18.43 -41.68
C ALA J 412 28.26 -17.38 -42.64
N LEU J 413 28.76 -17.84 -43.79
CA LEU J 413 29.28 -16.90 -44.77
C LEU J 413 28.88 -17.23 -46.21
N THR J 414 27.60 -17.04 -46.50
CA THR J 414 27.02 -17.29 -47.81
C THR J 414 27.72 -16.42 -48.87
N PHE J 415 27.78 -16.91 -50.13
CA PHE J 415 28.35 -16.12 -51.23
C PHE J 415 27.25 -15.15 -51.67
N ALA J 416 27.63 -14.05 -52.30
CA ALA J 416 26.64 -13.08 -52.73
C ALA J 416 26.12 -13.39 -54.15
N LEU J 417 26.80 -14.29 -54.83
CA LEU J 417 26.40 -14.67 -56.18
C LEU J 417 25.86 -16.10 -56.25
N CYS J 418 25.01 -16.36 -57.23
CA CYS J 418 24.44 -17.69 -57.38
C CYS J 418 23.63 -17.83 -58.67
N SER J 419 22.96 -18.99 -58.82
CA SER J 419 22.14 -19.29 -60.00
C SER J 419 20.70 -18.90 -59.76
N GLN J 420 20.04 -18.41 -60.81
CA GLN J 420 18.65 -17.98 -60.73
C GLN J 420 17.79 -18.98 -59.97
N GLU J 421 17.90 -20.25 -60.34
CA GLU J 421 17.11 -21.29 -59.70
C GLU J 421 17.27 -21.30 -58.18
N ASP J 422 18.36 -20.73 -57.69
CA ASP J 422 18.61 -20.67 -56.24
C ASP J 422 17.69 -19.67 -55.56
N ILE J 423 17.34 -18.59 -56.26
CA ILE J 423 16.49 -17.56 -55.69
C ILE J 423 15.13 -17.42 -56.35
N ALA J 424 14.71 -18.45 -57.07
CA ALA J 424 13.42 -18.42 -57.76
C ALA J 424 12.77 -19.80 -57.84
N ASP J 425 13.15 -20.55 -58.87
CA ASP J 425 12.64 -21.87 -59.11
C ASP J 425 12.62 -22.74 -57.86
N LYS J 426 13.76 -22.85 -57.20
CA LYS J 426 13.86 -23.67 -55.98
C LYS J 426 13.02 -23.14 -54.82
N LEU J 427 12.50 -21.92 -54.95
CA LEU J 427 11.69 -21.34 -53.90
C LEU J 427 10.23 -21.18 -54.31
N GLY J 428 9.90 -21.68 -55.51
CA GLY J 428 8.54 -21.60 -56.01
C GLY J 428 8.15 -20.30 -56.68
N VAL J 429 9.12 -19.55 -57.22
CA VAL J 429 8.81 -18.29 -57.88
C VAL J 429 9.61 -18.10 -59.16
N ASP J 430 9.03 -17.36 -60.10
CA ASP J 430 9.69 -17.12 -61.37
C ASP J 430 10.71 -16.01 -61.25
N ILE J 431 11.88 -16.23 -61.85
CA ILE J 431 13.00 -15.28 -61.83
C ILE J 431 12.58 -13.88 -62.28
N SER J 432 11.34 -13.76 -62.75
CA SER J 432 10.83 -12.48 -63.23
C SER J 432 10.14 -11.71 -62.12
N ALA J 433 9.94 -12.34 -60.98
CA ALA J 433 9.27 -11.69 -59.87
C ALA J 433 10.17 -11.57 -58.65
N THR J 434 11.48 -11.60 -58.86
CA THR J 434 12.43 -11.50 -57.77
C THR J 434 13.11 -10.13 -57.68
N LYS J 435 12.99 -9.35 -58.75
CA LYS J 435 13.60 -8.01 -58.79
C LYS J 435 15.11 -8.19 -58.79
N ALA J 436 15.55 -9.42 -59.02
CA ALA J 436 16.98 -9.75 -59.03
C ALA J 436 17.78 -9.09 -60.14
N VAL J 437 19.09 -8.97 -59.92
CA VAL J 437 19.99 -8.37 -60.88
C VAL J 437 20.76 -9.48 -61.61
N HIS J 438 20.87 -9.35 -62.93
CA HIS J 438 21.54 -10.36 -63.75
C HIS J 438 22.93 -10.01 -64.25
N ILE J 439 23.86 -10.94 -64.04
CA ILE J 439 25.24 -10.76 -64.46
C ILE J 439 25.44 -11.16 -65.90
N SER J 440 26.19 -10.36 -66.64
CA SER J 440 26.46 -10.62 -68.06
C SER J 440 27.54 -11.66 -68.32
N ASN J 441 27.28 -12.56 -69.27
CA ASN J 441 28.21 -13.62 -69.64
C ASN J 441 28.92 -14.24 -68.45
N PRO J 442 28.14 -14.83 -67.51
CA PRO J 442 28.69 -15.47 -66.32
C PRO J 442 29.45 -16.75 -66.62
N LYS J 443 30.60 -16.93 -65.98
CA LYS J 443 31.37 -18.16 -66.17
C LYS J 443 30.49 -19.37 -65.88
N THR J 444 30.34 -19.70 -64.58
CA THR J 444 29.52 -20.82 -64.14
C THR J 444 28.03 -20.44 -64.05
N ALA J 445 27.20 -21.42 -63.72
CA ALA J 445 25.77 -21.22 -63.60
C ALA J 445 25.51 -20.44 -62.32
N GLU J 446 26.36 -20.65 -61.32
CA GLU J 446 26.20 -19.98 -60.04
C GLU J 446 26.83 -18.58 -59.99
N PHE J 447 26.72 -17.83 -61.09
CA PHE J 447 27.23 -16.47 -61.22
C PHE J 447 26.24 -15.67 -62.06
N GLN J 448 25.01 -16.18 -62.15
CA GLN J 448 23.98 -15.53 -62.97
C GLN J 448 23.33 -14.35 -62.29
N VAL J 449 22.95 -14.54 -61.03
CA VAL J 449 22.28 -13.50 -60.27
C VAL J 449 22.93 -13.25 -58.92
N ALA J 450 22.62 -12.11 -58.34
CA ALA J 450 23.12 -11.72 -57.04
C ALA J 450 22.01 -11.88 -56.01
N ARG J 451 22.32 -12.54 -54.89
CA ARG J 451 21.37 -12.80 -53.79
C ARG J 451 20.19 -11.84 -53.72
N THR J 452 19.05 -12.40 -53.33
CA THR J 452 17.82 -11.66 -53.18
C THR J 452 17.33 -12.04 -51.80
N THR J 453 18.05 -12.98 -51.21
CA THR J 453 17.74 -13.52 -49.89
C THR J 453 18.90 -14.36 -49.39
N LEU J 454 18.98 -14.53 -48.08
CA LEU J 454 20.05 -15.30 -47.50
C LEU J 454 19.65 -16.76 -47.26
N LEU J 455 18.33 -17.01 -47.34
CA LEU J 455 17.78 -18.35 -47.12
C LEU J 455 18.47 -19.41 -47.97
N PRO J 456 18.57 -19.17 -49.28
CA PRO J 456 19.21 -20.16 -50.15
C PRO J 456 20.54 -20.57 -49.58
N GLY J 457 21.50 -19.66 -49.63
CA GLY J 457 22.82 -19.94 -49.11
C GLY J 457 22.83 -20.69 -47.79
N LEU J 458 22.00 -20.27 -46.86
CA LEU J 458 21.95 -20.93 -45.58
C LEU J 458 21.61 -22.41 -45.74
N LEU J 459 20.56 -22.69 -46.51
CA LEU J 459 20.15 -24.06 -46.76
C LEU J 459 21.36 -24.83 -47.32
N LYS J 460 21.90 -24.32 -48.42
CA LYS J 460 23.05 -24.91 -49.11
C LYS J 460 24.16 -25.24 -48.16
N THR J 461 24.23 -24.49 -47.06
CA THR J 461 25.25 -24.71 -46.04
C THR J 461 24.93 -25.97 -45.25
N ILE J 462 23.66 -26.11 -44.91
CA ILE J 462 23.19 -27.27 -44.17
C ILE J 462 23.48 -28.50 -45.03
N ALA J 463 23.13 -28.38 -46.31
CA ALA J 463 23.33 -29.44 -47.28
C ALA J 463 24.76 -29.96 -47.20
N ALA J 464 25.71 -29.06 -47.09
CA ALA J 464 27.10 -29.47 -47.04
C ALA J 464 27.54 -29.91 -45.66
N ASN J 465 26.68 -29.75 -44.67
CA ASN J 465 27.04 -30.15 -43.31
C ASN J 465 26.11 -31.20 -42.74
N ARG J 466 25.70 -32.16 -43.57
CA ARG J 466 24.81 -33.23 -43.13
C ARG J 466 25.44 -33.92 -41.92
N LYS J 467 26.76 -33.95 -41.91
CA LYS J 467 27.55 -34.56 -40.85
C LYS J 467 27.37 -33.92 -39.46
N MET J 468 26.73 -32.75 -39.40
CA MET J 468 26.54 -32.01 -38.16
C MET J 468 25.36 -32.44 -37.31
N PRO J 469 25.52 -32.46 -35.98
CA PRO J 469 24.57 -32.83 -34.92
C PRO J 469 23.09 -32.38 -35.00
N LEU J 470 22.26 -33.07 -34.21
CA LEU J 470 20.82 -32.85 -34.14
C LEU J 470 20.23 -31.60 -34.81
N PRO J 471 20.05 -30.49 -34.07
CA PRO J 471 19.47 -29.32 -34.75
C PRO J 471 20.49 -28.30 -35.17
N LEU J 472 20.43 -27.89 -36.43
CA LEU J 472 21.35 -26.87 -36.92
C LEU J 472 20.66 -25.52 -36.77
N LYS J 473 21.35 -24.58 -36.14
CA LYS J 473 20.78 -23.26 -35.96
C LYS J 473 21.73 -22.23 -36.57
N LEU J 474 21.43 -21.90 -37.82
CA LEU J 474 22.25 -20.96 -38.58
C LEU J 474 21.61 -19.61 -38.76
N PHE J 475 22.46 -18.63 -39.00
CA PHE J 475 22.01 -17.27 -39.20
C PHE J 475 23.15 -16.47 -39.85
N GLU J 476 22.79 -15.36 -40.46
CA GLU J 476 23.77 -14.52 -41.08
C GLU J 476 23.10 -13.17 -41.22
N ILE J 477 23.86 -12.08 -41.07
CA ILE J 477 23.28 -10.75 -41.23
C ILE J 477 24.12 -10.06 -42.26
N SER J 478 23.69 -10.16 -43.53
CA SER J 478 24.41 -9.57 -44.67
C SER J 478 23.49 -8.87 -45.65
N ASP J 479 24.07 -8.49 -46.78
CA ASP J 479 23.35 -7.77 -47.82
C ASP J 479 22.75 -8.65 -48.92
N ILE J 480 21.74 -8.10 -49.58
CA ILE J 480 21.09 -8.74 -50.71
C ILE J 480 20.81 -7.60 -51.69
N VAL J 481 20.95 -7.86 -52.99
CA VAL J 481 20.73 -6.82 -53.97
C VAL J 481 19.33 -6.91 -54.59
N ILE J 482 18.84 -5.76 -55.05
CA ILE J 482 17.52 -5.66 -55.67
C ILE J 482 17.59 -4.53 -56.67
N LYS J 483 16.74 -4.57 -57.70
CA LYS J 483 16.73 -3.48 -58.66
C LYS J 483 15.91 -2.37 -58.03
N ASP J 484 16.39 -1.13 -58.15
CA ASP J 484 15.70 0.01 -57.57
C ASP J 484 15.77 1.13 -58.61
N SER J 485 14.63 1.46 -59.20
CA SER J 485 14.57 2.50 -60.21
C SER J 485 14.99 3.86 -59.66
N ASN J 486 15.08 3.97 -58.33
CA ASN J 486 15.43 5.24 -57.70
C ASN J 486 16.83 5.34 -57.10
N THR J 487 17.82 4.77 -57.77
CA THR J 487 19.21 4.83 -57.28
C THR J 487 20.11 5.04 -58.48
N ASP J 488 21.07 5.96 -58.35
CA ASP J 488 21.99 6.26 -59.44
C ASP J 488 22.51 5.07 -60.22
N VAL J 489 22.68 3.94 -59.56
CA VAL J 489 23.18 2.77 -60.26
C VAL J 489 22.09 1.85 -60.82
N GLY J 490 20.94 1.77 -60.14
CA GLY J 490 19.88 0.91 -60.62
C GLY J 490 19.54 -0.21 -59.67
N ALA J 491 20.36 -0.40 -58.64
CA ALA J 491 20.10 -1.44 -57.65
C ALA J 491 20.42 -0.92 -56.26
N LYS J 492 19.95 -1.61 -55.23
CA LYS J 492 20.19 -1.22 -53.85
C LYS J 492 20.43 -2.43 -52.95
N ASN J 493 21.31 -2.28 -51.95
CA ASN J 493 21.58 -3.39 -51.03
C ASN J 493 20.68 -3.24 -49.80
N TYR J 494 20.35 -4.37 -49.17
CA TYR J 494 19.53 -4.35 -47.97
C TYR J 494 20.16 -5.28 -46.92
N ARG J 495 20.02 -4.91 -45.65
CA ARG J 495 20.57 -5.70 -44.58
C ARG J 495 19.55 -6.66 -43.99
N HIS J 496 19.63 -7.93 -44.37
CA HIS J 496 18.69 -8.87 -43.80
C HIS J 496 19.36 -9.71 -42.71
N LEU J 497 18.60 -10.01 -41.68
CA LEU J 497 19.09 -10.88 -40.62
C LEU J 497 18.25 -12.09 -40.98
N CYS J 498 18.91 -13.20 -41.32
CA CYS J 498 18.20 -14.40 -41.69
C CYS J 498 18.70 -15.62 -40.92
N ALA J 499 17.76 -16.37 -40.31
CA ALA J 499 18.12 -17.56 -39.53
C ALA J 499 17.29 -18.76 -39.97
N VAL J 500 17.75 -19.94 -39.61
CA VAL J 500 17.03 -21.16 -39.96
C VAL J 500 17.15 -22.23 -38.87
N TYR J 501 16.10 -23.03 -38.73
CA TYR J 501 16.10 -24.11 -37.75
C TYR J 501 15.92 -25.41 -38.52
N TYR J 502 16.93 -26.28 -38.40
CA TYR J 502 16.95 -27.56 -39.10
C TYR J 502 16.93 -28.69 -38.05
N ASN J 503 15.88 -29.50 -38.04
CA ASN J 503 15.78 -30.58 -37.07
C ASN J 503 14.71 -31.60 -37.45
N LYS J 504 14.65 -32.68 -36.68
CA LYS J 504 13.66 -33.73 -36.92
C LYS J 504 12.33 -33.06 -37.18
N ASN J 505 12.01 -32.09 -36.32
CA ASN J 505 10.76 -31.33 -36.44
C ASN J 505 11.14 -29.88 -36.67
N PRO J 506 10.36 -29.13 -37.46
CA PRO J 506 10.70 -27.74 -37.69
C PRO J 506 10.44 -27.00 -36.39
N GLY J 507 11.28 -26.06 -36.03
CA GLY J 507 11.03 -25.36 -34.80
C GLY J 507 10.26 -24.08 -35.06
N PHE J 508 9.22 -24.14 -35.88
CA PHE J 508 8.48 -22.94 -36.18
C PHE J 508 8.11 -22.07 -34.97
N GLU J 509 7.95 -22.70 -33.80
CA GLU J 509 7.61 -21.93 -32.61
C GLU J 509 8.87 -21.33 -32.01
N ILE J 510 9.98 -22.07 -32.13
CA ILE J 510 11.26 -21.60 -31.60
C ILE J 510 11.84 -20.54 -32.51
N ILE J 511 11.44 -20.56 -33.78
CA ILE J 511 11.90 -19.57 -34.75
C ILE J 511 11.04 -18.35 -34.53
N HIS J 512 9.76 -18.58 -34.26
CA HIS J 512 8.83 -17.51 -33.98
C HIS J 512 9.37 -16.81 -32.76
N GLY J 513 9.86 -17.61 -31.80
CA GLY J 513 10.43 -17.08 -30.57
C GLY J 513 11.71 -16.29 -30.79
N LEU J 514 12.44 -16.61 -31.85
CA LEU J 514 13.67 -15.91 -32.18
C LEU J 514 13.29 -14.49 -32.58
N LEU J 515 12.28 -14.38 -33.43
CA LEU J 515 11.84 -13.07 -33.88
C LEU J 515 11.40 -12.26 -32.68
N ASP J 516 10.74 -12.91 -31.73
CA ASP J 516 10.32 -12.18 -30.55
C ASP J 516 11.52 -11.64 -29.79
N ARG J 517 12.57 -12.47 -29.63
CA ARG J 517 13.76 -12.05 -28.92
C ARG J 517 14.35 -10.86 -29.64
N ILE J 518 14.59 -11.04 -30.94
CA ILE J 518 15.16 -9.99 -31.78
C ILE J 518 14.46 -8.66 -31.56
N MET J 519 13.13 -8.69 -31.60
CA MET J 519 12.35 -7.48 -31.40
C MET J 519 12.57 -6.93 -29.99
N GLN J 520 12.58 -7.85 -29.02
CA GLN J 520 12.79 -7.47 -27.64
C GLN J 520 14.16 -6.77 -27.55
N LEU J 521 15.15 -7.29 -28.29
CA LEU J 521 16.51 -6.73 -28.31
C LEU J 521 16.53 -5.32 -28.89
N LEU J 522 15.74 -5.13 -29.94
CA LEU J 522 15.64 -3.85 -30.63
C LEU J 522 14.66 -2.90 -29.94
N ASP J 523 14.16 -3.30 -28.77
CA ASP J 523 13.21 -2.51 -27.99
C ASP J 523 12.02 -2.11 -28.85
N VAL J 524 11.44 -3.11 -29.52
CA VAL J 524 10.28 -2.91 -30.38
C VAL J 524 9.12 -3.67 -29.75
N PRO J 525 8.15 -2.94 -29.15
CA PRO J 525 6.98 -3.54 -28.51
C PRO J 525 6.11 -4.31 -29.50
N PRO J 526 5.54 -5.45 -29.06
CA PRO J 526 4.68 -6.35 -29.81
C PRO J 526 3.29 -5.86 -30.21
N GLY J 527 2.88 -4.72 -29.68
CA GLY J 527 1.57 -4.20 -30.06
C GLY J 527 1.59 -3.76 -31.51
N GLU J 528 0.41 -3.56 -32.10
CA GLU J 528 0.35 -3.13 -33.48
C GLU J 528 0.52 -1.61 -33.56
N ASP J 529 0.40 -0.95 -32.40
CA ASP J 529 0.49 0.51 -32.30
C ASP J 529 1.73 1.19 -32.88
N LYS J 530 1.96 2.44 -32.46
CA LYS J 530 3.11 3.21 -32.94
C LYS J 530 4.36 2.34 -32.95
N GLY J 531 5.03 2.28 -34.10
CA GLY J 531 6.23 1.48 -34.22
C GLY J 531 6.05 0.12 -33.58
N GLY J 532 4.93 -0.52 -33.87
CA GLY J 532 4.65 -1.83 -33.30
C GLY J 532 4.91 -2.95 -34.28
N TYR J 533 5.18 -4.13 -33.75
CA TYR J 533 5.46 -5.28 -34.60
C TYR J 533 4.42 -6.40 -34.45
N VAL J 534 3.82 -6.81 -35.57
CA VAL J 534 2.83 -7.87 -35.51
C VAL J 534 3.03 -8.94 -36.57
N ILE J 535 2.78 -10.17 -36.16
CA ILE J 535 2.91 -11.32 -37.02
C ILE J 535 1.53 -11.53 -37.63
N LYS J 536 1.40 -11.36 -38.93
CA LYS J 536 0.10 -11.57 -39.56
C LYS J 536 0.23 -12.75 -40.50
N ALA J 537 -0.47 -13.84 -40.17
CA ALA J 537 -0.43 -15.03 -41.02
C ALA J 537 -0.56 -14.62 -42.48
N SER J 538 0.20 -15.27 -43.35
CA SER J 538 0.15 -14.96 -44.77
C SER J 538 0.59 -16.16 -45.59
N GLU J 539 0.56 -16.03 -46.91
CA GLU J 539 0.94 -17.14 -47.76
C GLU J 539 2.21 -16.88 -48.56
N GLY J 540 3.03 -17.91 -48.66
CA GLY J 540 4.29 -17.81 -49.38
C GLY J 540 4.57 -19.08 -50.16
N PRO J 541 4.96 -18.95 -51.44
CA PRO J 541 5.27 -20.07 -52.32
C PRO J 541 6.51 -20.85 -51.91
N ALA J 542 7.08 -20.49 -50.78
CA ALA J 542 8.28 -21.18 -50.29
C ALA J 542 8.00 -21.83 -48.95
N PHE J 543 6.83 -21.53 -48.40
CA PHE J 543 6.46 -22.07 -47.11
C PHE J 543 5.24 -22.98 -47.13
N PHE J 544 5.32 -24.02 -46.31
CA PHE J 544 4.26 -24.98 -46.15
C PHE J 544 3.05 -24.18 -45.68
N PRO J 545 1.96 -24.24 -46.42
CA PRO J 545 0.73 -23.51 -46.10
C PRO J 545 0.30 -23.52 -44.63
N GLY J 546 -0.15 -22.37 -44.14
CA GLY J 546 -0.61 -22.26 -42.76
C GLY J 546 0.46 -22.24 -41.70
N ARG J 547 1.72 -22.16 -42.13
CA ARG J 547 2.84 -22.13 -41.21
C ARG J 547 3.79 -21.09 -41.80
N CYS J 548 3.19 -19.96 -42.17
CA CYS J 548 3.89 -18.84 -42.76
C CYS J 548 3.23 -17.53 -42.34
N ALA J 549 4.04 -16.54 -41.97
CA ALA J 549 3.53 -15.24 -41.54
C ALA J 549 4.38 -14.10 -42.10
N GLU J 550 3.88 -12.88 -41.98
CA GLU J 550 4.59 -11.70 -42.44
C GLU J 550 4.87 -10.81 -41.24
N ILE J 551 6.04 -10.18 -41.21
CA ILE J 551 6.41 -9.31 -40.10
C ILE J 551 6.17 -7.86 -40.47
N PHE J 552 5.44 -7.16 -39.61
CA PHE J 552 5.15 -5.75 -39.84
C PHE J 552 5.64 -4.93 -38.64
N ALA J 553 6.23 -3.78 -38.92
CA ALA J 553 6.72 -2.91 -37.86
C ALA J 553 7.06 -1.55 -38.43
N ARG J 554 7.16 -0.56 -37.55
CA ARG J 554 7.49 0.79 -37.97
C ARG J 554 6.86 1.10 -39.32
N GLY J 555 5.57 0.82 -39.40
CA GLY J 555 4.80 1.10 -40.61
C GLY J 555 5.18 0.43 -41.91
N GLN J 556 5.59 -0.84 -41.86
CA GLN J 556 5.94 -1.53 -43.10
C GLN J 556 6.27 -3.02 -42.92
N SER J 557 6.29 -3.73 -44.05
CA SER J 557 6.61 -5.13 -44.03
C SER J 557 8.12 -5.24 -43.85
N VAL J 558 8.52 -6.02 -42.86
CA VAL J 558 9.93 -6.19 -42.59
C VAL J 558 10.45 -7.50 -43.14
N GLY J 559 9.73 -8.58 -42.88
CA GLY J 559 10.18 -9.87 -43.38
C GLY J 559 9.12 -10.95 -43.45
N LYS J 560 9.60 -12.17 -43.67
CA LYS J 560 8.74 -13.34 -43.78
C LYS J 560 9.18 -14.38 -42.74
N LEU J 561 8.22 -14.86 -41.97
CA LEU J 561 8.51 -15.85 -40.95
C LEU J 561 7.73 -17.09 -41.37
N GLY J 562 8.36 -18.26 -41.36
CA GLY J 562 7.61 -19.44 -41.75
C GLY J 562 8.37 -20.76 -41.82
N VAL J 563 7.63 -21.84 -42.13
CA VAL J 563 8.24 -23.17 -42.25
C VAL J 563 8.43 -23.52 -43.71
N LEU J 564 9.67 -23.82 -44.07
CA LEU J 564 9.99 -24.14 -45.46
C LEU J 564 9.12 -25.24 -46.03
N HIS J 565 8.65 -25.01 -47.27
CA HIS J 565 7.80 -25.96 -47.98
C HIS J 565 8.61 -27.17 -48.46
N PRO J 566 8.10 -28.40 -48.23
CA PRO J 566 8.76 -29.65 -48.62
C PRO J 566 9.47 -29.63 -49.98
N ASP J 567 8.89 -28.90 -50.91
CA ASP J 567 9.47 -28.78 -52.25
C ASP J 567 10.86 -28.14 -52.19
N VAL J 568 10.93 -26.95 -51.61
CA VAL J 568 12.20 -26.24 -51.51
C VAL J 568 13.20 -27.05 -50.69
N ILE J 569 12.75 -27.70 -49.63
CA ILE J 569 13.69 -28.46 -48.79
C ILE J 569 14.27 -29.68 -49.54
N THR J 570 13.54 -30.19 -50.52
CA THR J 570 14.06 -31.33 -51.27
C THR J 570 14.86 -30.80 -52.44
N LYS J 571 14.39 -29.71 -53.07
CA LYS J 571 15.10 -29.12 -54.20
C LYS J 571 16.47 -28.57 -53.80
N PHE J 572 16.75 -28.55 -52.51
CA PHE J 572 18.05 -28.08 -52.01
C PHE J 572 18.69 -29.30 -51.39
N GLU J 573 18.21 -30.46 -51.83
CA GLU J 573 18.70 -31.75 -51.37
C GLU J 573 18.87 -31.89 -49.86
N LEU J 574 17.80 -31.60 -49.12
CA LEU J 574 17.84 -31.70 -47.67
C LEU J 574 16.89 -32.80 -47.18
N THR J 575 17.11 -33.22 -45.95
CA THR J 575 16.32 -34.27 -45.32
C THR J 575 15.17 -33.71 -44.48
N MET J 576 15.49 -33.24 -43.26
CA MET J 576 14.51 -32.70 -42.32
C MET J 576 13.75 -31.48 -42.77
N PRO J 577 12.69 -31.12 -42.02
CA PRO J 577 11.86 -29.96 -42.31
C PRO J 577 12.64 -28.73 -41.91
N CYS J 578 12.11 -27.55 -42.15
CA CYS J 578 12.85 -26.37 -41.78
C CYS J 578 12.02 -25.14 -41.52
N SER J 579 12.46 -24.39 -40.51
CA SER J 579 11.81 -23.14 -40.12
C SER J 579 12.80 -22.00 -40.38
N SER J 580 12.34 -20.95 -41.06
CA SER J 580 13.20 -19.82 -41.35
C SER J 580 12.67 -18.52 -40.78
N LEU J 581 13.41 -17.45 -41.05
CA LEU J 581 13.09 -16.12 -40.59
C LEU J 581 14.00 -15.16 -41.32
N GLU J 582 13.46 -14.07 -41.84
CA GLU J 582 14.28 -13.11 -42.55
C GLU J 582 13.67 -11.73 -42.51
N ILE J 583 14.25 -10.87 -41.69
CA ILE J 583 13.77 -9.50 -41.53
C ILE J 583 14.80 -8.52 -42.06
N ASN J 584 14.31 -7.42 -42.62
CA ASN J 584 15.20 -6.37 -43.13
C ASN J 584 15.45 -5.45 -41.93
N ILE J 585 16.63 -5.55 -41.34
CA ILE J 585 16.92 -4.74 -40.18
C ILE J 585 17.09 -3.27 -40.49
N GLY J 586 17.04 -2.92 -41.76
CA GLY J 586 17.19 -1.53 -42.14
C GLY J 586 16.30 -0.55 -41.39
N PRO J 587 14.99 -0.70 -41.47
CA PRO J 587 14.03 0.17 -40.81
C PRO J 587 14.15 0.30 -39.30
N PHE J 588 14.87 -0.63 -38.69
CA PHE J 588 15.04 -0.61 -37.24
C PHE J 588 16.12 0.32 -36.69
N LEU J 589 16.88 0.97 -37.55
CA LEU J 589 17.92 1.87 -37.09
C LEU J 589 17.36 3.03 -36.29
N MET K 1 -18.99 -17.89 -34.68
CA MET K 1 -19.23 -16.88 -35.76
C MET K 1 -18.30 -17.06 -36.95
N ALA K 2 -17.44 -18.09 -36.89
CA ALA K 2 -16.50 -18.39 -37.97
C ALA K 2 -15.95 -19.80 -37.77
N ASP K 3 -16.80 -20.81 -38.00
CA ASP K 3 -16.39 -22.21 -37.84
C ASP K 3 -17.03 -23.14 -38.86
N GLY K 4 -18.12 -23.78 -38.45
CA GLY K 4 -18.86 -24.73 -39.29
C GLY K 4 -19.13 -24.29 -40.73
N GLN K 5 -18.91 -23.01 -41.02
CA GLN K 5 -19.14 -22.48 -42.36
C GLN K 5 -18.33 -23.23 -43.41
N VAL K 6 -17.07 -23.49 -43.09
CA VAL K 6 -16.18 -24.20 -44.00
C VAL K 6 -16.82 -25.50 -44.48
N ALA K 7 -17.42 -26.23 -43.55
CA ALA K 7 -18.08 -27.51 -43.83
C ALA K 7 -18.58 -27.62 -45.27
N GLU K 8 -19.36 -26.61 -45.67
CA GLU K 8 -19.95 -26.54 -47.00
C GLU K 8 -18.97 -26.56 -48.17
N LEU K 9 -17.74 -26.10 -47.94
CA LEU K 9 -16.72 -26.07 -49.00
C LEU K 9 -16.23 -27.46 -49.39
N LEU K 10 -15.56 -28.13 -48.46
CA LEU K 10 -15.06 -29.47 -48.74
C LEU K 10 -16.29 -30.33 -49.03
N LEU K 11 -17.44 -29.86 -48.56
CA LEU K 11 -18.72 -30.57 -48.78
C LEU K 11 -18.85 -30.95 -50.24
N ARG K 12 -18.60 -29.99 -51.13
CA ARG K 12 -18.67 -30.25 -52.56
C ARG K 12 -17.66 -31.35 -52.88
N ARG K 13 -18.07 -32.59 -52.63
CA ARG K 13 -17.25 -33.78 -52.87
C ARG K 13 -17.12 -34.08 -54.35
N HIS K 34 -20.47 -11.04 -41.15
CA HIS K 34 -20.54 -9.93 -42.09
C HIS K 34 -20.33 -10.36 -43.55
N GLN K 35 -19.09 -10.29 -44.04
CA GLN K 35 -18.79 -10.67 -45.42
C GLN K 35 -17.33 -11.10 -45.62
N ALA K 36 -16.81 -11.92 -44.71
CA ALA K 36 -15.44 -12.40 -44.78
C ALA K 36 -15.37 -13.91 -44.51
N VAL K 37 -16.13 -14.68 -45.29
CA VAL K 37 -16.18 -16.13 -45.14
C VAL K 37 -15.00 -16.88 -45.73
N VAL K 38 -14.04 -16.14 -46.30
CA VAL K 38 -12.85 -16.78 -46.86
C VAL K 38 -12.02 -17.12 -45.64
N GLY K 39 -12.61 -16.86 -44.47
CA GLY K 39 -12.00 -17.15 -43.18
C GLY K 39 -12.24 -18.64 -42.98
N ALA K 40 -13.11 -19.18 -43.83
CA ALA K 40 -13.47 -20.59 -43.83
C ALA K 40 -12.45 -21.31 -44.71
N VAL K 41 -11.75 -20.53 -45.52
CA VAL K 41 -10.72 -21.02 -46.43
C VAL K 41 -9.37 -20.71 -45.76
N LYS K 42 -9.24 -19.48 -45.26
CA LYS K 42 -8.02 -19.06 -44.58
C LYS K 42 -7.75 -20.02 -43.44
N SER K 43 -8.65 -20.01 -42.46
CA SER K 43 -8.55 -20.88 -41.30
C SER K 43 -8.81 -22.33 -41.69
N LEU K 44 -8.60 -22.66 -42.96
CA LEU K 44 -8.81 -24.02 -43.43
C LEU K 44 -7.83 -24.44 -44.51
N GLN K 45 -6.67 -23.79 -44.55
CA GLN K 45 -5.63 -24.13 -45.53
C GLN K 45 -4.62 -24.99 -44.76
N ALA K 46 -4.57 -24.73 -43.46
CA ALA K 46 -3.68 -25.43 -42.54
C ALA K 46 -4.22 -26.84 -42.14
N SER K 176 -7.99 -21.62 -53.52
CA SER K 176 -9.04 -22.63 -53.39
C SER K 176 -8.42 -24.03 -53.46
N LYS K 177 -7.38 -24.26 -52.65
CA LYS K 177 -6.68 -25.55 -52.66
C LYS K 177 -6.86 -26.51 -51.46
N GLY K 178 -6.60 -27.79 -51.73
CA GLY K 178 -6.71 -28.84 -50.73
C GLY K 178 -6.52 -30.19 -51.40
N SER K 179 -5.34 -30.80 -51.19
CA SER K 179 -5.02 -32.11 -51.77
C SER K 179 -5.60 -33.20 -50.89
N ALA K 180 -4.88 -33.53 -49.80
CA ALA K 180 -5.35 -34.54 -48.87
C ALA K 180 -6.81 -34.20 -48.54
N PHE K 181 -7.74 -34.91 -49.17
CA PHE K 181 -9.18 -34.65 -48.98
C PHE K 181 -9.95 -35.66 -48.13
N SER K 182 -10.83 -35.10 -47.30
CA SER K 182 -11.68 -35.83 -46.40
C SER K 182 -12.74 -34.80 -46.00
N THR K 183 -13.87 -35.25 -45.46
CA THR K 183 -14.93 -34.34 -45.06
C THR K 183 -15.00 -34.23 -43.54
N SER K 184 -14.12 -34.98 -42.88
CA SER K 184 -14.02 -35.00 -41.42
C SER K 184 -12.55 -35.24 -41.09
N ILE K 185 -11.69 -34.46 -41.74
CA ILE K 185 -10.25 -34.52 -41.58
C ILE K 185 -9.75 -34.28 -40.16
N SER K 186 -10.67 -34.10 -39.23
CA SER K 186 -10.33 -33.83 -37.83
C SER K 186 -9.26 -34.78 -37.27
N LYS K 187 -8.85 -35.76 -38.07
CA LYS K 187 -7.83 -36.74 -37.71
C LYS K 187 -6.45 -36.28 -38.21
N GLN K 188 -6.26 -34.96 -38.14
CA GLN K 188 -5.05 -34.27 -38.58
C GLN K 188 -3.69 -34.75 -38.09
N GLU K 189 -2.66 -33.98 -38.44
CA GLU K 189 -1.28 -34.26 -38.07
C GLU K 189 -0.62 -33.05 -37.41
N THR K 190 0.46 -33.31 -36.67
CA THR K 190 1.20 -32.28 -35.96
C THR K 190 2.06 -31.43 -36.87
N GLU K 191 3.32 -31.82 -36.99
CA GLU K 191 4.28 -31.11 -37.82
C GLU K 191 5.03 -32.11 -38.69
N LEU K 192 5.42 -31.67 -39.88
CA LEU K 192 6.13 -32.52 -40.83
C LEU K 192 7.28 -33.25 -40.18
N SER K 193 7.94 -34.09 -40.96
CA SER K 193 9.06 -34.87 -40.48
C SER K 193 9.68 -35.59 -41.64
N PRO K 194 10.95 -36.01 -41.50
CA PRO K 194 11.71 -36.74 -42.53
C PRO K 194 10.88 -37.59 -43.49
N GLU K 195 10.08 -38.48 -42.93
CA GLU K 195 9.26 -39.41 -43.69
C GLU K 195 8.08 -38.78 -44.44
N MET K 196 7.87 -37.48 -44.26
CA MET K 196 6.77 -36.78 -44.91
C MET K 196 7.22 -36.05 -46.17
N ILE K 197 8.48 -35.61 -46.18
CA ILE K 197 9.00 -34.95 -47.35
C ILE K 197 9.57 -36.05 -48.24
N SER K 198 9.81 -37.20 -47.61
CA SER K 198 10.34 -38.39 -48.27
C SER K 198 9.19 -39.39 -48.44
N SER K 199 8.31 -39.12 -49.40
CA SER K 199 7.14 -39.96 -49.70
C SER K 199 6.11 -39.19 -50.53
N GLY K 200 5.66 -38.08 -49.93
CA GLY K 200 4.67 -37.21 -50.55
C GLY K 200 3.54 -37.07 -49.55
N SER K 201 3.67 -37.86 -48.47
CA SER K 201 2.71 -37.96 -47.35
C SER K 201 2.08 -36.66 -46.89
N TRP K 202 2.89 -35.63 -46.70
CA TRP K 202 2.39 -34.34 -46.27
C TRP K 202 1.29 -33.86 -47.22
N ARG K 203 1.17 -34.51 -48.38
CA ARG K 203 0.17 -34.14 -49.37
C ARG K 203 -1.04 -35.05 -49.19
N ASP K 204 -0.83 -36.14 -48.45
CA ASP K 204 -1.87 -37.10 -48.18
C ASP K 204 -2.59 -36.86 -46.83
N ARG K 205 -1.82 -36.53 -45.78
CA ARG K 205 -2.37 -36.29 -44.44
C ARG K 205 -2.49 -34.80 -44.13
N PRO K 206 -3.56 -34.38 -43.42
CA PRO K 206 -3.70 -32.95 -43.10
C PRO K 206 -2.97 -32.59 -41.79
N PHE K 207 -2.58 -31.33 -41.63
CA PHE K 207 -1.84 -30.90 -40.44
C PHE K 207 -2.62 -29.96 -39.54
N LYS K 208 -2.33 -30.01 -38.23
CA LYS K 208 -3.00 -29.12 -37.30
C LYS K 208 -2.54 -27.69 -37.51
N PRO K 209 -3.46 -26.73 -37.36
CA PRO K 209 -3.16 -25.30 -37.53
C PRO K 209 -2.25 -24.72 -36.44
N TYR K 210 -1.58 -23.61 -36.73
CA TYR K 210 -0.69 -22.96 -35.75
C TYR K 210 -1.37 -21.66 -35.31
N ASN K 211 -1.40 -21.42 -34.00
CA ASN K 211 -2.04 -20.25 -33.39
C ASN K 211 -1.34 -18.91 -33.58
N PHE K 212 -1.48 -18.33 -34.77
CA PHE K 212 -0.84 -17.07 -35.08
C PHE K 212 -1.33 -15.88 -34.24
N LEU K 213 -1.93 -16.16 -33.08
CA LEU K 213 -2.42 -15.10 -32.20
C LEU K 213 -1.51 -15.08 -30.97
N ALA K 214 -0.73 -16.14 -30.84
CA ALA K 214 0.18 -16.31 -29.73
C ALA K 214 1.53 -15.66 -29.96
N HIS K 215 2.49 -16.10 -29.17
CA HIS K 215 3.86 -15.65 -29.26
C HIS K 215 4.70 -16.88 -28.96
N GLY K 216 5.59 -17.18 -29.90
CA GLY K 216 6.46 -18.35 -29.84
C GLY K 216 7.35 -18.53 -28.63
N VAL K 217 8.21 -19.53 -28.71
CA VAL K 217 9.10 -19.89 -27.60
C VAL K 217 10.47 -19.17 -27.55
N LEU K 218 10.53 -18.06 -26.83
CA LEU K 218 11.78 -17.30 -26.69
C LEU K 218 12.86 -18.27 -26.22
N PRO K 219 13.90 -18.48 -27.06
CA PRO K 219 15.06 -19.35 -26.86
C PRO K 219 15.88 -19.15 -25.59
N ASP K 220 16.47 -20.25 -25.10
CA ASP K 220 17.31 -20.30 -23.90
C ASP K 220 18.56 -19.42 -24.08
N SER K 221 18.33 -18.13 -24.29
CA SER K 221 19.40 -17.18 -24.56
C SER K 221 20.35 -16.87 -23.40
N GLY K 222 21.59 -16.54 -23.74
CA GLY K 222 22.57 -16.16 -22.74
C GLY K 222 22.38 -14.66 -22.59
N HIS K 223 22.90 -14.05 -21.54
CA HIS K 223 22.65 -12.63 -21.35
C HIS K 223 23.78 -11.82 -20.73
N LEU K 224 23.88 -10.56 -21.15
CA LEU K 224 24.90 -9.65 -20.60
C LEU K 224 24.20 -8.58 -19.79
N HIS K 225 24.72 -8.31 -18.60
CA HIS K 225 24.11 -7.33 -17.72
C HIS K 225 24.00 -5.91 -18.28
N PRO K 226 22.79 -5.31 -18.27
CA PRO K 226 22.49 -3.96 -18.77
C PRO K 226 23.48 -2.87 -18.42
N LEU K 227 23.92 -2.86 -17.16
CA LEU K 227 24.87 -1.85 -16.73
C LEU K 227 26.19 -2.01 -17.44
N LEU K 228 26.61 -3.25 -17.64
CA LEU K 228 27.87 -3.52 -18.33
C LEU K 228 27.73 -3.38 -19.82
N LYS K 229 26.53 -3.59 -20.31
CA LYS K 229 26.28 -3.43 -21.72
C LYS K 229 26.54 -1.95 -21.97
N VAL K 230 26.21 -1.13 -20.99
CA VAL K 230 26.43 0.30 -21.10
C VAL K 230 27.91 0.60 -20.90
N ARG K 231 28.52 0.00 -19.89
CA ARG K 231 29.93 0.24 -19.64
C ARG K 231 30.66 0.01 -20.95
N SER K 232 30.27 -1.06 -21.65
CA SER K 232 30.89 -1.39 -22.92
C SER K 232 30.77 -0.21 -23.85
N GLN K 233 29.56 0.29 -24.08
CA GLN K 233 29.36 1.43 -24.98
C GLN K 233 30.24 2.64 -24.60
N PHE K 234 30.40 2.92 -23.30
CA PHE K 234 31.25 4.05 -22.88
C PHE K 234 32.69 3.76 -23.26
N ARG K 235 33.15 2.58 -22.87
CA ARG K 235 34.50 2.14 -23.16
C ARG K 235 34.82 2.39 -24.63
N GLN K 236 33.86 2.13 -25.50
CA GLN K 236 34.01 2.30 -26.93
C GLN K 236 34.13 3.78 -27.28
N ILE K 237 33.20 4.59 -26.77
CA ILE K 237 33.21 6.04 -27.01
C ILE K 237 34.60 6.55 -26.73
N PHE K 238 35.17 6.14 -25.60
CA PHE K 238 36.51 6.57 -25.23
C PHE K 238 37.55 6.14 -26.25
N LEU K 239 37.50 4.89 -26.69
CA LEU K 239 38.45 4.43 -27.67
C LEU K 239 38.33 5.21 -28.98
N GLU K 240 37.10 5.42 -29.44
CA GLU K 240 36.90 6.14 -30.69
C GLU K 240 37.40 7.57 -30.57
N MET K 241 37.51 8.07 -29.35
CA MET K 241 38.01 9.42 -29.14
C MET K 241 39.50 9.43 -28.82
N GLY K 242 40.20 8.39 -29.24
CA GLY K 242 41.63 8.33 -29.01
C GLY K 242 42.13 8.13 -27.60
N PHE K 243 41.27 7.77 -26.67
CA PHE K 243 41.73 7.57 -25.29
C PHE K 243 42.21 6.16 -24.98
N THR K 244 43.32 6.06 -24.24
CA THR K 244 43.87 4.79 -23.83
C THR K 244 43.28 4.40 -22.49
N GLU K 245 43.03 3.12 -22.30
CA GLU K 245 42.43 2.62 -21.06
C GLU K 245 43.47 2.38 -19.97
N MET K 246 43.39 3.13 -18.89
CA MET K 246 44.32 2.97 -17.78
C MET K 246 43.77 1.92 -16.83
N PRO K 247 44.65 1.10 -16.24
CA PRO K 247 44.32 0.02 -15.30
C PRO K 247 43.73 0.50 -13.97
N THR K 248 42.91 -0.33 -13.34
CA THR K 248 42.34 0.07 -12.05
C THR K 248 42.31 -1.07 -11.04
N ASP K 249 43.19 -2.05 -11.24
CA ASP K 249 43.26 -3.21 -10.35
C ASP K 249 43.72 -2.87 -8.93
N ASN K 250 42.83 -2.27 -8.15
CA ASN K 250 43.17 -1.89 -6.78
C ASN K 250 41.96 -1.31 -6.04
N PHE K 251 41.09 -2.17 -5.50
CA PHE K 251 39.94 -1.66 -4.77
C PHE K 251 40.40 -0.97 -3.50
N ILE K 252 41.61 -1.31 -3.07
CA ILE K 252 42.18 -0.74 -1.87
C ILE K 252 43.29 0.24 -2.17
N GLU K 253 43.05 1.52 -1.87
CA GLU K 253 44.01 2.58 -2.12
C GLU K 253 44.50 3.18 -0.82
N SER K 254 45.77 3.61 -0.81
CA SER K 254 46.32 4.25 0.37
C SER K 254 45.78 5.69 0.38
N SER K 255 45.45 6.19 1.55
CA SER K 255 44.92 7.55 1.68
C SER K 255 45.78 8.56 0.90
N PHE K 256 47.10 8.35 0.86
CA PHE K 256 48.00 9.26 0.15
C PHE K 256 47.56 9.45 -1.29
N TRP K 257 47.56 8.34 -2.00
CA TRP K 257 47.18 8.27 -3.40
C TRP K 257 45.77 8.73 -3.68
N ASN K 258 44.83 8.30 -2.84
CA ASN K 258 43.44 8.63 -3.04
C ASN K 258 43.02 10.05 -2.61
N PHE K 259 43.74 10.64 -1.67
CA PHE K 259 43.35 11.96 -1.20
C PHE K 259 44.42 13.04 -1.23
N ASP K 260 45.50 12.81 -0.51
CA ASP K 260 46.58 13.79 -0.42
C ASP K 260 47.17 14.23 -1.74
N ALA K 261 47.53 13.28 -2.59
CA ALA K 261 48.14 13.60 -3.88
C ALA K 261 47.25 14.44 -4.76
N LEU K 262 45.95 14.31 -4.60
CA LEU K 262 45.02 15.09 -5.40
C LEU K 262 44.95 16.48 -4.79
N PHE K 263 45.84 16.76 -3.85
CA PHE K 263 45.86 18.06 -3.19
C PHE K 263 44.51 18.34 -2.53
N GLN K 264 44.20 17.53 -1.53
CA GLN K 264 42.96 17.67 -0.81
C GLN K 264 43.24 17.57 0.70
N PRO K 265 43.02 18.67 1.45
CA PRO K 265 43.25 18.74 2.90
C PRO K 265 43.00 17.45 3.65
N GLN K 266 43.89 17.11 4.57
CA GLN K 266 43.75 15.91 5.37
C GLN K 266 42.58 16.13 6.34
N GLN K 267 42.13 17.37 6.40
CA GLN K 267 41.02 17.76 7.25
C GLN K 267 39.85 18.20 6.37
N HIS K 268 39.53 17.38 5.37
CA HIS K 268 38.45 17.66 4.43
C HIS K 268 37.23 16.78 4.73
N PRO K 269 36.01 17.36 4.65
CA PRO K 269 34.76 16.64 4.92
C PRO K 269 34.75 15.20 4.41
N ALA K 270 35.07 15.04 3.12
CA ALA K 270 35.08 13.74 2.48
C ALA K 270 35.86 12.64 3.20
N ARG K 271 36.98 12.99 3.85
CA ARG K 271 37.78 11.96 4.52
C ARG K 271 37.35 11.59 5.95
N ASP K 272 36.06 11.68 6.25
CA ASP K 272 35.55 11.30 7.57
C ASP K 272 35.11 9.85 7.44
N GLN K 273 35.47 9.00 8.40
CA GLN K 273 35.09 7.58 8.34
C GLN K 273 33.58 7.43 8.13
N HIS K 274 32.84 8.50 8.40
CA HIS K 274 31.38 8.51 8.24
C HIS K 274 31.00 9.06 6.86
N ASP K 275 31.91 8.87 5.89
CA ASP K 275 31.71 9.32 4.51
C ASP K 275 32.58 8.51 3.53
N THR K 276 33.37 7.58 4.06
CA THR K 276 34.23 6.71 3.27
C THR K 276 34.21 5.30 3.85
N PHE K 277 35.30 4.56 3.64
CA PHE K 277 35.41 3.19 4.12
C PHE K 277 36.85 2.81 4.47
N PHE K 278 37.38 3.30 5.60
CA PHE K 278 38.75 2.93 5.94
C PHE K 278 38.75 1.49 6.36
N LEU K 279 39.86 0.80 6.22
CA LEU K 279 39.85 -0.60 6.59
C LEU K 279 40.66 -1.00 7.81
N ARG K 280 40.21 -2.09 8.44
CA ARG K 280 40.79 -2.67 9.63
C ARG K 280 42.12 -3.38 9.43
N ASP K 281 42.14 -4.48 8.67
CA ASP K 281 43.39 -5.20 8.52
C ASP K 281 44.52 -4.52 7.74
N PRO K 282 44.48 -4.52 6.40
CA PRO K 282 45.61 -3.83 5.76
C PRO K 282 45.57 -2.33 6.03
N ALA K 283 45.14 -1.98 7.24
CA ALA K 283 45.01 -0.59 7.69
C ALA K 283 46.14 0.35 7.25
N GLU K 284 47.38 0.02 7.54
CA GLU K 284 48.48 0.89 7.13
C GLU K 284 49.16 0.39 5.85
N ALA K 285 49.42 1.33 4.94
CA ALA K 285 50.05 1.05 3.65
C ALA K 285 51.46 0.49 3.81
N LEU K 286 51.79 -0.52 3.01
CA LEU K 286 53.10 -1.13 3.11
C LEU K 286 54.18 -0.35 2.40
N GLN K 287 53.79 0.55 1.49
CA GLN K 287 54.78 1.32 0.75
C GLN K 287 54.27 2.72 0.39
N LEU K 288 55.11 3.47 -0.33
CA LEU K 288 54.78 4.82 -0.74
C LEU K 288 56.03 5.47 -1.33
N PRO K 289 55.85 6.32 -2.36
CA PRO K 289 56.89 7.07 -3.09
C PRO K 289 57.39 8.26 -2.27
N MET K 290 58.06 7.96 -1.17
CA MET K 290 58.56 8.97 -0.25
C MET K 290 59.07 10.26 -0.84
N ASP K 291 59.78 10.18 -1.96
CA ASP K 291 60.29 11.40 -2.57
C ASP K 291 59.09 12.25 -2.95
N TYR K 292 58.22 11.67 -3.79
CA TYR K 292 57.01 12.35 -4.23
C TYR K 292 56.23 12.78 -3.00
N VAL K 293 56.10 11.87 -2.05
CA VAL K 293 55.38 12.14 -0.81
C VAL K 293 55.96 13.36 -0.12
N GLN K 294 57.28 13.48 -0.15
CA GLN K 294 57.95 14.60 0.50
C GLN K 294 57.52 15.89 -0.16
N ARG K 295 57.58 15.92 -1.49
CA ARG K 295 57.20 17.10 -2.25
C ARG K 295 55.74 17.46 -2.00
N VAL K 296 54.91 16.45 -1.72
CA VAL K 296 53.50 16.69 -1.45
C VAL K 296 53.41 17.32 -0.07
N LYS K 297 53.86 16.58 0.95
CA LYS K 297 53.88 17.05 2.33
C LYS K 297 54.26 18.51 2.34
N ARG K 298 55.34 18.82 1.63
CA ARG K 298 55.86 20.18 1.52
C ARG K 298 54.80 21.17 1.05
N THR K 299 54.62 21.22 -0.27
CA THR K 299 53.67 22.10 -0.89
C THR K 299 52.30 22.08 -0.23
N HIS K 300 51.98 20.96 0.41
CA HIS K 300 50.70 20.81 1.07
C HIS K 300 50.59 21.73 2.27
N SER K 301 51.67 21.86 3.02
CA SER K 301 51.66 22.70 4.22
C SER K 301 52.34 24.04 4.07
N GLN K 302 53.49 24.08 3.42
CA GLN K 302 54.22 25.33 3.24
C GLN K 302 53.95 26.00 1.90
N GLY K 303 53.50 25.23 0.92
CA GLY K 303 53.24 25.79 -0.38
C GLY K 303 54.39 25.60 -1.35
N GLY K 304 54.33 26.31 -2.47
CA GLY K 304 55.37 26.21 -3.48
C GLY K 304 54.77 26.05 -4.86
N TYR K 305 55.61 25.96 -5.88
CA TYR K 305 55.10 25.80 -7.23
C TYR K 305 54.16 26.95 -7.56
N GLY K 306 54.23 28.00 -6.74
CA GLY K 306 53.41 29.16 -6.97
C GLY K 306 52.24 29.32 -6.00
N SER K 307 51.97 28.26 -5.25
CA SER K 307 50.85 28.28 -4.32
C SER K 307 51.29 28.55 -2.90
N GLN K 308 50.32 28.81 -2.04
CA GLN K 308 50.61 29.09 -0.64
C GLN K 308 50.05 27.98 0.24
N GLY K 309 50.13 26.75 -0.25
CA GLY K 309 49.65 25.60 0.48
C GLY K 309 48.38 25.84 1.30
N TYR K 310 48.09 24.89 2.18
CA TYR K 310 46.92 25.00 3.04
C TYR K 310 47.36 25.47 4.43
N LYS K 311 48.67 25.71 4.55
CA LYS K 311 49.26 26.19 5.80
C LYS K 311 48.82 25.40 7.02
N TYR K 312 48.89 24.07 6.93
CA TYR K 312 48.51 23.21 8.07
C TYR K 312 49.60 22.15 8.23
N ASN K 313 49.56 21.39 9.32
CA ASN K 313 50.61 20.39 9.50
C ASN K 313 50.21 19.05 8.92
N TRP K 314 50.95 18.66 7.87
CA TRP K 314 50.72 17.41 7.17
C TRP K 314 51.27 16.21 7.92
N LYS K 315 50.38 15.35 8.43
CA LYS K 315 50.79 14.15 9.16
C LYS K 315 50.87 12.96 8.21
N LEU K 316 52.05 12.34 8.16
CA LEU K 316 52.29 11.20 7.28
C LEU K 316 51.53 9.96 7.75
N ASP K 317 51.40 9.78 9.06
CA ASP K 317 50.69 8.64 9.62
C ASP K 317 49.27 8.58 9.09
N GLU K 318 48.76 9.75 8.70
CA GLU K 318 47.41 9.87 8.15
C GLU K 318 47.35 9.29 6.73
N ALA K 319 48.22 9.81 5.88
CA ALA K 319 48.29 9.34 4.50
C ALA K 319 48.49 7.83 4.43
N ARG K 320 49.16 7.26 5.42
CA ARG K 320 49.43 5.83 5.45
C ARG K 320 48.14 5.01 5.56
N LYS K 321 47.07 5.63 6.06
CA LYS K 321 45.78 4.96 6.24
C LYS K 321 45.16 4.38 4.96
N ASN K 322 44.99 3.07 4.93
CA ASN K 322 44.40 2.40 3.76
C ASN K 322 42.89 2.52 3.76
N LEU K 323 42.28 2.46 2.58
CA LEU K 323 40.84 2.60 2.46
C LEU K 323 40.31 1.97 1.17
N LEU K 324 39.02 2.18 0.92
CA LEU K 324 38.42 1.67 -0.30
C LEU K 324 38.26 2.82 -1.27
N ARG K 325 39.04 2.79 -2.35
CA ARG K 325 39.03 3.83 -3.37
C ARG K 325 37.67 4.52 -3.40
N THR K 326 37.64 5.81 -3.06
CA THR K 326 36.38 6.57 -3.07
C THR K 326 36.03 7.16 -4.44
N HIS K 327 37.01 7.29 -5.33
CA HIS K 327 36.78 7.80 -6.67
C HIS K 327 37.91 7.38 -7.60
N THR K 328 37.61 7.25 -8.89
CA THR K 328 38.63 6.83 -9.85
C THR K 328 39.71 7.89 -10.07
N THR K 329 39.48 9.09 -9.57
CA THR K 329 40.46 10.16 -9.73
C THR K 329 41.81 9.75 -9.17
N SER K 330 41.81 8.91 -8.14
CA SER K 330 43.06 8.45 -7.57
C SER K 330 43.83 7.70 -8.66
N ALA K 331 43.12 6.87 -9.42
CA ALA K 331 43.72 6.10 -10.50
C ALA K 331 44.44 7.02 -11.46
N SER K 332 43.83 8.15 -11.73
CA SER K 332 44.41 9.14 -12.63
C SER K 332 45.67 9.73 -12.02
N ALA K 333 45.62 9.96 -10.71
CA ALA K 333 46.78 10.51 -10.01
C ALA K 333 47.94 9.57 -10.29
N ARG K 334 47.72 8.28 -10.07
CA ARG K 334 48.73 7.28 -10.31
C ARG K 334 49.21 7.46 -11.74
N ALA K 335 48.30 7.25 -12.69
CA ALA K 335 48.58 7.36 -14.11
C ALA K 335 49.43 8.57 -14.46
N LEU K 336 49.01 9.74 -13.98
CA LEU K 336 49.75 10.96 -14.26
C LEU K 336 51.14 10.94 -13.65
N TYR K 337 51.26 10.46 -12.42
CA TYR K 337 52.57 10.40 -11.80
C TYR K 337 53.48 9.55 -12.65
N ARG K 338 53.01 8.37 -13.04
CA ARG K 338 53.80 7.49 -13.87
C ARG K 338 54.22 8.28 -15.11
N LEU K 339 53.27 8.93 -15.77
CA LEU K 339 53.56 9.72 -16.97
C LEU K 339 54.64 10.76 -16.74
N ALA K 340 54.59 11.41 -15.58
CA ALA K 340 55.55 12.46 -15.25
C ALA K 340 56.99 11.96 -15.23
N GLN K 341 57.17 10.65 -15.12
CA GLN K 341 58.51 10.07 -15.08
C GLN K 341 59.08 9.73 -16.46
N LYS K 342 58.26 9.79 -17.52
CA LYS K 342 58.74 9.46 -18.87
C LYS K 342 59.86 10.39 -19.34
N LYS K 343 60.93 9.80 -19.89
CA LYS K 343 62.10 10.54 -20.38
C LYS K 343 61.61 11.91 -20.86
N PRO K 344 61.08 12.02 -22.09
CA PRO K 344 60.60 13.36 -22.49
C PRO K 344 59.08 13.28 -22.32
N PHE K 345 58.44 14.40 -22.01
CA PHE K 345 57.00 14.34 -21.83
C PHE K 345 56.33 14.05 -23.14
N THR K 346 55.23 13.33 -23.06
CA THR K 346 54.47 12.99 -24.24
C THR K 346 52.99 13.09 -23.92
N PRO K 347 52.26 13.93 -24.66
CA PRO K 347 50.83 14.13 -24.45
C PRO K 347 50.03 12.82 -24.48
N VAL K 348 48.92 12.76 -23.74
CA VAL K 348 48.15 11.55 -23.69
C VAL K 348 46.67 11.79 -23.45
N LYS K 349 45.90 10.72 -23.47
CA LYS K 349 44.48 10.76 -23.20
C LYS K 349 44.16 9.42 -22.53
N TYR K 350 43.85 9.46 -21.24
CA TYR K 350 43.52 8.27 -20.48
C TYR K 350 42.06 8.26 -20.09
N PHE K 351 41.54 7.07 -19.81
CA PHE K 351 40.15 6.93 -19.39
C PHE K 351 40.09 5.63 -18.61
N SER K 352 39.09 5.50 -17.77
CA SER K 352 38.91 4.29 -16.96
C SER K 352 37.52 4.22 -16.38
N ILE K 353 36.93 3.02 -16.38
CA ILE K 353 35.60 2.88 -15.82
C ILE K 353 35.68 1.84 -14.72
N ASP K 354 35.69 2.28 -13.47
CA ASP K 354 35.77 1.35 -12.33
C ASP K 354 34.76 1.64 -11.21
N ARG K 355 34.68 0.72 -10.24
CA ARG K 355 33.77 0.86 -9.10
C ARG K 355 34.49 1.43 -7.89
N VAL K 356 33.76 2.23 -7.12
CA VAL K 356 34.31 2.86 -5.95
C VAL K 356 33.44 2.50 -4.76
N PHE K 357 33.72 3.06 -3.60
CA PHE K 357 32.93 2.74 -2.43
C PHE K 357 32.74 3.93 -1.52
N ARG K 358 31.58 4.55 -1.64
CA ARG K 358 31.21 5.71 -0.84
C ARG K 358 30.47 5.22 0.39
N ASN K 359 30.32 6.07 1.40
CA ASN K 359 29.61 5.66 2.59
C ASN K 359 28.79 6.80 3.18
N GLU K 360 27.90 7.35 2.38
CA GLU K 360 27.02 8.44 2.80
C GLU K 360 26.35 7.98 4.10
N THR K 361 25.23 7.26 3.97
CA THR K 361 24.50 6.71 5.12
C THR K 361 23.92 5.36 4.68
N LEU K 362 23.76 4.45 5.63
CA LEU K 362 23.27 3.09 5.39
C LEU K 362 21.95 2.88 4.62
N ASP K 363 21.35 3.95 4.11
CA ASP K 363 20.10 3.81 3.36
C ASP K 363 20.32 3.00 2.06
N ALA K 364 19.97 1.71 2.10
CA ALA K 364 20.13 0.81 0.96
C ALA K 364 19.77 1.45 -0.40
N THR K 365 18.94 2.49 -0.38
CA THR K 365 18.51 3.19 -1.59
C THR K 365 19.68 3.69 -2.42
N HIS K 366 20.60 4.41 -1.78
CA HIS K 366 21.76 4.95 -2.47
C HIS K 366 22.99 4.09 -2.25
N LEU K 367 23.21 3.21 -3.21
CA LEU K 367 24.30 2.24 -3.25
C LEU K 367 25.50 2.65 -2.45
N ALA K 368 26.16 1.65 -1.87
CA ALA K 368 27.37 1.88 -1.10
C ALA K 368 28.52 1.88 -2.11
N GLU K 369 28.27 1.29 -3.26
CA GLU K 369 29.26 1.21 -4.32
C GLU K 369 28.66 1.31 -5.72
N PHE K 370 29.30 2.12 -6.54
CA PHE K 370 28.87 2.32 -7.90
C PHE K 370 30.03 2.43 -8.88
N HIS K 371 29.72 2.41 -10.17
CA HIS K 371 30.75 2.49 -11.21
C HIS K 371 30.87 3.93 -11.69
N GLN K 372 32.08 4.44 -11.65
CA GLN K 372 32.41 5.81 -12.03
C GLN K 372 33.38 5.82 -13.22
N ILE K 373 33.05 6.54 -14.28
CA ILE K 373 33.93 6.62 -15.45
C ILE K 373 34.63 7.97 -15.44
N GLU K 374 35.92 7.98 -15.78
CA GLU K 374 36.69 9.20 -15.82
C GLU K 374 37.56 9.32 -17.06
N GLY K 375 37.65 10.52 -17.62
CA GLY K 375 38.46 10.74 -18.81
C GLY K 375 39.43 11.85 -18.50
N VAL K 376 40.68 11.71 -18.94
CA VAL K 376 41.69 12.73 -18.70
C VAL K 376 42.55 13.00 -19.95
N VAL K 377 42.86 14.27 -20.20
CA VAL K 377 43.66 14.69 -21.35
C VAL K 377 44.81 15.54 -20.84
N ALA K 378 46.04 15.20 -21.23
CA ALA K 378 47.21 15.95 -20.77
C ALA K 378 48.04 16.38 -21.93
N ASP K 379 48.06 17.68 -22.20
CA ASP K 379 48.84 18.21 -23.30
C ASP K 379 49.40 19.59 -22.96
N HIS K 380 49.90 20.28 -23.97
CA HIS K 380 50.47 21.60 -23.80
C HIS K 380 49.43 22.68 -24.09
N GLY K 381 49.25 23.58 -23.14
CA GLY K 381 48.30 24.67 -23.34
C GLY K 381 46.85 24.32 -23.57
N LEU K 382 46.32 23.39 -22.79
CA LEU K 382 44.92 23.05 -22.90
C LEU K 382 44.14 24.15 -22.19
N THR K 383 43.02 24.55 -22.76
CA THR K 383 42.21 25.60 -22.15
C THR K 383 40.87 25.08 -21.67
N LEU K 384 40.20 25.89 -20.87
CA LEU K 384 38.90 25.50 -20.35
C LEU K 384 38.04 25.16 -21.55
N GLY K 385 38.24 25.90 -22.63
CA GLY K 385 37.48 25.69 -23.85
C GLY K 385 37.69 24.31 -24.41
N HIS K 386 38.91 23.79 -24.29
CA HIS K 386 39.24 22.45 -24.77
C HIS K 386 38.43 21.46 -23.96
N LEU K 387 38.48 21.63 -22.65
CA LEU K 387 37.75 20.77 -21.74
C LEU K 387 36.31 20.77 -22.23
N MET K 388 35.80 21.95 -22.55
CA MET K 388 34.42 22.07 -23.06
C MET K 388 34.27 21.37 -24.39
N GLY K 389 35.18 21.64 -25.31
CA GLY K 389 35.11 21.02 -26.63
C GLY K 389 35.07 19.51 -26.54
N VAL K 390 35.99 18.93 -25.79
CA VAL K 390 36.04 17.49 -25.64
C VAL K 390 34.71 17.02 -25.05
N LEU K 391 34.26 17.68 -23.99
CA LEU K 391 32.99 17.29 -23.39
C LEU K 391 31.85 17.26 -24.38
N ARG K 392 31.81 18.24 -25.27
CA ARG K 392 30.74 18.27 -26.26
C ARG K 392 30.84 17.06 -27.17
N GLU K 393 32.04 16.76 -27.63
CA GLU K 393 32.22 15.63 -28.51
C GLU K 393 31.83 14.34 -27.79
N PHE K 394 32.20 14.24 -26.52
CA PHE K 394 31.90 13.06 -25.73
C PHE K 394 30.40 12.86 -25.58
N PHE K 395 29.71 13.84 -25.02
CA PHE K 395 28.27 13.72 -24.84
C PHE K 395 27.47 13.65 -26.12
N THR K 396 28.11 13.86 -27.25
CA THR K 396 27.37 13.78 -28.50
C THR K 396 27.32 12.32 -28.91
N LYS K 397 28.40 11.59 -28.62
CA LYS K 397 28.46 10.16 -28.97
C LYS K 397 27.60 9.45 -27.98
N LEU K 398 26.97 10.22 -27.11
CA LEU K 398 26.09 9.70 -26.08
C LEU K 398 24.68 10.17 -26.41
N GLY K 399 24.60 10.92 -27.50
CA GLY K 399 23.33 11.45 -27.95
C GLY K 399 22.80 12.55 -27.07
N ILE K 400 23.56 13.64 -26.96
CA ILE K 400 23.15 14.80 -26.15
C ILE K 400 23.68 16.08 -26.76
N THR K 401 22.81 17.07 -26.94
CA THR K 401 23.26 18.31 -27.52
C THR K 401 22.95 19.52 -26.63
N GLN K 402 21.92 19.39 -25.81
CA GLN K 402 21.57 20.47 -24.92
C GLN K 402 22.66 20.55 -23.86
N LEU K 403 23.78 21.19 -24.18
CA LEU K 403 24.88 21.31 -23.20
C LEU K 403 25.13 22.71 -22.67
N ARG K 404 25.12 22.86 -21.34
CA ARG K 404 25.37 24.14 -20.72
C ARG K 404 26.29 23.91 -19.52
N PHE K 405 27.34 24.71 -19.43
CA PHE K 405 28.30 24.57 -18.35
C PHE K 405 28.08 25.52 -17.18
N LYS K 406 28.48 25.10 -15.99
CA LYS K 406 28.29 25.89 -14.79
C LYS K 406 29.52 25.79 -13.91
N PRO K 407 29.92 26.90 -13.28
CA PRO K 407 31.09 26.88 -12.39
C PRO K 407 30.84 25.95 -11.22
N ALA K 408 31.91 25.39 -10.68
CA ALA K 408 31.79 24.48 -9.56
C ALA K 408 33.08 24.41 -8.76
N TYR K 409 33.11 23.50 -7.80
CA TYR K 409 34.30 23.37 -6.98
C TYR K 409 34.75 21.94 -6.76
N ASN K 410 36.05 21.74 -6.95
CA ASN K 410 36.71 20.46 -6.74
C ASN K 410 38.04 20.86 -6.17
N PRO K 411 38.43 20.25 -5.05
CA PRO K 411 39.70 20.55 -4.40
C PRO K 411 40.87 20.45 -5.35
N TYR K 412 40.76 19.57 -6.34
CA TYR K 412 41.83 19.36 -7.29
C TYR K 412 41.72 19.90 -8.71
N THR K 413 41.15 21.07 -8.90
CA THR K 413 41.01 21.62 -10.24
C THR K 413 41.04 23.15 -10.20
N GLU K 414 41.91 23.78 -11.02
CA GLU K 414 41.98 25.24 -11.03
C GLU K 414 40.55 25.65 -11.33
N PRO K 415 40.11 25.64 -12.61
CA PRO K 415 38.70 26.02 -12.77
C PRO K 415 38.03 24.68 -12.74
N SER K 416 36.75 24.65 -12.38
CA SER K 416 36.03 23.38 -12.34
C SER K 416 34.65 23.70 -12.86
N MET K 417 34.06 22.80 -13.63
CA MET K 417 32.73 23.07 -14.11
C MET K 417 31.92 21.81 -14.19
N GLU K 418 30.63 21.97 -13.92
CA GLU K 418 29.70 20.87 -13.99
C GLU K 418 29.04 21.03 -15.35
N VAL K 419 28.66 19.91 -15.97
CA VAL K 419 28.04 19.95 -17.29
C VAL K 419 26.59 19.54 -17.22
N PHE K 420 25.70 20.44 -17.61
CA PHE K 420 24.28 20.17 -17.58
C PHE K 420 23.77 19.94 -18.99
N SER K 421 22.64 19.26 -19.08
CA SER K 421 21.98 19.00 -20.36
C SER K 421 20.50 19.19 -20.14
N TYR K 422 19.84 19.85 -21.08
CA TYR K 422 18.41 20.12 -20.98
C TYR K 422 17.52 18.94 -21.32
N HIS K 423 17.96 17.71 -21.05
CA HIS K 423 17.12 16.53 -21.32
C HIS K 423 15.71 16.91 -20.84
N GLN K 424 14.77 17.10 -21.77
CA GLN K 424 13.42 17.50 -21.40
C GLN K 424 12.43 16.36 -21.13
N GLY K 425 12.95 15.14 -21.07
CA GLY K 425 12.08 14.00 -20.77
C GLY K 425 11.54 14.27 -19.38
N LEU K 426 12.14 15.25 -18.72
CA LEU K 426 11.80 15.68 -17.37
C LEU K 426 11.51 17.18 -17.44
N LYS K 427 11.99 17.80 -18.51
CA LYS K 427 11.84 19.24 -18.77
C LYS K 427 12.51 20.15 -17.75
N LYS K 428 13.81 20.36 -17.93
CA LYS K 428 14.68 21.18 -17.07
C LYS K 428 16.11 20.74 -17.33
N TRP K 429 17.10 21.43 -16.75
CA TRP K 429 18.51 21.07 -16.93
C TRP K 429 18.94 19.95 -15.97
N VAL K 430 20.04 19.27 -16.30
CA VAL K 430 20.50 18.16 -15.48
C VAL K 430 22.01 17.96 -15.49
N GLU K 431 22.59 17.90 -14.30
CA GLU K 431 24.02 17.68 -14.17
C GLU K 431 24.28 16.29 -14.74
N VAL K 432 24.95 16.22 -15.87
CA VAL K 432 25.24 14.93 -16.49
C VAL K 432 26.72 14.60 -16.34
N GLY K 433 27.44 15.41 -15.57
CA GLY K 433 28.86 15.18 -15.36
C GLY K 433 29.64 16.38 -14.83
N ASN K 434 30.65 16.10 -14.00
CA ASN K 434 31.51 17.09 -13.35
C ASN K 434 32.92 17.06 -13.97
N SER K 435 33.57 18.22 -14.09
CA SER K 435 34.90 18.25 -14.67
C SER K 435 35.73 19.41 -14.13
N GLY K 436 37.01 19.42 -14.46
CA GLY K 436 37.88 20.49 -13.99
C GLY K 436 39.20 20.54 -14.72
N VAL K 437 40.21 21.14 -14.09
CA VAL K 437 41.53 21.25 -14.68
C VAL K 437 42.60 21.10 -13.62
N PHE K 438 42.83 19.88 -13.14
CA PHE K 438 43.85 19.64 -12.12
C PHE K 438 44.75 20.82 -11.75
N ARG K 439 44.76 21.18 -10.47
CA ARG K 439 45.59 22.29 -9.98
C ARG K 439 47.06 21.95 -10.10
N PRO K 440 47.89 22.97 -10.28
CA PRO K 440 49.31 22.69 -10.42
C PRO K 440 49.92 22.16 -9.13
N GLU K 441 49.32 22.50 -8.01
CA GLU K 441 49.87 22.00 -6.75
C GLU K 441 49.61 20.50 -6.65
N MET K 442 48.93 19.96 -7.65
CA MET K 442 48.65 18.52 -7.67
C MET K 442 49.63 17.90 -8.64
N LEU K 443 49.74 18.55 -9.80
CA LEU K 443 50.58 18.10 -10.89
C LEU K 443 52.06 18.34 -10.74
N LEU K 444 52.45 19.60 -10.53
CA LEU K 444 53.85 19.97 -10.41
C LEU K 444 54.66 19.09 -9.47
N PRO K 445 54.14 18.80 -8.28
CA PRO K 445 54.91 17.94 -7.37
C PRO K 445 55.11 16.51 -7.90
N MET K 446 54.28 16.09 -8.87
CA MET K 446 54.42 14.76 -9.45
C MET K 446 55.64 14.79 -10.35
N GLY K 447 56.01 15.98 -10.81
CA GLY K 447 57.16 16.10 -11.67
C GLY K 447 56.81 16.44 -13.10
N LEU K 448 55.54 16.72 -13.34
CA LEU K 448 55.14 17.08 -14.70
C LEU K 448 55.69 18.45 -14.97
N PRO K 449 55.97 18.76 -16.24
CA PRO K 449 56.51 20.06 -16.65
C PRO K 449 55.49 21.15 -16.45
N GLU K 450 55.95 22.38 -16.22
CA GLU K 450 55.07 23.52 -16.01
C GLU K 450 54.31 23.92 -17.27
N ASN K 451 54.83 23.56 -18.44
CA ASN K 451 54.17 23.92 -19.69
C ASN K 451 53.06 22.93 -20.04
N VAL K 452 52.97 21.85 -19.28
CA VAL K 452 51.93 20.85 -19.49
C VAL K 452 50.76 21.11 -18.55
N SER K 453 49.54 20.96 -19.06
CA SER K 453 48.37 21.15 -18.23
C SER K 453 47.46 19.99 -18.55
N VAL K 454 46.74 19.48 -17.56
CA VAL K 454 45.83 18.37 -17.82
C VAL K 454 44.43 18.67 -17.34
N ILE K 455 43.45 18.33 -18.19
CA ILE K 455 42.03 18.55 -17.90
C ILE K 455 41.40 17.18 -17.75
N ALA K 456 40.27 17.11 -17.05
CA ALA K 456 39.60 15.82 -16.84
C ALA K 456 38.13 16.01 -16.52
N TRP K 457 37.36 14.93 -16.67
CA TRP K 457 35.92 14.97 -16.41
C TRP K 457 35.43 13.59 -16.02
N GLY K 458 34.27 13.51 -15.39
CA GLY K 458 33.77 12.21 -14.97
C GLY K 458 32.28 12.15 -14.64
N LEU K 459 31.77 10.93 -14.58
CA LEU K 459 30.36 10.73 -14.25
C LEU K 459 30.16 9.30 -13.81
N SER K 460 28.93 8.95 -13.45
CA SER K 460 28.65 7.60 -12.98
C SER K 460 27.96 6.79 -14.04
N LEU K 461 28.34 5.51 -14.11
CA LEU K 461 27.77 4.57 -15.05
C LEU K 461 26.28 4.35 -14.77
N GLU K 462 25.90 4.52 -13.50
CA GLU K 462 24.53 4.32 -13.02
C GLU K 462 23.52 5.36 -13.51
N ARG K 463 23.73 6.64 -13.17
CA ARG K 463 22.83 7.73 -13.57
C ARG K 463 22.28 7.60 -14.99
N PRO K 464 23.16 7.52 -16.00
CA PRO K 464 22.75 7.40 -17.39
C PRO K 464 22.06 6.09 -17.78
N THR K 465 22.65 4.97 -17.40
CA THR K 465 22.12 3.65 -17.73
C THR K 465 20.71 3.52 -17.19
N MET K 466 20.50 4.18 -16.07
CA MET K 466 19.22 4.17 -15.42
C MET K 466 18.30 5.01 -16.27
N ILE K 467 18.90 5.92 -17.03
CA ILE K 467 18.14 6.80 -17.91
C ILE K 467 17.96 6.16 -19.28
N LYS K 468 19.01 5.50 -19.77
CA LYS K 468 18.93 4.87 -21.08
C LYS K 468 17.90 3.76 -21.12
N TYR K 469 17.90 2.88 -20.11
CA TYR K 469 16.89 1.81 -20.03
C TYR K 469 15.78 2.39 -19.14
N GLY K 470 14.59 1.82 -19.22
CA GLY K 470 13.49 2.33 -18.40
C GLY K 470 13.84 2.63 -16.95
N ILE K 471 14.55 1.69 -16.36
CA ILE K 471 14.98 1.69 -14.95
C ILE K 471 14.99 2.99 -14.14
N ASN K 472 14.29 2.96 -13.00
CA ASN K 472 14.23 4.12 -12.12
C ASN K 472 14.97 3.92 -10.79
N ASN K 473 15.19 2.67 -10.41
CA ASN K 473 15.92 2.39 -9.19
C ASN K 473 17.00 1.42 -9.60
N ILE K 474 18.26 1.79 -9.42
CA ILE K 474 19.35 0.91 -9.84
C ILE K 474 19.50 -0.29 -8.93
N ARG K 475 19.09 -0.13 -7.68
CA ARG K 475 19.16 -1.23 -6.73
C ARG K 475 18.28 -2.35 -7.27
N GLU K 476 17.60 -2.06 -8.38
CA GLU K 476 16.71 -3.03 -9.05
C GLU K 476 17.47 -3.96 -10.01
N LEU K 477 18.71 -3.63 -10.33
CA LEU K 477 19.50 -4.49 -11.21
C LEU K 477 20.98 -4.40 -10.94
N VAL K 478 21.35 -4.17 -9.69
CA VAL K 478 22.74 -4.10 -9.31
C VAL K 478 22.93 -4.69 -7.91
N GLY K 479 23.20 -5.98 -7.87
CA GLY K 479 23.39 -6.64 -6.60
C GLY K 479 22.73 -7.99 -6.64
N HIS K 480 22.66 -8.65 -5.49
CA HIS K 480 22.04 -9.97 -5.43
C HIS K 480 20.54 -9.84 -5.43
N LYS K 481 20.05 -8.62 -5.44
CA LYS K 481 18.61 -8.42 -5.47
C LYS K 481 18.11 -8.12 -6.88
N VAL K 482 19.01 -8.13 -7.86
CA VAL K 482 18.66 -7.85 -9.24
C VAL K 482 17.54 -8.77 -9.74
N ASN K 483 16.60 -8.20 -10.49
CA ASN K 483 15.49 -8.97 -11.05
C ASN K 483 15.95 -9.57 -12.38
N LEU K 484 16.55 -10.75 -12.34
CA LEU K 484 17.05 -11.39 -13.52
C LEU K 484 16.13 -11.29 -14.74
N GLN K 485 14.83 -11.38 -14.54
CA GLN K 485 13.91 -11.31 -15.68
C GLN K 485 14.12 -10.02 -16.46
N MET K 486 14.44 -8.95 -15.77
CA MET K 486 14.65 -7.67 -16.41
C MET K 486 15.91 -7.74 -17.28
N VAL K 487 16.87 -8.54 -16.84
CA VAL K 487 18.13 -8.72 -17.58
C VAL K 487 17.88 -9.49 -18.87
N TYR K 488 17.16 -10.59 -18.75
CA TYR K 488 16.83 -11.42 -19.90
C TYR K 488 16.23 -10.57 -21.02
N ASP K 489 15.40 -9.63 -20.62
CA ASP K 489 14.71 -8.77 -21.55
C ASP K 489 15.43 -7.50 -21.98
N SER K 490 16.48 -7.09 -21.26
CA SER K 490 17.20 -5.86 -21.62
C SER K 490 17.69 -5.90 -23.05
N PRO K 491 17.35 -4.86 -23.85
CA PRO K 491 17.72 -4.70 -25.26
C PRO K 491 19.17 -4.28 -25.44
N LEU K 492 19.63 -4.24 -26.69
CA LEU K 492 21.01 -3.85 -26.94
C LEU K 492 21.17 -2.34 -26.78
N CYS K 493 22.42 -1.89 -26.60
CA CYS K 493 22.68 -0.47 -26.40
C CYS K 493 23.32 0.35 -27.55
N ARG K 494 22.50 1.16 -28.21
CA ARG K 494 22.94 2.06 -29.30
C ARG K 494 22.86 3.48 -28.70
N LEU K 495 22.63 4.48 -29.56
CA LEU K 495 22.49 5.88 -29.14
C LEU K 495 21.86 6.77 -30.21
N ASP K 496 20.53 6.70 -30.29
CA ASP K 496 19.71 7.48 -31.23
C ASP K 496 18.34 7.75 -30.59
N ALA K 497 17.91 6.82 -29.73
CA ALA K 497 16.63 6.87 -29.00
C ALA K 497 15.49 7.61 -29.69
N GLU K 498 15.36 7.46 -31.01
CA GLU K 498 14.31 8.13 -31.75
C GLU K 498 13.86 7.36 -33.00
N MET L 1 27.87 21.01 0.35
CA MET L 1 27.05 22.02 -0.37
C MET L 1 26.33 22.97 0.60
N PRO L 2 27.03 24.04 1.05
CA PRO L 2 26.43 25.01 1.97
C PRO L 2 25.21 25.71 1.39
N THR L 3 24.10 25.65 2.12
CA THR L 3 22.85 26.28 1.68
C THR L 3 22.57 27.50 2.57
N VAL L 4 22.04 28.56 1.98
CA VAL L 4 21.75 29.76 2.73
C VAL L 4 20.34 30.27 2.49
N SER L 5 19.51 30.24 3.53
CA SER L 5 18.12 30.71 3.42
C SER L 5 18.07 32.22 3.64
N VAL L 6 17.28 32.91 2.82
CA VAL L 6 17.15 34.35 2.95
C VAL L 6 15.74 34.83 2.66
N LYS L 7 15.26 35.77 3.47
CA LYS L 7 13.92 36.32 3.26
C LYS L 7 13.95 37.01 1.90
N ARG L 8 13.19 36.47 0.95
CA ARG L 8 13.15 37.00 -0.40
C ARG L 8 13.01 38.52 -0.46
N ASP L 9 11.83 39.00 -0.09
CA ASP L 9 11.53 40.44 -0.09
C ASP L 9 12.70 41.25 0.47
N LEU L 10 13.37 40.69 1.46
CA LEU L 10 14.50 41.33 2.10
C LEU L 10 15.68 41.31 1.15
N LEU L 11 15.97 40.13 0.62
CA LEU L 11 17.06 39.94 -0.33
C LEU L 11 16.94 40.99 -1.44
N PHE L 12 15.77 41.02 -2.10
CA PHE L 12 15.51 41.95 -3.18
C PHE L 12 15.73 43.38 -2.71
N GLN L 13 15.15 43.71 -1.56
CA GLN L 13 15.28 45.04 -1.01
C GLN L 13 16.75 45.34 -0.77
N ALA L 14 17.48 44.35 -0.25
CA ALA L 14 18.90 44.49 0.03
C ALA L 14 19.65 44.87 -1.24
N LEU L 15 19.32 44.20 -2.34
CA LEU L 15 19.97 44.46 -3.62
C LEU L 15 19.59 45.82 -4.20
N GLY L 16 18.29 46.08 -4.30
CA GLY L 16 17.81 47.35 -4.85
C GLY L 16 17.05 47.10 -6.14
N ARG L 17 16.43 45.92 -6.20
CA ARG L 17 15.65 45.50 -7.36
C ARG L 17 14.69 44.37 -7.01
N THR L 18 13.83 44.04 -7.95
CA THR L 18 12.88 42.96 -7.80
C THR L 18 13.16 41.95 -8.91
N TYR L 19 13.26 40.68 -8.53
CA TYR L 19 13.58 39.63 -9.51
C TYR L 19 12.53 38.56 -9.72
N THR L 20 12.40 38.13 -10.97
CA THR L 20 11.47 37.06 -11.35
C THR L 20 12.07 35.82 -10.71
N ASP L 21 11.28 34.77 -10.52
CA ASP L 21 11.84 33.55 -9.96
C ASP L 21 12.77 32.91 -10.99
N GLU L 22 12.81 33.51 -12.17
CA GLU L 22 13.68 33.07 -13.25
C GLU L 22 14.86 34.03 -13.27
N GLU L 23 14.57 35.33 -13.29
CA GLU L 23 15.60 36.36 -13.32
C GLU L 23 16.68 36.10 -12.28
N PHE L 24 16.26 35.66 -11.09
CA PHE L 24 17.20 35.38 -10.00
C PHE L 24 17.82 34.01 -10.18
N ASP L 25 17.01 33.02 -10.56
CA ASP L 25 17.54 31.68 -10.76
C ASP L 25 18.66 31.81 -11.80
N GLU L 26 18.51 32.80 -12.67
CA GLU L 26 19.49 33.06 -13.71
C GLU L 26 20.76 33.69 -13.10
N LEU L 27 20.56 34.79 -12.39
CA LEU L 27 21.65 35.50 -11.73
C LEU L 27 22.48 34.50 -10.92
N CYS L 28 21.81 33.55 -10.27
CA CYS L 28 22.49 32.51 -9.46
C CYS L 28 23.45 31.72 -10.35
N PHE L 29 22.89 31.15 -11.40
CA PHE L 29 23.62 30.35 -12.38
C PHE L 29 24.83 31.14 -12.86
N GLU L 30 24.57 32.37 -13.26
CA GLU L 30 25.58 33.29 -13.77
C GLU L 30 26.76 33.52 -12.81
N PHE L 31 26.52 33.27 -11.53
CA PHE L 31 27.54 33.49 -10.50
C PHE L 31 28.00 32.22 -9.79
N GLY L 32 27.69 31.07 -10.36
CA GLY L 32 28.11 29.81 -9.75
C GLY L 32 27.24 29.34 -8.62
N LEU L 33 26.15 30.05 -8.38
CA LEU L 33 25.24 29.68 -7.32
C LEU L 33 24.09 28.86 -7.89
N GLU L 34 23.19 28.43 -7.03
CA GLU L 34 22.05 27.64 -7.46
C GLU L 34 20.88 27.90 -6.54
N LEU L 35 19.73 28.24 -7.12
CA LEU L 35 18.54 28.50 -6.33
C LEU L 35 17.85 27.17 -6.08
N ASP L 36 18.39 26.40 -5.14
CA ASP L 36 17.89 25.07 -4.80
C ASP L 36 16.37 24.91 -4.69
N GLU L 37 15.72 25.75 -3.86
CA GLU L 37 14.27 25.67 -3.72
C GLU L 37 13.66 26.95 -3.13
N ILE L 38 12.34 27.09 -3.28
CA ILE L 38 11.63 28.25 -2.75
C ILE L 38 10.46 27.72 -1.93
N THR L 39 10.66 27.69 -0.61
CA THR L 39 9.66 27.19 0.34
C THR L 39 9.78 27.93 1.68
N SER L 40 8.66 28.18 2.33
CA SER L 40 8.68 28.88 3.62
C SER L 40 8.54 27.84 4.74
N GLU L 41 7.32 27.38 5.02
CA GLU L 41 7.11 26.37 6.07
C GLU L 41 5.83 25.51 5.99
N LYS L 42 4.75 26.02 5.38
CA LYS L 42 3.48 25.28 5.25
C LYS L 42 3.54 24.27 4.09
N GLU L 43 4.57 24.45 3.26
CA GLU L 43 4.86 23.58 2.11
C GLU L 43 6.26 23.01 2.40
N ILE L 44 6.64 23.11 3.68
CA ILE L 44 7.91 22.63 4.24
C ILE L 44 7.62 21.69 5.41
N ILE L 45 6.49 21.92 6.07
CA ILE L 45 6.09 21.11 7.21
C ILE L 45 4.79 20.34 6.95
N SER L 46 4.65 19.83 5.74
CA SER L 46 3.50 19.03 5.31
C SER L 46 4.17 17.87 4.57
N LYS L 47 5.50 17.99 4.46
CA LYS L 47 6.37 17.02 3.80
C LYS L 47 7.22 16.33 4.87
N GLU L 48 7.57 17.06 5.92
CA GLU L 48 8.36 16.52 7.01
C GLU L 48 7.52 15.61 7.92
N GLN L 49 6.51 16.19 8.56
CA GLN L 49 5.65 15.41 9.48
C GLN L 49 4.16 15.71 9.41
N GLY L 50 3.58 15.66 8.20
CA GLY L 50 2.16 15.89 8.03
C GLY L 50 1.60 17.24 8.41
N ASN L 51 1.51 17.53 9.71
CA ASN L 51 0.96 18.81 10.17
C ASN L 51 1.27 19.23 11.63
N VAL L 52 2.28 20.07 11.80
CA VAL L 52 2.69 20.63 13.09
C VAL L 52 2.98 22.10 12.75
N LYS L 53 2.37 22.54 11.65
CA LYS L 53 2.52 23.90 11.12
C LYS L 53 2.04 24.99 12.09
N ALA L 54 2.34 26.24 11.75
CA ALA L 54 1.96 27.41 12.54
C ALA L 54 2.02 28.68 11.68
N ALA L 55 2.55 29.75 12.25
CA ALA L 55 2.68 31.01 11.54
C ALA L 55 3.50 32.02 12.36
N GLY L 56 4.82 31.93 12.25
CA GLY L 56 5.73 32.83 12.97
C GLY L 56 6.78 33.45 12.05
N ALA L 57 6.88 32.89 10.85
CA ALA L 57 7.82 33.36 9.82
C ALA L 57 7.63 32.47 8.58
N SER L 58 6.39 32.39 8.11
CA SER L 58 6.04 31.58 6.94
C SER L 58 4.99 32.30 6.06
N ASP L 59 4.86 33.62 6.26
CA ASP L 59 3.93 34.47 5.51
C ASP L 59 4.49 34.81 4.12
N VAL L 60 5.76 35.23 4.09
CA VAL L 60 6.46 35.56 2.85
C VAL L 60 7.54 34.48 2.65
N VAL L 61 7.68 33.98 1.43
CA VAL L 61 8.67 32.93 1.16
C VAL L 61 10.11 33.42 1.05
N LEU L 62 11.01 32.48 1.29
CA LEU L 62 12.44 32.71 1.28
C LEU L 62 13.15 31.79 0.27
N TYR L 63 14.28 32.25 -0.25
CA TYR L 63 15.06 31.47 -1.21
C TYR L 63 16.07 30.60 -0.49
N LYS L 64 16.18 29.36 -0.96
CA LYS L 64 17.11 28.40 -0.40
C LYS L 64 18.27 28.39 -1.41
N ILE L 65 19.27 29.23 -1.18
CA ILE L 65 20.42 29.34 -2.08
C ILE L 65 21.60 28.42 -1.75
N ASP L 66 22.14 27.77 -2.77
CA ASP L 66 23.28 26.90 -2.59
C ASP L 66 24.54 27.66 -2.94
N VAL L 67 25.56 27.51 -2.12
CA VAL L 67 26.82 28.22 -2.32
C VAL L 67 28.02 27.29 -2.25
N PRO L 68 29.08 27.56 -3.05
CA PRO L 68 30.32 26.74 -3.10
C PRO L 68 31.05 26.67 -1.78
N ALA L 69 31.35 25.46 -1.31
CA ALA L 69 32.04 25.27 -0.04
C ALA L 69 33.43 25.91 -0.06
N ASN L 70 33.67 26.68 -1.12
CA ASN L 70 34.94 27.36 -1.35
C ASN L 70 34.85 28.79 -0.84
N ARG L 71 33.88 29.53 -1.36
CA ARG L 71 33.66 30.92 -1.00
C ARG L 71 33.01 31.04 0.39
N TYR L 72 33.72 31.59 1.36
CA TYR L 72 33.18 31.76 2.71
C TYR L 72 32.43 33.06 2.88
N ASP L 73 32.79 34.04 2.07
CA ASP L 73 32.14 35.34 2.12
C ASP L 73 30.74 35.30 1.55
N LEU L 74 30.17 34.10 1.45
CA LEU L 74 28.84 33.92 0.90
C LEU L 74 27.98 33.01 1.76
N LEU L 75 28.14 33.08 3.07
CA LEU L 75 27.36 32.22 3.97
C LEU L 75 26.25 32.95 4.70
N CYS L 76 26.01 34.20 4.31
CA CYS L 76 24.99 35.03 4.93
C CYS L 76 24.44 35.96 3.86
N LEU L 77 23.28 36.55 4.12
CA LEU L 77 22.69 37.45 3.16
C LEU L 77 23.59 38.65 2.91
N GLU L 78 24.17 39.19 3.98
CA GLU L 78 25.06 40.34 3.84
C GLU L 78 26.14 40.06 2.81
N GLY L 79 26.64 38.82 2.82
CA GLY L 79 27.69 38.41 1.89
C GLY L 79 27.23 38.20 0.47
N LEU L 80 26.18 37.42 0.27
CA LEU L 80 25.65 37.16 -1.07
C LEU L 80 25.27 38.46 -1.75
N VAL L 81 24.63 39.36 -1.00
CA VAL L 81 24.22 40.64 -1.54
C VAL L 81 25.44 41.46 -1.93
N ARG L 82 26.47 41.44 -1.09
CA ARG L 82 27.68 42.19 -1.38
C ARG L 82 28.37 41.62 -2.61
N GLY L 83 28.49 40.29 -2.64
CA GLY L 83 29.13 39.64 -3.76
C GLY L 83 28.44 39.90 -5.09
N LEU L 84 27.17 39.54 -5.17
CA LEU L 84 26.39 39.73 -6.40
C LEU L 84 26.36 41.19 -6.80
N GLN L 85 26.31 42.07 -5.81
CA GLN L 85 26.25 43.50 -6.06
C GLN L 85 27.47 43.97 -6.84
N VAL L 86 28.66 43.55 -6.42
CA VAL L 86 29.88 43.95 -7.11
C VAL L 86 30.03 43.23 -8.44
N PHE L 87 29.56 41.98 -8.46
CA PHE L 87 29.63 41.13 -9.65
C PHE L 87 28.91 41.78 -10.82
N LYS L 88 27.84 42.51 -10.53
CA LYS L 88 27.06 43.19 -11.56
C LYS L 88 27.38 44.68 -11.55
N GLU L 89 28.57 45.02 -11.04
CA GLU L 89 29.04 46.39 -10.94
C GLU L 89 27.96 47.41 -10.58
N ARG L 90 27.03 47.00 -9.72
CA ARG L 90 25.94 47.85 -9.26
C ARG L 90 26.42 48.60 -8.01
N ILE L 91 27.62 48.28 -7.57
CA ILE L 91 28.20 48.89 -6.37
C ILE L 91 29.71 48.73 -6.38
N LYS L 92 30.43 49.67 -5.78
CA LYS L 92 31.87 49.54 -5.72
C LYS L 92 32.14 48.62 -4.52
N ALA L 93 33.17 47.78 -4.62
CA ALA L 93 33.50 46.87 -3.52
C ALA L 93 34.06 47.66 -2.34
N PRO L 94 33.51 47.41 -1.14
CA PRO L 94 33.91 48.08 0.10
C PRO L 94 35.29 47.66 0.61
N VAL L 95 35.95 48.57 1.31
CA VAL L 95 37.27 48.28 1.86
C VAL L 95 37.19 48.08 3.36
N TYR L 96 37.87 47.04 3.85
CA TYR L 96 37.84 46.73 5.28
C TYR L 96 39.14 47.17 5.95
N LYS L 97 39.04 48.17 6.82
CA LYS L 97 40.18 48.70 7.56
C LYS L 97 39.97 48.46 9.04
N ARG L 98 41.01 48.07 9.75
CA ARG L 98 40.88 47.86 11.18
C ARG L 98 41.49 49.09 11.84
N VAL L 99 40.77 49.67 12.78
CA VAL L 99 41.21 50.88 13.46
C VAL L 99 41.55 50.70 14.94
N MET L 100 42.27 51.67 15.48
CA MET L 100 42.64 51.67 16.88
C MET L 100 41.53 52.38 17.65
N PRO L 101 41.16 51.87 18.82
CA PRO L 101 40.10 52.48 19.63
C PRO L 101 40.62 53.62 20.50
N ASP L 102 39.74 54.19 21.32
CA ASP L 102 40.13 55.28 22.20
C ASP L 102 40.55 54.73 23.56
N GLY L 103 41.80 54.27 23.64
CA GLY L 103 42.33 53.74 24.87
C GLY L 103 41.89 52.32 25.20
N LYS L 104 40.60 52.04 25.03
CA LYS L 104 40.04 50.72 25.31
C LYS L 104 40.62 49.65 24.38
N ILE L 105 41.94 49.53 24.37
CA ILE L 105 42.63 48.54 23.53
C ILE L 105 42.39 47.15 24.09
N GLN L 106 41.13 46.71 24.07
CA GLN L 106 40.76 45.38 24.55
C GLN L 106 41.90 44.39 24.31
N LYS L 107 42.14 43.52 25.27
CA LYS L 107 43.19 42.53 25.08
C LYS L 107 42.82 41.19 25.70
N LEU L 108 43.24 40.13 25.02
CA LEU L 108 42.97 38.77 25.44
C LEU L 108 44.32 38.08 25.59
N ILE L 109 44.57 37.51 26.76
CA ILE L 109 45.84 36.85 27.03
C ILE L 109 45.75 35.33 27.04
N ILE L 110 46.67 34.70 26.31
CA ILE L 110 46.73 33.25 26.22
C ILE L 110 47.77 32.79 27.22
N THR L 111 47.51 31.65 27.86
CA THR L 111 48.44 31.13 28.86
C THR L 111 49.08 29.82 28.40
N GLU L 112 49.89 29.24 29.27
CA GLU L 112 50.58 27.99 28.98
C GLU L 112 49.63 26.79 29.01
N GLU L 113 48.72 26.77 29.97
CA GLU L 113 47.76 25.67 30.11
C GLU L 113 46.95 25.52 28.83
N THR L 114 47.13 26.47 27.92
CA THR L 114 46.44 26.50 26.63
C THR L 114 47.01 25.51 25.65
N ALA L 115 48.21 25.82 25.15
CA ALA L 115 48.90 24.99 24.16
C ALA L 115 48.98 23.50 24.52
N LYS L 116 47.92 22.76 24.19
CA LYS L 116 47.81 21.32 24.43
C LYS L 116 46.36 20.85 24.41
N ILE L 117 45.43 21.79 24.24
CA ILE L 117 44.01 21.47 24.18
C ILE L 117 43.38 22.31 23.05
N ARG L 118 43.82 23.56 22.95
CA ARG L 118 43.37 24.52 21.93
C ARG L 118 44.51 25.55 21.85
N PRO L 119 45.69 25.11 21.39
CA PRO L 119 46.93 25.89 21.23
C PRO L 119 46.79 27.41 21.15
N PHE L 120 46.09 27.88 20.12
CA PHE L 120 45.93 29.31 19.92
C PHE L 120 44.49 29.78 19.77
N ALA L 121 44.33 31.09 19.89
CA ALA L 121 43.04 31.72 19.76
C ALA L 121 43.31 33.16 19.34
N VAL L 122 42.28 33.80 18.81
CA VAL L 122 42.40 35.18 18.35
C VAL L 122 41.06 35.87 18.51
N ALA L 123 41.09 37.19 18.66
CA ALA L 123 39.86 37.95 18.82
C ALA L 123 39.94 39.36 18.27
N ALA L 124 38.83 40.09 18.41
CA ALA L 124 38.71 41.47 17.95
C ALA L 124 37.29 41.97 18.23
N VAL L 125 37.09 43.27 18.18
CA VAL L 125 35.76 43.84 18.43
C VAL L 125 35.30 44.80 17.34
N LEU L 126 33.99 44.93 17.23
CA LEU L 126 33.40 45.83 16.24
C LEU L 126 32.42 46.75 16.97
N ARG L 127 32.76 48.03 16.96
CA ARG L 127 32.01 49.09 17.65
C ARG L 127 30.66 49.55 17.12
N ASN L 128 29.72 49.64 18.03
CA ASN L 128 28.37 50.13 17.76
C ASN L 128 27.66 49.49 16.57
N ILE L 129 27.23 48.26 16.70
CA ILE L 129 26.52 47.62 15.60
C ILE L 129 25.03 47.92 15.71
N LYS L 130 24.43 48.38 14.62
CA LYS L 130 23.01 48.66 14.61
C LYS L 130 22.32 47.35 14.21
N PHE L 131 22.04 46.48 15.18
CA PHE L 131 21.39 45.20 14.87
C PHE L 131 19.91 45.29 14.49
N THR L 132 19.33 44.14 14.16
CA THR L 132 17.94 44.09 13.75
C THR L 132 17.40 42.67 13.93
N LYS L 133 16.09 42.55 13.95
CA LYS L 133 15.44 41.25 14.10
C LYS L 133 16.20 40.29 13.18
N ASP L 134 16.25 40.65 11.90
CA ASP L 134 16.91 39.87 10.88
C ASP L 134 18.43 39.90 10.98
N ARG L 135 19.00 41.10 10.93
CA ARG L 135 20.44 41.25 11.01
C ARG L 135 21.00 40.39 12.14
N TYR L 136 20.27 40.30 13.24
CA TYR L 136 20.70 39.49 14.36
C TYR L 136 20.74 38.03 13.93
N ASP L 137 19.58 37.49 13.58
CA ASP L 137 19.48 36.10 13.17
C ASP L 137 20.51 35.75 12.10
N SER L 138 20.75 36.69 11.19
CA SER L 138 21.73 36.48 10.14
C SER L 138 23.10 36.34 10.79
N PHE L 139 23.40 37.21 11.74
CA PHE L 139 24.68 37.20 12.44
C PHE L 139 24.86 35.88 13.21
N ILE L 140 23.77 35.36 13.77
CA ILE L 140 23.85 34.10 14.50
C ILE L 140 23.97 32.95 13.52
N GLU L 141 23.19 33.04 12.44
CA GLU L 141 23.19 32.00 11.43
C GLU L 141 24.59 31.78 10.87
N LEU L 142 25.19 32.85 10.36
CA LEU L 142 26.54 32.79 9.79
C LEU L 142 27.48 32.08 10.76
N GLN L 143 27.33 32.41 12.03
CA GLN L 143 28.14 31.82 13.08
C GLN L 143 28.01 30.30 13.06
N GLU L 144 26.76 29.83 13.02
CA GLU L 144 26.48 28.40 12.95
C GLU L 144 26.97 27.85 11.62
N LYS L 145 26.63 28.56 10.55
CA LYS L 145 27.00 28.15 9.19
C LYS L 145 28.48 27.77 9.07
N LEU L 146 29.37 28.71 9.39
CA LEU L 146 30.80 28.42 9.27
C LEU L 146 31.38 27.65 10.45
N HIS L 147 30.52 27.24 11.37
CA HIS L 147 30.96 26.47 12.53
C HIS L 147 31.04 25.03 12.07
N GLN L 148 29.88 24.39 12.04
CA GLN L 148 29.77 23.00 11.64
C GLN L 148 29.98 22.86 10.13
N ASN L 149 30.99 23.56 9.61
CA ASN L 149 31.28 23.51 8.19
C ASN L 149 32.78 23.71 7.98
N ILE L 150 33.19 24.96 7.84
CA ILE L 150 34.60 25.29 7.62
C ILE L 150 35.47 25.02 8.87
N CYS L 151 34.84 24.93 10.04
CA CYS L 151 35.55 24.67 11.28
C CYS L 151 35.48 23.18 11.63
N ARG L 152 34.72 22.43 10.83
CA ARG L 152 34.52 21.00 11.06
C ARG L 152 33.91 20.83 12.44
N LYS L 153 32.66 21.28 12.57
CA LYS L 153 31.93 21.22 13.83
C LYS L 153 32.76 21.70 15.02
N ARG L 154 33.32 22.90 14.89
CA ARG L 154 34.12 23.54 15.94
C ARG L 154 35.42 22.81 16.28
N ALA L 155 35.57 21.60 15.76
CA ALA L 155 36.77 20.82 16.02
C ALA L 155 38.06 21.64 15.95
N LEU L 156 38.27 22.32 14.83
CA LEU L 156 39.48 23.13 14.66
C LEU L 156 39.31 24.54 15.21
N VAL L 157 38.26 25.21 14.78
CA VAL L 157 38.00 26.57 15.22
C VAL L 157 36.64 26.71 15.87
N ALA L 158 36.58 27.53 16.92
CA ALA L 158 35.35 27.80 17.66
C ALA L 158 35.24 29.31 17.84
N ILE L 159 34.09 29.87 17.46
CA ILE L 159 33.88 31.31 17.57
C ILE L 159 32.87 31.70 18.66
N GLY L 160 33.23 32.74 19.40
CA GLY L 160 32.38 33.23 20.46
C GLY L 160 32.18 34.74 20.35
N THR L 161 30.93 35.17 20.31
CA THR L 161 30.61 36.59 20.23
C THR L 161 30.06 37.05 21.56
N HIS L 162 30.61 38.12 22.10
CA HIS L 162 30.18 38.61 23.39
C HIS L 162 29.73 40.07 23.40
N ASP L 163 28.84 40.38 24.33
CA ASP L 163 28.31 41.73 24.50
C ASP L 163 29.26 42.46 25.43
N LEU L 164 30.28 43.09 24.84
CA LEU L 164 31.33 43.82 25.57
C LEU L 164 30.85 44.79 26.67
N ASP L 165 29.58 45.19 26.62
CA ASP L 165 29.06 46.10 27.63
C ASP L 165 28.73 45.37 28.92
N THR L 166 28.80 44.04 28.89
CA THR L 166 28.50 43.23 30.06
C THR L 166 29.70 42.50 30.65
N LEU L 167 30.84 43.21 30.72
CA LEU L 167 32.09 42.68 31.27
C LEU L 167 33.18 43.66 30.88
N SER L 168 34.32 43.61 31.58
CA SER L 168 35.40 44.53 31.24
C SER L 168 36.78 44.09 31.73
N GLY L 169 37.78 44.91 31.44
CA GLY L 169 39.14 44.60 31.83
C GLY L 169 39.72 43.43 31.04
N PRO L 170 41.04 43.41 30.81
CA PRO L 170 41.75 42.35 30.06
C PRO L 170 41.19 40.93 30.27
N PHE L 171 41.00 40.23 29.16
CA PHE L 171 40.46 38.87 29.21
C PHE L 171 41.57 37.82 29.20
N THR L 172 41.28 36.64 29.73
CA THR L 172 42.28 35.58 29.78
C THR L 172 41.80 34.26 29.20
N TYR L 173 42.67 33.66 28.40
CA TYR L 173 42.35 32.37 27.78
C TYR L 173 43.28 31.34 28.41
N THR L 174 42.68 30.32 29.04
CA THR L 174 43.46 29.27 29.69
C THR L 174 42.66 28.00 29.92
N ALA L 175 43.25 27.04 30.63
CA ALA L 175 42.61 25.77 30.92
C ALA L 175 42.85 25.28 32.35
N LYS L 176 41.76 24.94 33.03
CA LYS L 176 41.81 24.45 34.41
C LYS L 176 41.10 23.10 34.47
N ARG L 177 41.20 22.40 35.60
CA ARG L 177 40.56 21.09 35.76
C ARG L 177 39.06 21.24 35.53
N PRO L 178 38.40 20.20 34.97
CA PRO L 178 36.95 20.30 34.73
C PRO L 178 36.19 20.75 35.97
N SER L 179 36.28 19.95 37.02
CA SER L 179 35.62 20.30 38.29
C SER L 179 36.41 21.40 38.98
N ASP L 180 36.48 22.57 38.34
CA ASP L 180 37.21 23.70 38.90
C ASP L 180 36.74 25.02 38.28
N ILE L 181 35.49 25.04 37.80
CA ILE L 181 34.91 26.25 37.23
C ILE L 181 33.38 26.30 37.26
N LYS L 182 32.85 27.23 38.06
CA LYS L 182 31.40 27.42 38.17
C LYS L 182 31.03 28.23 36.94
N PHE L 183 29.79 28.13 36.48
CA PHE L 183 29.42 28.81 35.26
C PHE L 183 27.91 28.96 35.10
N LYS L 184 27.49 30.00 34.38
CA LYS L 184 26.07 30.23 34.12
C LYS L 184 25.91 30.22 32.60
N PRO L 185 25.91 29.02 31.99
CA PRO L 185 25.77 28.79 30.54
C PRO L 185 24.50 29.32 29.85
N LEU L 186 24.64 29.63 28.56
CA LEU L 186 23.55 30.16 27.73
C LEU L 186 22.13 29.83 28.19
N ASN L 187 21.61 28.68 27.78
CA ASN L 187 20.27 28.28 28.16
C ASN L 187 20.19 27.28 29.31
N LYS L 188 20.73 27.68 30.46
CA LYS L 188 20.72 26.83 31.64
C LYS L 188 20.21 27.60 32.86
N THR L 189 19.26 26.99 33.55
CA THR L 189 18.64 27.56 34.74
C THR L 189 19.60 28.07 35.83
N LYS L 190 20.34 27.16 36.46
CA LYS L 190 21.27 27.50 37.53
C LYS L 190 22.68 27.92 37.08
N GLU L 191 23.66 27.42 37.81
CA GLU L 191 25.08 27.68 37.57
C GLU L 191 25.83 26.38 37.89
N TYR L 192 26.40 25.75 36.87
CA TYR L 192 27.09 24.48 37.04
C TYR L 192 28.61 24.51 36.89
N THR L 193 29.22 23.33 36.99
CA THR L 193 30.68 23.18 36.88
C THR L 193 30.99 22.58 35.51
N ALA L 194 32.24 22.70 35.08
CA ALA L 194 32.63 22.13 33.80
C ALA L 194 32.45 20.62 33.92
N CYS L 195 33.07 20.03 34.93
CA CYS L 195 32.99 18.59 35.17
C CYS L 195 31.52 18.17 35.29
N GLU L 196 30.65 19.13 35.52
CA GLU L 196 29.22 18.85 35.67
C GLU L 196 28.41 19.01 34.40
N LEU L 197 28.72 20.03 33.59
CA LEU L 197 28.00 20.25 32.34
C LEU L 197 28.23 19.12 31.34
N MET L 198 29.49 18.73 31.19
CA MET L 198 29.91 17.66 30.26
C MET L 198 28.92 16.50 30.15
N ASN L 199 28.52 15.96 31.30
CA ASN L 199 27.59 14.84 31.33
C ASN L 199 26.11 15.24 31.27
N ILE L 200 25.80 16.47 31.71
CA ILE L 200 24.42 16.93 31.67
C ILE L 200 24.08 17.29 30.22
N TYR L 201 25.12 17.32 29.38
CA TYR L 201 24.98 17.63 27.97
C TYR L 201 24.95 16.40 27.09
N LYS L 202 25.46 15.27 27.60
CA LYS L 202 25.47 14.02 26.84
C LYS L 202 24.04 13.69 26.39
N THR L 203 23.09 14.48 26.88
CA THR L 203 21.68 14.31 26.56
C THR L 203 21.12 15.44 25.70
N ASP L 204 21.94 16.49 25.51
CA ASP L 204 21.55 17.67 24.71
C ASP L 204 21.65 17.36 23.21
N ASN L 205 20.52 17.15 22.55
CA ASN L 205 20.46 16.83 21.13
C ASN L 205 21.43 17.62 20.25
N HIS L 206 21.59 18.91 20.55
CA HIS L 206 22.48 19.77 19.76
C HIS L 206 23.95 19.60 20.08
N LEU L 207 24.34 19.86 21.33
CA LEU L 207 25.74 19.74 21.75
C LEU L 207 26.22 18.31 22.00
N LYS L 208 25.29 17.35 21.97
CA LYS L 208 25.60 15.94 22.19
C LYS L 208 26.85 15.51 21.43
N HIS L 209 27.12 16.21 20.33
CA HIS L 209 28.26 15.91 19.47
C HIS L 209 29.54 16.64 19.88
N TYR L 210 29.55 17.96 19.66
CA TYR L 210 30.70 18.80 19.97
C TYR L 210 31.56 18.44 21.18
N LEU L 211 30.93 18.28 22.33
CA LEU L 211 31.64 17.97 23.57
C LEU L 211 32.73 16.90 23.52
N HIS L 212 32.39 15.67 23.93
CA HIS L 212 33.37 14.60 23.95
C HIS L 212 34.19 14.51 22.66
N ILE L 213 33.56 14.79 21.52
CA ILE L 213 34.29 14.72 20.25
C ILE L 213 35.50 15.66 20.26
N ILE L 214 35.64 16.47 21.31
CA ILE L 214 36.76 17.41 21.41
C ILE L 214 37.44 17.49 22.78
N GLU L 215 36.67 17.28 23.85
CA GLU L 215 37.24 17.38 25.19
C GLU L 215 36.99 16.23 26.16
N ASN L 216 38.01 15.95 26.96
CA ASN L 216 38.01 14.90 27.97
C ASN L 216 39.49 14.77 28.33
N LYS L 217 40.17 15.91 28.24
CA LYS L 217 41.60 16.03 28.55
C LYS L 217 41.78 16.51 29.98
N PRO L 218 43.03 16.66 30.44
CA PRO L 218 43.30 17.13 31.81
C PRO L 218 42.92 18.59 32.09
N LEU L 219 42.67 19.34 31.03
CA LEU L 219 42.29 20.75 31.18
C LEU L 219 41.14 21.09 30.24
N TYR L 220 40.46 22.20 30.54
CA TYR L 220 39.35 22.67 29.72
C TYR L 220 39.54 24.14 29.39
N PRO L 221 39.37 24.51 28.11
CA PRO L 221 39.55 25.92 27.77
C PRO L 221 38.51 26.79 28.45
N VAL L 222 38.92 27.99 28.84
CA VAL L 222 38.04 28.95 29.51
C VAL L 222 38.54 30.35 29.27
N ILE L 223 37.62 31.31 29.28
CA ILE L 223 37.99 32.71 29.07
C ILE L 223 37.40 33.59 30.17
N TYR L 224 38.29 34.24 30.92
CA TYR L 224 37.90 35.13 32.01
C TYR L 224 38.10 36.59 31.60
N ASP L 225 37.91 37.49 32.56
CA ASP L 225 38.10 38.92 32.37
C ASP L 225 38.49 39.55 33.71
N SER L 226 38.80 40.85 33.71
CA SER L 226 39.19 41.54 34.94
C SER L 226 38.32 41.13 36.14
N ASN L 227 37.01 41.40 36.04
CA ASN L 227 36.05 41.07 37.10
C ASN L 227 36.18 39.63 37.58
N GLY L 228 36.59 38.75 36.66
CA GLY L 228 36.71 37.34 36.98
C GLY L 228 35.54 36.60 36.39
N VAL L 229 34.76 37.31 35.57
CA VAL L 229 33.59 36.72 34.92
C VAL L 229 34.02 35.74 33.85
N VAL L 230 33.25 34.66 33.71
CA VAL L 230 33.55 33.64 32.72
C VAL L 230 32.88 33.98 31.38
N LEU L 231 33.69 34.30 30.38
CA LEU L 231 33.21 34.63 29.04
C LEU L 231 32.57 33.39 28.43
N SER L 232 33.32 32.29 28.42
CA SER L 232 32.85 31.04 27.86
C SER L 232 33.85 29.89 28.00
N MET L 233 33.38 28.69 27.71
CA MET L 233 34.21 27.48 27.74
C MET L 233 34.28 27.02 26.28
N PRO L 234 34.99 27.79 25.45
CA PRO L 234 35.27 27.71 24.02
C PRO L 234 34.50 26.78 23.06
N PRO L 235 34.77 25.45 23.11
CA PRO L 235 34.05 24.57 22.20
C PRO L 235 32.61 24.21 22.52
N ILE L 236 32.28 24.13 23.80
CA ILE L 236 30.93 23.73 24.20
C ILE L 236 29.89 24.85 24.31
N ILE L 237 30.00 25.73 25.30
CA ILE L 237 29.04 26.82 25.43
C ILE L 237 29.63 28.11 25.97
N ASN L 238 28.96 29.22 25.64
CA ASN L 238 29.39 30.54 26.06
C ASN L 238 28.65 30.97 27.32
N GLY L 239 29.13 32.02 27.97
CA GLY L 239 28.51 32.49 29.19
C GLY L 239 27.23 33.26 28.96
N ASP L 240 26.20 32.98 29.77
CA ASP L 240 24.92 33.67 29.62
C ASP L 240 25.04 35.13 30.03
N HIS L 241 26.06 35.45 30.83
CA HIS L 241 26.28 36.81 31.28
C HIS L 241 26.66 37.72 30.11
N SER L 242 27.57 37.24 29.27
CA SER L 242 28.04 37.98 28.10
C SER L 242 27.25 37.67 26.84
N ARG L 243 26.07 37.09 26.99
CA ARG L 243 25.23 36.75 25.86
C ARG L 243 24.99 37.99 24.98
N ILE L 244 24.73 37.75 23.70
CA ILE L 244 24.50 38.83 22.74
C ILE L 244 23.07 38.81 22.20
N THR L 245 22.38 39.94 22.33
CA THR L 245 21.01 40.06 21.84
C THR L 245 20.79 41.30 20.99
N VAL L 246 19.72 41.26 20.20
CA VAL L 246 19.32 42.33 19.29
C VAL L 246 19.71 43.74 19.71
N ASN L 247 19.70 44.00 21.00
CA ASN L 247 20.02 45.32 21.51
C ASN L 247 21.49 45.55 21.82
N THR L 248 22.33 44.54 21.62
CA THR L 248 23.76 44.71 21.92
C THR L 248 24.34 45.84 21.10
N ARG L 249 25.24 46.60 21.72
CA ARG L 249 25.87 47.74 21.06
C ARG L 249 27.27 47.39 20.59
N ASN L 250 28.04 46.77 21.48
CA ASN L 250 29.41 46.41 21.14
C ASN L 250 29.66 44.92 21.29
N ILE L 251 30.27 44.34 20.26
CA ILE L 251 30.55 42.91 20.28
C ILE L 251 32.04 42.61 20.33
N PHE L 252 32.39 41.68 21.21
CA PHE L 252 33.75 41.23 21.38
C PHE L 252 33.74 39.83 20.82
N ILE L 253 34.48 39.61 19.74
CA ILE L 253 34.53 38.30 19.11
C ILE L 253 35.86 37.60 19.40
N GLU L 254 35.76 36.36 19.86
CA GLU L 254 36.94 35.57 20.18
C GLU L 254 36.85 34.23 19.45
N CYS L 255 37.99 33.74 18.98
CA CYS L 255 38.05 32.47 18.27
C CYS L 255 39.22 31.67 18.82
N THR L 256 38.93 30.48 19.32
CA THR L 256 39.96 29.62 19.87
C THR L 256 40.02 28.37 18.99
N GLY L 257 41.12 27.63 19.05
CA GLY L 257 41.20 26.44 18.24
C GLY L 257 42.58 25.81 18.06
N THR L 258 42.59 24.70 17.33
CA THR L 258 43.82 23.95 17.04
C THR L 258 44.50 24.39 15.74
N ASP L 259 43.73 24.96 14.82
CA ASP L 259 44.25 25.43 13.53
C ASP L 259 44.31 26.96 13.49
N PHE L 260 45.52 27.50 13.68
CA PHE L 260 45.72 28.94 13.68
C PHE L 260 45.09 29.67 12.51
N THR L 261 45.70 29.56 11.34
CA THR L 261 45.20 30.24 10.16
C THR L 261 43.68 30.17 9.96
N LYS L 262 43.09 28.99 10.12
CA LYS L 262 41.64 28.88 9.93
C LYS L 262 40.90 29.81 10.88
N ALA L 263 41.23 29.72 12.16
CA ALA L 263 40.59 30.60 13.12
C ALA L 263 40.77 32.01 12.63
N LYS L 264 42.02 32.36 12.33
CA LYS L 264 42.38 33.67 11.85
C LYS L 264 41.45 34.12 10.72
N ILE L 265 41.05 33.16 9.88
CA ILE L 265 40.16 33.42 8.75
C ILE L 265 38.71 33.58 9.20
N VAL L 266 38.24 32.63 10.00
CA VAL L 266 36.87 32.64 10.49
C VAL L 266 36.61 34.02 11.09
N LEU L 267 37.58 34.52 11.82
CA LEU L 267 37.45 35.82 12.44
C LEU L 267 37.19 36.82 11.33
N ASP L 268 38.17 36.95 10.44
CA ASP L 268 38.07 37.87 9.34
C ASP L 268 36.72 37.84 8.62
N ILE L 269 36.20 36.63 8.36
CA ILE L 269 34.93 36.49 7.68
C ILE L 269 33.80 37.15 8.46
N ILE L 270 33.72 36.80 9.74
CA ILE L 270 32.69 37.31 10.63
C ILE L 270 32.74 38.83 10.72
N VAL L 271 33.88 39.33 11.15
CA VAL L 271 34.10 40.76 11.33
C VAL L 271 34.01 41.57 10.04
N THR L 272 34.53 41.04 8.94
CA THR L 272 34.51 41.73 7.67
C THR L 272 33.10 41.73 7.09
N MET L 273 32.37 40.68 7.42
CA MET L 273 31.01 40.51 6.95
C MET L 273 30.07 41.53 7.58
N PHE L 274 30.03 41.53 8.90
CA PHE L 274 29.13 42.42 9.64
C PHE L 274 29.58 43.81 10.00
N SER L 275 30.80 44.19 9.64
CA SER L 275 31.25 45.54 9.95
C SER L 275 30.46 46.50 9.04
N GLU L 276 29.54 45.96 8.25
CA GLU L 276 28.71 46.76 7.36
C GLU L 276 27.65 47.47 8.20
N TYR L 277 27.48 46.98 9.42
CA TYR L 277 26.50 47.52 10.34
C TYR L 277 27.06 48.35 11.50
N CYS L 278 28.37 48.59 11.49
CA CYS L 278 28.99 49.39 12.55
C CYS L 278 28.78 50.87 12.26
N GLU L 279 28.74 51.69 13.31
CA GLU L 279 28.55 53.12 13.15
C GLU L 279 29.56 53.66 12.13
N ASN L 280 30.82 53.28 12.32
CA ASN L 280 31.87 53.68 11.42
C ASN L 280 31.99 52.56 10.40
N GLN L 281 30.96 52.44 9.55
CA GLN L 281 30.88 51.38 8.55
C GLN L 281 32.16 50.81 7.97
N PHE L 282 32.20 49.49 7.91
CA PHE L 282 33.34 48.73 7.39
C PHE L 282 34.63 49.06 8.11
N THR L 283 34.57 48.95 9.43
CA THR L 283 35.71 49.19 10.29
C THR L 283 35.66 48.14 11.40
N VAL L 284 36.82 47.63 11.77
CA VAL L 284 36.89 46.65 12.83
C VAL L 284 37.86 47.20 13.87
N GLU L 285 37.43 47.20 15.13
CA GLU L 285 38.28 47.72 16.18
C GLU L 285 39.33 46.69 16.57
N ALA L 286 40.59 47.07 16.37
CA ALA L 286 41.72 46.20 16.69
C ALA L 286 41.59 45.59 18.08
N ALA L 287 42.34 44.52 18.30
CA ALA L 287 42.34 43.84 19.59
C ALA L 287 43.72 43.25 19.74
N GLU L 288 44.25 43.27 20.95
CA GLU L 288 45.58 42.73 21.19
C GLU L 288 45.56 41.36 21.83
N VAL L 289 46.01 40.35 21.10
CA VAL L 289 46.05 39.00 21.63
C VAL L 289 47.49 38.76 22.06
N VAL L 290 47.68 38.33 23.30
CA VAL L 290 49.01 38.07 23.81
C VAL L 290 49.19 36.55 23.98
N PHE L 291 50.19 36.01 23.31
CA PHE L 291 50.47 34.58 23.36
C PHE L 291 51.27 34.13 24.57
N PRO L 292 51.31 32.81 24.84
CA PRO L 292 52.06 32.29 25.98
C PRO L 292 53.49 32.75 25.77
N ASN L 293 53.81 32.95 24.50
CA ASN L 293 55.10 33.42 24.04
C ASN L 293 55.49 34.73 24.72
N GLY L 294 54.48 35.49 25.14
CA GLY L 294 54.75 36.76 25.79
C GLY L 294 54.60 37.93 24.84
N LYS L 295 54.59 37.63 23.55
CA LYS L 295 54.45 38.66 22.51
C LYS L 295 53.00 39.03 22.29
N SER L 296 52.78 40.20 21.71
CA SER L 296 51.44 40.69 21.44
C SER L 296 51.25 41.00 19.95
N HIS L 297 50.24 40.38 19.34
CA HIS L 297 49.93 40.58 17.94
C HIS L 297 48.54 41.21 17.86
N THR L 298 48.36 42.10 16.90
CA THR L 298 47.07 42.78 16.74
C THR L 298 46.15 42.01 15.81
N PHE L 299 44.85 42.04 16.10
CA PHE L 299 43.85 41.36 15.29
C PHE L 299 42.57 42.17 15.14
N PRO L 300 41.76 41.84 14.12
CA PRO L 300 42.04 40.76 13.18
C PRO L 300 43.06 41.30 12.18
N GLU L 301 43.77 40.41 11.50
CA GLU L 301 44.75 40.86 10.51
C GLU L 301 44.09 40.84 9.14
N LEU L 302 43.25 41.82 8.87
CA LEU L 302 42.57 41.90 7.58
C LEU L 302 43.62 41.90 6.48
N ALA L 303 44.09 40.70 6.16
CA ALA L 303 45.13 40.50 5.16
C ALA L 303 44.72 40.94 3.77
N TYR L 304 45.58 41.76 3.17
CA TYR L 304 45.36 42.23 1.81
C TYR L 304 46.61 41.85 1.01
N ARG L 305 46.53 40.72 0.31
CA ARG L 305 47.63 40.23 -0.51
C ARG L 305 47.62 40.91 -1.88
N LYS L 306 48.81 41.11 -2.43
CA LYS L 306 48.93 41.74 -3.74
C LYS L 306 49.81 40.96 -4.70
N GLU L 307 49.29 39.85 -5.25
CA GLU L 307 50.08 39.07 -6.20
C GLU L 307 49.93 39.70 -7.60
N MET L 308 50.80 39.31 -8.52
CA MET L 308 50.73 39.83 -9.88
C MET L 308 50.66 38.68 -10.90
N VAL L 309 49.81 38.84 -11.91
CA VAL L 309 49.61 37.83 -12.96
C VAL L 309 49.70 38.45 -14.34
N ARG L 310 50.31 37.76 -15.30
CA ARG L 310 50.43 38.30 -16.68
C ARG L 310 49.08 38.08 -17.44
N ALA L 311 48.49 39.10 -18.16
CA ALA L 311 47.18 38.99 -18.88
C ALA L 311 47.12 37.84 -19.87
N ASP L 312 48.21 37.65 -20.61
CA ASP L 312 48.30 36.57 -21.57
C ASP L 312 48.04 35.25 -20.88
N LEU L 313 48.51 35.10 -19.66
CA LEU L 313 48.30 33.85 -18.92
C LEU L 313 46.81 33.54 -18.79
N ILE L 314 46.06 34.46 -18.19
CA ILE L 314 44.63 34.30 -18.01
C ILE L 314 43.98 33.87 -19.32
N ASN L 315 44.30 34.58 -20.41
CA ASN L 315 43.73 34.24 -21.72
C ASN L 315 44.11 32.82 -22.12
N LYS L 316 45.42 32.57 -22.21
CA LYS L 316 45.93 31.27 -22.61
C LYS L 316 45.45 30.10 -21.75
N LYS L 317 45.07 30.38 -20.50
CA LYS L 317 44.59 29.34 -19.60
C LYS L 317 43.09 29.12 -19.68
N VAL L 318 42.32 30.20 -19.74
CA VAL L 318 40.87 30.11 -19.81
C VAL L 318 40.42 29.67 -21.18
N GLY L 319 41.03 30.26 -22.20
CA GLY L 319 40.63 29.93 -23.56
C GLY L 319 39.87 31.09 -24.18
N ILE L 320 40.24 32.30 -23.79
CA ILE L 320 39.62 33.51 -24.30
C ILE L 320 40.71 34.47 -24.66
N ARG L 321 40.39 35.46 -25.48
CA ARG L 321 41.36 36.46 -25.91
C ARG L 321 40.85 37.86 -25.71
N GLU L 322 40.62 38.22 -24.46
CA GLU L 322 40.15 39.56 -24.09
C GLU L 322 41.38 40.42 -23.81
N THR L 323 41.20 41.74 -23.86
CA THR L 323 42.29 42.68 -23.61
C THR L 323 42.59 42.84 -22.12
N PRO L 324 43.86 43.08 -21.77
CA PRO L 324 44.23 43.24 -20.36
C PRO L 324 43.36 44.25 -19.60
N GLU L 325 42.99 45.35 -20.24
CA GLU L 325 42.15 46.32 -19.56
C GLU L 325 40.81 45.68 -19.17
N ASN L 326 40.23 44.88 -20.07
CA ASN L 326 38.95 44.22 -19.80
C ASN L 326 39.11 43.06 -18.84
N LEU L 327 40.25 42.38 -18.93
CA LEU L 327 40.51 41.26 -18.05
C LEU L 327 40.47 41.80 -16.62
N ALA L 328 41.09 42.96 -16.43
CA ALA L 328 41.11 43.59 -15.12
C ALA L 328 39.70 43.83 -14.62
N LYS L 329 38.84 44.35 -15.50
CA LYS L 329 37.45 44.62 -15.15
C LYS L 329 36.79 43.34 -14.64
N LEU L 330 37.01 42.24 -15.36
CA LEU L 330 36.46 40.96 -14.97
C LEU L 330 36.87 40.65 -13.54
N LEU L 331 38.17 40.49 -13.33
CA LEU L 331 38.71 40.19 -12.01
C LEU L 331 38.15 41.05 -10.90
N THR L 332 38.00 42.34 -11.18
CA THR L 332 37.49 43.25 -10.18
C THR L 332 36.09 42.86 -9.72
N ARG L 333 35.19 42.65 -10.67
CA ARG L 333 33.81 42.28 -10.36
C ARG L 333 33.77 41.06 -9.44
N MET L 334 34.88 40.34 -9.41
CA MET L 334 34.97 39.15 -8.60
C MET L 334 35.59 39.42 -7.22
N TYR L 335 35.72 40.70 -6.87
CA TYR L 335 36.29 41.14 -5.58
C TYR L 335 37.79 41.41 -5.67
N LEU L 336 38.44 40.77 -6.63
CA LEU L 336 39.87 40.95 -6.81
C LEU L 336 40.14 42.23 -7.58
N LYS L 337 40.22 43.36 -6.88
CA LYS L 337 40.46 44.64 -7.54
C LYS L 337 41.73 44.60 -8.37
N SER L 338 41.56 44.66 -9.69
CA SER L 338 42.68 44.61 -10.60
C SER L 338 42.86 45.92 -11.36
N GLU L 339 44.08 46.13 -11.83
CA GLU L 339 44.45 47.34 -12.56
C GLU L 339 45.62 46.99 -13.48
N VAL L 340 45.52 47.39 -14.73
CA VAL L 340 46.59 47.11 -15.69
C VAL L 340 47.81 47.95 -15.36
N ILE L 341 49.00 47.39 -15.56
CA ILE L 341 50.23 48.09 -15.25
C ILE L 341 50.99 48.70 -16.41
N GLY L 342 50.52 49.89 -16.85
CA GLY L 342 51.14 50.63 -17.93
C GLY L 342 51.27 49.97 -19.29
N ASP L 343 52.23 49.06 -19.44
CA ASP L 343 52.48 48.36 -20.71
C ASP L 343 51.42 47.31 -21.03
N GLY L 344 50.18 47.59 -20.66
CA GLY L 344 49.07 46.69 -20.90
C GLY L 344 49.41 45.21 -21.02
N ASN L 345 50.42 44.77 -20.29
CA ASN L 345 50.83 43.39 -20.35
C ASN L 345 50.47 42.67 -19.05
N GLN L 346 50.97 43.19 -17.93
CA GLN L 346 50.72 42.61 -16.62
C GLN L 346 49.55 43.28 -15.90
N ILE L 347 48.85 42.50 -15.10
CA ILE L 347 47.72 43.02 -14.35
C ILE L 347 48.02 42.88 -12.86
N GLU L 348 47.86 43.96 -12.11
CA GLU L 348 48.11 43.93 -10.67
C GLU L 348 46.80 43.59 -10.00
N ILE L 349 46.78 42.49 -9.25
CA ILE L 349 45.56 42.08 -8.58
C ILE L 349 45.62 42.21 -7.07
N GLU L 350 44.58 42.78 -6.47
CA GLU L 350 44.52 42.95 -5.02
C GLU L 350 43.58 41.92 -4.41
N ILE L 351 44.16 40.99 -3.66
CA ILE L 351 43.39 39.93 -3.03
C ILE L 351 42.82 40.37 -1.67
N PRO L 352 41.48 40.58 -1.60
CA PRO L 352 40.81 41.00 -0.37
C PRO L 352 40.87 39.91 0.69
N PRO L 353 40.81 40.31 1.97
CA PRO L 353 40.87 39.32 3.05
C PRO L 353 39.60 38.44 3.07
N THR L 354 38.59 38.84 2.32
CA THR L 354 37.36 38.08 2.25
C THR L 354 37.56 36.82 1.42
N ARG L 355 38.21 36.96 0.26
CA ARG L 355 38.48 35.79 -0.60
C ARG L 355 39.83 35.17 -0.19
N ALA L 356 39.80 34.34 0.85
CA ALA L 356 41.01 33.68 1.35
C ALA L 356 41.27 32.38 0.59
N ASP L 357 40.42 32.11 -0.39
CA ASP L 357 40.53 30.92 -1.22
C ASP L 357 41.61 31.06 -2.27
N ILE L 358 41.83 32.29 -2.73
CA ILE L 358 42.86 32.56 -3.73
C ILE L 358 44.22 32.22 -3.12
N ILE L 359 44.80 31.08 -3.49
CA ILE L 359 46.10 30.70 -2.96
C ILE L 359 47.14 30.46 -4.06
N HIS L 360 46.66 30.34 -5.29
CA HIS L 360 47.55 30.13 -6.41
C HIS L 360 47.11 30.97 -7.60
N ALA L 361 48.04 31.20 -8.52
CA ALA L 361 47.78 31.99 -9.70
C ALA L 361 46.52 31.49 -10.38
N CYS L 362 46.40 30.16 -10.49
CA CYS L 362 45.26 29.55 -11.15
C CYS L 362 43.91 29.94 -10.58
N ASP L 363 43.89 30.22 -9.27
CA ASP L 363 42.64 30.62 -8.65
C ASP L 363 42.12 31.92 -9.21
N ILE L 364 43.02 32.74 -9.74
CA ILE L 364 42.61 34.01 -10.34
C ILE L 364 41.89 33.66 -11.63
N VAL L 365 42.48 32.74 -12.37
CA VAL L 365 41.93 32.28 -13.64
C VAL L 365 40.48 31.83 -13.45
N GLU L 366 40.23 31.03 -12.42
CA GLU L 366 38.90 30.53 -12.07
C GLU L 366 37.97 31.77 -12.07
N ASP L 367 38.15 32.63 -11.08
CA ASP L 367 37.34 33.84 -10.93
C ASP L 367 37.22 34.58 -12.25
N ALA L 368 38.34 34.74 -12.96
CA ALA L 368 38.33 35.43 -14.24
C ALA L 368 37.31 34.80 -15.19
N ALA L 369 37.39 33.48 -15.35
CA ALA L 369 36.47 32.78 -16.23
C ALA L 369 35.03 32.92 -15.72
N ILE L 370 34.82 32.72 -14.43
CA ILE L 370 33.48 32.82 -13.88
C ILE L 370 32.87 34.16 -14.17
N ALA L 371 33.69 35.20 -14.07
CA ALA L 371 33.22 36.55 -14.33
C ALA L 371 32.88 36.71 -15.80
N TYR L 372 33.69 36.09 -16.65
CA TYR L 372 33.48 36.16 -18.10
C TYR L 372 32.27 35.35 -18.55
N GLY L 373 31.85 34.40 -17.71
CA GLY L 373 30.72 33.56 -18.05
C GLY L 373 31.15 32.38 -18.88
N TYR L 374 31.20 31.21 -18.26
CA TYR L 374 31.64 29.99 -18.94
C TYR L 374 31.10 29.80 -20.35
N ASN L 375 29.80 30.00 -20.52
CA ASN L 375 29.15 29.79 -21.80
C ASN L 375 29.42 30.82 -22.87
N ASN L 376 30.36 31.71 -22.60
CA ASN L 376 30.72 32.70 -23.59
C ASN L 376 32.09 32.33 -24.11
N ILE L 377 32.62 31.23 -23.56
CA ILE L 377 33.91 30.72 -23.98
C ILE L 377 33.67 29.79 -25.13
N GLN L 378 34.36 30.02 -26.25
CA GLN L 378 34.20 29.19 -27.44
C GLN L 378 34.81 27.83 -27.23
N MET L 379 34.06 26.80 -27.56
CA MET L 379 34.52 25.42 -27.39
C MET L 379 35.50 25.11 -28.49
N THR L 380 36.71 24.69 -28.09
CA THR L 380 37.75 24.36 -29.05
C THR L 380 38.13 22.91 -28.82
N LEU L 381 38.72 22.26 -29.82
CA LEU L 381 39.08 20.86 -29.68
C LEU L 381 40.58 20.60 -29.77
N PRO L 382 41.20 20.11 -28.68
CA PRO L 382 42.64 19.82 -28.64
C PRO L 382 43.10 19.01 -29.83
N LYS L 383 44.07 19.54 -30.56
CA LYS L 383 44.57 18.87 -31.76
C LYS L 383 45.85 18.06 -31.60
N THR L 384 45.80 17.00 -30.82
CA THR L 384 46.97 16.14 -30.64
C THR L 384 46.51 14.72 -30.94
N TYR L 385 47.08 14.13 -31.98
CA TYR L 385 46.70 12.77 -32.37
C TYR L 385 47.26 11.73 -31.40
N THR L 386 46.41 10.82 -30.96
CA THR L 386 46.81 9.78 -30.03
C THR L 386 46.11 8.48 -30.42
N ILE L 387 46.88 7.39 -30.48
CA ILE L 387 46.30 6.10 -30.84
C ILE L 387 45.76 5.49 -29.55
N ALA L 388 44.51 5.04 -29.56
CA ALA L 388 43.91 4.45 -28.38
C ALA L 388 44.36 3.02 -28.16
N ASN L 389 44.34 2.58 -26.90
CA ASN L 389 44.72 1.21 -26.55
C ASN L 389 43.93 0.72 -25.36
N GLN L 390 43.40 -0.50 -25.47
CA GLN L 390 42.64 -1.07 -24.39
C GLN L 390 43.63 -1.68 -23.42
N PHE L 391 43.16 -2.00 -22.22
CA PHE L 391 44.03 -2.62 -21.24
C PHE L 391 43.91 -4.12 -21.46
N PRO L 392 44.99 -4.79 -21.90
CA PRO L 392 45.01 -6.24 -22.15
C PRO L 392 43.96 -7.07 -21.42
N LEU L 393 44.00 -7.03 -20.10
CA LEU L 393 43.06 -7.78 -19.27
C LEU L 393 41.63 -7.51 -19.65
N ASN L 394 41.22 -6.25 -19.57
CA ASN L 394 39.87 -5.84 -19.92
C ASN L 394 39.43 -6.24 -21.32
N LYS L 395 40.35 -6.21 -22.27
CA LYS L 395 40.01 -6.60 -23.62
C LYS L 395 39.57 -8.07 -23.55
N LEU L 396 40.45 -8.90 -23.04
CA LEU L 396 40.17 -10.32 -22.90
C LEU L 396 38.85 -10.54 -22.19
N THR L 397 38.65 -9.83 -21.06
CA THR L 397 37.43 -9.94 -20.29
C THR L 397 36.22 -9.69 -21.15
N GLU L 398 36.25 -8.55 -21.84
CA GLU L 398 35.18 -8.16 -22.72
C GLU L 398 34.86 -9.25 -23.73
N LEU L 399 35.87 -10.02 -24.12
CA LEU L 399 35.67 -11.10 -25.08
C LEU L 399 35.01 -12.27 -24.42
N LEU L 400 35.58 -12.73 -23.30
CA LEU L 400 35.02 -13.85 -22.59
C LEU L 400 33.56 -13.57 -22.27
N ARG L 401 33.27 -12.35 -21.82
CA ARG L 401 31.88 -12.00 -21.50
C ARG L 401 30.98 -12.40 -22.68
N HIS L 402 31.34 -11.93 -23.85
CA HIS L 402 30.55 -12.22 -25.04
C HIS L 402 30.38 -13.70 -25.36
N ASP L 403 31.32 -14.54 -24.95
CA ASP L 403 31.22 -15.95 -25.25
C ASP L 403 30.46 -16.68 -24.16
N MET L 404 30.57 -16.19 -22.93
CA MET L 404 29.83 -16.80 -21.83
C MET L 404 28.37 -16.66 -22.21
N ALA L 405 28.05 -15.49 -22.75
CA ALA L 405 26.70 -15.20 -23.18
C ALA L 405 26.35 -16.13 -24.31
N ALA L 406 27.29 -16.33 -25.22
CA ALA L 406 27.05 -17.21 -26.35
C ALA L 406 26.74 -18.60 -25.83
N ALA L 407 27.44 -18.99 -24.77
CA ALA L 407 27.26 -20.30 -24.18
C ALA L 407 26.03 -20.36 -23.27
N GLY L 408 25.07 -19.48 -23.53
CA GLY L 408 23.84 -19.50 -22.76
C GLY L 408 23.79 -19.02 -21.32
N PHE L 409 24.91 -18.53 -20.80
CA PHE L 409 24.89 -18.03 -19.43
C PHE L 409 24.49 -16.56 -19.32
N THR L 410 24.10 -16.15 -18.11
CA THR L 410 23.68 -14.77 -17.88
C THR L 410 24.56 -14.08 -16.86
N GLU L 411 24.98 -12.90 -17.24
CA GLU L 411 25.87 -12.07 -16.42
C GLU L 411 25.17 -11.33 -15.29
N ALA L 412 25.78 -11.29 -14.12
CA ALA L 412 25.21 -10.62 -12.94
C ALA L 412 26.05 -9.46 -12.45
N LEU L 413 25.62 -8.85 -11.37
CA LEU L 413 26.40 -7.76 -10.81
C LEU L 413 26.50 -7.78 -9.28
N THR L 414 27.27 -8.75 -8.78
CA THR L 414 27.51 -8.94 -7.35
C THR L 414 28.15 -7.69 -6.74
N PHE L 415 27.92 -7.45 -5.45
CA PHE L 415 28.55 -6.30 -4.78
C PHE L 415 29.95 -6.76 -4.39
N ALA L 416 30.87 -5.84 -4.18
CA ALA L 416 32.24 -6.22 -3.81
C ALA L 416 32.41 -6.36 -2.32
N LEU L 417 31.43 -5.88 -1.58
CA LEU L 417 31.50 -5.96 -0.12
C LEU L 417 30.48 -6.95 0.44
N CYS L 418 30.77 -7.48 1.62
CA CYS L 418 29.86 -8.42 2.26
C CYS L 418 30.29 -8.79 3.68
N SER L 419 29.58 -9.76 4.27
CA SER L 419 29.86 -10.21 5.63
C SER L 419 30.79 -11.41 5.62
N GLN L 420 31.67 -11.48 6.61
CA GLN L 420 32.63 -12.57 6.71
C GLN L 420 32.01 -13.93 6.45
N GLU L 421 30.90 -14.20 7.13
CA GLU L 421 30.22 -15.48 6.99
C GLU L 421 29.91 -15.82 5.52
N ASP L 422 29.85 -14.80 4.66
CA ASP L 422 29.57 -15.00 3.24
C ASP L 422 30.74 -15.65 2.51
N ILE L 423 31.95 -15.33 2.95
CA ILE L 423 33.14 -15.88 2.30
C ILE L 423 33.95 -16.81 3.17
N ALA L 424 33.33 -17.31 4.23
CA ALA L 424 34.03 -18.22 5.15
C ALA L 424 33.11 -19.28 5.74
N ASP L 425 32.47 -18.91 6.83
CA ASP L 425 31.55 -19.80 7.53
C ASP L 425 30.59 -20.52 6.60
N LYS L 426 29.88 -19.75 5.78
CA LYS L 426 28.91 -20.35 4.86
C LYS L 426 29.57 -21.24 3.80
N LEU L 427 30.89 -21.21 3.72
CA LEU L 427 31.58 -22.02 2.72
C LEU L 427 32.43 -23.11 3.36
N GLY L 428 32.33 -23.20 4.68
CA GLY L 428 33.07 -24.21 5.41
C GLY L 428 34.51 -23.87 5.75
N VAL L 429 34.83 -22.58 5.86
CA VAL L 429 36.18 -22.18 6.20
C VAL L 429 36.22 -21.02 7.18
N ASP L 430 37.27 -20.97 7.99
CA ASP L 430 37.41 -19.90 8.97
C ASP L 430 37.93 -18.63 8.33
N ILE L 431 37.33 -17.50 8.71
CA ILE L 431 37.68 -16.18 8.19
C ILE L 431 39.17 -15.89 8.32
N SER L 432 39.89 -16.78 9.00
CA SER L 432 41.32 -16.61 9.19
C SER L 432 42.11 -17.27 8.09
N ALA L 433 41.44 -18.03 7.23
CA ALA L 433 42.12 -18.72 6.15
C ALA L 433 41.66 -18.27 4.77
N THR L 434 41.10 -17.06 4.70
CA THR L 434 40.61 -16.54 3.43
C THR L 434 41.52 -15.47 2.84
N LYS L 435 42.44 -14.94 3.64
CA LYS L 435 43.35 -13.90 3.19
C LYS L 435 42.56 -12.62 2.92
N ALA L 436 41.30 -12.62 3.36
CA ALA L 436 40.38 -11.50 3.18
C ALA L 436 40.82 -10.21 3.87
N VAL L 437 40.31 -9.10 3.35
CA VAL L 437 40.63 -7.77 3.91
C VAL L 437 39.45 -7.32 4.75
N HIS L 438 39.72 -6.72 5.91
CA HIS L 438 38.66 -6.29 6.80
C HIS L 438 38.43 -4.78 6.86
N ILE L 439 37.17 -4.38 6.75
CA ILE L 439 36.78 -2.97 6.80
C ILE L 439 36.58 -2.51 8.24
N SER L 440 37.10 -1.33 8.56
CA SER L 440 36.99 -0.76 9.89
C SER L 440 35.65 -0.11 10.19
N ASN L 441 35.13 -0.37 11.38
CA ASN L 441 33.85 0.18 11.82
C ASN L 441 32.80 0.20 10.72
N PRO L 442 32.45 -1.00 10.20
CA PRO L 442 31.45 -1.13 9.14
C PRO L 442 30.02 -0.85 9.61
N LYS L 443 29.26 -0.11 8.83
CA LYS L 443 27.87 0.18 9.16
C LYS L 443 27.13 -1.14 9.41
N THR L 444 26.70 -1.78 8.33
CA THR L 444 25.99 -3.05 8.40
C THR L 444 26.95 -4.23 8.52
N ALA L 445 26.39 -5.41 8.64
CA ALA L 445 27.16 -6.62 8.77
C ALA L 445 27.76 -6.96 7.41
N GLU L 446 27.05 -6.60 6.35
CA GLU L 446 27.51 -6.89 5.00
C GLU L 446 28.48 -5.84 4.43
N PHE L 447 29.36 -5.33 5.30
CA PHE L 447 30.37 -4.33 4.92
C PHE L 447 31.63 -4.66 5.70
N GLN L 448 31.73 -5.90 6.17
CA GLN L 448 32.88 -6.32 6.97
C GLN L 448 34.10 -6.65 6.15
N VAL L 449 33.90 -7.45 5.12
CA VAL L 449 34.98 -7.87 4.26
C VAL L 449 34.70 -7.63 2.79
N ALA L 450 35.76 -7.66 1.99
CA ALA L 450 35.65 -7.47 0.56
C ALA L 450 35.84 -8.84 -0.12
N ARG L 451 34.96 -9.13 -1.08
CA ARG L 451 34.96 -10.39 -1.83
C ARG L 451 36.29 -11.11 -1.89
N THR L 452 36.22 -12.44 -1.85
CA THR L 452 37.40 -13.28 -1.94
C THR L 452 37.05 -14.26 -3.03
N THR L 453 35.81 -14.16 -3.48
CA THR L 453 35.26 -15.03 -4.51
C THR L 453 33.92 -14.48 -5.01
N LEU L 454 33.53 -14.89 -6.20
CA LEU L 454 32.28 -14.44 -6.75
C LEU L 454 31.14 -15.42 -6.48
N LEU L 455 31.49 -16.63 -6.05
CA LEU L 455 30.50 -17.66 -5.77
C LEU L 455 29.40 -17.20 -4.82
N PRO L 456 29.79 -16.61 -3.68
CA PRO L 456 28.77 -16.14 -2.73
C PRO L 456 27.72 -15.29 -3.44
N GLY L 457 28.13 -14.08 -3.84
CA GLY L 457 27.22 -13.19 -4.53
C GLY L 457 26.34 -13.89 -5.54
N LEU L 458 26.93 -14.74 -6.38
CA LEU L 458 26.16 -15.46 -7.38
C LEU L 458 25.02 -16.25 -6.76
N LEU L 459 25.34 -17.02 -5.73
CA LEU L 459 24.34 -17.81 -5.03
C LEU L 459 23.23 -16.89 -4.54
N LYS L 460 23.63 -15.89 -3.75
CA LYS L 460 22.71 -14.89 -3.18
C LYS L 460 21.76 -14.35 -4.24
N THR L 461 22.24 -14.28 -5.48
CA THR L 461 21.45 -13.78 -6.57
C THR L 461 20.36 -14.79 -6.87
N ILE L 462 20.73 -16.07 -6.88
CA ILE L 462 19.78 -17.16 -7.15
C ILE L 462 18.70 -17.09 -6.10
N ALA L 463 19.15 -16.96 -4.86
CA ALA L 463 18.27 -16.86 -3.72
C ALA L 463 17.18 -15.81 -3.94
N ALA L 464 17.55 -14.67 -4.52
CA ALA L 464 16.57 -13.62 -4.74
C ALA L 464 15.78 -13.83 -6.01
N ASN L 465 16.14 -14.84 -6.79
CA ASN L 465 15.42 -15.08 -8.04
C ASN L 465 14.78 -16.47 -8.08
N ARG L 466 14.22 -16.91 -6.95
CA ARG L 466 13.59 -18.21 -6.89
C ARG L 466 12.51 -18.30 -7.97
N LYS L 467 11.92 -17.14 -8.27
CA LYS L 467 10.87 -17.01 -9.27
C LYS L 467 11.30 -17.35 -10.70
N MET L 468 12.61 -17.51 -10.93
CA MET L 468 13.14 -17.79 -12.26
C MET L 468 13.13 -19.25 -12.69
N PRO L 469 12.82 -19.53 -13.97
CA PRO L 469 12.73 -20.82 -14.65
C PRO L 469 13.78 -21.91 -14.37
N LEU L 470 13.42 -23.15 -14.74
CA LEU L 470 14.21 -24.37 -14.58
C LEU L 470 15.68 -24.23 -14.16
N PRO L 471 16.62 -24.18 -15.14
CA PRO L 471 18.01 -24.06 -14.71
C PRO L 471 18.56 -22.64 -14.80
N LEU L 472 19.16 -22.17 -13.72
CA LEU L 472 19.73 -20.83 -13.70
C LEU L 472 21.19 -20.98 -14.08
N LYS L 473 21.63 -20.22 -15.07
CA LYS L 473 23.01 -20.28 -15.50
C LYS L 473 23.61 -18.89 -15.40
N LEU L 474 24.22 -18.62 -14.25
CA LEU L 474 24.84 -17.34 -13.95
C LEU L 474 26.36 -17.35 -14.05
N PHE L 475 26.91 -16.16 -14.24
CA PHE L 475 28.34 -15.99 -14.38
C PHE L 475 28.63 -14.52 -14.24
N GLU L 476 29.87 -14.23 -13.88
CA GLU L 476 30.31 -12.85 -13.74
C GLU L 476 31.83 -12.90 -13.86
N ILE L 477 32.42 -11.88 -14.45
CA ILE L 477 33.87 -11.82 -14.58
C ILE L 477 34.30 -10.52 -13.94
N SER L 478 34.60 -10.56 -12.65
CA SER L 478 35.01 -9.36 -11.91
C SER L 478 36.19 -9.59 -11.00
N ASP L 479 36.46 -8.60 -10.15
CA ASP L 479 37.58 -8.65 -9.22
C ASP L 479 37.24 -9.14 -7.83
N ILE L 480 38.27 -9.62 -7.14
CA ILE L 480 38.16 -10.08 -5.77
C ILE L 480 39.45 -9.61 -5.12
N VAL L 481 39.38 -9.17 -3.87
CA VAL L 481 40.57 -8.68 -3.18
C VAL L 481 41.20 -9.75 -2.28
N ILE L 482 42.49 -9.60 -2.04
CA ILE L 482 43.25 -10.52 -1.21
C ILE L 482 44.41 -9.74 -0.59
N LYS L 483 44.88 -10.17 0.58
CA LYS L 483 46.01 -9.48 1.18
C LYS L 483 47.25 -9.98 0.45
N ASP L 484 48.15 -9.08 0.11
CA ASP L 484 49.36 -9.46 -0.58
C ASP L 484 50.49 -8.67 0.07
N SER L 485 51.39 -9.37 0.75
CA SER L 485 52.50 -8.71 1.42
C SER L 485 53.44 -8.01 0.44
N ASN L 486 53.29 -8.30 -0.85
CA ASN L 486 54.15 -7.70 -1.88
C ASN L 486 53.54 -6.63 -2.76
N THR L 487 52.74 -5.75 -2.18
CA THR L 487 52.11 -4.67 -2.95
C THR L 487 52.10 -3.44 -2.07
N ASP L 488 52.48 -2.30 -2.64
CA ASP L 488 52.52 -1.04 -1.91
C ASP L 488 51.36 -0.81 -0.94
N VAL L 489 50.17 -1.26 -1.29
CA VAL L 489 49.01 -1.05 -0.43
C VAL L 489 48.76 -2.17 0.57
N GLY L 490 49.06 -3.41 0.20
CA GLY L 490 48.84 -4.51 1.12
C GLY L 490 47.85 -5.53 0.61
N ALA L 491 47.14 -5.20 -0.46
CA ALA L 491 46.17 -6.11 -1.06
C ALA L 491 46.26 -6.07 -2.57
N LYS L 492 45.70 -7.06 -3.24
CA LYS L 492 45.72 -7.14 -4.70
C LYS L 492 44.41 -7.65 -5.26
N ASN L 493 43.99 -7.14 -6.41
CA ASN L 493 42.75 -7.57 -7.04
C ASN L 493 43.06 -8.70 -8.03
N TYR L 494 42.11 -9.59 -8.24
CA TYR L 494 42.27 -10.68 -9.20
C TYR L 494 41.03 -10.81 -10.06
N ARG L 495 41.21 -11.15 -11.33
CA ARG L 495 40.07 -11.31 -12.25
C ARG L 495 39.58 -12.73 -12.31
N HIS L 496 38.48 -13.02 -11.64
CA HIS L 496 37.95 -14.36 -11.71
C HIS L 496 36.76 -14.39 -12.64
N LEU L 497 36.62 -15.50 -13.35
CA LEU L 497 35.48 -15.74 -14.19
C LEU L 497 34.82 -16.83 -13.35
N CYS L 498 33.62 -16.55 -12.86
CA CYS L 498 32.92 -17.49 -12.03
C CYS L 498 31.49 -17.74 -12.53
N ALA L 499 31.15 -19.02 -12.68
CA ALA L 499 29.83 -19.41 -13.17
C ALA L 499 29.20 -20.44 -12.27
N VAL L 500 27.88 -20.60 -12.38
CA VAL L 500 27.15 -21.57 -11.57
C VAL L 500 25.99 -22.18 -12.32
N TYR L 501 25.68 -23.44 -12.01
CA TYR L 501 24.58 -24.16 -12.62
C TYR L 501 23.63 -24.54 -11.50
N TYR L 502 22.41 -24.02 -11.58
CA TYR L 502 21.38 -24.28 -10.58
C TYR L 502 20.22 -25.02 -11.24
N ASN L 503 19.96 -26.25 -10.80
CA ASN L 503 18.88 -27.04 -11.38
C ASN L 503 18.50 -28.23 -10.51
N LYS L 504 17.45 -28.94 -10.92
CA LYS L 504 16.98 -30.12 -10.19
C LYS L 504 18.19 -30.95 -9.87
N ASN L 505 19.04 -31.16 -10.85
CA ASN L 505 20.26 -31.91 -10.69
C ASN L 505 21.43 -30.97 -10.97
N PRO L 506 22.55 -31.12 -10.26
CA PRO L 506 23.68 -30.22 -10.52
C PRO L 506 24.24 -30.61 -11.87
N GLY L 507 24.65 -29.62 -12.65
CA GLY L 507 25.19 -29.94 -13.97
C GLY L 507 26.70 -30.06 -13.94
N PHE L 508 27.23 -30.75 -12.93
CA PHE L 508 28.68 -30.86 -12.82
C PHE L 508 29.40 -31.26 -14.09
N GLU L 509 28.71 -31.97 -14.98
CA GLU L 509 29.34 -32.36 -16.24
C GLU L 509 29.21 -31.21 -17.23
N ILE L 510 28.11 -30.48 -17.14
CA ILE L 510 27.88 -29.36 -18.03
C ILE L 510 28.72 -28.16 -17.58
N ILE L 511 29.08 -28.13 -16.30
CA ILE L 511 29.92 -27.05 -15.78
C ILE L 511 31.34 -27.42 -16.13
N HIS L 512 31.65 -28.72 -16.08
CA HIS L 512 32.96 -29.24 -16.43
C HIS L 512 33.17 -28.87 -17.90
N GLY L 513 32.11 -29.04 -18.68
CA GLY L 513 32.15 -28.71 -20.09
C GLY L 513 32.33 -27.23 -20.38
N LEU L 514 31.86 -26.38 -19.45
CA LEU L 514 32.00 -24.95 -19.63
C LEU L 514 33.48 -24.64 -19.54
N LEU L 515 34.16 -25.21 -18.54
CA LEU L 515 35.58 -24.96 -18.38
C LEU L 515 36.28 -25.41 -19.64
N ASP L 516 35.84 -26.53 -20.21
CA ASP L 516 36.47 -27.01 -21.42
C ASP L 516 36.30 -25.99 -22.55
N ARG L 517 35.10 -25.43 -22.69
CA ARG L 517 34.84 -24.42 -23.73
C ARG L 517 35.77 -23.23 -23.52
N ILE L 518 35.72 -22.67 -22.32
CA ILE L 518 36.54 -21.52 -21.94
C ILE L 518 37.98 -21.72 -22.35
N MET L 519 38.55 -22.88 -22.00
CA MET L 519 39.93 -23.19 -22.36
C MET L 519 40.07 -23.22 -23.88
N GLN L 520 39.10 -23.85 -24.54
CA GLN L 520 39.11 -23.93 -25.99
C GLN L 520 39.12 -22.52 -26.57
N LEU L 521 38.35 -21.64 -25.96
CA LEU L 521 38.28 -20.25 -26.39
C LEU L 521 39.61 -19.55 -26.23
N LEU L 522 40.29 -19.82 -25.12
CA LEU L 522 41.58 -19.20 -24.82
C LEU L 522 42.72 -19.92 -25.51
N ASP L 523 42.38 -20.87 -26.37
CA ASP L 523 43.39 -21.65 -27.11
C ASP L 523 44.40 -22.27 -26.15
N VAL L 524 43.88 -22.97 -25.14
CA VAL L 524 44.70 -23.66 -24.15
C VAL L 524 44.41 -25.15 -24.28
N PRO L 525 45.37 -25.91 -24.82
CA PRO L 525 45.22 -27.36 -25.02
C PRO L 525 45.17 -28.12 -23.70
N PRO L 526 44.45 -29.24 -23.66
CA PRO L 526 44.41 -29.98 -22.41
C PRO L 526 45.73 -30.78 -22.30
N GLY L 527 46.23 -30.96 -21.09
CA GLY L 527 47.48 -31.67 -20.85
C GLY L 527 48.57 -30.67 -20.49
N GLU L 528 49.25 -30.83 -19.35
CA GLU L 528 50.27 -29.85 -18.95
C GLU L 528 51.37 -29.63 -20.00
N ASP L 529 51.39 -30.47 -21.03
CA ASP L 529 52.36 -30.41 -22.12
C ASP L 529 52.81 -29.00 -22.47
N LYS L 530 52.36 -28.55 -23.64
CA LYS L 530 52.69 -27.22 -24.12
C LYS L 530 51.78 -26.23 -23.41
N GLY L 531 52.15 -25.86 -22.18
CA GLY L 531 51.33 -24.92 -21.43
C GLY L 531 49.84 -25.19 -21.58
N GLY L 532 49.43 -26.42 -21.26
CA GLY L 532 48.04 -26.78 -21.38
C GLY L 532 47.27 -26.72 -20.07
N TYR L 533 46.20 -27.51 -19.99
CA TYR L 533 45.37 -27.52 -18.79
C TYR L 533 44.85 -28.91 -18.40
N VAL L 534 44.74 -29.14 -17.09
CA VAL L 534 44.26 -30.42 -16.57
C VAL L 534 43.43 -30.28 -15.30
N ILE L 535 42.45 -31.16 -15.17
CA ILE L 535 41.54 -31.22 -14.05
C ILE L 535 42.04 -32.30 -13.12
N LYS L 536 42.44 -31.94 -11.91
CA LYS L 536 42.92 -32.95 -10.97
C LYS L 536 41.98 -33.00 -9.79
N ALA L 537 41.27 -34.12 -9.64
CA ALA L 537 40.34 -34.26 -8.53
C ALA L 537 40.99 -33.77 -7.24
N SER L 538 40.21 -33.08 -6.41
CA SER L 538 40.74 -32.56 -5.16
C SER L 538 39.61 -32.39 -4.15
N GLU L 539 39.95 -31.96 -2.94
CA GLU L 539 38.95 -31.76 -1.92
C GLU L 539 38.77 -30.31 -1.52
N GLY L 540 37.50 -29.93 -1.32
CA GLY L 540 37.16 -28.57 -0.93
C GLY L 540 36.04 -28.56 0.09
N PRO L 541 36.19 -27.79 1.16
CA PRO L 541 35.22 -27.66 2.25
C PRO L 541 33.93 -26.98 1.80
N ALA L 542 33.83 -26.70 0.51
CA ALA L 542 32.64 -26.05 -0.01
C ALA L 542 31.98 -26.95 -1.04
N PHE L 543 32.67 -28.03 -1.38
CA PHE L 543 32.15 -28.98 -2.35
C PHE L 543 31.86 -30.38 -1.84
N PHE L 544 30.75 -30.93 -2.34
CA PHE L 544 30.32 -32.27 -2.00
C PHE L 544 31.48 -33.15 -2.40
N PRO L 545 32.03 -33.91 -1.45
CA PRO L 545 33.16 -34.80 -1.67
C PRO L 545 33.07 -35.64 -2.96
N GLY L 546 34.21 -35.75 -3.64
CA GLY L 546 34.28 -36.55 -4.86
C GLY L 546 33.65 -35.92 -6.10
N ARG L 547 33.26 -34.66 -6.00
CA ARG L 547 32.64 -33.95 -7.11
C ARG L 547 33.25 -32.56 -7.04
N CYS L 548 34.57 -32.55 -6.88
CA CYS L 548 35.37 -31.34 -6.78
C CYS L 548 36.75 -31.58 -7.40
N ALA L 549 37.22 -30.62 -8.18
CA ALA L 549 38.52 -30.72 -8.84
C ALA L 549 39.26 -29.39 -8.82
N GLU L 550 40.54 -29.42 -9.17
CA GLU L 550 41.34 -28.20 -9.21
C GLU L 550 41.80 -27.98 -10.64
N ILE L 551 41.85 -26.73 -11.07
CA ILE L 551 42.28 -26.44 -12.44
C ILE L 551 43.73 -25.97 -12.45
N PHE L 552 44.54 -26.62 -13.28
CA PHE L 552 45.95 -26.27 -13.40
C PHE L 552 46.27 -25.92 -14.84
N ALA L 553 47.07 -24.88 -15.03
CA ALA L 553 47.46 -24.48 -16.36
C ALA L 553 48.59 -23.47 -16.28
N ARG L 554 49.29 -23.29 -17.39
CA ARG L 554 50.41 -22.37 -17.45
C ARG L 554 51.18 -22.40 -16.14
N GLY L 555 51.52 -23.61 -15.71
CA GLY L 555 52.29 -23.80 -14.49
C GLY L 555 51.74 -23.30 -13.17
N GLN L 556 50.44 -23.43 -12.95
CA GLN L 556 49.86 -22.99 -11.68
C GLN L 556 48.38 -23.31 -11.51
N SER L 557 47.93 -23.20 -10.26
CA SER L 557 46.55 -23.44 -9.92
C SER L 557 45.77 -22.23 -10.39
N VAL L 558 44.75 -22.48 -11.20
CA VAL L 558 43.93 -21.40 -11.72
C VAL L 558 42.63 -21.27 -10.94
N GLY L 559 41.94 -22.38 -10.76
CA GLY L 559 40.68 -22.32 -10.04
C GLY L 559 40.21 -23.64 -9.44
N LYS L 560 38.95 -23.61 -8.99
CA LYS L 560 38.31 -24.75 -8.37
C LYS L 560 37.04 -25.06 -9.16
N LEU L 561 36.89 -26.32 -9.55
CA LEU L 561 35.71 -26.76 -10.30
C LEU L 561 35.01 -27.77 -9.40
N GLY L 562 33.71 -27.63 -9.18
CA GLY L 562 33.04 -28.62 -8.34
C GLY L 562 31.56 -28.45 -8.09
N VAL L 563 30.98 -29.37 -7.33
CA VAL L 563 29.57 -29.31 -6.98
C VAL L 563 29.42 -28.81 -5.55
N LEU L 564 28.71 -27.71 -5.38
CA LEU L 564 28.50 -27.13 -4.06
C LEU L 564 27.97 -28.15 -3.04
N HIS L 565 28.55 -28.08 -1.84
CA HIS L 565 28.18 -28.96 -0.74
C HIS L 565 26.85 -28.54 -0.12
N PRO L 566 25.97 -29.52 0.08
CA PRO L 566 24.64 -29.29 0.66
C PRO L 566 24.59 -28.24 1.76
N ASP L 567 25.64 -28.19 2.58
CA ASP L 567 25.69 -27.23 3.67
C ASP L 567 25.65 -25.79 3.15
N VAL L 568 26.57 -25.47 2.24
CA VAL L 568 26.62 -24.14 1.70
C VAL L 568 25.34 -23.81 0.95
N ILE L 569 24.79 -24.78 0.22
CA ILE L 569 23.57 -24.49 -0.53
C ILE L 569 22.37 -24.22 0.38
N THR L 570 22.39 -24.73 1.60
CA THR L 570 21.29 -24.46 2.50
C THR L 570 21.60 -23.19 3.28
N LYS L 571 22.86 -23.01 3.66
CA LYS L 571 23.25 -21.83 4.41
C LYS L 571 23.08 -20.54 3.59
N PHE L 572 22.80 -20.70 2.30
CA PHE L 572 22.56 -19.56 1.43
C PHE L 572 21.10 -19.64 1.05
N GLU L 573 20.34 -20.35 1.90
CA GLU L 573 18.91 -20.55 1.74
C GLU L 573 18.46 -20.91 0.33
N LEU L 574 19.07 -21.95 -0.23
CA LEU L 574 18.73 -22.40 -1.56
C LEU L 574 18.07 -23.78 -1.53
N THR L 575 17.39 -24.13 -2.61
CA THR L 575 16.69 -25.40 -2.75
C THR L 575 17.54 -26.46 -3.45
N MET L 576 17.64 -26.37 -4.77
CA MET L 576 18.40 -27.32 -5.60
C MET L 576 19.89 -27.40 -5.36
N PRO L 577 20.55 -28.42 -5.93
CA PRO L 577 21.98 -28.63 -5.81
C PRO L 577 22.65 -27.61 -6.70
N CYS L 578 23.99 -27.58 -6.70
CA CYS L 578 24.64 -26.59 -7.53
C CYS L 578 26.05 -26.94 -7.93
N SER L 579 26.38 -26.58 -9.16
CA SER L 579 27.70 -26.82 -9.71
C SER L 579 28.33 -25.46 -10.01
N SER L 580 29.56 -25.27 -9.58
CA SER L 580 30.22 -24.00 -9.80
C SER L 580 31.53 -24.15 -10.59
N LEU L 581 32.19 -23.02 -10.78
CA LEU L 581 33.43 -22.94 -11.51
C LEU L 581 34.00 -21.55 -11.28
N GLU L 582 35.29 -21.46 -10.98
CA GLU L 582 35.89 -20.17 -10.75
C GLU L 582 37.38 -20.20 -11.04
N ILE L 583 37.77 -19.64 -12.18
CA ILE L 583 39.16 -19.60 -12.60
C ILE L 583 39.68 -18.18 -12.60
N ASN L 584 40.96 -18.00 -12.26
CA ASN L 584 41.57 -16.68 -12.26
C ASN L 584 42.08 -16.48 -13.69
N ILE L 585 41.37 -15.68 -14.48
CA ILE L 585 41.78 -15.49 -15.87
C ILE L 585 43.07 -14.69 -16.02
N GLY L 586 43.62 -14.21 -14.92
CA GLY L 586 44.84 -13.44 -14.98
C GLY L 586 45.98 -14.09 -15.77
N PRO L 587 46.43 -15.27 -15.36
CA PRO L 587 47.51 -16.00 -16.01
C PRO L 587 47.30 -16.31 -17.49
N PHE L 588 46.07 -16.19 -17.95
CA PHE L 588 45.80 -16.50 -19.34
C PHE L 588 46.06 -15.39 -20.34
N LEU L 589 46.45 -14.22 -19.86
CA LEU L 589 46.72 -13.12 -20.76
C LEU L 589 47.85 -13.43 -21.73
N SER M 176 77.71 100.03 -94.15
CA SER M 176 78.50 99.12 -93.27
C SER M 176 78.51 97.65 -93.67
N LYS M 177 79.70 97.03 -93.63
CA LYS M 177 79.83 95.63 -94.00
C LYS M 177 81.26 95.12 -94.04
N GLY M 178 81.42 93.81 -94.17
CA GLY M 178 82.74 93.20 -94.23
C GLY M 178 82.73 91.70 -94.51
N SER M 179 83.91 91.12 -94.68
CA SER M 179 84.02 89.69 -94.96
C SER M 179 85.02 89.34 -96.05
N ALA M 180 86.26 89.03 -95.66
CA ALA M 180 87.28 88.69 -96.64
C ALA M 180 88.42 87.82 -96.14
N PHE M 181 89.65 88.35 -96.15
CA PHE M 181 90.81 87.59 -95.69
C PHE M 181 91.73 88.24 -94.66
N SER M 182 91.49 87.93 -93.38
CA SER M 182 92.29 88.47 -92.29
C SER M 182 91.88 87.94 -90.93
N THR M 183 91.82 88.83 -89.92
CA THR M 183 91.44 88.41 -88.58
C THR M 183 91.07 89.54 -87.63
N SER M 184 90.99 89.24 -86.34
CA SER M 184 90.66 90.25 -85.34
C SER M 184 89.99 89.75 -84.05
N ILE M 185 90.73 89.77 -82.94
CA ILE M 185 90.18 89.33 -81.67
C ILE M 185 91.14 88.61 -80.73
N SER M 186 92.19 89.30 -80.30
CA SER M 186 93.17 88.73 -79.37
C SER M 186 93.19 89.50 -78.03
N LYS M 187 92.04 90.07 -77.66
CA LYS M 187 91.88 90.81 -76.40
C LYS M 187 90.42 90.62 -75.91
N GLN M 188 89.78 89.58 -76.42
CA GLN M 188 88.39 89.23 -76.11
C GLN M 188 87.99 89.16 -74.64
N GLU M 189 86.70 88.90 -74.40
CA GLU M 189 86.14 88.82 -73.06
C GLU M 189 86.00 87.36 -72.61
N THR M 190 85.89 87.14 -71.31
CA THR M 190 85.75 85.78 -70.75
C THR M 190 85.04 85.66 -69.39
N GLU M 191 84.61 86.77 -68.79
CA GLU M 191 83.95 86.73 -67.48
C GLU M 191 82.51 87.27 -67.48
N LEU M 192 81.59 86.57 -66.81
CA LEU M 192 80.18 87.00 -66.72
C LEU M 192 79.75 87.40 -65.30
N SER M 193 79.02 88.52 -65.19
CA SER M 193 78.54 89.03 -63.90
C SER M 193 77.19 89.75 -64.11
N PRO M 194 76.61 90.37 -63.07
CA PRO M 194 75.33 91.03 -63.35
C PRO M 194 75.43 92.08 -64.45
N GLU M 195 76.35 93.02 -64.28
CA GLU M 195 76.57 94.09 -65.25
C GLU M 195 76.95 93.53 -66.61
N MET M 196 76.74 92.23 -66.78
CA MET M 196 77.06 91.55 -68.03
C MET M 196 75.76 91.05 -68.69
N ILE M 197 74.70 90.96 -67.89
CA ILE M 197 73.41 90.51 -68.40
C ILE M 197 72.46 91.69 -68.50
N SER M 198 72.41 92.48 -67.43
CA SER M 198 71.58 93.67 -67.42
C SER M 198 72.51 94.78 -67.89
N SER M 199 73.12 94.55 -69.05
CA SER M 199 74.05 95.50 -69.65
C SER M 199 74.40 95.12 -71.08
N GLY M 200 73.72 94.11 -71.62
CA GLY M 200 73.99 93.68 -72.98
C GLY M 200 75.48 93.46 -73.21
N SER M 201 76.28 93.75 -72.18
CA SER M 201 77.73 93.63 -72.19
C SER M 201 78.20 92.34 -72.90
N TRP M 202 77.30 91.36 -73.02
CA TRP M 202 77.63 90.11 -73.70
C TRP M 202 77.49 90.27 -75.23
N ARG M 203 78.46 90.95 -75.82
CA ARG M 203 78.50 91.22 -77.25
C ARG M 203 79.96 91.35 -77.71
N ASP M 204 80.85 91.44 -76.73
CA ASP M 204 82.30 91.57 -76.97
C ASP M 204 82.92 90.27 -77.47
N ARG M 205 82.09 89.36 -77.97
CA ARG M 205 82.53 88.07 -78.47
C ARG M 205 83.48 87.39 -77.46
N PRO M 206 82.92 86.48 -76.62
CA PRO M 206 83.68 85.75 -75.60
C PRO M 206 83.81 84.24 -75.88
N PHE M 207 83.70 83.84 -77.13
CA PHE M 207 83.77 82.44 -77.56
C PHE M 207 85.01 81.64 -77.13
N LYS M 208 85.68 82.05 -76.05
CA LYS M 208 86.88 81.34 -75.59
C LYS M 208 86.56 79.86 -75.35
N PRO M 209 87.56 78.97 -75.52
CA PRO M 209 87.33 77.53 -75.31
C PRO M 209 87.47 77.09 -73.85
N TYR M 210 87.48 75.78 -73.62
CA TYR M 210 87.61 75.25 -72.26
C TYR M 210 88.45 73.95 -72.26
N ASN M 211 89.47 73.92 -71.40
CA ASN M 211 90.35 72.77 -71.27
C ASN M 211 89.56 71.64 -70.61
N PHE M 212 88.91 70.84 -71.46
CA PHE M 212 88.05 69.75 -71.02
C PHE M 212 88.56 68.67 -70.05
N LEU M 213 87.71 68.34 -69.08
CA LEU M 213 87.95 67.33 -68.05
C LEU M 213 89.23 67.52 -67.26
N ALA M 214 89.85 68.71 -67.38
CA ALA M 214 91.10 68.97 -66.68
C ALA M 214 90.99 68.85 -65.17
N HIS M 215 90.15 67.94 -64.70
CA HIS M 215 89.97 67.76 -63.27
C HIS M 215 89.44 69.11 -62.78
N GLY M 216 88.25 69.48 -63.23
CA GLY M 216 87.66 70.75 -62.83
C GLY M 216 87.54 70.89 -61.31
N VAL M 217 88.69 71.01 -60.64
CA VAL M 217 88.74 71.12 -59.18
C VAL M 217 87.42 70.77 -58.52
N LEU M 218 87.24 69.48 -58.29
CA LEU M 218 86.04 68.98 -57.65
C LEU M 218 85.84 69.79 -56.37
N PRO M 219 84.62 69.78 -55.82
CA PRO M 219 84.29 70.52 -54.59
C PRO M 219 84.93 70.03 -53.28
N ASP M 220 85.79 70.84 -52.68
CA ASP M 220 86.43 70.46 -51.41
C ASP M 220 85.33 70.09 -50.38
N SER M 221 85.09 68.78 -50.21
CA SER M 221 84.03 68.30 -49.32
C SER M 221 84.37 67.76 -47.92
N GLY M 222 83.72 66.65 -47.57
CA GLY M 222 83.91 65.97 -46.30
C GLY M 222 84.04 64.48 -46.61
N HIS M 223 84.72 63.71 -45.75
CA HIS M 223 84.90 62.30 -46.03
C HIS M 223 84.62 61.34 -44.88
N LEU M 224 84.13 60.14 -45.22
CA LEU M 224 83.84 59.10 -44.24
C LEU M 224 84.82 57.95 -44.47
N HIS M 225 85.42 57.47 -43.38
CA HIS M 225 86.40 56.39 -43.46
C HIS M 225 85.88 55.10 -44.09
N PRO M 226 86.56 54.60 -45.14
CA PRO M 226 86.23 53.38 -45.89
C PRO M 226 85.78 52.17 -45.04
N LEU M 227 86.50 51.90 -43.96
CA LEU M 227 86.19 50.77 -43.10
C LEU M 227 84.84 50.98 -42.45
N LEU M 228 84.55 52.21 -42.06
CA LEU M 228 83.27 52.52 -41.43
C LEU M 228 82.16 52.63 -42.45
N LYS M 229 82.51 52.97 -43.68
CA LYS M 229 81.52 53.07 -44.75
C LYS M 229 81.01 51.66 -44.93
N VAL M 230 81.91 50.70 -44.69
CA VAL M 230 81.57 49.30 -44.79
C VAL M 230 80.82 48.88 -43.54
N ARG M 231 81.30 49.27 -42.36
CA ARG M 231 80.61 48.91 -41.13
C ARG M 231 79.14 49.31 -41.29
N SER M 232 78.94 50.50 -41.87
CA SER M 232 77.59 50.99 -42.10
C SER M 232 76.81 49.97 -42.90
N GLN M 233 77.32 49.60 -44.08
CA GLN M 233 76.64 48.62 -44.92
C GLN M 233 76.29 47.33 -44.20
N PHE M 234 77.19 46.84 -43.35
CA PHE M 234 76.92 45.61 -42.59
C PHE M 234 75.76 45.87 -41.64
N ARG M 235 75.90 46.93 -40.85
CA ARG M 235 74.87 47.32 -39.90
C ARG M 235 73.49 47.31 -40.55
N GLN M 236 73.43 47.77 -41.79
CA GLN M 236 72.18 47.83 -42.53
C GLN M 236 71.70 46.42 -42.86
N ILE M 237 72.58 45.60 -43.44
CA ILE M 237 72.22 44.23 -43.79
C ILE M 237 71.54 43.57 -42.57
N PHE M 238 72.14 43.75 -41.40
CA PHE M 238 71.58 43.18 -40.19
C PHE M 238 70.20 43.71 -39.90
N LEU M 239 70.00 45.01 -40.06
CA LEU M 239 68.69 45.57 -39.79
C LEU M 239 67.67 45.05 -40.79
N GLU M 240 68.03 45.00 -42.06
CA GLU M 240 67.10 44.52 -43.07
C GLU M 240 66.73 43.07 -42.81
N MET M 241 67.57 42.35 -42.07
CA MET M 241 67.31 40.96 -41.75
C MET M 241 66.68 40.82 -40.38
N GLY M 242 66.03 41.88 -39.93
CA GLY M 242 65.34 41.84 -38.65
C GLY M 242 66.16 41.76 -37.37
N PHE M 243 67.46 41.98 -37.46
CA PHE M 243 68.28 41.92 -36.26
C PHE M 243 68.36 43.23 -35.49
N THR M 244 68.26 43.13 -34.17
CA THR M 244 68.36 44.28 -33.27
C THR M 244 69.83 44.47 -32.89
N GLU M 245 70.28 45.72 -32.81
CA GLU M 245 71.66 46.03 -32.47
C GLU M 245 71.89 46.04 -30.96
N MET M 246 72.74 45.12 -30.48
CA MET M 246 73.06 45.04 -29.06
C MET M 246 74.25 45.96 -28.75
N PRO M 247 74.23 46.59 -27.57
CA PRO M 247 75.27 47.52 -27.12
C PRO M 247 76.62 46.86 -26.87
N THR M 248 77.70 47.63 -27.02
CA THR M 248 79.02 47.07 -26.79
C THR M 248 79.94 48.04 -26.04
N ASP M 249 79.35 48.98 -25.31
CA ASP M 249 80.10 49.97 -24.55
C ASP M 249 80.92 49.37 -23.40
N ASN M 250 82.02 48.70 -23.73
CA ASN M 250 82.85 48.08 -22.71
C ASN M 250 84.11 47.46 -23.31
N PHE M 251 85.15 48.27 -23.55
CA PHE M 251 86.38 47.73 -24.11
C PHE M 251 87.04 46.81 -23.09
N ILE M 252 86.65 46.99 -21.83
CA ILE M 252 87.22 46.19 -20.74
C ILE M 252 86.20 45.21 -20.18
N GLU M 253 86.46 43.93 -20.40
CA GLU M 253 85.58 42.86 -19.93
C GLU M 253 86.25 42.02 -18.86
N SER M 254 85.45 41.54 -17.90
CA SER M 254 85.99 40.68 -16.87
C SER M 254 86.18 39.29 -17.49
N SER M 255 87.25 38.60 -17.11
CA SER M 255 87.54 37.28 -17.65
C SER M 255 86.31 36.37 -17.60
N PHE M 256 85.50 36.51 -16.55
CA PHE M 256 84.30 35.70 -16.42
C PHE M 256 83.44 35.79 -17.66
N TRP M 257 83.03 37.01 -18.00
CA TRP M 257 82.17 37.26 -19.15
C TRP M 257 82.82 37.13 -20.53
N ASN M 258 84.15 37.18 -20.64
CA ASN M 258 84.74 37.04 -21.96
C ASN M 258 84.98 35.55 -22.24
N PHE M 259 85.01 34.75 -21.17
CA PHE M 259 85.25 33.30 -21.29
C PHE M 259 84.36 32.40 -20.47
N ASP M 260 84.71 32.25 -19.20
CA ASP M 260 84.02 31.38 -18.27
C ASP M 260 82.50 31.17 -18.42
N ALA M 261 81.82 32.08 -19.12
CA ALA M 261 80.37 31.98 -19.34
C ALA M 261 80.13 31.33 -20.69
N LEU M 262 81.03 31.58 -21.63
CA LEU M 262 80.96 30.99 -22.97
C LEU M 262 81.47 29.56 -22.85
N PHE M 263 81.40 29.02 -21.63
CA PHE M 263 81.86 27.69 -21.30
C PHE M 263 83.24 27.40 -21.86
N GLN M 264 84.08 28.43 -21.98
CA GLN M 264 85.46 28.26 -22.41
C GLN M 264 86.12 28.10 -21.03
N PRO M 265 86.64 26.90 -20.72
CA PRO M 265 87.28 26.61 -19.42
C PRO M 265 88.53 27.43 -19.08
N GLN M 266 89.03 27.24 -17.86
CA GLN M 266 90.21 27.95 -17.40
C GLN M 266 91.43 27.13 -17.80
N GLN M 267 91.26 25.81 -17.77
CA GLN M 267 92.30 24.87 -18.18
C GLN M 267 92.54 25.09 -19.67
N HIS M 268 91.50 25.58 -20.35
CA HIS M 268 91.51 25.87 -21.79
C HIS M 268 92.92 26.03 -22.33
N PRO M 269 93.27 25.24 -23.37
CA PRO M 269 94.61 25.30 -23.99
C PRO M 269 95.30 26.67 -23.92
N ALA M 270 95.32 27.41 -25.03
CA ALA M 270 95.96 28.73 -25.05
C ALA M 270 95.13 29.78 -24.33
N ARG M 271 95.14 29.74 -23.01
CA ARG M 271 94.40 30.69 -22.20
C ARG M 271 95.32 31.38 -21.20
N ASP M 272 96.63 31.35 -21.49
CA ASP M 272 97.66 31.95 -20.62
C ASP M 272 97.73 33.48 -20.76
N GLN M 273 98.84 34.07 -20.31
CA GLN M 273 99.04 35.53 -20.39
C GLN M 273 99.98 35.85 -21.55
N HIS M 274 100.29 34.82 -22.34
CA HIS M 274 101.18 34.92 -23.50
C HIS M 274 100.39 35.15 -24.79
N ASP M 275 99.12 35.54 -24.67
CA ASP M 275 98.28 35.75 -25.85
C ASP M 275 97.50 37.07 -25.93
N THR M 276 97.33 37.76 -24.80
CA THR M 276 96.58 39.01 -24.83
C THR M 276 96.91 40.09 -23.79
N PHE M 277 95.90 40.86 -23.42
CA PHE M 277 96.02 41.96 -22.47
C PHE M 277 95.14 41.71 -21.26
N PHE M 278 95.66 42.02 -20.07
CA PHE M 278 94.91 41.84 -18.83
C PHE M 278 94.91 43.17 -18.08
N LEU M 279 94.14 43.27 -17.00
CA LEU M 279 94.07 44.53 -16.28
C LEU M 279 95.06 44.71 -15.14
N ARG M 280 96.07 45.53 -15.40
CA ARG M 280 97.08 45.87 -14.41
C ARG M 280 96.30 46.63 -13.33
N ASP M 281 95.17 47.20 -13.74
CA ASP M 281 94.28 47.98 -12.88
C ASP M 281 93.52 47.12 -11.85
N PRO M 282 92.48 47.68 -11.19
CA PRO M 282 91.72 46.90 -10.20
C PRO M 282 91.38 45.47 -10.62
N ALA M 283 91.18 45.28 -11.93
CA ALA M 283 90.88 43.98 -12.49
C ALA M 283 90.16 43.09 -11.49
N GLU M 284 88.87 43.33 -11.25
CA GLU M 284 88.15 42.50 -10.27
C GLU M 284 86.83 43.04 -9.69
N ALA M 285 86.50 44.31 -9.94
CA ALA M 285 85.29 44.93 -9.36
C ALA M 285 84.07 44.00 -9.15
N LEU M 286 83.98 43.39 -7.97
CA LEU M 286 82.90 42.43 -7.61
C LEU M 286 81.48 42.90 -7.95
N GLN M 287 80.55 42.67 -7.03
CA GLN M 287 79.16 43.03 -7.23
C GLN M 287 78.75 42.32 -8.53
N LEU M 288 79.35 41.15 -8.75
CA LEU M 288 79.08 40.32 -9.93
C LEU M 288 77.74 39.58 -9.82
N PRO M 289 77.45 38.70 -10.77
CA PRO M 289 76.17 37.98 -10.70
C PRO M 289 76.26 36.68 -9.90
N MET M 290 77.29 36.59 -9.06
CA MET M 290 77.58 35.42 -8.24
C MET M 290 76.67 34.20 -8.38
N ASP M 291 75.37 34.41 -8.46
CA ASP M 291 74.46 33.29 -8.62
C ASP M 291 74.81 32.59 -9.94
N TYR M 292 74.73 33.33 -11.03
CA TYR M 292 75.04 32.81 -12.36
C TYR M 292 76.46 32.25 -12.31
N VAL M 293 77.37 33.01 -11.71
CA VAL M 293 78.76 32.57 -11.60
C VAL M 293 78.84 31.22 -10.86
N GLN M 294 77.99 31.03 -9.87
CA GLN M 294 78.00 29.78 -9.12
C GLN M 294 77.60 28.64 -10.05
N ARG M 295 76.50 28.82 -10.78
CA ARG M 295 76.03 27.81 -11.71
C ARG M 295 77.09 27.51 -12.78
N VAL M 296 77.90 28.50 -13.13
CA VAL M 296 78.96 28.30 -14.11
C VAL M 296 80.05 27.46 -13.45
N LYS M 297 80.64 28.00 -12.37
CA LYS M 297 81.68 27.30 -11.60
C LYS M 297 81.31 25.84 -11.52
N ARG M 298 80.06 25.59 -11.13
CA ARG M 298 79.53 24.24 -10.99
C ARG M 298 79.73 23.41 -12.25
N THR M 299 78.79 23.58 -13.18
CA THR M 299 78.79 22.86 -14.44
C THR M 299 80.14 22.88 -15.14
N HIS M 300 80.95 23.88 -14.84
CA HIS M 300 82.26 24.00 -15.43
C HIS M 300 83.19 22.90 -14.94
N SER M 301 83.11 22.58 -13.65
CA SER M 301 83.97 21.57 -13.05
C SER M 301 83.32 20.21 -12.81
N GLN M 302 82.09 20.23 -12.29
CA GLN M 302 81.38 18.99 -12.01
C GLN M 302 80.42 18.56 -13.11
N GLY M 303 79.99 19.50 -13.92
CA GLY M 303 79.07 19.18 -15.00
C GLY M 303 77.62 19.46 -14.62
N GLY M 304 76.70 18.93 -15.42
CA GLY M 304 75.29 19.15 -15.18
C GLY M 304 74.59 19.56 -16.46
N TYR M 305 73.28 19.76 -16.40
CA TYR M 305 72.54 20.17 -17.59
C TYR M 305 72.74 19.14 -18.70
N GLY M 306 73.24 17.98 -18.31
CA GLY M 306 73.48 16.91 -19.26
C GLY M 306 74.93 16.69 -19.64
N SER M 307 75.80 17.63 -19.28
CA SER M 307 77.21 17.52 -19.60
C SER M 307 78.05 16.98 -18.45
N GLN M 308 79.29 16.68 -18.74
CA GLN M 308 80.18 16.15 -17.71
C GLN M 308 81.30 17.13 -17.47
N GLY M 309 80.99 18.41 -17.56
CA GLY M 309 81.97 19.46 -17.34
C GLY M 309 83.35 19.18 -17.87
N TYR M 310 84.32 19.97 -17.42
CA TYR M 310 85.70 19.77 -17.85
C TYR M 310 86.48 19.06 -16.75
N LYS M 311 85.75 18.71 -15.68
CA LYS M 311 86.32 18.00 -14.54
C LYS M 311 87.62 18.62 -14.04
N TYR M 312 87.65 19.93 -13.85
CA TYR M 312 88.86 20.60 -13.35
C TYR M 312 88.43 21.54 -12.23
N ASN M 313 89.38 22.13 -11.53
CA ASN M 313 88.99 23.02 -10.45
C ASN M 313 88.89 24.46 -10.90
N TRP M 314 87.68 24.98 -10.87
CA TRP M 314 87.38 26.33 -11.29
C TRP M 314 87.74 27.36 -10.23
N LYS M 315 88.77 28.17 -10.51
CA LYS M 315 89.21 29.20 -9.58
C LYS M 315 88.52 30.53 -9.89
N LEU M 316 87.81 31.07 -8.90
CA LEU M 316 87.10 32.33 -9.05
C LEU M 316 88.06 33.52 -9.22
N ASP M 317 89.17 33.49 -8.49
CA ASP M 317 90.16 34.57 -8.58
C ASP M 317 90.60 34.79 -10.01
N GLU M 318 90.50 33.73 -10.81
CA GLU M 318 90.89 33.77 -12.21
C GLU M 318 89.87 34.58 -13.00
N ALA M 319 88.61 34.17 -12.89
CA ALA M 319 87.53 34.85 -13.59
C ALA M 319 87.49 36.33 -13.28
N ARG M 320 87.91 36.70 -12.06
CA ARG M 320 87.92 38.10 -11.62
C ARG M 320 88.89 38.95 -12.46
N LYS M 321 89.87 38.32 -13.09
CA LYS M 321 90.87 39.02 -13.90
C LYS M 321 90.27 39.83 -15.05
N ASN M 322 90.48 41.15 -15.03
CA ASN M 322 89.98 42.04 -16.08
C ASN M 322 90.88 41.98 -17.31
N LEU M 323 90.32 42.30 -18.48
CA LEU M 323 91.10 42.26 -19.72
C LEU M 323 90.47 43.10 -20.81
N LEU M 324 91.04 43.04 -22.01
CA LEU M 324 90.51 43.77 -23.12
C LEU M 324 89.74 42.81 -24.00
N ARG M 325 88.41 42.96 -23.99
CA ARG M 325 87.52 42.12 -24.78
C ARG M 325 88.24 41.54 -25.99
N THR M 326 88.40 40.22 -26.01
CA THR M 326 89.09 39.55 -27.11
C THR M 326 88.19 39.22 -28.30
N HIS M 327 86.89 39.18 -28.08
CA HIS M 327 85.92 38.90 -29.13
C HIS M 327 84.54 39.41 -28.71
N THR M 328 83.72 39.79 -29.69
CA THR M 328 82.37 40.29 -29.40
C THR M 328 81.44 39.24 -28.82
N THR M 329 81.85 37.97 -28.89
CA THR M 329 81.03 36.87 -28.36
C THR M 329 80.68 37.10 -26.90
N SER M 330 81.57 37.75 -26.17
CA SER M 330 81.30 38.03 -24.78
C SER M 330 80.06 38.90 -24.71
N ALA M 331 79.98 39.88 -25.61
CA ALA M 331 78.83 40.79 -25.66
C ALA M 331 77.53 40.01 -25.79
N SER M 332 77.58 38.97 -26.62
CA SER M 332 76.42 38.12 -26.84
C SER M 332 76.10 37.37 -25.56
N ALA M 333 77.14 36.93 -24.86
CA ALA M 333 76.93 36.22 -23.60
C ALA M 333 76.09 37.11 -22.71
N ARG M 334 76.53 38.35 -22.58
CA ARG M 334 75.82 39.34 -21.78
C ARG M 334 74.38 39.36 -22.25
N ALA M 335 74.21 39.76 -23.51
CA ALA M 335 72.89 39.87 -24.14
C ALA M 335 71.97 38.68 -23.87
N LEU M 336 72.49 37.47 -24.09
CA LEU M 336 71.72 36.26 -23.86
C LEU M 336 71.37 36.11 -22.39
N TYR M 337 72.31 36.37 -21.49
CA TYR M 337 72.01 36.25 -20.08
C TYR M 337 70.86 37.17 -19.73
N ARG M 338 70.95 38.43 -20.17
CA ARG M 338 69.88 39.38 -19.90
C ARG M 338 68.57 38.80 -20.40
N LEU M 339 68.57 38.35 -21.66
CA LEU M 339 67.37 37.75 -22.26
C LEU M 339 66.80 36.62 -21.42
N ALA M 340 67.69 35.78 -20.86
CA ALA M 340 67.28 34.64 -20.06
C ALA M 340 66.45 35.04 -18.85
N GLN M 341 66.56 36.31 -18.46
CA GLN M 341 65.83 36.79 -17.30
C GLN M 341 64.42 37.31 -17.61
N LYS M 342 64.09 37.48 -18.89
CA LYS M 342 62.77 37.98 -19.27
C LYS M 342 61.63 37.09 -18.80
N LYS M 343 60.60 37.70 -18.19
CA LYS M 343 59.43 36.99 -17.68
C LYS M 343 59.22 35.75 -18.54
N PRO M 344 58.58 35.88 -19.72
CA PRO M 344 58.42 34.67 -20.51
C PRO M 344 59.49 34.79 -21.60
N PHE M 345 60.03 33.68 -22.08
CA PHE M 345 61.05 33.79 -23.11
C PHE M 345 60.45 34.32 -24.38
N THR M 346 61.25 35.09 -25.11
CA THR M 346 60.82 35.65 -26.36
C THR M 346 61.97 35.60 -27.37
N PRO M 347 61.76 34.92 -28.49
CA PRO M 347 62.78 34.77 -29.54
C PRO M 347 63.33 36.13 -29.97
N VAL M 348 64.59 36.14 -30.40
CA VAL M 348 65.23 37.39 -30.81
C VAL M 348 66.31 37.19 -31.86
N LYS M 349 66.85 38.30 -32.33
CA LYS M 349 67.93 38.29 -33.32
C LYS M 349 68.79 39.50 -32.98
N TYR M 350 69.97 39.26 -32.45
CA TYR M 350 70.88 40.33 -32.08
C TYR M 350 72.07 40.36 -33.01
N PHE M 351 72.75 41.50 -33.06
CA PHE M 351 73.95 41.68 -33.89
C PHE M 351 74.70 42.82 -33.28
N SER M 352 75.99 42.90 -33.58
CA SER M 352 76.83 43.96 -33.05
C SER M 352 78.17 44.00 -33.76
N ILE M 353 78.62 45.19 -34.09
CA ILE M 353 79.90 45.33 -34.76
C ILE M 353 80.83 46.21 -33.94
N ASP M 354 81.84 45.62 -33.32
CA ASP M 354 82.77 46.44 -32.54
C ASP M 354 84.21 46.02 -32.77
N ARG M 355 85.10 46.63 -31.99
CA ARG M 355 86.50 46.32 -32.09
C ARG M 355 86.85 45.36 -30.96
N VAL M 356 87.82 44.48 -31.24
CA VAL M 356 88.29 43.49 -30.27
C VAL M 356 89.77 43.70 -30.04
N PHE M 357 90.29 42.99 -29.04
CA PHE M 357 91.69 43.11 -28.69
C PHE M 357 92.46 41.79 -28.68
N ARG M 358 93.21 41.58 -29.76
CA ARG M 358 94.05 40.40 -29.96
C ARG M 358 95.52 40.83 -30.00
N ASN M 359 96.39 40.09 -29.31
CA ASN M 359 97.81 40.40 -29.30
C ASN M 359 98.61 39.18 -29.69
N GLU M 360 99.40 39.28 -30.74
CA GLU M 360 100.17 38.11 -31.19
C GLU M 360 101.43 38.50 -31.97
N THR M 361 101.25 38.87 -33.23
CA THR M 361 102.36 39.27 -34.11
C THR M 361 101.92 40.44 -35.00
N LEU M 362 102.15 41.67 -34.53
CA LEU M 362 101.77 42.87 -35.29
C LEU M 362 102.46 42.94 -36.65
N ASP M 363 101.97 42.17 -37.62
CA ASP M 363 102.55 42.15 -38.97
C ASP M 363 101.68 42.90 -39.98
N ALA M 364 101.88 42.62 -41.27
CA ALA M 364 101.10 43.27 -42.32
C ALA M 364 99.89 42.47 -42.78
N THR M 365 99.41 41.55 -41.94
CA THR M 365 98.23 40.75 -42.27
C THR M 365 97.05 41.36 -41.51
N HIS M 366 97.09 41.27 -40.18
CA HIS M 366 96.05 41.83 -39.33
C HIS M 366 96.73 42.69 -38.25
N LEU M 367 96.10 43.81 -37.91
CA LEU M 367 96.65 44.72 -36.91
C LEU M 367 96.73 44.14 -35.52
N ALA M 368 96.58 45.00 -34.51
CA ALA M 368 96.67 44.58 -33.12
C ALA M 368 95.31 44.56 -32.41
N GLU M 369 94.29 44.98 -33.15
CA GLU M 369 92.91 45.01 -32.68
C GLU M 369 92.15 45.34 -33.95
N PHE M 370 90.88 44.96 -34.02
CA PHE M 370 90.14 45.23 -35.24
C PHE M 370 88.63 45.21 -35.03
N HIS M 371 87.88 45.25 -36.14
CA HIS M 371 86.41 45.24 -36.08
C HIS M 371 85.77 43.89 -36.40
N GLN M 372 85.20 43.28 -35.36
CA GLN M 372 84.55 41.98 -35.48
C GLN M 372 83.04 42.12 -35.40
N ILE M 373 82.33 41.63 -36.41
CA ILE M 373 80.87 41.69 -36.42
C ILE M 373 80.31 40.32 -36.05
N GLU M 374 79.25 40.30 -35.26
CA GLU M 374 78.64 39.06 -34.84
C GLU M 374 77.11 39.10 -34.90
N GLY M 375 76.51 37.99 -35.35
CA GLY M 375 75.07 37.90 -35.44
C GLY M 375 74.61 36.69 -34.65
N VAL M 376 73.53 36.83 -33.91
CA VAL M 376 73.00 35.74 -33.10
C VAL M 376 71.46 35.63 -33.18
N VAL M 377 70.95 34.40 -33.31
CA VAL M 377 69.51 34.16 -33.42
C VAL M 377 69.13 33.19 -32.32
N ALA M 378 68.10 33.51 -31.54
CA ALA M 378 67.69 32.62 -30.46
C ALA M 378 66.20 32.31 -30.53
N ASP M 379 65.86 31.07 -30.90
CA ASP M 379 64.45 30.70 -31.01
C ASP M 379 64.25 29.27 -30.56
N HIS M 380 63.08 28.72 -30.86
CA HIS M 380 62.77 27.35 -30.50
C HIS M 380 63.07 26.41 -31.67
N GLY M 381 63.85 25.36 -31.39
CA GLY M 381 64.17 24.38 -32.41
C GLY M 381 64.91 24.84 -33.65
N LEU M 382 65.94 25.65 -33.46
CA LEU M 382 66.75 26.11 -34.58
C LEU M 382 67.68 24.97 -34.94
N THR M 383 67.88 24.72 -36.21
CA THR M 383 68.74 23.64 -36.64
C THR M 383 69.97 24.15 -37.31
N LEU M 384 70.96 23.27 -37.48
CA LEU M 384 72.20 23.64 -38.16
C LEU M 384 71.80 24.21 -39.53
N GLY M 385 70.74 23.65 -40.11
CA GLY M 385 70.27 24.10 -41.41
C GLY M 385 69.84 25.55 -41.36
N HIS M 386 69.21 25.94 -40.27
CA HIS M 386 68.76 27.31 -40.08
C HIS M 386 69.99 28.21 -40.09
N LEU M 387 70.98 27.81 -39.30
CA LEU M 387 72.22 28.56 -39.23
C LEU M 387 72.73 28.74 -40.67
N MET M 388 72.69 27.66 -41.44
CA MET M 388 73.13 27.71 -42.84
C MET M 388 72.23 28.62 -43.66
N GLY M 389 70.92 28.46 -43.52
CA GLY M 389 70.00 29.29 -44.26
C GLY M 389 70.22 30.77 -44.01
N VAL M 390 70.34 31.14 -42.73
CA VAL M 390 70.54 32.53 -42.38
C VAL M 390 71.82 32.99 -43.03
N LEU M 391 72.87 32.19 -42.87
CA LEU M 391 74.17 32.54 -43.46
C LEU M 391 74.08 32.79 -44.94
N ARG M 392 73.30 31.97 -45.64
CA ARG M 392 73.18 32.18 -47.09
C ARG M 392 72.53 33.53 -47.37
N GLU M 393 71.45 33.83 -46.65
CA GLU M 393 70.75 35.09 -46.87
C GLU M 393 71.67 36.27 -46.59
N PHE M 394 72.44 36.16 -45.51
CA PHE M 394 73.37 37.21 -45.11
C PHE M 394 74.44 37.46 -46.17
N PHE M 395 75.18 36.43 -46.54
CA PHE M 395 76.23 36.58 -47.54
C PHE M 395 75.73 36.89 -48.94
N THR M 396 74.42 36.90 -49.12
CA THR M 396 73.87 37.20 -50.41
C THR M 396 73.73 38.71 -50.48
N LYS M 397 73.33 39.32 -49.38
CA LYS M 397 73.17 40.76 -49.35
C LYS M 397 74.56 41.36 -49.31
N LEU M 398 75.57 40.50 -49.42
CA LEU M 398 76.96 40.93 -49.41
C LEU M 398 77.50 40.60 -50.78
N GLY M 399 76.63 40.04 -51.61
CA GLY M 399 77.02 39.65 -52.95
C GLY M 399 77.93 38.44 -53.00
N ILE M 400 77.45 37.30 -52.48
CA ILE M 400 78.23 36.06 -52.51
C ILE M 400 77.32 34.87 -52.63
N THR M 401 77.62 33.98 -53.56
CA THR M 401 76.76 32.81 -53.75
C THR M 401 77.54 31.51 -53.65
N GLN M 402 78.82 31.56 -53.95
CA GLN M 402 79.63 30.36 -53.86
C GLN M 402 79.81 30.05 -52.37
N LEU M 403 78.81 29.40 -51.77
CA LEU M 403 78.91 29.06 -50.35
C LEU M 403 79.05 27.57 -50.07
N ARG M 404 80.07 27.22 -49.29
CA ARG M 404 80.30 25.84 -48.89
C ARG M 404 80.69 25.80 -47.42
N PHE M 405 80.01 24.95 -46.65
CA PHE M 405 80.27 24.84 -45.22
C PHE M 405 81.23 23.73 -44.84
N LYS M 406 81.98 23.94 -43.77
CA LYS M 406 82.97 22.99 -43.29
C LYS M 406 82.92 22.85 -41.79
N PRO M 407 83.08 21.62 -41.29
CA PRO M 407 83.05 21.41 -39.84
C PRO M 407 84.20 22.14 -39.19
N ALA M 408 84.04 22.52 -37.93
CA ALA M 408 85.09 23.23 -37.24
C ALA M 408 84.94 23.08 -35.72
N TYR M 409 85.74 23.84 -35.00
CA TYR M 409 85.70 23.78 -33.55
C TYR M 409 85.74 25.13 -32.84
N ASN M 410 84.82 25.28 -31.91
CA ASN M 410 84.72 26.47 -31.08
C ASN M 410 84.30 25.90 -29.75
N PRO M 411 84.99 26.30 -28.69
CA PRO M 411 84.70 25.81 -27.34
C PRO M 411 83.23 25.99 -26.96
N TYR M 412 82.60 27.01 -27.50
CA TYR M 412 81.22 27.32 -27.16
C TYR M 412 80.12 27.04 -28.19
N THR M 413 80.21 25.95 -28.94
CA THR M 413 79.19 25.63 -29.93
C THR M 413 79.04 24.13 -30.10
N GLU M 414 77.82 23.59 -30.00
CA GLU M 414 77.65 22.15 -30.17
C GLU M 414 78.24 21.88 -31.54
N PRO M 415 77.50 22.13 -32.63
CA PRO M 415 78.18 21.86 -33.91
C PRO M 415 78.76 23.22 -34.22
N SER M 416 79.82 23.27 -35.01
CA SER M 416 80.41 24.53 -35.39
C SER M 416 80.83 24.39 -36.83
N MET M 417 80.68 25.45 -37.62
CA MET M 417 81.08 25.34 -39.01
C MET M 417 81.66 26.64 -39.48
N GLU M 418 82.71 26.53 -40.28
CA GLU M 418 83.35 27.70 -40.82
C GLU M 418 82.73 27.86 -42.20
N VAL M 419 82.61 29.10 -42.66
CA VAL M 419 81.99 29.42 -43.95
C VAL M 419 83.03 29.81 -44.98
N PHE M 420 82.98 29.17 -46.14
CA PHE M 420 83.94 29.48 -47.19
C PHE M 420 83.28 30.01 -48.45
N SER M 421 84.04 30.79 -49.20
CA SER M 421 83.51 31.33 -50.43
C SER M 421 84.55 31.21 -51.54
N TYR M 422 84.09 30.80 -52.71
CA TYR M 422 84.95 30.63 -53.87
C TYR M 422 85.49 32.02 -54.21
N HIS M 423 86.60 32.06 -54.95
CA HIS M 423 87.20 33.32 -55.36
C HIS M 423 87.99 33.06 -56.62
N GLN M 424 87.37 33.33 -57.76
CA GLN M 424 87.99 33.13 -59.05
C GLN M 424 89.17 34.08 -59.17
N GLY M 425 89.39 34.85 -58.10
CA GLY M 425 90.50 35.78 -58.03
C GLY M 425 91.74 35.08 -57.51
N LEU M 426 91.56 33.85 -57.02
CA LEU M 426 92.66 33.01 -56.53
C LEU M 426 92.28 31.57 -56.91
N LYS M 427 91.17 31.44 -57.62
CA LYS M 427 90.65 30.15 -58.05
C LYS M 427 90.68 29.13 -56.92
N LYS M 428 90.53 29.62 -55.69
CA LYS M 428 90.52 28.78 -54.49
C LYS M 428 89.52 29.35 -53.48
N TRP M 429 89.05 28.51 -52.56
CA TRP M 429 88.08 28.96 -51.56
C TRP M 429 88.76 29.79 -50.48
N VAL M 430 88.02 30.08 -49.42
CA VAL M 430 88.57 30.88 -48.31
C VAL M 430 87.57 31.16 -47.17
N GLU M 431 88.02 30.98 -45.92
CA GLU M 431 87.17 31.21 -44.75
C GLU M 431 86.69 32.64 -44.72
N VAL M 432 85.37 32.82 -44.73
CA VAL M 432 84.75 34.15 -44.76
C VAL M 432 84.02 34.44 -43.47
N GLY M 433 83.84 33.40 -42.68
CA GLY M 433 83.16 33.57 -41.43
C GLY M 433 83.18 32.25 -40.74
N ASN M 434 83.02 32.32 -39.44
CA ASN M 434 83.00 31.15 -38.59
C ASN M 434 81.68 31.22 -37.81
N SER M 435 81.03 30.07 -37.57
CA SER M 435 79.76 30.04 -36.86
C SER M 435 79.58 28.77 -36.09
N GLY M 436 78.55 28.74 -35.25
CA GLY M 436 78.27 27.55 -34.46
C GLY M 436 76.89 27.55 -33.86
N VAL M 437 76.71 26.79 -32.78
CA VAL M 437 75.42 26.70 -32.11
C VAL M 437 75.58 26.63 -30.60
N PHE M 438 75.98 27.71 -29.96
CA PHE M 438 76.18 27.72 -28.51
C PHE M 438 75.81 26.45 -27.76
N ARG M 439 76.78 25.88 -27.03
CA ARG M 439 76.55 24.66 -26.25
C ARG M 439 75.57 24.94 -25.14
N PRO M 440 74.82 23.94 -24.71
CA PRO M 440 73.85 24.15 -23.62
C PRO M 440 74.54 24.40 -22.29
N GLU M 441 75.77 23.91 -22.12
CA GLU M 441 76.47 24.16 -20.88
C GLU M 441 76.85 25.63 -20.80
N MET M 442 76.58 26.38 -21.88
CA MET M 442 76.85 27.81 -21.91
C MET M 442 75.56 28.52 -21.62
N LEU M 443 74.52 28.08 -22.34
CA LEU M 443 73.19 28.65 -22.25
C LEU M 443 72.37 28.29 -21.03
N LEU M 444 72.18 26.99 -20.78
CA LEU M 444 71.37 26.53 -19.64
C LEU M 444 71.70 27.18 -18.31
N PRO M 445 73.00 27.35 -17.98
CA PRO M 445 73.33 27.98 -16.71
C PRO M 445 72.93 29.45 -16.65
N MET M 446 72.71 30.07 -17.81
CA MET M 446 72.29 31.47 -17.84
C MET M 446 70.84 31.53 -17.42
N GLY M 447 70.14 30.41 -17.57
CA GLY M 447 68.75 30.37 -17.20
C GLY M 447 67.81 30.28 -18.38
N LEU M 448 68.35 30.18 -19.59
CA LEU M 448 67.49 30.06 -20.75
C LEU M 448 66.80 28.72 -20.67
N PRO M 449 65.62 28.60 -21.28
CA PRO M 449 64.87 27.34 -21.27
C PRO M 449 65.55 26.26 -22.14
N GLU M 450 65.29 25.00 -21.81
CA GLU M 450 65.89 23.90 -22.53
C GLU M 450 65.32 23.77 -23.93
N ASN M 451 64.12 24.28 -24.15
CA ASN M 451 63.53 24.17 -25.47
C ASN M 451 64.02 25.25 -26.42
N VAL M 452 64.80 26.18 -25.87
CA VAL M 452 65.37 27.27 -26.67
C VAL M 452 66.79 26.93 -27.08
N SER M 453 67.14 27.23 -28.32
CA SER M 453 68.49 26.98 -28.81
C SER M 453 68.89 28.23 -29.56
N VAL M 454 70.16 28.60 -29.47
CA VAL M 454 70.60 29.79 -30.17
C VAL M 454 71.80 29.50 -31.04
N ILE M 455 71.77 30.03 -32.26
CA ILE M 455 72.84 29.87 -33.24
C ILE M 455 73.50 31.23 -33.42
N ALA M 456 74.74 31.26 -33.88
CA ALA M 456 75.44 32.52 -34.09
C ALA M 456 76.57 32.39 -35.08
N TRP M 457 77.00 33.52 -35.63
CA TRP M 457 78.10 33.51 -36.61
C TRP M 457 78.84 34.83 -36.54
N GLY M 458 80.05 34.87 -37.10
CA GLY M 458 80.82 36.09 -37.08
C GLY M 458 81.98 36.18 -38.04
N LEU M 459 82.47 37.40 -38.24
CA LEU M 459 83.58 37.65 -39.13
C LEU M 459 84.19 39.00 -38.82
N SER M 460 85.27 39.35 -39.51
CA SER M 460 85.94 40.62 -39.26
C SER M 460 85.62 41.64 -40.33
N LEU M 461 85.44 42.89 -39.89
CA LEU M 461 85.13 44.00 -40.77
C LEU M 461 86.28 44.26 -41.74
N GLU M 462 87.50 43.92 -41.29
CA GLU M 462 88.74 44.10 -42.06
C GLU M 462 88.86 43.22 -43.31
N ARG M 463 88.89 41.90 -43.12
CA ARG M 463 89.01 40.95 -44.23
C ARG M 463 88.23 41.33 -45.50
N PRO M 464 86.91 41.49 -45.38
CA PRO M 464 86.07 41.86 -46.52
C PRO M 464 86.43 43.22 -47.14
N THR M 465 86.91 44.15 -46.33
CA THR M 465 87.29 45.46 -46.88
C THR M 465 88.42 45.19 -47.88
N MET M 466 89.23 44.18 -47.57
CA MET M 466 90.39 43.77 -48.37
C MET M 466 90.08 43.33 -49.79
N ILE M 467 90.11 42.02 -50.01
CA ILE M 467 89.89 41.42 -51.31
C ILE M 467 89.01 42.29 -52.21
N LYS M 468 87.85 42.71 -51.72
CA LYS M 468 86.94 43.55 -52.50
C LYS M 468 87.79 44.60 -53.21
N TYR M 469 88.30 45.56 -52.43
CA TYR M 469 89.15 46.61 -52.96
C TYR M 469 90.33 45.99 -53.73
N GLY M 470 91.03 45.06 -53.06
CA GLY M 470 92.19 44.41 -53.64
C GLY M 470 93.40 44.96 -52.91
N ILE M 471 93.14 45.48 -51.70
CA ILE M 471 94.15 46.09 -50.83
C ILE M 471 95.02 45.09 -50.09
N ASN M 472 96.19 45.57 -49.63
CA ASN M 472 97.16 44.77 -48.90
C ASN M 472 97.25 45.28 -47.47
N ASN M 473 98.19 46.19 -47.22
CA ASN M 473 98.41 46.76 -45.89
C ASN M 473 97.12 47.13 -45.17
N ILE M 474 96.72 46.32 -44.20
CA ILE M 474 95.53 46.65 -43.42
C ILE M 474 96.04 47.80 -42.56
N ARG M 475 97.36 47.99 -42.63
CA ARG M 475 98.03 49.04 -41.90
C ARG M 475 97.82 50.35 -42.66
N GLU M 476 97.67 50.24 -43.98
CA GLU M 476 97.49 51.40 -44.83
C GLU M 476 96.14 52.13 -44.74
N LEU M 477 95.16 51.51 -44.09
CA LEU M 477 93.86 52.17 -43.93
C LEU M 477 93.14 51.84 -42.62
N VAL M 478 93.89 51.64 -41.55
CA VAL M 478 93.29 51.33 -40.25
C VAL M 478 94.14 51.84 -39.06
N GLY M 479 94.22 53.16 -38.91
CA GLY M 479 95.01 53.71 -37.83
C GLY M 479 95.71 54.97 -38.30
N HIS M 480 96.33 55.70 -37.37
CA HIS M 480 97.01 56.93 -37.75
C HIS M 480 97.85 56.88 -39.01
N LYS M 481 98.61 55.81 -39.17
CA LYS M 481 99.46 55.70 -40.36
C LYS M 481 98.63 55.67 -41.65
N VAL M 482 97.31 55.82 -41.51
CA VAL M 482 96.42 55.80 -42.66
C VAL M 482 96.77 56.85 -43.72
N ASN M 483 96.71 56.45 -44.99
CA ASN M 483 97.03 57.35 -46.08
C ASN M 483 95.77 58.14 -46.42
N LEU M 484 95.56 59.28 -45.74
CA LEU M 484 94.37 60.10 -45.97
C LEU M 484 93.96 60.31 -47.42
N GLN M 485 94.92 60.41 -48.33
CA GLN M 485 94.59 60.59 -49.74
C GLN M 485 93.74 59.44 -50.25
N MET M 486 93.99 58.24 -49.73
CA MET M 486 93.22 57.06 -50.13
C MET M 486 91.77 57.20 -49.65
N VAL M 487 91.60 57.85 -48.50
CA VAL M 487 90.27 58.09 -47.91
C VAL M 487 89.48 59.07 -48.77
N TYR M 488 90.11 60.19 -49.11
CA TYR M 488 89.48 61.21 -49.93
C TYR M 488 88.90 60.59 -51.20
N ASP M 489 89.63 59.64 -51.76
CA ASP M 489 89.24 58.98 -53.00
C ASP M 489 88.32 57.77 -52.87
N SER M 490 88.21 57.16 -51.69
CA SER M 490 87.35 55.99 -51.51
C SER M 490 85.91 56.36 -51.96
N PRO M 491 85.34 55.73 -53.02
CA PRO M 491 83.98 56.15 -53.42
C PRO M 491 82.72 55.58 -52.73
N LEU M 492 81.79 55.08 -53.54
CA LEU M 492 80.53 54.53 -53.05
C LEU M 492 80.50 53.02 -52.85
N CYS M 493 80.44 52.58 -51.59
CA CYS M 493 80.39 51.16 -51.25
C CYS M 493 79.03 50.56 -51.55
N ARG M 494 78.75 50.46 -52.85
CA ARG M 494 77.49 49.90 -53.35
C ARG M 494 77.79 48.54 -54.02
N LEU M 495 77.04 47.51 -53.62
CA LEU M 495 77.27 46.17 -54.15
C LEU M 495 76.62 45.92 -55.51
N ASP M 496 76.97 46.75 -56.48
CA ASP M 496 76.46 46.68 -57.85
C ASP M 496 75.15 47.44 -58.05
N MET N 1 95.27 25.69 -31.28
CA MET N 1 95.23 24.96 -32.59
C MET N 1 96.36 23.93 -32.70
N PRO N 2 96.16 22.71 -32.15
CA PRO N 2 97.18 21.65 -32.22
C PRO N 2 97.55 21.26 -33.66
N THR N 3 98.84 21.33 -33.98
CA THR N 3 99.30 20.96 -35.32
C THR N 3 100.06 19.65 -35.22
N VAL N 4 99.92 18.80 -36.23
CA VAL N 4 100.58 17.50 -36.24
C VAL N 4 101.33 17.25 -37.54
N SER N 5 102.66 17.17 -37.46
CA SER N 5 103.48 16.92 -38.65
C SER N 5 103.58 15.43 -38.90
N VAL N 6 103.48 15.04 -40.17
CA VAL N 6 103.57 13.62 -40.52
C VAL N 6 104.28 13.40 -41.84
N LYS N 7 105.14 12.40 -41.89
CA LYS N 7 105.86 12.08 -43.12
C LYS N 7 104.80 11.67 -44.14
N ARG N 8 104.64 12.48 -45.17
CA ARG N 8 103.64 12.22 -46.21
C ARG N 8 103.60 10.78 -46.70
N ASP N 9 104.64 10.40 -47.44
CA ASP N 9 104.74 9.05 -47.99
C ASP N 9 104.30 8.00 -46.96
N LEU N 10 104.63 8.24 -45.70
CA LEU N 10 104.30 7.35 -44.61
C LEU N 10 102.80 7.40 -44.37
N LEU N 11 102.29 8.62 -44.21
CA LEU N 11 100.87 8.84 -43.98
C LEU N 11 100.09 8.07 -45.05
N PHE N 12 100.40 8.34 -46.30
CA PHE N 12 99.71 7.69 -47.43
C PHE N 12 99.83 6.18 -47.31
N GLN N 13 101.04 5.71 -47.05
CA GLN N 13 101.28 4.28 -46.91
C GLN N 13 100.43 3.74 -45.76
N ALA N 14 100.39 4.51 -44.68
CA ALA N 14 99.61 4.13 -43.50
C ALA N 14 98.15 3.92 -43.85
N LEU N 15 97.60 4.83 -44.65
CA LEU N 15 96.20 4.76 -45.06
C LEU N 15 95.95 3.60 -46.03
N GLY N 16 96.74 3.54 -47.09
CA GLY N 16 96.58 2.49 -48.08
C GLY N 16 96.16 3.09 -49.41
N ARG N 17 96.62 4.32 -49.64
CA ARG N 17 96.31 5.07 -50.86
C ARG N 17 97.30 6.22 -51.07
N THR N 18 97.19 6.84 -52.23
CA THR N 18 98.03 7.98 -52.58
C THR N 18 97.08 9.14 -52.84
N TYR N 19 97.36 10.30 -52.23
CA TYR N 19 96.49 11.46 -52.38
C TYR N 19 97.11 12.69 -53.05
N THR N 20 96.30 13.38 -53.84
CA THR N 20 96.73 14.61 -54.51
C THR N 20 96.86 15.62 -53.38
N ASP N 21 97.61 16.69 -53.59
CA ASP N 21 97.73 17.68 -52.53
C ASP N 21 96.36 18.38 -52.38
N GLU N 22 95.44 18.02 -53.27
CA GLU N 22 94.09 18.56 -53.22
C GLU N 22 93.21 17.49 -52.60
N GLU N 23 93.31 16.28 -53.13
CA GLU N 23 92.54 15.16 -52.63
C GLU N 23 92.60 15.06 -51.11
N PHE N 24 93.78 15.28 -50.54
CA PHE N 24 93.95 15.21 -49.10
C PHE N 24 93.49 16.50 -48.44
N ASP N 25 93.80 17.64 -49.05
CA ASP N 25 93.39 18.92 -48.48
C ASP N 25 91.87 18.86 -48.36
N GLU N 26 91.26 18.09 -49.26
CA GLU N 26 89.82 17.91 -49.29
C GLU N 26 89.37 17.02 -48.13
N LEU N 27 89.95 15.82 -48.07
CA LEU N 27 89.65 14.86 -47.01
C LEU N 27 89.74 15.58 -45.65
N CYS N 28 90.75 16.44 -45.50
CA CYS N 28 90.94 17.19 -44.24
C CYS N 28 89.69 18.01 -43.94
N PHE N 29 89.34 18.85 -44.91
CA PHE N 29 88.17 19.73 -44.83
C PHE N 29 86.97 18.90 -44.41
N GLU N 30 86.78 17.81 -45.14
CA GLU N 30 85.68 16.89 -44.95
C GLU N 30 85.57 16.34 -43.53
N PHE N 31 86.69 16.35 -42.82
CA PHE N 31 86.72 15.80 -41.47
C PHE N 31 87.00 16.82 -40.38
N GLY N 32 86.88 18.11 -40.71
CA GLY N 32 87.12 19.15 -39.72
C GLY N 32 88.57 19.48 -39.49
N LEU N 33 89.44 18.90 -40.30
CA LEU N 33 90.87 19.16 -40.19
C LEU N 33 91.26 20.21 -41.22
N GLU N 34 92.53 20.57 -41.22
CA GLU N 34 93.02 21.58 -42.15
C GLU N 34 94.47 21.29 -42.45
N LEU N 35 94.80 21.22 -43.74
CA LEU N 35 96.17 20.97 -44.15
C LEU N 35 96.91 22.30 -44.20
N ASP N 36 97.28 22.79 -43.01
CA ASP N 36 97.96 24.08 -42.84
C ASP N 36 99.07 24.42 -43.83
N GLU N 37 100.05 23.52 -43.97
CA GLU N 37 101.16 23.76 -44.90
C GLU N 37 101.92 22.48 -45.26
N ILE N 38 102.70 22.56 -46.33
CA ILE N 38 103.50 21.42 -46.79
C ILE N 38 104.93 21.80 -47.10
N THR N 39 105.88 21.10 -46.49
CA THR N 39 107.28 21.40 -46.76
C THR N 39 108.24 20.21 -46.61
N SER N 40 109.54 20.50 -46.77
CA SER N 40 110.62 19.53 -46.67
C SER N 40 111.58 20.02 -45.59
N GLU N 41 112.51 19.19 -45.15
CA GLU N 41 113.45 19.62 -44.13
C GLU N 41 114.36 20.73 -44.62
N LYS N 42 114.86 20.59 -45.85
CA LYS N 42 115.72 21.64 -46.39
C LYS N 42 114.83 22.83 -46.81
N GLU N 43 114.00 23.26 -45.87
CA GLU N 43 113.08 24.39 -46.05
C GLU N 43 112.68 24.96 -44.68
N ILE N 44 112.16 24.09 -43.81
CA ILE N 44 111.68 24.47 -42.48
C ILE N 44 112.75 25.10 -41.57
N ILE N 45 113.23 24.35 -40.57
CA ILE N 45 114.25 24.86 -39.64
C ILE N 45 115.46 25.38 -40.45
N SER N 46 115.37 25.23 -41.77
CA SER N 46 116.43 25.66 -42.69
C SER N 46 116.00 26.71 -43.71
N LYS N 47 115.52 27.85 -43.22
CA LYS N 47 115.10 28.95 -44.09
C LYS N 47 115.79 30.19 -43.51
N GLU N 48 116.44 29.99 -42.37
CA GLU N 48 117.15 31.04 -41.65
C GLU N 48 118.55 30.63 -41.14
N GLN N 49 119.11 29.57 -41.72
CA GLN N 49 120.43 29.08 -41.33
C GLN N 49 121.47 29.31 -42.43
N GLY N 50 121.34 30.45 -43.13
CA GLY N 50 122.26 30.78 -44.21
C GLY N 50 122.50 29.59 -45.13
N ASN N 51 121.41 28.89 -45.48
CA ASN N 51 121.46 27.72 -46.35
C ASN N 51 122.16 26.51 -45.70
N VAL N 52 121.41 25.41 -45.55
CA VAL N 52 121.91 24.18 -44.96
C VAL N 52 121.09 23.00 -45.50
N LYS N 53 121.67 22.21 -46.40
CA LYS N 53 120.99 21.08 -47.04
C LYS N 53 121.00 19.74 -46.28
N ALA N 54 120.15 18.82 -46.74
CA ALA N 54 120.01 17.49 -46.14
C ALA N 54 119.79 16.42 -47.24
N ALA N 55 120.49 15.29 -47.14
CA ALA N 55 120.37 14.19 -48.11
C ALA N 55 120.45 12.80 -47.46
N GLY N 56 119.28 12.25 -47.13
CA GLY N 56 119.22 10.93 -46.50
C GLY N 56 117.83 10.60 -45.96
N ALA N 57 117.62 10.82 -44.66
CA ALA N 57 116.32 10.58 -44.01
C ALA N 57 115.89 11.80 -43.17
N SER N 58 116.16 13.00 -43.72
CA SER N 58 115.82 14.28 -43.10
C SER N 58 115.56 15.37 -44.17
N ASP N 59 114.58 15.12 -45.04
CA ASP N 59 114.22 16.06 -46.11
C ASP N 59 112.91 15.73 -46.85
N VAL N 60 112.31 14.58 -46.57
CA VAL N 60 111.08 14.22 -47.28
C VAL N 60 110.01 15.29 -47.12
N VAL N 61 108.87 15.04 -47.76
CA VAL N 61 107.73 15.94 -47.73
C VAL N 61 106.78 15.58 -46.61
N LEU N 62 106.55 16.49 -45.68
CA LEU N 62 105.61 16.17 -44.60
C LEU N 62 104.45 17.16 -44.54
N TYR N 63 103.28 16.67 -44.19
CA TYR N 63 102.09 17.51 -44.07
C TYR N 63 101.98 18.09 -42.67
N LYS N 64 101.66 19.38 -42.60
CA LYS N 64 101.50 20.05 -41.33
C LYS N 64 99.98 20.12 -41.15
N ILE N 65 99.42 19.12 -40.46
CA ILE N 65 97.98 19.06 -40.25
C ILE N 65 97.48 19.73 -38.96
N ASP N 66 96.40 20.50 -39.07
CA ASP N 66 95.83 21.17 -37.92
C ASP N 66 94.68 20.32 -37.40
N VAL N 67 94.59 20.19 -36.09
CA VAL N 67 93.56 19.36 -35.49
C VAL N 67 92.86 20.11 -34.34
N PRO N 68 91.55 19.87 -34.15
CA PRO N 68 90.74 20.50 -33.10
C PRO N 68 91.23 20.21 -31.68
N ALA N 69 91.44 21.26 -30.89
CA ALA N 69 91.92 21.07 -29.51
C ALA N 69 90.92 20.27 -28.68
N ASN N 70 89.92 19.72 -29.36
CA ASN N 70 88.86 18.94 -28.74
C ASN N 70 89.21 17.45 -28.82
N ARG N 71 89.44 16.98 -30.03
CA ARG N 71 89.77 15.59 -30.29
C ARG N 71 91.23 15.29 -29.91
N TYR N 72 91.43 14.45 -28.88
CA TYR N 72 92.77 14.08 -28.42
C TYR N 72 93.31 12.89 -29.17
N ASP N 73 92.42 12.07 -29.68
CA ASP N 73 92.79 10.88 -30.41
C ASP N 73 93.31 11.22 -31.78
N LEU N 74 93.70 12.48 -31.97
CA LEU N 74 94.21 12.91 -33.26
C LEU N 74 95.47 13.72 -33.13
N LEU N 75 96.32 13.37 -32.16
CA LEU N 75 97.55 14.12 -31.95
C LEU N 75 98.80 13.43 -32.46
N CYS N 76 98.60 12.32 -33.17
CA CYS N 76 99.70 11.55 -33.71
C CYS N 76 99.24 10.92 -35.01
N LEU N 77 100.19 10.45 -35.83
CA LEU N 77 99.80 9.84 -37.08
C LEU N 77 98.95 8.61 -36.85
N GLU N 78 99.32 7.80 -35.89
CA GLU N 78 98.55 6.58 -35.61
C GLU N 78 97.07 6.92 -35.43
N GLY N 79 96.80 8.05 -34.79
CA GLY N 79 95.44 8.50 -34.51
C GLY N 79 94.70 9.06 -35.71
N LEU N 80 95.33 9.97 -36.44
CA LEU N 80 94.72 10.58 -37.62
C LEU N 80 94.39 9.49 -38.63
N VAL N 81 95.30 8.57 -38.82
CA VAL N 81 95.09 7.50 -39.77
C VAL N 81 93.94 6.62 -39.30
N ARG N 82 93.86 6.34 -38.02
CA ARG N 82 92.80 5.50 -37.49
C ARG N 82 91.46 6.22 -37.64
N GLY N 83 91.43 7.49 -37.27
CA GLY N 83 90.22 8.26 -37.38
C GLY N 83 89.71 8.36 -38.80
N LEU N 84 90.53 8.91 -39.70
CA LEU N 84 90.13 9.06 -41.09
C LEU N 84 89.76 7.73 -41.73
N GLN N 85 90.47 6.69 -41.34
CA GLN N 85 90.23 5.37 -41.88
C GLN N 85 88.80 4.90 -41.59
N VAL N 86 88.34 5.09 -40.36
CA VAL N 86 86.99 4.66 -40.01
C VAL N 86 85.96 5.61 -40.58
N PHE N 87 86.34 6.88 -40.64
CA PHE N 87 85.45 7.91 -41.17
C PHE N 87 85.04 7.63 -42.59
N LYS N 88 85.93 7.02 -43.37
CA LYS N 88 85.65 6.68 -44.77
C LYS N 88 85.36 5.19 -44.85
N GLU N 89 84.90 4.61 -43.75
CA GLU N 89 84.59 3.20 -43.67
C GLU N 89 85.53 2.26 -44.45
N ARG N 90 86.81 2.61 -44.46
CA ARG N 90 87.83 1.82 -45.14
C ARG N 90 88.38 0.78 -44.17
N ILE N 91 87.91 0.84 -42.94
CA ILE N 91 88.37 -0.08 -41.90
C ILE N 91 87.36 -0.11 -40.77
N LYS N 92 87.27 -1.24 -40.08
CA LYS N 92 86.35 -1.32 -38.94
C LYS N 92 87.10 -0.69 -37.75
N ALA N 93 86.38 0.01 -36.88
CA ALA N 93 87.02 0.63 -35.73
C ALA N 93 87.47 -0.45 -34.74
N PRO N 94 88.74 -0.38 -34.30
CA PRO N 94 89.32 -1.34 -33.36
C PRO N 94 88.80 -1.21 -31.94
N VAL N 95 88.82 -2.32 -31.21
CA VAL N 95 88.35 -2.33 -29.83
C VAL N 95 89.53 -2.42 -28.88
N TYR N 96 89.50 -1.60 -27.83
CA TYR N 96 90.59 -1.61 -26.87
C TYR N 96 90.19 -2.33 -25.61
N LYS N 97 90.83 -3.47 -25.36
CA LYS N 97 90.54 -4.27 -24.17
C LYS N 97 91.79 -4.29 -23.30
N ARG N 98 91.61 -4.22 -21.98
CA ARG N 98 92.77 -4.28 -21.08
C ARG N 98 92.76 -5.68 -20.51
N VAL N 99 93.92 -6.33 -20.54
CA VAL N 99 94.04 -7.70 -20.06
C VAL N 99 94.91 -7.86 -18.83
N MET N 100 94.77 -9.02 -18.19
CA MET N 100 95.54 -9.36 -17.01
C MET N 100 96.81 -10.06 -17.49
N PRO N 101 97.96 -9.74 -16.88
CA PRO N 101 99.22 -10.36 -17.27
C PRO N 101 99.44 -11.71 -16.59
N ASP N 102 100.59 -12.31 -16.83
CA ASP N 102 100.91 -13.60 -16.23
C ASP N 102 101.66 -13.40 -14.91
N GLY N 103 100.90 -13.14 -13.85
CA GLY N 103 101.49 -12.93 -12.54
C GLY N 103 102.11 -11.57 -12.32
N LYS N 104 102.89 -11.10 -13.30
CA LYS N 104 103.56 -9.80 -13.20
C LYS N 104 102.55 -8.65 -13.13
N ILE N 105 101.65 -8.70 -12.16
CA ILE N 105 100.64 -7.66 -12.00
C ILE N 105 101.28 -6.38 -11.49
N GLN N 106 102.14 -5.78 -12.31
CA GLN N 106 102.84 -4.54 -11.95
C GLN N 106 101.95 -3.70 -11.05
N LYS N 107 102.54 -3.04 -10.06
CA LYS N 107 101.75 -2.20 -9.18
C LYS N 107 102.54 -0.98 -8.75
N LEU N 108 101.82 0.13 -8.64
CA LEU N 108 102.40 1.40 -8.23
C LEU N 108 101.64 1.87 -7.01
N ILE N 109 102.36 2.13 -5.92
CA ILE N 109 101.74 2.55 -4.67
C ILE N 109 101.89 4.04 -4.39
N ILE N 110 100.77 4.67 -4.03
CA ILE N 110 100.77 6.08 -3.71
C ILE N 110 100.84 6.20 -2.19
N THR N 111 101.55 7.20 -1.70
CA THR N 111 101.69 7.39 -0.26
C THR N 111 101.00 8.68 0.21
N GLU N 112 101.13 8.96 1.49
CA GLU N 112 100.54 10.16 2.10
C GLU N 112 101.26 11.43 1.71
N GLU N 113 102.59 11.37 1.68
CA GLU N 113 103.42 12.53 1.32
C GLU N 113 103.03 13.06 -0.06
N THR N 114 102.18 12.30 -0.74
CA THR N 114 101.69 12.60 -2.08
C THR N 114 100.63 13.70 -2.08
N ALA N 115 99.44 13.35 -1.61
CA ALA N 115 98.30 14.26 -1.55
C ALA N 115 98.61 15.61 -0.91
N LYS N 116 99.15 16.53 -1.72
CA LYS N 116 99.49 17.89 -1.31
C LYS N 116 100.49 18.54 -2.25
N ILE N 117 100.91 17.78 -3.26
CA ILE N 117 101.84 18.29 -4.26
C ILE N 117 101.39 17.80 -5.64
N ARG N 118 100.94 16.55 -5.68
CA ARG N 118 100.42 15.88 -6.88
C ARG N 118 99.54 14.75 -6.34
N PRO N 119 98.44 15.10 -5.67
CA PRO N 119 97.45 14.22 -5.06
C PRO N 119 97.37 12.78 -5.57
N PHE N 120 97.07 12.63 -6.86
CA PHE N 120 96.95 11.30 -7.45
C PHE N 120 97.78 11.08 -8.71
N ALA N 121 97.89 9.80 -9.05
CA ALA N 121 98.63 9.37 -10.21
C ALA N 121 98.04 8.01 -10.62
N VAL N 122 98.29 7.62 -11.87
CA VAL N 122 97.79 6.36 -12.39
C VAL N 122 98.76 5.85 -13.42
N ALA N 123 98.77 4.53 -13.62
CA ALA N 123 99.67 3.94 -14.59
C ALA N 123 99.13 2.67 -15.22
N ALA N 124 99.95 2.08 -16.09
CA ALA N 124 99.60 0.86 -16.80
C ALA N 124 100.73 0.50 -17.76
N VAL N 125 100.75 -0.74 -18.23
CA VAL N 125 101.80 -1.17 -19.16
C VAL N 125 101.26 -1.80 -20.42
N LEU N 126 102.06 -1.72 -21.49
CA LEU N 126 101.70 -2.31 -22.77
C LEU N 126 102.85 -3.22 -23.24
N ARG N 127 102.53 -4.51 -23.28
CA ARG N 127 103.46 -5.57 -23.62
C ARG N 127 103.94 -5.74 -25.05
N ASN N 128 105.26 -5.88 -25.17
CA ASN N 128 105.93 -6.13 -26.44
C ASN N 128 105.56 -5.20 -27.58
N ILE N 129 106.03 -3.97 -27.52
CA ILE N 129 105.72 -3.06 -28.60
C ILE N 129 106.80 -3.19 -29.68
N LYS N 130 106.37 -3.32 -30.93
CA LYS N 130 107.32 -3.40 -32.04
C LYS N 130 107.57 -1.95 -32.48
N PHE N 131 108.55 -1.28 -31.86
CA PHE N 131 108.83 0.12 -32.23
C PHE N 131 109.52 0.31 -33.57
N THR N 132 109.77 1.55 -33.92
CA THR N 132 110.39 1.87 -35.22
C THR N 132 110.98 3.26 -35.16
N LYS N 133 111.88 3.55 -36.09
CA LYS N 133 112.50 4.87 -36.13
C LYS N 133 111.37 5.89 -35.96
N ASP N 134 110.37 5.79 -36.83
CA ASP N 134 109.22 6.68 -36.84
C ASP N 134 108.27 6.44 -35.68
N ARG N 135 107.76 5.20 -35.59
CA ARG N 135 106.85 4.85 -34.52
C ARG N 135 107.35 5.40 -33.17
N TYR N 136 108.66 5.36 -32.96
CA TYR N 136 109.25 5.86 -31.73
C TYR N 136 109.00 7.35 -31.65
N ASP N 137 109.57 8.09 -32.59
CA ASP N 137 109.40 9.55 -32.60
C ASP N 137 107.94 9.96 -32.47
N SER N 138 107.05 9.20 -33.10
CA SER N 138 105.63 9.49 -33.02
C SER N 138 105.20 9.32 -31.56
N PHE N 139 105.64 8.23 -30.96
CA PHE N 139 105.29 7.96 -29.57
C PHE N 139 105.81 9.05 -28.65
N ILE N 140 106.99 9.57 -28.95
CA ILE N 140 107.56 10.62 -28.11
C ILE N 140 106.82 11.93 -28.40
N GLU N 141 106.56 12.18 -29.68
CA GLU N 141 105.88 13.40 -30.09
C GLU N 141 104.53 13.56 -29.37
N LEU N 142 103.68 12.55 -29.50
CA LEU N 142 102.36 12.52 -28.88
C LEU N 142 102.49 12.90 -27.41
N GLN N 143 103.51 12.35 -26.77
CA GLN N 143 103.76 12.58 -25.38
C GLN N 143 103.93 14.08 -25.15
N GLU N 144 104.76 14.71 -25.98
CA GLU N 144 105.01 16.15 -25.89
C GLU N 144 103.74 16.89 -26.27
N LYS N 145 103.15 16.47 -27.37
CA LYS N 145 101.93 17.10 -27.86
C LYS N 145 100.86 17.26 -26.78
N LEU N 146 100.43 16.17 -26.15
CA LEU N 146 99.40 16.29 -25.12
C LEU N 146 99.91 16.71 -23.75
N HIS N 147 101.19 17.08 -23.70
CA HIS N 147 101.78 17.52 -22.44
C HIS N 147 101.49 19.00 -22.33
N GLN N 148 102.29 19.79 -23.06
CA GLN N 148 102.14 21.23 -23.07
C GLN N 148 100.90 21.64 -23.87
N ASN N 149 99.80 20.94 -23.63
CA ASN N 149 98.55 21.24 -24.31
C ASN N 149 97.38 20.88 -23.42
N ILE N 150 96.92 19.65 -23.52
CA ILE N 150 95.79 19.20 -22.70
C ILE N 150 96.14 19.06 -21.21
N CYS N 151 97.44 19.02 -20.89
CA CYS N 151 97.90 18.91 -19.51
C CYS N 151 98.29 20.30 -18.98
N ARG N 152 98.25 21.28 -19.88
CA ARG N 152 98.63 22.65 -19.54
C ARG N 152 100.07 22.61 -19.05
N LYS N 153 100.99 22.32 -19.98
CA LYS N 153 102.41 22.22 -19.66
C LYS N 153 102.72 21.42 -18.39
N ARG N 154 102.17 20.20 -18.35
CA ARG N 154 102.35 19.26 -17.24
C ARG N 154 101.76 19.72 -15.92
N ALA N 155 101.35 20.97 -15.85
CA ALA N 155 100.79 21.53 -14.64
C ALA N 155 99.81 20.57 -13.95
N LEU N 156 98.79 20.11 -14.69
CA LEU N 156 97.81 19.21 -14.09
C LEU N 156 98.24 17.76 -14.19
N VAL N 157 98.59 17.33 -15.40
CA VAL N 157 99.00 15.94 -15.62
C VAL N 157 100.40 15.87 -16.23
N ALA N 158 101.16 14.87 -15.78
CA ALA N 158 102.53 14.62 -16.24
C ALA N 158 102.65 13.12 -16.55
N ILE N 159 103.10 12.80 -17.76
CA ILE N 159 103.23 11.42 -18.18
C ILE N 159 104.66 10.95 -18.28
N GLY N 160 104.90 9.74 -17.79
CA GLY N 160 106.23 9.14 -17.83
C GLY N 160 106.18 7.74 -18.40
N THR N 161 106.98 7.49 -19.43
CA THR N 161 107.04 6.18 -20.06
C THR N 161 108.38 5.54 -19.71
N HIS N 162 108.32 4.31 -19.21
CA HIS N 162 109.54 3.63 -18.81
C HIS N 162 109.76 2.28 -19.47
N ASP N 163 111.03 1.91 -19.59
CA ASP N 163 111.43 0.63 -20.16
C ASP N 163 111.42 -0.39 -19.04
N LEU N 164 110.25 -1.00 -18.82
CA LEU N 164 110.06 -1.98 -17.76
C LEU N 164 111.12 -3.09 -17.64
N ASP N 165 111.92 -3.30 -18.68
CA ASP N 165 112.94 -4.33 -18.62
C ASP N 165 114.17 -3.85 -17.85
N THR N 166 114.18 -2.56 -17.51
CA THR N 166 115.29 -1.96 -16.78
C THR N 166 114.95 -1.52 -15.36
N LEU N 167 114.18 -2.36 -14.67
CA LEU N 167 113.78 -2.12 -13.28
C LEU N 167 112.68 -3.15 -12.96
N SER N 168 112.43 -3.40 -11.68
CA SER N 168 111.41 -4.37 -11.32
C SER N 168 110.87 -4.22 -9.90
N GLY N 169 109.92 -5.08 -9.56
CA GLY N 169 109.31 -5.06 -8.24
C GLY N 169 108.43 -3.84 -8.06
N PRO N 170 107.35 -3.94 -7.26
CA PRO N 170 106.41 -2.85 -6.98
C PRO N 170 107.02 -1.45 -6.92
N PHE N 171 106.38 -0.50 -7.61
CA PHE N 171 106.86 0.88 -7.65
C PHE N 171 106.17 1.74 -6.60
N THR N 172 106.83 2.82 -6.19
CA THR N 172 106.26 3.70 -5.19
C THR N 172 106.23 5.16 -5.61
N TYR N 173 105.09 5.80 -5.36
CA TYR N 173 104.90 7.20 -5.68
C TYR N 173 104.82 7.97 -4.36
N THR N 174 105.74 8.91 -4.15
CA THR N 174 105.76 9.70 -2.93
C THR N 174 106.57 10.99 -3.06
N ALA N 175 106.75 11.68 -1.93
CA ALA N 175 107.49 12.95 -1.91
C ALA N 175 108.41 13.10 -0.70
N LYS N 176 109.67 13.43 -0.98
CA LYS N 176 110.67 13.63 0.06
C LYS N 176 111.28 15.02 -0.10
N ARG N 177 112.10 15.45 0.88
CA ARG N 177 112.72 16.77 0.81
C ARG N 177 113.55 16.88 -0.47
N PRO N 178 113.64 18.08 -1.07
CA PRO N 178 114.43 18.23 -2.30
C PRO N 178 115.84 17.65 -2.15
N SER N 179 116.60 18.19 -1.21
CA SER N 179 117.95 17.69 -0.96
C SER N 179 117.86 16.37 -0.18
N ASP N 180 117.28 15.36 -0.81
CA ASP N 180 117.12 14.05 -0.18
C ASP N 180 116.90 12.95 -1.24
N ILE N 181 117.39 13.19 -2.46
CA ILE N 181 117.28 12.21 -3.55
C ILE N 181 118.34 12.38 -4.65
N LYS N 182 119.23 11.39 -4.74
CA LYS N 182 120.29 11.37 -5.76
C LYS N 182 119.57 10.87 -7.00
N PHE N 183 120.08 11.22 -8.18
CA PHE N 183 119.39 10.84 -9.40
C PHE N 183 120.28 10.94 -10.64
N LYS N 184 119.97 10.13 -11.65
CA LYS N 184 120.72 10.13 -12.90
C LYS N 184 119.72 10.48 -14.00
N PRO N 185 119.35 11.76 -14.11
CA PRO N 185 118.39 12.30 -15.09
C PRO N 185 118.70 12.11 -16.58
N LEU N 186 117.63 12.05 -17.38
CA LEU N 186 117.72 11.85 -18.82
C LEU N 186 119.04 12.27 -19.47
N ASN N 187 119.15 13.53 -19.86
CA ASN N 187 120.37 14.01 -20.51
C ASN N 187 121.32 14.74 -19.58
N LYS N 188 121.78 14.05 -18.53
CA LYS N 188 122.72 14.63 -17.58
C LYS N 188 123.91 13.72 -17.33
N THR N 189 125.10 14.30 -17.44
CA THR N 189 126.36 13.59 -17.27
C THR N 189 126.46 12.76 -15.98
N LYS N 190 126.49 13.43 -14.84
CA LYS N 190 126.62 12.76 -13.54
C LYS N 190 125.32 12.25 -12.91
N GLU N 191 125.23 12.44 -11.59
CA GLU N 191 124.09 12.04 -10.78
C GLU N 191 123.89 13.14 -9.72
N TYR N 192 122.81 13.89 -9.83
CA TYR N 192 122.54 15.01 -8.92
C TYR N 192 121.40 14.79 -7.91
N THR N 193 121.11 15.83 -7.12
CA THR N 193 120.05 15.81 -6.12
C THR N 193 118.88 16.62 -6.64
N ALA N 194 117.72 16.44 -6.03
CA ALA N 194 116.56 17.20 -6.44
C ALA N 194 116.87 18.67 -6.16
N CYS N 195 117.21 18.96 -4.91
CA CYS N 195 117.54 20.31 -4.48
C CYS N 195 118.65 20.89 -5.36
N GLU N 196 119.35 20.02 -6.08
CA GLU N 196 120.44 20.45 -6.95
C GLU N 196 120.04 20.67 -8.41
N LEU N 197 119.17 19.81 -8.93
CA LEU N 197 118.72 19.93 -10.31
C LEU N 197 117.90 21.20 -10.52
N MET N 198 116.95 21.45 -9.63
CA MET N 198 116.07 22.62 -9.68
C MET N 198 116.73 23.90 -10.21
N ASN N 199 117.87 24.25 -9.62
CA ASN N 199 118.59 25.46 -10.03
C ASN N 199 119.52 25.27 -11.21
N ILE N 200 119.97 24.04 -11.45
CA ILE N 200 120.85 23.78 -12.57
C ILE N 200 120.00 23.76 -13.84
N TYR N 201 118.69 23.77 -13.64
CA TYR N 201 117.72 23.76 -14.73
C TYR N 201 117.16 25.14 -15.04
N LYS N 202 117.27 26.06 -14.08
CA LYS N 202 116.79 27.42 -14.28
C LYS N 202 117.43 28.01 -15.53
N THR N 203 118.40 27.27 -16.08
CA THR N 203 119.13 27.70 -17.26
C THR N 203 118.78 26.85 -18.49
N ASP N 204 118.03 25.77 -18.27
CA ASP N 204 117.63 24.85 -19.33
C ASP N 204 116.46 25.43 -20.16
N ASN N 205 116.78 25.92 -21.36
CA ASN N 205 115.77 26.51 -22.25
C ASN N 205 114.43 25.79 -22.30
N HIS N 206 114.46 24.47 -22.30
CA HIS N 206 113.24 23.68 -22.37
C HIS N 206 112.49 23.59 -21.04
N LEU N 207 113.14 23.04 -20.01
CA LEU N 207 112.50 22.87 -18.69
C LEU N 207 112.45 24.15 -17.86
N LYS N 208 113.11 25.20 -18.33
CA LYS N 208 113.15 26.49 -17.64
C LYS N 208 111.78 26.89 -17.12
N HIS N 209 110.75 26.40 -17.79
CA HIS N 209 109.37 26.71 -17.45
C HIS N 209 108.76 25.75 -16.42
N TYR N 210 108.50 24.53 -16.87
CA TYR N 210 107.89 23.50 -16.04
C TYR N 210 108.22 23.49 -14.55
N LEU N 211 109.52 23.51 -14.21
CA LEU N 211 109.96 23.45 -12.82
C LEU N 211 109.28 24.36 -11.81
N HIS N 212 109.87 25.51 -11.51
CA HIS N 212 109.29 26.41 -10.53
C HIS N 212 107.80 26.66 -10.76
N ILE N 213 107.37 26.70 -12.02
CA ILE N 213 105.95 26.93 -12.29
C ILE N 213 105.07 25.85 -11.62
N ILE N 214 105.69 24.84 -11.03
CA ILE N 214 104.94 23.76 -10.36
C ILE N 214 105.49 23.30 -9.01
N GLU N 215 106.81 23.40 -8.83
CA GLU N 215 107.40 22.96 -7.57
C GLU N 215 108.36 23.92 -6.87
N ASN N 216 108.28 23.90 -5.54
CA ASN N 216 109.09 24.71 -4.64
C ASN N 216 108.35 24.57 -3.30
N LYS N 217 107.77 23.38 -3.12
CA LYS N 217 107.02 23.02 -1.93
C LYS N 217 107.93 22.24 -0.96
N PRO N 218 107.40 21.83 0.20
CA PRO N 218 108.20 21.08 1.17
C PRO N 218 108.57 19.66 0.73
N LEU N 219 107.91 19.16 -0.31
CA LEU N 219 108.18 17.82 -0.82
C LEU N 219 108.26 17.82 -2.33
N TYR N 220 108.86 16.76 -2.90
CA TYR N 220 109.00 16.63 -4.34
C TYR N 220 108.53 15.24 -4.75
N PRO N 221 107.69 15.15 -5.80
CA PRO N 221 107.22 13.84 -6.21
C PRO N 221 108.37 12.99 -6.73
N VAL N 222 108.30 11.71 -6.44
CA VAL N 222 109.32 10.75 -6.88
C VAL N 222 108.71 9.36 -7.01
N ILE N 223 109.30 8.55 -7.88
CA ILE N 223 108.80 7.20 -8.07
C ILE N 223 109.94 6.19 -7.99
N TYR N 224 109.84 5.28 -7.02
CA TYR N 224 110.86 4.26 -6.80
C TYR N 224 110.35 2.89 -7.26
N ASP N 225 111.13 1.85 -6.97
CA ASP N 225 110.75 0.48 -7.31
C ASP N 225 111.45 -0.44 -6.32
N SER N 226 111.16 -1.73 -6.38
CA SER N 226 111.77 -2.71 -5.47
C SER N 226 113.27 -2.44 -5.24
N ASN N 227 114.06 -2.51 -6.31
CA ASN N 227 115.51 -2.28 -6.24
C ASN N 227 115.85 -1.00 -5.51
N GLY N 228 114.96 -0.01 -5.61
CA GLY N 228 115.19 1.27 -4.99
C GLY N 228 115.60 2.25 -6.06
N VAL N 229 115.47 1.83 -7.31
CA VAL N 229 115.83 2.70 -8.42
C VAL N 229 114.80 3.80 -8.58
N VAL N 230 115.28 4.97 -8.97
CA VAL N 230 114.43 6.12 -9.16
C VAL N 230 113.89 6.17 -10.58
N LEU N 231 112.58 5.94 -10.73
CA LEU N 231 111.90 5.96 -12.03
C LEU N 231 111.96 7.37 -12.60
N SER N 232 111.49 8.33 -11.81
CA SER N 232 111.49 9.74 -12.22
C SER N 232 110.98 10.69 -11.13
N MET N 233 111.17 11.98 -11.37
CA MET N 233 110.70 13.02 -10.47
C MET N 233 109.62 13.77 -11.27
N PRO N 234 108.47 13.10 -11.46
CA PRO N 234 107.24 13.44 -12.16
C PRO N 234 107.11 14.63 -13.12
N PRO N 235 107.06 15.86 -12.59
CA PRO N 235 106.93 17.01 -13.50
C PRO N 235 108.17 17.47 -14.23
N ILE N 236 109.33 17.32 -13.62
CA ILE N 236 110.55 17.81 -14.25
C ILE N 236 111.27 16.85 -15.20
N ILE N 237 111.86 15.77 -14.68
CA ILE N 237 112.56 14.81 -15.55
C ILE N 237 112.47 13.38 -15.07
N ASN N 238 112.60 12.46 -16.02
CA ASN N 238 112.53 11.04 -15.75
C ASN N 238 113.94 10.47 -15.56
N GLY N 239 114.02 9.25 -15.05
CA GLY N 239 115.31 8.62 -14.82
C GLY N 239 115.96 8.09 -16.09
N ASP N 240 117.26 8.33 -16.25
CA ASP N 240 117.97 7.86 -17.43
C ASP N 240 118.10 6.34 -17.44
N HIS N 241 117.99 5.75 -16.26
CA HIS N 241 118.08 4.29 -16.13
C HIS N 241 116.91 3.60 -16.82
N SER N 242 115.71 4.13 -16.58
CA SER N 242 114.48 3.57 -17.17
C SER N 242 114.11 4.25 -18.49
N ARG N 243 115.05 4.94 -19.10
CA ARG N 243 114.81 5.61 -20.36
C ARG N 243 114.25 4.61 -21.39
N ILE N 244 113.50 5.13 -22.36
CA ILE N 244 112.89 4.32 -23.39
C ILE N 244 113.44 4.62 -24.79
N THR N 245 113.95 3.59 -25.46
CA THR N 245 114.50 3.75 -26.80
C THR N 245 113.93 2.75 -27.80
N VAL N 246 114.09 3.09 -29.08
CA VAL N 246 113.62 2.30 -30.20
C VAL N 246 113.57 0.80 -29.98
N ASN N 247 114.53 0.29 -29.21
CA ASN N 247 114.61 -1.14 -28.96
C ASN N 247 113.84 -1.62 -27.75
N THR N 248 113.15 -0.72 -27.05
CA THR N 248 112.40 -1.11 -25.85
C THR N 248 111.33 -2.14 -26.21
N ARG N 249 111.15 -3.12 -25.32
CA ARG N 249 110.18 -4.17 -25.57
C ARG N 249 108.91 -3.93 -24.77
N ASN N 250 109.08 -3.61 -23.49
CA ASN N 250 107.93 -3.37 -22.63
C ASN N 250 107.96 -1.98 -22.03
N ILE N 251 106.83 -1.28 -22.12
CA ILE N 251 106.74 0.06 -21.57
C ILE N 251 105.79 0.14 -20.37
N PHE N 252 106.26 0.83 -19.34
CA PHE N 252 105.48 1.04 -18.13
C PHE N 252 105.17 2.51 -18.17
N ILE N 253 103.88 2.84 -18.29
CA ILE N 253 103.47 4.23 -18.34
C ILE N 253 102.83 4.69 -17.04
N GLU N 254 103.31 5.80 -16.52
CA GLU N 254 102.80 6.35 -15.28
C GLU N 254 102.42 7.81 -15.51
N CYS N 255 101.32 8.23 -14.87
CA CYS N 255 100.84 9.61 -14.99
C CYS N 255 100.51 10.10 -13.60
N THR N 256 101.14 11.20 -13.19
CA THR N 256 100.91 11.78 -11.88
C THR N 256 100.31 13.16 -12.10
N GLY N 257 99.66 13.72 -11.09
CA GLY N 257 99.07 15.04 -11.27
C GLY N 257 98.04 15.50 -10.26
N THR N 258 97.57 16.73 -10.46
CA THR N 258 96.58 17.35 -9.59
C THR N 258 95.14 17.09 -10.03
N ASP N 259 94.96 16.83 -11.33
CA ASP N 259 93.63 16.57 -11.90
C ASP N 259 93.44 15.09 -12.24
N PHE N 260 92.75 14.37 -11.36
CA PHE N 260 92.51 12.94 -11.54
C PHE N 260 92.04 12.56 -12.93
N THR N 261 90.77 12.81 -13.22
CA THR N 261 90.20 12.46 -14.51
C THR N 261 91.07 12.78 -15.74
N LYS N 262 91.67 13.98 -15.79
CA LYS N 262 92.52 14.32 -16.94
C LYS N 262 93.67 13.33 -17.07
N ALA N 263 94.39 13.09 -15.99
CA ALA N 263 95.49 12.14 -16.03
C ALA N 263 94.90 10.82 -16.54
N LYS N 264 93.84 10.37 -15.89
CA LYS N 264 93.15 9.14 -16.25
C LYS N 264 92.91 9.08 -17.77
N ILE N 265 92.62 10.22 -18.38
CA ILE N 265 92.38 10.31 -19.83
C ILE N 265 93.68 10.28 -20.62
N VAL N 266 94.63 11.10 -20.21
CA VAL N 266 95.92 11.16 -20.89
C VAL N 266 96.46 9.75 -21.02
N LEU N 267 96.32 8.97 -19.96
CA LEU N 267 96.78 7.60 -19.97
C LEU N 267 96.06 6.90 -21.10
N ASP N 268 94.75 6.83 -20.99
CA ASP N 268 93.94 6.15 -22.00
C ASP N 268 94.32 6.53 -23.42
N ILE N 269 94.56 7.81 -23.69
CA ILE N 269 94.94 8.25 -25.04
C ILE N 269 96.22 7.61 -25.51
N ILE N 270 97.25 7.69 -24.66
CA ILE N 270 98.57 7.14 -24.96
C ILE N 270 98.51 5.64 -25.21
N VAL N 271 98.00 4.93 -24.21
CA VAL N 271 97.91 3.51 -24.26
C VAL N 271 96.99 3.00 -25.37
N THR N 272 95.85 3.67 -25.57
CA THR N 272 94.87 3.24 -26.58
C THR N 272 95.38 3.54 -27.97
N MET N 273 96.21 4.57 -28.05
CA MET N 273 96.78 5.01 -29.31
C MET N 273 97.82 4.04 -29.83
N PHE N 274 98.83 3.76 -29.01
CA PHE N 274 99.91 2.87 -29.39
C PHE N 274 99.79 1.36 -29.16
N SER N 275 98.70 0.90 -28.58
CA SER N 275 98.52 -0.52 -28.36
C SER N 275 98.34 -1.16 -29.75
N GLU N 276 98.40 -0.34 -30.79
CA GLU N 276 98.24 -0.83 -32.15
C GLU N 276 99.52 -1.56 -32.52
N TYR N 277 100.58 -1.28 -31.75
CA TYR N 277 101.89 -1.87 -31.99
C TYR N 277 102.31 -3.00 -31.03
N CYS N 278 101.40 -3.41 -30.14
CA CYS N 278 101.70 -4.49 -29.20
C CYS N 278 101.55 -5.84 -29.88
N GLU N 279 102.28 -6.83 -29.40
CA GLU N 279 102.20 -8.16 -29.99
C GLU N 279 100.75 -8.59 -30.02
N ASN N 280 100.08 -8.43 -28.89
CA ASN N 280 98.68 -8.78 -28.81
C ASN N 280 97.92 -7.48 -29.13
N GLN N 281 97.99 -7.07 -30.39
CA GLN N 281 97.37 -5.83 -30.86
C GLN N 281 96.12 -5.33 -30.17
N PHE N 282 96.13 -4.03 -29.86
CA PHE N 282 95.04 -3.34 -29.21
C PHE N 282 94.66 -3.97 -27.89
N THR N 283 95.69 -4.12 -27.06
CA THR N 283 95.53 -4.69 -25.73
C THR N 283 96.45 -3.91 -24.80
N VAL N 284 95.95 -3.62 -23.61
CA VAL N 284 96.75 -2.91 -22.64
C VAL N 284 96.83 -3.78 -21.40
N GLU N 285 98.03 -3.98 -20.89
CA GLU N 285 98.21 -4.81 -19.71
C GLU N 285 97.86 -4.04 -18.45
N ALA N 286 96.85 -4.54 -17.74
CA ALA N 286 96.37 -3.90 -16.52
C ALA N 286 97.52 -3.58 -15.57
N ALA N 287 97.25 -2.67 -14.64
CA ALA N 287 98.23 -2.27 -13.66
C ALA N 287 97.43 -1.90 -12.41
N GLU N 288 97.96 -2.25 -11.25
CA GLU N 288 97.27 -1.95 -10.01
C GLU N 288 97.85 -0.74 -9.30
N VAL N 289 97.06 0.32 -9.19
CA VAL N 289 97.50 1.53 -8.50
C VAL N 289 96.87 1.49 -7.13
N VAL N 290 97.68 1.64 -6.09
CA VAL N 290 97.16 1.62 -4.73
C VAL N 290 97.26 3.02 -4.14
N PHE N 291 96.12 3.54 -3.70
CA PHE N 291 96.05 4.89 -3.14
C PHE N 291 96.43 4.97 -1.68
N PRO N 292 96.71 6.19 -1.18
CA PRO N 292 97.07 6.38 0.23
C PRO N 292 95.93 5.79 1.03
N ASN N 293 94.77 5.80 0.37
CA ASN N 293 93.52 5.28 0.91
C ASN N 293 93.67 3.82 1.33
N GLY N 294 94.61 3.12 0.69
CA GLY N 294 94.84 1.73 1.02
C GLY N 294 94.15 0.80 0.03
N LYS N 295 93.24 1.36 -0.76
CA LYS N 295 92.50 0.59 -1.76
C LYS N 295 93.31 0.46 -3.05
N SER N 296 92.95 -0.53 -3.85
CA SER N 296 93.63 -0.77 -5.12
C SER N 296 92.64 -0.76 -6.29
N HIS N 297 92.92 0.10 -7.26
CA HIS N 297 92.08 0.22 -8.45
C HIS N 297 92.93 -0.19 -9.65
N THR N 298 92.29 -0.83 -10.62
CA THR N 298 93.00 -1.27 -11.81
C THR N 298 93.00 -0.22 -12.91
N PHE N 299 94.09 -0.14 -13.67
CA PHE N 299 94.18 0.82 -14.76
C PHE N 299 94.87 0.23 -15.98
N PRO N 300 94.70 0.86 -17.15
CA PRO N 300 93.89 2.07 -17.29
C PRO N 300 92.44 1.62 -17.33
N GLU N 301 91.51 2.52 -17.06
CA GLU N 301 90.11 2.15 -17.09
C GLU N 301 89.56 2.55 -18.44
N LEU N 302 89.86 1.76 -19.47
CA LEU N 302 89.36 2.03 -20.80
C LEU N 302 87.83 2.12 -20.75
N ALA N 303 87.35 3.29 -20.36
CA ALA N 303 85.93 3.54 -20.21
C ALA N 303 85.16 3.44 -21.51
N TYR N 304 84.10 2.67 -21.46
CA TYR N 304 83.22 2.53 -22.59
C TYR N 304 81.81 2.89 -22.11
N ARG N 305 81.42 4.14 -22.37
CA ARG N 305 80.11 4.62 -21.97
C ARG N 305 79.05 4.25 -22.99
N LYS N 306 77.84 3.98 -22.52
CA LYS N 306 76.77 3.62 -23.42
C LYS N 306 75.52 4.47 -23.24
N GLU N 307 75.54 5.73 -23.71
CA GLU N 307 74.34 6.56 -23.59
C GLU N 307 73.37 6.26 -24.74
N MET N 308 72.13 6.73 -24.61
CA MET N 308 71.14 6.52 -25.66
C MET N 308 70.53 7.84 -26.11
N VAL N 309 70.35 8.01 -27.42
CA VAL N 309 69.79 9.23 -27.96
C VAL N 309 68.64 8.91 -28.89
N ARG N 310 67.58 9.72 -28.82
CA ARG N 310 66.45 9.50 -29.68
C ARG N 310 66.81 10.03 -30.97
N ALA N 311 66.72 9.12 -31.82
CA ALA N 311 67.01 9.50 -33.12
C ALA N 311 66.35 10.87 -33.39
N ASP N 312 65.14 11.09 -32.89
CA ASP N 312 64.45 12.36 -33.16
C ASP N 312 65.26 13.56 -32.75
N LEU N 313 65.97 13.46 -31.64
CA LEU N 313 66.77 14.57 -31.17
C LEU N 313 67.80 14.94 -32.21
N ILE N 314 68.63 13.98 -32.57
CA ILE N 314 69.67 14.22 -33.56
C ILE N 314 69.07 14.91 -34.80
N ASN N 315 67.97 14.36 -35.31
CA ASN N 315 67.32 14.95 -36.47
C ASN N 315 66.90 16.38 -36.19
N LYS N 316 66.04 16.55 -35.19
CA LYS N 316 65.54 17.87 -34.84
C LYS N 316 66.65 18.90 -34.55
N LYS N 317 67.83 18.44 -34.13
CA LYS N 317 68.94 19.34 -33.82
C LYS N 317 69.82 19.64 -35.02
N VAL N 318 70.14 18.64 -35.82
CA VAL N 318 70.98 18.85 -36.99
C VAL N 318 70.22 19.54 -38.09
N GLY N 319 68.98 19.11 -38.32
CA GLY N 319 68.19 19.69 -39.39
C GLY N 319 68.06 18.71 -40.53
N ILE N 320 68.04 17.42 -40.19
CA ILE N 320 67.90 16.34 -41.17
C ILE N 320 66.86 15.36 -40.66
N ARG N 321 66.29 14.55 -41.55
CA ARG N 321 65.26 13.61 -41.16
C ARG N 321 65.60 12.22 -41.67
N GLU N 322 66.69 11.68 -41.13
CA GLU N 322 67.15 10.34 -41.48
C GLU N 322 66.54 9.36 -40.48
N THR N 323 66.49 8.09 -40.84
CA THR N 323 65.91 7.04 -40.00
C THR N 323 66.88 6.62 -38.90
N PRO N 324 66.35 6.24 -37.72
CA PRO N 324 67.21 5.82 -36.62
C PRO N 324 68.26 4.76 -37.01
N GLU N 325 67.86 3.80 -37.83
CA GLU N 325 68.81 2.79 -38.25
C GLU N 325 70.01 3.43 -38.98
N ASN N 326 69.75 4.42 -39.84
CA ASN N 326 70.81 5.09 -40.59
C ASN N 326 71.56 6.06 -39.74
N LEU N 327 70.87 6.69 -38.79
CA LEU N 327 71.53 7.64 -37.88
C LEU N 327 72.62 6.86 -37.14
N ALA N 328 72.27 5.66 -36.70
CA ALA N 328 73.23 4.83 -36.00
C ALA N 328 74.45 4.62 -36.87
N LYS N 329 74.23 4.27 -38.14
CA LYS N 329 75.33 4.04 -39.07
C LYS N 329 76.25 5.26 -39.09
N LEU N 330 75.66 6.44 -39.19
CA LEU N 330 76.43 7.67 -39.21
C LEU N 330 77.34 7.71 -38.00
N LEU N 331 76.74 7.77 -36.81
CA LEU N 331 77.47 7.82 -35.56
C LEU N 331 78.58 6.80 -35.45
N THR N 332 78.33 5.60 -35.93
CA THR N 332 79.35 4.55 -35.87
C THR N 332 80.61 4.95 -36.64
N ARG N 333 80.44 5.38 -37.89
CA ARG N 333 81.56 5.78 -38.75
C ARG N 333 82.40 6.81 -38.06
N MET N 334 81.82 7.43 -37.04
CA MET N 334 82.51 8.47 -36.30
C MET N 334 83.18 7.95 -35.03
N TYR N 335 83.28 6.63 -34.90
CA TYR N 335 83.90 5.95 -33.75
C TYR N 335 82.89 5.60 -32.68
N LEU N 336 81.80 6.35 -32.63
CA LEU N 336 80.74 6.12 -31.65
C LEU N 336 79.82 4.96 -32.10
N LYS N 337 80.22 3.73 -31.79
CA LYS N 337 79.45 2.56 -32.18
C LYS N 337 78.05 2.66 -31.66
N SER N 338 77.11 2.85 -32.59
CA SER N 338 75.70 2.97 -32.23
C SER N 338 74.89 1.81 -32.75
N GLU N 339 73.75 1.59 -32.10
CA GLU N 339 72.83 0.50 -32.41
C GLU N 339 71.43 0.94 -32.00
N VAL N 340 70.45 0.71 -32.86
CA VAL N 340 69.07 1.09 -32.55
C VAL N 340 68.49 0.15 -31.50
N ILE N 341 67.67 0.68 -30.60
CA ILE N 341 67.12 -0.16 -29.56
C ILE N 341 65.67 -0.60 -29.74
N GLY N 342 65.50 -1.66 -30.53
CA GLY N 342 64.19 -2.23 -30.79
C GLY N 342 63.12 -1.36 -31.42
N ASP N 343 62.49 -0.53 -30.59
CA ASP N 343 61.42 0.36 -31.04
C ASP N 343 61.92 1.52 -31.91
N GLY N 344 62.95 1.25 -32.70
CA GLY N 344 63.53 2.24 -33.59
C GLY N 344 63.36 3.69 -33.18
N ASN N 345 63.37 3.94 -31.89
CA ASN N 345 63.19 5.30 -31.42
C ASN N 345 64.50 5.81 -30.85
N GLN N 346 65.03 5.06 -29.88
CA GLN N 346 66.25 5.42 -29.20
C GLN N 346 67.46 4.72 -29.80
N ILE N 347 68.60 5.38 -29.76
CA ILE N 347 69.83 4.82 -30.28
C ILE N 347 70.83 4.70 -29.15
N GLU N 348 71.40 3.51 -28.96
CA GLU N 348 72.40 3.31 -27.91
C GLU N 348 73.77 3.62 -28.49
N ILE N 349 74.48 4.57 -27.90
CA ILE N 349 75.79 4.96 -28.40
C ILE N 349 76.93 4.56 -27.46
N GLU N 350 77.99 3.97 -28.02
CA GLU N 350 79.11 3.56 -27.21
C GLU N 350 80.27 4.55 -27.42
N ILE N 351 80.59 5.31 -26.38
CA ILE N 351 81.68 6.29 -26.44
C ILE N 351 83.05 5.65 -26.18
N PRO N 352 83.88 5.51 -27.21
CA PRO N 352 85.22 4.93 -27.07
C PRO N 352 86.14 5.82 -26.23
N PRO N 353 87.13 5.21 -25.55
CA PRO N 353 88.05 6.02 -24.73
C PRO N 353 88.92 6.95 -25.58
N THR N 354 88.91 6.75 -26.90
CA THR N 354 89.70 7.58 -27.79
C THR N 354 89.04 8.95 -27.94
N ARG N 355 87.72 8.98 -28.13
CA ARG N 355 86.99 10.25 -28.26
C ARG N 355 86.54 10.69 -26.86
N ALA N 356 87.43 11.35 -26.15
CA ALA N 356 87.15 11.84 -24.81
C ALA N 356 86.52 13.23 -24.87
N ASP N 357 86.31 13.72 -26.09
CA ASP N 357 85.71 15.03 -26.30
C ASP N 357 84.20 14.99 -26.09
N ILE N 358 83.60 13.84 -26.35
CA ILE N 358 82.15 13.68 -26.19
C ILE N 358 81.81 13.81 -24.71
N ILE N 359 81.29 14.97 -24.30
CA ILE N 359 80.95 15.18 -22.90
C ILE N 359 79.48 15.52 -22.70
N HIS N 360 78.81 15.88 -23.79
CA HIS N 360 77.40 16.22 -23.72
C HIS N 360 76.66 15.62 -24.91
N ALA N 361 75.34 15.47 -24.74
CA ALA N 361 74.50 14.93 -25.80
C ALA N 361 74.76 15.64 -27.12
N CYS N 362 74.88 16.97 -27.07
CA CYS N 362 75.12 17.74 -28.27
C CYS N 362 76.37 17.34 -29.04
N ASP N 363 77.38 16.85 -28.34
CA ASP N 363 78.60 16.43 -29.00
C ASP N 363 78.36 15.27 -29.95
N ILE N 364 77.31 14.49 -29.66
CA ILE N 364 76.97 13.37 -30.53
C ILE N 364 76.44 13.99 -31.82
N VAL N 365 75.57 14.98 -31.65
CA VAL N 365 74.96 15.69 -32.78
C VAL N 365 76.03 16.17 -33.76
N GLU N 366 77.08 16.78 -33.22
CA GLU N 366 78.21 17.29 -34.01
C GLU N 366 78.65 16.13 -34.91
N ASP N 367 79.22 15.10 -34.29
CA ASP N 367 79.72 13.95 -35.03
C ASP N 367 78.70 13.45 -36.03
N ALA N 368 77.44 13.36 -35.61
CA ALA N 368 76.38 12.89 -36.48
C ALA N 368 76.32 13.73 -37.75
N ALA N 369 76.28 15.04 -37.58
CA ALA N 369 76.23 15.93 -38.72
C ALA N 369 77.48 15.81 -39.58
N ILE N 370 78.65 15.79 -38.95
CA ILE N 370 79.88 15.66 -39.71
C ILE N 370 79.91 14.41 -40.56
N ALA N 371 79.35 13.33 -40.01
CA ALA N 371 79.32 12.07 -40.72
C ALA N 371 78.36 12.20 -41.89
N TYR N 372 77.26 12.91 -41.67
CA TYR N 372 76.25 13.09 -42.70
C TYR N 372 76.72 14.03 -43.80
N GLY N 373 77.72 14.84 -43.51
CA GLY N 373 78.22 15.78 -44.49
C GLY N 373 77.42 17.06 -44.46
N TYR N 374 77.99 18.12 -43.89
CA TYR N 374 77.30 19.39 -43.76
C TYR N 374 76.54 19.86 -44.98
N ASN N 375 77.18 19.75 -46.13
CA ASN N 375 76.58 20.22 -47.37
C ASN N 375 75.47 19.34 -47.94
N ASN N 376 75.00 18.38 -47.17
CA ASN N 376 73.92 17.55 -47.64
C ASN N 376 72.74 17.93 -46.81
N ILE N 377 72.96 18.91 -45.94
CA ILE N 377 71.92 19.40 -45.08
C ILE N 377 71.21 20.50 -45.83
N GLN N 378 69.88 20.41 -45.96
CA GLN N 378 69.12 21.42 -46.67
C GLN N 378 69.05 22.68 -45.85
N MET N 379 69.38 23.81 -46.47
CA MET N 379 69.34 25.10 -45.80
C MET N 379 67.89 25.55 -45.64
N THR N 380 67.50 25.83 -44.40
CA THR N 380 66.14 26.25 -44.10
C THR N 380 66.21 27.62 -43.48
N LEU N 381 65.13 28.38 -43.50
CA LEU N 381 65.17 29.72 -42.93
C LEU N 381 64.20 29.91 -41.76
N PRO N 382 64.73 30.17 -40.55
CA PRO N 382 63.92 30.37 -39.34
C PRO N 382 62.76 31.33 -39.57
N LYS N 383 61.55 30.88 -39.28
CA LYS N 383 60.38 31.70 -39.51
C LYS N 383 59.81 32.39 -38.29
N THR N 384 60.57 33.31 -37.71
CA THR N 384 60.09 34.06 -36.56
C THR N 384 60.25 35.54 -36.89
N TYR N 385 59.14 36.26 -36.95
CA TYR N 385 59.17 37.67 -37.27
C TYR N 385 59.70 38.48 -36.12
N THR N 386 60.64 39.37 -36.41
CA THR N 386 61.22 40.23 -35.40
C THR N 386 61.45 41.61 -36.00
N ILE N 387 61.07 42.65 -35.26
CA ILE N 387 61.26 44.02 -35.71
C ILE N 387 62.67 44.45 -35.28
N ALA N 388 63.46 44.95 -36.22
CA ALA N 388 64.82 45.38 -35.92
C ALA N 388 64.86 46.73 -35.23
N ASN N 389 65.87 46.94 -34.40
CA ASN N 389 66.05 48.20 -33.68
C ASN N 389 67.51 48.55 -33.53
N GLN N 390 67.86 49.79 -33.86
CA GLN N 390 69.24 50.23 -33.72
C GLN N 390 69.47 50.60 -32.26
N PHE N 391 70.72 50.75 -31.87
CA PHE N 391 71.03 51.15 -30.51
C PHE N 391 71.07 52.68 -30.52
N PRO N 392 70.15 53.34 -29.80
CA PRO N 392 70.06 54.79 -29.71
C PRO N 392 71.35 55.55 -30.02
N LEU N 393 72.36 55.29 -29.20
CA LEU N 393 73.65 55.94 -29.34
C LEU N 393 74.21 55.85 -30.75
N ASN N 394 74.40 54.62 -31.20
CA ASN N 394 74.93 54.34 -32.54
C ASN N 394 74.11 54.99 -33.65
N LYS N 395 72.81 55.08 -33.48
CA LYS N 395 71.98 55.70 -34.50
C LYS N 395 72.44 57.15 -34.62
N LEU N 396 72.42 57.83 -33.48
CA LEU N 396 72.83 59.22 -33.39
C LEU N 396 74.22 59.39 -34.01
N THR N 397 75.15 58.56 -33.57
CA THR N 397 76.51 58.60 -34.06
C THR N 397 76.53 58.55 -35.58
N GLU N 398 75.83 57.56 -36.13
CA GLU N 398 75.76 57.36 -37.58
C GLU N 398 75.27 58.62 -38.28
N LEU N 399 74.43 59.39 -37.60
CA LEU N 399 73.91 60.61 -38.17
C LEU N 399 74.96 61.70 -38.12
N LEU N 400 75.50 61.96 -36.93
CA LEU N 400 76.53 62.97 -36.79
C LEU N 400 77.63 62.72 -37.80
N ARG N 401 78.06 61.48 -37.92
CA ARG N 401 79.12 61.15 -38.87
C ARG N 401 78.77 61.75 -40.23
N HIS N 402 77.55 61.51 -40.70
CA HIS N 402 77.13 62.03 -41.99
C HIS N 402 77.11 63.54 -42.13
N ASP N 403 76.97 64.25 -41.00
CA ASP N 403 76.95 65.71 -41.05
C ASP N 403 78.35 66.30 -40.89
N MET N 404 79.20 65.63 -40.14
CA MET N 404 80.57 66.08 -39.98
C MET N 404 81.15 66.08 -41.38
N ALA N 405 80.79 65.05 -42.14
CA ALA N 405 81.25 64.90 -43.53
C ALA N 405 80.67 66.02 -44.38
N ALA N 406 79.40 66.31 -44.15
CA ALA N 406 78.74 67.37 -44.90
C ALA N 406 79.48 68.66 -44.61
N ALA N 407 79.90 68.83 -43.36
CA ALA N 407 80.62 70.04 -42.94
C ALA N 407 82.09 70.02 -43.36
N GLY N 408 82.40 69.28 -44.41
CA GLY N 408 83.75 69.21 -44.94
C GLY N 408 84.85 68.50 -44.17
N PHE N 409 84.55 67.86 -43.05
CA PHE N 409 85.59 67.16 -42.31
C PHE N 409 85.79 65.73 -42.77
N THR N 410 86.94 65.15 -42.43
CA THR N 410 87.24 63.79 -42.82
C THR N 410 87.44 62.90 -41.61
N GLU N 411 86.78 61.73 -41.66
CA GLU N 411 86.80 60.74 -40.60
C GLU N 411 88.06 59.86 -40.60
N ALA N 412 88.58 59.60 -39.41
CA ALA N 412 89.79 58.78 -39.26
C ALA N 412 89.54 57.51 -38.47
N LEU N 413 90.60 56.74 -38.24
CA LEU N 413 90.46 55.51 -37.49
C LEU N 413 91.60 55.28 -36.49
N THR N 414 91.61 56.11 -35.44
CA THR N 414 92.61 56.03 -34.37
C THR N 414 92.58 54.68 -33.70
N PHE N 415 93.71 54.24 -33.16
CA PHE N 415 93.76 52.97 -32.42
C PHE N 415 93.26 53.28 -31.01
N ALA N 416 92.78 52.28 -30.29
CA ALA N 416 92.26 52.49 -28.94
C ALA N 416 93.36 52.37 -27.89
N LEU N 417 94.50 51.85 -28.31
CA LEU N 417 95.61 51.67 -27.40
C LEU N 417 96.77 52.60 -27.72
N CYS N 418 97.58 52.91 -26.71
CA CYS N 418 98.73 53.79 -26.90
C CYS N 418 99.61 53.89 -25.66
N SER N 419 100.62 54.77 -25.73
CA SER N 419 101.55 54.98 -24.62
C SER N 419 101.09 56.12 -23.71
N GLN N 420 101.32 55.98 -22.42
CA GLN N 420 100.91 56.97 -21.43
C GLN N 420 101.22 58.39 -21.88
N GLU N 421 102.45 58.62 -22.33
CA GLU N 421 102.88 59.93 -22.77
C GLU N 421 101.96 60.52 -23.83
N ASP N 422 101.22 59.66 -24.55
CA ASP N 422 100.30 60.13 -25.58
C ASP N 422 99.07 60.81 -25.00
N ILE N 423 98.63 60.37 -23.81
CA ILE N 423 97.45 60.94 -23.17
C ILE N 423 97.73 61.64 -21.85
N ALA N 424 98.99 62.03 -21.64
CA ALA N 424 99.37 62.71 -20.41
C ALA N 424 100.51 63.72 -20.63
N ASP N 425 101.73 63.21 -20.55
CA ASP N 425 102.92 64.02 -20.73
C ASP N 425 102.85 64.95 -21.94
N LYS N 426 102.58 64.38 -23.12
CA LYS N 426 102.48 65.18 -24.35
C LYS N 426 101.33 66.19 -24.35
N LEU N 427 100.46 66.11 -23.35
CA LEU N 427 99.32 67.02 -23.25
C LEU N 427 99.43 67.93 -22.04
N GLY N 428 100.53 67.80 -21.32
CA GLY N 428 100.76 68.63 -20.15
C GLY N 428 100.11 68.15 -18.86
N VAL N 429 99.89 66.85 -18.73
CA VAL N 429 99.29 66.32 -17.52
C VAL N 429 99.93 65.01 -17.08
N ASP N 430 99.91 64.76 -15.78
CA ASP N 430 100.51 63.54 -15.26
C ASP N 430 99.55 62.36 -15.42
N ILE N 431 100.11 61.23 -15.82
CA ILE N 431 99.36 60.01 -16.04
C ILE N 431 98.52 59.61 -14.82
N SER N 432 98.70 60.32 -13.71
CA SER N 432 97.96 60.04 -12.48
C SER N 432 96.66 60.82 -12.40
N ALA N 433 96.47 61.75 -13.33
CA ALA N 433 95.26 62.57 -13.34
C ALA N 433 94.44 62.37 -14.62
N THR N 434 94.61 61.24 -15.28
CA THR N 434 93.87 60.95 -16.51
C THR N 434 92.74 59.94 -16.30
N LYS N 435 92.76 59.25 -15.17
CA LYS N 435 91.75 58.24 -14.84
C LYS N 435 91.90 57.08 -15.83
N ALA N 436 93.01 57.07 -16.56
CA ALA N 436 93.31 56.06 -17.56
C ALA N 436 93.46 54.65 -17.01
N VAL N 437 93.27 53.67 -17.88
CA VAL N 437 93.38 52.26 -17.50
C VAL N 437 94.73 51.73 -18.02
N HIS N 438 95.43 50.96 -17.18
CA HIS N 438 96.74 50.43 -17.55
C HIS N 438 96.78 48.94 -17.90
N ILE N 439 97.39 48.64 -19.04
CA ILE N 439 97.53 47.26 -19.51
C ILE N 439 98.73 46.58 -18.88
N SER N 440 98.55 45.33 -18.47
CA SER N 440 99.62 44.55 -17.84
C SER N 440 100.61 43.95 -18.84
N ASN N 441 101.89 44.04 -18.50
CA ASN N 441 102.98 43.52 -19.33
C ASN N 441 102.76 43.75 -20.82
N PRO N 442 102.67 45.02 -21.23
CA PRO N 442 102.45 45.38 -22.62
C PRO N 442 103.67 45.12 -23.51
N LYS N 443 103.44 44.56 -24.69
CA LYS N 443 104.52 44.30 -25.63
C LYS N 443 105.29 45.60 -25.87
N THR N 444 104.76 46.44 -26.77
CA THR N 444 105.37 47.72 -27.09
C THR N 444 105.00 48.81 -26.09
N ALA N 445 105.55 49.99 -26.29
CA ALA N 445 105.30 51.13 -25.42
C ALA N 445 103.91 51.66 -25.69
N GLU N 446 103.46 51.51 -26.93
CA GLU N 446 102.15 52.00 -27.34
C GLU N 446 101.01 51.00 -27.07
N PHE N 447 101.12 50.28 -25.94
CA PHE N 447 100.12 49.30 -25.50
C PHE N 447 100.00 49.40 -23.98
N GLN N 448 100.42 50.54 -23.43
CA GLN N 448 100.39 50.75 -21.99
C GLN N 448 99.03 51.14 -21.45
N VAL N 449 98.41 52.11 -22.13
CA VAL N 449 97.10 52.62 -21.73
C VAL N 449 96.09 52.65 -22.87
N ALA N 450 94.82 52.74 -22.50
CA ALA N 450 93.74 52.80 -23.46
C ALA N 450 93.21 54.23 -23.53
N ARG N 451 93.06 54.75 -24.75
CA ARG N 451 92.58 56.11 -25.00
C ARG N 451 91.79 56.75 -23.86
N THR N 452 91.98 58.05 -23.71
CA THR N 452 91.28 58.83 -22.71
C THR N 452 90.75 60.01 -23.49
N THR N 453 91.16 60.05 -24.75
CA THR N 453 90.77 61.11 -25.67
C THR N 453 91.13 60.72 -27.10
N LEU N 454 90.49 61.35 -28.07
CA LEU N 454 90.75 61.04 -29.47
C LEU N 454 91.73 62.04 -30.07
N LEU N 455 91.97 63.13 -29.35
CA LEU N 455 92.87 64.19 -29.80
C LEU N 455 94.25 63.63 -30.18
N PRO N 456 94.86 62.85 -29.29
CA PRO N 456 96.18 62.28 -29.58
C PRO N 456 96.19 61.63 -30.97
N GLY N 457 95.52 60.48 -31.06
CA GLY N 457 95.45 59.77 -32.31
C GLY N 457 95.25 60.68 -33.51
N LEU N 458 94.32 61.63 -33.40
CA LEU N 458 94.05 62.54 -34.51
C LEU N 458 95.31 63.29 -34.93
N LEU N 459 96.00 63.85 -33.94
CA LEU N 459 97.24 64.57 -34.20
C LEU N 459 98.20 63.64 -34.93
N LYS N 460 98.49 62.50 -34.28
CA LYS N 460 99.41 61.49 -34.84
C LYS N 460 99.09 61.17 -36.29
N THR N 461 97.82 61.32 -36.66
CA THR N 461 97.38 61.06 -38.03
C THR N 461 97.92 62.15 -38.92
N ILE N 462 97.79 63.39 -38.45
CA ILE N 462 98.26 64.54 -39.20
C ILE N 462 99.76 64.36 -39.42
N ALA N 463 100.43 63.98 -38.34
CA ALA N 463 101.87 63.77 -38.35
C ALA N 463 102.26 62.85 -39.51
N ALA N 464 101.48 61.80 -39.71
CA ALA N 464 101.79 60.86 -40.78
C ALA N 464 101.31 61.33 -42.16
N ASN N 465 100.56 62.43 -42.19
CA ASN N 465 100.04 62.93 -43.47
C ASN N 465 100.53 64.33 -43.79
N ARG N 466 101.79 64.61 -43.48
CA ARG N 466 102.37 65.92 -43.75
C ARG N 466 102.18 66.25 -45.22
N LYS N 467 102.20 65.20 -46.03
CA LYS N 467 102.05 65.29 -47.48
C LYS N 467 100.70 65.84 -47.95
N MET N 468 99.74 65.95 -47.03
CA MET N 468 98.39 66.42 -47.36
C MET N 468 98.19 67.94 -47.42
N PRO N 469 97.42 68.43 -48.42
CA PRO N 469 97.07 69.84 -48.68
C PRO N 469 96.74 70.80 -47.52
N LEU N 470 96.77 72.09 -47.85
CA LEU N 470 96.54 73.21 -46.93
C LEU N 470 95.93 72.92 -45.55
N PRO N 471 94.58 72.99 -45.40
CA PRO N 471 94.08 72.70 -44.05
C PRO N 471 93.54 71.29 -43.89
N LEU N 472 93.99 70.61 -42.85
CA LEU N 472 93.49 69.27 -42.57
C LEU N 472 92.32 69.39 -41.61
N LYS N 473 91.21 68.77 -41.98
CA LYS N 473 90.02 68.82 -41.13
C LYS N 473 89.60 67.39 -40.80
N LEU N 474 90.10 66.92 -39.67
CA LEU N 474 89.85 65.56 -39.21
C LEU N 474 88.84 65.51 -38.07
N PHE N 475 88.22 64.34 -37.94
CA PHE N 475 87.24 64.09 -36.90
C PHE N 475 87.03 62.60 -36.79
N GLU N 476 86.51 62.18 -35.64
CA GLU N 476 86.23 60.79 -35.42
C GLU N 476 85.25 60.76 -34.27
N ILE N 477 84.32 59.81 -34.31
CA ILE N 477 83.34 59.69 -33.23
C ILE N 477 83.46 58.26 -32.73
N SER N 478 84.30 58.07 -31.71
CA SER N 478 84.51 56.75 -31.11
C SER N 478 84.54 56.76 -29.59
N ASP N 479 84.95 55.63 -29.02
CA ASP N 479 85.00 55.47 -27.58
C ASP N 479 86.35 55.74 -26.94
N ILE N 480 86.31 56.00 -25.64
CA ILE N 480 87.50 56.25 -24.86
C ILE N 480 87.19 55.61 -23.52
N VAL N 481 88.17 54.99 -22.90
CA VAL N 481 87.94 54.33 -21.62
C VAL N 481 88.37 55.19 -20.43
N ILE N 482 87.76 54.93 -19.29
CA ILE N 482 88.05 55.65 -18.05
C ILE N 482 87.77 54.70 -16.91
N LYS N 483 88.41 54.92 -15.77
CA LYS N 483 88.13 54.07 -14.63
C LYS N 483 86.84 54.60 -13.99
N ASP N 484 85.94 53.71 -13.61
CA ASP N 484 84.68 54.12 -13.01
C ASP N 484 84.43 53.17 -11.84
N SER N 485 84.49 53.70 -10.64
CA SER N 485 84.29 52.87 -9.45
C SER N 485 82.87 52.31 -9.38
N ASN N 486 81.98 52.81 -10.23
CA ASN N 486 80.59 52.35 -10.24
C ASN N 486 80.15 51.47 -11.42
N THR N 487 81.03 50.57 -11.85
CA THR N 487 80.72 49.67 -12.96
C THR N 487 81.29 48.29 -12.62
N ASP N 488 80.49 47.25 -12.83
CA ASP N 488 80.91 45.88 -12.53
C ASP N 488 82.36 45.55 -12.91
N VAL N 489 82.86 46.13 -13.99
CA VAL N 489 84.23 45.84 -14.42
C VAL N 489 85.28 46.79 -13.85
N GLY N 490 84.91 48.06 -13.67
CA GLY N 490 85.86 49.01 -13.13
C GLY N 490 86.15 50.15 -14.08
N ALA N 491 85.71 50.03 -15.32
CA ALA N 491 85.93 51.07 -16.31
C ALA N 491 84.67 51.28 -17.14
N LYS N 492 84.57 52.42 -17.84
CA LYS N 492 83.42 52.74 -18.69
C LYS N 492 83.85 53.43 -19.99
N ASN N 493 83.15 53.13 -21.08
CA ASN N 493 83.45 53.73 -22.37
C ASN N 493 82.59 54.98 -22.55
N TYR N 494 83.10 55.95 -23.30
CA TYR N 494 82.36 57.19 -23.57
C TYR N 494 82.45 57.52 -25.05
N ARG N 495 81.37 58.07 -25.60
CA ARG N 495 81.35 58.44 -27.01
C ARG N 495 81.73 59.88 -27.25
N HIS N 496 82.97 60.11 -27.67
CA HIS N 496 83.37 61.48 -27.95
C HIS N 496 83.38 61.74 -29.44
N LEU N 497 83.00 62.96 -29.79
CA LEU N 497 83.03 63.39 -31.17
C LEU N 497 84.18 64.36 -31.04
N CYS N 498 85.27 64.08 -31.75
CA CYS N 498 86.45 64.92 -31.66
C CYS N 498 86.94 65.34 -33.05
N ALA N 499 87.17 66.64 -33.21
CA ALA N 499 87.63 67.18 -34.49
C ALA N 499 88.83 68.09 -34.29
N VAL N 500 89.56 68.34 -35.37
CA VAL N 500 90.73 69.19 -35.31
C VAL N 500 90.92 69.98 -36.59
N TYR N 501 91.47 71.20 -36.44
CA TYR N 501 91.74 72.07 -37.58
C TYR N 501 93.23 72.34 -37.62
N TYR N 502 93.86 71.91 -38.71
CA TYR N 502 95.30 72.05 -38.89
C TYR N 502 95.54 72.96 -40.09
N ASN N 503 96.18 74.11 -39.85
CA ASN N 503 96.44 75.04 -40.94
C ASN N 503 97.48 76.09 -40.54
N LYS N 504 97.87 76.91 -41.52
CA LYS N 504 98.84 77.97 -41.30
C LYS N 504 98.44 78.67 -40.00
N ASN N 505 97.15 78.97 -39.89
CA ASN N 505 96.61 79.63 -38.72
C ASN N 505 95.59 78.69 -38.10
N PRO N 506 95.49 78.67 -36.76
CA PRO N 506 94.52 77.76 -36.15
C PRO N 506 93.14 78.32 -36.47
N GLY N 507 92.18 77.45 -36.75
CA GLY N 507 90.86 77.94 -37.06
C GLY N 507 89.97 77.95 -35.83
N PHE N 508 90.51 78.42 -34.70
CA PHE N 508 89.73 78.43 -33.47
C PHE N 508 88.31 79.01 -33.60
N GLU N 509 88.11 79.89 -34.57
CA GLU N 509 86.77 80.46 -34.76
C GLU N 509 85.94 79.52 -35.63
N ILE N 510 86.60 78.84 -36.56
CA ILE N 510 85.92 77.91 -37.43
C ILE N 510 85.65 76.60 -36.68
N ILE N 511 86.45 76.33 -35.64
CA ILE N 511 86.25 75.14 -34.81
C ILE N 511 85.14 75.47 -33.84
N HIS N 512 85.15 76.72 -33.38
CA HIS N 512 84.12 77.19 -32.47
C HIS N 512 82.81 77.07 -33.25
N GLY N 513 82.87 77.42 -34.53
CA GLY N 513 81.71 77.35 -35.40
C GLY N 513 81.22 75.94 -35.66
N LEU N 514 82.13 74.97 -35.57
CA LEU N 514 81.79 73.56 -35.77
C LEU N 514 80.92 73.15 -34.59
N LEU N 515 81.34 73.48 -33.38
CA LEU N 515 80.58 73.14 -32.20
C LEU N 515 79.19 73.76 -32.32
N ASP N 516 79.12 74.98 -32.83
CA ASP N 516 77.82 75.61 -32.98
C ASP N 516 76.93 74.80 -33.94
N ARG N 517 77.50 74.35 -35.06
CA ARG N 517 76.74 73.56 -36.03
C ARG N 517 76.23 72.30 -35.36
N ILE N 518 77.16 71.56 -34.78
CA ILE N 518 76.85 70.33 -34.08
C ILE N 518 75.66 70.51 -33.14
N MET N 519 75.71 71.54 -32.31
CA MET N 519 74.62 71.83 -31.39
C MET N 519 73.34 72.10 -32.17
N GLN N 520 73.47 72.88 -33.24
CA GLN N 520 72.33 73.21 -34.07
C GLN N 520 71.73 71.91 -34.62
N LEU N 521 72.60 70.96 -34.97
CA LEU N 521 72.19 69.66 -35.51
C LEU N 521 71.44 68.86 -34.47
N LEU N 522 71.93 68.93 -33.23
CA LEU N 522 71.31 68.22 -32.12
C LEU N 522 70.15 68.99 -31.51
N ASP N 523 69.74 70.06 -32.17
CA ASP N 523 68.63 70.88 -31.70
C ASP N 523 68.83 71.28 -30.24
N VAL N 524 70.00 71.82 -29.95
CA VAL N 524 70.35 72.29 -28.62
C VAL N 524 70.56 73.79 -28.70
N PRO N 525 69.62 74.57 -28.14
CA PRO N 525 69.69 76.03 -28.15
C PRO N 525 70.88 76.54 -27.33
N PRO N 526 71.54 77.63 -27.75
CA PRO N 526 72.68 78.09 -26.95
C PRO N 526 72.24 78.67 -25.59
N GLY N 527 73.20 78.89 -24.70
CA GLY N 527 72.90 79.45 -23.39
C GLY N 527 72.16 78.51 -22.45
N GLU N 528 72.80 78.20 -21.31
CA GLU N 528 72.20 77.29 -20.33
C GLU N 528 70.89 77.79 -19.72
N ASP N 529 69.80 77.60 -20.46
CA ASP N 529 68.47 77.98 -20.03
C ASP N 529 67.81 76.73 -19.46
N LYS N 530 66.84 76.17 -20.19
CA LYS N 530 66.17 74.95 -19.73
C LYS N 530 67.08 73.77 -20.04
N GLY N 531 68.04 74.02 -20.93
CA GLY N 531 69.00 72.99 -21.33
C GLY N 531 70.25 73.62 -21.90
N GLY N 532 70.07 74.44 -22.93
CA GLY N 532 71.14 75.15 -23.62
C GLY N 532 72.62 74.97 -23.29
N TYR N 533 73.47 75.15 -24.30
CA TYR N 533 74.91 75.01 -24.12
C TYR N 533 75.62 76.35 -24.01
N VAL N 534 76.62 76.43 -23.13
CA VAL N 534 77.38 77.65 -22.92
C VAL N 534 78.89 77.48 -23.06
N ILE N 535 79.52 78.32 -23.89
CA ILE N 535 80.97 78.25 -24.02
C ILE N 535 81.48 79.13 -22.89
N LYS N 536 82.15 78.55 -21.90
CA LYS N 536 82.69 79.36 -20.82
C LYS N 536 84.20 79.26 -20.86
N ALA N 537 84.86 80.38 -21.15
CA ALA N 537 86.31 80.41 -21.22
C ALA N 537 86.88 79.68 -20.01
N SER N 538 87.93 78.90 -20.22
CA SER N 538 88.55 78.17 -19.12
C SER N 538 90.00 77.87 -19.46
N GLU N 539 90.70 77.24 -18.52
CA GLU N 539 92.10 76.94 -18.75
C GLU N 539 92.39 75.45 -18.87
N GLY N 540 93.28 75.12 -19.80
CA GLY N 540 93.67 73.74 -20.05
C GLY N 540 95.15 73.62 -20.32
N PRO N 541 95.83 72.66 -19.66
CA PRO N 541 97.27 72.42 -19.81
C PRO N 541 97.65 71.90 -21.20
N ALA N 542 96.68 71.84 -22.10
CA ALA N 542 96.96 71.37 -23.45
C ALA N 542 96.63 72.46 -24.46
N PHE N 543 96.05 73.55 -23.96
CA PHE N 543 95.67 74.66 -24.83
C PHE N 543 96.40 75.95 -24.53
N PHE N 544 96.70 76.66 -25.62
CA PHE N 544 97.36 77.95 -25.55
C PHE N 544 96.43 78.84 -24.74
N PRO N 545 96.91 79.38 -23.62
CA PRO N 545 96.13 80.24 -22.73
C PRO N 545 95.26 81.27 -23.44
N GLY N 546 94.04 81.45 -22.94
CA GLY N 546 93.12 82.42 -23.51
C GLY N 546 92.47 82.06 -24.83
N ARG N 547 92.67 80.82 -25.25
CA ARG N 547 92.09 80.32 -26.50
C ARG N 547 91.64 78.91 -26.18
N CYS N 548 90.96 78.79 -25.04
CA CYS N 548 90.44 77.53 -24.53
C CYS N 548 89.14 77.79 -23.76
N ALA N 549 88.15 76.95 -24.01
CA ALA N 549 86.84 77.05 -23.36
C ALA N 549 86.29 75.70 -22.96
N GLU N 550 85.24 75.71 -22.15
CA GLU N 550 84.60 74.48 -21.73
C GLU N 550 83.15 74.50 -22.23
N ILE N 551 82.66 73.33 -22.65
CA ILE N 551 81.29 73.22 -23.16
C ILE N 551 80.35 72.69 -22.08
N PHE N 552 79.26 73.41 -21.84
CA PHE N 552 78.29 73.01 -20.84
C PHE N 552 76.94 72.87 -21.51
N ALA N 553 76.20 71.84 -21.14
CA ALA N 553 74.89 71.61 -21.70
C ALA N 553 74.15 70.57 -20.88
N ARG N 554 72.84 70.54 -21.03
CA ARG N 554 72.01 69.59 -20.30
C ARG N 554 72.56 69.35 -18.91
N GLY N 555 72.83 70.44 -18.21
CA GLY N 555 73.33 70.37 -16.85
C GLY N 555 74.66 69.70 -16.57
N GLN N 556 75.64 69.87 -17.44
CA GLN N 556 76.95 69.28 -17.20
C GLN N 556 78.02 69.63 -18.22
N SER N 557 79.26 69.35 -17.86
CA SER N 557 80.39 69.62 -18.73
C SER N 557 80.39 68.55 -19.80
N VAL N 558 80.40 68.98 -21.05
CA VAL N 558 80.39 68.06 -22.17
C VAL N 558 81.78 67.87 -22.77
N GLY N 559 82.46 68.97 -23.03
CA GLY N 559 83.78 68.87 -23.60
C GLY N 559 84.67 70.08 -23.45
N LYS N 560 85.78 70.06 -24.17
CA LYS N 560 86.77 71.11 -24.15
C LYS N 560 86.98 71.63 -25.57
N LEU N 561 86.86 72.95 -25.73
CA LEU N 561 87.03 73.58 -27.02
C LEU N 561 88.25 74.47 -26.89
N GLY N 562 89.20 74.40 -27.82
CA GLY N 562 90.37 75.25 -27.70
C GLY N 562 91.46 75.10 -28.76
N VAL N 563 92.49 75.94 -28.64
CA VAL N 563 93.62 75.89 -29.56
C VAL N 563 94.79 75.18 -28.88
N LEU N 564 95.25 74.11 -29.52
CA LEU N 564 96.36 73.34 -28.98
C LEU N 564 97.56 74.18 -28.63
N HIS N 565 98.14 73.89 -27.47
CA HIS N 565 99.32 74.59 -26.96
C HIS N 565 100.59 74.18 -27.72
N PRO N 566 101.40 75.16 -28.17
CA PRO N 566 102.64 74.92 -28.90
C PRO N 566 103.45 73.71 -28.44
N ASP N 567 103.43 73.45 -27.14
CA ASP N 567 104.15 72.31 -26.57
C ASP N 567 103.65 70.99 -27.11
N VAL N 568 102.35 70.76 -26.97
CA VAL N 568 101.75 69.53 -27.46
C VAL N 568 101.91 69.41 -28.98
N ILE N 569 101.76 70.50 -29.72
CA ILE N 569 101.88 70.44 -31.18
C ILE N 569 103.30 70.09 -31.64
N THR N 570 104.29 70.39 -30.81
CA THR N 570 105.66 70.05 -31.18
C THR N 570 105.96 68.65 -30.65
N LYS N 571 105.47 68.34 -29.44
CA LYS N 571 105.71 67.03 -28.85
C LYS N 571 105.05 65.91 -29.65
N PHE N 572 104.23 66.28 -30.64
CA PHE N 572 103.58 65.31 -31.52
C PHE N 572 104.18 65.54 -32.90
N GLU N 573 105.36 66.14 -32.89
CA GLU N 573 106.13 66.45 -34.09
C GLU N 573 105.32 67.05 -35.22
N LEU N 574 104.64 68.16 -34.92
CA LEU N 574 103.84 68.84 -35.92
C LEU N 574 104.39 70.23 -36.19
N THR N 575 103.96 70.79 -37.33
CA THR N 575 104.40 72.11 -37.78
C THR N 575 103.44 73.23 -37.35
N MET N 576 102.35 73.38 -38.09
CA MET N 576 101.33 74.40 -37.84
C MET N 576 100.62 74.35 -36.49
N PRO N 577 99.85 75.41 -36.18
CA PRO N 577 99.11 75.51 -34.93
C PRO N 577 97.90 74.61 -35.07
N CYS N 578 97.10 74.48 -34.02
CA CYS N 578 95.95 73.61 -34.13
C CYS N 578 94.79 73.94 -33.21
N SER N 579 93.58 73.79 -33.75
CA SER N 579 92.34 74.04 -33.01
C SER N 579 91.60 72.72 -32.90
N SER N 580 91.19 72.37 -31.67
CA SER N 580 90.49 71.12 -31.46
C SER N 580 89.09 71.32 -30.89
N LEU N 581 88.44 70.19 -30.63
CA LEU N 581 87.09 70.15 -30.10
C LEU N 581 86.79 68.71 -29.72
N GLU N 582 86.23 68.52 -28.53
CA GLU N 582 85.92 67.16 -28.12
C GLU N 582 84.80 67.15 -27.10
N ILE N 583 83.62 66.75 -27.57
CA ILE N 583 82.43 66.70 -26.73
C ILE N 583 81.99 65.26 -26.53
N ASN N 584 81.45 64.97 -25.35
CA ASN N 584 80.94 63.65 -25.05
C ASN N 584 79.49 63.64 -25.51
N ILE N 585 79.22 63.03 -26.66
CA ILE N 585 77.86 63.03 -27.19
C ILE N 585 76.88 62.19 -26.40
N GLY N 586 77.37 61.54 -25.35
CA GLY N 586 76.50 60.71 -24.53
C GLY N 586 75.27 61.41 -24.00
N PRO N 587 75.42 62.48 -23.23
CA PRO N 587 74.30 63.23 -22.66
C PRO N 587 73.29 63.80 -23.66
N PHE N 588 73.66 63.84 -24.94
CA PHE N 588 72.77 64.40 -25.95
C PHE N 588 71.71 63.46 -26.50
N LEU N 589 71.73 62.19 -26.09
CA LEU N 589 70.74 61.25 -26.58
C LEU N 589 69.32 61.65 -26.19
N GLN O 188 102.41 89.63 -33.34
CA GLN O 188 101.02 89.64 -32.78
C GLN O 188 99.98 89.35 -33.86
N GLU O 189 100.42 88.94 -35.05
CA GLU O 189 99.50 88.64 -36.15
C GLU O 189 98.24 87.94 -35.64
N THR O 190 97.16 88.02 -36.41
CA THR O 190 95.88 87.41 -36.02
C THR O 190 96.03 86.05 -35.31
N GLU O 191 96.89 85.18 -35.83
CA GLU O 191 97.11 83.84 -35.25
C GLU O 191 98.49 83.25 -35.54
N LEU O 192 98.90 82.24 -34.77
CA LEU O 192 100.20 81.57 -34.94
C LEU O 192 100.44 81.23 -36.42
N SER O 193 101.63 80.72 -36.74
CA SER O 193 101.97 80.36 -38.12
C SER O 193 103.35 79.69 -38.21
N PRO O 194 103.64 78.99 -39.33
CA PRO O 194 104.93 78.30 -39.50
C PRO O 194 106.15 79.17 -39.24
N GLU O 195 106.01 80.48 -39.44
CA GLU O 195 107.09 81.41 -39.21
C GLU O 195 107.21 81.69 -37.72
N MET O 196 106.06 81.77 -37.04
CA MET O 196 106.01 82.01 -35.60
C MET O 196 106.20 80.69 -34.86
N ILE O 197 106.04 79.57 -35.57
CA ILE O 197 106.21 78.26 -34.96
C ILE O 197 107.71 77.98 -34.83
N SER O 198 108.50 79.02 -35.09
CA SER O 198 109.95 78.92 -34.98
C SER O 198 110.31 78.77 -33.49
N SER O 199 109.47 78.01 -32.78
CA SER O 199 109.62 77.76 -31.34
C SER O 199 110.23 78.93 -30.56
N GLY O 200 109.91 80.14 -31.00
CA GLY O 200 110.40 81.35 -30.36
C GLY O 200 109.36 82.45 -30.43
N SER O 201 109.04 82.90 -31.65
CA SER O 201 108.05 83.96 -31.88
C SER O 201 106.76 83.73 -31.09
N TRP O 202 106.31 82.47 -31.07
CA TRP O 202 105.10 82.06 -30.38
C TRP O 202 105.33 81.81 -28.89
N ARG O 203 106.21 82.60 -28.30
CA ARG O 203 106.53 82.46 -26.89
C ARG O 203 106.41 83.77 -26.11
N ASP O 204 106.53 84.89 -26.81
CA ASP O 204 106.45 86.21 -26.16
C ASP O 204 105.63 87.27 -26.89
N ARG O 205 105.75 87.35 -28.21
CA ARG O 205 105.00 88.33 -29.01
C ARG O 205 103.57 88.42 -28.43
N PRO O 206 102.91 89.57 -28.57
CA PRO O 206 101.55 89.74 -28.05
C PRO O 206 100.41 88.95 -28.69
N PHE O 207 99.61 88.30 -27.83
CA PHE O 207 98.45 87.54 -28.28
C PHE O 207 97.20 87.98 -27.52
N LYS O 208 96.33 88.63 -28.28
CA LYS O 208 95.06 89.19 -27.83
C LYS O 208 94.02 88.13 -27.46
N PRO O 209 92.77 88.54 -27.19
CA PRO O 209 91.75 87.57 -26.82
C PRO O 209 90.85 87.11 -27.96
N TYR O 210 90.29 85.91 -27.81
CA TYR O 210 89.35 85.38 -28.78
C TYR O 210 87.99 85.67 -28.16
N ASN O 211 87.07 86.16 -28.98
CA ASN O 211 85.75 86.48 -28.48
C ASN O 211 85.10 85.28 -27.80
N PHE O 212 84.78 85.44 -26.52
CA PHE O 212 84.12 84.40 -25.75
C PHE O 212 82.79 84.89 -25.19
N LEU O 213 81.76 84.80 -26.03
CA LEU O 213 80.40 85.20 -25.72
C LEU O 213 79.58 85.24 -27.01
N ALA O 214 80.27 85.14 -28.14
CA ALA O 214 79.63 85.15 -29.44
C ALA O 214 79.68 83.79 -30.11
N HIS O 215 79.19 83.73 -31.36
CA HIS O 215 79.16 82.50 -32.12
C HIS O 215 80.18 82.58 -33.26
N GLY O 216 81.06 81.58 -33.34
CA GLY O 216 82.10 81.54 -34.37
C GLY O 216 81.67 81.26 -35.79
N VAL O 217 82.63 81.26 -36.73
CA VAL O 217 82.34 81.03 -38.15
C VAL O 217 81.41 79.84 -38.38
N LEU O 218 80.39 80.05 -39.19
CA LEU O 218 79.43 79.00 -39.51
C LEU O 218 80.02 78.14 -40.62
N PRO O 219 80.23 76.85 -40.33
CA PRO O 219 80.78 75.89 -41.29
C PRO O 219 80.02 75.83 -42.61
N ASP O 220 80.24 76.81 -43.48
CA ASP O 220 79.55 76.83 -44.79
C ASP O 220 79.60 75.43 -45.41
N SER O 221 78.47 74.71 -45.32
CA SER O 221 78.38 73.34 -45.83
C SER O 221 77.17 73.02 -46.70
N GLY O 222 76.88 71.73 -46.82
CA GLY O 222 75.74 71.27 -47.60
C GLY O 222 74.58 71.04 -46.64
N HIS O 223 73.46 70.56 -47.17
CA HIS O 223 72.25 70.33 -46.36
C HIS O 223 71.24 69.39 -47.04
N LEU O 224 70.51 68.62 -46.23
CA LEU O 224 69.49 67.71 -46.73
C LEU O 224 68.15 68.23 -46.27
N HIS O 225 67.20 68.29 -47.21
CA HIS O 225 65.87 68.80 -46.92
C HIS O 225 65.12 68.06 -45.81
N PRO O 226 64.64 68.80 -44.80
CA PRO O 226 63.90 68.29 -43.64
C PRO O 226 62.83 67.23 -43.91
N LEU O 227 62.02 67.44 -44.94
CA LEU O 227 60.96 66.51 -45.30
C LEU O 227 61.57 65.18 -45.74
N LEU O 228 62.66 65.24 -46.47
CA LEU O 228 63.31 64.01 -46.94
C LEU O 228 64.13 63.37 -45.85
N LYS O 229 64.60 64.19 -44.90
CA LYS O 229 65.36 63.66 -43.78
C LYS O 229 64.39 62.76 -43.06
N VAL O 230 63.12 63.15 -43.10
CA VAL O 230 62.08 62.37 -42.46
C VAL O 230 61.72 61.20 -43.33
N ARG O 231 61.59 61.43 -44.64
CA ARG O 231 61.27 60.31 -45.53
C ARG O 231 62.27 59.22 -45.27
N SER O 232 63.53 59.61 -45.13
CA SER O 232 64.58 58.66 -44.85
C SER O 232 64.24 57.85 -43.61
N GLN O 233 64.01 58.51 -42.48
CA GLN O 233 63.67 57.81 -41.26
C GLN O 233 62.49 56.83 -41.43
N PHE O 234 61.46 57.20 -42.20
CA PHE O 234 60.31 56.30 -42.41
C PHE O 234 60.80 55.09 -43.18
N ARG O 235 61.49 55.34 -44.29
CA ARG O 235 62.02 54.30 -45.13
C ARG O 235 62.76 53.27 -44.29
N GLN O 236 63.49 53.74 -43.30
CA GLN O 236 64.25 52.87 -42.42
C GLN O 236 63.31 52.05 -41.55
N ILE O 237 62.35 52.71 -40.89
CA ILE O 237 61.39 52.01 -40.02
C ILE O 237 60.84 50.82 -40.79
N PHE O 238 60.45 51.07 -42.05
CA PHE O 238 59.89 50.02 -42.89
C PHE O 238 60.87 48.87 -43.10
N LEU O 239 62.12 49.20 -43.37
CA LEU O 239 63.12 48.16 -43.57
C LEU O 239 63.34 47.38 -42.30
N GLU O 240 63.44 48.07 -41.17
CA GLU O 240 63.65 47.37 -39.91
C GLU O 240 62.47 46.46 -39.57
N MET O 241 61.31 46.74 -40.17
CA MET O 241 60.13 45.91 -39.93
C MET O 241 59.96 44.87 -41.04
N GLY O 242 61.05 44.52 -41.71
CA GLY O 242 61.00 43.53 -42.76
C GLY O 242 60.26 43.86 -44.05
N PHE O 243 59.92 45.12 -44.28
CA PHE O 243 59.22 45.46 -45.51
C PHE O 243 60.14 45.76 -46.70
N THR O 244 59.76 45.27 -47.87
CA THR O 244 60.52 45.52 -49.09
C THR O 244 59.95 46.76 -49.77
N GLU O 245 60.83 47.55 -50.36
CA GLU O 245 60.44 48.79 -51.02
C GLU O 245 59.97 48.57 -52.45
N MET O 246 58.69 48.82 -52.71
CA MET O 246 58.15 48.67 -54.05
C MET O 246 58.38 49.96 -54.84
N PRO O 247 58.64 49.85 -56.14
CA PRO O 247 58.89 50.97 -57.05
C PRO O 247 57.67 51.87 -57.29
N THR O 248 57.91 53.13 -57.61
CA THR O 248 56.79 54.04 -57.86
C THR O 248 57.06 54.98 -59.04
N ASP O 249 57.96 54.57 -59.94
CA ASP O 249 58.31 55.38 -61.11
C ASP O 249 57.17 55.54 -62.10
N ASN O 250 56.18 56.37 -61.76
CA ASN O 250 55.03 56.59 -62.63
C ASN O 250 54.10 57.67 -62.08
N PHE O 251 54.44 58.94 -62.30
CA PHE O 251 53.57 60.00 -61.81
C PHE O 251 52.24 59.96 -62.55
N ILE O 252 52.25 59.32 -63.71
CA ILE O 252 51.05 59.23 -64.52
C ILE O 252 50.49 57.82 -64.53
N GLU O 253 49.31 57.67 -63.95
CA GLU O 253 48.64 56.36 -63.85
C GLU O 253 47.36 56.34 -64.68
N SER O 254 47.04 55.18 -65.22
CA SER O 254 45.81 55.04 -65.99
C SER O 254 44.69 54.92 -64.97
N SER O 255 43.54 55.53 -65.27
CA SER O 255 42.40 55.48 -64.35
C SER O 255 42.12 54.05 -63.87
N PHE O 256 42.32 53.06 -64.75
CA PHE O 256 42.08 51.66 -64.40
C PHE O 256 42.82 51.27 -63.12
N TRP O 257 44.13 51.45 -63.14
CA TRP O 257 44.97 51.11 -62.01
C TRP O 257 44.79 52.00 -60.79
N ASN O 258 44.75 53.31 -61.00
CA ASN O 258 44.60 54.22 -59.88
C ASN O 258 43.21 54.14 -59.26
N PHE O 259 42.20 53.74 -60.05
CA PHE O 259 40.83 53.67 -59.54
C PHE O 259 40.07 52.34 -59.65
N ASP O 260 39.72 51.94 -60.88
CA ASP O 260 38.95 50.71 -61.12
C ASP O 260 39.53 49.45 -60.48
N ALA O 261 40.86 49.38 -60.49
CA ALA O 261 41.62 48.24 -59.96
C ALA O 261 41.42 47.99 -58.46
N LEU O 262 41.18 49.08 -57.74
CA LEU O 262 40.99 49.07 -56.30
C LEU O 262 39.51 49.10 -55.96
N PHE O 263 38.70 48.57 -56.86
CA PHE O 263 37.26 48.52 -56.68
C PHE O 263 36.66 49.89 -56.35
N GLN O 264 37.22 50.93 -56.96
CA GLN O 264 36.74 52.30 -56.81
C GLN O 264 35.78 52.50 -57.98
N PRO O 265 34.46 52.35 -57.74
CA PRO O 265 33.44 52.51 -58.79
C PRO O 265 33.66 53.75 -59.64
N GLN O 266 33.11 53.75 -60.85
CA GLN O 266 33.29 54.89 -61.75
C GLN O 266 32.45 56.14 -61.44
N GLN O 267 31.37 55.99 -60.66
CA GLN O 267 30.54 57.13 -60.32
C GLN O 267 30.91 57.62 -58.92
N HIS O 268 32.20 57.88 -58.73
CA HIS O 268 32.72 58.34 -57.45
C HIS O 268 33.11 59.80 -57.55
N PRO O 269 32.70 60.62 -56.57
CA PRO O 269 33.02 62.05 -56.57
C PRO O 269 34.53 62.23 -56.44
N ALA O 270 35.15 61.26 -55.77
CA ALA O 270 36.58 61.27 -55.55
C ALA O 270 37.35 61.16 -56.86
N ARG O 271 36.63 60.78 -57.92
CA ARG O 271 37.26 60.62 -59.23
C ARG O 271 36.83 61.72 -60.21
N ASP O 272 35.94 62.59 -59.75
CA ASP O 272 35.43 63.68 -60.59
C ASP O 272 36.51 64.72 -60.91
N GLN O 273 36.25 65.52 -61.92
CA GLN O 273 37.17 66.57 -62.39
C GLN O 273 37.74 67.42 -61.25
N HIS O 274 36.86 67.75 -60.30
CA HIS O 274 37.17 68.59 -59.14
C HIS O 274 38.33 68.15 -58.27
N ASP O 275 38.25 66.93 -57.73
CA ASP O 275 39.29 66.39 -56.85
C ASP O 275 40.57 65.94 -57.57
N THR O 276 40.40 65.12 -58.59
CA THR O 276 41.52 64.55 -59.36
C THR O 276 42.07 65.41 -60.49
N PHE O 277 43.35 65.22 -60.81
CA PHE O 277 43.96 65.92 -61.92
C PHE O 277 43.61 65.09 -63.15
N PHE O 278 44.26 65.34 -64.28
CA PHE O 278 43.98 64.57 -65.48
C PHE O 278 44.91 64.92 -66.62
N LEU O 279 45.08 64.01 -67.57
CA LEU O 279 45.95 64.29 -68.70
C LEU O 279 45.16 64.69 -69.94
N ARG O 280 45.50 65.86 -70.46
CA ARG O 280 44.86 66.40 -71.65
C ARG O 280 45.67 65.89 -72.82
N ASP O 281 46.97 65.73 -72.59
CA ASP O 281 47.89 65.26 -73.62
C ASP O 281 47.79 63.75 -73.87
N PRO O 282 48.33 62.90 -72.97
CA PRO O 282 48.19 61.47 -73.28
C PRO O 282 46.80 60.97 -72.90
N ALA O 283 45.79 61.84 -73.11
CA ALA O 283 44.39 61.56 -72.82
C ALA O 283 44.14 60.11 -72.46
N GLU O 284 44.02 59.28 -73.48
CA GLU O 284 43.79 57.87 -73.28
C GLU O 284 45.14 57.19 -73.01
N ALA O 285 45.15 56.16 -72.17
CA ALA O 285 46.39 55.46 -71.85
C ALA O 285 46.92 54.75 -73.08
N LEU O 286 46.92 53.42 -73.02
CA LEU O 286 47.38 52.59 -74.12
C LEU O 286 46.80 51.22 -73.85
N GLN O 287 47.45 50.45 -72.98
CA GLN O 287 46.93 49.14 -72.65
C GLN O 287 47.19 48.72 -71.22
N LEU O 288 46.17 48.09 -70.64
CA LEU O 288 46.20 47.56 -69.29
C LEU O 288 45.75 46.12 -69.46
N PRO O 289 46.39 45.17 -68.75
CA PRO O 289 46.04 43.75 -68.83
C PRO O 289 44.55 43.41 -69.04
N MET O 290 44.10 43.48 -70.30
CA MET O 290 42.72 43.20 -70.69
C MET O 290 42.08 42.00 -70.01
N ASP O 291 42.84 40.94 -69.77
CA ASP O 291 42.27 39.78 -69.09
C ASP O 291 41.83 40.23 -67.71
N TYR O 292 42.80 40.75 -66.93
CA TYR O 292 42.55 41.24 -65.59
C TYR O 292 41.43 42.28 -65.68
N VAL O 293 41.54 43.18 -66.64
CA VAL O 293 40.53 44.22 -66.86
C VAL O 293 39.15 43.60 -67.08
N GLN O 294 39.10 42.48 -67.78
CA GLN O 294 37.83 41.84 -68.04
C GLN O 294 37.23 41.37 -66.72
N ARG O 295 38.05 40.68 -65.92
CA ARG O 295 37.59 40.18 -64.63
C ARG O 295 37.13 41.32 -63.72
N VAL O 296 37.74 42.49 -63.87
CA VAL O 296 37.36 43.65 -63.08
C VAL O 296 35.99 44.11 -63.59
N LYS O 297 35.96 44.51 -64.86
CA LYS O 297 34.72 44.95 -65.51
C LYS O 297 33.58 44.09 -65.02
N ARG O 298 33.80 42.78 -65.08
CA ARG O 298 32.81 41.81 -64.66
C ARG O 298 32.32 42.04 -63.24
N THR O 299 33.11 41.57 -62.28
CA THR O 299 32.79 41.68 -60.87
C THR O 299 32.37 43.09 -60.48
N HIS O 300 32.85 44.07 -61.23
CA HIS O 300 32.53 45.47 -60.95
C HIS O 300 31.05 45.77 -61.18
N SER O 301 30.49 45.20 -62.24
CA SER O 301 29.10 45.44 -62.58
C SER O 301 28.15 44.30 -62.22
N GLN O 302 28.55 43.06 -62.50
CA GLN O 302 27.70 41.91 -62.22
C GLN O 302 28.00 41.24 -60.89
N GLY O 303 29.22 41.43 -60.39
CA GLY O 303 29.59 40.81 -59.13
C GLY O 303 30.36 39.52 -59.31
N GLY O 304 30.51 38.77 -58.23
CA GLY O 304 31.24 37.52 -58.30
C GLY O 304 32.21 37.43 -57.14
N TYR O 305 32.94 36.33 -57.05
CA TYR O 305 33.89 36.16 -55.96
C TYR O 305 33.17 36.31 -54.62
N GLY O 306 31.85 36.23 -54.66
CA GLY O 306 31.08 36.32 -53.44
C GLY O 306 30.34 37.64 -53.28
N SER O 307 30.70 38.62 -54.09
CA SER O 307 30.08 39.93 -53.99
C SER O 307 28.99 40.14 -55.03
N GLN O 308 28.23 41.21 -54.84
CA GLN O 308 27.15 41.53 -55.76
C GLN O 308 27.44 42.81 -56.52
N GLY O 309 28.71 43.00 -56.84
CA GLY O 309 29.15 44.17 -57.58
C GLY O 309 28.45 45.45 -57.21
N TYR O 310 28.61 46.46 -58.06
CA TYR O 310 27.98 47.75 -57.83
C TYR O 310 26.77 47.86 -58.74
N LYS O 311 26.50 46.78 -59.48
CA LYS O 311 25.36 46.71 -60.39
C LYS O 311 25.22 47.94 -61.27
N TYR O 312 26.30 48.36 -61.91
CA TYR O 312 26.25 49.50 -62.81
C TYR O 312 26.97 49.12 -64.11
N ASN O 313 26.90 49.96 -65.13
CA ASN O 313 27.58 49.61 -66.38
C ASN O 313 28.99 50.17 -66.44
N TRP O 314 29.95 49.25 -66.43
CA TRP O 314 31.36 49.60 -66.45
C TRP O 314 31.83 49.98 -67.84
N LYS O 315 32.18 51.25 -68.04
CA LYS O 315 32.66 51.75 -69.32
C LYS O 315 34.19 51.69 -69.38
N LEU O 316 34.72 50.96 -70.35
CA LEU O 316 36.15 50.82 -70.52
C LEU O 316 36.82 52.13 -70.94
N ASP O 317 36.13 52.89 -71.79
CA ASP O 317 36.67 54.18 -72.26
C ASP O 317 37.03 55.07 -71.09
N GLU O 318 36.34 54.85 -69.98
CA GLU O 318 36.58 55.62 -68.76
C GLU O 318 37.90 55.22 -68.13
N ALA O 319 38.07 53.92 -67.87
CA ALA O 319 39.29 53.41 -67.27
C ALA O 319 40.52 53.79 -68.09
N ARG O 320 40.34 53.95 -69.40
CA ARG O 320 41.45 54.31 -70.28
C ARG O 320 42.00 55.72 -69.98
N LYS O 321 41.19 56.55 -69.34
CA LYS O 321 41.58 57.93 -68.99
C LYS O 321 42.83 58.03 -68.11
N ASN O 322 43.88 58.67 -68.62
CA ASN O 322 45.13 58.86 -67.88
C ASN O 322 45.00 60.01 -66.90
N LEU O 323 45.78 59.95 -65.83
CA LEU O 323 45.73 60.98 -64.79
C LEU O 323 47.02 61.04 -63.97
N LEU O 324 47.01 61.89 -62.94
CA LEU O 324 48.15 62.01 -62.06
C LEU O 324 47.84 61.23 -60.79
N ARG O 325 48.55 60.13 -60.61
CA ARG O 325 48.38 59.24 -59.46
C ARG O 325 47.86 60.03 -58.25
N THR O 326 46.65 59.72 -57.81
CA THR O 326 46.03 60.42 -56.68
C THR O 326 46.42 59.86 -55.32
N HIS O 327 46.89 58.61 -55.29
CA HIS O 327 47.32 57.98 -54.06
C HIS O 327 48.24 56.80 -54.37
N THR O 328 49.16 56.51 -53.46
CA THR O 328 50.10 55.41 -53.66
C THR O 328 49.43 54.03 -53.67
N THR O 329 48.17 53.98 -53.26
CA THR O 329 47.45 52.71 -53.22
C THR O 329 47.43 52.04 -54.59
N SER O 330 47.45 52.85 -55.65
CA SER O 330 47.47 52.31 -57.01
C SER O 330 48.74 51.48 -57.14
N ALA O 331 49.86 52.02 -56.65
CA ALA O 331 51.15 51.33 -56.70
C ALA O 331 51.06 49.95 -56.08
N SER O 332 50.33 49.86 -54.97
CA SER O 332 50.14 48.59 -54.29
C SER O 332 49.30 47.65 -55.15
N ALA O 333 48.29 48.21 -55.81
CA ALA O 333 47.45 47.41 -56.68
C ALA O 333 48.38 46.71 -57.67
N ARG O 334 49.23 47.50 -58.31
CA ARG O 334 50.19 46.98 -59.27
C ARG O 334 50.94 45.86 -58.58
N ALA O 335 51.67 46.21 -57.54
CA ALA O 335 52.47 45.29 -56.77
C ALA O 335 51.75 43.99 -56.46
N LEU O 336 50.54 44.10 -55.95
CA LEU O 336 49.77 42.92 -55.62
C LEU O 336 49.43 42.10 -56.84
N TYR O 337 49.03 42.75 -57.92
CA TYR O 337 48.71 42.02 -59.13
C TYR O 337 49.93 41.22 -59.57
N ARG O 338 51.09 41.87 -59.62
CA ARG O 338 52.30 41.19 -60.01
C ARG O 338 52.48 39.97 -59.12
N LEU O 339 52.38 40.17 -57.81
CA LEU O 339 52.52 39.09 -56.84
C LEU O 339 51.58 37.94 -57.13
N ALA O 340 50.33 38.26 -57.49
CA ALA O 340 49.32 37.24 -57.77
C ALA O 340 49.71 36.30 -58.91
N GLN O 341 50.68 36.71 -59.73
CA GLN O 341 51.13 35.89 -60.84
C GLN O 341 52.26 34.92 -60.49
N LYS O 342 52.87 35.07 -59.31
CA LYS O 342 53.97 34.19 -58.92
C LYS O 342 53.55 32.72 -58.84
N LYS O 343 54.37 31.85 -59.44
CA LYS O 343 54.12 30.39 -59.47
C LYS O 343 53.35 30.03 -58.20
N PRO O 344 54.05 29.84 -57.06
CA PRO O 344 53.25 29.51 -55.87
C PRO O 344 53.16 30.84 -55.09
N PHE O 345 52.07 31.06 -54.35
CA PHE O 345 52.00 32.32 -53.62
C PHE O 345 53.04 32.34 -52.54
N THR O 346 53.53 33.53 -52.26
CA THR O 346 54.53 33.71 -51.22
C THR O 346 54.23 35.01 -50.48
N PRO O 347 54.01 34.92 -49.16
CA PRO O 347 53.71 36.08 -48.32
C PRO O 347 54.76 37.18 -48.46
N VAL O 348 54.32 38.43 -48.32
CA VAL O 348 55.24 39.55 -48.47
C VAL O 348 54.87 40.74 -47.59
N LYS O 349 55.73 41.76 -47.64
CA LYS O 349 55.51 43.01 -46.91
C LYS O 349 56.10 44.11 -47.78
N TYR O 350 55.24 44.93 -48.37
CA TYR O 350 55.70 45.99 -49.23
C TYR O 350 55.44 47.34 -48.59
N PHE O 351 56.17 48.35 -49.05
CA PHE O 351 56.02 49.73 -48.55
C PHE O 351 56.54 50.62 -49.65
N SER O 352 56.13 51.89 -49.61
CA SER O 352 56.56 52.84 -50.61
C SER O 352 56.21 54.24 -50.18
N ILE O 353 57.13 55.17 -50.38
CA ILE O 353 56.89 56.56 -50.03
C ILE O 353 56.99 57.41 -51.27
N ASP O 354 55.85 57.78 -51.84
CA ASP O 354 55.82 58.61 -53.03
C ASP O 354 54.78 59.74 -52.97
N ARG O 355 55.00 60.77 -53.78
CA ARG O 355 54.11 61.93 -53.83
C ARG O 355 52.97 61.63 -54.76
N VAL O 356 51.82 62.18 -54.44
CA VAL O 356 50.63 62.01 -55.27
C VAL O 356 50.08 63.39 -55.66
N PHE O 357 49.00 63.42 -56.42
CA PHE O 357 48.42 64.68 -56.84
C PHE O 357 46.91 64.78 -56.65
N ARG O 358 46.51 65.42 -55.55
CA ARG O 358 45.11 65.64 -55.21
C ARG O 358 44.81 67.03 -55.76
N ASN O 359 43.60 67.51 -55.54
CA ASN O 359 43.24 68.83 -56.01
C ASN O 359 41.91 69.29 -55.44
N GLU O 360 41.43 68.59 -54.42
CA GLU O 360 40.18 68.93 -53.78
C GLU O 360 40.31 70.34 -53.21
N THR O 361 41.23 70.52 -52.28
CA THR O 361 41.45 71.83 -51.66
C THR O 361 42.32 72.69 -52.57
N LEU O 362 42.53 73.96 -52.19
CA LEU O 362 43.34 74.87 -52.99
C LEU O 362 43.67 76.15 -52.21
N ASP O 363 42.85 76.48 -51.22
CA ASP O 363 43.02 77.69 -50.41
C ASP O 363 44.37 77.72 -49.68
N ALA O 364 44.35 77.42 -48.38
CA ALA O 364 45.55 77.43 -47.54
C ALA O 364 46.68 76.52 -48.05
N THR O 365 47.58 76.18 -47.13
CA THR O 365 48.70 75.30 -47.47
C THR O 365 48.10 73.92 -47.76
N HIS O 366 47.20 73.88 -48.73
CA HIS O 366 46.52 72.66 -49.14
C HIS O 366 47.04 72.23 -50.51
N LEU O 367 48.35 72.31 -50.66
CA LEU O 367 49.06 71.93 -51.89
C LEU O 367 48.41 70.80 -52.65
N ALA O 368 48.51 70.85 -53.97
CA ALA O 368 47.88 69.83 -54.80
C ALA O 368 48.79 68.61 -54.89
N GLU O 369 50.00 68.74 -54.37
CA GLU O 369 50.91 67.62 -54.39
C GLU O 369 51.72 67.46 -53.11
N PHE O 370 51.54 66.31 -52.46
CA PHE O 370 52.25 65.96 -51.23
C PHE O 370 52.68 64.49 -51.22
N HIS O 371 53.59 64.15 -50.32
CA HIS O 371 54.10 62.77 -50.22
C HIS O 371 53.33 61.87 -49.28
N GLN O 372 52.97 60.70 -49.79
CA GLN O 372 52.18 59.71 -49.06
C GLN O 372 52.92 58.39 -48.92
N ILE O 373 53.02 57.88 -47.68
CA ILE O 373 53.69 56.61 -47.43
C ILE O 373 52.63 55.53 -47.20
N GLU O 374 52.88 54.35 -47.75
CA GLU O 374 51.95 53.23 -47.60
C GLU O 374 52.66 51.91 -47.31
N GLY O 375 52.08 51.13 -46.40
CA GLY O 375 52.65 49.85 -46.04
C GLY O 375 51.60 48.77 -46.26
N VAL O 376 52.00 47.64 -46.81
CA VAL O 376 51.07 46.54 -47.07
C VAL O 376 51.66 45.17 -46.69
N VAL O 377 50.83 44.34 -46.08
CA VAL O 377 51.24 42.99 -45.67
C VAL O 377 50.27 41.98 -46.28
N ALA O 378 50.80 40.97 -46.94
CA ALA O 378 49.94 39.97 -47.56
C ALA O 378 50.33 38.57 -47.13
N ASP O 379 49.49 37.93 -46.34
CA ASP O 379 49.79 36.59 -45.85
C ASP O 379 48.51 35.77 -45.74
N HIS O 380 48.61 34.65 -45.05
CA HIS O 380 47.46 33.77 -44.86
C HIS O 380 46.79 34.04 -43.52
N GLY O 381 45.50 34.28 -43.55
CA GLY O 381 44.77 34.49 -42.31
C GLY O 381 45.17 35.67 -41.46
N LEU O 382 45.38 36.83 -42.08
CA LEU O 382 45.71 38.05 -41.33
C LEU O 382 44.38 38.55 -40.78
N THR O 383 44.42 39.04 -39.55
CA THR O 383 43.22 39.56 -38.92
C THR O 383 43.29 41.04 -38.69
N LEU O 384 42.15 41.62 -38.37
CA LEU O 384 42.10 43.05 -38.10
C LEU O 384 43.11 43.32 -36.99
N GLY O 385 43.23 42.36 -36.08
CA GLY O 385 44.15 42.47 -34.96
C GLY O 385 45.58 42.59 -35.42
N HIS O 386 45.92 41.86 -36.48
CA HIS O 386 47.26 41.91 -37.04
C HIS O 386 47.52 43.30 -37.55
N LEU O 387 46.55 43.82 -38.29
CA LEU O 387 46.64 45.17 -38.83
C LEU O 387 46.94 46.07 -37.64
N MET O 388 46.18 45.90 -36.56
CA MET O 388 46.39 46.69 -35.34
C MET O 388 47.78 46.47 -34.75
N GLY O 389 48.16 45.21 -34.59
CA GLY O 389 49.47 44.90 -34.04
C GLY O 389 50.60 45.53 -34.84
N VAL O 390 50.58 45.39 -36.15
CA VAL O 390 51.63 45.98 -36.98
C VAL O 390 51.63 47.48 -36.77
N LEU O 391 50.45 48.09 -36.83
CA LEU O 391 50.34 49.53 -36.64
C LEU O 391 50.97 49.97 -35.34
N ARG O 392 50.74 49.23 -34.27
CA ARG O 392 51.33 49.61 -32.99
C ARG O 392 52.85 49.57 -33.09
N GLU O 393 53.39 48.51 -33.69
CA GLU O 393 54.83 48.39 -33.80
C GLU O 393 55.39 49.53 -34.62
N PHE O 394 54.69 49.87 -35.70
CA PHE O 394 55.11 50.94 -36.59
C PHE O 394 55.14 52.29 -35.88
N PHE O 395 54.00 52.70 -35.32
CA PHE O 395 53.95 53.98 -34.63
C PHE O 395 54.80 54.06 -33.38
N THR O 396 55.38 52.94 -32.97
CA THR O 396 56.21 52.96 -31.78
C THR O 396 57.60 53.37 -32.19
N LYS O 397 58.03 52.92 -33.38
CA LYS O 397 59.34 53.28 -33.87
C LYS O 397 59.26 54.72 -34.34
N LEU O 398 58.09 55.33 -34.14
CA LEU O 398 57.86 56.71 -34.51
C LEU O 398 57.68 57.48 -33.22
N GLY O 399 57.77 56.75 -32.12
CA GLY O 399 57.62 57.35 -30.81
C GLY O 399 56.19 57.74 -30.48
N ILE O 400 55.28 56.77 -30.49
CA ILE O 400 53.88 57.05 -30.17
C ILE O 400 53.26 55.83 -29.48
N THR O 401 52.59 56.07 -28.37
CA THR O 401 51.99 54.95 -27.66
C THR O 401 50.49 55.15 -27.44
N GLN O 402 50.07 56.41 -27.41
CA GLN O 402 48.65 56.68 -27.22
C GLN O 402 47.94 56.28 -28.50
N LEU O 403 47.65 54.99 -28.67
CA LEU O 403 46.96 54.52 -29.88
C LEU O 403 45.53 54.04 -29.64
N ARG O 404 44.59 54.59 -30.40
CA ARG O 404 43.18 54.21 -30.33
C ARG O 404 42.63 54.11 -31.74
N PHE O 405 41.99 52.99 -32.06
CA PHE O 405 41.45 52.77 -33.40
C PHE O 405 39.97 53.12 -33.52
N LYS O 406 39.57 53.53 -34.72
CA LYS O 406 38.21 53.93 -34.97
C LYS O 406 37.73 53.39 -36.30
N PRO O 407 36.47 52.95 -36.37
CA PRO O 407 35.93 52.43 -37.64
C PRO O 407 35.92 53.54 -38.68
N ALA O 408 36.01 53.16 -39.96
CA ALA O 408 36.01 54.15 -41.02
C ALA O 408 35.58 53.53 -42.34
N TYR O 409 35.73 54.27 -43.42
CA TYR O 409 35.35 53.76 -44.72
C TYR O 409 36.32 54.07 -45.83
N ASN O 410 36.62 53.02 -46.59
CA ASN O 410 37.49 53.10 -47.75
C ASN O 410 36.85 52.14 -48.71
N PRO O 411 36.62 52.59 -49.95
CA PRO O 411 36.00 51.77 -50.98
C PRO O 411 36.67 50.42 -51.13
N TYR O 412 37.98 50.38 -50.88
CA TYR O 412 38.76 49.17 -51.06
C TYR O 412 39.23 48.40 -49.84
N THR O 413 38.42 48.33 -48.79
CA THR O 413 38.84 47.60 -47.58
C THR O 413 37.62 46.99 -46.88
N GLU O 414 37.67 45.68 -46.57
CA GLU O 414 36.54 45.05 -45.90
C GLU O 414 36.38 45.89 -44.64
N PRO O 415 37.18 45.64 -43.59
CA PRO O 415 36.96 46.53 -42.44
C PRO O 415 37.99 47.62 -42.71
N SER O 416 37.76 48.82 -42.20
CA SER O 416 38.71 49.90 -42.41
C SER O 416 38.77 50.63 -41.09
N MET O 417 39.94 51.12 -40.71
CA MET O 417 40.04 51.82 -39.45
C MET O 417 41.06 52.93 -39.50
N GLU O 418 40.83 53.93 -38.67
CA GLU O 418 41.71 55.07 -38.53
C GLU O 418 42.41 54.91 -37.18
N VAL O 419 43.69 55.27 -37.15
CA VAL O 419 44.47 55.13 -35.94
C VAL O 419 44.58 56.51 -35.35
N PHE O 420 44.18 56.65 -34.10
CA PHE O 420 44.26 57.93 -33.43
C PHE O 420 45.28 57.88 -32.30
N SER O 421 45.87 59.03 -32.00
CA SER O 421 46.85 59.14 -30.93
C SER O 421 46.70 60.48 -30.24
N TYR O 422 46.93 60.48 -28.94
CA TYR O 422 46.81 61.70 -28.16
C TYR O 422 48.16 62.39 -28.04
N HIS O 423 48.43 63.36 -28.92
CA HIS O 423 49.69 64.11 -28.89
C HIS O 423 49.50 65.24 -27.86
N GLN O 424 50.51 65.43 -27.02
CA GLN O 424 50.48 66.44 -25.95
C GLN O 424 49.89 67.80 -26.26
N GLY O 425 50.65 68.62 -26.97
CA GLY O 425 50.18 69.95 -27.31
C GLY O 425 48.92 69.92 -28.15
N LEU O 426 47.82 69.44 -27.56
CA LEU O 426 46.53 69.36 -28.27
C LEU O 426 45.36 69.16 -27.31
N LYS O 427 44.15 69.13 -27.88
CA LYS O 427 42.91 68.95 -27.12
C LYS O 427 42.58 67.46 -26.93
N LYS O 428 41.97 66.86 -27.95
CA LYS O 428 41.58 65.45 -27.95
C LYS O 428 42.69 64.59 -28.56
N TRP O 429 42.32 63.68 -29.46
CA TRP O 429 43.30 62.82 -30.12
C TRP O 429 43.73 63.37 -31.49
N VAL O 430 44.23 62.50 -32.37
CA VAL O 430 44.68 62.95 -33.70
C VAL O 430 44.60 61.81 -34.71
N GLU O 431 44.20 62.13 -35.94
CA GLU O 431 44.15 61.12 -36.97
C GLU O 431 45.60 60.97 -37.44
N VAL O 432 46.28 59.93 -36.96
CA VAL O 432 47.68 59.70 -37.31
C VAL O 432 47.85 58.71 -38.46
N GLY O 433 46.74 58.12 -38.90
CA GLY O 433 46.82 57.17 -40.01
C GLY O 433 45.53 56.44 -40.33
N ASN O 434 45.33 56.15 -41.62
CA ASN O 434 44.15 55.45 -42.11
C ASN O 434 44.59 54.06 -42.62
N SER O 435 43.78 53.04 -42.36
CA SER O 435 44.15 51.70 -42.80
C SER O 435 42.91 50.86 -43.06
N GLY O 436 43.13 49.66 -43.61
CA GLY O 436 42.02 48.76 -43.88
C GLY O 436 42.46 47.35 -44.20
N VAL O 437 41.62 46.62 -44.92
CA VAL O 437 41.91 45.24 -45.30
C VAL O 437 41.38 44.93 -46.70
N PHE O 438 42.01 45.48 -47.73
CA PHE O 438 41.59 45.24 -49.11
C PHE O 438 40.47 44.23 -49.31
N ARG O 439 39.38 44.66 -49.96
CA ARG O 439 38.23 43.82 -50.23
C ARG O 439 38.60 42.71 -51.20
N PRO O 440 37.94 41.56 -51.07
CA PRO O 440 38.27 40.47 -51.98
C PRO O 440 37.87 40.79 -53.41
N GLU O 441 36.88 41.66 -53.59
CA GLU O 441 36.49 42.02 -54.96
C GLU O 441 37.60 42.86 -55.60
N MET O 442 38.63 43.16 -54.84
CA MET O 442 39.76 43.90 -55.37
C MET O 442 40.86 42.91 -55.64
N LEU O 443 41.08 42.04 -54.66
CA LEU O 443 42.13 41.04 -54.70
C LEU O 443 41.86 39.83 -55.60
N LEU O 444 40.77 39.12 -55.33
CA LEU O 444 40.42 37.92 -56.09
C LEU O 444 40.53 38.05 -57.60
N PRO O 445 40.02 39.16 -58.16
CA PRO O 445 40.13 39.30 -59.62
C PRO O 445 41.57 39.45 -60.10
N MET O 446 42.47 39.80 -59.20
CA MET O 446 43.87 39.94 -59.59
C MET O 446 44.44 38.54 -59.75
N GLY O 447 43.81 37.58 -59.09
CA GLY O 447 44.28 36.22 -59.19
C GLY O 447 44.90 35.70 -57.91
N LEU O 448 44.84 36.49 -56.86
CA LEU O 448 45.38 36.04 -55.60
C LEU O 448 44.49 34.92 -55.09
N PRO O 449 45.05 34.02 -54.30
CA PRO O 449 44.29 32.90 -53.74
C PRO O 449 43.28 33.38 -52.70
N GLU O 450 42.20 32.63 -52.54
CA GLU O 450 41.17 33.00 -51.58
C GLU O 450 41.63 32.84 -50.15
N ASN O 451 42.66 32.02 -49.91
CA ASN O 451 43.15 31.83 -48.55
C ASN O 451 44.11 32.94 -48.13
N VAL O 452 44.49 33.78 -49.09
CA VAL O 452 45.38 34.91 -48.81
C VAL O 452 44.57 36.17 -48.57
N SER O 453 44.98 36.95 -47.59
CA SER O 453 44.31 38.21 -47.29
C SER O 453 45.42 39.23 -47.09
N VAL O 454 45.20 40.46 -47.53
CA VAL O 454 46.21 41.49 -47.36
C VAL O 454 45.65 42.72 -46.67
N ILE O 455 46.42 43.22 -45.72
CA ILE O 455 46.06 44.40 -44.94
C ILE O 455 47.01 45.51 -45.34
N ALA O 456 46.61 46.76 -45.13
CA ALA O 456 47.46 47.88 -45.47
C ALA O 456 47.11 49.14 -44.69
N TRP O 457 48.03 50.09 -44.64
CA TRP O 457 47.81 51.34 -43.92
C TRP O 457 48.64 52.44 -44.57
N GLY O 458 48.31 53.69 -44.28
CA GLY O 458 49.06 54.80 -44.87
C GLY O 458 48.85 56.15 -44.22
N LEU O 459 49.76 57.06 -44.52
CA LEU O 459 49.69 58.41 -43.98
C LEU O 459 50.52 59.35 -44.84
N SER O 460 50.53 60.64 -44.50
CA SER O 460 51.29 61.60 -45.28
C SER O 460 52.58 62.00 -44.60
N LEU O 461 53.64 62.12 -45.40
CA LEU O 461 54.96 62.49 -44.93
C LEU O 461 54.94 63.90 -44.31
N GLU O 462 54.02 64.72 -44.81
CA GLU O 462 53.85 66.11 -44.39
C GLU O 462 53.33 66.27 -42.95
N ARG O 463 52.11 65.79 -42.68
CA ARG O 463 51.52 65.90 -41.34
C ARG O 463 52.49 65.73 -40.19
N PRO O 464 53.21 64.58 -40.13
CA PRO O 464 54.16 64.30 -39.07
C PRO O 464 55.40 65.18 -39.08
N THR O 465 55.98 65.34 -40.27
CA THR O 465 57.18 66.15 -40.46
C THR O 465 57.01 67.47 -39.78
N MET O 466 55.81 68.03 -39.90
CA MET O 466 55.54 69.30 -39.26
C MET O 466 55.63 69.05 -37.77
N ILE O 467 54.91 68.03 -37.31
CA ILE O 467 54.86 67.70 -35.89
C ILE O 467 56.21 67.32 -35.23
N LYS O 468 57.04 66.57 -35.95
CA LYS O 468 58.32 66.13 -35.41
C LYS O 468 59.41 67.13 -35.80
N TYR O 469 59.02 68.37 -36.02
CA TYR O 469 59.96 69.40 -36.43
C TYR O 469 59.59 70.82 -36.01
N GLY O 470 58.49 70.98 -35.27
CA GLY O 470 58.06 72.29 -34.80
C GLY O 470 57.29 73.19 -35.76
N ILE O 471 57.52 73.00 -37.06
CA ILE O 471 56.88 73.76 -38.13
C ILE O 471 55.35 73.70 -38.16
N ASN O 472 54.75 74.51 -39.02
CA ASN O 472 53.32 74.54 -39.20
C ASN O 472 52.94 74.81 -40.66
N ASN O 473 53.32 75.96 -41.21
CA ASN O 473 53.00 76.22 -42.61
C ASN O 473 53.97 75.27 -43.27
N ILE O 474 53.53 74.13 -43.78
CA ILE O 474 54.50 73.24 -44.39
C ILE O 474 54.82 73.76 -45.76
N ARG O 475 54.04 74.73 -46.21
CA ARG O 475 54.27 75.33 -47.51
C ARG O 475 55.50 76.20 -47.40
N GLU O 476 56.07 76.26 -46.19
CA GLU O 476 57.25 77.07 -45.91
C GLU O 476 58.57 76.34 -46.20
N LEU O 477 58.47 75.16 -46.83
CA LEU O 477 59.65 74.37 -47.21
C LEU O 477 59.36 73.30 -48.25
N VAL O 478 58.11 73.19 -48.67
CA VAL O 478 57.77 72.21 -49.66
C VAL O 478 57.49 72.93 -50.95
N GLY O 479 58.54 73.42 -51.60
CA GLY O 479 58.37 74.12 -52.86
C GLY O 479 59.39 75.21 -53.04
N HIS O 480 59.38 75.84 -54.21
CA HIS O 480 60.34 76.91 -54.48
C HIS O 480 60.25 78.08 -53.52
N LYS O 481 59.15 78.17 -52.76
CA LYS O 481 58.97 79.24 -51.79
C LYS O 481 59.60 78.88 -50.46
N VAL O 482 60.25 77.72 -50.40
CA VAL O 482 60.88 77.27 -49.18
C VAL O 482 61.91 78.28 -48.63
N ASN O 483 61.89 78.48 -47.31
CA ASN O 483 62.83 79.37 -46.65
C ASN O 483 64.15 78.63 -46.40
N LEU O 484 65.05 78.65 -47.38
CA LEU O 484 66.31 77.94 -47.26
C LEU O 484 67.01 78.06 -45.91
N GLN O 485 66.91 79.21 -45.26
CA GLN O 485 67.55 79.40 -43.96
C GLN O 485 67.05 78.37 -42.95
N MET O 486 65.78 78.02 -43.07
CA MET O 486 65.18 77.05 -42.17
C MET O 486 65.80 75.67 -42.42
N VAL O 487 66.17 75.40 -43.67
CA VAL O 487 66.79 74.14 -44.06
C VAL O 487 68.19 74.04 -43.48
N TYR O 488 68.97 75.09 -43.67
CA TYR O 488 70.33 75.14 -43.16
C TYR O 488 70.35 74.77 -41.68
N ASP O 489 69.35 75.25 -40.96
CA ASP O 489 69.24 75.04 -39.51
C ASP O 489 68.54 73.77 -39.06
N SER O 490 67.80 73.11 -39.94
CA SER O 490 67.08 71.88 -39.57
C SER O 490 68.04 70.83 -39.03
N PRO O 491 67.75 70.29 -37.84
CA PRO O 491 68.56 69.26 -37.18
C PRO O 491 68.38 67.86 -37.77
N LEU O 492 68.49 66.84 -36.91
CA LEU O 492 68.29 65.46 -37.34
C LEU O 492 67.23 64.93 -36.38
N CYS O 493 66.42 63.99 -36.87
CA CYS O 493 65.34 63.46 -36.04
C CYS O 493 65.51 62.07 -35.41
N ARG O 494 65.44 62.07 -34.08
CA ARG O 494 65.53 60.87 -33.27
C ARG O 494 64.17 60.66 -32.60
N LEU O 495 63.10 60.88 -33.35
CA LEU O 495 61.76 60.70 -32.80
C LEU O 495 61.70 59.30 -32.23
N ASP O 496 62.48 58.42 -32.83
CA ASP O 496 62.58 57.02 -32.44
C ASP O 496 62.78 56.94 -30.93
N MET P 1 32.46 63.16 -47.00
CA MET P 1 32.11 63.11 -45.54
C MET P 1 30.76 63.76 -45.25
N PRO P 2 29.66 63.00 -45.41
CA PRO P 2 28.31 63.53 -45.15
C PRO P 2 28.12 63.99 -43.70
N THR P 3 27.70 65.23 -43.53
CA THR P 3 27.46 65.79 -42.19
C THR P 3 25.96 65.94 -41.98
N VAL P 4 25.51 65.71 -40.76
CA VAL P 4 24.09 65.80 -40.44
C VAL P 4 23.84 66.65 -39.19
N SER P 5 23.18 67.79 -39.37
CA SER P 5 22.88 68.68 -38.24
C SER P 5 21.56 68.24 -37.59
N VAL P 6 21.54 68.24 -36.27
CA VAL P 6 20.33 67.85 -35.54
C VAL P 6 20.14 68.67 -34.28
N LYS P 7 18.89 69.07 -34.02
CA LYS P 7 18.58 69.84 -32.83
C LYS P 7 18.90 68.94 -31.63
N ARG P 8 19.92 69.31 -30.87
CA ARG P 8 20.35 68.53 -29.72
C ARG P 8 19.21 68.04 -28.83
N ASP P 9 18.58 68.97 -28.13
CA ASP P 9 17.49 68.67 -27.22
C ASP P 9 16.52 67.67 -27.86
N LEU P 10 16.34 67.80 -29.17
CA LEU P 10 15.45 66.93 -29.93
C LEU P 10 16.07 65.54 -30.05
N LEU P 11 17.34 65.52 -30.46
CA LEU P 11 18.08 64.29 -30.63
C LEU P 11 17.99 63.49 -29.33
N PHE P 12 18.37 64.12 -28.21
CA PHE P 12 18.32 63.48 -26.89
C PHE P 12 16.91 62.97 -26.58
N GLN P 13 15.92 63.81 -26.81
CA GLN P 13 14.52 63.45 -26.56
C GLN P 13 14.16 62.26 -27.43
N ALA P 14 14.60 62.30 -28.68
CA ALA P 14 14.34 61.23 -29.63
C ALA P 14 14.86 59.90 -29.09
N LEU P 15 16.06 59.92 -28.55
CA LEU P 15 16.69 58.71 -28.00
C LEU P 15 16.00 58.24 -26.72
N GLY P 16 15.84 59.15 -25.77
CA GLY P 16 15.21 58.80 -24.52
C GLY P 16 16.21 58.93 -23.38
N ARG P 17 17.15 59.84 -23.56
CA ARG P 17 18.20 60.11 -22.59
C ARG P 17 18.84 61.48 -22.80
N THR P 18 19.70 61.86 -21.85
CA THR P 18 20.42 63.13 -21.91
C THR P 18 21.90 62.77 -21.90
N TYR P 19 22.66 63.34 -22.84
CA TYR P 19 24.08 63.05 -22.94
C TYR P 19 25.03 64.22 -22.72
N THR P 20 26.16 63.91 -22.08
CA THR P 20 27.21 64.90 -21.83
C THR P 20 27.78 65.18 -23.21
N ASP P 21 28.46 66.30 -23.39
CA ASP P 21 29.06 66.58 -24.69
C ASP P 21 30.21 65.59 -24.91
N GLU P 22 30.49 64.80 -23.88
CA GLU P 22 31.53 63.77 -23.94
C GLU P 22 30.82 62.45 -24.14
N GLU P 23 29.83 62.18 -23.30
CA GLU P 23 29.06 60.94 -23.38
C GLU P 23 28.61 60.65 -24.82
N PHE P 24 28.19 61.68 -25.55
CA PHE P 24 27.73 61.52 -26.92
C PHE P 24 28.91 61.47 -27.88
N ASP P 25 29.90 62.34 -27.66
CA ASP P 25 31.07 62.34 -28.52
C ASP P 25 31.64 60.92 -28.47
N GLU P 26 31.44 60.26 -27.33
CA GLU P 26 31.90 58.89 -27.12
C GLU P 26 31.05 57.92 -27.93
N LEU P 27 29.74 57.98 -27.70
CA LEU P 27 28.78 57.14 -28.41
C LEU P 27 29.05 57.21 -29.92
N CYS P 28 29.38 58.41 -30.40
CA CYS P 28 29.68 58.63 -31.83
C CYS P 28 30.87 57.75 -32.25
N PHE P 29 31.98 57.95 -31.55
CA PHE P 29 33.22 57.22 -31.77
C PHE P 29 32.92 55.73 -31.80
N GLU P 30 32.22 55.27 -30.76
CA GLU P 30 31.83 53.89 -30.57
C GLU P 30 31.07 53.30 -31.76
N PHE P 31 30.46 54.16 -32.57
CA PHE P 31 29.65 53.71 -33.70
C PHE P 31 30.20 54.15 -35.05
N GLY P 32 31.45 54.58 -35.10
CA GLY P 32 32.05 55.01 -36.36
C GLY P 32 31.67 56.40 -36.82
N LEU P 33 30.97 57.14 -35.96
CA LEU P 33 30.56 58.49 -36.26
C LEU P 33 31.53 59.46 -35.63
N GLU P 34 31.31 60.75 -35.85
CA GLU P 34 32.19 61.76 -35.29
C GLU P 34 31.38 63.02 -35.04
N LEU P 35 31.47 63.56 -33.83
CA LEU P 35 30.75 64.77 -33.47
C LEU P 35 31.63 65.96 -33.88
N ASP P 36 31.63 66.24 -35.18
CA ASP P 36 32.44 67.31 -35.77
C ASP P 36 32.47 68.64 -35.02
N GLU P 37 31.30 69.21 -34.73
CA GLU P 37 31.25 70.48 -34.00
C GLU P 37 29.88 70.74 -33.37
N ILE P 38 29.85 71.68 -32.43
CA ILE P 38 28.61 72.04 -31.74
C ILE P 38 28.51 73.56 -31.82
N THR P 39 27.74 74.05 -32.78
CA THR P 39 27.58 75.48 -32.95
C THR P 39 26.09 75.80 -33.13
N SER P 40 25.71 76.99 -32.71
CA SER P 40 24.33 77.41 -32.83
C SER P 40 24.12 77.82 -34.29
N GLU P 41 22.87 77.78 -34.77
CA GLU P 41 22.56 78.15 -36.15
C GLU P 41 22.89 79.64 -36.31
N LYS P 42 23.33 80.25 -35.21
CA LYS P 42 23.69 81.66 -35.19
C LYS P 42 25.08 81.84 -35.81
N GLU P 43 26.07 81.17 -35.21
CA GLU P 43 27.45 81.24 -35.66
C GLU P 43 27.58 80.89 -37.13
N ILE P 44 26.76 79.95 -37.59
CA ILE P 44 26.78 79.49 -38.98
C ILE P 44 27.08 80.58 -40.00
N ILE P 45 26.08 81.40 -40.32
CA ILE P 45 26.25 82.46 -41.29
C ILE P 45 27.17 83.57 -40.77
N SER P 46 27.73 83.36 -39.58
CA SER P 46 28.61 84.34 -38.95
C SER P 46 30.10 84.04 -39.17
N LYS P 47 30.42 83.00 -39.93
CA LYS P 47 31.81 82.64 -40.20
C LYS P 47 32.24 83.13 -41.58
N GLU P 48 31.26 83.52 -42.39
CA GLU P 48 31.53 84.02 -43.74
C GLU P 48 30.77 85.30 -44.08
N GLN P 49 29.45 85.25 -43.96
CA GLN P 49 28.60 86.40 -44.28
C GLN P 49 28.82 87.59 -43.33
N GLY P 50 30.05 88.07 -43.22
CA GLY P 50 30.37 89.19 -42.35
C GLY P 50 29.82 89.01 -40.93
N ASN P 51 28.53 89.29 -40.78
CA ASN P 51 27.84 89.15 -39.50
C ASN P 51 26.45 89.82 -39.53
N VAL P 52 25.58 89.35 -40.41
CA VAL P 52 24.21 89.90 -40.53
C VAL P 52 23.25 89.11 -39.64
N LYS P 53 23.61 88.99 -38.36
CA LYS P 53 22.80 88.26 -37.40
C LYS P 53 21.37 88.75 -37.28
N ALA P 54 20.46 87.81 -37.09
CA ALA P 54 19.04 88.09 -36.95
C ALA P 54 18.46 87.25 -35.81
N ALA P 55 17.64 86.27 -36.14
CA ALA P 55 17.03 85.42 -35.12
C ALA P 55 16.41 84.13 -35.67
N GLY P 56 15.92 83.29 -34.76
CA GLY P 56 15.29 82.03 -35.14
C GLY P 56 15.75 80.90 -34.23
N ALA P 57 15.79 79.68 -34.75
CA ALA P 57 16.23 78.52 -33.98
C ALA P 57 17.77 78.56 -33.94
N SER P 58 18.31 79.75 -34.21
CA SER P 58 19.75 79.98 -34.23
C SER P 58 20.40 79.67 -32.89
N ASP P 59 20.12 80.53 -31.91
CA ASP P 59 20.67 80.39 -30.57
C ASP P 59 20.06 79.23 -29.79
N VAL P 60 20.07 78.07 -30.43
CA VAL P 60 19.59 76.80 -29.88
C VAL P 60 20.52 75.80 -30.53
N VAL P 61 21.62 75.49 -29.85
CA VAL P 61 22.61 74.59 -30.38
C VAL P 61 22.10 73.26 -30.88
N LEU P 62 22.86 72.75 -31.83
CA LEU P 62 22.62 71.51 -32.54
C LEU P 62 23.97 70.84 -32.77
N TYR P 63 23.96 69.51 -32.88
CA TYR P 63 25.18 68.76 -33.13
C TYR P 63 25.42 68.60 -34.61
N LYS P 64 26.66 68.78 -35.02
CA LYS P 64 27.06 68.64 -36.41
C LYS P 64 27.72 67.26 -36.47
N ILE P 65 26.94 66.24 -36.78
CA ILE P 65 27.44 64.86 -36.84
C ILE P 65 27.95 64.42 -38.20
N ASP P 66 29.11 63.77 -38.21
CA ASP P 66 29.70 63.27 -39.44
C ASP P 66 29.34 61.79 -39.58
N VAL P 67 28.95 61.40 -40.78
CA VAL P 67 28.55 60.03 -41.03
C VAL P 67 29.25 59.47 -42.27
N PRO P 68 29.56 58.15 -42.27
CA PRO P 68 30.22 57.46 -43.38
C PRO P 68 29.44 57.49 -44.69
N ALA P 69 30.08 57.93 -45.78
CA ALA P 69 29.43 58.02 -47.08
C ALA P 69 28.98 56.64 -47.56
N ASN P 70 29.07 55.66 -46.66
CA ASN P 70 28.71 54.27 -46.92
C ASN P 70 27.27 54.02 -46.48
N ARG P 71 27.01 54.29 -45.20
CA ARG P 71 25.70 54.10 -44.59
C ARG P 71 24.73 55.21 -45.01
N TYR P 72 23.68 54.86 -45.76
CA TYR P 72 22.70 55.85 -46.22
C TYR P 72 21.58 56.03 -45.22
N ASP P 73 21.34 55.00 -44.43
CA ASP P 73 20.29 55.03 -43.42
C ASP P 73 20.69 55.93 -42.25
N LEU P 74 21.67 56.79 -42.46
CA LEU P 74 22.13 57.68 -41.40
C LEU P 74 22.29 59.12 -41.90
N LEU P 75 21.39 59.54 -42.78
CA LEU P 75 21.47 60.90 -43.31
C LEU P 75 20.43 61.86 -42.74
N CYS P 76 19.69 61.39 -41.74
CA CYS P 76 18.66 62.20 -41.10
C CYS P 76 18.62 61.80 -39.62
N LEU P 77 17.97 62.63 -38.81
CA LEU P 77 17.88 62.30 -37.40
C LEU P 77 17.10 61.00 -37.18
N GLU P 78 16.02 60.82 -37.91
CA GLU P 78 15.23 59.61 -37.77
C GLU P 78 16.12 58.38 -37.91
N GLY P 79 17.07 58.45 -38.84
CA GLY P 79 17.98 57.34 -39.07
C GLY P 79 19.05 57.13 -38.01
N LEU P 80 19.76 58.20 -37.66
CA LEU P 80 20.80 58.13 -36.64
C LEU P 80 20.23 57.63 -35.33
N VAL P 81 19.05 58.12 -34.99
CA VAL P 81 18.40 57.71 -33.76
C VAL P 81 18.03 56.25 -33.82
N ARG P 82 17.53 55.82 -34.97
CA ARG P 82 17.14 54.43 -35.13
C ARG P 82 18.37 53.53 -35.06
N GLY P 83 19.41 53.91 -35.79
CA GLY P 83 20.62 53.14 -35.78
C GLY P 83 21.24 53.00 -34.40
N LEU P 84 21.56 54.14 -33.78
CA LEU P 84 22.18 54.13 -32.46
C LEU P 84 21.31 53.41 -31.47
N GLN P 85 20.01 53.57 -31.60
CA GLN P 85 19.06 52.95 -30.69
C GLN P 85 19.21 51.43 -30.69
N VAL P 86 19.29 50.82 -31.87
CA VAL P 86 19.43 49.37 -31.95
C VAL P 86 20.83 48.94 -31.57
N PHE P 87 21.80 49.77 -31.91
CA PHE P 87 23.21 49.49 -31.63
C PHE P 87 23.45 49.30 -30.14
N LYS P 88 22.68 49.99 -29.31
CA LYS P 88 22.80 49.89 -27.85
C LYS P 88 21.64 49.07 -27.31
N GLU P 89 21.07 48.23 -28.18
CA GLU P 89 19.94 47.37 -27.83
C GLU P 89 18.92 48.01 -26.90
N ARG P 90 18.69 49.30 -27.11
CA ARG P 90 17.71 50.05 -26.32
C ARG P 90 16.36 49.95 -27.00
N ILE P 91 16.34 49.31 -28.17
CA ILE P 91 15.11 49.15 -28.94
C ILE P 91 15.26 47.99 -29.91
N LYS P 92 14.15 47.34 -30.25
CA LYS P 92 14.22 46.25 -31.20
C LYS P 92 14.19 46.92 -32.59
N ALA P 93 14.92 46.38 -33.55
CA ALA P 93 14.94 46.96 -34.89
C ALA P 93 13.60 46.75 -35.58
N PRO P 94 13.02 47.83 -36.12
CA PRO P 94 11.72 47.81 -36.80
C PRO P 94 11.74 47.10 -38.15
N VAL P 95 10.60 46.54 -38.53
CA VAL P 95 10.49 45.83 -39.80
C VAL P 95 9.70 46.67 -40.79
N TYR P 96 10.19 46.73 -42.03
CA TYR P 96 9.53 47.51 -43.06
C TYR P 96 8.78 46.62 -44.04
N LYS P 97 7.45 46.71 -44.02
CA LYS P 97 6.60 45.92 -44.90
C LYS P 97 5.86 46.87 -45.83
N ARG P 98 5.71 46.49 -47.09
CA ARG P 98 4.97 47.33 -48.01
C ARG P 98 3.61 46.65 -48.17
N VAL P 99 2.56 47.45 -48.04
CA VAL P 99 1.19 46.94 -48.12
C VAL P 99 0.39 47.40 -49.33
N MET P 100 -0.69 46.69 -49.61
CA MET P 100 -1.58 47.02 -50.71
C MET P 100 -2.62 48.00 -50.17
N PRO P 101 -2.96 49.02 -50.96
CA PRO P 101 -3.96 50.01 -50.53
C PRO P 101 -5.39 49.54 -50.83
N ASP P 102 -6.36 50.40 -50.52
CA ASP P 102 -7.76 50.08 -50.75
C ASP P 102 -8.19 50.57 -52.14
N GLY P 103 -7.87 49.76 -53.15
CA GLY P 103 -8.23 50.12 -54.52
C GLY P 103 -7.34 51.16 -55.16
N LYS P 104 -7.05 52.24 -54.44
CA LYS P 104 -6.20 53.32 -54.95
C LYS P 104 -4.77 52.85 -55.26
N ILE P 105 -4.65 51.81 -56.09
CA ILE P 105 -3.35 51.26 -56.46
C ILE P 105 -2.61 52.25 -57.37
N GLN P 106 -2.28 53.42 -56.84
CA GLN P 106 -1.56 54.45 -57.58
C GLN P 106 -0.63 53.81 -58.60
N LYS P 107 -0.55 54.37 -59.79
CA LYS P 107 0.34 53.81 -60.79
C LYS P 107 0.98 54.91 -61.63
N LEU P 108 2.23 54.67 -61.99
CA LEU P 108 3.02 55.61 -62.78
C LEU P 108 3.48 54.85 -64.01
N ILE P 109 3.18 55.40 -65.19
CA ILE P 109 3.54 54.75 -66.45
C ILE P 109 4.71 55.41 -67.17
N ILE P 110 5.67 54.58 -67.56
CA ILE P 110 6.85 55.04 -68.27
C ILE P 110 6.58 54.84 -69.75
N THR P 111 7.04 55.78 -70.57
CA THR P 111 6.83 55.69 -72.01
C THR P 111 8.14 55.46 -72.76
N GLU P 112 8.07 55.43 -74.09
CA GLU P 112 9.23 55.23 -74.96
C GLU P 112 10.13 56.46 -75.00
N GLU P 113 9.53 57.64 -75.08
CA GLU P 113 10.27 58.89 -75.14
C GLU P 113 11.19 59.02 -73.94
N THR P 114 11.03 58.10 -72.99
CA THR P 114 11.81 58.06 -71.76
C THR P 114 13.22 57.52 -71.98
N ALA P 115 13.31 56.21 -72.21
CA ALA P 115 14.58 55.54 -72.42
C ALA P 115 15.51 56.20 -73.44
N LYS P 116 16.27 57.19 -72.98
CA LYS P 116 17.23 57.94 -73.79
C LYS P 116 17.58 59.29 -73.16
N ILE P 117 16.96 59.60 -72.02
CA ILE P 117 17.21 60.83 -71.29
C ILE P 117 17.29 60.50 -69.79
N ARG P 118 16.38 59.62 -69.35
CA ARG P 118 16.27 59.14 -67.97
C ARG P 118 15.54 57.80 -68.08
N PRO P 119 16.18 56.80 -68.72
CA PRO P 119 15.69 55.45 -68.97
C PRO P 119 14.58 54.94 -68.06
N PHE P 120 14.85 54.86 -66.77
CA PHE P 120 13.88 54.35 -65.83
C PHE P 120 13.60 55.25 -64.62
N ALA P 121 12.50 54.94 -63.95
CA ALA P 121 12.08 55.66 -62.79
C ALA P 121 11.24 54.71 -61.97
N VAL P 122 11.05 55.04 -60.70
CA VAL P 122 10.27 54.22 -59.80
C VAL P 122 9.61 55.09 -58.75
N ALA P 123 8.50 54.63 -58.19
CA ALA P 123 7.81 55.41 -57.18
C ALA P 123 7.05 54.55 -56.17
N ALA P 124 6.38 55.23 -55.24
CA ALA P 124 5.60 54.60 -54.18
C ALA P 124 5.03 55.68 -53.27
N VAL P 125 4.05 55.32 -52.46
CA VAL P 125 3.43 56.29 -51.56
C VAL P 125 3.39 55.80 -50.12
N LEU P 126 3.33 56.74 -49.19
CA LEU P 126 3.25 56.41 -47.77
C LEU P 126 2.07 57.19 -47.19
N ARG P 127 1.08 56.42 -46.74
CA ARG P 127 -0.18 56.93 -46.20
C ARG P 127 -0.21 57.58 -44.82
N ASN P 128 -0.89 58.73 -44.78
CA ASN P 128 -1.10 59.51 -43.57
C ASN P 128 0.12 59.77 -42.72
N ILE P 129 1.00 60.67 -43.17
CA ILE P 129 2.18 60.98 -42.37
C ILE P 129 1.85 62.11 -41.42
N LYS P 130 2.18 61.92 -40.14
CA LYS P 130 1.96 62.95 -39.13
C LYS P 130 3.21 63.83 -39.13
N PHE P 131 3.27 64.83 -40.02
CA PHE P 131 4.44 65.70 -40.09
C PHE P 131 4.61 66.66 -38.91
N THR P 132 5.70 67.43 -38.95
CA THR P 132 5.99 68.37 -37.88
C THR P 132 6.95 69.43 -38.39
N LYS P 133 7.01 70.56 -37.68
CA LYS P 133 7.92 71.64 -38.06
C LYS P 133 9.25 70.98 -38.42
N ASP P 134 9.77 70.21 -37.45
CA ASP P 134 11.05 69.53 -37.60
C ASP P 134 10.96 68.34 -38.55
N ARG P 135 10.08 67.40 -38.24
CA ARG P 135 9.93 66.22 -39.09
C ARG P 135 9.90 66.61 -40.55
N TYR P 136 9.26 67.73 -40.86
CA TYR P 136 9.19 68.21 -42.23
C TYR P 136 10.59 68.54 -42.72
N ASP P 137 11.21 69.53 -42.08
CA ASP P 137 12.55 69.95 -42.45
C ASP P 137 13.50 68.75 -42.57
N SER P 138 13.36 67.79 -41.67
CA SER P 138 14.20 66.61 -41.71
C SER P 138 13.92 65.86 -43.00
N PHE P 139 12.64 65.71 -43.32
CA PHE P 139 12.23 65.02 -44.54
C PHE P 139 12.77 65.73 -45.79
N ILE P 140 12.81 67.06 -45.75
CA ILE P 140 13.31 67.80 -46.89
C ILE P 140 14.84 67.71 -46.92
N GLU P 141 15.44 67.81 -45.74
CA GLU P 141 16.89 67.74 -45.62
C GLU P 141 17.42 66.45 -46.22
N LEU P 142 16.93 65.33 -45.72
CA LEU P 142 17.34 64.01 -46.20
C LEU P 142 17.30 63.98 -47.72
N GLN P 143 16.24 64.55 -48.27
CA GLN P 143 16.04 64.60 -49.70
C GLN P 143 17.22 65.28 -50.36
N GLU P 144 17.59 66.44 -49.83
CA GLU P 144 18.74 67.18 -50.36
C GLU P 144 20.01 66.40 -50.07
N LYS P 145 20.13 65.91 -48.85
CA LYS P 145 21.31 65.16 -48.44
C LYS P 145 21.68 64.06 -49.42
N LEU P 146 20.77 63.12 -49.67
CA LEU P 146 21.09 62.03 -50.60
C LEU P 146 20.95 62.39 -52.08
N HIS P 147 20.68 63.67 -52.34
CA HIS P 147 20.56 64.12 -53.72
C HIS P 147 21.97 64.40 -54.22
N GLN P 148 22.47 65.57 -53.83
CA GLN P 148 23.81 66.00 -54.21
C GLN P 148 24.87 65.20 -53.46
N ASN P 149 24.66 63.89 -53.37
CA ASN P 149 25.59 63.03 -52.69
C ASN P 149 25.59 61.66 -53.33
N ILE P 150 24.70 60.78 -52.87
CA ILE P 150 24.61 59.43 -53.41
C ILE P 150 24.04 59.39 -54.83
N CYS P 151 23.37 60.47 -55.24
CA CYS P 151 22.79 60.55 -56.57
C CYS P 151 23.72 61.34 -57.49
N ARG P 152 24.80 61.87 -56.92
CA ARG P 152 25.76 62.68 -57.66
C ARG P 152 25.02 63.87 -58.24
N LYS P 153 24.57 64.75 -57.35
CA LYS P 153 23.81 65.94 -57.75
C LYS P 153 22.70 65.63 -58.75
N ARG P 154 21.86 64.67 -58.40
CA ARG P 154 20.72 64.26 -59.22
C ARG P 154 21.08 63.64 -60.56
N ALA P 155 22.35 63.74 -60.94
CA ALA P 155 22.81 63.20 -62.21
C ALA P 155 22.23 61.81 -62.52
N LEU P 156 22.41 60.87 -61.60
CA LEU P 156 21.90 59.52 -61.81
C LEU P 156 20.47 59.36 -61.34
N VAL P 157 20.21 59.75 -60.10
CA VAL P 157 18.87 59.64 -59.52
C VAL P 157 18.33 60.98 -59.06
N ALA P 158 17.03 61.19 -59.27
CA ALA P 158 16.34 62.41 -58.88
C ALA P 158 15.05 62.00 -58.17
N ILE P 159 14.84 62.53 -56.97
CA ILE P 159 13.65 62.20 -56.19
C ILE P 159 12.65 63.35 -56.09
N GLY P 160 11.38 63.01 -56.23
CA GLY P 160 10.32 63.99 -56.15
C GLY P 160 9.23 63.52 -55.20
N THR P 161 8.90 64.34 -54.21
CA THR P 161 7.85 64.01 -53.26
C THR P 161 6.65 64.89 -53.53
N HIS P 162 5.48 64.27 -53.66
CA HIS P 162 4.28 65.03 -53.96
C HIS P 162 3.15 64.83 -52.97
N ASP P 163 2.30 65.85 -52.87
CA ASP P 163 1.15 65.82 -51.97
C ASP P 163 0.00 65.20 -52.76
N LEU P 164 -0.10 63.88 -52.68
CA LEU P 164 -1.13 63.09 -53.40
C LEU P 164 -2.57 63.59 -53.32
N ASP P 165 -2.87 64.44 -52.33
CA ASP P 165 -4.22 64.97 -52.19
C ASP P 165 -4.49 66.10 -53.18
N THR P 166 -3.44 66.54 -53.87
CA THR P 166 -3.56 67.64 -54.84
C THR P 166 -3.34 67.21 -56.30
N LEU P 167 -3.92 66.07 -56.66
CA LEU P 167 -3.83 65.51 -58.01
C LEU P 167 -4.32 64.06 -57.92
N SER P 168 -4.71 63.48 -59.05
CA SER P 168 -5.20 62.11 -59.01
C SER P 168 -5.15 61.40 -60.36
N GLY P 169 -5.58 60.14 -60.36
CA GLY P 169 -5.58 59.34 -61.58
C GLY P 169 -4.18 58.97 -62.01
N PRO P 170 -4.00 57.81 -62.67
CA PRO P 170 -2.69 57.32 -63.15
C PRO P 170 -1.73 58.41 -63.66
N PHE P 171 -0.48 58.34 -63.20
CA PHE P 171 0.54 59.31 -63.60
C PHE P 171 1.36 58.80 -64.78
N THR P 172 1.93 59.73 -65.54
CA THR P 172 2.74 59.35 -66.70
C THR P 172 4.12 59.97 -66.70
N TYR P 173 5.10 59.14 -67.03
CA TYR P 173 6.48 59.60 -67.11
C TYR P 173 6.89 59.55 -68.57
N THR P 174 7.28 60.70 -69.11
CA THR P 174 7.69 60.77 -70.51
C THR P 174 8.53 62.02 -70.82
N ALA P 175 8.82 62.22 -72.10
CA ALA P 175 9.61 63.36 -72.54
C ALA P 175 9.09 64.01 -73.82
N LYS P 176 8.91 65.33 -73.77
CA LYS P 176 8.42 66.10 -74.92
C LYS P 176 9.43 67.22 -75.23
N ARG P 177 9.26 67.91 -76.35
CA ARG P 177 10.16 69.00 -76.72
C ARG P 177 10.17 70.06 -75.60
N PRO P 178 11.32 70.72 -75.38
CA PRO P 178 11.38 71.74 -74.31
C PRO P 178 10.24 72.74 -74.41
N SER P 179 10.18 73.47 -75.54
CA SER P 179 9.12 74.44 -75.75
C SER P 179 7.83 73.69 -76.11
N ASP P 180 7.33 72.90 -75.16
CA ASP P 180 6.10 72.13 -75.38
C ASP P 180 5.46 71.71 -74.05
N ILE P 181 5.74 72.49 -73.00
CA ILE P 181 5.16 72.23 -71.68
C ILE P 181 5.09 73.47 -70.77
N LYS P 182 3.85 73.91 -70.49
CA LYS P 182 3.62 75.05 -69.60
C LYS P 182 3.77 74.47 -68.20
N PHE P 183 4.12 75.30 -67.23
CA PHE P 183 4.36 74.79 -65.90
C PHE P 183 4.33 75.87 -64.82
N LYS P 184 3.96 75.49 -63.60
CA LYS P 184 3.92 76.42 -62.48
C LYS P 184 4.89 75.85 -61.43
N PRO P 185 6.21 76.05 -61.65
CA PRO P 185 7.31 75.59 -60.78
C PRO P 185 7.33 76.09 -59.33
N LEU P 186 7.91 75.27 -58.45
CA LEU P 186 8.01 75.57 -57.01
C LEU P 186 7.94 77.05 -56.62
N ASN P 187 9.10 77.71 -56.63
CA ASN P 187 9.14 79.12 -56.26
C ASN P 187 9.19 80.08 -57.45
N LYS P 188 8.16 80.02 -58.29
CA LYS P 188 8.07 80.89 -59.45
C LYS P 188 6.70 81.56 -59.54
N THR P 189 6.72 82.88 -59.71
CA THR P 189 5.52 83.70 -59.80
C THR P 189 4.45 83.21 -60.80
N LYS P 190 4.77 83.27 -62.09
CA LYS P 190 3.84 82.86 -63.15
C LYS P 190 3.82 81.37 -63.48
N GLU P 191 3.76 81.10 -64.78
CA GLU P 191 3.72 79.74 -65.34
C GLU P 191 4.53 79.78 -66.63
N TYR P 192 5.68 79.11 -66.64
CA TYR P 192 6.56 79.12 -67.80
C TYR P 192 6.64 77.81 -68.61
N THR P 193 7.51 77.82 -69.63
CA THR P 193 7.73 76.66 -70.49
C THR P 193 9.05 76.03 -70.12
N ALA P 194 9.24 74.78 -70.53
CA ALA P 194 10.50 74.10 -70.25
C ALA P 194 11.60 74.87 -70.97
N CYS P 195 11.41 75.05 -72.27
CA CYS P 195 12.37 75.78 -73.10
C CYS P 195 12.60 77.17 -72.52
N GLU P 196 11.68 77.62 -71.66
CA GLU P 196 11.79 78.94 -71.05
C GLU P 196 12.48 78.96 -69.68
N LEU P 197 12.19 77.96 -68.85
CA LEU P 197 12.81 77.87 -67.52
C LEU P 197 14.32 77.68 -67.61
N MET P 198 14.73 76.72 -68.46
CA MET P 198 16.14 76.39 -68.65
C MET P 198 17.11 77.59 -68.58
N ASN P 199 16.80 78.63 -69.33
CA ASN P 199 17.65 79.83 -69.37
C ASN P 199 17.35 80.84 -68.25
N ILE P 200 16.12 80.81 -67.72
CA ILE P 200 15.77 81.73 -66.66
C ILE P 200 16.40 81.21 -65.36
N TYR P 201 16.92 79.98 -65.44
CA TYR P 201 17.56 79.33 -64.30
C TYR P 201 19.08 79.42 -64.35
N LYS P 202 19.64 79.68 -65.54
CA LYS P 202 21.09 79.81 -65.69
C LYS P 202 21.60 80.88 -64.73
N THR P 203 20.67 81.57 -64.08
CA THR P 203 20.99 82.63 -63.14
C THR P 203 20.66 82.24 -61.69
N ASP P 204 19.98 81.11 -61.53
CA ASP P 204 19.57 80.60 -60.21
C ASP P 204 20.75 79.94 -59.47
N ASN P 205 21.31 80.66 -58.50
CA ASN P 205 22.46 80.16 -57.72
C ASN P 205 22.42 78.68 -57.35
N HIS P 206 21.23 78.18 -56.98
CA HIS P 206 21.07 76.79 -56.59
C HIS P 206 21.01 75.81 -57.76
N LEU P 207 20.03 75.98 -58.65
CA LEU P 207 19.87 75.09 -59.80
C LEU P 207 20.83 75.37 -60.95
N LYS P 208 21.58 76.47 -60.85
CA LYS P 208 22.55 76.86 -61.88
C LYS P 208 23.37 75.67 -62.37
N HIS P 209 23.52 74.69 -61.49
CA HIS P 209 24.31 73.48 -61.78
C HIS P 209 23.50 72.36 -62.43
N TYR P 210 22.63 71.75 -61.64
CA TYR P 210 21.79 70.63 -62.09
C TYR P 210 21.32 70.63 -63.55
N LEU P 211 20.71 71.74 -63.98
CA LEU P 211 20.16 71.85 -65.33
C LEU P 211 21.04 71.36 -66.49
N HIS P 212 21.72 72.28 -67.16
CA HIS P 212 22.56 71.92 -68.30
C HIS P 212 23.46 70.72 -68.02
N ILE P 213 23.96 70.59 -66.80
CA ILE P 213 24.83 69.46 -66.47
C ILE P 213 24.11 68.12 -66.71
N ILE P 214 22.81 68.17 -67.04
CA ILE P 214 22.04 66.95 -67.30
C ILE P 214 21.12 67.01 -68.52
N GLU P 215 20.59 68.18 -68.85
CA GLU P 215 19.68 68.30 -69.98
C GLU P 215 19.95 69.39 -71.01
N ASN P 216 19.67 69.04 -72.25
CA ASN P 216 19.84 69.90 -73.42
C ASN P 216 19.74 68.93 -74.58
N LYS P 217 18.91 67.91 -74.36
CA LYS P 217 18.66 66.84 -75.34
C LYS P 217 17.38 67.17 -76.10
N PRO P 218 16.98 66.30 -77.06
CA PRO P 218 15.76 66.53 -77.85
C PRO P 218 14.45 66.40 -77.06
N LEU P 219 14.53 65.83 -75.86
CA LEU P 219 13.34 65.67 -75.03
C LEU P 219 13.65 66.03 -73.58
N TYR P 220 12.61 66.28 -72.81
CA TYR P 220 12.75 66.63 -71.41
C TYR P 220 11.82 65.76 -70.58
N PRO P 221 12.32 65.19 -69.48
CA PRO P 221 11.45 64.34 -68.67
C PRO P 221 10.33 65.16 -68.04
N VAL P 222 9.16 64.54 -67.93
CA VAL P 222 8.00 65.19 -67.34
C VAL P 222 7.05 64.13 -66.79
N ILE P 223 6.29 64.51 -65.76
CA ILE P 223 5.36 63.58 -65.15
C ILE P 223 3.98 64.20 -65.04
N TYR P 224 3.01 63.58 -65.71
CA TYR P 224 1.62 64.05 -65.71
C TYR P 224 0.75 63.15 -64.85
N ASP P 225 -0.56 63.40 -64.89
CA ASP P 225 -1.54 62.60 -64.16
C ASP P 225 -2.87 62.66 -64.91
N SER P 226 -3.87 61.92 -64.44
CA SER P 226 -5.18 61.89 -65.10
C SER P 226 -5.62 63.30 -65.54
N ASN P 227 -5.79 64.19 -64.57
CA ASN P 227 -6.22 65.57 -64.83
C ASN P 227 -5.39 66.24 -65.93
N GLY P 228 -4.14 65.83 -66.04
CA GLY P 228 -3.25 66.41 -67.03
C GLY P 228 -2.31 67.37 -66.33
N VAL P 229 -2.36 67.36 -64.99
CA VAL P 229 -1.50 68.23 -64.18
C VAL P 229 -0.06 67.77 -64.26
N VAL P 230 0.84 68.73 -64.25
CA VAL P 230 2.26 68.45 -64.32
C VAL P 230 2.85 68.26 -62.92
N LEU P 231 3.24 67.03 -62.61
CA LEU P 231 3.83 66.67 -61.31
C LEU P 231 5.17 67.38 -61.17
N SER P 232 6.04 67.20 -62.16
CA SER P 232 7.36 67.81 -62.17
C SER P 232 8.17 67.50 -63.43
N MET P 233 9.29 68.21 -63.57
CA MET P 233 10.21 68.03 -64.69
C MET P 233 11.49 67.48 -64.04
N PRO P 234 11.42 66.24 -63.56
CA PRO P 234 12.40 65.38 -62.87
C PRO P 234 13.71 65.93 -62.29
N PRO P 235 14.70 66.26 -63.14
CA PRO P 235 15.96 66.76 -62.59
C PRO P 235 16.01 68.20 -62.12
N ILE P 236 15.25 69.08 -62.77
CA ILE P 236 15.31 70.49 -62.41
C ILE P 236 14.37 70.95 -61.29
N ILE P 237 13.05 70.97 -61.54
CA ILE P 237 12.11 71.38 -60.50
C ILE P 237 10.78 70.64 -60.54
N ASN P 238 10.12 70.61 -59.38
CA ASN P 238 8.84 69.96 -59.23
C ASN P 238 7.69 70.96 -59.38
N GLY P 239 6.47 70.46 -59.54
CA GLY P 239 5.33 71.34 -59.70
C GLY P 239 4.87 71.97 -58.40
N ASP P 240 4.56 73.26 -58.43
CA ASP P 240 4.10 73.97 -57.24
C ASP P 240 2.71 73.50 -56.82
N HIS P 241 1.98 72.92 -57.77
CA HIS P 241 0.64 72.43 -57.50
C HIS P 241 0.68 71.24 -56.53
N SER P 242 1.59 70.31 -56.79
CA SER P 242 1.76 69.12 -55.97
C SER P 242 2.79 69.30 -54.86
N ARG P 243 3.12 70.54 -54.55
CA ARG P 243 4.09 70.83 -53.51
C ARG P 243 3.69 70.16 -52.19
N ILE P 244 4.68 69.86 -51.36
CA ILE P 244 4.45 69.21 -50.08
C ILE P 244 4.78 70.11 -48.90
N THR P 245 3.81 70.30 -48.01
CA THR P 245 4.02 71.14 -46.83
C THR P 245 3.60 70.45 -45.53
N VAL P 246 4.11 70.98 -44.43
CA VAL P 246 3.86 70.49 -43.08
C VAL P 246 2.50 69.81 -42.86
N ASN P 247 1.48 70.32 -43.53
CA ASN P 247 0.14 69.78 -43.37
C ASN P 247 -0.22 68.65 -44.33
N THR P 248 0.71 68.26 -45.21
CA THR P 248 0.41 67.19 -46.16
C THR P 248 0.05 65.90 -45.43
N ARG P 249 -0.91 65.18 -45.98
CA ARG P 249 -1.36 63.94 -45.36
C ARG P 249 -0.78 62.73 -46.08
N ASN P 250 -0.86 62.73 -47.40
CA ASN P 250 -0.35 61.62 -48.19
C ASN P 250 0.71 62.06 -49.16
N ILE P 251 1.83 61.33 -49.18
CA ILE P 251 2.92 61.66 -50.08
C ILE P 251 3.14 60.60 -51.14
N PHE P 252 3.30 61.08 -52.37
CA PHE P 252 3.57 60.22 -53.51
C PHE P 252 5.01 60.51 -53.86
N ILE P 253 5.87 59.51 -53.73
CA ILE P 253 7.28 59.69 -54.03
C ILE P 253 7.66 59.02 -55.35
N GLU P 254 8.33 59.78 -56.21
CA GLU P 254 8.76 59.29 -57.50
C GLU P 254 10.25 59.56 -57.65
N CYS P 255 10.94 58.62 -58.28
CA CYS P 255 12.38 58.73 -58.51
C CYS P 255 12.66 58.35 -59.96
N THR P 256 13.28 59.26 -60.69
CA THR P 256 13.59 59.01 -62.09
C THR P 256 15.11 59.04 -62.21
N GLY P 257 15.65 58.46 -63.27
CA GLY P 257 17.09 58.48 -63.41
C GLY P 257 17.72 57.54 -64.43
N THR P 258 19.05 57.63 -64.54
CA THR P 258 19.82 56.81 -65.46
C THR P 258 20.31 55.49 -64.83
N ASP P 259 20.43 55.48 -63.50
CA ASP P 259 20.88 54.29 -62.78
C ASP P 259 19.74 53.62 -62.02
N PHE P 260 19.22 52.54 -62.58
CA PHE P 260 18.10 51.83 -61.98
C PHE P 260 18.27 51.53 -60.50
N THR P 261 19.10 50.54 -60.18
CA THR P 261 19.31 50.15 -58.79
C THR P 261 19.49 51.30 -57.80
N LYS P 262 20.28 52.31 -58.14
CA LYS P 262 20.47 53.43 -57.23
C LYS P 262 19.14 54.11 -56.92
N ALA P 263 18.39 54.45 -57.96
CA ALA P 263 17.10 55.08 -57.75
C ALA P 263 16.32 54.16 -56.82
N LYS P 264 16.25 52.90 -57.22
CA LYS P 264 15.54 51.88 -56.46
C LYS P 264 15.92 51.94 -54.97
N ILE P 265 17.18 52.24 -54.70
CA ILE P 265 17.67 52.34 -53.32
C ILE P 265 17.26 53.66 -52.66
N VAL P 266 17.48 54.75 -53.38
CA VAL P 266 17.13 56.08 -52.87
C VAL P 266 15.71 56.03 -52.37
N LEU P 267 14.84 55.39 -53.17
CA LEU P 267 13.44 55.29 -52.81
C LEU P 267 13.37 54.60 -51.46
N ASP P 268 13.84 53.36 -51.41
CA ASP P 268 13.82 52.57 -50.20
C ASP P 268 14.29 53.37 -48.97
N ILE P 269 15.38 54.11 -49.11
CA ILE P 269 15.91 54.89 -47.99
C ILE P 269 14.90 55.90 -47.49
N ILE P 270 14.36 56.67 -48.42
CA ILE P 270 13.38 57.71 -48.11
C ILE P 270 12.14 57.14 -47.43
N VAL P 271 11.53 56.19 -48.12
CA VAL P 271 10.31 55.56 -47.65
C VAL P 271 10.48 54.74 -46.36
N THR P 272 11.59 54.03 -46.27
CA THR P 272 11.86 53.20 -45.11
C THR P 272 12.20 54.07 -43.91
N MET P 273 12.80 55.22 -44.20
CA MET P 273 13.21 56.15 -43.17
C MET P 273 12.02 56.82 -42.49
N PHE P 274 11.17 57.45 -43.30
CA PHE P 274 10.01 58.17 -42.78
C PHE P 274 8.70 57.44 -42.57
N SER P 275 8.66 56.16 -42.89
CA SER P 275 7.43 55.41 -42.68
C SER P 275 7.23 55.28 -41.16
N GLU P 276 8.16 55.84 -40.38
CA GLU P 276 8.08 55.80 -38.92
C GLU P 276 6.99 56.75 -38.48
N TYR P 277 6.59 57.63 -39.40
CA TYR P 277 5.58 58.63 -39.12
C TYR P 277 4.22 58.38 -39.75
N CYS P 278 4.05 57.23 -40.39
CA CYS P 278 2.77 56.90 -41.02
C CYS P 278 1.80 56.38 -39.97
N GLU P 279 0.50 56.57 -40.22
CA GLU P 279 -0.51 56.11 -39.28
C GLU P 279 -0.26 54.65 -38.98
N ASN P 280 -0.08 53.87 -40.05
CA ASN P 280 0.19 52.45 -39.90
C ASN P 280 1.72 52.33 -39.88
N GLN P 281 2.32 52.81 -38.80
CA GLN P 281 3.78 52.82 -38.64
C GLN P 281 4.60 51.74 -39.33
N PHE P 282 5.68 52.19 -39.99
CA PHE P 282 6.60 51.34 -40.72
C PHE P 282 5.92 50.50 -41.79
N THR P 283 5.17 51.19 -42.63
CA THR P 283 4.45 50.56 -43.73
C THR P 283 4.55 51.50 -44.91
N VAL P 284 4.73 50.93 -46.08
CA VAL P 284 4.82 51.74 -47.28
C VAL P 284 3.74 51.23 -48.23
N GLU P 285 2.94 52.15 -48.77
CA GLU P 285 1.88 51.75 -49.69
C GLU P 285 2.45 51.47 -51.07
N ALA P 286 2.29 50.22 -51.51
CA ALA P 286 2.78 49.79 -52.81
C ALA P 286 2.37 50.75 -53.91
N ALA P 287 3.06 50.67 -55.04
CA ALA P 287 2.79 51.51 -56.19
C ALA P 287 3.16 50.70 -57.39
N GLU P 288 2.39 50.81 -58.46
CA GLU P 288 2.66 50.05 -59.66
C GLU P 288 3.32 50.91 -60.74
N VAL P 289 4.57 50.59 -61.06
CA VAL P 289 5.28 51.31 -62.10
C VAL P 289 5.21 50.44 -63.36
N VAL P 290 4.77 51.01 -64.46
CA VAL P 290 4.67 50.26 -65.71
C VAL P 290 5.73 50.77 -66.67
N PHE P 291 6.59 49.87 -67.12
CA PHE P 291 7.67 50.24 -68.03
C PHE P 291 7.25 50.30 -69.50
N PRO P 292 8.11 50.90 -70.35
CA PRO P 292 7.82 51.02 -71.78
C PRO P 292 7.62 49.60 -72.27
N ASN P 293 8.25 48.69 -71.55
CA ASN P 293 8.21 47.26 -71.80
C ASN P 293 6.77 46.76 -71.79
N GLY P 294 5.90 47.46 -71.08
CA GLY P 294 4.51 47.08 -70.99
C GLY P 294 4.20 46.30 -69.73
N LYS P 295 5.24 45.83 -69.06
CA LYS P 295 5.10 45.08 -67.82
C LYS P 295 4.93 46.01 -66.62
N SER P 296 4.38 45.46 -65.54
CA SER P 296 4.17 46.24 -64.32
C SER P 296 4.86 45.60 -63.12
N HIS P 297 5.71 46.37 -62.45
CA HIS P 297 6.44 45.90 -61.28
C HIS P 297 5.99 46.74 -60.10
N THR P 298 5.91 46.12 -58.93
CA THR P 298 5.47 46.83 -57.74
C THR P 298 6.64 47.45 -56.98
N PHE P 299 6.41 48.61 -56.38
CA PHE P 299 7.45 49.29 -55.63
C PHE P 299 6.90 49.94 -54.37
N PRO P 300 7.78 50.26 -53.41
CA PRO P 300 9.22 50.02 -53.53
C PRO P 300 9.45 48.55 -53.23
N GLU P 301 10.58 48.00 -53.68
CA GLU P 301 10.87 46.61 -53.41
C GLU P 301 11.74 46.53 -52.18
N LEU P 302 11.15 46.71 -51.01
CA LEU P 302 11.89 46.63 -49.76
C LEU P 302 12.60 45.29 -49.70
N ALA P 303 13.74 45.21 -50.38
CA ALA P 303 14.54 44.01 -50.46
C ALA P 303 15.09 43.53 -49.12
N TYR P 304 14.84 42.26 -48.83
CA TYR P 304 15.33 41.64 -47.62
C TYR P 304 16.15 40.42 -48.05
N ARG P 305 17.47 40.60 -48.14
CA ARG P 305 18.36 39.52 -48.54
C ARG P 305 18.71 38.65 -47.34
N LYS P 306 18.91 37.37 -47.59
CA LYS P 306 19.24 36.44 -46.52
C LYS P 306 20.48 35.60 -46.82
N GLU P 307 21.67 36.18 -46.71
CA GLU P 307 22.90 35.42 -46.96
C GLU P 307 23.29 34.67 -45.68
N MET P 308 24.18 33.70 -45.82
CA MET P 308 24.63 32.93 -44.67
C MET P 308 26.16 32.97 -44.57
N VAL P 309 26.67 33.14 -43.36
CA VAL P 309 28.11 33.21 -43.11
C VAL P 309 28.50 32.25 -41.98
N ARG P 310 29.66 31.60 -42.09
CA ARG P 310 30.11 30.67 -41.03
C ARG P 310 30.71 31.47 -39.83
N ALA P 311 30.30 31.20 -38.57
CA ALA P 311 30.80 31.92 -37.37
C ALA P 311 32.31 31.95 -37.29
N ASP P 312 32.93 30.82 -37.58
CA ASP P 312 34.38 30.73 -37.57
C ASP P 312 34.99 31.76 -38.50
N LEU P 313 34.32 32.04 -39.61
CA LEU P 313 34.84 33.01 -40.55
C LEU P 313 34.98 34.37 -39.90
N ILE P 314 33.88 34.89 -39.38
CA ILE P 314 33.87 36.18 -38.71
C ILE P 314 35.02 36.25 -37.71
N ASN P 315 35.14 35.23 -36.85
CA ASN P 315 36.21 35.21 -35.86
C ASN P 315 37.57 35.24 -36.54
N LYS P 316 37.83 34.25 -37.39
CA LYS P 316 39.11 34.16 -38.08
C LYS P 316 39.46 35.40 -38.90
N LYS P 317 38.46 36.18 -39.31
CA LYS P 317 38.71 37.40 -40.10
C LYS P 317 38.89 38.66 -39.26
N VAL P 318 38.08 38.80 -38.22
CA VAL P 318 38.17 39.96 -37.35
C VAL P 318 39.37 39.86 -36.43
N GLY P 319 39.58 38.69 -35.86
CA GLY P 319 40.69 38.49 -34.94
C GLY P 319 40.17 38.36 -33.53
N ILE P 320 38.98 37.77 -33.41
CA ILE P 320 38.35 37.57 -32.11
C ILE P 320 37.83 36.14 -32.08
N ARG P 321 37.55 35.61 -30.89
CA ARG P 321 37.07 34.24 -30.74
C ARG P 321 35.83 34.19 -29.86
N GLU P 322 34.77 34.83 -30.33
CA GLU P 322 33.50 34.87 -29.61
C GLU P 322 32.67 33.70 -30.11
N THR P 323 31.67 33.29 -29.32
CA THR P 323 30.80 32.17 -29.67
C THR P 323 29.75 32.58 -30.70
N PRO P 324 29.34 31.63 -31.55
CA PRO P 324 28.34 31.93 -32.58
C PRO P 324 27.08 32.58 -32.05
N GLU P 325 26.62 32.15 -30.87
CA GLU P 325 25.43 32.76 -30.31
C GLU P 325 25.66 34.26 -30.07
N ASN P 326 26.84 34.61 -29.53
CA ASN P 326 27.16 36.01 -29.26
C ASN P 326 27.46 36.79 -30.53
N LEU P 327 28.07 36.11 -31.50
CA LEU P 327 28.40 36.74 -32.77
C LEU P 327 27.09 37.22 -33.37
N ALA P 328 26.06 36.38 -33.29
CA ALA P 328 24.76 36.74 -33.82
C ALA P 328 24.25 38.01 -33.15
N LYS P 329 24.37 38.06 -31.82
CA LYS P 329 23.92 39.23 -31.07
C LYS P 329 24.59 40.49 -31.62
N LEU P 330 25.89 40.42 -31.83
CA LEU P 330 26.66 41.53 -32.37
C LEU P 330 26.02 41.99 -33.67
N LEU P 331 26.01 41.10 -34.66
CA LEU P 331 25.44 41.40 -35.97
C LEU P 331 24.06 42.02 -35.91
N THR P 332 23.22 41.52 -35.01
CA THR P 332 21.87 42.04 -34.87
C THR P 332 21.87 43.52 -34.50
N ARG P 333 22.63 43.87 -33.46
CA ARG P 333 22.72 45.25 -33.01
C ARG P 333 23.09 46.17 -34.16
N MET P 334 23.64 45.59 -35.21
CA MET P 334 24.06 46.36 -36.36
C MET P 334 22.99 46.40 -37.46
N TYR P 335 21.78 45.98 -37.14
CA TYR P 335 20.64 45.95 -38.08
C TYR P 335 20.50 44.62 -38.82
N LEU P 336 21.60 43.88 -38.92
CA LEU P 336 21.61 42.59 -39.58
C LEU P 336 21.10 41.51 -38.62
N LYS P 337 19.79 41.33 -38.57
CA LYS P 337 19.19 40.35 -37.66
C LYS P 337 19.75 38.98 -37.93
N SER P 338 20.53 38.48 -36.96
CA SER P 338 21.16 37.18 -37.09
C SER P 338 20.60 36.18 -36.09
N GLU P 339 20.74 34.91 -36.42
CA GLU P 339 20.26 33.81 -35.59
C GLU P 339 21.14 32.59 -35.88
N VAL P 340 21.60 31.91 -34.83
CA VAL P 340 22.43 30.74 -35.02
C VAL P 340 21.60 29.59 -35.58
N ILE P 341 22.19 28.76 -36.44
CA ILE P 341 21.44 27.66 -37.05
C ILE P 341 21.71 26.27 -36.47
N GLY P 342 21.05 25.98 -35.34
CA GLY P 342 21.17 24.70 -34.68
C GLY P 342 22.55 24.23 -34.22
N ASP P 343 23.35 23.74 -35.16
CA ASP P 343 24.69 23.24 -34.87
C ASP P 343 25.71 24.33 -34.53
N GLY P 344 25.23 25.39 -33.88
CA GLY P 344 26.06 26.50 -33.49
C GLY P 344 27.29 26.74 -34.34
N ASN P 345 27.19 26.45 -35.63
CA ASN P 345 28.32 26.64 -36.52
C ASN P 345 28.08 27.80 -37.47
N GLN P 346 26.97 27.73 -38.20
CA GLN P 346 26.59 28.76 -39.16
C GLN P 346 25.61 29.76 -38.59
N ILE P 347 25.71 31.00 -39.05
CA ILE P 347 24.81 32.04 -38.57
C ILE P 347 24.00 32.55 -39.75
N GLU P 348 22.67 32.58 -39.61
CA GLU P 348 21.81 33.08 -40.68
C GLU P 348 21.63 34.57 -40.47
N ILE P 349 22.02 35.36 -41.46
CA ILE P 349 21.91 36.82 -41.34
C ILE P 349 20.84 37.40 -42.26
N GLU P 350 20.04 38.30 -41.72
CA GLU P 350 18.98 38.96 -42.51
C GLU P 350 19.40 40.39 -42.82
N ILE P 351 19.67 40.65 -44.10
CA ILE P 351 20.09 41.97 -44.57
C ILE P 351 18.88 42.90 -44.85
N PRO P 352 18.65 43.89 -43.98
CA PRO P 352 17.55 44.84 -44.13
C PRO P 352 17.73 45.68 -45.39
N PRO P 353 16.62 46.20 -45.95
CA PRO P 353 16.72 47.04 -47.15
C PRO P 353 17.36 48.38 -46.83
N THR P 354 17.50 48.69 -45.54
CA THR P 354 18.12 49.94 -45.12
C THR P 354 19.64 49.87 -45.34
N ARG P 355 20.28 48.77 -44.95
CA ARG P 355 21.73 48.59 -45.15
C ARG P 355 21.98 47.96 -46.52
N ALA P 356 21.96 48.78 -47.56
CA ALA P 356 22.19 48.31 -48.93
C ALA P 356 23.68 48.26 -49.24
N ASP P 357 24.49 48.57 -48.24
CA ASP P 357 25.93 48.57 -48.38
C ASP P 357 26.49 47.16 -48.30
N ILE P 358 25.81 46.29 -47.56
CA ILE P 358 26.25 44.91 -47.42
C ILE P 358 26.16 44.24 -48.79
N ILE P 359 27.29 44.05 -49.47
CA ILE P 359 27.27 43.42 -50.79
C ILE P 359 28.15 42.17 -50.85
N HIS P 360 29.00 42.01 -49.85
CA HIS P 360 29.87 40.85 -49.79
C HIS P 360 29.96 40.32 -48.37
N ALA P 361 30.37 39.07 -48.24
CA ALA P 361 30.51 38.43 -46.94
C ALA P 361 31.33 39.30 -46.00
N CYS P 362 32.41 39.87 -46.51
CA CYS P 362 33.30 40.70 -45.70
C CYS P 362 32.60 41.90 -45.08
N ASP P 363 31.58 42.43 -45.74
CA ASP P 363 30.85 43.56 -45.17
C ASP P 363 30.18 43.21 -43.86
N ILE P 364 29.87 41.93 -43.67
CA ILE P 364 29.26 41.49 -42.43
C ILE P 364 30.32 41.57 -41.35
N VAL P 365 31.52 41.10 -41.69
CA VAL P 365 32.65 41.13 -40.78
C VAL P 365 32.87 42.55 -40.22
N GLU P 366 32.84 43.54 -41.12
CA GLU P 366 33.00 44.97 -40.79
C GLU P 366 32.03 45.22 -39.63
N ASP P 367 30.72 45.18 -39.95
CA ASP P 367 29.69 45.43 -38.95
C ASP P 367 29.92 44.61 -37.68
N ALA P 368 30.29 43.34 -37.84
CA ALA P 368 30.56 42.49 -36.70
C ALA P 368 31.62 43.11 -35.78
N ALA P 369 32.75 43.48 -36.37
CA ALA P 369 33.84 44.11 -35.62
C ALA P 369 33.41 45.44 -34.99
N ILE P 370 32.73 46.27 -35.77
CA ILE P 370 32.29 47.56 -35.25
C ILE P 370 31.40 47.37 -34.03
N ALA P 371 30.55 46.35 -34.08
CA ALA P 371 29.63 46.09 -32.99
C ALA P 371 30.43 45.62 -31.79
N TYR P 372 31.45 44.81 -32.05
CA TYR P 372 32.28 44.29 -30.97
C TYR P 372 33.18 45.35 -30.37
N GLY P 373 33.42 46.44 -31.12
CA GLY P 373 34.27 47.52 -30.63
C GLY P 373 35.73 47.24 -30.94
N TYR P 374 36.25 47.95 -31.94
CA TYR P 374 37.62 47.76 -32.37
C TYR P 374 38.65 47.63 -31.28
N ASN P 375 38.55 48.48 -30.26
CA ASN P 375 39.51 48.49 -29.17
C ASN P 375 39.38 47.36 -28.16
N ASN P 376 38.52 46.40 -28.45
CA ASN P 376 38.39 45.26 -27.57
C ASN P 376 39.03 44.08 -28.26
N ILE P 377 39.55 44.33 -29.45
CA ILE P 377 40.23 43.31 -30.22
C ILE P 377 41.67 43.32 -29.78
N GLN P 378 42.20 42.16 -29.41
CA GLN P 378 43.58 42.05 -28.96
C GLN P 378 44.53 42.20 -30.14
N MET P 379 45.52 43.07 -30.00
CA MET P 379 46.49 43.31 -31.06
C MET P 379 47.44 42.13 -31.12
N THR P 380 47.55 41.53 -32.30
CA THR P 380 48.42 40.37 -32.50
C THR P 380 49.42 40.74 -33.58
N LEU P 381 50.56 40.05 -33.63
CA LEU P 381 51.57 40.38 -34.63
C LEU P 381 51.84 39.25 -35.63
N PRO P 382 51.56 39.45 -36.92
CA PRO P 382 51.79 38.44 -37.96
C PRO P 382 53.18 37.82 -37.89
N LYS P 383 53.23 36.51 -37.77
CA LYS P 383 54.50 35.82 -37.63
C LYS P 383 55.05 35.20 -38.91
N THR P 384 55.39 36.02 -39.89
CA THR P 384 55.96 35.50 -41.12
C THR P 384 57.25 36.26 -41.35
N TYR P 385 58.37 35.54 -41.33
CA TYR P 385 59.66 36.19 -41.54
C TYR P 385 59.88 36.61 -42.99
N THR P 386 60.30 37.85 -43.18
CA THR P 386 60.54 38.37 -44.52
C THR P 386 61.80 39.23 -44.48
N ILE P 387 62.69 39.03 -45.45
CA ILE P 387 63.90 39.82 -45.51
C ILE P 387 63.58 41.08 -46.30
N ALA P 388 63.94 42.23 -45.75
CA ALA P 388 63.66 43.51 -46.41
C ALA P 388 64.64 43.84 -47.55
N ASN P 389 64.17 44.58 -48.54
CA ASN P 389 65.02 44.97 -49.66
C ASN P 389 64.66 46.34 -50.18
N GLN P 390 65.67 47.18 -50.36
CA GLN P 390 65.42 48.51 -50.89
C GLN P 390 65.30 48.39 -52.39
N PHE P 391 64.81 49.44 -53.02
CA PHE P 391 64.68 49.46 -54.47
C PHE P 391 66.00 50.04 -54.99
N PRO P 392 66.79 49.24 -55.71
CA PRO P 392 68.08 49.64 -56.27
C PRO P 392 68.26 51.14 -56.50
N LEU P 393 67.39 51.71 -57.32
CA LEU P 393 67.43 53.14 -57.64
C LEU P 393 67.47 54.01 -56.40
N ASN P 394 66.42 53.89 -55.59
CA ASN P 394 66.29 54.64 -54.36
C ASN P 394 67.47 54.48 -53.42
N LYS P 395 68.07 53.29 -53.38
CA LYS P 395 69.21 53.09 -52.50
C LYS P 395 70.30 54.03 -52.99
N LEU P 396 70.61 53.92 -54.28
CA LEU P 396 71.62 54.75 -54.88
C LEU P 396 71.35 56.22 -54.63
N THR P 397 70.10 56.62 -54.89
CA THR P 397 69.68 58.01 -54.68
C THR P 397 70.03 58.45 -53.27
N GLU P 398 69.56 57.68 -52.30
CA GLU P 398 69.80 57.98 -50.89
C GLU P 398 71.28 58.17 -50.61
N LEU P 399 72.14 57.49 -51.36
CA LEU P 399 73.57 57.61 -51.16
C LEU P 399 74.06 58.91 -51.75
N LEU P 400 73.76 59.13 -53.01
CA LEU P 400 74.16 60.35 -53.68
C LEU P 400 73.73 61.56 -52.85
N ARG P 401 72.48 61.56 -52.37
CA ARG P 401 71.99 62.66 -51.56
C ARG P 401 73.00 62.96 -50.46
N HIS P 402 73.42 61.92 -49.74
CA HIS P 402 74.36 62.11 -48.65
C HIS P 402 75.71 62.67 -49.06
N ASP P 403 76.12 62.45 -50.30
CA ASP P 403 77.41 62.96 -50.75
C ASP P 403 77.29 64.36 -51.34
N MET P 404 76.15 64.65 -51.96
CA MET P 404 75.93 65.99 -52.50
C MET P 404 76.02 66.89 -51.29
N ALA P 405 75.45 66.45 -50.17
CA ALA P 405 75.48 67.21 -48.93
C ALA P 405 76.92 67.33 -48.43
N ALA P 406 77.67 66.25 -48.54
CA ALA P 406 79.05 66.25 -48.10
C ALA P 406 79.78 67.27 -48.94
N ALA P 407 79.44 67.34 -50.22
CA ALA P 407 80.07 68.29 -51.14
C ALA P 407 79.54 69.71 -51.00
N GLY P 408 79.02 70.04 -49.82
CA GLY P 408 78.53 71.38 -49.55
C GLY P 408 77.25 71.90 -50.20
N PHE P 409 76.53 71.08 -50.97
CA PHE P 409 75.29 71.54 -51.57
C PHE P 409 74.08 71.33 -50.68
N THR P 410 73.01 72.05 -50.99
CA THR P 410 71.79 71.94 -50.20
C THR P 410 70.62 71.44 -51.05
N GLU P 411 69.91 70.46 -50.50
CA GLU P 411 68.78 69.82 -51.14
C GLU P 411 67.48 70.62 -51.06
N ALA P 412 66.74 70.65 -52.16
CA ALA P 412 65.49 71.39 -52.21
C ALA P 412 64.28 70.49 -52.47
N LEU P 413 63.09 71.11 -52.59
CA LEU P 413 61.91 70.31 -52.84
C LEU P 413 60.99 70.94 -53.88
N THR P 414 61.43 70.94 -55.13
CA THR P 414 60.68 71.48 -56.26
C THR P 414 59.33 70.79 -56.40
N PHE P 415 58.34 71.48 -56.95
CA PHE P 415 57.04 70.85 -57.19
C PHE P 415 57.18 70.11 -58.51
N ALA P 416 56.32 69.11 -58.74
CA ALA P 416 56.41 68.32 -59.97
C ALA P 416 55.57 68.95 -61.08
N LEU P 417 54.74 69.91 -60.73
CA LEU P 417 53.89 70.57 -61.71
C LEU P 417 54.29 72.03 -61.92
N CYS P 418 53.96 72.55 -63.10
CA CYS P 418 54.28 73.94 -63.43
C CYS P 418 53.67 74.38 -64.76
N SER P 419 54.05 75.60 -65.18
CA SER P 419 53.55 76.18 -66.43
C SER P 419 54.52 75.89 -67.57
N GLN P 420 53.97 75.69 -68.77
CA GLN P 420 54.77 75.39 -69.95
C GLN P 420 55.98 76.30 -70.08
N GLU P 421 55.75 77.61 -69.94
CA GLU P 421 56.84 78.57 -70.06
C GLU P 421 58.00 78.27 -69.12
N ASP P 422 57.75 77.52 -68.05
CA ASP P 422 58.80 77.18 -67.10
C ASP P 422 59.77 76.15 -67.67
N ILE P 423 59.28 75.25 -68.52
CA ILE P 423 60.13 74.21 -69.10
C ILE P 423 60.31 74.32 -70.61
N ALA P 424 60.04 75.51 -71.15
CA ALA P 424 60.19 75.73 -72.59
C ALA P 424 60.62 77.16 -72.91
N ASP P 425 59.64 78.05 -73.03
CA ASP P 425 59.87 79.44 -73.35
C ASP P 425 61.02 80.06 -72.53
N LYS P 426 60.93 79.96 -71.22
CA LYS P 426 61.97 80.52 -70.35
C LYS P 426 63.34 79.86 -70.51
N LEU P 427 63.38 78.74 -71.24
CA LEU P 427 64.64 78.04 -71.45
C LEU P 427 65.07 78.09 -72.90
N GLY P 428 64.32 78.83 -73.71
CA GLY P 428 64.68 78.96 -75.11
C GLY P 428 64.23 77.84 -76.03
N VAL P 429 63.15 77.15 -75.67
CA VAL P 429 62.64 76.06 -76.50
C VAL P 429 61.13 76.05 -76.56
N ASP P 430 60.59 75.56 -77.67
CA ASP P 430 59.15 75.50 -77.84
C ASP P 430 58.56 74.28 -77.12
N ILE P 431 57.44 74.51 -76.45
CA ILE P 431 56.74 73.47 -75.70
C ILE P 431 56.45 72.23 -76.54
N SER P 432 56.72 72.32 -77.83
CA SER P 432 56.49 71.21 -78.74
C SER P 432 57.71 70.30 -78.87
N ALA P 433 58.83 70.73 -78.30
CA ALA P 433 60.05 69.94 -78.37
C ALA P 433 60.55 69.52 -77.00
N THR P 434 59.65 69.46 -76.01
CA THR P 434 60.03 69.07 -74.66
C THR P 434 59.58 67.65 -74.31
N LYS P 435 58.68 67.09 -75.11
CA LYS P 435 58.15 65.75 -74.88
C LYS P 435 57.32 65.76 -73.62
N ALA P 436 57.03 66.97 -73.13
CA ALA P 436 56.26 67.18 -71.91
C ALA P 436 54.83 66.65 -71.97
N VAL P 437 54.27 66.37 -70.80
CA VAL P 437 52.90 65.88 -70.68
C VAL P 437 52.00 67.02 -70.25
N HIS P 438 50.82 67.12 -70.88
CA HIS P 438 49.89 68.21 -70.58
C HIS P 438 48.66 67.85 -69.74
N ILE P 439 48.40 68.64 -68.69
CA ILE P 439 47.28 68.41 -67.79
C ILE P 439 46.03 69.06 -68.33
N SER P 440 44.92 68.33 -68.25
CA SER P 440 43.63 68.82 -68.75
C SER P 440 42.92 69.79 -67.80
N ASN P 441 42.37 70.86 -68.37
CA ASN P 441 41.65 71.88 -67.61
C ASN P 441 42.32 72.20 -66.28
N PRO P 442 43.57 72.69 -66.32
CA PRO P 442 44.32 73.05 -65.12
C PRO P 442 43.79 74.30 -64.42
N LYS P 443 43.70 74.24 -63.09
CA LYS P 443 43.23 75.38 -62.33
C LYS P 443 44.10 76.59 -62.67
N THR P 444 45.27 76.67 -62.06
CA THR P 444 46.21 77.76 -62.28
C THR P 444 47.06 77.51 -63.53
N ALA P 445 47.91 78.48 -63.85
CA ALA P 445 48.79 78.40 -64.99
C ALA P 445 49.92 77.43 -64.69
N GLU P 446 50.27 77.35 -63.40
CA GLU P 446 51.36 76.46 -62.98
C GLU P 446 50.91 75.03 -62.69
N PHE P 447 49.98 74.52 -63.51
CA PHE P 447 49.44 73.17 -63.40
C PHE P 447 49.21 72.66 -64.81
N GLN P 448 49.89 73.28 -65.78
CA GLN P 448 49.72 72.90 -67.18
C GLN P 448 50.52 71.67 -67.58
N VAL P 449 51.78 71.65 -67.19
CA VAL P 449 52.68 70.56 -67.53
C VAL P 449 53.41 70.01 -66.32
N ALA P 450 53.93 68.80 -66.47
CA ALA P 450 54.69 68.14 -65.42
C ALA P 450 56.19 68.22 -65.75
N ARG P 451 57.01 68.62 -64.78
CA ARG P 451 58.45 68.75 -64.94
C ARG P 451 59.07 67.93 -66.06
N THR P 452 60.09 68.51 -66.68
CA THR P 452 60.80 67.85 -67.75
C THR P 452 62.25 68.01 -67.34
N THR P 453 62.43 68.76 -66.26
CA THR P 453 63.74 69.04 -65.72
C THR P 453 63.60 69.64 -64.32
N LEU P 454 64.67 69.59 -63.55
CA LEU P 454 64.64 70.14 -62.20
C LEU P 454 65.23 71.54 -62.16
N LEU P 455 65.91 71.94 -63.23
CA LEU P 455 66.54 73.26 -63.33
C LEU P 455 65.57 74.40 -63.03
N PRO P 456 64.41 74.40 -63.69
CA PRO P 456 63.43 75.47 -63.44
C PRO P 456 63.20 75.64 -61.93
N GLY P 457 62.49 74.68 -61.34
CA GLY P 457 62.22 74.73 -59.91
C GLY P 457 63.39 75.21 -59.09
N LEU P 458 64.59 74.69 -59.36
CA LEU P 458 65.76 75.11 -58.60
C LEU P 458 65.98 76.61 -58.68
N LEU P 459 65.93 77.14 -59.91
CA LEU P 459 66.10 78.57 -60.13
C LEU P 459 65.04 79.31 -59.31
N LYS P 460 63.78 78.99 -59.57
CA LYS P 460 62.64 79.60 -58.87
C LYS P 460 62.85 79.62 -57.37
N THR P 461 63.61 78.66 -56.86
CA THR P 461 63.90 78.57 -55.44
C THR P 461 64.87 79.69 -55.07
N ILE P 462 65.87 79.89 -55.92
CA ILE P 462 66.87 80.93 -55.70
C ILE P 462 66.13 82.27 -55.68
N ALA P 463 65.24 82.42 -56.66
CA ALA P 463 64.45 83.63 -56.81
C ALA P 463 63.77 83.98 -55.51
N ALA P 464 63.22 82.99 -54.82
CA ALA P 464 62.54 83.26 -53.57
C ALA P 464 63.50 83.39 -52.38
N ASN P 465 64.78 83.12 -52.59
CA ASN P 465 65.74 83.21 -51.50
C ASN P 465 66.84 84.23 -51.76
N ARG P 466 66.46 85.37 -52.35
CA ARG P 466 67.43 86.43 -52.65
C ARG P 466 68.14 86.81 -51.37
N LYS P 467 67.43 86.69 -50.27
CA LYS P 467 67.94 87.01 -48.93
C LYS P 467 69.09 86.12 -48.46
N MET P 468 69.39 85.06 -49.21
CA MET P 468 70.44 84.10 -48.83
C MET P 468 71.87 84.48 -49.27
N PRO P 469 72.87 84.24 -48.40
CA PRO P 469 74.30 84.50 -48.57
C PRO P 469 75.00 84.20 -49.91
N LEU P 470 76.19 84.79 -50.06
CA LEU P 470 77.05 84.72 -51.24
C LEU P 470 76.71 83.68 -52.32
N PRO P 471 77.30 82.46 -52.26
CA PRO P 471 76.94 81.52 -53.31
C PRO P 471 75.90 80.49 -52.89
N LEU P 472 74.86 80.34 -53.70
CA LEU P 472 73.83 79.36 -53.42
C LEU P 472 74.20 78.07 -54.13
N LYS P 473 74.23 76.97 -53.40
CA LYS P 473 74.57 75.69 -54.01
C LYS P 473 73.43 74.72 -53.74
N LEU P 474 72.52 74.67 -54.70
CA LEU P 474 71.34 73.83 -54.62
C LEU P 474 71.44 72.58 -55.46
N PHE P 475 70.65 71.59 -55.09
CA PHE P 475 70.59 70.31 -55.78
C PHE P 475 69.35 69.55 -55.32
N GLU P 476 68.94 68.61 -56.15
CA GLU P 476 67.77 67.81 -55.84
C GLU P 476 67.90 66.59 -56.73
N ILE P 477 67.49 65.44 -56.22
CA ILE P 477 67.53 64.21 -57.00
C ILE P 477 66.12 63.66 -57.01
N SER P 478 65.34 64.04 -58.01
CA SER P 478 63.95 63.59 -58.13
C SER P 478 63.55 63.18 -59.53
N ASP P 479 62.27 62.95 -59.74
CA ASP P 479 61.75 62.52 -61.03
C ASP P 479 61.27 63.65 -61.95
N ILE P 480 61.20 63.33 -63.23
CA ILE P 480 60.71 64.24 -64.26
C ILE P 480 59.94 63.34 -65.21
N VAL P 481 58.83 63.82 -65.75
CA VAL P 481 58.03 62.99 -66.64
C VAL P 481 58.31 63.33 -68.11
N ILE P 482 58.08 62.35 -68.97
CA ILE P 482 58.28 62.48 -70.41
C ILE P 482 57.30 61.55 -71.10
N LYS P 483 56.93 61.87 -72.33
CA LYS P 483 56.02 61.00 -73.05
C LYS P 483 56.89 59.87 -73.60
N ASP P 484 56.40 58.63 -73.50
CA ASP P 484 57.15 57.47 -73.97
C ASP P 484 56.14 56.58 -74.67
N SER P 485 56.27 56.45 -75.98
CA SER P 485 55.35 55.63 -76.76
C SER P 485 55.43 54.16 -76.38
N ASN P 486 56.46 53.79 -75.61
CA ASN P 486 56.64 52.39 -75.21
C ASN P 486 56.37 52.06 -73.75
N THR P 487 55.32 52.64 -73.18
CA THR P 487 54.94 52.38 -71.79
C THR P 487 53.42 52.30 -71.72
N ASP P 488 52.91 51.29 -71.03
CA ASP P 488 51.46 51.10 -70.92
C ASP P 488 50.65 52.37 -70.71
N VAL P 489 51.21 53.35 -70.01
CA VAL P 489 50.47 54.59 -69.74
C VAL P 489 50.70 55.69 -70.77
N GLY P 490 51.91 55.76 -71.32
CA GLY P 490 52.20 56.78 -72.30
C GLY P 490 53.31 57.72 -71.88
N ALA P 491 53.71 57.63 -70.61
CA ALA P 491 54.78 58.49 -70.10
C ALA P 491 55.70 57.70 -69.19
N LYS P 492 56.88 58.23 -68.92
CA LYS P 492 57.86 57.57 -68.05
C LYS P 492 58.60 58.55 -67.15
N ASN P 493 58.90 58.14 -65.92
CA ASN P 493 59.62 59.01 -65.01
C ASN P 493 61.12 58.72 -65.13
N TYR P 494 61.94 59.73 -64.84
CA TYR P 494 63.39 59.58 -64.89
C TYR P 494 64.02 60.23 -63.65
N ARG P 495 65.09 59.62 -63.14
CA ARG P 495 65.76 60.16 -61.97
C ARG P 495 66.91 61.08 -62.31
N HIS P 496 66.70 62.38 -62.24
CA HIS P 496 67.78 63.29 -62.52
C HIS P 496 68.38 63.83 -61.22
N LEU P 497 69.69 64.03 -61.25
CA LEU P 497 70.37 64.63 -60.12
C LEU P 497 70.68 65.96 -60.77
N CYS P 498 70.15 67.03 -60.22
CA CYS P 498 70.37 68.34 -60.80
C CYS P 498 70.88 69.34 -59.76
N ALA P 499 71.96 70.04 -60.09
CA ALA P 499 72.54 71.02 -59.17
C ALA P 499 72.76 72.35 -59.86
N VAL P 500 72.94 73.41 -59.07
CA VAL P 500 73.15 74.74 -59.61
C VAL P 500 74.09 75.56 -58.73
N TYR P 501 74.88 76.42 -59.38
CA TYR P 501 75.80 77.30 -58.68
C TYR P 501 75.39 78.73 -58.99
N TYR P 502 75.02 79.46 -57.93
CA TYR P 502 74.58 80.85 -58.05
C TYR P 502 75.56 81.74 -57.31
N ASN P 503 76.23 82.64 -58.03
CA ASN P 503 77.20 83.52 -57.40
C ASN P 503 77.57 84.69 -58.29
N LYS P 504 78.36 85.62 -57.75
CA LYS P 504 78.82 86.78 -58.49
C LYS P 504 79.28 86.29 -59.86
N ASN P 505 80.06 85.22 -59.85
CA ASN P 505 80.58 84.62 -61.06
C ASN P 505 80.03 83.20 -61.12
N PRO P 506 79.72 82.72 -62.33
CA PRO P 506 79.20 81.34 -62.41
C PRO P 506 80.36 80.42 -62.08
N GLY P 507 80.09 79.34 -61.36
CA GLY P 507 81.16 78.43 -61.02
C GLY P 507 81.25 77.29 -62.01
N PHE P 508 81.15 77.58 -63.30
CA PHE P 508 81.19 76.53 -64.31
C PHE P 508 82.32 75.52 -64.16
N GLU P 509 83.42 75.94 -63.52
CA GLU P 509 84.52 75.01 -63.32
C GLU P 509 84.26 74.21 -62.06
N ILE P 510 83.62 74.83 -61.08
CA ILE P 510 83.31 74.14 -59.83
C ILE P 510 82.09 73.22 -60.02
N ILE P 511 81.27 73.51 -61.02
CA ILE P 511 80.11 72.68 -61.34
C ILE P 511 80.65 71.52 -62.16
N HIS P 512 81.61 71.83 -63.03
CA HIS P 512 82.25 70.81 -63.85
C HIS P 512 82.89 69.84 -62.86
N GLY P 513 83.49 70.40 -61.81
CA GLY P 513 84.13 69.59 -60.79
C GLY P 513 83.16 68.74 -59.97
N LEU P 514 81.92 69.19 -59.90
CA LEU P 514 80.89 68.46 -59.17
C LEU P 514 80.63 67.19 -59.96
N LEU P 515 80.44 67.33 -61.27
CA LEU P 515 80.18 66.17 -62.11
C LEU P 515 81.34 65.20 -61.97
N ASP P 516 82.56 65.71 -61.90
CA ASP P 516 83.70 64.84 -61.75
C ASP P 516 83.62 64.06 -60.45
N ARG P 517 83.25 64.73 -59.35
CA ARG P 517 83.11 64.06 -58.05
C ARG P 517 82.07 62.96 -58.15
N ILE P 518 80.87 63.35 -58.60
CA ILE P 518 79.75 62.44 -58.78
C ILE P 518 80.18 61.16 -59.49
N MET P 519 80.86 61.31 -60.61
CA MET P 519 81.35 60.16 -61.37
C MET P 519 82.34 59.37 -60.54
N GLN P 520 83.21 60.07 -59.84
CA GLN P 520 84.20 59.43 -58.98
C GLN P 520 83.46 58.60 -57.93
N LEU P 521 82.36 59.15 -57.42
CA LEU P 521 81.56 58.48 -56.42
C LEU P 521 80.93 57.21 -56.98
N LEU P 522 80.45 57.30 -58.22
CA LEU P 522 79.81 56.18 -58.90
C LEU P 522 80.82 55.22 -59.51
N ASP P 523 82.10 55.45 -59.22
CA ASP P 523 83.18 54.62 -59.74
C ASP P 523 83.09 54.50 -61.28
N VAL P 524 82.97 55.65 -61.93
CA VAL P 524 82.90 55.72 -63.39
C VAL P 524 84.15 56.45 -63.86
N PRO P 525 85.09 55.73 -64.48
CA PRO P 525 86.33 56.31 -64.97
C PRO P 525 86.16 57.31 -66.10
N PRO P 526 87.07 58.28 -66.17
CA PRO P 526 87.16 59.36 -67.16
C PRO P 526 87.65 58.83 -68.51
N GLY P 527 86.88 59.05 -69.55
CA GLY P 527 87.25 58.58 -70.88
C GLY P 527 86.12 57.77 -71.49
N GLU P 528 86.22 57.39 -72.76
CA GLU P 528 85.15 56.61 -73.39
C GLU P 528 85.53 55.18 -73.74
N ASP P 529 86.82 54.92 -73.93
CA ASP P 529 87.26 53.56 -74.26
C ASP P 529 86.73 52.67 -73.12
N LYS P 530 87.25 52.87 -71.91
CA LYS P 530 86.82 52.09 -70.76
C LYS P 530 85.29 52.09 -70.61
N GLY P 531 84.63 53.05 -71.26
CA GLY P 531 83.18 53.14 -71.19
C GLY P 531 82.71 54.06 -70.08
N GLY P 532 83.66 54.76 -69.46
CA GLY P 532 83.35 55.67 -68.37
C GLY P 532 82.53 56.88 -68.78
N TYR P 533 83.18 58.02 -68.97
CA TYR P 533 82.48 59.25 -69.33
C TYR P 533 83.35 60.33 -69.96
N VAL P 534 82.74 61.12 -70.84
CA VAL P 534 83.43 62.21 -71.53
C VAL P 534 82.56 63.45 -71.73
N ILE P 535 83.11 64.60 -71.36
CA ILE P 535 82.42 65.88 -71.49
C ILE P 535 82.70 66.34 -72.92
N LYS P 536 81.67 66.43 -73.75
CA LYS P 536 81.88 66.88 -75.13
C LYS P 536 81.16 68.21 -75.32
N ALA P 537 81.93 69.28 -75.51
CA ALA P 537 81.34 70.60 -75.70
C ALA P 537 80.15 70.47 -76.67
N SER P 538 79.08 71.20 -76.38
CA SER P 538 77.91 71.16 -77.25
C SER P 538 77.12 72.46 -77.10
N GLU P 539 76.04 72.58 -77.86
CA GLU P 539 75.23 73.78 -77.80
C GLU P 539 73.85 73.55 -77.21
N GLY P 540 73.40 74.51 -76.40
CA GLY P 540 72.10 74.44 -75.77
C GLY P 540 71.43 75.80 -75.72
N PRO P 541 70.16 75.89 -76.12
CA PRO P 541 69.38 77.13 -76.13
C PRO P 541 69.11 77.67 -74.75
N ALA P 542 69.70 77.06 -73.73
CA ALA P 542 69.51 77.51 -72.37
C ALA P 542 70.84 77.90 -71.77
N PHE P 543 71.91 77.63 -72.51
CA PHE P 543 73.23 77.94 -72.01
C PHE P 543 73.97 78.96 -72.85
N PHE P 544 74.73 79.79 -72.15
CA PHE P 544 75.56 80.82 -72.75
C PHE P 544 76.53 80.06 -73.66
N PRO P 545 76.52 80.36 -74.96
CA PRO P 545 77.39 79.70 -75.95
C PRO P 545 78.84 79.49 -75.50
N GLY P 546 79.37 78.32 -75.82
CA GLY P 546 80.75 78.00 -75.47
C GLY P 546 81.02 77.69 -74.02
N ARG P 547 79.97 77.57 -73.23
CA ARG P 547 80.11 77.25 -71.81
C ARG P 547 78.99 76.25 -71.53
N CYS P 548 78.91 75.27 -72.42
CA CYS P 548 77.90 74.22 -72.37
C CYS P 548 78.49 72.93 -72.94
N ALA P 549 78.22 71.82 -72.26
CA ALA P 549 78.73 70.51 -72.68
C ALA P 549 77.69 69.43 -72.49
N GLU P 550 77.95 68.25 -73.07
CA GLU P 550 77.04 67.13 -72.94
C GLU P 550 77.78 66.00 -72.22
N ILE P 551 77.09 65.28 -71.35
CA ILE P 551 77.71 64.18 -70.60
C ILE P 551 77.38 62.85 -71.25
N PHE P 552 78.42 62.06 -71.55
CA PHE P 552 78.24 60.76 -72.16
C PHE P 552 78.87 59.70 -71.27
N ALA P 553 78.19 58.56 -71.12
CA ALA P 553 78.70 57.48 -70.31
C ALA P 553 77.88 56.23 -70.56
N ARG P 554 78.46 55.08 -70.20
CA ARG P 554 77.79 53.81 -70.40
C ARG P 554 77.00 53.81 -71.70
N GLY P 555 77.67 54.22 -72.78
CA GLY P 555 77.07 54.25 -74.10
C GLY P 555 75.84 55.11 -74.36
N GLN P 556 75.79 56.30 -73.77
CA GLN P 556 74.66 57.18 -74.01
C GLN P 556 74.77 58.55 -73.36
N SER P 557 73.91 59.46 -73.82
CA SER P 557 73.85 60.81 -73.31
C SER P 557 73.19 60.75 -71.94
N VAL P 558 73.88 61.26 -70.94
CA VAL P 558 73.37 61.26 -69.59
C VAL P 558 72.74 62.59 -69.22
N GLY P 559 73.47 63.67 -69.47
CA GLY P 559 72.96 64.98 -69.14
C GLY P 559 73.60 66.16 -69.86
N LYS P 560 73.27 67.34 -69.37
CA LYS P 560 73.77 68.60 -69.90
C LYS P 560 74.50 69.37 -68.81
N LEU P 561 75.73 69.77 -69.09
CA LEU P 561 76.52 70.54 -68.13
C LEU P 561 76.74 71.91 -68.78
N GLY P 562 76.51 72.99 -68.06
CA GLY P 562 76.72 74.30 -68.65
C GLY P 562 76.38 75.52 -67.82
N VAL P 563 76.63 76.69 -68.40
CA VAL P 563 76.34 77.97 -67.73
C VAL P 563 75.06 78.55 -68.31
N LEU P 564 74.09 78.78 -67.43
CA LEU P 564 72.81 79.32 -67.84
C LEU P 564 72.95 80.59 -68.67
N HIS P 565 72.17 80.66 -69.73
CA HIS P 565 72.16 81.81 -70.64
C HIS P 565 71.43 83.00 -70.01
N PRO P 566 72.05 84.18 -70.06
CA PRO P 566 71.49 85.42 -69.51
C PRO P 566 69.98 85.58 -69.66
N ASP P 567 69.44 85.10 -70.78
CA ASP P 567 68.00 85.18 -71.02
C ASP P 567 67.21 84.42 -69.98
N VAL P 568 67.53 83.14 -69.82
CA VAL P 568 66.83 82.34 -68.85
C VAL P 568 67.02 82.89 -67.44
N ILE P 569 68.24 83.36 -67.12
CA ILE P 569 68.48 83.87 -65.77
C ILE P 569 67.68 85.14 -65.47
N THR P 570 67.31 85.88 -66.50
CA THR P 570 66.53 87.08 -66.26
C THR P 570 65.05 86.69 -66.32
N LYS P 571 64.70 85.80 -67.24
CA LYS P 571 63.32 85.37 -67.37
C LYS P 571 62.83 84.62 -66.13
N PHE P 572 63.75 84.32 -65.21
CA PHE P 572 63.39 83.66 -63.96
C PHE P 572 63.68 84.68 -62.88
N GLU P 573 63.68 85.94 -63.28
CA GLU P 573 63.91 87.08 -62.42
C GLU P 573 65.07 86.92 -61.44
N LEU P 574 66.24 86.60 -61.99
CA LEU P 574 67.43 86.43 -61.16
C LEU P 574 68.49 87.49 -61.47
N THR P 575 69.41 87.65 -60.54
CA THR P 575 70.48 88.64 -60.66
C THR P 575 71.75 88.03 -61.29
N MET P 576 72.54 87.34 -60.45
CA MET P 576 73.80 86.72 -60.87
C MET P 576 73.72 85.67 -61.98
N PRO P 577 74.89 85.27 -62.50
CA PRO P 577 75.00 84.27 -63.56
C PRO P 577 74.76 82.93 -62.90
N CYS P 578 74.73 81.86 -63.70
CA CYS P 578 74.50 80.57 -63.09
C CYS P 578 75.06 79.39 -63.87
N SER P 579 75.56 78.41 -63.11
CA SER P 579 76.12 77.19 -63.66
C SER P 579 75.26 76.03 -63.19
N SER P 580 74.84 75.19 -64.12
CA SER P 580 74.00 74.06 -63.77
C SER P 580 74.63 72.71 -64.12
N LEU P 581 73.87 71.66 -63.87
CA LEU P 581 74.29 70.29 -64.13
C LEU P 581 73.06 69.41 -63.94
N GLU P 582 72.84 68.50 -64.87
CA GLU P 582 71.69 67.62 -64.75
C GLU P 582 71.89 66.31 -65.48
N ILE P 583 72.18 65.26 -64.72
CA ILE P 583 72.42 63.94 -65.26
C ILE P 583 71.32 62.97 -64.87
N ASN P 584 71.01 62.06 -65.77
CA ASN P 584 69.99 61.04 -65.51
C ASN P 584 70.74 59.90 -64.83
N ILE P 585 70.60 59.77 -63.50
CA ILE P 585 71.30 58.73 -62.77
C ILE P 585 70.80 57.32 -63.04
N GLY P 586 69.74 57.21 -63.84
CA GLY P 586 69.20 55.91 -64.19
C GLY P 586 70.21 54.90 -64.71
N PRO P 587 70.87 55.19 -65.82
CA PRO P 587 71.87 54.29 -66.43
C PRO P 587 73.02 53.88 -65.52
N PHE P 588 73.22 54.61 -64.43
CA PHE P 588 74.33 54.32 -63.53
C PHE P 588 74.11 53.20 -62.53
N LEU P 589 72.89 52.68 -62.47
CA LEU P 589 72.61 51.61 -61.53
C LEU P 589 73.50 50.38 -61.77
N PHE Q . -35.36 -46.66 50.15
CA PHE Q . -36.03 -47.02 48.87
C PHE Q . -35.30 -48.08 48.03
O PHE Q . -35.86 -48.52 47.00
CB PHE Q . -36.24 -45.77 48.01
CG PHE Q . -36.72 -46.06 46.66
CD1 PHE Q . -35.83 -46.37 45.66
CD2 PHE Q . -38.07 -46.17 46.41
CE1 PHE Q . -36.25 -46.79 44.44
CE2 PHE Q . -38.51 -46.59 45.18
CZ PHE Q . -37.59 -46.91 44.20
OXT PHE Q . -34.16 -48.45 48.39
N PHE R . -39.69 -3.78 57.06
CA PHE R . -41.07 -3.73 57.62
C PHE R . -41.09 -4.18 59.09
O PHE R . -40.12 -4.85 59.50
CB PHE R . -42.00 -4.65 56.83
CG PHE R . -42.09 -4.34 55.37
CD1 PHE R . -40.94 -4.29 54.58
CD2 PHE R . -43.32 -4.15 54.77
CE1 PHE R . -41.04 -4.07 53.23
CE2 PHE R . -43.43 -3.93 53.42
CZ PHE R . -42.30 -3.89 52.64
OXT PHE R . -42.08 -3.86 59.81
N PHE S . -36.07 -16.87 1.36
CA PHE S . -37.55 -16.80 1.49
C PHE S . -38.18 -16.53 0.12
O PHE S . -38.37 -15.33 -0.19
CB PHE S . -37.94 -15.69 2.48
CG PHE S . -37.26 -15.79 3.80
CD1 PHE S . -35.89 -15.80 3.90
CD2 PHE S . -38.00 -15.88 4.96
CE1 PHE S . -35.25 -15.90 5.15
CE2 PHE S . -37.37 -15.97 6.21
CZ PHE S . -35.99 -15.98 6.30
OXT PHE S . -38.49 -17.50 -0.62
N PHE T . -76.66 -23.31 17.81
CA PHE T . -78.00 -23.92 18.02
C PHE T . -79.08 -22.91 18.42
O PHE T . -80.21 -23.06 17.91
CB PHE T . -77.90 -25.01 19.09
CG PHE T . -77.10 -24.61 20.29
CD1 PHE T . -77.54 -23.61 21.15
CD2 PHE T . -75.89 -25.22 20.56
CE1 PHE T . -76.79 -23.22 22.24
CE2 PHE T . -75.14 -24.85 21.66
CZ PHE T . -75.59 -23.84 22.49
OXT PHE T . -78.79 -22.00 19.23
N PHE U . 41.87 -2.02 -53.85
CA PHE U . 43.23 -1.52 -53.49
C PHE U . 44.10 -2.68 -52.99
O PHE U . 43.57 -3.58 -52.30
CB PHE U . 43.12 -0.42 -52.41
CG PHE U . 44.20 0.61 -52.47
CD1 PHE U . 44.05 1.83 -51.81
CD2 PHE U . 45.38 0.38 -53.17
CE1 PHE U . 45.05 2.77 -51.84
CE2 PHE U . 46.38 1.34 -53.19
CZ PHE U . 46.23 2.52 -52.53
OXT PHE U . 45.32 -2.68 -53.29
N PHE V . 34.48 11.32 -11.99
CA PHE V . 35.54 12.31 -11.71
C PHE V . 35.46 12.84 -10.29
O PHE V . 34.51 12.45 -9.56
CB PHE V . 35.44 13.48 -12.69
CG PHE V . 36.41 14.61 -12.41
CD1 PHE V . 37.76 14.37 -12.22
CD2 PHE V . 35.95 15.93 -12.39
CE1 PHE V . 38.63 15.41 -12.00
CE2 PHE V . 36.83 16.99 -12.18
CZ PHE V . 38.16 16.73 -11.99
OXT PHE V . 36.33 13.66 -9.93
N PHE W . 82.73 36.53 -34.56
CA PHE W . 82.42 35.38 -33.66
C PHE W . 83.72 34.92 -32.97
O PHE W . 84.75 34.79 -33.66
CB PHE W . 81.82 34.22 -34.46
CG PHE W . 81.18 33.13 -33.61
CD1 PHE W . 80.90 31.90 -34.18
CD2 PHE W . 80.88 33.35 -32.27
CE1 PHE W . 80.33 30.90 -33.42
CE2 PHE W . 80.31 32.36 -31.51
CZ PHE W . 80.04 31.13 -32.08
OXT PHE W . 83.69 34.73 -31.73
N PHE X . 46.44 55.89 -50.03
CA PHE X . 45.65 55.37 -48.89
C PHE X . 45.32 56.49 -47.91
O PHE X . 45.12 57.64 -48.38
CB PHE X . 46.45 54.29 -48.14
CG PHE X . 45.60 53.17 -47.62
CD1 PHE X . 45.42 52.02 -48.39
CD2 PHE X . 45.00 53.25 -46.38
CE1 PHE X . 44.62 50.98 -47.91
CE2 PHE X . 44.20 52.20 -45.89
CZ PHE X . 44.01 51.07 -46.65
OXT PHE X . 45.26 56.21 -46.71
#